data_7WEM
#
_entry.id   7WEM
#
_entity_poly.entity_id   1
_entity_poly.type   'polypeptide(L)'
_entity_poly.pdbx_seq_one_letter_code
;MHLGVLAAAIAVGLGALGAGIGNGLIVSRTIEGIARQPELRPVLQTTMFIGVALVEALPIIGVVFSFIYLGR
;
_entity_poly.pdbx_strand_id   A,B,C,D,E,F,G,H,I,J
#
# COMPACT_ATOMS: atom_id res chain seq x y z
N MET A 1 27.38 -17.69 -7.92
CA MET A 1 27.04 -16.23 -7.92
C MET A 1 25.68 -16.00 -8.56
N HIS A 2 24.96 -17.10 -8.80
CA HIS A 2 23.62 -17.02 -9.41
C HIS A 2 22.63 -16.29 -8.50
N LEU A 3 22.80 -16.44 -7.19
CA LEU A 3 21.92 -15.77 -6.23
C LEU A 3 22.19 -14.26 -6.21
N GLY A 4 23.44 -13.90 -6.49
CA GLY A 4 23.83 -12.50 -6.52
C GLY A 4 23.07 -11.69 -7.54
N VAL A 5 22.82 -12.31 -8.71
CA VAL A 5 22.07 -11.65 -9.78
C VAL A 5 20.68 -11.27 -9.28
N LEU A 6 20.02 -12.22 -8.62
CA LEU A 6 18.69 -11.99 -8.07
C LEU A 6 18.71 -10.96 -6.95
N ALA A 7 19.75 -11.01 -6.11
CA ALA A 7 19.87 -10.07 -5.00
C ALA A 7 19.92 -8.64 -5.52
N ALA A 8 20.74 -8.40 -6.53
CA ALA A 8 20.83 -7.09 -7.13
C ALA A 8 19.58 -6.75 -7.91
N ALA A 9 19.03 -7.74 -8.61
CA ALA A 9 17.82 -7.55 -9.40
C ALA A 9 16.63 -7.14 -8.55
N ILE A 10 16.46 -7.78 -7.40
CA ILE A 10 15.36 -7.44 -6.52
C ILE A 10 15.64 -6.12 -5.80
N ALA A 11 16.90 -5.87 -5.45
CA ALA A 11 17.27 -4.62 -4.77
C ALA A 11 17.01 -3.43 -5.66
N VAL A 12 17.39 -3.56 -6.93
CA VAL A 12 17.18 -2.52 -7.91
C VAL A 12 15.69 -2.37 -8.17
N GLY A 13 14.99 -3.50 -8.24
CA GLY A 13 13.56 -3.46 -8.44
C GLY A 13 12.90 -2.71 -7.31
N LEU A 14 13.40 -2.93 -6.10
CA LEU A 14 12.91 -2.25 -4.92
C LEU A 14 13.24 -0.75 -5.00
N GLY A 15 14.45 -0.46 -5.49
CA GLY A 15 14.88 0.92 -5.64
C GLY A 15 14.04 1.68 -6.65
N ALA A 16 13.76 1.03 -7.77
CA ALA A 16 12.94 1.62 -8.82
C ALA A 16 11.52 1.83 -8.34
N LEU A 17 11.02 0.86 -7.58
CA LEU A 17 9.68 0.91 -7.05
C LEU A 17 9.51 2.09 -6.08
N GLY A 18 10.43 2.20 -5.12
CA GLY A 18 10.35 3.26 -4.13
C GLY A 18 10.47 4.65 -4.69
N ALA A 19 11.51 4.90 -5.47
CA ALA A 19 11.70 6.21 -6.07
C ALA A 19 10.69 6.48 -7.16
N GLY A 20 10.32 5.43 -7.90
CA GLY A 20 9.36 5.60 -8.98
C GLY A 20 8.01 6.09 -8.50
N ILE A 21 7.49 5.48 -7.45
CA ILE A 21 6.21 5.91 -6.93
C ILE A 21 6.35 7.20 -6.13
N GLY A 22 7.48 7.32 -5.41
CA GLY A 22 7.73 8.50 -4.62
C GLY A 22 7.85 9.76 -5.48
N ASN A 23 8.58 9.65 -6.58
CA ASN A 23 8.77 10.77 -7.48
C ASN A 23 7.56 10.98 -8.38
N GLY A 24 6.89 9.90 -8.78
CA GLY A 24 5.71 10.07 -9.59
C GLY A 24 4.67 10.86 -8.86
N LEU A 25 4.43 10.47 -7.61
CA LEU A 25 3.47 11.17 -6.76
C LEU A 25 3.98 12.56 -6.40
N ILE A 26 5.29 12.69 -6.21
CA ILE A 26 5.88 13.99 -5.86
C ILE A 26 5.65 15.01 -6.97
N VAL A 27 5.74 14.56 -8.22
CA VAL A 27 5.54 15.46 -9.34
C VAL A 27 4.09 15.88 -9.45
N SER A 28 3.16 14.92 -9.43
CA SER A 28 1.74 15.23 -9.56
C SER A 28 1.23 16.08 -8.41
N ARG A 29 1.56 15.69 -7.17
CA ARG A 29 1.11 16.42 -6.00
C ARG A 29 1.71 17.83 -5.99
N THR A 30 2.99 17.95 -6.37
CA THR A 30 3.65 19.24 -6.43
C THR A 30 2.88 20.12 -7.37
N ILE A 31 2.51 19.52 -8.49
CA ILE A 31 1.74 20.17 -9.52
C ILE A 31 0.36 20.60 -8.99
N GLU A 32 -0.27 19.70 -8.24
CA GLU A 32 -1.58 19.97 -7.66
C GLU A 32 -1.52 21.15 -6.69
N GLY A 33 -0.47 21.22 -5.89
CA GLY A 33 -0.31 22.32 -4.96
C GLY A 33 -0.21 23.66 -5.68
N ILE A 34 0.57 23.68 -6.75
CA ILE A 34 0.77 24.88 -7.56
C ILE A 34 -0.55 25.32 -8.18
N ALA A 35 -1.30 24.34 -8.69
CA ALA A 35 -2.59 24.61 -9.32
C ALA A 35 -3.60 25.18 -8.33
N ARG A 36 -3.60 24.68 -7.10
CA ARG A 36 -4.56 25.14 -6.08
C ARG A 36 -4.40 26.63 -5.79
N GLN A 37 -3.15 27.09 -5.61
CA GLN A 37 -2.89 28.50 -5.35
C GLN A 37 -1.64 28.98 -6.09
N PRO A 38 -1.74 30.14 -6.77
CA PRO A 38 -0.61 30.71 -7.51
C PRO A 38 0.39 31.45 -6.61
N GLU A 39 0.91 30.75 -5.60
CA GLU A 39 1.86 31.34 -4.67
C GLU A 39 3.19 30.61 -4.75
N LEU A 40 4.25 31.35 -5.12
CA LEU A 40 5.60 30.78 -5.25
C LEU A 40 5.58 29.54 -6.12
N ARG A 41 4.94 29.65 -7.29
CA ARG A 41 4.80 28.53 -8.22
C ARG A 41 6.15 27.93 -8.64
N PRO A 42 7.14 28.74 -9.13
CA PRO A 42 8.44 28.22 -9.54
C PRO A 42 9.18 27.55 -8.39
N VAL A 43 9.10 28.16 -7.21
CA VAL A 43 9.76 27.66 -6.01
C VAL A 43 9.23 26.29 -5.59
N LEU A 44 7.90 26.12 -5.64
CA LEU A 44 7.28 24.87 -5.24
C LEU A 44 7.73 23.71 -6.13
N GLN A 45 7.74 23.95 -7.44
CA GLN A 45 8.16 22.93 -8.39
C GLN A 45 9.67 22.67 -8.22
N THR A 46 10.43 23.73 -7.91
CA THR A 46 11.87 23.61 -7.67
C THR A 46 12.13 22.70 -6.47
N THR A 47 11.32 22.88 -5.42
CA THR A 47 11.42 22.06 -4.22
C THR A 47 11.16 20.61 -4.62
N MET A 48 10.20 20.44 -5.54
CA MET A 48 9.86 19.12 -6.07
C MET A 48 11.09 18.48 -6.71
N PHE A 49 11.82 19.26 -7.51
CA PHE A 49 13.02 18.76 -8.19
C PHE A 49 14.10 18.34 -7.20
N ILE A 50 14.27 19.10 -6.12
CA ILE A 50 15.26 18.73 -5.10
C ILE A 50 14.78 17.45 -4.41
N GLY A 51 13.46 17.30 -4.33
CA GLY A 51 12.88 16.10 -3.76
C GLY A 51 13.24 14.91 -4.60
N VAL A 52 13.23 15.12 -5.91
CA VAL A 52 13.60 14.08 -6.86
C VAL A 52 15.04 13.65 -6.63
N ALA A 53 15.91 14.65 -6.44
CA ALA A 53 17.34 14.39 -6.19
C ALA A 53 17.54 13.61 -4.91
N LEU A 54 16.77 13.96 -3.89
CA LEU A 54 16.85 13.31 -2.60
C LEU A 54 16.34 11.86 -2.65
N VAL A 55 15.17 11.68 -3.23
CA VAL A 55 14.55 10.36 -3.32
C VAL A 55 15.36 9.40 -4.17
N GLU A 56 15.88 9.87 -5.32
CA GLU A 56 16.66 9.00 -6.21
C GLU A 56 18.05 8.73 -5.68
N ALA A 57 18.49 9.51 -4.70
CA ALA A 57 19.79 9.28 -4.09
C ALA A 57 19.83 7.90 -3.46
N LEU A 58 18.70 7.52 -2.88
CA LEU A 58 18.53 6.24 -2.23
C LEU A 58 18.68 5.05 -3.20
N PRO A 59 17.91 4.99 -4.33
CA PRO A 59 18.06 3.90 -5.29
C PRO A 59 19.45 3.85 -5.92
N ILE A 60 20.03 5.02 -6.20
CA ILE A 60 21.37 5.07 -6.79
C ILE A 60 22.41 4.46 -5.85
N ILE A 61 22.38 4.87 -4.59
CA ILE A 61 23.32 4.36 -3.60
C ILE A 61 23.04 2.89 -3.29
N GLY A 62 21.76 2.51 -3.31
CA GLY A 62 21.38 1.14 -3.06
C GLY A 62 21.93 0.20 -4.11
N VAL A 63 21.86 0.63 -5.36
CA VAL A 63 22.39 -0.15 -6.47
C VAL A 63 23.90 -0.30 -6.34
N VAL A 64 24.56 0.80 -5.97
CA VAL A 64 26.01 0.80 -5.79
C VAL A 64 26.41 -0.18 -4.67
N PHE A 65 25.68 -0.14 -3.56
CA PHE A 65 25.96 -1.03 -2.43
C PHE A 65 25.75 -2.48 -2.82
N SER A 66 24.69 -2.75 -3.59
CA SER A 66 24.40 -4.10 -4.04
C SER A 66 25.54 -4.63 -4.91
N PHE A 67 26.06 -3.76 -5.78
CA PHE A 67 27.16 -4.10 -6.65
C PHE A 67 28.41 -4.47 -5.85
N ILE A 68 28.73 -3.66 -4.86
CA ILE A 68 29.90 -3.90 -4.01
C ILE A 68 29.74 -5.16 -3.17
N TYR A 69 28.55 -5.38 -2.61
CA TYR A 69 28.30 -6.57 -1.80
C TYR A 69 28.51 -7.82 -2.65
N LEU A 70 28.03 -7.79 -3.88
CA LEU A 70 28.23 -8.90 -4.80
C LEU A 70 29.72 -9.05 -5.11
N GLY A 71 30.37 -7.91 -5.37
CA GLY A 71 31.78 -7.89 -5.67
C GLY A 71 32.65 -8.37 -4.52
N ARG A 72 32.32 -7.96 -3.31
CA ARG A 72 33.07 -8.35 -2.12
C ARG A 72 32.13 -8.82 -1.01
N MET B 1 28.62 -17.29 2.28
CA MET B 1 28.25 -15.88 2.54
C MET B 1 27.38 -15.34 1.41
N HIS B 2 26.96 -16.24 0.52
CA HIS B 2 26.12 -15.87 -0.62
C HIS B 2 24.77 -15.32 -0.18
N LEU B 3 24.25 -15.87 0.92
CA LEU B 3 22.96 -15.42 1.46
C LEU B 3 23.08 -14.02 2.04
N GLY B 4 24.28 -13.71 2.56
CA GLY B 4 24.53 -12.40 3.15
C GLY B 4 24.35 -11.27 2.17
N VAL B 5 24.76 -11.50 0.93
CA VAL B 5 24.64 -10.49 -0.12
C VAL B 5 23.17 -10.14 -0.33
N LEU B 6 22.33 -11.16 -0.40
CA LEU B 6 20.88 -10.97 -0.56
C LEU B 6 20.27 -10.31 0.66
N ALA B 7 20.73 -10.69 1.85
CA ALA B 7 20.20 -10.13 3.08
C ALA B 7 20.41 -8.62 3.11
N ALA B 8 21.62 -8.19 2.77
CA ALA B 8 21.92 -6.78 2.73
C ALA B 8 21.22 -6.10 1.56
N ALA B 9 21.18 -6.79 0.43
CA ALA B 9 20.54 -6.26 -0.78
C ALA B 9 19.06 -6.00 -0.56
N ILE B 10 18.37 -6.93 0.08
CA ILE B 10 16.95 -6.74 0.35
C ILE B 10 16.73 -5.72 1.46
N ALA B 11 17.62 -5.71 2.46
CA ALA B 11 17.50 -4.75 3.56
C ALA B 11 17.66 -3.33 3.05
N VAL B 12 18.64 -3.14 2.19
CA VAL B 12 18.90 -1.83 1.59
C VAL B 12 17.75 -1.47 0.67
N GLY B 13 17.25 -2.46 -0.07
CA GLY B 13 16.13 -2.23 -0.96
C GLY B 13 14.94 -1.77 -0.15
N LEU B 14 14.76 -2.38 1.02
CA LEU B 14 13.69 -2.00 1.93
C LEU B 14 13.92 -0.60 2.48
N GLY B 15 15.19 -0.29 2.78
CA GLY B 15 15.55 1.02 3.28
C GLY B 15 15.29 2.11 2.26
N ALA B 16 15.67 1.84 1.02
CA ALA B 16 15.47 2.79 -0.08
C ALA B 16 13.99 2.99 -0.35
N LEU B 17 13.24 1.89 -0.27
CA LEU B 17 11.80 1.93 -0.50
C LEU B 17 11.09 2.79 0.54
N GLY B 18 11.38 2.53 1.82
CA GLY B 18 10.73 3.26 2.90
C GLY B 18 11.03 4.74 2.91
N ALA B 19 12.31 5.09 2.88
CA ALA B 19 12.69 6.49 2.88
C ALA B 19 12.37 7.16 1.56
N GLY B 20 12.50 6.42 0.46
CA GLY B 20 12.22 6.97 -0.85
C GLY B 20 10.80 7.44 -1.00
N ILE B 21 9.84 6.61 -0.60
CA ILE B 21 8.45 6.99 -0.70
C ILE B 21 8.07 7.98 0.40
N GLY B 22 8.67 7.79 1.60
CA GLY B 22 8.40 8.67 2.72
C GLY B 22 8.86 10.09 2.45
N ASN B 23 10.05 10.23 1.90
CA ASN B 23 10.62 11.54 1.59
C ASN B 23 10.02 12.11 0.32
N GLY B 24 9.72 11.26 -0.66
CA GLY B 24 9.12 11.77 -1.88
C GLY B 24 7.80 12.43 -1.58
N LEU B 25 6.98 11.72 -0.81
CA LEU B 25 5.67 12.23 -0.39
C LEU B 25 5.83 13.40 0.56
N ILE B 26 6.86 13.35 1.42
CA ILE B 26 7.08 14.43 2.39
C ILE B 26 7.39 15.74 1.67
N VAL B 27 8.14 15.67 0.58
CA VAL B 27 8.50 16.85 -0.17
C VAL B 27 7.28 17.44 -0.88
N SER B 28 6.54 16.60 -1.60
CA SER B 28 5.37 17.08 -2.35
C SER B 28 4.28 17.60 -1.42
N ARG B 29 3.96 16.84 -0.37
CA ARG B 29 2.93 17.26 0.58
C ARG B 29 3.34 18.53 1.30
N THR B 30 4.61 18.62 1.68
CA THR B 30 5.12 19.82 2.34
C THR B 30 4.89 20.99 1.45
N ILE B 31 5.19 20.77 0.18
CA ILE B 31 5.02 21.77 -0.86
C ILE B 31 3.54 22.16 -0.99
N GLU B 32 2.67 21.15 -0.97
CA GLU B 32 1.23 21.37 -1.09
C GLU B 32 0.70 22.21 0.07
N GLY B 33 1.20 21.95 1.28
CA GLY B 33 0.78 22.72 2.43
C GLY B 33 1.16 24.18 2.30
N ILE B 34 2.37 24.44 1.83
CA ILE B 34 2.87 25.80 1.63
C ILE B 34 2.03 26.52 0.59
N ALA B 35 1.72 25.82 -0.49
CA ALA B 35 0.92 26.36 -1.58
C ALA B 35 -0.48 26.74 -1.13
N ARG B 36 -1.09 25.91 -0.28
CA ARG B 36 -2.45 26.14 0.20
C ARG B 36 -2.57 27.46 0.96
N GLN B 37 -1.62 27.73 1.86
CA GLN B 37 -1.62 28.97 2.63
C GLN B 37 -0.21 29.52 2.80
N PRO B 38 -0.01 30.83 2.55
CA PRO B 38 1.30 31.47 2.70
C PRO B 38 1.63 31.82 4.15
N GLU B 39 1.61 30.82 5.01
CA GLU B 39 1.91 31.01 6.42
C GLU B 39 3.14 30.22 6.82
N LEU B 40 4.18 30.92 7.28
CA LEU B 40 5.44 30.29 7.69
C LEU B 40 5.97 29.34 6.61
N ARG B 41 5.99 29.85 5.38
CA ARG B 41 6.42 29.06 4.21
C ARG B 41 7.84 28.49 4.38
N PRO B 42 8.88 29.30 4.72
CA PRO B 42 10.25 28.79 4.90
C PRO B 42 10.34 27.75 6.02
N VAL B 43 9.61 28.01 7.11
CA VAL B 43 9.60 27.12 8.27
C VAL B 43 9.02 25.74 7.93
N LEU B 44 7.92 25.73 7.18
CA LEU B 44 7.26 24.49 6.81
C LEU B 44 8.19 23.59 5.98
N GLN B 45 8.84 24.18 4.99
CA GLN B 45 9.76 23.44 4.13
C GLN B 45 10.99 23.00 4.95
N THR B 46 11.40 23.84 5.90
CA THR B 46 12.53 23.53 6.79
C THR B 46 12.19 22.29 7.63
N THR B 47 10.94 22.24 8.13
CA THR B 47 10.47 21.11 8.91
C THR B 47 10.54 19.87 8.02
N MET B 48 10.21 20.05 6.74
CA MET B 48 10.27 18.99 5.76
C MET B 48 11.69 18.44 5.67
N PHE B 49 12.68 19.34 5.62
CA PHE B 49 14.09 18.95 5.54
C PHE B 49 14.52 18.14 6.76
N ILE B 50 14.08 18.55 7.95
CA ILE B 50 14.42 17.81 9.16
C ILE B 50 13.74 16.44 9.10
N GLY B 51 12.57 16.40 8.45
CA GLY B 51 11.87 15.16 8.26
C GLY B 51 12.68 14.22 7.42
N VAL B 52 13.34 14.79 6.41
CA VAL B 52 14.21 14.04 5.52
C VAL B 52 15.35 13.43 6.31
N ALA B 53 15.94 14.24 7.21
CA ALA B 53 17.04 13.79 8.05
C ALA B 53 16.61 12.64 8.96
N LEU B 54 15.41 12.76 9.49
CA LEU B 54 14.86 11.77 10.40
C LEU B 54 14.54 10.46 9.68
N VAL B 55 13.85 10.56 8.55
CA VAL B 55 13.45 9.40 7.77
C VAL B 55 14.64 8.64 7.20
N GLU B 56 15.65 9.36 6.69
CA GLU B 56 16.82 8.72 6.10
C GLU B 56 17.76 8.16 7.16
N ALA B 57 17.58 8.57 8.41
CA ALA B 57 18.40 8.07 9.49
C ALA B 57 18.21 6.56 9.60
N LEU B 58 16.96 6.15 9.39
CA LEU B 58 16.57 4.76 9.46
C LEU B 58 17.28 3.89 8.40
N PRO B 59 17.20 4.22 7.08
CA PRO B 59 17.89 3.44 6.06
C PRO B 59 19.40 3.45 6.23
N ILE B 60 19.97 4.58 6.65
CA ILE B 60 21.41 4.66 6.86
C ILE B 60 21.87 3.71 7.97
N ILE B 61 21.16 3.75 9.10
CA ILE B 61 21.50 2.89 10.23
C ILE B 61 21.19 1.42 9.91
N GLY B 62 20.13 1.20 9.12
CA GLY B 62 19.76 -0.15 8.73
C GLY B 62 20.83 -0.80 7.89
N VAL B 63 21.40 -0.02 6.96
CA VAL B 63 22.46 -0.49 6.09
C VAL B 63 23.69 -0.83 6.93
N VAL B 64 24.01 0.05 7.89
CA VAL B 64 25.16 -0.16 8.77
C VAL B 64 24.99 -1.44 9.58
N PHE B 65 23.79 -1.64 10.14
CA PHE B 65 23.50 -2.84 10.92
C PHE B 65 23.62 -4.09 10.07
N SER B 66 23.13 -4.03 8.83
CA SER B 66 23.20 -5.16 7.92
C SER B 66 24.65 -5.53 7.64
N PHE B 67 25.48 -4.50 7.47
CA PHE B 67 26.90 -4.68 7.21
C PHE B 67 27.58 -5.40 8.38
N ILE B 68 27.29 -4.92 9.59
CA ILE B 68 27.88 -5.51 10.80
C ILE B 68 27.39 -6.94 11.02
N TYR B 69 26.09 -7.20 10.81
CA TYR B 69 25.55 -8.54 10.98
C TYR B 69 26.24 -9.51 10.04
N LEU B 70 26.46 -9.08 8.80
CA LEU B 70 27.18 -9.90 7.84
C LEU B 70 28.63 -10.09 8.29
N GLY B 71 29.23 -9.00 8.75
CA GLY B 71 30.60 -9.03 9.23
C GLY B 71 30.78 -9.90 10.46
N ARG B 72 29.84 -9.82 11.40
CA ARG B 72 29.92 -10.61 12.63
C ARG B 72 28.57 -11.29 12.91
N MET C 1 24.46 -19.93 11.34
CA MET C 1 23.91 -18.62 11.77
C MET C 1 23.72 -17.69 10.57
N HIS C 2 23.87 -18.26 9.38
CA HIS C 2 23.72 -17.50 8.13
C HIS C 2 22.29 -16.98 7.97
N LEU C 3 21.32 -17.76 8.43
CA LEU C 3 19.92 -17.36 8.34
C LEU C 3 19.62 -16.20 9.30
N GLY C 4 20.37 -16.17 10.40
CA GLY C 4 20.19 -15.13 11.40
C GLY C 4 20.46 -13.74 10.84
N VAL C 5 21.47 -13.64 9.98
CA VAL C 5 21.83 -12.37 9.37
C VAL C 5 20.65 -11.83 8.56
N LEU C 6 20.03 -12.71 7.77
CA LEU C 6 18.87 -12.34 6.96
C LEU C 6 17.68 -11.99 7.84
N ALA C 7 17.49 -12.75 8.91
CA ALA C 7 16.37 -12.51 9.81
C ALA C 7 16.44 -11.10 10.39
N ALA C 8 17.61 -10.71 10.85
CA ALA C 8 17.80 -9.38 11.39
C ALA C 8 17.76 -8.34 10.28
N ALA C 9 18.35 -8.67 9.14
CA ALA C 9 18.38 -7.75 8.00
C ALA C 9 16.99 -7.42 7.49
N ILE C 10 16.12 -8.42 7.40
CA ILE C 10 14.76 -8.19 6.95
C ILE C 10 13.94 -7.50 8.03
N ALA C 11 14.19 -7.87 9.30
CA ALA C 11 13.46 -7.25 10.41
C ALA C 11 13.76 -5.77 10.50
N VAL C 12 15.03 -5.44 10.35
CA VAL C 12 15.47 -4.05 10.38
C VAL C 12 14.93 -3.33 9.15
N GLY C 13 14.96 -4.02 8.01
CA GLY C 13 14.43 -3.44 6.80
C GLY C 13 12.97 -3.11 6.98
N LEU C 14 12.25 -4.01 7.66
CA LEU C 14 10.84 -3.81 7.96
C LEU C 14 10.67 -2.64 8.94
N GLY C 15 11.58 -2.56 9.92
CA GLY C 15 11.55 -1.49 10.89
C GLY C 15 11.77 -0.14 10.25
N ALA C 16 12.76 -0.06 9.36
CA ALA C 16 13.08 1.16 8.65
C ALA C 16 11.94 1.57 7.73
N LEU C 17 11.33 0.59 7.10
CA LEU C 17 10.22 0.82 6.20
C LEU C 17 9.01 1.41 6.93
N GLY C 18 8.62 0.78 8.03
CA GLY C 18 7.47 1.23 8.79
C GLY C 18 7.63 2.61 9.39
N ALA C 19 8.71 2.82 10.12
CA ALA C 19 8.94 4.12 10.73
C ALA C 19 9.30 5.17 9.69
N GLY C 20 10.03 4.75 8.65
CA GLY C 20 10.42 5.69 7.60
C GLY C 20 9.24 6.32 6.89
N ILE C 21 8.28 5.50 6.49
CA ILE C 21 7.11 6.03 5.81
C ILE C 21 6.16 6.70 6.82
N GLY C 22 6.07 6.11 8.01
CA GLY C 22 5.21 6.66 9.04
C GLY C 22 5.65 8.05 9.49
N ASN C 23 6.94 8.22 9.69
CA ASN C 23 7.49 9.50 10.11
C ASN C 23 7.60 10.47 8.94
N GLY C 24 7.90 9.97 7.75
CA GLY C 24 7.98 10.87 6.60
C GLY C 24 6.65 11.52 6.37
N LEU C 25 5.60 10.71 6.38
CA LEU C 25 4.24 11.21 6.20
C LEU C 25 3.80 12.04 7.40
N ILE C 26 4.24 11.64 8.60
CA ILE C 26 3.87 12.37 9.81
C ILE C 26 4.42 13.80 9.78
N VAL C 27 5.62 13.97 9.25
CA VAL C 27 6.22 15.28 9.17
C VAL C 27 5.50 16.16 8.15
N SER C 28 5.31 15.64 6.94
CA SER C 28 4.65 16.41 5.88
C SER C 28 3.21 16.76 6.23
N ARG C 29 2.45 15.77 6.70
CA ARG C 29 1.05 15.99 7.07
C ARG C 29 0.95 16.96 8.24
N THR C 30 1.84 16.81 9.22
CA THR C 30 1.85 17.71 10.37
C THR C 30 2.04 19.12 9.87
N ILE C 31 2.96 19.24 8.93
CA ILE C 31 3.28 20.50 8.30
C ILE C 31 2.07 21.06 7.55
N GLU C 32 1.36 20.18 6.83
CA GLU C 32 0.18 20.55 6.06
C GLU C 32 -0.92 21.08 6.99
N GLY C 33 -1.09 20.43 8.13
CA GLY C 33 -2.10 20.88 9.08
C GLY C 33 -1.81 22.28 9.60
N ILE C 34 -0.54 22.53 9.91
CA ILE C 34 -0.10 23.83 10.40
C ILE C 34 -0.33 24.91 9.34
N ALA C 35 0.01 24.58 8.10
CA ALA C 35 -0.16 25.48 6.98
C ALA C 35 -1.62 25.86 6.74
N ARG C 36 -2.52 24.87 6.87
CA ARG C 36 -3.95 25.09 6.63
C ARG C 36 -4.52 26.15 7.59
N GLN C 37 -4.20 26.05 8.87
CA GLN C 37 -4.68 27.02 9.87
C GLN C 37 -3.59 27.36 10.88
N PRO C 38 -3.38 28.65 11.17
CA PRO C 38 -2.37 29.10 12.13
C PRO C 38 -2.85 28.99 13.58
N GLU C 39 -3.25 27.79 13.97
CA GLU C 39 -3.73 27.54 15.33
C GLU C 39 -2.82 26.54 16.04
N LEU C 40 -2.21 26.99 17.15
CA LEU C 40 -1.30 26.14 17.93
C LEU C 40 -0.24 25.50 17.04
N ARG C 41 0.38 26.33 16.20
CA ARG C 41 1.40 25.87 15.26
C ARG C 41 2.57 25.14 15.94
N PRO C 42 3.22 25.72 16.98
CA PRO C 42 4.34 25.04 17.67
C PRO C 42 3.91 23.72 18.32
N VAL C 43 2.72 23.73 18.91
CA VAL C 43 2.17 22.55 19.58
C VAL C 43 1.93 21.40 18.61
N LEU C 44 1.39 21.71 17.44
CA LEU C 44 1.09 20.68 16.44
C LEU C 44 2.36 19.98 15.97
N GLN C 45 3.40 20.76 15.68
CA GLN C 45 4.67 20.21 15.23
C GLN C 45 5.33 19.44 16.39
N THR C 46 5.14 19.93 17.62
CA THR C 46 5.67 19.27 18.82
C THR C 46 5.03 17.88 18.96
N THR C 47 3.72 17.82 18.72
CA THR C 47 2.98 16.55 18.77
C THR C 47 3.58 15.62 17.73
N MET C 48 3.94 16.19 16.58
CA MET C 48 4.58 15.45 15.49
C MET C 48 5.88 14.81 15.99
N PHE C 49 6.68 15.59 16.71
CA PHE C 49 7.96 15.11 17.25
C PHE C 49 7.75 13.95 18.22
N ILE C 50 6.73 14.04 19.08
CA ILE C 50 6.46 12.96 20.01
C ILE C 50 6.00 11.74 19.22
N GLY C 51 5.34 11.99 18.09
CA GLY C 51 4.91 10.93 17.21
C GLY C 51 6.10 10.20 16.66
N VAL C 52 7.14 10.97 16.35
CA VAL C 52 8.38 10.42 15.85
C VAL C 52 9.00 9.49 16.90
N ALA C 53 9.00 9.95 18.15
CA ALA C 53 9.53 9.17 19.27
C ALA C 53 8.78 7.88 19.45
N LEU C 54 7.46 7.95 19.30
CA LEU C 54 6.60 6.79 19.46
C LEU C 54 6.78 5.78 18.33
N VAL C 55 6.76 6.27 17.10
CA VAL C 55 6.89 5.43 15.93
C VAL C 55 8.26 4.75 15.84
N GLU C 56 9.32 5.48 16.15
CA GLU C 56 10.68 4.92 16.08
C GLU C 56 10.98 4.00 17.25
N ALA C 57 10.15 4.06 18.29
CA ALA C 57 10.34 3.19 19.44
C ALA C 57 10.22 1.73 18.99
N LEU C 58 9.29 1.52 18.07
CA LEU C 58 9.01 0.21 17.52
C LEU C 58 10.22 -0.38 16.75
N PRO C 59 10.80 0.33 15.74
CA PRO C 59 11.97 -0.20 15.04
C PRO C 59 13.17 -0.39 15.94
N ILE C 60 13.36 0.52 16.90
CA ILE C 60 14.50 0.40 17.83
C ILE C 60 14.37 -0.87 18.68
N ILE C 61 13.18 -1.10 19.26
CA ILE C 61 12.96 -2.26 20.09
C ILE C 61 12.95 -3.53 19.24
N GLY C 62 12.46 -3.42 18.00
CA GLY C 62 12.44 -4.56 17.10
C GLY C 62 13.84 -5.04 16.77
N VAL C 63 14.74 -4.09 16.54
CA VAL C 63 16.12 -4.40 16.23
C VAL C 63 16.77 -5.08 17.44
N VAL C 64 16.49 -4.55 18.63
CA VAL C 64 17.04 -5.10 19.87
C VAL C 64 16.56 -6.55 20.07
N PHE C 65 15.26 -6.78 19.84
CA PHE C 65 14.69 -8.12 19.97
C PHE C 65 15.31 -9.08 18.98
N SER C 66 15.52 -8.61 17.76
CA SER C 66 16.13 -9.44 16.72
C SER C 66 17.54 -9.86 17.12
N PHE C 67 18.27 -8.91 17.69
CA PHE C 67 19.63 -9.15 18.16
C PHE C 67 19.65 -10.23 19.24
N ILE C 68 18.76 -10.10 20.22
CA ILE C 68 18.68 -11.06 21.32
C ILE C 68 18.24 -12.44 20.82
N TYR C 69 17.26 -12.49 19.93
CA TYR C 69 16.79 -13.77 19.39
C TYR C 69 17.93 -14.49 18.69
N LEU C 70 18.73 -13.75 17.93
CA LEU C 70 19.89 -14.33 17.27
C LEU C 70 20.91 -14.78 18.32
N GLY C 71 21.12 -13.94 19.32
CA GLY C 71 22.05 -14.23 20.39
C GLY C 71 21.63 -15.43 21.23
N ARG C 72 20.35 -15.53 21.54
CA ARG C 72 19.83 -16.64 22.33
C ARG C 72 18.57 -17.23 21.68
N MET D 1 16.45 -24.62 15.80
CA MET D 1 15.68 -23.44 16.26
C MET D 1 16.06 -22.20 15.46
N HIS D 2 16.84 -22.41 14.41
CA HIS D 2 17.31 -21.31 13.54
C HIS D 2 16.13 -20.63 12.83
N LEU D 3 15.12 -21.41 12.48
CA LEU D 3 13.93 -20.87 11.82
C LEU D 3 13.11 -20.02 12.78
N GLY D 4 13.17 -20.36 14.06
CA GLY D 4 12.44 -19.64 15.08
C GLY D 4 12.87 -18.19 15.18
N VAL D 5 14.17 -17.94 15.03
CA VAL D 5 14.71 -16.59 15.09
C VAL D 5 14.08 -15.73 14.00
N LEU D 6 14.02 -16.28 12.79
CA LEU D 6 13.41 -15.59 11.65
C LEU D 6 11.93 -15.39 11.85
N ALA D 7 11.25 -16.40 12.41
CA ALA D 7 9.82 -16.32 12.63
C ALA D 7 9.48 -15.15 13.53
N ALA D 8 10.22 -15.02 14.64
CA ALA D 8 10.02 -13.93 15.55
C ALA D 8 10.48 -12.62 14.94
N ALA D 9 11.60 -12.66 14.21
CA ALA D 9 12.15 -11.47 13.58
C ALA D 9 11.19 -10.87 12.56
N ILE D 10 10.57 -11.71 11.75
CA ILE D 10 9.63 -11.22 10.75
C ILE D 10 8.32 -10.80 11.42
N ALA D 11 7.89 -11.54 12.46
CA ALA D 11 6.66 -11.20 13.17
C ALA D 11 6.77 -9.84 13.84
N VAL D 12 7.92 -9.60 14.46
CA VAL D 12 8.19 -8.33 15.11
C VAL D 12 8.30 -7.24 14.06
N GLY D 13 8.96 -7.57 12.95
CA GLY D 13 9.10 -6.62 11.87
C GLY D 13 7.73 -6.22 11.37
N LEU D 14 6.83 -7.20 11.29
CA LEU D 14 5.46 -6.96 10.87
C LEU D 14 4.73 -6.11 11.92
N GLY D 15 4.99 -6.40 13.19
CA GLY D 15 4.40 -5.66 14.28
C GLY D 15 4.83 -4.20 14.28
N ALA D 16 6.13 -3.98 14.07
CA ALA D 16 6.68 -2.64 14.02
C ALA D 16 6.14 -1.87 12.83
N LEU D 17 6.02 -2.57 11.72
CA LEU D 17 5.51 -1.99 10.49
C LEU D 17 4.07 -1.51 10.64
N GLY D 18 3.21 -2.40 11.15
CA GLY D 18 1.80 -2.07 11.31
C GLY D 18 1.54 -0.94 12.27
N ALA D 19 2.08 -1.05 13.48
CA ALA D 19 1.88 0.00 14.48
C ALA D 19 2.64 1.26 14.12
N GLY D 20 3.83 1.10 13.53
CA GLY D 20 4.64 2.24 13.17
C GLY D 20 3.96 3.15 12.17
N ILE D 21 3.39 2.59 11.12
CA ILE D 21 2.70 3.40 10.13
C ILE D 21 1.34 3.83 10.65
N GLY D 22 0.68 2.94 11.40
CA GLY D 22 -0.62 3.25 11.96
C GLY D 22 -0.57 4.41 12.94
N ASN D 23 0.42 4.39 13.82
CA ASN D 23 0.59 5.44 14.82
C ASN D 23 1.22 6.69 14.21
N GLY D 24 2.12 6.52 13.25
CA GLY D 24 2.72 7.69 12.63
C GLY D 24 1.65 8.52 11.95
N LEU D 25 0.81 7.84 11.19
CA LEU D 25 -0.29 8.50 10.50
C LEU D 25 -1.34 8.98 11.49
N ILE D 26 -1.55 8.23 12.57
CA ILE D 26 -2.54 8.61 13.58
C ILE D 26 -2.15 9.93 14.25
N VAL D 27 -0.87 10.12 14.48
CA VAL D 27 -0.39 11.34 15.11
C VAL D 27 -0.55 12.53 14.18
N SER D 28 -0.06 12.41 12.94
CA SER D 28 -0.13 13.51 11.98
C SER D 28 -1.56 13.88 11.63
N ARG D 29 -2.39 12.88 11.34
CA ARG D 29 -3.79 13.12 10.98
C ARG D 29 -4.54 13.72 12.16
N THR D 30 -4.27 13.21 13.37
CA THR D 30 -4.91 13.74 14.57
C THR D 30 -4.59 15.21 14.68
N ILE D 31 -3.33 15.50 14.42
CA ILE D 31 -2.81 16.86 14.43
C ILE D 31 -3.51 17.71 13.38
N GLU D 32 -3.68 17.14 12.18
CA GLU D 32 -4.33 17.84 11.08
C GLU D 32 -5.77 18.18 11.42
N GLY D 33 -6.47 17.25 12.06
CA GLY D 33 -7.85 17.51 12.45
C GLY D 33 -7.95 18.66 13.43
N ILE D 34 -7.04 18.69 14.40
CA ILE D 34 -7.01 19.76 15.40
C ILE D 34 -6.75 21.11 14.74
N ALA D 35 -5.79 21.11 13.81
CA ALA D 35 -5.42 22.31 13.09
C ALA D 35 -6.57 22.87 12.26
N ARG D 36 -7.34 21.98 11.63
CA ARG D 36 -8.45 22.40 10.77
C ARG D 36 -9.51 23.20 11.55
N GLN D 37 -9.88 22.71 12.74
CA GLN D 37 -10.86 23.40 13.58
C GLN D 37 -10.48 23.31 15.05
N PRO D 38 -10.53 24.45 15.76
CA PRO D 38 -10.20 24.50 17.19
C PRO D 38 -11.34 24.02 18.08
N GLU D 39 -11.80 22.81 17.85
CA GLU D 39 -12.89 22.24 18.63
C GLU D 39 -12.43 20.99 19.37
N LEU D 40 -12.49 21.04 20.71
CA LEU D 40 -12.07 19.92 21.56
C LEU D 40 -10.66 19.47 21.20
N ARG D 41 -9.75 20.44 21.07
CA ARG D 41 -8.36 20.17 20.70
C ARG D 41 -7.66 19.16 21.62
N PRO D 42 -7.68 19.35 22.97
CA PRO D 42 -7.04 18.40 23.90
C PRO D 42 -7.64 17.01 23.81
N VAL D 43 -8.96 16.96 23.68
CA VAL D 43 -9.71 15.69 23.61
C VAL D 43 -9.33 14.89 22.37
N LEU D 44 -9.22 15.57 21.23
CA LEU D 44 -8.89 14.91 19.96
C LEU D 44 -7.51 14.25 20.02
N GLN D 45 -6.53 14.98 20.55
CA GLN D 45 -5.17 14.46 20.68
C GLN D 45 -5.15 13.33 21.71
N THR D 46 -5.97 13.47 22.76
CA THR D 46 -6.10 12.44 23.80
C THR D 46 -6.62 11.13 23.19
N THR D 47 -7.61 11.27 22.30
CA THR D 47 -8.19 10.13 21.60
C THR D 47 -7.08 9.47 20.78
N MET D 48 -6.22 10.32 20.21
CA MET D 48 -5.06 9.86 19.44
C MET D 48 -4.16 8.98 20.31
N PHE D 49 -3.91 9.44 21.54
CA PHE D 49 -3.05 8.70 22.47
C PHE D 49 -3.65 7.34 22.81
N ILE D 50 -4.98 7.28 23.02
CA ILE D 50 -5.61 6.00 23.31
C ILE D 50 -5.51 5.11 22.08
N GLY D 51 -5.52 5.75 20.91
CA GLY D 51 -5.36 5.03 19.66
C GLY D 51 -4.01 4.36 19.61
N VAL D 52 -3.01 5.09 20.12
CA VAL D 52 -1.66 4.60 20.19
C VAL D 52 -1.60 3.35 21.07
N ALA D 53 -2.29 3.43 22.22
CA ALA D 53 -2.34 2.32 23.16
C ALA D 53 -3.00 1.09 22.54
N LEU D 54 -4.05 1.34 21.78
CA LEU D 54 -4.79 0.28 21.13
C LEU D 54 -3.99 -0.39 20.02
N VAL D 55 -3.41 0.43 19.15
CA VAL D 55 -2.64 -0.05 18.01
C VAL D 55 -1.38 -0.81 18.45
N GLU D 56 -0.67 -0.29 19.46
CA GLU D 56 0.55 -0.94 19.93
C GLU D 56 0.28 -2.18 20.76
N ALA D 57 -0.97 -2.35 21.20
CA ALA D 57 -1.34 -3.52 21.96
C ALA D 57 -1.12 -4.76 21.11
N LEU D 58 -1.43 -4.61 19.82
CA LEU D 58 -1.29 -5.68 18.85
C LEU D 58 0.17 -6.14 18.68
N PRO D 59 1.14 -5.24 18.36
CA PRO D 59 2.54 -5.65 18.23
C PRO D 59 3.11 -6.21 19.53
N ILE D 60 2.72 -5.64 20.67
CA ILE D 60 3.22 -6.13 21.95
C ILE D 60 2.77 -7.56 22.21
N ILE D 61 1.48 -7.82 22.00
CA ILE D 61 0.93 -9.15 22.21
C ILE D 61 1.45 -10.13 21.15
N GLY D 62 1.66 -9.62 19.93
CA GLY D 62 2.18 -10.45 18.85
C GLY D 62 3.57 -10.94 19.15
N VAL D 63 4.40 -10.05 19.71
CA VAL D 63 5.77 -10.40 20.08
C VAL D 63 5.74 -11.46 21.18
N VAL D 64 4.85 -11.26 22.16
CA VAL D 64 4.71 -12.20 23.28
C VAL D 64 4.31 -13.59 22.77
N PHE D 65 3.33 -13.61 21.86
CA PHE D 65 2.86 -14.87 21.29
C PHE D 65 3.97 -15.57 20.52
N SER D 66 4.75 -14.79 19.77
CA SER D 66 5.86 -15.35 18.99
C SER D 66 6.88 -16.00 19.91
N PHE D 67 7.15 -15.32 21.03
CA PHE D 67 8.10 -15.81 22.03
C PHE D 67 7.64 -17.15 22.59
N ILE D 68 6.36 -17.22 22.97
CA ILE D 68 5.78 -18.45 23.54
C ILE D 68 5.76 -19.58 22.52
N TYR D 69 5.38 -19.27 21.27
CA TYR D 69 5.34 -20.30 20.22
C TYR D 69 6.72 -20.91 20.03
N LEU D 70 7.75 -20.05 20.04
CA LEU D 70 9.12 -20.52 19.92
C LEU D 70 9.48 -21.36 21.15
N GLY D 71 9.09 -20.85 22.31
CA GLY D 71 9.35 -21.53 23.57
C GLY D 71 8.65 -22.87 23.68
N ARG D 72 7.39 -22.93 23.24
CA ARG D 72 6.62 -24.17 23.29
C ARG D 72 5.92 -24.43 21.97
N MET E 1 7.64 -29.58 13.92
CA MET E 1 6.65 -28.51 14.24
C MET E 1 7.31 -27.14 14.16
N HIS E 2 8.54 -27.12 13.64
CA HIS E 2 9.31 -25.87 13.50
C HIS E 2 8.63 -24.90 12.54
N LEU E 3 7.98 -25.44 11.51
CA LEU E 3 7.28 -24.62 10.53
C LEU E 3 6.03 -24.00 11.14
N GLY E 4 5.44 -24.72 12.10
CA GLY E 4 4.24 -24.24 12.77
C GLY E 4 4.46 -22.92 13.50
N VAL E 5 5.63 -22.78 14.10
CA VAL E 5 5.97 -21.56 14.83
C VAL E 5 5.94 -20.36 13.87
N LEU E 6 6.55 -20.53 12.70
CA LEU E 6 6.57 -19.48 11.68
C LEU E 6 5.18 -19.22 11.14
N ALA E 7 4.39 -20.28 10.95
CA ALA E 7 3.03 -20.12 10.43
C ALA E 7 2.20 -19.23 11.33
N ALA E 8 2.26 -19.50 12.63
CA ALA E 8 1.55 -18.70 13.60
C ALA E 8 2.16 -17.31 13.72
N ALA E 9 3.50 -17.26 13.69
CA ALA E 9 4.21 -15.99 13.81
C ALA E 9 3.88 -15.04 12.68
N ILE E 10 3.83 -15.55 11.45
CA ILE E 10 3.49 -14.71 10.32
C ILE E 10 2.00 -14.37 10.31
N ALA E 11 1.16 -15.32 10.72
CA ALA E 11 -0.28 -15.08 10.77
C ALA E 11 -0.62 -13.99 11.76
N VAL E 12 0.01 -14.05 12.92
CA VAL E 12 -0.18 -13.05 13.95
C VAL E 12 0.40 -11.73 13.49
N GLY E 13 1.55 -11.79 12.83
CA GLY E 13 2.15 -10.59 12.30
C GLY E 13 1.22 -9.92 11.31
N LEU E 14 0.55 -10.76 10.51
CA LEU E 14 -0.42 -10.27 9.54
C LEU E 14 -1.63 -9.69 10.27
N GLY E 15 -2.04 -10.36 11.35
CA GLY E 15 -3.16 -9.90 12.15
C GLY E 15 -2.90 -8.55 12.79
N ALA E 16 -1.69 -8.41 13.35
CA ALA E 16 -1.28 -7.17 13.99
C ALA E 16 -1.18 -6.05 12.98
N LEU E 17 -0.67 -6.38 11.81
CA LEU E 17 -0.50 -5.42 10.72
C LEU E 17 -1.85 -4.88 10.25
N GLY E 18 -2.79 -5.78 9.97
CA GLY E 18 -4.09 -5.38 9.48
C GLY E 18 -4.89 -4.56 10.45
N ALA E 19 -5.05 -5.06 11.67
CA ALA E 19 -5.80 -4.33 12.68
C ALA E 19 -5.04 -3.10 13.16
N GLY E 20 -3.72 -3.20 13.23
CA GLY E 20 -2.91 -2.08 13.69
C GLY E 20 -3.06 -0.86 12.81
N ILE E 21 -2.96 -1.05 11.50
CA ILE E 21 -3.09 0.08 10.59
C ILE E 21 -4.55 0.48 10.44
N GLY E 22 -5.44 -0.52 10.46
CA GLY E 22 -6.87 -0.25 10.34
C GLY E 22 -7.40 0.56 11.49
N ASN E 23 -7.01 0.19 12.71
CA ASN E 23 -7.44 0.89 13.90
C ASN E 23 -6.67 2.19 14.11
N GLY E 24 -5.40 2.22 13.74
CA GLY E 24 -4.66 3.46 13.88
C GLY E 24 -5.28 4.54 13.05
N LEU E 25 -5.55 4.20 11.79
CA LEU E 25 -6.19 5.13 10.87
C LEU E 25 -7.62 5.41 11.28
N ILE E 26 -8.31 4.40 11.82
CA ILE E 26 -9.71 4.57 12.24
C ILE E 26 -9.80 5.60 13.37
N VAL E 27 -8.83 5.59 14.27
CA VAL E 27 -8.84 6.53 15.38
C VAL E 27 -8.56 7.95 14.90
N SER E 28 -7.51 8.13 14.11
CA SER E 28 -7.15 9.47 13.63
C SER E 28 -8.23 10.06 12.72
N ARG E 29 -8.70 9.26 11.76
CA ARG E 29 -9.74 9.73 10.84
C ARG E 29 -11.03 10.04 11.59
N THR E 30 -11.38 9.19 12.55
CA THR E 30 -12.58 9.41 13.35
C THR E 30 -12.46 10.74 14.03
N ILE E 31 -11.26 10.98 14.55
CA ILE E 31 -10.92 12.21 15.23
C ILE E 31 -11.04 13.40 14.27
N GLU E 32 -10.52 13.22 13.05
CA GLU E 32 -10.56 14.26 12.02
C GLU E 32 -11.99 14.63 11.67
N GLY E 33 -12.86 13.63 11.56
CA GLY E 33 -14.25 13.89 11.25
C GLY E 33 -14.93 14.73 12.33
N ILE E 34 -14.65 14.38 13.59
CA ILE E 34 -15.21 15.11 14.72
C ILE E 34 -14.73 16.56 14.73
N ALA E 35 -13.44 16.73 14.46
CA ALA E 35 -12.83 18.05 14.42
C ALA E 35 -13.43 18.94 13.33
N ARG E 36 -13.70 18.35 12.16
CA ARG E 36 -14.24 19.10 11.02
C ARG E 36 -15.60 19.73 11.35
N GLN E 37 -16.49 18.97 11.97
CA GLN E 37 -17.81 19.48 12.36
C GLN E 37 -18.23 18.94 13.72
N PRO E 38 -18.73 19.82 14.61
CA PRO E 38 -19.17 19.43 15.95
C PRO E 38 -20.58 18.83 15.94
N GLU E 39 -20.78 17.78 15.16
CA GLU E 39 -22.06 17.12 15.06
C GLU E 39 -21.96 15.67 15.55
N LEU E 40 -22.71 15.34 16.60
CA LEU E 40 -22.71 14.00 17.18
C LEU E 40 -21.28 13.53 17.47
N ARG E 41 -20.51 14.40 18.12
CA ARG E 41 -19.12 14.12 18.43
C ARG E 41 -18.93 12.82 19.25
N PRO E 42 -19.65 12.62 20.38
CA PRO E 42 -19.52 11.39 21.18
C PRO E 42 -19.89 10.14 20.39
N VAL E 43 -20.94 10.26 19.60
CA VAL E 43 -21.45 9.15 18.79
C VAL E 43 -20.44 8.71 17.74
N LEU E 44 -19.81 9.67 17.08
CA LEU E 44 -18.83 9.37 16.03
C LEU E 44 -17.64 8.59 16.59
N GLN E 45 -17.12 9.04 17.72
CA GLN E 45 -15.99 8.37 18.37
C GLN E 45 -16.43 7.00 18.88
N THR E 46 -17.68 6.91 19.35
CA THR E 46 -18.25 5.65 19.83
C THR E 46 -18.30 4.63 18.68
N THR E 47 -18.70 5.11 17.50
CA THR E 47 -18.75 4.27 16.30
C THR E 47 -17.34 3.78 16.01
N MET E 48 -16.37 4.66 16.23
CA MET E 48 -14.95 4.33 16.06
C MET E 48 -14.58 3.16 16.97
N PHE E 49 -15.01 3.22 18.22
CA PHE E 49 -14.72 2.17 19.20
C PHE E 49 -15.31 0.82 18.77
N ILE E 50 -16.54 0.84 18.25
CA ILE E 50 -17.15 -0.40 17.79
C ILE E 50 -16.38 -0.91 16.57
N GLY E 51 -15.82 0.04 15.81
CA GLY E 51 -15.00 -0.31 14.67
C GLY E 51 -13.77 -1.06 15.13
N VAL E 52 -13.23 -0.61 16.25
CA VAL E 52 -12.07 -1.24 16.86
C VAL E 52 -12.40 -2.68 17.23
N ALA E 53 -13.57 -2.86 17.83
CA ALA E 53 -14.04 -4.19 18.24
C ALA E 53 -14.19 -5.11 17.05
N LEU E 54 -14.72 -4.56 15.97
CA LEU E 54 -14.95 -5.32 14.75
C LEU E 54 -13.64 -5.70 14.05
N VAL E 55 -12.76 -4.73 13.90
CA VAL E 55 -11.48 -4.95 13.23
C VAL E 55 -10.58 -5.91 13.99
N GLU E 56 -10.52 -5.78 15.33
CA GLU E 56 -9.66 -6.65 16.14
C GLU E 56 -10.25 -8.05 16.30
N ALA E 57 -11.53 -8.21 15.98
CA ALA E 57 -12.17 -9.51 16.05
C ALA E 57 -11.46 -10.47 15.12
N LEU E 58 -11.06 -9.92 13.97
CA LEU E 58 -10.38 -10.68 12.93
C LEU E 58 -9.01 -11.21 13.40
N PRO E 59 -8.07 -10.36 13.90
CA PRO E 59 -6.79 -10.84 14.39
C PRO E 59 -6.92 -11.80 15.57
N ILE E 60 -7.89 -11.55 16.46
CA ILE E 60 -8.08 -12.43 17.61
C ILE E 60 -8.51 -13.83 17.16
N ILE E 61 -9.48 -13.89 16.26
CA ILE E 61 -9.97 -15.17 15.76
C ILE E 61 -8.93 -15.84 14.88
N GLY E 62 -8.15 -15.03 14.15
CA GLY E 62 -7.10 -15.56 13.30
C GLY E 62 -6.02 -16.26 14.10
N VAL E 63 -5.66 -15.65 15.23
CA VAL E 63 -4.66 -16.22 16.12
C VAL E 63 -5.17 -17.54 16.70
N VAL E 64 -6.45 -17.55 17.10
CA VAL E 64 -7.07 -18.74 17.65
C VAL E 64 -7.07 -19.88 16.62
N PHE E 65 -7.44 -19.55 15.38
CA PHE E 65 -7.46 -20.55 14.31
C PHE E 65 -6.07 -21.10 14.05
N SER E 66 -5.07 -20.21 14.07
CA SER E 66 -3.69 -20.63 13.83
C SER E 66 -3.24 -21.61 14.91
N PHE E 67 -3.63 -21.31 16.15
CA PHE E 67 -3.30 -22.16 17.30
C PHE E 67 -3.91 -23.55 17.12
N ILE E 68 -5.18 -23.61 16.76
CA ILE E 68 -5.88 -24.88 16.56
C ILE E 68 -5.30 -25.67 15.38
N TYR E 69 -5.00 -24.98 14.28
CA TYR E 69 -4.43 -25.65 13.11
C TYR E 69 -3.11 -26.30 13.48
N LEU E 70 -2.30 -25.59 14.26
CA LEU E 70 -1.03 -26.14 14.72
C LEU E 70 -1.29 -27.33 15.66
N GLY E 71 -2.26 -27.14 16.55
CA GLY E 71 -2.64 -28.18 17.50
C GLY E 71 -3.20 -29.42 16.83
N ARG E 72 -4.05 -29.23 15.82
CA ARG E 72 -4.66 -30.34 15.11
C ARG E 72 -4.55 -30.15 13.60
N MET F 1 1.42 -32.92 6.42
CA MET F 1 0.35 -31.89 6.49
C MET F 1 0.86 -30.62 7.17
N HIS F 2 2.16 -30.57 7.38
CA HIS F 2 2.80 -29.42 8.03
C HIS F 2 2.66 -28.15 7.19
N LEU F 3 2.67 -28.30 5.86
CA LEU F 3 2.52 -27.17 4.96
C LEU F 3 1.10 -26.64 4.99
N GLY F 4 0.15 -27.54 5.27
CA GLY F 4 -1.25 -27.16 5.34
C GLY F 4 -1.52 -26.14 6.42
N VAL F 5 -0.85 -26.28 7.56
CA VAL F 5 -1.01 -25.36 8.68
C VAL F 5 -0.63 -23.95 8.24
N LEU F 6 0.50 -23.83 7.55
CA LEU F 6 0.98 -22.55 7.03
C LEU F 6 0.05 -21.99 5.97
N ALA F 7 -0.46 -22.88 5.11
CA ALA F 7 -1.36 -22.45 4.04
C ALA F 7 -2.59 -21.78 4.62
N ALA F 8 -3.19 -22.41 5.62
CA ALA F 8 -4.37 -21.86 6.27
C ALA F 8 -3.99 -20.63 7.10
N ALA F 9 -2.84 -20.70 7.77
CA ALA F 9 -2.37 -19.59 8.61
C ALA F 9 -2.14 -18.33 7.80
N ILE F 10 -1.52 -18.46 6.63
CA ILE F 10 -1.28 -17.30 5.78
C ILE F 10 -2.58 -16.84 5.12
N ALA F 11 -3.44 -17.78 4.75
CA ALA F 11 -4.72 -17.43 4.12
C ALA F 11 -5.58 -16.64 5.07
N VAL F 12 -5.64 -17.09 6.32
CA VAL F 12 -6.40 -16.42 7.35
C VAL F 12 -5.76 -15.08 7.66
N GLY F 13 -4.43 -15.05 7.69
CA GLY F 13 -3.72 -13.82 7.92
C GLY F 13 -4.06 -12.81 6.85
N LEU F 14 -4.16 -13.30 5.62
CA LEU F 14 -4.53 -12.47 4.48
C LEU F 14 -5.98 -12.01 4.62
N GLY F 15 -6.84 -12.92 5.09
CA GLY F 15 -8.24 -12.60 5.30
C GLY F 15 -8.43 -11.53 6.35
N ALA F 16 -7.71 -11.66 7.46
CA ALA F 16 -7.76 -10.70 8.55
C ALA F 16 -7.22 -9.35 8.12
N LEU F 17 -6.16 -9.39 7.33
CA LEU F 17 -5.54 -8.18 6.82
C LEU F 17 -6.48 -7.40 5.92
N GLY F 18 -7.07 -8.09 4.94
CA GLY F 18 -7.97 -7.43 4.00
C GLY F 18 -9.21 -6.85 4.63
N ALA F 19 -9.93 -7.67 5.39
CA ALA F 19 -11.14 -7.18 6.04
C ALA F 19 -10.83 -6.23 7.17
N GLY F 20 -9.73 -6.47 7.87
CA GLY F 20 -9.35 -5.61 8.98
C GLY F 20 -9.09 -4.19 8.56
N ILE F 21 -8.32 -4.00 7.50
CA ILE F 21 -8.05 -2.65 7.02
C ILE F 21 -9.26 -2.08 6.28
N GLY F 22 -9.96 -2.96 5.54
CA GLY F 22 -11.13 -2.53 4.80
C GLY F 22 -12.24 -2.03 5.71
N ASN F 23 -12.50 -2.77 6.77
CA ASN F 23 -13.53 -2.40 7.73
C ASN F 23 -13.07 -1.29 8.67
N GLY F 24 -11.79 -1.28 9.02
CA GLY F 24 -11.30 -0.22 9.89
C GLY F 24 -11.48 1.11 9.21
N LEU F 25 -11.05 1.17 7.95
CA LEU F 25 -11.18 2.39 7.16
C LEU F 25 -12.64 2.68 6.84
N ILE F 26 -13.45 1.62 6.64
CA ILE F 26 -14.86 1.81 6.33
C ILE F 26 -15.59 2.47 7.49
N VAL F 27 -15.22 2.11 8.71
CA VAL F 27 -15.86 2.68 9.87
C VAL F 27 -15.48 4.14 10.05
N SER F 28 -14.18 4.44 10.00
CA SER F 28 -13.71 5.82 10.19
C SER F 28 -14.21 6.75 9.08
N ARG F 29 -14.07 6.32 7.82
CA ARG F 29 -14.51 7.13 6.69
C ARG F 29 -16.03 7.33 6.73
N THR F 30 -16.77 6.28 7.08
CA THR F 30 -18.21 6.36 7.19
C THR F 30 -18.55 7.43 8.19
N ILE F 31 -17.82 7.39 9.29
CA ILE F 31 -17.96 8.34 10.37
C ILE F 31 -17.64 9.76 9.89
N GLU F 32 -16.57 9.89 9.11
CA GLU F 32 -16.14 11.17 8.57
C GLU F 32 -17.21 11.77 7.66
N GLY F 33 -17.83 10.92 6.84
CA GLY F 33 -18.88 11.41 5.95
C GLY F 33 -20.06 11.96 6.73
N ILE F 34 -20.45 11.24 7.79
CA ILE F 34 -21.56 11.66 8.64
C ILE F 34 -21.24 13.00 9.31
N ALA F 35 -20.02 13.11 9.80
CA ALA F 35 -19.57 14.32 10.47
C ALA F 35 -19.57 15.54 9.55
N ARG F 36 -19.17 15.34 8.29
CA ARG F 36 -19.10 16.43 7.31
C ARG F 36 -20.48 17.07 7.08
N GLN F 37 -21.50 16.24 6.90
CA GLN F 37 -22.86 16.75 6.69
C GLN F 37 -23.90 15.89 7.42
N PRO F 38 -24.82 16.53 8.15
CA PRO F 38 -25.87 15.81 8.88
C PRO F 38 -27.03 15.38 7.99
N GLU F 39 -26.72 14.62 6.94
CA GLU F 39 -27.74 14.15 6.02
C GLU F 39 -27.80 12.63 6.04
N LEU F 40 -28.96 12.07 6.41
CA LEU F 40 -29.16 10.62 6.48
C LEU F 40 -28.06 9.96 7.30
N ARG F 41 -27.79 10.52 8.47
CA ARG F 41 -26.73 10.03 9.36
C ARG F 41 -26.90 8.55 9.72
N PRO F 42 -28.09 8.10 10.22
CA PRO F 42 -28.30 6.68 10.58
C PRO F 42 -28.14 5.75 9.38
N VAL F 43 -28.64 6.19 8.22
CA VAL F 43 -28.59 5.42 6.99
C VAL F 43 -27.15 5.20 6.52
N LEU F 44 -26.33 6.25 6.59
CA LEU F 44 -24.94 6.16 6.15
C LEU F 44 -24.15 5.15 6.99
N GLN F 45 -24.32 5.20 8.30
CA GLN F 45 -23.64 4.28 9.20
C GLN F 45 -24.19 2.85 8.98
N THR F 46 -25.50 2.76 8.70
CA THR F 46 -26.13 1.47 8.42
C THR F 46 -25.52 0.84 7.17
N THR F 47 -25.29 1.67 6.15
CA THR F 47 -24.66 1.22 4.91
C THR F 47 -23.27 0.69 5.25
N MET F 48 -22.62 1.39 6.18
CA MET F 48 -21.30 0.98 6.66
C MET F 48 -21.35 -0.43 7.24
N PHE F 49 -22.39 -0.70 8.06
CA PHE F 49 -22.56 -2.01 8.68
C PHE F 49 -22.75 -3.10 7.64
N ILE F 50 -23.53 -2.82 6.60
CA ILE F 50 -23.75 -3.81 5.55
C ILE F 50 -22.42 -4.02 4.81
N GLY F 51 -21.62 -2.96 4.76
CA GLY F 51 -20.31 -3.04 4.14
C GLY F 51 -19.44 -4.00 4.92
N VAL F 52 -19.58 -3.95 6.24
CA VAL F 52 -18.86 -4.83 7.14
C VAL F 52 -19.24 -6.28 6.85
N ALA F 53 -20.53 -6.52 6.68
CA ALA F 53 -21.05 -7.85 6.38
C ALA F 53 -20.52 -8.38 5.07
N LEU F 54 -20.45 -7.49 4.09
CA LEU F 54 -19.96 -7.84 2.76
C LEU F 54 -18.47 -8.13 2.75
N VAL F 55 -17.69 -7.25 3.36
CA VAL F 55 -16.25 -7.39 3.41
C VAL F 55 -15.80 -8.61 4.21
N GLU F 56 -16.45 -8.87 5.35
CA GLU F 56 -16.08 -10.02 6.18
C GLU F 56 -16.56 -11.34 5.60
N ALA F 57 -17.48 -11.27 4.64
CA ALA F 57 -17.98 -12.47 4.00
C ALA F 57 -16.82 -13.19 3.31
N LEU F 58 -15.93 -12.38 2.74
CA LEU F 58 -14.75 -12.87 2.04
C LEU F 58 -13.79 -13.64 2.95
N PRO F 59 -13.32 -13.06 4.09
CA PRO F 59 -12.42 -13.79 4.99
C PRO F 59 -13.08 -15.03 5.59
N ILE F 60 -14.38 -14.96 5.90
CA ILE F 60 -15.08 -16.11 6.47
C ILE F 60 -15.12 -17.26 5.47
N ILE F 61 -15.49 -16.98 4.23
CA ILE F 61 -15.57 -18.00 3.20
C ILE F 61 -14.16 -18.49 2.82
N GLY F 62 -13.19 -17.58 2.86
CA GLY F 62 -11.81 -17.94 2.56
C GLY F 62 -11.26 -18.94 3.55
N VAL F 63 -11.57 -18.72 4.83
CA VAL F 63 -11.13 -19.61 5.89
C VAL F 63 -11.78 -20.99 5.71
N VAL F 64 -13.07 -20.99 5.37
CA VAL F 64 -13.81 -22.23 5.16
C VAL F 64 -13.21 -23.02 3.98
N PHE F 65 -12.90 -22.31 2.89
CA PHE F 65 -12.30 -22.95 1.72
C PHE F 65 -10.93 -23.53 2.05
N SER F 66 -10.15 -22.80 2.84
CA SER F 66 -8.83 -23.25 3.23
C SER F 66 -8.94 -24.54 4.04
N PHE F 67 -9.92 -24.58 4.94
CA PHE F 67 -10.17 -25.75 5.77
C PHE F 67 -10.50 -26.97 4.92
N ILE F 68 -11.41 -26.79 3.96
CA ILE F 68 -11.82 -27.88 3.06
C ILE F 68 -10.66 -28.34 2.18
N TYR F 69 -9.88 -27.40 1.64
CA TYR F 69 -8.75 -27.77 0.79
C TYR F 69 -7.76 -28.62 1.56
N LEU F 70 -7.52 -28.25 2.82
CA LEU F 70 -6.64 -29.02 3.67
C LEU F 70 -7.26 -30.40 3.95
N GLY F 71 -8.57 -30.38 4.23
CA GLY F 71 -9.30 -31.60 4.50
C GLY F 71 -9.37 -32.54 3.31
N ARG F 72 -9.58 -31.99 2.12
CA ARG F 72 -9.66 -32.79 0.90
C ARG F 72 -8.81 -32.17 -0.20
N MET G 1 0.18 -33.33 -3.81
CA MET G 1 -0.84 -32.26 -3.99
C MET G 1 -0.84 -31.31 -2.81
N HIS G 2 0.17 -31.44 -1.96
CA HIS G 2 0.32 -30.58 -0.77
C HIS G 2 0.53 -29.12 -1.15
N LEU G 3 1.23 -28.90 -2.27
CA LEU G 3 1.49 -27.54 -2.74
C LEU G 3 0.21 -26.91 -3.28
N GLY G 4 -0.68 -27.74 -3.80
CA GLY G 4 -1.95 -27.27 -4.34
C GLY G 4 -2.80 -26.59 -3.30
N VAL G 5 -2.79 -27.12 -2.08
CA VAL G 5 -3.56 -26.54 -0.99
C VAL G 5 -3.11 -25.10 -0.73
N LEU G 6 -1.80 -24.91 -0.69
CA LEU G 6 -1.21 -23.58 -0.48
C LEU G 6 -1.51 -22.66 -1.65
N ALA G 7 -1.44 -23.20 -2.87
CA ALA G 7 -1.69 -22.40 -4.06
C ALA G 7 -3.09 -21.81 -4.03
N ALA G 8 -4.07 -22.64 -3.70
CA ALA G 8 -5.44 -22.18 -3.61
C ALA G 8 -5.63 -21.29 -2.38
N ALA G 9 -4.98 -21.66 -1.28
CA ALA G 9 -5.09 -20.90 -0.04
C ALA G 9 -4.55 -19.48 -0.21
N ILE G 10 -3.42 -19.32 -0.88
CA ILE G 10 -2.86 -18.00 -1.09
C ILE G 10 -3.66 -17.24 -2.15
N ALA G 11 -4.15 -17.95 -3.17
CA ALA G 11 -4.94 -17.32 -4.22
C ALA G 11 -6.23 -16.75 -3.66
N VAL G 12 -6.88 -17.54 -2.80
CA VAL G 12 -8.10 -17.11 -2.16
C VAL G 12 -7.81 -15.99 -1.19
N GLY G 13 -6.68 -16.11 -0.48
CA GLY G 13 -6.29 -15.06 0.43
C GLY G 13 -6.09 -13.76 -0.32
N LEU G 14 -5.51 -13.87 -1.52
CA LEU G 14 -5.31 -12.71 -2.38
C LEU G 14 -6.64 -12.17 -2.86
N GLY G 15 -7.57 -13.09 -3.19
CA GLY G 15 -8.89 -12.71 -3.63
C GLY G 15 -9.67 -11.97 -2.56
N ALA G 16 -9.60 -12.50 -1.33
CA ALA G 16 -10.27 -11.89 -0.19
C ALA G 16 -9.68 -10.52 0.12
N LEU G 17 -8.36 -10.43 0.01
CA LEU G 17 -7.66 -9.20 0.28
C LEU G 17 -8.05 -8.10 -0.71
N GLY G 18 -8.01 -8.42 -2.00
CA GLY G 18 -8.34 -7.45 -3.02
C GLY G 18 -9.77 -6.95 -2.97
N ALA G 19 -10.73 -7.87 -2.96
CA ALA G 19 -12.12 -7.49 -2.91
C ALA G 19 -12.50 -6.93 -1.54
N GLY G 20 -11.90 -7.47 -0.49
CA GLY G 20 -12.20 -7.01 0.85
C GLY G 20 -11.86 -5.55 1.05
N ILE G 21 -10.67 -5.13 0.64
CA ILE G 21 -10.28 -3.74 0.80
C ILE G 21 -10.98 -2.88 -0.25
N GLY G 22 -11.14 -3.43 -1.47
CA GLY G 22 -11.79 -2.70 -2.54
C GLY G 22 -13.24 -2.37 -2.21
N ASN G 23 -13.96 -3.36 -1.70
CA ASN G 23 -15.36 -3.19 -1.34
C ASN G 23 -15.52 -2.44 -0.02
N GLY G 24 -14.60 -2.66 0.92
CA GLY G 24 -14.70 -1.94 2.18
C GLY G 24 -14.60 -0.45 1.93
N LEU G 25 -13.59 -0.07 1.16
CA LEU G 25 -13.38 1.31 0.80
C LEU G 25 -14.50 1.83 -0.11
N ILE G 26 -14.99 0.96 -0.99
CA ILE G 26 -16.06 1.35 -1.91
C ILE G 26 -17.33 1.72 -1.15
N VAL G 27 -17.62 0.99 -0.07
CA VAL G 27 -18.80 1.27 0.71
C VAL G 27 -18.66 2.58 1.48
N SER G 28 -17.54 2.75 2.18
CA SER G 28 -17.33 3.97 2.97
C SER G 28 -17.25 5.22 2.11
N ARG G 29 -16.47 5.15 1.03
CA ARG G 29 -16.32 6.28 0.13
C ARG G 29 -17.64 6.62 -0.55
N THR G 30 -18.38 5.59 -0.96
CA THR G 30 -19.69 5.79 -1.58
C THR G 30 -20.55 6.55 -0.62
N ILE G 31 -20.49 6.12 0.64
CA ILE G 31 -21.23 6.72 1.72
C ILE G 31 -20.81 8.19 1.91
N GLU G 32 -19.49 8.43 1.86
CA GLU G 32 -18.94 9.76 2.02
C GLU G 32 -19.43 10.70 0.92
N GLY G 33 -19.49 10.19 -0.31
CA GLY G 33 -19.96 11.01 -1.43
C GLY G 33 -21.41 11.42 -1.22
N ILE G 34 -22.24 10.47 -0.78
CA ILE G 34 -23.65 10.74 -0.52
C ILE G 34 -23.82 11.78 0.57
N ALA G 35 -23.02 11.63 1.62
CA ALA G 35 -23.06 12.56 2.75
C ALA G 35 -22.68 13.98 2.35
N ARG G 36 -21.68 14.10 1.48
CA ARG G 36 -21.19 15.42 1.05
C ARG G 36 -22.29 16.23 0.35
N GLN G 37 -23.03 15.59 -0.56
CA GLN G 37 -24.11 16.27 -1.26
C GLN G 37 -25.31 15.34 -1.46
N PRO G 38 -26.53 15.82 -1.15
CA PRO G 38 -27.75 15.03 -1.29
C PRO G 38 -28.26 14.99 -2.73
N GLU G 39 -27.40 14.53 -3.65
CA GLU G 39 -27.77 14.44 -5.05
C GLU G 39 -27.72 12.99 -5.52
N LEU G 40 -28.87 12.47 -5.96
CA LEU G 40 -28.99 11.09 -6.45
C LEU G 40 -28.41 10.12 -5.42
N ARG G 41 -28.82 10.29 -4.16
CA ARG G 41 -28.35 9.46 -3.05
C ARG G 41 -28.58 7.95 -3.28
N PRO G 42 -29.82 7.50 -3.61
CA PRO G 42 -30.08 6.07 -3.85
C PRO G 42 -29.26 5.52 -5.01
N VAL G 43 -29.14 6.32 -6.07
CA VAL G 43 -28.40 5.93 -7.27
C VAL G 43 -26.92 5.71 -6.98
N LEU G 44 -26.32 6.62 -6.20
CA LEU G 44 -24.91 6.53 -5.87
C LEU G 44 -24.58 5.24 -5.10
N GLN G 45 -25.40 4.94 -4.11
CA GLN G 45 -25.22 3.73 -3.30
C GLN G 45 -25.49 2.49 -4.18
N THR G 46 -26.45 2.61 -5.11
CA THR G 46 -26.78 1.52 -6.03
C THR G 46 -25.56 1.21 -6.92
N THR G 47 -24.90 2.28 -7.38
CA THR G 47 -23.70 2.15 -8.20
C THR G 47 -22.65 1.42 -7.38
N MET G 48 -22.61 1.74 -6.09
CA MET G 48 -21.69 1.09 -5.15
C MET G 48 -21.95 -0.42 -5.12
N PHE G 49 -23.22 -0.81 -5.06
CA PHE G 49 -23.60 -2.21 -5.02
C PHE G 49 -23.17 -2.95 -6.29
N ILE G 50 -23.32 -2.30 -7.46
CA ILE G 50 -22.90 -2.92 -8.70
C ILE G 50 -21.37 -3.04 -8.69
N GLY G 51 -20.72 -2.09 -8.02
CA GLY G 51 -19.29 -2.11 -7.86
C GLY G 51 -18.88 -3.33 -7.09
N VAL G 52 -19.67 -3.65 -6.07
CA VAL G 52 -19.45 -4.81 -5.24
C VAL G 52 -19.54 -6.08 -6.09
N ALA G 53 -20.55 -6.13 -6.95
CA ALA G 53 -20.75 -7.27 -7.85
C ALA G 53 -19.58 -7.45 -8.80
N LEU G 54 -19.07 -6.32 -9.29
CA LEU G 54 -17.96 -6.32 -10.23
C LEU G 54 -16.66 -6.74 -9.56
N VAL G 55 -16.37 -6.15 -8.41
CA VAL G 55 -15.13 -6.44 -7.69
C VAL G 55 -15.08 -7.87 -7.18
N GLU G 56 -16.20 -8.39 -6.65
CA GLU G 56 -16.22 -9.76 -6.13
C GLU G 56 -16.26 -10.80 -7.24
N ALA G 57 -16.55 -10.37 -8.46
CA ALA G 57 -16.58 -11.29 -9.59
C ALA G 57 -15.18 -11.89 -9.76
N LEU G 58 -14.19 -11.03 -9.54
CA LEU G 58 -12.79 -11.41 -9.66
C LEU G 58 -12.38 -12.51 -8.65
N PRO G 59 -12.59 -12.32 -7.32
CA PRO G 59 -12.24 -13.36 -6.35
C PRO G 59 -13.03 -14.65 -6.56
N ILE G 60 -14.30 -14.54 -6.95
CA ILE G 60 -15.12 -15.73 -7.19
C ILE G 60 -14.56 -16.55 -8.34
N ILE G 61 -14.26 -15.88 -9.46
CA ILE G 61 -13.72 -16.57 -10.63
C ILE G 61 -12.30 -17.05 -10.37
N GLY G 62 -11.55 -16.29 -9.58
CA GLY G 62 -10.19 -16.68 -9.23
C GLY G 62 -10.16 -17.97 -8.45
N VAL G 63 -11.09 -18.10 -7.50
CA VAL G 63 -11.20 -19.30 -6.69
C VAL G 63 -11.56 -20.49 -7.56
N VAL G 64 -12.50 -20.27 -8.49
CA VAL G 64 -12.95 -21.32 -9.41
C VAL G 64 -11.77 -21.79 -10.27
N PHE G 65 -11.00 -20.84 -10.81
CA PHE G 65 -9.84 -21.16 -11.64
C PHE G 65 -8.80 -21.95 -10.85
N SER G 66 -8.58 -21.55 -9.60
CA SER G 66 -7.61 -22.23 -8.74
C SER G 66 -8.04 -23.67 -8.52
N PHE G 67 -9.33 -23.87 -8.31
CA PHE G 67 -9.90 -25.19 -8.09
C PHE G 67 -9.66 -26.08 -9.33
N ILE G 68 -9.96 -25.55 -10.51
CA ILE G 68 -9.78 -26.29 -11.75
C ILE G 68 -8.31 -26.59 -12.02
N TYR G 69 -7.43 -25.62 -11.79
CA TYR G 69 -6.00 -25.83 -12.01
C TYR G 69 -5.48 -26.96 -11.13
N LEU G 70 -5.95 -26.99 -9.88
CA LEU G 70 -5.57 -28.06 -8.97
C LEU G 70 -6.15 -29.38 -9.47
N GLY G 71 -7.42 -29.33 -9.90
CA GLY G 71 -8.11 -30.51 -10.42
C GLY G 71 -7.49 -31.05 -11.69
N ARG G 72 -7.10 -30.15 -12.60
CA ARG G 72 -6.48 -30.56 -13.85
C ARG G 72 -5.23 -29.74 -14.14
N MET H 1 4.35 -30.68 -12.88
CA MET H 1 3.49 -29.51 -13.23
C MET H 1 2.84 -28.93 -11.99
N HIS H 2 3.27 -29.40 -10.83
CA HIS H 2 2.73 -28.95 -9.54
C HIS H 2 3.01 -27.46 -9.31
N LEU H 3 4.16 -27.00 -9.79
CA LEU H 3 4.54 -25.59 -9.65
C LEU H 3 3.67 -24.70 -10.54
N GLY H 4 3.24 -25.27 -11.67
CA GLY H 4 2.40 -24.54 -12.61
C GLY H 4 1.09 -24.10 -11.99
N VAL H 5 0.51 -24.96 -11.15
CA VAL H 5 -0.75 -24.65 -10.49
C VAL H 5 -0.59 -23.40 -9.62
N LEU H 6 0.50 -23.35 -8.86
CA LEU H 6 0.79 -22.20 -8.01
C LEU H 6 1.09 -20.96 -8.84
N ALA H 7 1.80 -21.14 -9.95
CA ALA H 7 2.14 -20.01 -10.81
C ALA H 7 0.88 -19.32 -11.31
N ALA H 8 -0.06 -20.11 -11.80
CA ALA H 8 -1.32 -19.57 -12.28
C ALA H 8 -2.16 -19.05 -11.12
N ALA H 9 -2.15 -19.78 -10.00
CA ALA H 9 -2.92 -19.40 -8.82
C ALA H 9 -2.47 -18.05 -8.26
N ILE H 10 -1.17 -17.83 -8.20
CA ILE H 10 -0.67 -16.56 -7.70
C ILE H 10 -0.86 -15.45 -8.74
N ALA H 11 -0.71 -15.79 -10.02
CA ALA H 11 -0.90 -14.80 -11.08
C ALA H 11 -2.32 -14.30 -11.12
N VAL H 12 -3.26 -15.22 -10.98
CA VAL H 12 -4.68 -14.90 -10.95
C VAL H 12 -4.98 -14.12 -9.68
N GLY H 13 -4.38 -14.55 -8.58
CA GLY H 13 -4.58 -13.85 -7.32
C GLY H 13 -4.11 -12.42 -7.45
N LEU H 14 -3.00 -12.23 -8.16
CA LEU H 14 -2.46 -10.91 -8.42
C LEU H 14 -3.40 -10.13 -9.32
N GLY H 15 -3.96 -10.82 -10.32
CA GLY H 15 -4.90 -10.19 -11.24
C GLY H 15 -6.16 -9.74 -10.54
N ALA H 16 -6.69 -10.58 -9.68
CA ALA H 16 -7.89 -10.26 -8.91
C ALA H 16 -7.64 -9.12 -7.96
N LEU H 17 -6.46 -9.13 -7.36
CA LEU H 17 -6.07 -8.09 -6.42
C LEU H 17 -5.98 -6.72 -7.09
N GLY H 18 -5.26 -6.67 -8.22
CA GLY H 18 -5.08 -5.41 -8.92
C GLY H 18 -6.37 -4.81 -9.46
N ALA H 19 -7.13 -5.61 -10.20
CA ALA H 19 -8.38 -5.12 -10.75
C ALA H 19 -9.43 -4.93 -9.68
N GLY H 20 -9.42 -5.81 -8.67
CA GLY H 20 -10.40 -5.73 -7.60
C GLY H 20 -10.32 -4.43 -6.84
N ILE H 21 -9.11 -4.03 -6.45
CA ILE H 21 -8.95 -2.78 -5.72
C ILE H 21 -9.06 -1.59 -6.66
N GLY H 22 -8.55 -1.75 -7.88
CA GLY H 22 -8.61 -0.69 -8.87
C GLY H 22 -10.04 -0.33 -9.25
N ASN H 23 -10.85 -1.36 -9.48
CA ASN H 23 -12.24 -1.15 -9.85
C ASN H 23 -13.10 -0.81 -8.64
N GLY H 24 -12.78 -1.37 -7.48
CA GLY H 24 -13.57 -1.03 -6.30
C GLY H 24 -13.45 0.45 -6.00
N LEU H 25 -12.21 0.93 -6.02
CA LEU H 25 -11.94 2.34 -5.79
C LEU H 25 -12.46 3.19 -6.93
N ILE H 26 -12.39 2.66 -8.17
CA ILE H 26 -12.86 3.41 -9.33
C ILE H 26 -14.36 3.66 -9.24
N VAL H 27 -15.10 2.69 -8.73
CA VAL H 27 -16.54 2.83 -8.61
C VAL H 27 -16.90 3.85 -7.54
N SER H 28 -16.32 3.71 -6.35
CA SER H 28 -16.62 4.61 -5.24
C SER H 28 -16.19 6.05 -5.54
N ARG H 29 -14.96 6.22 -6.03
CA ARG H 29 -14.45 7.54 -6.35
C ARG H 29 -15.26 8.19 -7.47
N THR H 30 -15.62 7.39 -8.48
CA THR H 30 -16.44 7.88 -9.58
C THR H 30 -17.72 8.42 -9.04
N ILE H 31 -18.27 7.64 -8.10
CA ILE H 31 -19.49 7.98 -7.42
C ILE H 31 -19.33 9.27 -6.62
N GLU H 32 -18.20 9.39 -5.93
CA GLU H 32 -17.90 10.57 -5.11
C GLU H 32 -17.82 11.83 -5.98
N GLY H 33 -17.20 11.70 -7.16
CA GLY H 33 -17.10 12.84 -8.06
C GLY H 33 -18.46 13.32 -8.51
N ILE H 34 -19.34 12.37 -8.84
CA ILE H 34 -20.70 12.68 -9.29
C ILE H 34 -21.47 13.38 -8.17
N ALA H 35 -21.32 12.87 -6.96
CA ALA H 35 -21.98 13.42 -5.79
C ALA H 35 -21.55 14.85 -5.49
N ARG H 36 -20.25 15.13 -5.65
CA ARG H 36 -19.71 16.46 -5.37
C ARG H 36 -20.35 17.54 -6.26
N GLN H 37 -20.46 17.27 -7.56
CA GLN H 37 -21.09 18.22 -8.49
C GLN H 37 -21.95 17.49 -9.51
N PRO H 38 -23.18 17.99 -9.74
CA PRO H 38 -24.11 17.40 -10.71
C PRO H 38 -23.80 17.81 -12.15
N GLU H 39 -22.58 17.56 -12.59
CA GLU H 39 -22.17 17.92 -13.94
C GLU H 39 -21.79 16.66 -14.72
N LEU H 40 -22.51 16.41 -15.82
CA LEU H 40 -22.27 15.24 -16.67
C LEU H 40 -22.24 13.96 -15.84
N ARG H 41 -23.24 13.81 -14.98
CA ARG H 41 -23.34 12.65 -14.08
C ARG H 41 -23.32 11.30 -14.82
N PRO H 42 -24.19 11.08 -15.86
CA PRO H 42 -24.20 9.81 -16.61
C PRO H 42 -22.86 9.54 -17.29
N VAL H 43 -22.27 10.59 -17.85
CA VAL H 43 -21.01 10.50 -18.57
C VAL H 43 -19.87 10.07 -17.65
N LEU H 44 -19.81 10.64 -16.45
CA LEU H 44 -18.76 10.33 -15.49
C LEU H 44 -18.79 8.85 -15.08
N GLN H 45 -19.99 8.35 -14.79
CA GLN H 45 -20.15 6.96 -14.40
C GLN H 45 -19.86 6.05 -15.61
N THR H 46 -20.21 6.52 -16.81
CA THR H 46 -19.94 5.78 -18.04
C THR H 46 -18.44 5.63 -18.24
N THR H 47 -17.69 6.71 -17.96
CA THR H 47 -16.24 6.71 -18.06
C THR H 47 -15.71 5.67 -17.07
N MET H 48 -16.36 5.60 -15.91
CA MET H 48 -16.02 4.62 -14.88
C MET H 48 -16.14 3.21 -15.43
N PHE H 49 -17.24 2.94 -16.15
CA PHE H 49 -17.49 1.62 -16.73
C PHE H 49 -16.43 1.25 -17.75
N ILE H 50 -16.01 2.22 -18.58
CA ILE H 50 -14.96 1.94 -19.55
C ILE H 50 -13.65 1.68 -18.81
N GLY H 51 -13.51 2.33 -17.65
CA GLY H 51 -12.35 2.12 -16.81
C GLY H 51 -12.31 0.69 -16.33
N VAL H 52 -13.50 0.18 -16.00
CA VAL H 52 -13.65 -1.19 -15.56
C VAL H 52 -13.20 -2.15 -16.66
N ALA H 53 -13.62 -1.86 -17.89
CA ALA H 53 -13.26 -2.66 -19.06
C ALA H 53 -11.76 -2.67 -19.28
N LEU H 54 -11.15 -1.50 -19.10
CA LEU H 54 -9.72 -1.34 -19.29
C LEU H 54 -8.91 -2.06 -18.21
N VAL H 55 -9.29 -1.85 -16.97
CA VAL H 55 -8.59 -2.45 -15.84
C VAL H 55 -8.71 -3.97 -15.83
N GLU H 56 -9.90 -4.50 -16.11
CA GLU H 56 -10.10 -5.96 -16.11
C GLU H 56 -9.49 -6.63 -17.34
N ALA H 57 -9.15 -5.85 -18.34
CA ALA H 57 -8.53 -6.40 -19.53
C ALA H 57 -7.20 -7.04 -19.15
N LEU H 58 -6.53 -6.40 -18.22
CA LEU H 58 -5.24 -6.85 -17.72
C LEU H 58 -5.33 -8.22 -17.02
N PRO H 59 -6.21 -8.41 -15.99
CA PRO H 59 -6.34 -9.71 -15.33
C PRO H 59 -6.80 -10.80 -16.28
N ILE H 60 -7.71 -10.47 -17.21
CA ILE H 60 -8.21 -11.46 -18.16
C ILE H 60 -7.08 -11.96 -19.07
N ILE H 61 -6.30 -11.03 -19.63
CA ILE H 61 -5.20 -11.39 -20.50
C ILE H 61 -4.08 -12.07 -19.71
N GLY H 62 -3.89 -11.65 -18.46
CA GLY H 62 -2.88 -12.25 -17.62
C GLY H 62 -3.16 -13.71 -17.34
N VAL H 63 -4.44 -14.01 -17.09
CA VAL H 63 -4.87 -15.37 -16.83
C VAL H 63 -4.65 -16.23 -18.08
N VAL H 64 -5.00 -15.66 -19.24
CA VAL H 64 -4.83 -16.35 -20.52
C VAL H 64 -3.35 -16.67 -20.76
N PHE H 65 -2.49 -15.68 -20.52
CA PHE H 65 -1.05 -15.86 -20.71
C PHE H 65 -0.51 -16.94 -19.77
N SER H 66 -0.99 -16.93 -18.53
CA SER H 66 -0.55 -17.93 -17.55
C SER H 66 -0.93 -19.32 -18.01
N PHE H 67 -2.15 -19.45 -18.55
CA PHE H 67 -2.64 -20.72 -19.06
C PHE H 67 -1.75 -21.24 -20.19
N ILE H 68 -1.43 -20.36 -21.14
CA ILE H 68 -0.60 -20.73 -22.28
C ILE H 68 0.83 -21.08 -21.85
N TYR H 69 1.40 -20.30 -20.92
CA TYR H 69 2.75 -20.58 -20.45
C TYR H 69 2.81 -21.96 -19.80
N LEU H 70 1.78 -22.30 -19.03
CA LEU H 70 1.70 -23.61 -18.42
C LEU H 70 1.55 -24.68 -19.52
N GLY H 71 0.68 -24.38 -20.49
CA GLY H 71 0.43 -25.29 -21.59
C GLY H 71 1.66 -25.49 -22.47
N ARG H 72 2.39 -24.42 -22.75
CA ARG H 72 3.59 -24.51 -23.58
C ARG H 72 4.75 -23.76 -22.94
N MET I 1 12.37 -25.95 -17.33
CA MET I 1 11.74 -24.66 -17.70
C MET I 1 10.50 -24.40 -16.87
N HIS I 2 10.31 -25.22 -15.84
CA HIS I 2 9.15 -25.11 -14.94
C HIS I 2 9.18 -23.79 -14.17
N LEU I 3 10.38 -23.31 -13.83
CA LEU I 3 10.53 -22.06 -13.12
C LEU I 3 10.20 -20.87 -14.01
N GLY I 4 10.43 -21.05 -15.32
CA GLY I 4 10.15 -20.01 -16.29
C GLY I 4 8.68 -19.63 -16.33
N VAL I 5 7.82 -20.63 -16.19
CA VAL I 5 6.37 -20.40 -16.20
C VAL I 5 5.98 -19.48 -15.06
N LEU I 6 6.53 -19.76 -13.87
CA LEU I 6 6.26 -18.94 -12.69
C LEU I 6 6.86 -17.54 -12.84
N ALA I 7 8.05 -17.46 -13.43
CA ALA I 7 8.71 -16.17 -13.62
C ALA I 7 7.84 -15.25 -14.46
N ALA I 8 7.33 -15.77 -15.56
CA ALA I 8 6.46 -15.00 -16.43
C ALA I 8 5.11 -14.75 -15.77
N ALA I 9 4.60 -15.77 -15.08
CA ALA I 9 3.31 -15.66 -14.40
C ALA I 9 3.32 -14.59 -13.33
N ILE I 10 4.38 -14.52 -12.53
CA ILE I 10 4.47 -13.50 -11.51
C ILE I 10 4.76 -12.13 -12.12
N ALA I 11 5.57 -12.10 -13.18
CA ALA I 11 5.90 -10.83 -13.84
C ALA I 11 4.65 -10.21 -14.44
N VAL I 12 3.84 -11.04 -15.08
CA VAL I 12 2.60 -10.60 -15.69
C VAL I 12 1.63 -10.20 -14.59
N GLY I 13 1.61 -10.97 -13.51
CA GLY I 13 0.75 -10.65 -12.39
C GLY I 13 1.12 -9.29 -11.84
N LEU I 14 2.42 -9.02 -11.78
CA LEU I 14 2.93 -7.74 -11.32
C LEU I 14 2.53 -6.64 -12.30
N GLY I 15 2.62 -6.96 -13.61
CA GLY I 15 2.25 -6.01 -14.63
C GLY I 15 0.78 -5.64 -14.58
N ALA I 16 -0.06 -6.65 -14.40
CA ALA I 16 -1.51 -6.46 -14.30
C ALA I 16 -1.85 -5.66 -13.06
N LEU I 17 -1.16 -5.96 -11.97
CA LEU I 17 -1.37 -5.28 -10.71
C LEU I 17 -1.04 -3.79 -10.80
N GLY I 18 0.15 -3.48 -11.32
CA GLY I 18 0.57 -2.09 -11.44
C GLY I 18 -0.30 -1.25 -12.35
N ALA I 19 -0.51 -1.72 -13.56
CA ALA I 19 -1.32 -0.97 -14.51
C ALA I 19 -2.79 -1.01 -14.11
N GLY I 20 -3.23 -2.13 -13.56
CA GLY I 20 -4.63 -2.26 -13.17
C GLY I 20 -5.04 -1.25 -12.12
N ILE I 21 -4.23 -1.10 -11.07
CA ILE I 21 -4.56 -0.14 -10.02
C ILE I 21 -4.24 1.28 -10.49
N GLY I 22 -3.16 1.42 -11.27
CA GLY I 22 -2.79 2.72 -11.79
C GLY I 22 -3.83 3.31 -12.71
N ASN I 23 -4.35 2.49 -13.61
CA ASN I 23 -5.36 2.92 -14.57
C ASN I 23 -6.74 2.99 -13.91
N GLY I 24 -7.03 2.09 -12.99
CA GLY I 24 -8.32 2.14 -12.32
C GLY I 24 -8.48 3.45 -11.59
N LEU I 25 -7.45 3.79 -10.83
CA LEU I 25 -7.42 5.05 -10.09
C LEU I 25 -7.34 6.24 -11.03
N ILE I 26 -6.60 6.08 -12.14
CA ILE I 26 -6.46 7.18 -13.10
C ILE I 26 -7.80 7.54 -13.72
N VAL I 27 -8.64 6.54 -13.97
CA VAL I 27 -9.94 6.79 -14.56
C VAL I 27 -10.86 7.48 -13.58
N SER I 28 -10.97 6.95 -12.36
CA SER I 28 -11.86 7.52 -11.34
C SER I 28 -11.44 8.93 -10.95
N ARG I 29 -10.14 9.11 -10.67
CA ARG I 29 -9.63 10.42 -10.27
C ARG I 29 -9.79 11.43 -11.41
N THR I 30 -9.53 11.00 -12.63
CA THR I 30 -9.69 11.87 -13.81
C THR I 30 -11.11 12.34 -13.85
N ILE I 31 -12.00 11.40 -13.60
CA ILE I 31 -13.43 11.63 -13.57
C ILE I 31 -13.78 12.62 -12.46
N GLU I 32 -13.18 12.43 -11.28
CA GLU I 32 -13.42 13.29 -10.13
C GLU I 32 -12.98 14.72 -10.42
N GLY I 33 -11.85 14.88 -11.09
CA GLY I 33 -11.37 16.21 -11.43
C GLY I 33 -12.35 16.94 -12.35
N ILE I 34 -12.86 16.22 -13.35
CA ILE I 34 -13.81 16.77 -14.30
C ILE I 34 -15.09 17.19 -13.58
N ALA I 35 -15.55 16.34 -12.68
CA ALA I 35 -16.76 16.60 -11.91
C ALA I 35 -16.63 17.83 -11.02
N ARG I 36 -15.46 18.01 -10.41
CA ARG I 36 -15.22 19.15 -9.51
C ARG I 36 -15.39 20.49 -10.23
N GLN I 37 -14.81 20.62 -11.43
CA GLN I 37 -14.93 21.85 -12.21
C GLN I 37 -15.09 21.54 -13.70
N PRO I 38 -16.06 22.20 -14.36
CA PRO I 38 -16.32 22.01 -15.79
C PRO I 38 -15.34 22.79 -16.67
N GLU I 39 -14.05 22.56 -16.48
CA GLU I 39 -13.03 23.23 -17.26
C GLU I 39 -12.22 22.23 -18.07
N LEU I 40 -12.26 22.37 -19.40
CA LEU I 40 -11.55 21.48 -20.31
C LEU I 40 -11.86 20.02 -20.01
N ARG I 41 -13.15 19.72 -19.86
CA ARG I 41 -13.62 18.38 -19.53
C ARG I 41 -13.13 17.30 -20.52
N PRO I 42 -13.32 17.48 -21.86
CA PRO I 42 -12.86 16.48 -22.84
C PRO I 42 -11.34 16.29 -22.81
N VAL I 43 -10.63 17.40 -22.64
CA VAL I 43 -9.17 17.39 -22.61
C VAL I 43 -8.64 16.61 -21.41
N LEU I 44 -9.24 16.80 -20.25
CA LEU I 44 -8.81 16.13 -19.03
C LEU I 44 -8.95 14.61 -19.16
N GLN I 45 -10.10 14.16 -19.67
CA GLN I 45 -10.34 12.73 -19.86
C GLN I 45 -9.41 12.18 -20.95
N THR I 46 -9.13 13.02 -21.96
CA THR I 46 -8.21 12.64 -23.04
C THR I 46 -6.81 12.41 -22.48
N THR I 47 -6.40 13.29 -21.56
CA THR I 47 -5.10 13.17 -20.90
C THR I 47 -5.09 11.84 -20.15
N MET I 48 -6.23 11.50 -19.56
CA MET I 48 -6.40 10.25 -18.83
C MET I 48 -6.13 9.06 -19.77
N PHE I 49 -6.69 9.13 -20.98
CA PHE I 49 -6.51 8.06 -21.97
C PHE I 49 -5.05 7.90 -22.36
N ILE I 50 -4.33 9.01 -22.53
CA ILE I 50 -2.92 8.93 -22.87
C ILE I 50 -2.16 8.34 -21.68
N GLY I 51 -2.67 8.61 -20.48
CA GLY I 51 -2.10 8.06 -19.27
C GLY I 51 -2.22 6.55 -19.29
N VAL I 52 -3.36 6.09 -19.78
CA VAL I 52 -3.63 4.66 -19.91
C VAL I 52 -2.62 4.03 -20.86
N ALA I 53 -2.37 4.71 -21.97
CA ALA I 53 -1.41 4.24 -22.97
C ALA I 53 0.00 4.15 -22.39
N LEU I 54 0.34 5.14 -21.60
CA LEU I 54 1.65 5.21 -20.97
C LEU I 54 1.84 4.14 -19.91
N VAL I 55 0.86 4.01 -19.03
CA VAL I 55 0.92 3.05 -17.93
C VAL I 55 0.91 1.61 -18.43
N GLU I 56 0.09 1.30 -19.43
CA GLU I 56 0.00 -0.07 -19.95
C GLU I 56 1.20 -0.41 -20.85
N ALA I 57 1.95 0.59 -21.25
CA ALA I 57 3.14 0.36 -22.06
C ALA I 57 4.11 -0.50 -21.27
N LEU I 58 4.17 -0.22 -19.98
CA LEU I 58 5.05 -0.93 -19.06
C LEU I 58 4.71 -2.43 -18.93
N PRO I 59 3.45 -2.82 -18.61
CA PRO I 59 3.08 -4.24 -18.53
C PRO I 59 3.24 -4.96 -19.87
N ILE I 60 2.91 -4.27 -20.97
CA ILE I 60 3.05 -4.90 -22.29
C ILE I 60 4.51 -5.23 -22.60
N ILE I 61 5.39 -4.26 -22.37
CA ILE I 61 6.82 -4.46 -22.63
C ILE I 61 7.42 -5.44 -21.63
N GLY I 62 6.90 -5.42 -20.39
CA GLY I 62 7.38 -6.33 -19.36
C GLY I 62 7.09 -7.77 -19.72
N VAL I 63 5.90 -8.01 -20.26
CA VAL I 63 5.49 -9.34 -20.68
C VAL I 63 6.36 -9.80 -21.83
N VAL I 64 6.62 -8.91 -22.78
CA VAL I 64 7.47 -9.21 -23.93
C VAL I 64 8.89 -9.59 -23.47
N PHE I 65 9.43 -8.81 -22.54
CA PHE I 65 10.77 -9.06 -22.02
C PHE I 65 10.83 -10.41 -21.31
N SER I 66 9.79 -10.72 -20.54
CA SER I 66 9.72 -11.99 -19.82
C SER I 66 9.72 -13.15 -20.80
N PHE I 67 8.98 -12.99 -21.90
CA PHE I 67 8.89 -14.01 -22.93
C PHE I 67 10.26 -14.26 -23.55
N ILE I 68 10.97 -13.18 -23.90
CA ILE I 68 12.29 -13.30 -24.50
C ILE I 68 13.31 -13.89 -23.52
N TYR I 69 13.27 -13.47 -22.27
CA TYR I 69 14.20 -14.00 -21.27
C TYR I 69 14.02 -15.50 -21.13
N LEU I 70 12.77 -15.95 -21.13
CA LEU I 70 12.48 -17.38 -21.07
C LEU I 70 12.98 -18.06 -22.34
N GLY I 71 12.71 -17.41 -23.48
CA GLY I 71 13.13 -17.93 -24.77
C GLY I 71 14.64 -18.00 -24.92
N ARG I 72 15.34 -16.97 -24.46
CA ARG I 72 16.80 -16.93 -24.55
C ARG I 72 17.42 -16.52 -23.21
N MET J 1 21.18 -20.98 -15.43
CA MET J 1 20.75 -19.58 -15.67
C MET J 1 19.23 -19.46 -15.56
N HIS J 2 18.61 -20.51 -15.06
CA HIS J 2 17.16 -20.54 -14.89
C HIS J 2 16.68 -19.51 -13.86
N LEU J 3 17.50 -19.28 -12.83
CA LEU J 3 17.19 -18.30 -11.81
C LEU J 3 17.27 -16.88 -12.36
N GLY J 4 18.16 -16.70 -13.33
CA GLY J 4 18.35 -15.40 -13.96
C GLY J 4 17.09 -14.89 -14.62
N VAL J 5 16.34 -15.79 -15.26
CA VAL J 5 15.10 -15.43 -15.93
C VAL J 5 14.12 -14.84 -14.92
N LEU J 6 13.98 -15.49 -13.77
CA LEU J 6 13.10 -15.02 -12.70
C LEU J 6 13.59 -13.72 -12.12
N ALA J 7 14.91 -13.58 -11.96
CA ALA J 7 15.48 -12.37 -11.39
C ALA J 7 15.12 -11.17 -12.24
N ALA J 8 15.28 -11.29 -13.55
CA ALA J 8 14.93 -10.22 -14.46
C ALA J 8 13.42 -10.04 -14.54
N ALA J 9 12.70 -11.16 -14.54
CA ALA J 9 11.24 -11.13 -14.62
C ALA J 9 10.63 -10.41 -13.43
N ILE J 10 11.12 -10.68 -12.23
CA ILE J 10 10.60 -10.01 -11.05
C ILE J 10 11.07 -8.56 -10.99
N ALA J 11 12.31 -8.30 -11.43
CA ALA J 11 12.84 -6.94 -11.42
C ALA J 11 12.05 -6.05 -12.36
N VAL J 12 11.74 -6.58 -13.53
CA VAL J 12 10.95 -5.85 -14.52
C VAL J 12 9.54 -5.70 -14.01
N GLY J 13 9.01 -6.74 -13.38
CA GLY J 13 7.69 -6.68 -12.81
C GLY J 13 7.62 -5.59 -11.78
N LEU J 14 8.69 -5.46 -10.99
CA LEU J 14 8.80 -4.43 -9.98
C LEU J 14 8.90 -3.06 -10.65
N GLY J 15 9.66 -3.00 -11.75
CA GLY J 15 9.81 -1.75 -12.50
C GLY J 15 8.50 -1.28 -13.08
N ALA J 16 7.75 -2.21 -13.67
CA ALA J 16 6.45 -1.91 -14.26
C ALA J 16 5.46 -1.47 -13.20
N LEU J 17 5.52 -2.14 -12.07
CA LEU J 17 4.64 -1.84 -10.94
C LEU J 17 4.88 -0.42 -10.41
N GLY J 18 6.13 -0.09 -10.14
CA GLY J 18 6.48 1.22 -9.60
C GLY J 18 6.14 2.37 -10.53
N ALA J 19 6.62 2.30 -11.76
CA ALA J 19 6.35 3.36 -12.71
C ALA J 19 4.90 3.36 -13.15
N GLY J 20 4.31 2.17 -13.26
CA GLY J 20 2.92 2.07 -13.70
C GLY J 20 1.96 2.77 -12.75
N ILE J 21 2.11 2.53 -11.45
CA ILE J 21 1.23 3.18 -10.50
C ILE J 21 1.64 4.64 -10.29
N GLY J 22 2.96 4.89 -10.33
CA GLY J 22 3.46 6.24 -10.17
C GLY J 22 2.99 7.18 -11.27
N ASN J 23 3.08 6.70 -12.51
CA ASN J 23 2.67 7.49 -13.66
C ASN J 23 1.16 7.50 -13.82
N GLY J 24 0.49 6.40 -13.48
CA GLY J 24 -0.96 6.39 -13.59
C GLY J 24 -1.55 7.45 -12.69
N LEU J 25 -1.09 7.45 -11.45
CA LEU J 25 -1.53 8.42 -10.46
C LEU J 25 -1.06 9.83 -10.83
N ILE J 26 0.15 9.93 -11.40
CA ILE J 26 0.70 11.22 -11.78
C ILE J 26 -0.17 11.88 -12.85
N VAL J 27 -0.68 11.08 -13.78
CA VAL J 27 -1.50 11.62 -14.84
C VAL J 27 -2.85 12.08 -14.31
N SER J 28 -3.52 11.23 -13.54
CA SER J 28 -4.85 11.58 -13.01
C SER J 28 -4.78 12.76 -12.05
N ARG J 29 -3.83 12.73 -11.11
CA ARG J 29 -3.68 13.82 -10.14
C ARG J 29 -3.31 15.12 -10.83
N THR J 30 -2.42 15.04 -11.83
CA THR J 30 -2.02 16.21 -12.59
C THR J 30 -3.24 16.82 -13.21
N ILE J 31 -4.07 15.94 -13.76
CA ILE J 31 -5.32 16.30 -14.38
C ILE J 31 -6.27 16.95 -13.37
N GLU J 32 -6.34 16.37 -12.17
CA GLU J 32 -7.18 16.88 -11.11
C GLU J 32 -6.76 18.28 -10.69
N GLY J 33 -5.45 18.52 -10.61
CA GLY J 33 -4.97 19.84 -10.25
C GLY J 33 -5.37 20.89 -11.27
N ILE J 34 -5.25 20.53 -12.55
CA ILE J 34 -5.62 21.43 -13.64
C ILE J 34 -7.11 21.75 -13.59
N ALA J 35 -7.90 20.73 -13.35
CA ALA J 35 -9.35 20.87 -13.27
C ALA J 35 -9.78 21.79 -12.11
N ARG J 36 -9.10 21.67 -10.97
CA ARG J 36 -9.44 22.46 -9.79
C ARG J 36 -9.31 23.96 -10.06
N GLN J 37 -8.20 24.37 -10.69
CA GLN J 37 -7.98 25.78 -11.02
C GLN J 37 -7.34 25.94 -12.39
N PRO J 38 -7.87 26.85 -13.23
CA PRO J 38 -7.34 27.09 -14.57
C PRO J 38 -6.10 28.00 -14.56
N GLU J 39 -5.09 27.59 -13.81
CA GLU J 39 -3.86 28.36 -13.72
C GLU J 39 -2.68 27.57 -14.27
N LEU J 40 -2.04 28.09 -15.32
CA LEU J 40 -0.89 27.42 -15.95
C LEU J 40 -1.22 25.97 -16.29
N ARG J 41 -2.38 25.78 -16.93
CA ARG J 41 -2.87 24.45 -17.29
C ARG J 41 -1.87 23.67 -18.17
N PRO J 42 -1.35 24.23 -19.29
CA PRO J 42 -0.39 23.53 -20.15
C PRO J 42 0.90 23.18 -19.41
N VAL J 43 1.36 24.12 -18.58
CA VAL J 43 2.59 23.96 -17.82
C VAL J 43 2.49 22.81 -16.81
N LEU J 44 1.34 22.72 -16.12
CA LEU J 44 1.14 21.69 -15.11
C LEU J 44 1.19 20.29 -15.73
N GLN J 45 0.50 20.12 -16.87
CA GLN J 45 0.49 18.84 -17.56
C GLN J 45 1.88 18.54 -18.13
N THR J 46 2.58 19.60 -18.57
CA THR J 46 3.94 19.46 -19.08
C THR J 46 4.87 18.93 -17.99
N THR J 47 4.70 19.47 -16.77
CA THR J 47 5.47 19.03 -15.61
C THR J 47 5.19 17.55 -15.38
N MET J 48 3.92 17.18 -15.59
CA MET J 48 3.50 15.79 -15.46
C MET J 48 4.28 14.91 -16.44
N PHE J 49 4.42 15.37 -17.68
CA PHE J 49 5.15 14.62 -18.70
C PHE J 49 6.62 14.43 -18.32
N ILE J 50 7.25 15.47 -17.77
CA ILE J 50 8.63 15.35 -17.35
C ILE J 50 8.70 14.37 -16.18
N GLY J 51 7.63 14.34 -15.39
CA GLY J 51 7.54 13.41 -14.29
C GLY J 51 7.54 11.99 -14.80
N VAL J 52 6.85 11.80 -15.92
CA VAL J 52 6.78 10.51 -16.58
C VAL J 52 8.17 10.08 -17.01
N ALA J 53 8.93 11.02 -17.60
CA ALA J 53 10.28 10.76 -18.05
C ALA J 53 11.20 10.37 -16.89
N LEU J 54 11.01 11.06 -15.78
CA LEU J 54 11.81 10.82 -14.59
C LEU J 54 11.50 9.46 -13.95
N VAL J 55 10.22 9.19 -13.78
CA VAL J 55 9.77 7.96 -13.15
C VAL J 55 10.12 6.72 -13.98
N GLU J 56 9.94 6.80 -15.31
CA GLU J 56 10.23 5.67 -16.17
C GLU J 56 11.73 5.46 -16.38
N ALA J 57 12.53 6.46 -16.03
CA ALA J 57 13.97 6.35 -16.15
C ALA J 57 14.46 5.21 -15.27
N LEU J 58 13.82 5.10 -14.11
CA LEU J 58 14.14 4.08 -13.14
C LEU J 58 13.89 2.65 -13.65
N PRO J 59 12.67 2.31 -14.15
CA PRO J 59 12.41 0.97 -14.69
C PRO J 59 13.28 0.66 -15.91
N ILE J 60 13.52 1.65 -16.76
CA ILE J 60 14.36 1.42 -17.94
C ILE J 60 15.79 1.05 -17.54
N ILE J 61 16.36 1.83 -16.62
CA ILE J 61 17.73 1.57 -16.17
C ILE J 61 17.78 0.28 -15.34
N GLY J 62 16.72 0.00 -14.60
CA GLY J 62 16.65 -1.21 -13.80
C GLY J 62 16.69 -2.46 -14.66
N VAL J 63 15.95 -2.40 -15.77
CA VAL J 63 15.90 -3.51 -16.71
C VAL J 63 17.29 -3.72 -17.33
N VAL J 64 17.93 -2.61 -17.70
CA VAL J 64 19.27 -2.65 -18.29
C VAL J 64 20.27 -3.28 -17.31
N PHE J 65 20.21 -2.85 -16.05
CA PHE J 65 21.10 -3.38 -15.02
C PHE J 65 20.87 -4.88 -14.82
N SER J 66 19.60 -5.29 -14.83
CA SER J 66 19.25 -6.69 -14.65
C SER J 66 19.85 -7.53 -15.79
N PHE J 67 19.76 -6.99 -17.00
CA PHE J 67 20.30 -7.65 -18.19
C PHE J 67 21.80 -7.84 -18.06
N ILE J 68 22.50 -6.79 -17.67
CA ILE J 68 23.97 -6.85 -17.51
C ILE J 68 24.37 -7.80 -16.38
N TYR J 69 23.65 -7.76 -15.26
CA TYR J 69 23.97 -8.64 -14.13
C TYR J 69 23.85 -10.10 -14.56
N LEU J 70 22.81 -10.40 -15.34
CA LEU J 70 22.62 -11.75 -15.85
C LEU J 70 23.75 -12.08 -16.83
N GLY J 71 24.07 -11.11 -17.69
CA GLY J 71 25.13 -11.27 -18.68
C GLY J 71 26.49 -11.44 -18.05
N ARG J 72 26.78 -10.67 -17.01
CA ARG J 72 28.08 -10.75 -16.34
C ARG J 72 27.88 -10.80 -14.82
N MET A 1 24.81 -19.84 -7.78
CA MET A 1 25.65 -18.64 -8.01
C MET A 1 24.83 -17.51 -8.61
N HIS A 2 23.54 -17.79 -8.84
CA HIS A 2 22.64 -16.79 -9.43
C HIS A 2 21.92 -16.01 -8.34
N LEU A 3 22.19 -16.36 -7.08
CA LEU A 3 21.57 -15.68 -5.94
C LEU A 3 21.97 -14.22 -5.90
N GLY A 4 23.23 -13.94 -6.19
CA GLY A 4 23.72 -12.56 -6.19
C GLY A 4 23.03 -11.71 -7.24
N VAL A 5 22.80 -12.29 -8.41
CA VAL A 5 22.14 -11.60 -9.50
C VAL A 5 20.72 -11.20 -9.10
N LEU A 6 20.01 -12.15 -8.49
CA LEU A 6 18.64 -11.90 -8.03
C LEU A 6 18.63 -10.89 -6.89
N ALA A 7 19.64 -10.96 -6.02
CA ALA A 7 19.70 -10.03 -4.89
C ALA A 7 19.79 -8.60 -5.39
N ALA A 8 20.66 -8.36 -6.37
CA ALA A 8 20.79 -7.04 -6.95
C ALA A 8 19.56 -6.66 -7.75
N ALA A 9 19.02 -7.64 -8.49
CA ALA A 9 17.85 -7.42 -9.33
C ALA A 9 16.63 -7.05 -8.49
N ILE A 10 16.43 -7.72 -7.36
CA ILE A 10 15.31 -7.40 -6.50
C ILE A 10 15.56 -6.09 -5.76
N ALA A 11 16.83 -5.83 -5.40
CA ALA A 11 17.19 -4.60 -4.71
C ALA A 11 16.94 -3.39 -5.60
N VAL A 12 17.30 -3.51 -6.87
CA VAL A 12 17.09 -2.43 -7.82
C VAL A 12 15.61 -2.33 -8.13
N GLY A 13 14.93 -3.47 -8.16
CA GLY A 13 13.50 -3.47 -8.39
C GLY A 13 12.82 -2.72 -7.26
N LEU A 14 13.35 -2.92 -6.05
CA LEU A 14 12.84 -2.26 -4.87
C LEU A 14 13.12 -0.76 -4.94
N GLY A 15 14.35 -0.41 -5.34
CA GLY A 15 14.72 0.99 -5.47
C GLY A 15 13.90 1.70 -6.54
N ALA A 16 13.71 1.05 -7.67
CA ALA A 16 12.94 1.60 -8.78
C ALA A 16 11.47 1.76 -8.41
N LEU A 17 10.95 0.79 -7.68
CA LEU A 17 9.55 0.81 -7.27
C LEU A 17 9.29 1.94 -6.27
N GLY A 18 10.09 2.00 -5.21
CA GLY A 18 9.91 3.01 -4.18
C GLY A 18 10.04 4.42 -4.71
N ALA A 19 11.11 4.68 -5.44
CA ALA A 19 11.32 6.02 -5.99
C ALA A 19 10.34 6.28 -7.13
N GLY A 20 9.94 5.21 -7.82
CA GLY A 20 9.01 5.35 -8.93
C GLY A 20 7.68 5.93 -8.49
N ILE A 21 7.08 5.36 -7.45
CA ILE A 21 5.81 5.87 -6.96
C ILE A 21 6.00 7.16 -6.18
N GLY A 22 7.12 7.24 -5.44
CA GLY A 22 7.41 8.43 -4.67
C GLY A 22 7.56 9.66 -5.56
N ASN A 23 8.27 9.49 -6.67
CA ASN A 23 8.49 10.59 -7.60
C ASN A 23 7.28 10.83 -8.49
N GLY A 24 6.57 9.77 -8.85
CA GLY A 24 5.39 9.97 -9.68
C GLY A 24 4.38 10.83 -8.95
N LEU A 25 4.10 10.45 -7.71
CA LEU A 25 3.19 11.21 -6.89
C LEU A 25 3.76 12.57 -6.51
N ILE A 26 5.08 12.64 -6.31
CA ILE A 26 5.70 13.92 -5.95
C ILE A 26 5.48 14.95 -7.06
N VAL A 27 5.58 14.50 -8.31
CA VAL A 27 5.41 15.39 -9.44
C VAL A 27 3.95 15.84 -9.57
N SER A 28 3.01 14.89 -9.58
CA SER A 28 1.59 15.24 -9.73
C SER A 28 1.09 16.06 -8.56
N ARG A 29 1.51 15.72 -7.35
CA ARG A 29 1.07 16.46 -6.16
C ARG A 29 1.67 17.85 -6.15
N THR A 30 2.93 17.97 -6.54
CA THR A 30 3.59 19.28 -6.62
C THR A 30 2.82 20.14 -7.58
N ILE A 31 2.42 19.51 -8.68
CA ILE A 31 1.64 20.14 -9.72
C ILE A 31 0.28 20.59 -9.18
N GLU A 32 -0.36 19.71 -8.41
CA GLU A 32 -1.67 19.99 -7.83
C GLU A 32 -1.59 21.18 -6.86
N GLY A 33 -0.53 21.22 -6.05
CA GLY A 33 -0.36 22.32 -5.11
C GLY A 33 -0.23 23.66 -5.80
N ILE A 34 0.54 23.69 -6.89
CA ILE A 34 0.75 24.92 -7.66
C ILE A 34 -0.58 25.43 -8.24
N ALA A 35 -1.36 24.52 -8.80
CA ALA A 35 -2.65 24.87 -9.39
C ALA A 35 -3.63 25.44 -8.35
N ARG A 36 -3.62 24.85 -7.15
CA ARG A 36 -4.54 25.28 -6.08
C ARG A 36 -4.33 26.75 -5.70
N GLN A 37 -3.09 27.19 -5.63
CA GLN A 37 -2.81 28.57 -5.28
C GLN A 37 -1.55 29.08 -5.98
N PRO A 38 -1.68 30.19 -6.74
CA PRO A 38 -0.56 30.78 -7.49
C PRO A 38 0.41 31.59 -6.62
N GLU A 39 0.47 31.27 -5.33
CA GLU A 39 1.37 31.98 -4.42
C GLU A 39 2.81 31.77 -4.87
N LEU A 40 3.14 30.53 -5.18
CA LEU A 40 4.45 30.16 -5.66
C LEU A 40 4.30 29.20 -6.83
N ARG A 41 5.03 29.44 -7.91
CA ARG A 41 4.94 28.55 -9.06
C ARG A 41 6.28 27.85 -9.35
N PRO A 42 7.33 28.58 -9.80
CA PRO A 42 8.64 27.96 -10.08
C PRO A 42 9.28 27.33 -8.86
N VAL A 43 9.15 28.01 -7.72
CA VAL A 43 9.75 27.56 -6.46
C VAL A 43 9.21 26.19 -6.00
N LEU A 44 7.90 26.02 -6.04
CA LEU A 44 7.30 24.77 -5.60
C LEU A 44 7.72 23.60 -6.49
N GLN A 45 7.74 23.83 -7.80
CA GLN A 45 8.14 22.80 -8.75
C GLN A 45 9.64 22.49 -8.60
N THR A 46 10.46 23.52 -8.31
CA THR A 46 11.90 23.29 -8.10
C THR A 46 12.14 22.49 -6.83
N THR A 47 11.28 22.71 -5.82
CA THR A 47 11.36 21.97 -4.57
C THR A 47 11.07 20.50 -4.91
N MET A 48 10.13 20.32 -5.84
CA MET A 48 9.77 19.00 -6.34
C MET A 48 11.00 18.32 -6.94
N PHE A 49 11.75 19.07 -7.76
CA PHE A 49 12.95 18.55 -8.42
C PHE A 49 14.01 18.14 -7.40
N ILE A 50 14.23 18.94 -6.36
CA ILE A 50 15.20 18.57 -5.35
C ILE A 50 14.68 17.35 -4.60
N GLY A 51 13.35 17.24 -4.53
CA GLY A 51 12.72 16.10 -3.90
C GLY A 51 13.01 14.82 -4.64
N VAL A 52 12.97 14.86 -5.98
CA VAL A 52 13.26 13.67 -6.77
C VAL A 52 14.75 13.32 -6.66
N ALA A 53 15.59 14.36 -6.51
CA ALA A 53 17.02 14.16 -6.34
C ALA A 53 17.31 13.42 -5.05
N LEU A 54 16.57 13.79 -4.01
CA LEU A 54 16.71 13.20 -2.70
C LEU A 54 16.19 11.76 -2.69
N VAL A 55 15.01 11.57 -3.27
CA VAL A 55 14.38 10.26 -3.31
C VAL A 55 15.18 9.27 -4.14
N GLU A 56 15.69 9.69 -5.30
CA GLU A 56 16.47 8.81 -6.18
C GLU A 56 17.86 8.53 -5.61
N ALA A 57 18.27 9.35 -4.65
CA ALA A 57 19.56 9.16 -4.02
C ALA A 57 19.57 7.79 -3.34
N LEU A 58 18.43 7.44 -2.76
CA LEU A 58 18.26 6.17 -2.08
C LEU A 58 18.46 4.97 -3.03
N PRO A 59 17.74 4.90 -4.19
CA PRO A 59 17.94 3.82 -5.16
C PRO A 59 19.39 3.72 -5.61
N ILE A 60 20.03 4.86 -5.81
CA ILE A 60 21.43 4.89 -6.22
C ILE A 60 22.32 4.23 -5.16
N ILE A 61 22.10 4.62 -3.90
CA ILE A 61 22.87 4.08 -2.78
C ILE A 61 22.66 2.57 -2.65
N GLY A 62 21.40 2.14 -2.73
CA GLY A 62 21.08 0.72 -2.62
C GLY A 62 21.72 -0.11 -3.71
N VAL A 63 21.68 0.39 -4.94
CA VAL A 63 22.27 -0.33 -6.07
C VAL A 63 23.78 -0.43 -5.92
N VAL A 64 24.43 0.67 -5.53
CA VAL A 64 25.88 0.69 -5.34
C VAL A 64 26.31 -0.30 -4.24
N PHE A 65 25.59 -0.26 -3.11
CA PHE A 65 25.90 -1.15 -2.00
C PHE A 65 25.70 -2.61 -2.38
N SER A 66 24.63 -2.89 -3.13
CA SER A 66 24.37 -4.26 -3.58
C SER A 66 25.50 -4.75 -4.48
N PHE A 67 25.97 -3.85 -5.34
CA PHE A 67 27.07 -4.14 -6.26
C PHE A 67 28.33 -4.52 -5.48
N ILE A 68 28.66 -3.71 -4.47
CA ILE A 68 29.83 -3.95 -3.65
C ILE A 68 29.71 -5.24 -2.84
N TYR A 69 28.53 -5.50 -2.27
CA TYR A 69 28.32 -6.71 -1.48
C TYR A 69 28.55 -7.94 -2.33
N LEU A 70 28.04 -7.90 -3.57
CA LEU A 70 28.24 -9.00 -4.50
C LEU A 70 29.71 -9.09 -4.90
N GLY A 71 30.30 -7.91 -5.16
CA GLY A 71 31.70 -7.82 -5.55
C GLY A 71 32.66 -8.27 -4.46
N ARG A 72 32.37 -7.92 -3.22
CA ARG A 72 33.22 -8.29 -2.09
C ARG A 72 32.45 -9.11 -1.06
N MET B 1 26.54 -19.11 0.47
CA MET B 1 27.28 -17.98 1.07
C MET B 1 26.81 -16.64 0.49
N HIS B 2 25.86 -16.72 -0.43
CA HIS B 2 25.31 -15.52 -1.06
C HIS B 2 24.08 -15.01 -0.32
N LEU B 3 23.69 -15.73 0.73
CA LEU B 3 22.54 -15.36 1.53
C LEU B 3 22.75 -14.01 2.21
N GLY B 4 23.97 -13.79 2.70
CA GLY B 4 24.29 -12.52 3.35
C GLY B 4 24.18 -11.34 2.40
N VAL B 5 24.63 -11.54 1.17
CA VAL B 5 24.58 -10.50 0.15
C VAL B 5 23.13 -10.10 -0.12
N LEU B 6 22.27 -11.11 -0.27
CA LEU B 6 20.85 -10.88 -0.52
C LEU B 6 20.19 -10.24 0.69
N ALA B 7 20.60 -10.65 1.88
CA ALA B 7 20.03 -10.10 3.11
C ALA B 7 20.25 -8.59 3.18
N ALA B 8 21.48 -8.17 2.89
CA ALA B 8 21.81 -6.75 2.88
C ALA B 8 21.14 -6.05 1.71
N ALA B 9 21.14 -6.71 0.55
CA ALA B 9 20.54 -6.15 -0.65
C ALA B 9 19.04 -5.91 -0.49
N ILE B 10 18.34 -6.86 0.13
CA ILE B 10 16.92 -6.69 0.35
C ILE B 10 16.66 -5.67 1.46
N ALA B 11 17.54 -5.66 2.47
CA ALA B 11 17.41 -4.72 3.58
C ALA B 11 17.58 -3.29 3.10
N VAL B 12 18.55 -3.07 2.21
CA VAL B 12 18.78 -1.76 1.65
C VAL B 12 17.67 -1.42 0.67
N GLY B 13 17.18 -2.43 -0.03
CA GLY B 13 16.07 -2.22 -0.94
C GLY B 13 14.86 -1.77 -0.16
N LEU B 14 14.70 -2.36 1.03
CA LEU B 14 13.62 -2.01 1.94
C LEU B 14 13.79 -0.59 2.46
N GLY B 15 15.03 -0.26 2.86
CA GLY B 15 15.33 1.07 3.35
C GLY B 15 15.12 2.13 2.29
N ALA B 16 15.59 1.85 1.09
CA ALA B 16 15.46 2.77 -0.05
C ALA B 16 14.00 2.96 -0.43
N LEU B 17 13.24 1.88 -0.41
CA LEU B 17 11.84 1.91 -0.77
C LEU B 17 11.01 2.73 0.23
N GLY B 18 11.16 2.41 1.51
CA GLY B 18 10.41 3.10 2.55
C GLY B 18 10.70 4.58 2.61
N ALA B 19 11.97 4.94 2.64
CA ALA B 19 12.34 6.34 2.69
C ALA B 19 12.08 7.00 1.35
N GLY B 20 12.16 6.23 0.27
CA GLY B 20 11.92 6.78 -1.06
C GLY B 20 10.52 7.33 -1.20
N ILE B 21 9.50 6.55 -0.84
CA ILE B 21 8.13 7.02 -0.93
C ILE B 21 7.81 8.00 0.18
N GLY B 22 8.39 7.76 1.36
CA GLY B 22 8.16 8.65 2.48
C GLY B 22 8.66 10.05 2.21
N ASN B 23 9.85 10.14 1.63
CA ASN B 23 10.45 11.44 1.31
C ASN B 23 9.85 12.03 0.04
N GLY B 24 9.51 11.20 -0.94
CA GLY B 24 8.90 11.74 -2.15
C GLY B 24 7.61 12.46 -1.81
N LEU B 25 6.76 11.76 -1.06
CA LEU B 25 5.50 12.34 -0.63
C LEU B 25 5.71 13.47 0.36
N ILE B 26 6.73 13.36 1.23
CA ILE B 26 6.99 14.41 2.20
C ILE B 26 7.31 15.73 1.49
N VAL B 27 8.06 15.64 0.39
CA VAL B 27 8.43 16.84 -0.34
C VAL B 27 7.23 17.44 -1.05
N SER B 28 6.50 16.64 -1.82
CA SER B 28 5.33 17.15 -2.56
C SER B 28 4.24 17.64 -1.62
N ARG B 29 3.99 16.93 -0.53
CA ARG B 29 2.97 17.34 0.43
C ARG B 29 3.39 18.61 1.15
N THR B 30 4.66 18.71 1.52
CA THR B 30 5.17 19.92 2.16
C THR B 30 4.94 21.09 1.25
N ILE B 31 5.21 20.84 -0.02
CA ILE B 31 5.04 21.81 -1.07
C ILE B 31 3.57 22.22 -1.20
N GLU B 32 2.68 21.23 -1.16
CA GLU B 32 1.24 21.46 -1.27
C GLU B 32 0.74 22.30 -0.09
N GLY B 33 1.22 22.01 1.11
CA GLY B 33 0.82 22.77 2.28
C GLY B 33 1.19 24.24 2.18
N ILE B 34 2.40 24.49 1.69
CA ILE B 34 2.90 25.86 1.54
C ILE B 34 2.03 26.65 0.56
N ALA B 35 1.70 26.02 -0.56
CA ALA B 35 0.88 26.65 -1.58
C ALA B 35 -0.52 26.99 -1.08
N ARG B 36 -1.10 26.09 -0.28
CA ARG B 36 -2.45 26.28 0.24
C ARG B 36 -2.58 27.54 1.10
N GLN B 37 -1.58 27.83 1.91
CA GLN B 37 -1.61 29.02 2.75
C GLN B 37 -0.21 29.58 2.95
N PRO B 38 0.00 30.86 2.61
CA PRO B 38 1.30 31.53 2.74
C PRO B 38 1.63 31.96 4.18
N GLU B 39 1.04 31.29 5.16
CA GLU B 39 1.30 31.60 6.57
C GLU B 39 2.78 31.40 6.88
N LEU B 40 3.30 30.27 6.43
CA LEU B 40 4.69 29.94 6.59
C LEU B 40 5.23 29.36 5.29
N ARG B 41 6.39 29.83 4.86
CA ARG B 41 6.96 29.32 3.61
C ARG B 41 8.30 28.60 3.85
N PRO B 42 9.39 29.33 4.24
CA PRO B 42 10.69 28.69 4.49
C PRO B 42 10.65 27.68 5.63
N VAL B 43 9.91 28.01 6.68
CA VAL B 43 9.82 27.16 7.87
C VAL B 43 9.21 25.78 7.57
N LEU B 44 8.12 25.76 6.82
CA LEU B 44 7.45 24.49 6.50
C LEU B 44 8.36 23.59 5.64
N GLN B 45 9.03 24.19 4.67
CA GLN B 45 9.93 23.44 3.80
C GLN B 45 11.16 22.96 4.58
N THR B 46 11.63 23.77 5.54
CA THR B 46 12.78 23.35 6.37
C THR B 46 12.38 22.21 7.29
N THR B 47 11.12 22.21 7.74
CA THR B 47 10.59 21.13 8.57
C THR B 47 10.62 19.87 7.71
N MET B 48 10.30 20.04 6.43
CA MET B 48 10.34 18.96 5.46
C MET B 48 11.74 18.37 5.39
N PHE B 49 12.75 19.25 5.33
CA PHE B 49 14.15 18.82 5.25
C PHE B 49 14.57 18.03 6.50
N ILE B 50 14.16 18.49 7.69
CA ILE B 50 14.50 17.75 8.89
C ILE B 50 13.76 16.42 8.87
N GLY B 51 12.59 16.42 8.21
CA GLY B 51 11.80 15.22 8.07
C GLY B 51 12.51 14.17 7.24
N VAL B 52 13.17 14.61 6.16
CA VAL B 52 13.91 13.67 5.31
C VAL B 52 15.14 13.16 6.05
N ALA B 53 15.71 14.02 6.90
CA ALA B 53 16.87 13.64 7.70
C ALA B 53 16.49 12.54 8.68
N LEU B 54 15.31 12.68 9.25
CA LEU B 54 14.80 11.72 10.21
C LEU B 54 14.43 10.39 9.53
N VAL B 55 13.74 10.49 8.41
CA VAL B 55 13.31 9.32 7.66
C VAL B 55 14.49 8.53 7.11
N GLU B 56 15.49 9.22 6.56
CA GLU B 56 16.65 8.55 5.98
C GLU B 56 17.58 8.00 7.06
N ALA B 57 17.39 8.45 8.29
CA ALA B 57 18.18 7.96 9.40
C ALA B 57 17.93 6.47 9.56
N LEU B 58 16.68 6.08 9.34
CA LEU B 58 16.27 4.69 9.44
C LEU B 58 17.00 3.80 8.41
N PRO B 59 16.99 4.14 7.08
CA PRO B 59 17.73 3.36 6.08
C PRO B 59 19.20 3.24 6.42
N ILE B 60 19.78 4.34 6.93
CA ILE B 60 21.19 4.34 7.31
C ILE B 60 21.45 3.33 8.43
N ILE B 61 20.59 3.36 9.45
CA ILE B 61 20.70 2.45 10.59
C ILE B 61 20.56 1.00 10.14
N GLY B 62 19.56 0.72 9.31
CA GLY B 62 19.32 -0.62 8.82
C GLY B 62 20.48 -1.18 8.02
N VAL B 63 21.05 -0.34 7.15
CA VAL B 63 22.17 -0.74 6.32
C VAL B 63 23.40 -1.04 7.18
N VAL B 64 23.69 -0.17 8.15
CA VAL B 64 24.83 -0.35 9.04
C VAL B 64 24.69 -1.64 9.86
N PHE B 65 23.51 -1.86 10.42
CA PHE B 65 23.25 -3.05 11.21
C PHE B 65 23.38 -4.32 10.36
N SER B 66 22.87 -4.27 9.14
CA SER B 66 22.96 -5.42 8.24
C SER B 66 24.41 -5.73 7.94
N PHE B 67 25.20 -4.68 7.75
CA PHE B 67 26.63 -4.80 7.48
C PHE B 67 27.34 -5.50 8.64
N ILE B 68 27.04 -5.06 9.86
CA ILE B 68 27.65 -5.64 11.05
C ILE B 68 27.21 -7.09 11.27
N TYR B 69 25.93 -7.38 11.05
CA TYR B 69 25.43 -8.74 11.22
C TYR B 69 26.14 -9.69 10.28
N LEU B 70 26.34 -9.26 9.04
CA LEU B 70 27.06 -10.06 8.06
C LEU B 70 28.53 -10.16 8.47
N GLY B 71 29.09 -9.03 8.90
CA GLY B 71 30.47 -8.96 9.32
C GLY B 71 30.76 -9.80 10.56
N ARG B 72 29.85 -9.79 11.52
CA ARG B 72 30.04 -10.55 12.75
C ARG B 72 28.90 -11.55 12.94
N MET C 1 23.75 -20.93 8.26
CA MET C 1 24.01 -20.09 9.46
C MET C 1 23.81 -18.61 9.14
N HIS C 2 23.46 -18.33 7.89
CA HIS C 2 23.25 -16.96 7.45
C HIS C 2 21.78 -16.56 7.58
N LEU C 3 20.95 -17.51 8.02
CA LEU C 3 19.52 -17.27 8.19
C LEU C 3 19.28 -16.20 9.25
N GLY C 4 20.05 -16.24 10.33
CA GLY C 4 19.91 -15.26 11.39
C GLY C 4 20.22 -13.85 10.92
N VAL C 5 21.26 -13.73 10.09
CA VAL C 5 21.66 -12.44 9.54
C VAL C 5 20.54 -11.84 8.70
N LEU C 6 19.94 -12.67 7.85
CA LEU C 6 18.84 -12.24 7.00
C LEU C 6 17.61 -11.91 7.83
N ALA C 7 17.37 -12.68 8.88
CA ALA C 7 16.22 -12.46 9.75
C ALA C 7 16.28 -11.07 10.36
N ALA C 8 17.45 -10.70 10.87
CA ALA C 8 17.63 -9.39 11.45
C ALA C 8 17.62 -8.31 10.37
N ALA C 9 18.25 -8.61 9.24
CA ALA C 9 18.32 -7.68 8.12
C ALA C 9 16.94 -7.35 7.56
N ILE C 10 16.09 -8.36 7.43
CA ILE C 10 14.74 -8.13 6.93
C ILE C 10 13.89 -7.46 8.01
N ALA C 11 14.12 -7.81 9.27
CA ALA C 11 13.39 -7.21 10.38
C ALA C 11 13.68 -5.73 10.49
N VAL C 12 14.94 -5.36 10.34
CA VAL C 12 15.34 -3.97 10.39
C VAL C 12 14.87 -3.26 9.13
N GLY C 13 14.87 -3.98 8.01
CA GLY C 13 14.38 -3.42 6.77
C GLY C 13 12.92 -3.09 6.93
N LEU C 14 12.21 -3.97 7.64
CA LEU C 14 10.79 -3.80 7.92
C LEU C 14 10.59 -2.61 8.86
N GLY C 15 11.41 -2.53 9.90
CA GLY C 15 11.32 -1.43 10.85
C GLY C 15 11.62 -0.10 10.19
N ALA C 16 12.66 -0.06 9.37
CA ALA C 16 13.06 1.15 8.66
C ALA C 16 12.00 1.58 7.66
N LEU C 17 11.41 0.61 6.98
CA LEU C 17 10.39 0.90 5.98
C LEU C 17 9.12 1.46 6.62
N GLY C 18 8.61 0.77 7.64
CA GLY C 18 7.39 1.21 8.28
C GLY C 18 7.50 2.57 8.92
N ALA C 19 8.56 2.78 9.71
CA ALA C 19 8.75 4.08 10.34
C ALA C 19 9.17 5.12 9.32
N GLY C 20 9.84 4.67 8.25
CA GLY C 20 10.27 5.60 7.22
C GLY C 20 9.13 6.30 6.55
N ILE C 21 8.13 5.55 6.11
CA ILE C 21 6.96 6.16 5.47
C ILE C 21 6.05 6.81 6.50
N GLY C 22 5.96 6.19 7.67
CA GLY C 22 5.13 6.74 8.73
C GLY C 22 5.60 8.10 9.18
N ASN C 23 6.92 8.25 9.33
CA ASN C 23 7.50 9.51 9.75
C ASN C 23 7.61 10.50 8.60
N GLY C 24 7.86 10.02 7.39
CA GLY C 24 7.92 10.93 6.27
C GLY C 24 6.60 11.65 6.09
N LEU C 25 5.54 10.86 6.07
CA LEU C 25 4.20 11.40 5.94
C LEU C 25 3.80 12.18 7.18
N ILE C 26 4.23 11.73 8.37
CA ILE C 26 3.88 12.42 9.60
C ILE C 26 4.43 13.85 9.57
N VAL C 27 5.65 14.02 9.04
CA VAL C 27 6.26 15.32 8.99
C VAL C 27 5.55 16.22 7.98
N SER C 28 5.37 15.74 6.75
CA SER C 28 4.73 16.55 5.71
C SER C 28 3.27 16.87 6.06
N ARG C 29 2.55 15.89 6.61
CA ARG C 29 1.16 16.11 6.98
C ARG C 29 1.05 17.08 8.15
N THR C 30 1.95 16.94 9.12
CA THR C 30 1.97 17.85 10.27
C THR C 30 2.17 19.25 9.76
N ILE C 31 3.07 19.36 8.80
CA ILE C 31 3.40 20.60 8.13
C ILE C 31 2.17 21.18 7.41
N GLU C 32 1.46 20.29 6.69
CA GLU C 32 0.27 20.69 5.95
C GLU C 32 -0.82 21.21 6.89
N GLY C 33 -1.00 20.53 8.03
CA GLY C 33 -2.00 20.96 8.99
C GLY C 33 -1.73 22.35 9.54
N ILE C 34 -0.46 22.63 9.83
CA ILE C 34 -0.04 23.93 10.36
C ILE C 34 -0.35 25.05 9.36
N ALA C 35 -0.01 24.79 8.10
CA ALA C 35 -0.23 25.76 7.03
C ALA C 35 -1.71 26.07 6.83
N ARG C 36 -2.55 25.05 6.92
CA ARG C 36 -4.00 25.20 6.71
C ARG C 36 -4.62 26.18 7.70
N GLN C 37 -4.20 26.13 8.96
CA GLN C 37 -4.74 27.02 9.97
C GLN C 37 -3.69 27.37 11.03
N PRO C 38 -3.42 28.67 11.23
CA PRO C 38 -2.41 29.14 12.19
C PRO C 38 -2.90 29.11 13.64
N GLU C 39 -3.86 28.24 13.94
CA GLU C 39 -4.38 28.11 15.31
C GLU C 39 -3.26 27.69 16.25
N LEU C 40 -2.51 26.69 15.81
CA LEU C 40 -1.37 26.19 16.57
C LEU C 40 -0.21 25.97 15.61
N ARG C 41 0.97 26.42 15.98
CA ARG C 41 2.13 26.24 15.12
C ARG C 41 3.20 25.35 15.79
N PRO C 42 3.89 25.83 16.86
CA PRO C 42 4.92 25.03 17.54
C PRO C 42 4.37 23.74 18.14
N VAL C 43 3.17 23.82 18.72
CA VAL C 43 2.54 22.68 19.37
C VAL C 43 2.26 21.52 18.42
N LEU C 44 1.72 21.80 17.25
CA LEU C 44 1.41 20.76 16.28
C LEU C 44 2.67 20.06 15.79
N GLN C 45 3.70 20.84 15.51
CA GLN C 45 4.98 20.29 15.04
C GLN C 45 5.65 19.48 16.16
N THR C 46 5.52 19.93 17.42
CA THR C 46 6.10 19.20 18.55
C THR C 46 5.36 17.88 18.76
N THR C 47 4.05 17.88 18.47
CA THR C 47 3.26 16.66 18.57
C THR C 47 3.80 15.69 17.52
N MET C 48 4.17 16.26 16.37
CA MET C 48 4.77 15.50 15.28
C MET C 48 6.06 14.83 15.76
N PHE C 49 6.88 15.58 16.48
CA PHE C 49 8.15 15.06 17.01
C PHE C 49 7.92 13.92 18.00
N ILE C 50 6.94 14.05 18.88
CA ILE C 50 6.66 12.97 19.81
C ILE C 50 6.12 11.77 19.03
N GLY C 51 5.46 12.08 17.90
CA GLY C 51 4.94 11.05 17.03
C GLY C 51 6.04 10.23 16.42
N VAL C 52 7.14 10.88 16.00
CA VAL C 52 8.26 10.16 15.41
C VAL C 52 8.96 9.35 16.49
N ALA C 53 8.96 9.87 17.72
CA ALA C 53 9.56 9.17 18.85
C ALA C 53 8.82 7.87 19.12
N LEU C 54 7.50 7.95 19.03
CA LEU C 54 6.64 6.81 19.26
C LEU C 54 6.76 5.78 18.14
N VAL C 55 6.74 6.26 16.91
CA VAL C 55 6.83 5.41 15.73
C VAL C 55 8.17 4.69 15.65
N GLU C 56 9.27 5.41 15.91
CA GLU C 56 10.61 4.82 15.84
C GLU C 56 10.88 3.90 17.03
N ALA C 57 10.06 4.00 18.06
CA ALA C 57 10.20 3.14 19.22
C ALA C 57 10.01 1.69 18.79
N LEU C 58 9.08 1.51 17.85
CA LEU C 58 8.77 0.19 17.30
C LEU C 58 9.98 -0.43 16.59
N PRO C 59 10.63 0.27 15.60
CA PRO C 59 11.83 -0.26 14.94
C PRO C 59 12.93 -0.61 15.94
N ILE C 60 13.09 0.24 16.96
CA ILE C 60 14.10 -0.01 17.98
C ILE C 60 13.81 -1.32 18.73
N ILE C 61 12.55 -1.50 19.12
CA ILE C 61 12.13 -2.70 19.84
C ILE C 61 12.33 -3.95 18.97
N GLY C 62 11.91 -3.87 17.71
CA GLY C 62 12.05 -5.00 16.80
C GLY C 62 13.49 -5.40 16.58
N VAL C 63 14.37 -4.41 16.40
CA VAL C 63 15.79 -4.67 16.18
C VAL C 63 16.41 -5.33 17.42
N VAL C 64 16.10 -4.79 18.60
CA VAL C 64 16.63 -5.33 19.86
C VAL C 64 16.18 -6.78 20.07
N PHE C 65 14.89 -7.04 19.85
CA PHE C 65 14.35 -8.38 20.02
C PHE C 65 14.98 -9.35 19.03
N SER C 66 15.17 -8.90 17.79
CA SER C 66 15.78 -9.75 16.76
C SER C 66 17.21 -10.11 17.18
N PHE C 67 17.91 -9.12 17.72
CA PHE C 67 19.28 -9.31 18.19
C PHE C 67 19.33 -10.37 19.28
N ILE C 68 18.43 -10.26 20.26
CA ILE C 68 18.37 -11.22 21.37
C ILE C 68 17.98 -12.62 20.88
N TYR C 69 17.01 -12.71 19.97
CA TYR C 69 16.59 -14.01 19.46
C TYR C 69 17.75 -14.71 18.78
N LEU C 70 18.52 -13.97 18.00
CA LEU C 70 19.70 -14.52 17.35
C LEU C 70 20.75 -14.88 18.39
N GLY C 71 20.93 -13.98 19.35
CA GLY C 71 21.90 -14.17 20.42
C GLY C 71 21.57 -15.35 21.32
N ARG C 72 20.30 -15.52 21.64
CA ARG C 72 19.88 -16.63 22.51
C ARG C 72 18.87 -17.52 21.79
N MET D 1 17.50 -24.62 12.60
CA MET D 1 17.04 -24.19 13.95
C MET D 1 16.95 -22.67 14.03
N HIS D 2 17.26 -22.01 12.93
CA HIS D 2 17.22 -20.55 12.87
C HIS D 2 15.87 -20.07 12.34
N LEU D 3 15.00 -21.02 12.00
CA LEU D 3 13.67 -20.70 11.48
C LEU D 3 12.84 -19.96 12.52
N GLY D 4 12.96 -20.38 13.78
CA GLY D 4 12.23 -19.74 14.86
C GLY D 4 12.64 -18.29 15.05
N VAL D 5 13.94 -18.03 14.93
CA VAL D 5 14.49 -16.70 15.08
C VAL D 5 13.91 -15.78 14.00
N LEU D 6 13.90 -16.27 12.77
CA LEU D 6 13.36 -15.51 11.64
C LEU D 6 11.86 -15.31 11.79
N ALA D 7 11.17 -16.33 12.30
CA ALA D 7 9.72 -16.25 12.47
C ALA D 7 9.37 -15.10 13.40
N ALA D 8 10.08 -15.01 14.52
CA ALA D 8 9.86 -13.94 15.48
C ALA D 8 10.33 -12.60 14.92
N ALA D 9 11.47 -12.63 14.23
CA ALA D 9 12.03 -11.42 13.64
C ALA D 9 11.11 -10.81 12.58
N ILE D 10 10.52 -11.66 11.74
CA ILE D 10 9.61 -11.16 10.73
C ILE D 10 8.29 -10.74 11.36
N ALA D 11 7.86 -11.47 12.39
CA ALA D 11 6.62 -11.15 13.09
C ALA D 11 6.71 -9.80 13.76
N VAL D 12 7.85 -9.52 14.39
CA VAL D 12 8.08 -8.26 15.05
C VAL D 12 8.27 -7.17 14.00
N GLY D 13 8.90 -7.54 12.89
CA GLY D 13 9.07 -6.60 11.80
C GLY D 13 7.71 -6.19 11.28
N LEU D 14 6.80 -7.16 11.23
CA LEU D 14 5.43 -6.95 10.79
C LEU D 14 4.71 -6.06 11.79
N GLY D 15 4.87 -6.36 13.08
CA GLY D 15 4.23 -5.57 14.12
C GLY D 15 4.73 -4.14 14.14
N ALA D 16 6.04 -3.98 14.01
CA ALA D 16 6.66 -2.66 14.00
C ALA D 16 6.25 -1.85 12.78
N LEU D 17 6.15 -2.52 11.64
CA LEU D 17 5.78 -1.87 10.40
C LEU D 17 4.32 -1.39 10.44
N GLY D 18 3.41 -2.30 10.79
CA GLY D 18 2.00 -1.95 10.83
C GLY D 18 1.68 -0.84 11.81
N ALA D 19 2.17 -0.96 13.03
CA ALA D 19 1.92 0.06 14.03
C ALA D 19 2.73 1.31 13.73
N GLY D 20 3.88 1.14 13.08
CA GLY D 20 4.72 2.26 12.73
C GLY D 20 4.04 3.25 11.81
N ILE D 21 3.45 2.75 10.72
CA ILE D 21 2.75 3.63 9.80
C ILE D 21 1.40 4.04 10.37
N GLY D 22 0.75 3.12 11.08
CA GLY D 22 -0.53 3.42 11.67
C GLY D 22 -0.45 4.54 12.68
N ASN D 23 0.59 4.51 13.51
CA ASN D 23 0.79 5.53 14.52
C ASN D 23 1.39 6.80 13.94
N GLY D 24 2.27 6.66 12.94
CA GLY D 24 2.84 7.86 12.34
C GLY D 24 1.75 8.71 11.74
N LEU D 25 0.91 8.06 10.95
CA LEU D 25 -0.21 8.75 10.32
C LEU D 25 -1.25 9.18 11.36
N ILE D 26 -1.45 8.36 12.39
CA ILE D 26 -2.43 8.71 13.42
C ILE D 26 -2.05 10.02 14.09
N VAL D 27 -0.75 10.22 14.34
CA VAL D 27 -0.28 11.42 14.99
C VAL D 27 -0.42 12.63 14.08
N SER D 28 0.08 12.55 12.85
CA SER D 28 0.01 13.68 11.92
C SER D 28 -1.44 14.03 11.55
N ARG D 29 -2.27 13.00 11.36
CA ARG D 29 -3.67 13.24 11.01
C ARG D 29 -4.42 13.84 12.19
N THR D 30 -4.14 13.35 13.39
CA THR D 30 -4.77 13.88 14.60
C THR D 30 -4.44 15.35 14.70
N ILE D 31 -3.17 15.63 14.41
CA ILE D 31 -2.64 16.98 14.41
C ILE D 31 -3.35 17.85 13.36
N GLU D 32 -3.54 17.28 12.16
CA GLU D 32 -4.20 17.99 11.07
C GLU D 32 -5.65 18.32 11.43
N GLY D 33 -6.34 17.37 12.06
CA GLY D 33 -7.72 17.60 12.45
C GLY D 33 -7.87 18.74 13.45
N ILE D 34 -6.95 18.79 14.41
CA ILE D 34 -6.96 19.83 15.43
C ILE D 34 -6.77 21.21 14.80
N ALA D 35 -5.82 21.31 13.87
CA ALA D 35 -5.52 22.56 13.19
C ALA D 35 -6.71 23.06 12.37
N ARG D 36 -7.40 22.13 11.71
CA ARG D 36 -8.55 22.49 10.86
C ARG D 36 -9.66 23.19 11.63
N GLN D 37 -9.94 22.74 12.84
CA GLN D 37 -10.98 23.35 13.65
C GLN D 37 -10.64 23.28 15.13
N PRO D 38 -10.60 24.44 15.81
CA PRO D 38 -10.27 24.51 17.24
C PRO D 38 -11.43 24.11 18.16
N GLU D 39 -12.35 23.29 17.66
CA GLU D 39 -13.48 22.83 18.46
C GLU D 39 -12.98 22.04 19.67
N LEU D 40 -12.05 21.15 19.40
CA LEU D 40 -11.43 20.35 20.44
C LEU D 40 -9.93 20.30 20.20
N ARG D 41 -9.13 20.50 21.23
CA ARG D 41 -7.69 20.47 21.07
C ARG D 41 -7.06 19.33 21.89
N PRO D 42 -7.06 19.40 23.25
CA PRO D 42 -6.46 18.34 24.09
C PRO D 42 -7.15 16.99 23.92
N VAL D 43 -8.48 17.03 23.79
CA VAL D 43 -9.29 15.81 23.67
C VAL D 43 -8.96 15.00 22.41
N LEU D 44 -8.83 15.67 21.27
CA LEU D 44 -8.54 14.98 20.03
C LEU D 44 -7.16 14.33 20.06
N GLN D 45 -6.18 15.05 20.60
CA GLN D 45 -4.82 14.54 20.70
C GLN D 45 -4.76 13.38 21.72
N THR D 46 -5.55 13.47 22.80
CA THR D 46 -5.58 12.39 23.79
C THR D 46 -6.23 11.14 23.19
N THR D 47 -7.21 11.35 22.30
CA THR D 47 -7.86 10.24 21.60
C THR D 47 -6.79 9.56 20.75
N MET D 48 -5.92 10.40 20.18
CA MET D 48 -4.79 9.94 19.38
C MET D 48 -3.89 9.02 20.22
N PHE D 49 -3.61 9.46 21.45
CA PHE D 49 -2.76 8.69 22.37
C PHE D 49 -3.38 7.33 22.71
N ILE D 50 -4.69 7.30 22.96
CA ILE D 50 -5.34 6.03 23.25
C ILE D 50 -5.31 5.17 21.99
N GLY D 51 -5.33 5.85 20.84
CA GLY D 51 -5.25 5.17 19.56
C GLY D 51 -3.93 4.45 19.39
N VAL D 52 -2.83 5.10 19.79
CA VAL D 52 -1.52 4.47 19.68
C VAL D 52 -1.41 3.31 20.67
N ALA D 53 -2.08 3.45 21.82
CA ALA D 53 -2.10 2.40 22.83
C ALA D 53 -2.79 1.17 22.29
N LEU D 54 -3.87 1.39 21.57
CA LEU D 54 -4.65 0.32 20.97
C LEU D 54 -3.90 -0.35 19.83
N VAL D 55 -3.32 0.47 18.96
CA VAL D 55 -2.59 -0.03 17.81
C VAL D 55 -1.34 -0.81 18.22
N GLU D 56 -0.59 -0.30 19.20
CA GLU D 56 0.63 -0.98 19.66
C GLU D 56 0.32 -2.22 20.47
N ALA D 57 -0.92 -2.35 20.92
CA ALA D 57 -1.34 -3.52 21.67
C ALA D 57 -1.17 -4.74 20.80
N LEU D 58 -1.48 -4.57 19.52
CA LEU D 58 -1.38 -5.63 18.53
C LEU D 58 0.07 -6.14 18.38
N PRO D 59 1.09 -5.25 18.11
CA PRO D 59 2.48 -5.67 18.04
C PRO D 59 2.93 -6.41 19.30
N ILE D 60 2.49 -5.91 20.46
CA ILE D 60 2.85 -6.53 21.73
C ILE D 60 2.30 -7.97 21.79
N ILE D 61 1.04 -8.13 21.43
CA ILE D 61 0.39 -9.44 21.43
C ILE D 61 1.08 -10.40 20.47
N GLY D 62 1.37 -9.92 19.26
CA GLY D 62 2.04 -10.75 18.27
C GLY D 62 3.41 -11.21 18.70
N VAL D 63 4.18 -10.30 19.29
CA VAL D 63 5.52 -10.62 19.77
C VAL D 63 5.48 -11.66 20.89
N VAL D 64 4.57 -11.47 21.84
CA VAL D 64 4.41 -12.39 22.96
C VAL D 64 4.01 -13.78 22.48
N PHE D 65 3.04 -13.84 21.57
CA PHE D 65 2.58 -15.12 21.03
C PHE D 65 3.69 -15.82 20.26
N SER D 66 4.46 -15.06 19.49
CA SER D 66 5.57 -15.62 18.73
C SER D 66 6.60 -16.22 19.68
N PHE D 67 6.85 -15.52 20.77
CA PHE D 67 7.79 -15.95 21.79
C PHE D 67 7.35 -17.29 22.38
N ILE D 68 6.08 -17.38 22.75
CA ILE D 68 5.52 -18.61 23.33
C ILE D 68 5.53 -19.76 22.33
N TYR D 69 5.17 -19.49 21.07
CA TYR D 69 5.15 -20.53 20.06
C TYR D 69 6.55 -21.13 19.89
N LEU D 70 7.56 -20.26 19.88
CA LEU D 70 8.94 -20.72 19.78
C LEU D 70 9.34 -21.47 21.05
N GLY D 71 8.93 -20.90 22.18
CA GLY D 71 9.22 -21.49 23.48
C GLY D 71 8.56 -22.83 23.70
N ARG D 72 7.32 -22.98 23.27
CA ARG D 72 6.58 -24.22 23.42
C ARG D 72 6.15 -24.77 22.07
N MET E 1 10.17 -28.78 11.83
CA MET E 1 9.06 -28.71 12.82
C MET E 1 8.83 -27.28 13.28
N HIS E 2 9.63 -26.36 12.74
CA HIS E 2 9.52 -24.95 13.10
C HIS E 2 8.61 -24.21 12.13
N LEU E 3 8.10 -24.93 11.13
CA LEU E 3 7.21 -24.35 10.14
C LEU E 3 5.92 -23.85 10.78
N GLY E 4 5.40 -24.64 11.73
CA GLY E 4 4.17 -24.26 12.41
C GLY E 4 4.34 -22.97 13.20
N VAL E 5 5.49 -22.82 13.85
CA VAL E 5 5.79 -21.64 14.65
C VAL E 5 5.79 -20.40 13.76
N LEU E 6 6.44 -20.51 12.60
CA LEU E 6 6.51 -19.41 11.64
C LEU E 6 5.15 -19.12 11.05
N ALA E 7 4.36 -20.17 10.81
CA ALA E 7 3.02 -19.99 10.24
C ALA E 7 2.16 -19.14 11.16
N ALA E 8 2.19 -19.45 12.45
CA ALA E 8 1.43 -18.68 13.42
C ALA E 8 2.04 -17.29 13.61
N ALA E 9 3.37 -17.22 13.62
CA ALA E 9 4.08 -15.96 13.79
C ALA E 9 3.79 -15.00 12.64
N ILE E 10 3.78 -15.50 11.42
CA ILE E 10 3.49 -14.64 10.28
C ILE E 10 2.00 -14.30 10.24
N ALA E 11 1.15 -15.25 10.65
CA ALA E 11 -0.29 -15.02 10.67
C ALA E 11 -0.64 -13.93 11.66
N VAL E 12 0.00 -13.96 12.83
CA VAL E 12 -0.25 -12.96 13.85
C VAL E 12 0.38 -11.65 13.42
N GLY E 13 1.52 -11.73 12.73
CA GLY E 13 2.16 -10.55 12.22
C GLY E 13 1.24 -9.87 11.22
N LEU E 14 0.56 -10.70 10.44
CA LEU E 14 -0.41 -10.24 9.45
C LEU E 14 -1.60 -9.60 10.15
N GLY E 15 -2.11 -10.27 11.18
CA GLY E 15 -3.24 -9.77 11.94
C GLY E 15 -2.91 -8.45 12.62
N ALA E 16 -1.74 -8.38 13.24
CA ALA E 16 -1.29 -7.19 13.93
C ALA E 16 -1.07 -6.04 12.98
N LEU E 17 -0.53 -6.34 11.81
CA LEU E 17 -0.26 -5.32 10.81
C LEU E 17 -1.54 -4.72 10.24
N GLY E 18 -2.45 -5.61 9.79
CA GLY E 18 -3.70 -5.15 9.21
C GLY E 18 -4.55 -4.34 10.17
N ALA E 19 -4.76 -4.86 11.37
CA ALA E 19 -5.55 -4.14 12.36
C ALA E 19 -4.77 -2.94 12.89
N GLY E 20 -3.45 -3.04 12.90
CA GLY E 20 -2.62 -1.95 13.38
C GLY E 20 -2.81 -0.67 12.57
N ILE E 21 -2.71 -0.79 11.25
CA ILE E 21 -2.90 0.38 10.41
C ILE E 21 -4.37 0.75 10.29
N GLY E 22 -5.23 -0.26 10.27
CA GLY E 22 -6.66 -0.02 10.19
C GLY E 22 -7.18 0.75 11.38
N ASN E 23 -6.71 0.38 12.58
CA ASN E 23 -7.13 1.05 13.79
C ASN E 23 -6.39 2.36 14.01
N GLY E 24 -5.13 2.43 13.60
CA GLY E 24 -4.41 3.68 13.75
C GLY E 24 -5.09 4.77 12.96
N LEU E 25 -5.36 4.47 11.71
CA LEU E 25 -6.04 5.41 10.84
C LEU E 25 -7.48 5.62 11.27
N ILE E 26 -8.15 4.56 11.76
CA ILE E 26 -9.54 4.70 12.20
C ILE E 26 -9.65 5.71 13.33
N VAL E 27 -8.66 5.70 14.24
CA VAL E 27 -8.68 6.62 15.36
C VAL E 27 -8.41 8.05 14.92
N SER E 28 -7.35 8.27 14.15
CA SER E 28 -7.01 9.63 13.70
C SER E 28 -8.08 10.21 12.76
N ARG E 29 -8.62 9.37 11.88
CA ARG E 29 -9.66 9.83 10.96
C ARG E 29 -10.95 10.14 11.70
N THR E 30 -11.29 9.28 12.68
CA THR E 30 -12.48 9.52 13.48
C THR E 30 -12.35 10.85 14.17
N ILE E 31 -11.14 11.08 14.67
CA ILE E 31 -10.77 12.32 15.33
C ILE E 31 -10.90 13.51 14.38
N GLU E 32 -10.41 13.34 13.15
CA GLU E 32 -10.46 14.38 12.14
C GLU E 32 -11.90 14.74 11.79
N GLY E 33 -12.76 13.73 11.67
CA GLY E 33 -14.16 13.96 11.34
C GLY E 33 -14.87 14.77 12.42
N ILE E 34 -14.57 14.46 13.68
CA ILE E 34 -15.18 15.16 14.81
C ILE E 34 -14.78 16.65 14.80
N ALA E 35 -13.50 16.90 14.57
CA ALA E 35 -12.99 18.26 14.53
C ALA E 35 -13.61 19.09 13.41
N ARG E 36 -13.80 18.47 12.25
CA ARG E 36 -14.36 19.16 11.08
C ARG E 36 -15.76 19.71 11.35
N GLN E 37 -16.59 18.96 12.06
CA GLN E 37 -17.94 19.42 12.36
C GLN E 37 -18.41 18.89 13.71
N PRO E 38 -18.80 19.80 14.63
CA PRO E 38 -19.26 19.42 15.97
C PRO E 38 -20.70 18.90 16.01
N GLU E 39 -21.17 18.35 14.89
CA GLU E 39 -22.52 17.79 14.83
C GLU E 39 -22.65 16.65 15.82
N LEU E 40 -21.66 15.78 15.83
CA LEU E 40 -21.61 14.65 16.74
C LEU E 40 -20.20 14.53 17.29
N ARG E 41 -20.07 14.35 18.59
CA ARG E 41 -18.74 14.22 19.18
C ARG E 41 -18.56 12.84 19.83
N PRO E 42 -19.25 12.53 20.96
CA PRO E 42 -19.11 11.21 21.61
C PRO E 42 -19.52 10.04 20.73
N VAL E 43 -20.59 10.24 19.97
CA VAL E 43 -21.14 9.20 19.10
C VAL E 43 -20.15 8.75 18.02
N LEU E 44 -19.51 9.71 17.35
CA LEU E 44 -18.57 9.37 16.28
C LEU E 44 -17.36 8.61 16.83
N GLN E 45 -16.85 9.05 17.97
CA GLN E 45 -15.70 8.40 18.59
C GLN E 45 -16.10 7.00 19.10
N THR E 46 -17.34 6.85 19.60
CA THR E 46 -17.80 5.54 20.07
C THR E 46 -17.97 4.58 18.88
N THR E 47 -18.35 5.13 17.73
CA THR E 47 -18.48 4.34 16.51
C THR E 47 -17.08 3.84 16.16
N MET E 48 -16.09 4.72 16.39
CA MET E 48 -14.69 4.39 16.18
C MET E 48 -14.30 3.19 17.04
N PHE E 49 -14.71 3.22 18.32
CA PHE E 49 -14.41 2.14 19.26
C PHE E 49 -15.02 0.82 18.82
N ILE E 50 -16.27 0.85 18.35
CA ILE E 50 -16.89 -0.40 17.88
C ILE E 50 -16.16 -0.85 16.62
N GLY E 51 -15.63 0.12 15.88
CA GLY E 51 -14.86 -0.16 14.69
C GLY E 51 -13.59 -0.93 15.00
N VAL E 52 -12.90 -0.54 16.09
CA VAL E 52 -11.68 -1.23 16.47
C VAL E 52 -12.02 -2.62 16.99
N ALA E 53 -13.19 -2.76 17.61
CA ALA E 53 -13.65 -4.05 18.11
C ALA E 53 -13.89 -5.01 16.97
N LEU E 54 -14.45 -4.47 15.90
CA LEU E 54 -14.75 -5.24 14.70
C LEU E 54 -13.47 -5.63 13.96
N VAL E 55 -12.58 -4.67 13.80
CA VAL E 55 -11.33 -4.87 13.09
C VAL E 55 -10.43 -5.86 13.82
N GLU E 56 -10.33 -5.73 15.15
CA GLU E 56 -9.47 -6.62 15.94
C GLU E 56 -10.07 -8.01 16.08
N ALA E 57 -11.35 -8.13 15.77
CA ALA E 57 -12.02 -9.42 15.83
C ALA E 57 -11.34 -10.36 14.83
N LEU E 58 -10.96 -9.80 13.69
CA LEU E 58 -10.30 -10.54 12.63
C LEU E 58 -8.95 -11.12 13.10
N PRO E 59 -8.00 -10.30 13.66
CA PRO E 59 -6.74 -10.81 14.19
C PRO E 59 -6.95 -11.92 15.22
N ILE E 60 -7.96 -11.74 16.08
CA ILE E 60 -8.27 -12.73 17.10
C ILE E 60 -8.66 -14.06 16.45
N ILE E 61 -9.55 -13.99 15.46
CA ILE E 61 -10.02 -15.17 14.76
C ILE E 61 -8.86 -15.88 14.04
N GLY E 62 -8.02 -15.11 13.35
CA GLY E 62 -6.89 -15.68 12.64
C GLY E 62 -5.91 -16.37 13.55
N VAL E 63 -5.62 -15.75 14.70
CA VAL E 63 -4.69 -16.32 15.66
C VAL E 63 -5.23 -17.63 16.24
N VAL E 64 -6.52 -17.63 16.61
CA VAL E 64 -7.17 -18.81 17.17
C VAL E 64 -7.17 -19.96 16.16
N PHE E 65 -7.53 -19.67 14.92
CA PHE E 65 -7.56 -20.69 13.87
C PHE E 65 -6.17 -21.24 13.60
N SER E 66 -5.16 -20.37 13.59
CA SER E 66 -3.78 -20.79 13.37
C SER E 66 -3.35 -21.74 14.49
N PHE E 67 -3.75 -21.40 15.71
CA PHE E 67 -3.43 -22.21 16.88
C PHE E 67 -4.02 -23.61 16.74
N ILE E 68 -5.30 -23.67 16.36
CA ILE E 68 -5.99 -24.95 16.19
C ILE E 68 -5.39 -25.77 15.05
N TYR E 69 -5.07 -25.11 13.93
CA TYR E 69 -4.49 -25.82 12.79
C TYR E 69 -3.17 -26.47 13.19
N LEU E 70 -2.36 -25.75 13.95
CA LEU E 70 -1.10 -26.28 14.43
C LEU E 70 -1.36 -27.40 15.44
N GLY E 71 -2.33 -27.14 16.33
CA GLY E 71 -2.71 -28.10 17.35
C GLY E 71 -3.29 -29.39 16.79
N ARG E 72 -4.13 -29.27 15.76
CA ARG E 72 -4.75 -30.44 15.15
C ARG E 72 -4.39 -30.53 13.66
N MET F 1 4.57 -31.81 6.24
CA MET F 1 3.11 -31.92 6.50
C MET F 1 2.57 -30.66 7.17
N HIS F 2 3.48 -29.71 7.42
CA HIS F 2 3.10 -28.46 8.06
C HIS F 2 2.77 -27.39 7.03
N LEU F 3 2.90 -27.74 5.76
CA LEU F 3 2.62 -26.81 4.67
C LEU F 3 1.15 -26.40 4.68
N GLY F 4 0.27 -27.36 4.96
CA GLY F 4 -1.17 -27.08 5.00
C GLY F 4 -1.51 -26.09 6.10
N VAL F 5 -0.87 -26.26 7.26
CA VAL F 5 -1.10 -25.38 8.39
C VAL F 5 -0.72 -23.95 8.04
N LEU F 6 0.43 -23.79 7.42
CA LEU F 6 0.91 -22.48 7.00
C LEU F 6 0.02 -21.89 5.91
N ALA F 7 -0.46 -22.74 5.00
CA ALA F 7 -1.32 -22.28 3.92
C ALA F 7 -2.58 -21.65 4.47
N ALA F 8 -3.20 -22.32 5.44
CA ALA F 8 -4.40 -21.78 6.08
C ALA F 8 -4.07 -20.57 6.94
N ALA F 9 -2.93 -20.65 7.64
CA ALA F 9 -2.50 -19.56 8.52
C ALA F 9 -2.22 -18.28 7.73
N ILE F 10 -1.57 -18.40 6.58
CA ILE F 10 -1.29 -17.25 5.76
C ILE F 10 -2.57 -16.76 5.07
N ALA F 11 -3.44 -17.69 4.69
CA ALA F 11 -4.70 -17.33 4.05
C ALA F 11 -5.59 -16.55 4.99
N VAL F 12 -5.64 -16.98 6.25
CA VAL F 12 -6.43 -16.29 7.25
C VAL F 12 -5.77 -14.98 7.61
N GLY F 13 -4.43 -14.98 7.61
CA GLY F 13 -3.69 -13.76 7.86
C GLY F 13 -4.02 -12.74 6.80
N LEU F 14 -4.15 -13.24 5.57
CA LEU F 14 -4.50 -12.42 4.42
C LEU F 14 -5.92 -11.90 4.56
N GLY F 15 -6.84 -12.80 4.95
CA GLY F 15 -8.22 -12.41 5.13
C GLY F 15 -8.39 -11.38 6.23
N ALA F 16 -7.70 -11.62 7.36
CA ALA F 16 -7.75 -10.72 8.50
C ALA F 16 -7.16 -9.36 8.17
N LEU F 17 -6.07 -9.36 7.42
CA LEU F 17 -5.38 -8.14 7.04
C LEU F 17 -6.24 -7.29 6.10
N GLY F 18 -6.73 -7.90 5.03
CA GLY F 18 -7.53 -7.18 4.05
C GLY F 18 -8.80 -6.60 4.63
N ALA F 19 -9.55 -7.43 5.35
CA ALA F 19 -10.78 -6.94 5.95
C ALA F 19 -10.48 -6.03 7.13
N GLY F 20 -9.35 -6.25 7.78
CA GLY F 20 -8.96 -5.43 8.91
C GLY F 20 -8.79 -3.98 8.55
N ILE F 21 -8.02 -3.70 7.49
CA ILE F 21 -7.83 -2.33 7.06
C ILE F 21 -9.05 -1.80 6.33
N GLY F 22 -9.71 -2.69 5.57
CA GLY F 22 -10.91 -2.29 4.85
C GLY F 22 -12.01 -1.84 5.78
N ASN F 23 -12.20 -2.58 6.87
CA ASN F 23 -13.23 -2.25 7.84
C ASN F 23 -12.80 -1.13 8.77
N GLY F 24 -11.52 -1.08 9.11
CA GLY F 24 -11.06 -0.01 9.97
C GLY F 24 -11.31 1.33 9.32
N LEU F 25 -10.87 1.43 8.07
CA LEU F 25 -11.08 2.64 7.30
C LEU F 25 -12.55 2.86 6.97
N ILE F 26 -13.29 1.78 6.73
CA ILE F 26 -14.70 1.92 6.41
C ILE F 26 -15.45 2.57 7.57
N VAL F 27 -15.08 2.20 8.80
CA VAL F 27 -15.73 2.76 9.97
C VAL F 27 -15.37 4.22 10.17
N SER F 28 -14.08 4.55 10.16
CA SER F 28 -13.64 5.94 10.36
C SER F 28 -14.12 6.86 9.24
N ARG F 29 -14.08 6.37 8.00
CA ARG F 29 -14.52 7.17 6.86
C ARG F 29 -16.02 7.37 6.90
N THR F 30 -16.76 6.33 7.26
CA THR F 30 -18.22 6.42 7.39
C THR F 30 -18.53 7.50 8.39
N ILE F 31 -17.77 7.45 9.47
CA ILE F 31 -17.88 8.40 10.57
C ILE F 31 -17.59 9.82 10.08
N GLU F 32 -16.52 9.96 9.29
CA GLU F 32 -16.12 11.26 8.75
C GLU F 32 -17.20 11.84 7.84
N GLY F 33 -17.79 10.99 7.00
CA GLY F 33 -18.84 11.44 6.11
C GLY F 33 -20.05 11.98 6.85
N ILE F 34 -20.44 11.29 7.93
CA ILE F 34 -21.58 11.70 8.75
C ILE F 34 -21.33 13.07 9.38
N ALA F 35 -20.13 13.26 9.91
CA ALA F 35 -19.76 14.52 10.55
C ALA F 35 -19.78 15.68 9.57
N ARG F 36 -19.31 15.45 8.35
CA ARG F 36 -19.23 16.48 7.32
C ARG F 36 -20.60 17.08 6.99
N GLN F 37 -21.62 16.24 6.92
CA GLN F 37 -22.97 16.72 6.62
C GLN F 37 -24.02 15.87 7.31
N PRO F 38 -24.90 16.51 8.13
CA PRO F 38 -25.95 15.82 8.87
C PRO F 38 -27.16 15.45 8.01
N GLU F 39 -26.96 15.29 6.70
CA GLU F 39 -28.05 14.91 5.80
C GLU F 39 -28.59 13.55 6.20
N LEU F 40 -27.69 12.62 6.45
CA LEU F 40 -28.04 11.28 6.89
C LEU F 40 -27.11 10.87 8.01
N ARG F 41 -27.64 10.31 9.09
CA ARG F 41 -26.81 9.89 10.19
C ARG F 41 -26.88 8.37 10.41
N PRO F 42 -28.03 7.81 10.87
CA PRO F 42 -28.17 6.36 11.09
C PRO F 42 -27.99 5.54 9.82
N VAL F 43 -28.53 6.05 8.71
CA VAL F 43 -28.48 5.36 7.42
C VAL F 43 -27.05 5.15 6.92
N LEU F 44 -26.22 6.19 6.99
CA LEU F 44 -24.85 6.09 6.51
C LEU F 44 -24.04 5.08 7.33
N GLN F 45 -24.22 5.12 8.65
CA GLN F 45 -23.52 4.21 9.54
C GLN F 45 -24.03 2.77 9.34
N THR F 46 -25.33 2.61 9.07
CA THR F 46 -25.87 1.27 8.82
C THR F 46 -25.34 0.72 7.50
N THR F 47 -25.12 1.60 6.53
CA THR F 47 -24.55 1.21 5.25
C THR F 47 -23.15 0.70 5.53
N MET F 48 -22.48 1.37 6.47
CA MET F 48 -21.14 0.98 6.91
C MET F 48 -21.17 -0.44 7.47
N PHE F 49 -22.18 -0.74 8.29
CA PHE F 49 -22.34 -2.07 8.89
C PHE F 49 -22.55 -3.14 7.83
N ILE F 50 -23.38 -2.86 6.83
CA ILE F 50 -23.58 -3.84 5.77
C ILE F 50 -22.28 -3.99 4.98
N GLY F 51 -21.51 -2.90 4.94
CA GLY F 51 -20.22 -2.91 4.28
C GLY F 51 -19.25 -3.85 4.95
N VAL F 52 -19.23 -3.87 6.29
CA VAL F 52 -18.35 -4.75 7.03
C VAL F 52 -18.80 -6.19 6.86
N ALA F 53 -20.12 -6.39 6.73
CA ALA F 53 -20.69 -7.71 6.52
C ALA F 53 -20.23 -8.27 5.19
N LEU F 54 -20.21 -7.40 4.19
CA LEU F 54 -19.80 -7.77 2.85
C LEU F 54 -18.30 -8.05 2.78
N VAL F 55 -17.52 -7.17 3.38
CA VAL F 55 -16.08 -7.29 3.39
C VAL F 55 -15.60 -8.52 4.15
N GLU F 56 -16.20 -8.79 5.31
CA GLU F 56 -15.82 -9.95 6.13
C GLU F 56 -16.31 -11.26 5.52
N ALA F 57 -17.24 -11.16 4.58
CA ALA F 57 -17.76 -12.34 3.91
C ALA F 57 -16.60 -13.02 3.17
N LEU F 58 -15.73 -12.18 2.61
CA LEU F 58 -14.57 -12.66 1.87
C LEU F 58 -13.62 -13.47 2.77
N PRO F 59 -13.15 -12.95 3.94
CA PRO F 59 -12.30 -13.71 4.85
C PRO F 59 -12.95 -15.03 5.26
N ILE F 60 -14.26 -15.01 5.50
CA ILE F 60 -14.98 -16.22 5.87
C ILE F 60 -14.90 -17.27 4.75
N ILE F 61 -15.16 -16.82 3.52
CA ILE F 61 -15.11 -17.70 2.36
C ILE F 61 -13.71 -18.29 2.16
N GLY F 62 -12.70 -17.44 2.26
CA GLY F 62 -11.32 -17.89 2.09
C GLY F 62 -10.90 -18.91 3.13
N VAL F 63 -11.28 -18.67 4.39
CA VAL F 63 -10.94 -19.58 5.46
C VAL F 63 -11.62 -20.94 5.27
N VAL F 64 -12.91 -20.91 4.92
CA VAL F 64 -13.67 -22.15 4.69
C VAL F 64 -13.08 -22.95 3.53
N PHE F 65 -12.76 -22.28 2.42
CA PHE F 65 -12.19 -22.95 1.27
C PHE F 65 -10.82 -23.53 1.60
N SER F 66 -10.01 -22.80 2.36
CA SER F 66 -8.70 -23.28 2.75
C SER F 66 -8.83 -24.55 3.59
N PHE F 67 -9.82 -24.53 4.48
CA PHE F 67 -10.10 -25.66 5.35
C PHE F 67 -10.45 -26.90 4.53
N ILE F 68 -11.33 -26.72 3.55
CA ILE F 68 -11.75 -27.83 2.68
C ILE F 68 -10.60 -28.34 1.82
N TYR F 69 -9.79 -27.43 1.27
CA TYR F 69 -8.66 -27.82 0.43
C TYR F 69 -7.70 -28.69 1.23
N LEU F 70 -7.43 -28.30 2.48
CA LEU F 70 -6.57 -29.07 3.35
C LEU F 70 -7.25 -30.40 3.71
N GLY F 71 -8.54 -30.31 4.00
CA GLY F 71 -9.33 -31.49 4.36
C GLY F 71 -9.46 -32.49 3.23
N ARG F 72 -9.66 -32.01 2.01
CA ARG F 72 -9.79 -32.88 0.85
C ARG F 72 -8.72 -32.58 -0.19
N MET G 1 2.87 -32.54 -2.03
CA MET G 1 1.50 -32.57 -2.60
C MET G 1 0.61 -31.51 -1.95
N HIS G 2 1.19 -30.77 -1.01
CA HIS G 2 0.46 -29.73 -0.30
C HIS G 2 0.63 -28.37 -0.99
N LEU G 3 1.42 -28.36 -2.06
CA LEU G 3 1.67 -27.13 -2.82
C LEU G 3 0.37 -26.60 -3.44
N GLY G 4 -0.46 -27.51 -3.95
CA GLY G 4 -1.72 -27.12 -4.55
C GLY G 4 -2.65 -26.47 -3.55
N VAL G 5 -2.69 -27.01 -2.33
CA VAL G 5 -3.52 -26.48 -1.26
C VAL G 5 -3.12 -25.05 -0.93
N LEU G 6 -1.81 -24.82 -0.82
CA LEU G 6 -1.28 -23.50 -0.52
C LEU G 6 -1.52 -22.55 -1.67
N ALA G 7 -1.41 -23.05 -2.91
CA ALA G 7 -1.62 -22.22 -4.09
C ALA G 7 -3.03 -21.66 -4.09
N ALA G 8 -4.01 -22.51 -3.82
CA ALA G 8 -5.40 -22.06 -3.76
C ALA G 8 -5.64 -21.18 -2.53
N ALA G 9 -5.02 -21.57 -1.41
CA ALA G 9 -5.17 -20.83 -0.16
C ALA G 9 -4.61 -19.41 -0.28
N ILE G 10 -3.47 -19.26 -0.92
CA ILE G 10 -2.88 -17.94 -1.09
C ILE G 10 -3.66 -17.17 -2.15
N ALA G 11 -4.15 -17.87 -3.18
CA ALA G 11 -4.92 -17.22 -4.24
C ALA G 11 -6.22 -16.65 -3.70
N VAL G 12 -6.88 -17.42 -2.83
CA VAL G 12 -8.11 -16.97 -2.22
C VAL G 12 -7.81 -15.89 -1.20
N GLY G 13 -6.66 -16.02 -0.53
CA GLY G 13 -6.25 -15.00 0.41
C GLY G 13 -6.05 -13.69 -0.32
N LEU G 14 -5.50 -13.81 -1.52
CA LEU G 14 -5.26 -12.65 -2.39
C LEU G 14 -6.59 -12.06 -2.84
N GLY G 15 -7.51 -12.93 -3.26
CA GLY G 15 -8.81 -12.49 -3.69
C GLY G 15 -9.60 -11.81 -2.58
N ALA G 16 -9.57 -12.42 -1.40
CA ALA G 16 -10.26 -11.88 -0.24
C ALA G 16 -9.66 -10.55 0.21
N LEU G 17 -8.34 -10.46 0.15
CA LEU G 17 -7.66 -9.24 0.55
C LEU G 17 -7.96 -8.08 -0.39
N GLY G 18 -7.79 -8.31 -1.69
CA GLY G 18 -8.02 -7.26 -2.67
C GLY G 18 -9.44 -6.75 -2.68
N ALA G 19 -10.41 -7.67 -2.73
CA ALA G 19 -11.80 -7.26 -2.72
C ALA G 19 -12.20 -6.76 -1.34
N GLY G 20 -11.55 -7.27 -0.31
CA GLY G 20 -11.86 -6.84 1.05
C GLY G 20 -11.62 -5.37 1.27
N ILE G 21 -10.44 -4.89 0.88
CA ILE G 21 -10.14 -3.46 1.04
C ILE G 21 -10.85 -2.64 -0.02
N GLY G 22 -10.97 -3.21 -1.23
CA GLY G 22 -11.65 -2.51 -2.30
C GLY G 22 -13.11 -2.24 -1.98
N ASN G 23 -13.77 -3.24 -1.41
CA ASN G 23 -15.18 -3.10 -1.05
C ASN G 23 -15.35 -2.34 0.26
N GLY G 24 -14.43 -2.51 1.20
CA GLY G 24 -14.56 -1.77 2.44
C GLY G 24 -14.52 -0.29 2.17
N LEU G 25 -13.52 0.13 1.42
CA LEU G 25 -13.38 1.52 1.05
C LEU G 25 -14.48 1.96 0.11
N ILE G 26 -14.93 1.07 -0.79
CA ILE G 26 -15.99 1.43 -1.72
C ILE G 26 -17.26 1.79 -0.97
N VAL G 27 -17.55 1.05 0.11
CA VAL G 27 -18.75 1.31 0.89
C VAL G 27 -18.64 2.62 1.66
N SER G 28 -17.54 2.80 2.41
CA SER G 28 -17.37 4.03 3.20
C SER G 28 -17.26 5.27 2.32
N ARG G 29 -16.55 5.16 1.20
CA ARG G 29 -16.40 6.29 0.28
C ARG G 29 -17.73 6.62 -0.38
N THR G 30 -18.48 5.59 -0.78
CA THR G 30 -19.79 5.79 -1.38
C THR G 30 -20.65 6.54 -0.41
N ILE G 31 -20.54 6.13 0.84
CA ILE G 31 -21.26 6.72 1.94
C ILE G 31 -20.86 8.19 2.12
N GLU G 32 -19.55 8.45 2.06
CA GLU G 32 -19.02 9.80 2.21
C GLU G 32 -19.52 10.71 1.09
N GLY G 33 -19.54 10.20 -0.14
CA GLY G 33 -20.01 10.99 -1.26
C GLY G 33 -21.47 11.41 -1.11
N ILE G 34 -22.30 10.48 -0.64
CA ILE G 34 -23.72 10.74 -0.44
C ILE G 34 -23.92 11.85 0.61
N ALA G 35 -23.19 11.76 1.70
CA ALA G 35 -23.28 12.74 2.78
C ALA G 35 -22.87 14.13 2.32
N ARG G 36 -21.82 14.21 1.50
CA ARG G 36 -21.31 15.50 1.01
C ARG G 36 -22.35 16.29 0.23
N GLN G 37 -23.14 15.61 -0.59
CA GLN G 37 -24.16 16.28 -1.38
C GLN G 37 -25.36 15.37 -1.61
N PRO G 38 -26.56 15.84 -1.20
CA PRO G 38 -27.80 15.06 -1.34
C PRO G 38 -28.38 15.07 -2.75
N GLU G 39 -27.52 15.27 -3.76
CA GLU G 39 -27.97 15.27 -5.15
C GLU G 39 -28.56 13.91 -5.51
N LEU G 40 -27.84 12.87 -5.12
CA LEU G 40 -28.28 11.50 -5.34
C LEU G 40 -28.02 10.70 -4.07
N ARG G 41 -28.99 9.91 -3.65
CA ARG G 41 -28.82 9.12 -2.45
C ARG G 41 -28.90 7.61 -2.76
N PRO G 42 -30.09 7.06 -3.13
CA PRO G 42 -30.21 5.63 -3.45
C PRO G 42 -29.35 5.19 -4.63
N VAL G 43 -29.28 6.05 -5.66
CA VAL G 43 -28.53 5.75 -6.87
C VAL G 43 -27.03 5.56 -6.62
N LEU G 44 -26.43 6.45 -5.84
CA LEU G 44 -25.00 6.36 -5.56
C LEU G 44 -24.66 5.09 -4.78
N GLN G 45 -25.50 4.76 -3.79
CA GLN G 45 -25.29 3.57 -2.98
C GLN G 45 -25.52 2.31 -3.83
N THR G 46 -26.49 2.34 -4.75
CA THR G 46 -26.75 1.20 -5.63
C THR G 46 -25.57 1.00 -6.59
N THR G 47 -24.94 2.11 -6.99
CA THR G 47 -23.77 2.04 -7.86
C THR G 47 -22.68 1.34 -7.07
N MET G 48 -22.64 1.64 -5.78
CA MET G 48 -21.70 1.02 -4.86
C MET G 48 -21.90 -0.50 -4.84
N PHE G 49 -23.18 -0.92 -4.77
CA PHE G 49 -23.52 -2.34 -4.75
C PHE G 49 -23.09 -3.05 -6.04
N ILE G 50 -23.29 -2.41 -7.19
CA ILE G 50 -22.87 -3.03 -8.44
C ILE G 50 -21.34 -3.07 -8.46
N GLY G 51 -20.74 -2.09 -7.78
CA GLY G 51 -19.30 -2.02 -7.67
C GLY G 51 -18.75 -3.21 -6.91
N VAL G 52 -19.42 -3.61 -5.82
CA VAL G 52 -18.97 -4.75 -5.04
C VAL G 52 -19.18 -6.04 -5.83
N ALA G 53 -20.23 -6.05 -6.66
CA ALA G 53 -20.52 -7.21 -7.50
C ALA G 53 -19.41 -7.40 -8.52
N LEU G 54 -18.93 -6.29 -9.06
CA LEU G 54 -17.87 -6.29 -10.04
C LEU G 54 -16.54 -6.68 -9.42
N VAL G 55 -16.24 -6.09 -8.27
CA VAL G 55 -15.00 -6.35 -7.57
C VAL G 55 -14.90 -7.79 -7.09
N GLU G 56 -15.99 -8.32 -6.53
CA GLU G 56 -15.99 -9.69 -6.01
C GLU G 56 -16.02 -10.72 -7.14
N ALA G 57 -16.35 -10.27 -8.34
CA ALA G 57 -16.36 -11.15 -9.50
C ALA G 57 -14.95 -11.70 -9.71
N LEU G 58 -13.97 -10.83 -9.48
CA LEU G 58 -12.57 -11.17 -9.63
C LEU G 58 -12.15 -12.30 -8.66
N PRO G 59 -12.40 -12.18 -7.32
CA PRO G 59 -12.09 -13.26 -6.37
C PRO G 59 -12.75 -14.57 -6.76
N ILE G 60 -14.00 -14.48 -7.23
CA ILE G 60 -14.73 -15.68 -7.64
C ILE G 60 -14.02 -16.36 -8.82
N ILE G 61 -13.64 -15.57 -9.82
CA ILE G 61 -12.95 -16.08 -11.00
C ILE G 61 -11.61 -16.71 -10.62
N GLY G 62 -10.84 -16.03 -9.77
CA GLY G 62 -9.56 -16.53 -9.34
C GLY G 62 -9.65 -17.85 -8.59
N VAL G 63 -10.63 -17.94 -7.70
CA VAL G 63 -10.84 -19.15 -6.91
C VAL G 63 -11.22 -20.34 -7.82
N VAL G 64 -12.15 -20.08 -8.76
CA VAL G 64 -12.60 -21.11 -9.69
C VAL G 64 -11.45 -21.61 -10.56
N PHE G 65 -10.66 -20.69 -11.09
CA PHE G 65 -9.53 -21.03 -11.94
C PHE G 65 -8.49 -21.83 -11.16
N SER G 66 -8.23 -21.42 -9.91
CA SER G 66 -7.27 -22.12 -9.07
C SER G 66 -7.74 -23.55 -8.82
N PHE G 67 -9.05 -23.70 -8.60
CA PHE G 67 -9.66 -25.00 -8.37
C PHE G 67 -9.44 -25.91 -9.58
N ILE G 68 -9.72 -25.39 -10.77
CA ILE G 68 -9.56 -26.15 -12.02
C ILE G 68 -8.09 -26.49 -12.28
N TYR G 69 -7.18 -25.55 -12.04
CA TYR G 69 -5.76 -25.80 -12.27
C TYR G 69 -5.28 -26.95 -11.39
N LEU G 70 -5.72 -26.95 -10.14
CA LEU G 70 -5.38 -28.03 -9.22
C LEU G 70 -6.05 -29.33 -9.66
N GLY G 71 -7.32 -29.21 -10.05
CA GLY G 71 -8.09 -30.35 -10.51
C GLY G 71 -7.56 -30.97 -11.79
N ARG G 72 -7.13 -30.14 -12.73
CA ARG G 72 -6.60 -30.63 -14.00
C ARG G 72 -5.16 -30.14 -14.20
N MET H 1 5.68 -30.70 -9.82
CA MET H 1 4.80 -30.43 -10.99
C MET H 1 3.64 -29.53 -10.60
N HIS H 2 3.60 -29.14 -9.33
CA HIS H 2 2.53 -28.28 -8.82
C HIS H 2 2.95 -26.81 -8.90
N LEU H 3 4.17 -26.57 -9.35
CA LEU H 3 4.69 -25.20 -9.48
C LEU H 3 3.87 -24.40 -10.47
N GLY H 4 3.47 -25.04 -11.58
CA GLY H 4 2.67 -24.38 -12.58
C GLY H 4 1.32 -23.94 -12.06
N VAL H 5 0.71 -24.81 -11.25
CA VAL H 5 -0.59 -24.52 -10.65
C VAL H 5 -0.50 -23.30 -9.76
N LEU H 6 0.53 -23.24 -8.94
CA LEU H 6 0.75 -22.12 -8.04
C LEU H 6 1.08 -20.85 -8.82
N ALA H 7 1.83 -20.99 -9.90
CA ALA H 7 2.20 -19.85 -10.72
C ALA H 7 0.95 -19.16 -11.27
N ALA H 8 0.03 -19.95 -11.79
CA ALA H 8 -1.21 -19.42 -12.32
C ALA H 8 -2.11 -18.92 -11.19
N ALA H 9 -2.14 -19.66 -10.09
CA ALA H 9 -2.94 -19.29 -8.93
C ALA H 9 -2.50 -17.96 -8.32
N ILE H 10 -1.20 -17.75 -8.22
CA ILE H 10 -0.70 -16.50 -7.67
C ILE H 10 -0.87 -15.38 -8.69
N ALA H 11 -0.72 -15.70 -9.98
CA ALA H 11 -0.89 -14.71 -11.03
C ALA H 11 -2.32 -14.20 -11.09
N VAL H 12 -3.27 -15.12 -10.94
CA VAL H 12 -4.67 -14.75 -10.94
C VAL H 12 -5.00 -14.03 -9.65
N GLY H 13 -4.36 -14.46 -8.56
CA GLY H 13 -4.56 -13.80 -7.29
C GLY H 13 -4.09 -12.36 -7.39
N LEU H 14 -2.99 -12.18 -8.12
CA LEU H 14 -2.42 -10.86 -8.37
C LEU H 14 -3.37 -10.03 -9.23
N GLY H 15 -3.89 -10.65 -10.29
CA GLY H 15 -4.82 -9.98 -11.18
C GLY H 15 -6.10 -9.57 -10.47
N ALA H 16 -6.64 -10.50 -9.68
CA ALA H 16 -7.86 -10.25 -8.93
C ALA H 16 -7.66 -9.17 -7.88
N LEU H 17 -6.51 -9.19 -7.23
CA LEU H 17 -6.21 -8.21 -6.20
C LEU H 17 -6.06 -6.81 -6.77
N GLY H 18 -5.24 -6.67 -7.81
CA GLY H 18 -5.00 -5.37 -8.40
C GLY H 18 -6.26 -4.74 -8.99
N ALA H 19 -6.99 -5.51 -9.77
CA ALA H 19 -8.22 -4.99 -10.36
C ALA H 19 -9.30 -4.86 -9.30
N GLY H 20 -9.24 -5.72 -8.27
CA GLY H 20 -10.22 -5.66 -7.20
C GLY H 20 -10.23 -4.34 -6.47
N ILE H 21 -9.05 -3.89 -6.04
CA ILE H 21 -8.97 -2.61 -5.35
C ILE H 21 -9.09 -1.45 -6.33
N GLY H 22 -8.54 -1.63 -7.52
CA GLY H 22 -8.61 -0.59 -8.54
C GLY H 22 -10.05 -0.28 -8.93
N ASN H 23 -10.85 -1.34 -9.11
CA ASN H 23 -12.24 -1.17 -9.49
C ASN H 23 -13.11 -0.81 -8.29
N GLY H 24 -12.80 -1.33 -7.11
CA GLY H 24 -13.58 -0.97 -5.95
C GLY H 24 -13.52 0.52 -5.71
N LEU H 25 -12.30 1.03 -5.70
CA LEU H 25 -12.08 2.46 -5.51
C LEU H 25 -12.57 3.25 -6.72
N ILE H 26 -12.43 2.70 -7.92
CA ILE H 26 -12.90 3.42 -9.11
C ILE H 26 -14.39 3.66 -9.04
N VAL H 27 -15.14 2.68 -8.52
CA VAL H 27 -16.58 2.82 -8.42
C VAL H 27 -16.97 3.83 -7.35
N SER H 28 -16.43 3.69 -6.14
CA SER H 28 -16.77 4.62 -5.06
C SER H 28 -16.30 6.04 -5.35
N ARG H 29 -15.12 6.19 -5.93
CA ARG H 29 -14.60 7.52 -6.26
C ARG H 29 -15.41 8.15 -7.38
N THR H 30 -15.78 7.35 -8.37
CA THR H 30 -16.61 7.85 -9.48
C THR H 30 -17.90 8.37 -8.90
N ILE H 31 -18.42 7.61 -7.96
CA ILE H 31 -19.64 7.93 -7.25
C ILE H 31 -19.48 9.24 -6.47
N GLU H 32 -18.35 9.37 -5.78
CA GLU H 32 -18.05 10.56 -4.99
C GLU H 32 -17.97 11.80 -5.88
N GLY H 33 -17.34 11.67 -7.03
CA GLY H 33 -17.21 12.79 -7.95
C GLY H 33 -18.56 13.28 -8.44
N ILE H 34 -19.45 12.35 -8.76
CA ILE H 34 -20.80 12.68 -9.23
C ILE H 34 -21.58 13.45 -8.18
N ALA H 35 -21.50 12.98 -6.94
CA ALA H 35 -22.19 13.61 -5.82
C ALA H 35 -21.70 15.04 -5.56
N ARG H 36 -20.39 15.24 -5.69
CA ARG H 36 -19.79 16.56 -5.44
C ARG H 36 -20.33 17.64 -6.37
N GLN H 37 -20.53 17.30 -7.63
CA GLN H 37 -21.05 18.27 -8.59
C GLN H 37 -21.91 17.58 -9.65
N PRO H 38 -23.18 18.02 -9.79
CA PRO H 38 -24.12 17.45 -10.76
C PRO H 38 -23.89 17.91 -12.20
N GLU H 39 -22.66 18.31 -12.52
CA GLU H 39 -22.32 18.76 -13.87
C GLU H 39 -22.55 17.62 -14.86
N LEU H 40 -22.07 16.45 -14.49
CA LEU H 40 -22.23 15.24 -15.29
C LEU H 40 -22.61 14.10 -14.37
N ARG H 41 -23.62 13.32 -14.76
CA ARG H 41 -24.02 12.20 -13.93
C ARG H 41 -23.83 10.86 -14.66
N PRO H 42 -24.62 10.55 -15.74
CA PRO H 42 -24.48 9.29 -16.47
C PRO H 42 -23.10 9.13 -17.12
N VAL H 43 -22.58 10.23 -17.66
CA VAL H 43 -21.29 10.23 -18.36
C VAL H 43 -20.12 9.83 -17.45
N LEU H 44 -20.07 10.39 -16.25
CA LEU H 44 -18.98 10.08 -15.34
C LEU H 44 -19.00 8.62 -14.90
N GLN H 45 -20.20 8.12 -14.62
CA GLN H 45 -20.36 6.72 -14.21
C GLN H 45 -20.05 5.78 -15.38
N THR H 46 -20.40 6.18 -16.61
CA THR H 46 -20.10 5.35 -17.79
C THR H 46 -18.59 5.33 -18.04
N THR H 47 -17.92 6.45 -17.72
CA THR H 47 -16.46 6.51 -17.85
C THR H 47 -15.88 5.50 -16.86
N MET H 48 -16.53 5.43 -15.70
CA MET H 48 -16.15 4.48 -14.66
C MET H 48 -16.24 3.05 -15.21
N PHE H 49 -17.34 2.75 -15.91
CA PHE H 49 -17.54 1.42 -16.49
C PHE H 49 -16.47 1.08 -17.53
N ILE H 50 -16.10 2.03 -18.38
CA ILE H 50 -15.05 1.76 -19.35
C ILE H 50 -13.73 1.58 -18.60
N GLY H 51 -13.63 2.26 -17.46
CA GLY H 51 -12.46 2.15 -16.62
C GLY H 51 -12.30 0.74 -16.08
N VAL H 52 -13.40 0.12 -15.65
CA VAL H 52 -13.34 -1.24 -15.12
C VAL H 52 -13.04 -2.21 -16.25
N ALA H 53 -13.51 -1.89 -17.46
CA ALA H 53 -13.25 -2.71 -18.64
C ALA H 53 -11.76 -2.72 -18.96
N LEU H 54 -11.16 -1.55 -18.82
CA LEU H 54 -9.74 -1.38 -19.08
C LEU H 54 -8.88 -2.06 -18.02
N VAL H 55 -9.26 -1.85 -16.76
CA VAL H 55 -8.53 -2.42 -15.64
C VAL H 55 -8.61 -3.94 -15.61
N GLU H 56 -9.79 -4.50 -15.88
CA GLU H 56 -9.96 -5.96 -15.88
C GLU H 56 -9.33 -6.62 -17.10
N ALA H 57 -9.04 -5.81 -18.10
CA ALA H 57 -8.40 -6.31 -19.31
C ALA H 57 -7.05 -6.91 -18.93
N LEU H 58 -6.38 -6.24 -17.99
CA LEU H 58 -5.08 -6.66 -17.50
C LEU H 58 -5.15 -8.06 -16.84
N PRO H 59 -6.05 -8.30 -15.84
CA PRO H 59 -6.20 -9.63 -15.23
C PRO H 59 -6.47 -10.70 -16.27
N ILE H 60 -7.32 -10.37 -17.25
CA ILE H 60 -7.65 -11.32 -18.32
C ILE H 60 -6.40 -11.70 -19.11
N ILE H 61 -5.61 -10.70 -19.48
CA ILE H 61 -4.38 -10.91 -20.24
C ILE H 61 -3.39 -11.75 -19.45
N GLY H 62 -3.21 -11.42 -18.17
CA GLY H 62 -2.28 -12.15 -17.31
C GLY H 62 -2.67 -13.61 -17.15
N VAL H 63 -3.96 -13.86 -16.94
CA VAL H 63 -4.45 -15.22 -16.78
C VAL H 63 -4.25 -16.04 -18.06
N VAL H 64 -4.58 -15.44 -19.21
CA VAL H 64 -4.42 -16.12 -20.49
C VAL H 64 -2.96 -16.46 -20.77
N PHE H 65 -2.06 -15.49 -20.53
CA PHE H 65 -0.64 -15.70 -20.74
C PHE H 65 -0.10 -16.78 -19.81
N SER H 66 -0.54 -16.77 -18.56
CA SER H 66 -0.10 -17.78 -17.59
C SER H 66 -0.53 -19.16 -18.05
N PHE H 67 -1.75 -19.24 -18.57
CA PHE H 67 -2.30 -20.49 -19.08
C PHE H 67 -1.45 -21.04 -20.23
N ILE H 68 -1.10 -20.16 -21.17
CA ILE H 68 -0.29 -20.55 -22.32
C ILE H 68 1.12 -20.95 -21.90
N TYR H 69 1.72 -20.20 -20.97
CA TYR H 69 3.08 -20.51 -20.50
C TYR H 69 3.11 -21.91 -19.89
N LEU H 70 2.09 -22.22 -19.09
CA LEU H 70 1.99 -23.54 -18.49
C LEU H 70 1.73 -24.58 -19.57
N GLY H 71 0.83 -24.24 -20.49
CA GLY H 71 0.48 -25.12 -21.60
C GLY H 71 1.63 -25.40 -22.54
N ARG H 72 2.42 -24.38 -22.85
CA ARG H 72 3.56 -24.53 -23.75
C ARG H 72 4.87 -24.16 -23.05
N MET I 1 11.93 -27.00 -14.15
CA MET I 1 11.76 -26.34 -15.47
C MET I 1 10.50 -25.46 -15.47
N HIS I 2 9.79 -25.46 -14.35
CA HIS I 2 8.57 -24.68 -14.21
C HIS I 2 8.86 -23.29 -13.64
N LEU I 3 10.13 -23.04 -13.31
CA LEU I 3 10.54 -21.77 -12.76
C LEU I 3 10.29 -20.63 -13.74
N GLY I 4 10.57 -20.88 -15.01
CA GLY I 4 10.35 -19.89 -16.04
C GLY I 4 8.90 -19.49 -16.18
N VAL I 5 8.02 -20.49 -16.09
CA VAL I 5 6.58 -20.27 -16.19
C VAL I 5 6.11 -19.36 -15.05
N LEU I 6 6.58 -19.64 -13.84
CA LEU I 6 6.22 -18.85 -12.67
C LEU I 6 6.82 -17.45 -12.77
N ALA I 7 8.04 -17.35 -13.30
CA ALA I 7 8.69 -16.06 -13.44
C ALA I 7 7.86 -15.13 -14.32
N ALA I 8 7.40 -15.65 -15.45
CA ALA I 8 6.56 -14.86 -16.34
C ALA I 8 5.19 -14.61 -15.73
N ALA I 9 4.65 -15.64 -15.07
CA ALA I 9 3.33 -15.54 -14.44
C ALA I 9 3.31 -14.49 -13.33
N ILE I 10 4.36 -14.45 -12.52
CA ILE I 10 4.43 -13.46 -11.46
C ILE I 10 4.73 -12.08 -12.04
N ALA I 11 5.54 -12.04 -13.10
CA ALA I 11 5.87 -10.77 -13.75
C ALA I 11 4.64 -10.13 -14.37
N VAL I 12 3.82 -10.96 -15.00
CA VAL I 12 2.59 -10.46 -15.60
C VAL I 12 1.59 -10.13 -14.51
N GLY I 13 1.62 -10.90 -13.43
CA GLY I 13 0.75 -10.62 -12.30
C GLY I 13 1.11 -9.27 -11.73
N LEU I 14 2.40 -8.98 -11.71
CA LEU I 14 2.93 -7.72 -11.23
C LEU I 14 2.51 -6.59 -12.17
N GLY I 15 2.65 -6.83 -13.47
CA GLY I 15 2.27 -5.84 -14.46
C GLY I 15 0.78 -5.54 -14.43
N ALA I 16 -0.02 -6.59 -14.32
CA ALA I 16 -1.48 -6.45 -14.26
C ALA I 16 -1.92 -5.74 -12.99
N LEU I 17 -1.26 -6.05 -11.89
CA LEU I 17 -1.60 -5.45 -10.62
C LEU I 17 -1.27 -3.95 -10.58
N GLY I 18 -0.04 -3.61 -10.96
CA GLY I 18 0.38 -2.21 -10.95
C GLY I 18 -0.44 -1.34 -11.88
N ALA I 19 -0.61 -1.76 -13.11
CA ALA I 19 -1.39 -0.98 -14.06
C ALA I 19 -2.87 -1.06 -13.70
N GLY I 20 -3.29 -2.17 -13.09
CA GLY I 20 -4.69 -2.34 -12.72
C GLY I 20 -5.15 -1.28 -11.74
N ILE I 21 -4.40 -1.09 -10.66
CA ILE I 21 -4.77 -0.08 -9.68
C ILE I 21 -4.45 1.32 -10.18
N GLY I 22 -3.35 1.44 -10.93
CA GLY I 22 -2.96 2.73 -11.48
C GLY I 22 -4.00 3.27 -12.44
N ASN I 23 -4.53 2.39 -13.29
CA ASN I 23 -5.54 2.79 -14.27
C ASN I 23 -6.92 2.89 -13.63
N GLY I 24 -7.22 2.03 -12.66
CA GLY I 24 -8.52 2.11 -12.02
C GLY I 24 -8.67 3.45 -11.36
N LEU I 25 -7.68 3.82 -10.57
CA LEU I 25 -7.68 5.10 -9.89
C LEU I 25 -7.54 6.25 -10.87
N ILE I 26 -6.77 6.06 -11.95
CA ILE I 26 -6.59 7.12 -12.94
C ILE I 26 -7.94 7.49 -13.56
N VAL I 27 -8.77 6.48 -13.82
CA VAL I 27 -10.07 6.72 -14.43
C VAL I 27 -11.02 7.42 -13.47
N SER I 28 -11.17 6.89 -12.24
CA SER I 28 -12.07 7.49 -11.26
C SER I 28 -11.62 8.88 -10.84
N ARG I 29 -10.31 9.07 -10.67
CA ARG I 29 -9.79 10.38 -10.29
C ARG I 29 -9.95 11.39 -11.42
N THR I 30 -9.71 10.95 -12.65
CA THR I 30 -9.88 11.81 -13.81
C THR I 30 -11.31 12.28 -13.85
N ILE I 31 -12.19 11.32 -13.57
CA ILE I 31 -13.63 11.55 -13.52
C ILE I 31 -13.97 12.56 -12.42
N GLU I 32 -13.37 12.38 -11.25
CA GLU I 32 -13.60 13.25 -10.11
C GLU I 32 -13.15 14.69 -10.42
N GLY I 33 -12.01 14.83 -11.08
CA GLY I 33 -11.51 16.15 -11.43
C GLY I 33 -12.44 16.90 -12.36
N ILE I 34 -12.98 16.18 -13.34
CA ILE I 34 -13.91 16.76 -14.32
C ILE I 34 -15.17 17.27 -13.62
N ALA I 35 -15.71 16.46 -12.73
CA ALA I 35 -16.92 16.81 -11.98
C ALA I 35 -16.72 18.05 -11.11
N ARG I 36 -15.55 18.15 -10.48
CA ARG I 36 -15.25 19.27 -9.59
C ARG I 36 -15.32 20.62 -10.29
N GLN I 37 -14.82 20.68 -11.52
CA GLN I 37 -14.83 21.93 -12.27
C GLN I 37 -14.98 21.66 -13.77
N PRO I 38 -16.03 22.25 -14.39
CA PRO I 38 -16.29 22.06 -15.83
C PRO I 38 -15.38 22.90 -16.74
N GLU I 39 -14.19 23.26 -16.25
CA GLU I 39 -13.25 24.03 -17.05
C GLU I 39 -12.87 23.25 -18.30
N LEU I 40 -12.55 21.98 -18.10
CA LEU I 40 -12.21 21.08 -19.19
C LEU I 40 -12.93 19.76 -18.98
N ARG I 41 -13.54 19.23 -20.02
CA ARG I 41 -14.24 17.96 -19.90
C ARG I 41 -13.61 16.88 -20.79
N PRO I 42 -13.72 16.97 -22.14
CA PRO I 42 -13.12 15.96 -23.04
C PRO I 42 -11.61 15.86 -22.91
N VAL I 43 -10.95 17.01 -22.77
CA VAL I 43 -9.50 17.09 -22.67
C VAL I 43 -8.94 16.33 -21.47
N LEU I 44 -9.54 16.52 -20.30
CA LEU I 44 -9.06 15.85 -19.09
C LEU I 44 -9.21 14.34 -19.19
N GLN I 45 -10.34 13.89 -19.72
CA GLN I 45 -10.60 12.46 -19.87
C GLN I 45 -9.66 11.87 -20.94
N THR I 46 -9.37 12.64 -22.01
CA THR I 46 -8.45 12.16 -23.04
C THR I 46 -7.03 12.06 -22.49
N THR I 47 -6.68 12.96 -21.56
CA THR I 47 -5.38 12.93 -20.91
C THR I 47 -5.32 11.63 -20.11
N MET I 48 -6.47 11.28 -19.52
CA MET I 48 -6.61 10.03 -18.77
C MET I 48 -6.31 8.84 -19.67
N PHE I 49 -6.87 8.87 -20.89
CA PHE I 49 -6.67 7.79 -21.86
C PHE I 49 -5.19 7.65 -22.25
N ILE I 50 -4.50 8.77 -22.47
CA ILE I 50 -3.09 8.68 -22.81
C ILE I 50 -2.33 8.18 -21.59
N GLY I 51 -2.87 8.48 -20.41
CA GLY I 51 -2.29 8.02 -19.17
C GLY I 51 -2.34 6.51 -19.06
N VAL I 52 -3.46 5.91 -19.47
CA VAL I 52 -3.59 4.45 -19.40
C VAL I 52 -2.68 3.82 -20.45
N ALA I 53 -2.49 4.52 -21.57
CA ALA I 53 -1.61 4.04 -22.63
C ALA I 53 -0.17 3.99 -22.14
N LEU I 54 0.20 5.00 -21.38
CA LEU I 54 1.53 5.10 -20.82
C LEU I 54 1.76 4.06 -19.72
N VAL I 55 0.79 3.94 -18.84
CA VAL I 55 0.87 3.00 -17.72
C VAL I 55 0.90 1.56 -18.20
N GLU I 56 0.06 1.21 -19.17
CA GLU I 56 0.00 -0.16 -19.69
C GLU I 56 1.20 -0.49 -20.56
N ALA I 57 1.92 0.54 -20.98
CA ALA I 57 3.13 0.33 -21.77
C ALA I 57 4.12 -0.48 -20.96
N LEU I 58 4.17 -0.17 -19.67
CA LEU I 58 5.06 -0.84 -18.74
C LEU I 58 4.75 -2.36 -18.64
N PRO I 59 3.49 -2.79 -18.36
CA PRO I 59 3.14 -4.21 -18.34
C PRO I 59 3.50 -4.90 -19.64
N ILE I 60 3.27 -4.22 -20.76
CA ILE I 60 3.59 -4.79 -22.07
C ILE I 60 5.09 -5.06 -22.19
N ILE I 61 5.89 -4.06 -21.81
CA ILE I 61 7.35 -4.17 -21.85
C ILE I 61 7.84 -5.31 -20.95
N GLY I 62 7.32 -5.36 -19.73
CA GLY I 62 7.72 -6.39 -18.79
C GLY I 62 7.41 -7.80 -19.27
N VAL I 63 6.22 -7.98 -19.84
CA VAL I 63 5.79 -9.27 -20.36
C VAL I 63 6.68 -9.71 -21.54
N VAL I 64 6.95 -8.77 -22.46
CA VAL I 64 7.79 -9.06 -23.61
C VAL I 64 9.21 -9.45 -23.19
N PHE I 65 9.78 -8.69 -22.26
CA PHE I 65 11.12 -8.96 -21.77
C PHE I 65 11.18 -10.31 -21.06
N SER I 66 10.16 -10.62 -20.27
CA SER I 66 10.11 -11.89 -19.56
C SER I 66 10.07 -13.05 -20.56
N PHE I 67 9.29 -12.85 -21.62
CA PHE I 67 9.16 -13.84 -22.69
C PHE I 67 10.52 -14.11 -23.33
N ILE I 68 11.24 -13.04 -23.67
CA ILE I 68 12.56 -13.17 -24.30
C ILE I 68 13.57 -13.80 -23.36
N TYR I 69 13.56 -13.42 -22.08
CA TYR I 69 14.50 -13.98 -21.11
C TYR I 69 14.30 -15.49 -21.01
N LEU I 70 13.05 -15.91 -20.98
CA LEU I 70 12.74 -17.34 -20.93
C LEU I 70 13.14 -18.00 -22.24
N GLY I 71 12.83 -17.32 -23.35
CA GLY I 71 13.14 -17.81 -24.67
C GLY I 71 14.64 -17.92 -24.94
N ARG I 72 15.39 -16.93 -24.48
CA ARG I 72 16.85 -16.93 -24.68
C ARG I 72 17.58 -16.90 -23.34
N MET J 1 19.24 -22.85 -13.36
CA MET J 1 19.73 -21.82 -14.33
C MET J 1 18.60 -20.87 -14.71
N HIS J 2 17.42 -21.11 -14.16
CA HIS J 2 16.26 -20.28 -14.45
C HIS J 2 16.11 -19.17 -13.43
N LEU J 3 17.01 -19.15 -12.45
CA LEU J 3 16.99 -18.12 -11.40
C LEU J 3 17.21 -16.74 -11.98
N GLY J 4 18.12 -16.65 -12.96
CA GLY J 4 18.40 -15.37 -13.60
C GLY J 4 17.20 -14.82 -14.34
N VAL J 5 16.47 -15.71 -15.00
CA VAL J 5 15.27 -15.33 -15.75
C VAL J 5 14.23 -14.74 -14.80
N LEU J 6 14.03 -15.41 -13.67
CA LEU J 6 13.07 -14.95 -12.67
C LEU J 6 13.53 -13.65 -12.04
N ALA J 7 14.83 -13.52 -11.82
CA ALA J 7 15.38 -12.31 -11.21
C ALA J 7 15.06 -11.09 -12.07
N ALA J 8 15.28 -11.21 -13.37
CA ALA J 8 14.97 -10.13 -14.29
C ALA J 8 13.47 -9.94 -14.42
N ALA J 9 12.74 -11.05 -14.46
CA ALA J 9 11.28 -11.01 -14.59
C ALA J 9 10.63 -10.32 -13.40
N ILE J 10 11.10 -10.61 -12.20
CA ILE J 10 10.55 -9.99 -11.01
C ILE J 10 11.01 -8.53 -10.92
N ALA J 11 12.25 -8.27 -11.36
CA ALA J 11 12.78 -6.91 -11.33
C ALA J 11 12.01 -6.00 -12.26
N VAL J 12 11.68 -6.52 -13.45
CA VAL J 12 10.91 -5.76 -14.41
C VAL J 12 9.48 -5.65 -13.94
N GLY J 13 8.98 -6.70 -13.28
CA GLY J 13 7.65 -6.68 -12.73
C GLY J 13 7.56 -5.58 -11.69
N LEU J 14 8.65 -5.45 -10.92
CA LEU J 14 8.76 -4.44 -9.89
C LEU J 14 8.82 -3.05 -10.53
N GLY J 15 9.63 -2.91 -11.58
CA GLY J 15 9.74 -1.64 -12.28
C GLY J 15 8.43 -1.22 -12.92
N ALA J 16 7.75 -2.17 -13.56
CA ALA J 16 6.47 -1.92 -14.21
C ALA J 16 5.39 -1.56 -13.20
N LEU J 17 5.41 -2.24 -12.06
CA LEU J 17 4.43 -1.99 -11.02
C LEU J 17 4.59 -0.62 -10.40
N GLY J 18 5.82 -0.30 -9.97
CA GLY J 18 6.07 0.98 -9.34
C GLY J 18 5.79 2.16 -10.24
N ALA J 19 6.31 2.13 -11.45
CA ALA J 19 6.07 3.22 -12.39
C ALA J 19 4.63 3.19 -12.88
N GLY J 20 4.04 2.00 -12.93
CA GLY J 20 2.66 1.88 -13.39
C GLY J 20 1.68 2.64 -12.51
N ILE J 21 1.76 2.44 -11.20
CA ILE J 21 0.88 3.16 -10.29
C ILE J 21 1.32 4.61 -10.13
N GLY J 22 2.63 4.83 -10.14
CA GLY J 22 3.16 6.17 -10.01
C GLY J 22 2.73 7.07 -11.15
N ASN J 23 2.78 6.53 -12.37
CA ASN J 23 2.38 7.29 -13.55
C ASN J 23 0.87 7.33 -13.71
N GLY J 24 0.17 6.26 -13.34
CA GLY J 24 -1.27 6.29 -13.46
C GLY J 24 -1.84 7.39 -12.60
N LEU J 25 -1.42 7.42 -11.35
CA LEU J 25 -1.85 8.45 -10.42
C LEU J 25 -1.30 9.81 -10.80
N ILE J 26 -0.07 9.86 -11.33
CA ILE J 26 0.51 11.14 -11.73
C ILE J 26 -0.35 11.79 -12.82
N VAL J 27 -0.86 10.99 -13.74
CA VAL J 27 -1.67 11.53 -14.82
C VAL J 27 -3.02 12.00 -14.32
N SER J 28 -3.73 11.16 -13.56
CA SER J 28 -5.06 11.54 -13.06
C SER J 28 -4.98 12.71 -12.08
N ARG J 29 -3.97 12.72 -11.22
CA ARG J 29 -3.80 13.80 -10.25
C ARG J 29 -3.43 15.09 -10.95
N THR J 30 -2.56 15.01 -11.96
CA THR J 30 -2.17 16.18 -12.73
C THR J 30 -3.40 16.77 -13.35
N ILE J 31 -4.24 15.87 -13.85
CA ILE J 31 -5.50 16.22 -14.48
C ILE J 31 -6.43 16.89 -13.47
N GLU J 32 -6.50 16.32 -12.27
CA GLU J 32 -7.35 16.86 -11.20
C GLU J 32 -6.91 18.27 -10.80
N GLY J 33 -5.59 18.48 -10.71
CA GLY J 33 -5.07 19.79 -10.35
C GLY J 33 -5.45 20.85 -11.36
N ILE J 34 -5.35 20.50 -12.64
CA ILE J 34 -5.68 21.43 -13.73
C ILE J 34 -7.15 21.85 -13.65
N ALA J 35 -8.02 20.87 -13.44
CA ALA J 35 -9.46 21.11 -13.36
C ALA J 35 -9.82 22.02 -12.18
N ARG J 36 -9.16 21.82 -11.05
CA ARG J 36 -9.43 22.60 -9.83
C ARG J 36 -9.21 24.09 -10.04
N GLN J 37 -8.16 24.46 -10.77
CA GLN J 37 -7.87 25.87 -11.01
C GLN J 37 -7.21 26.05 -12.38
N PRO J 38 -7.81 26.89 -13.24
CA PRO J 38 -7.29 27.16 -14.59
C PRO J 38 -6.11 28.13 -14.62
N GLU J 39 -5.37 28.20 -13.51
CA GLU J 39 -4.19 29.08 -13.44
C GLU J 39 -3.17 28.66 -14.48
N LEU J 40 -2.92 27.36 -14.56
CA LEU J 40 -2.01 26.78 -15.52
C LEU J 40 -2.64 25.54 -16.11
N ARG J 41 -2.59 25.39 -17.41
CA ARG J 41 -3.17 24.20 -18.05
C ARG J 41 -2.10 23.37 -18.77
N PRO J 42 -1.50 23.86 -19.88
CA PRO J 42 -0.47 23.10 -20.62
C PRO J 42 0.77 22.82 -19.77
N VAL J 43 1.17 23.81 -18.97
CA VAL J 43 2.37 23.71 -18.13
C VAL J 43 2.28 22.59 -17.10
N LEU J 44 1.15 22.49 -16.40
CA LEU J 44 0.98 21.47 -15.38
C LEU J 44 1.01 20.07 -15.98
N GLN J 45 0.34 19.89 -17.11
CA GLN J 45 0.30 18.60 -17.80
C GLN J 45 1.69 18.26 -18.36
N THR J 46 2.43 19.26 -18.84
CA THR J 46 3.79 19.02 -19.35
C THR J 46 4.72 18.63 -18.21
N THR J 47 4.49 19.19 -17.02
CA THR J 47 5.26 18.84 -15.83
C THR J 47 4.99 17.36 -15.54
N MET J 48 3.72 16.97 -15.76
CA MET J 48 3.29 15.59 -15.60
C MET J 48 4.10 14.68 -16.52
N PHE J 49 4.25 15.11 -17.78
CA PHE J 49 4.99 14.34 -18.78
C PHE J 49 6.46 14.18 -18.39
N ILE J 50 7.09 15.24 -17.89
CA ILE J 50 8.48 15.11 -17.46
C ILE J 50 8.54 14.21 -16.24
N GLY J 51 7.45 14.22 -15.47
CA GLY J 51 7.33 13.36 -14.31
C GLY J 51 7.34 11.89 -14.69
N VAL J 52 6.63 11.54 -15.77
CA VAL J 52 6.58 10.15 -16.21
C VAL J 52 7.94 9.76 -16.79
N ALA J 53 8.63 10.73 -17.39
CA ALA J 53 9.97 10.50 -17.94
C ALA J 53 10.94 10.16 -16.83
N LEU J 54 10.80 10.87 -15.72
CA LEU J 54 11.64 10.67 -14.56
C LEU J 54 11.35 9.35 -13.86
N VAL J 55 10.07 9.07 -13.68
CA VAL J 55 9.62 7.85 -13.02
C VAL J 55 9.99 6.60 -13.81
N GLU J 56 9.79 6.64 -15.13
CA GLU J 56 10.10 5.49 -15.98
C GLU J 56 11.60 5.30 -16.17
N ALA J 57 12.36 6.33 -15.84
CA ALA J 57 13.81 6.24 -15.93
C ALA J 57 14.30 5.15 -15.00
N LEU J 58 13.66 5.06 -13.84
CA LEU J 58 13.98 4.07 -12.84
C LEU J 58 13.78 2.63 -13.37
N PRO J 59 12.58 2.26 -13.91
CA PRO J 59 12.36 0.93 -14.49
C PRO J 59 13.39 0.61 -15.57
N ILE J 60 13.73 1.60 -16.39
CA ILE J 60 14.71 1.40 -17.45
C ILE J 60 16.07 1.04 -16.86
N ILE J 61 16.49 1.79 -15.85
CA ILE J 61 17.77 1.56 -15.17
C ILE J 61 17.81 0.17 -14.54
N GLY J 62 16.73 -0.18 -13.83
CA GLY J 62 16.66 -1.47 -13.16
C GLY J 62 16.73 -2.64 -14.14
N VAL J 63 16.03 -2.52 -15.25
CA VAL J 63 16.01 -3.57 -16.27
C VAL J 63 17.41 -3.74 -16.89
N VAL J 64 18.04 -2.61 -17.23
CA VAL J 64 19.38 -2.64 -17.83
C VAL J 64 20.40 -3.26 -16.87
N PHE J 65 20.36 -2.86 -15.60
CA PHE J 65 21.27 -3.40 -14.60
C PHE J 65 21.05 -4.89 -14.40
N SER J 66 19.79 -5.31 -14.38
CA SER J 66 19.46 -6.72 -14.20
C SER J 66 20.02 -7.53 -15.37
N PHE J 67 19.90 -6.96 -16.57
CA PHE J 67 20.40 -7.59 -17.79
C PHE J 67 21.91 -7.80 -17.70
N ILE J 68 22.62 -6.75 -17.29
CA ILE J 68 24.08 -6.82 -17.15
C ILE J 68 24.51 -7.79 -16.07
N TYR J 69 23.81 -7.78 -14.93
CA TYR J 69 24.16 -8.70 -13.83
C TYR J 69 24.04 -10.14 -14.29
N LEU J 70 22.97 -10.44 -15.04
CA LEU J 70 22.78 -11.78 -15.57
C LEU J 70 23.85 -12.07 -16.63
N GLY J 71 24.10 -11.08 -17.48
CA GLY J 71 25.09 -11.19 -18.54
C GLY J 71 26.50 -11.36 -18.02
N ARG J 72 26.86 -10.63 -16.98
CA ARG J 72 28.19 -10.72 -16.40
C ARG J 72 28.14 -11.14 -14.93
N MET A 1 25.81 -18.06 -9.67
CA MET A 1 25.82 -16.57 -9.79
C MET A 1 24.40 -16.04 -9.96
N HIS A 2 23.45 -16.95 -10.11
CA HIS A 2 22.04 -16.59 -10.28
C HIS A 2 21.51 -15.85 -9.05
N LEU A 3 21.92 -16.29 -7.86
CA LEU A 3 21.48 -15.66 -6.62
C LEU A 3 21.95 -14.21 -6.56
N GLY A 4 23.17 -13.97 -7.02
CA GLY A 4 23.71 -12.61 -7.04
C GLY A 4 22.90 -11.71 -7.95
N VAL A 5 22.51 -12.26 -9.11
CA VAL A 5 21.71 -11.53 -10.07
C VAL A 5 20.37 -11.15 -9.44
N LEU A 6 19.78 -12.10 -8.72
CA LEU A 6 18.51 -11.87 -8.02
C LEU A 6 18.66 -10.81 -6.95
N ALA A 7 19.79 -10.81 -6.24
CA ALA A 7 20.02 -9.84 -5.18
C ALA A 7 19.99 -8.42 -5.73
N ALA A 8 20.72 -8.20 -6.81
CA ALA A 8 20.74 -6.89 -7.44
C ALA A 8 19.41 -6.59 -8.12
N ALA A 9 18.83 -7.60 -8.75
CA ALA A 9 17.56 -7.45 -9.45
C ALA A 9 16.44 -7.05 -8.50
N ILE A 10 16.37 -7.68 -7.33
CA ILE A 10 15.33 -7.33 -6.39
C ILE A 10 15.63 -6.00 -5.71
N ALA A 11 16.91 -5.72 -5.43
CA ALA A 11 17.28 -4.46 -4.80
C ALA A 11 16.96 -3.28 -5.69
N VAL A 12 17.29 -3.42 -6.96
CA VAL A 12 17.03 -2.39 -7.95
C VAL A 12 15.54 -2.28 -8.16
N GLY A 13 14.86 -3.43 -8.21
CA GLY A 13 13.42 -3.42 -8.37
C GLY A 13 12.77 -2.68 -7.23
N LEU A 14 13.30 -2.90 -6.03
CA LEU A 14 12.81 -2.23 -4.83
C LEU A 14 13.11 -0.73 -4.91
N GLY A 15 14.31 -0.40 -5.38
CA GLY A 15 14.72 0.99 -5.52
C GLY A 15 13.88 1.73 -6.53
N ALA A 16 13.63 1.09 -7.67
CA ALA A 16 12.83 1.67 -8.74
C ALA A 16 11.39 1.86 -8.31
N LEU A 17 10.87 0.88 -7.58
CA LEU A 17 9.49 0.93 -7.12
C LEU A 17 9.28 2.04 -6.09
N GLY A 18 10.11 2.05 -5.06
CA GLY A 18 9.97 3.04 -4.00
C GLY A 18 10.13 4.47 -4.48
N ALA A 19 11.22 4.74 -5.20
CA ALA A 19 11.44 6.09 -5.70
C ALA A 19 10.49 6.40 -6.85
N GLY A 20 10.07 5.37 -7.58
CA GLY A 20 9.15 5.57 -8.68
C GLY A 20 7.83 6.15 -8.24
N ILE A 21 7.22 5.55 -7.22
CA ILE A 21 5.93 6.06 -6.72
C ILE A 21 6.14 7.31 -5.88
N GLY A 22 7.22 7.35 -5.11
CA GLY A 22 7.50 8.50 -4.27
C GLY A 22 7.72 9.75 -5.11
N ASN A 23 8.43 9.59 -6.22
CA ASN A 23 8.73 10.69 -7.11
C ASN A 23 7.54 11.02 -8.00
N GLY A 24 6.78 10.02 -8.42
CA GLY A 24 5.62 10.28 -9.24
C GLY A 24 4.63 11.16 -8.50
N LEU A 25 4.32 10.75 -7.27
CA LEU A 25 3.41 11.50 -6.43
C LEU A 25 4.03 12.83 -6.02
N ILE A 26 5.34 12.87 -5.80
CA ILE A 26 5.99 14.12 -5.40
C ILE A 26 5.84 15.16 -6.51
N VAL A 27 5.95 14.73 -7.76
CA VAL A 27 5.83 15.63 -8.88
C VAL A 27 4.40 16.10 -9.08
N SER A 28 3.45 15.17 -9.17
CA SER A 28 2.04 15.54 -9.38
C SER A 28 1.48 16.35 -8.22
N ARG A 29 1.84 15.98 -6.98
CA ARG A 29 1.36 16.72 -5.82
C ARG A 29 1.98 18.12 -5.76
N THR A 30 3.28 18.20 -6.10
CA THR A 30 3.96 19.48 -6.14
C THR A 30 3.26 20.38 -7.12
N ILE A 31 2.90 19.77 -8.24
CA ILE A 31 2.18 20.43 -9.31
C ILE A 31 0.79 20.85 -8.83
N GLU A 32 0.17 19.97 -8.04
CA GLU A 32 -1.16 20.19 -7.48
C GLU A 32 -1.20 21.46 -6.64
N GLY A 33 -0.16 21.68 -5.83
CA GLY A 33 -0.11 22.88 -5.00
C GLY A 33 -0.12 24.15 -5.82
N ILE A 34 0.61 24.16 -6.93
CA ILE A 34 0.69 25.32 -7.81
C ILE A 34 -0.69 25.64 -8.39
N ALA A 35 -1.37 24.60 -8.85
CA ALA A 35 -2.70 24.75 -9.43
C ALA A 35 -3.72 25.25 -8.41
N ARG A 36 -3.61 24.76 -7.18
CA ARG A 36 -4.53 25.12 -6.10
C ARG A 36 -4.57 26.64 -5.85
N GLN A 37 -3.43 27.22 -5.52
CA GLN A 37 -3.38 28.66 -5.25
C GLN A 37 -2.21 29.33 -5.97
N PRO A 38 -2.39 30.60 -6.40
CA PRO A 38 -1.34 31.36 -7.10
C PRO A 38 -0.25 31.83 -6.14
N GLU A 39 0.76 30.99 -5.95
CA GLU A 39 1.88 31.31 -5.07
C GLU A 39 3.18 31.28 -5.87
N LEU A 40 4.28 30.97 -5.18
CA LEU A 40 5.57 30.89 -5.83
C LEU A 40 5.64 29.59 -6.65
N ARG A 41 5.21 29.68 -7.90
CA ARG A 41 5.16 28.54 -8.81
C ARG A 41 6.53 27.85 -9.00
N PRO A 42 7.62 28.59 -9.34
CA PRO A 42 8.93 27.98 -9.53
C PRO A 42 9.52 27.38 -8.25
N VAL A 43 9.21 28.01 -7.11
CA VAL A 43 9.72 27.54 -5.82
C VAL A 43 9.16 26.16 -5.46
N LEU A 44 7.87 25.95 -5.70
CA LEU A 44 7.23 24.67 -5.39
C LEU A 44 7.91 23.52 -6.12
N GLN A 45 8.07 23.69 -7.43
CA GLN A 45 8.73 22.66 -8.25
C GLN A 45 10.21 22.53 -7.89
N THR A 46 10.86 23.65 -7.52
CA THR A 46 12.28 23.60 -7.13
C THR A 46 12.47 22.70 -5.90
N THR A 47 11.62 22.88 -4.89
CA THR A 47 11.68 22.05 -3.68
C THR A 47 11.39 20.61 -4.09
N MET A 48 10.47 20.46 -5.05
CA MET A 48 10.13 19.15 -5.59
C MET A 48 11.37 18.46 -6.17
N PHE A 49 12.16 19.23 -6.94
CA PHE A 49 13.37 18.70 -7.56
C PHE A 49 14.39 18.25 -6.52
N ILE A 50 14.56 19.02 -5.43
CA ILE A 50 15.49 18.61 -4.40
C ILE A 50 14.95 17.34 -3.73
N GLY A 51 13.63 17.21 -3.69
CA GLY A 51 12.99 16.03 -3.16
C GLY A 51 13.32 14.83 -4.01
N VAL A 52 13.35 15.06 -5.32
CA VAL A 52 13.68 14.04 -6.30
C VAL A 52 15.11 13.55 -6.05
N ALA A 53 16.00 14.52 -5.83
CA ALA A 53 17.41 14.22 -5.54
C ALA A 53 17.55 13.41 -4.25
N LEU A 54 16.74 13.78 -3.26
CA LEU A 54 16.76 13.13 -1.95
C LEU A 54 16.32 11.67 -2.02
N VAL A 55 15.16 11.43 -2.62
CA VAL A 55 14.61 10.09 -2.69
C VAL A 55 15.33 9.19 -3.67
N GLU A 56 15.83 9.73 -4.79
CA GLU A 56 16.54 8.91 -5.77
C GLU A 56 17.95 8.60 -5.33
N ALA A 57 18.42 9.32 -4.30
CA ALA A 57 19.74 9.08 -3.75
C ALA A 57 19.82 7.67 -3.21
N LEU A 58 18.73 7.24 -2.58
CA LEU A 58 18.63 5.91 -2.00
C LEU A 58 18.75 4.82 -3.08
N PRO A 59 17.95 4.84 -4.18
CA PRO A 59 18.07 3.86 -5.27
C PRO A 59 19.48 3.83 -5.85
N ILE A 60 20.10 5.00 -6.00
CA ILE A 60 21.45 5.08 -6.55
C ILE A 60 22.43 4.35 -5.63
N ILE A 61 22.34 4.62 -4.33
CA ILE A 61 23.21 4.00 -3.34
C ILE A 61 23.02 2.48 -3.31
N GLY A 62 21.77 2.05 -3.29
CA GLY A 62 21.47 0.62 -3.25
C GLY A 62 21.98 -0.12 -4.47
N VAL A 63 21.80 0.46 -5.65
CA VAL A 63 22.25 -0.15 -6.89
C VAL A 63 23.78 -0.27 -6.92
N VAL A 64 24.46 0.81 -6.53
CA VAL A 64 25.92 0.83 -6.50
C VAL A 64 26.48 -0.19 -5.52
N PHE A 65 25.89 -0.24 -4.32
CA PHE A 65 26.33 -1.18 -3.29
C PHE A 65 26.10 -2.62 -3.73
N SER A 66 24.97 -2.89 -4.36
CA SER A 66 24.66 -4.23 -4.84
C SER A 66 25.68 -4.66 -5.89
N PHE A 67 26.02 -3.71 -6.77
CA PHE A 67 27.00 -3.93 -7.83
C PHE A 67 28.35 -4.31 -7.22
N ILE A 68 28.79 -3.54 -6.23
CA ILE A 68 30.07 -3.79 -5.55
C ILE A 68 30.05 -5.14 -4.81
N TYR A 69 28.95 -5.45 -4.14
CA TYR A 69 28.85 -6.71 -3.39
C TYR A 69 29.04 -7.90 -4.33
N LEU A 70 28.46 -7.82 -5.52
CA LEU A 70 28.61 -8.88 -6.50
C LEU A 70 30.01 -8.84 -7.12
N GLY A 71 30.47 -7.62 -7.42
CA GLY A 71 31.77 -7.42 -8.01
C GLY A 71 32.92 -7.83 -7.10
N ARG A 72 32.80 -7.54 -5.81
CA ARG A 72 33.84 -7.89 -4.85
C ARG A 72 33.31 -8.85 -3.80
N MET B 1 28.24 -16.96 -0.02
CA MET B 1 28.22 -15.51 0.33
C MET B 1 27.06 -14.81 -0.37
N HIS B 2 26.37 -15.55 -1.24
CA HIS B 2 25.24 -15.02 -1.98
C HIS B 2 24.10 -14.62 -1.05
N LEU B 3 23.87 -15.41 -0.02
CA LEU B 3 22.82 -15.14 0.95
C LEU B 3 23.09 -13.81 1.67
N GLY B 4 24.36 -13.57 2.00
CA GLY B 4 24.73 -12.32 2.64
C GLY B 4 24.44 -11.12 1.76
N VAL B 5 24.75 -11.28 0.47
CA VAL B 5 24.50 -10.22 -0.51
C VAL B 5 23.01 -9.91 -0.55
N LEU B 6 22.20 -10.97 -0.55
CA LEU B 6 20.74 -10.83 -0.57
C LEU B 6 20.25 -10.13 0.69
N ALA B 7 20.84 -10.44 1.83
CA ALA B 7 20.44 -9.84 3.10
C ALA B 7 20.60 -8.33 3.05
N ALA B 8 21.77 -7.88 2.61
CA ALA B 8 22.02 -6.45 2.51
C ALA B 8 21.20 -5.85 1.37
N ALA B 9 21.10 -6.57 0.26
CA ALA B 9 20.36 -6.11 -0.90
C ALA B 9 18.89 -5.89 -0.59
N ILE B 10 18.27 -6.81 0.13
CA ILE B 10 16.87 -6.65 0.47
C ILE B 10 16.70 -5.60 1.57
N ALA B 11 17.63 -5.56 2.53
CA ALA B 11 17.54 -4.56 3.60
C ALA B 11 17.64 -3.15 3.07
N VAL B 12 18.60 -2.96 2.16
CA VAL B 12 18.80 -1.67 1.54
C VAL B 12 17.63 -1.35 0.63
N GLY B 13 17.15 -2.36 -0.09
CA GLY B 13 16.00 -2.17 -0.95
C GLY B 13 14.81 -1.73 -0.14
N LEU B 14 14.66 -2.33 1.04
CA LEU B 14 13.59 -1.99 1.96
C LEU B 14 13.78 -0.57 2.50
N GLY B 15 15.03 -0.24 2.82
CA GLY B 15 15.35 1.09 3.32
C GLY B 15 15.10 2.17 2.29
N ALA B 16 15.52 1.90 1.07
CA ALA B 16 15.34 2.84 -0.04
C ALA B 16 13.88 3.04 -0.37
N LEU B 17 13.13 1.96 -0.34
CA LEU B 17 11.71 2.00 -0.65
C LEU B 17 10.92 2.78 0.40
N GLY B 18 11.10 2.42 1.67
CA GLY B 18 10.37 3.08 2.74
C GLY B 18 10.67 4.55 2.86
N ALA B 19 11.94 4.92 2.91
CA ALA B 19 12.30 6.32 3.02
C ALA B 19 12.05 7.04 1.70
N GLY B 20 12.14 6.31 0.58
CA GLY B 20 11.91 6.90 -0.72
C GLY B 20 10.51 7.46 -0.86
N ILE B 21 9.50 6.65 -0.53
CA ILE B 21 8.12 7.12 -0.61
C ILE B 21 7.77 8.05 0.53
N GLY B 22 8.30 7.75 1.72
CA GLY B 22 8.04 8.60 2.87
C GLY B 22 8.57 10.00 2.68
N ASN B 23 9.76 10.09 2.10
CA ASN B 23 10.40 11.38 1.85
C ASN B 23 9.80 12.06 0.62
N GLY B 24 9.45 11.29 -0.40
CA GLY B 24 8.85 11.91 -1.58
C GLY B 24 7.57 12.61 -1.22
N LEU B 25 6.71 11.90 -0.50
CA LEU B 25 5.45 12.47 -0.06
C LEU B 25 5.66 13.57 0.97
N ILE B 26 6.67 13.40 1.84
CA ILE B 26 6.95 14.41 2.85
C ILE B 26 7.32 15.74 2.19
N VAL B 27 8.08 15.67 1.10
CA VAL B 27 8.50 16.88 0.41
C VAL B 27 7.34 17.53 -0.35
N SER B 28 6.63 16.74 -1.17
CA SER B 28 5.52 17.29 -1.96
C SER B 28 4.38 17.79 -1.06
N ARG B 29 4.08 17.06 0.02
CA ARG B 29 3.03 17.47 0.94
C ARG B 29 3.44 18.72 1.70
N THR B 30 4.71 18.77 2.11
CA THR B 30 5.23 19.94 2.81
C THR B 30 5.07 21.15 1.92
N ILE B 31 5.39 20.92 0.65
CA ILE B 31 5.28 21.92 -0.38
C ILE B 31 3.81 22.32 -0.57
N GLU B 32 2.93 21.32 -0.51
CA GLU B 32 1.49 21.50 -0.67
C GLU B 32 0.94 22.47 0.36
N GLY B 33 1.40 22.35 1.61
CA GLY B 33 0.94 23.25 2.66
C GLY B 33 1.27 24.70 2.37
N ILE B 34 2.46 24.95 1.85
CA ILE B 34 2.90 26.30 1.51
C ILE B 34 2.00 26.91 0.44
N ALA B 35 1.73 26.12 -0.59
CA ALA B 35 0.87 26.55 -1.68
C ALA B 35 -0.55 26.84 -1.23
N ARG B 36 -1.06 26.00 -0.32
CA ARG B 36 -2.44 26.13 0.18
C ARG B 36 -2.70 27.51 0.81
N GLN B 37 -1.92 27.87 1.83
CA GLN B 37 -2.11 29.14 2.51
C GLN B 37 -0.79 29.88 2.71
N PRO B 38 -0.81 31.23 2.65
CA PRO B 38 0.39 32.05 2.84
C PRO B 38 0.81 32.13 4.31
N GLU B 39 1.64 31.17 4.73
CA GLU B 39 2.12 31.12 6.10
C GLU B 39 3.64 31.19 6.11
N LEU B 40 4.25 30.58 7.13
CA LEU B 40 5.70 30.56 7.24
C LEU B 40 6.26 29.56 6.23
N ARG B 41 6.52 30.05 5.02
CA ARG B 41 7.02 29.22 3.93
C ARG B 41 8.34 28.49 4.27
N PRO B 42 9.39 29.19 4.75
CA PRO B 42 10.66 28.53 5.09
C PRO B 42 10.55 27.54 6.25
N VAL B 43 9.66 27.84 7.20
CA VAL B 43 9.46 26.98 8.36
C VAL B 43 8.90 25.61 7.96
N LEU B 44 7.92 25.61 7.06
CA LEU B 44 7.30 24.36 6.60
C LEU B 44 8.34 23.40 6.01
N GLN B 45 9.13 23.91 5.09
CA GLN B 45 10.18 23.11 4.46
C GLN B 45 11.27 22.74 5.46
N THR B 46 11.57 23.63 6.42
CA THR B 46 12.58 23.34 7.44
C THR B 46 12.18 22.11 8.28
N THR B 47 10.92 22.07 8.71
CA THR B 47 10.41 20.94 9.47
C THR B 47 10.47 19.70 8.57
N MET B 48 10.18 19.93 7.28
CA MET B 48 10.25 18.87 6.28
C MET B 48 11.66 18.27 6.25
N PHE B 49 12.67 19.13 6.25
CA PHE B 49 14.06 18.69 6.21
C PHE B 49 14.44 17.87 7.44
N ILE B 50 13.97 18.27 8.63
CA ILE B 50 14.26 17.48 9.81
C ILE B 50 13.55 16.14 9.71
N GLY B 51 12.40 16.14 9.03
CA GLY B 51 11.66 14.92 8.79
C GLY B 51 12.46 13.99 7.91
N VAL B 52 13.14 14.58 6.94
CA VAL B 52 13.99 13.85 6.01
C VAL B 52 15.12 13.18 6.79
N ALA B 53 15.71 13.94 7.71
CA ALA B 53 16.79 13.44 8.57
C ALA B 53 16.30 12.29 9.45
N LEU B 54 15.08 12.43 9.95
CA LEU B 54 14.46 11.45 10.83
C LEU B 54 14.22 10.12 10.11
N VAL B 55 13.55 10.17 8.97
CA VAL B 55 13.20 8.96 8.23
C VAL B 55 14.39 8.31 7.55
N GLU B 56 15.35 9.11 7.05
CA GLU B 56 16.50 8.54 6.37
C GLU B 56 17.51 7.97 7.36
N ALA B 57 17.34 8.32 8.64
CA ALA B 57 18.21 7.81 9.68
C ALA B 57 18.09 6.29 9.75
N LEU B 58 16.86 5.82 9.57
CA LEU B 58 16.57 4.39 9.61
C LEU B 58 17.30 3.64 8.47
N PRO B 59 17.18 4.07 7.18
CA PRO B 59 17.91 3.42 6.08
C PRO B 59 19.41 3.42 6.31
N ILE B 60 19.94 4.53 6.84
CA ILE B 60 21.37 4.62 7.11
C ILE B 60 21.79 3.57 8.14
N ILE B 61 21.02 3.47 9.23
CA ILE B 61 21.30 2.51 10.29
C ILE B 61 21.23 1.07 9.78
N GLY B 62 20.17 0.77 9.02
CA GLY B 62 19.99 -0.57 8.48
C GLY B 62 21.11 -0.98 7.54
N VAL B 63 21.52 -0.06 6.66
CA VAL B 63 22.58 -0.34 5.70
C VAL B 63 23.91 -0.59 6.43
N VAL B 64 24.23 0.26 7.40
CA VAL B 64 25.46 0.13 8.18
C VAL B 64 25.49 -1.18 8.95
N PHE B 65 24.38 -1.51 9.61
CA PHE B 65 24.29 -2.75 10.38
C PHE B 65 24.43 -3.97 9.49
N SER B 66 23.79 -3.94 8.31
CA SER B 66 23.87 -5.05 7.38
C SER B 66 25.31 -5.26 6.92
N PHE B 67 25.98 -4.13 6.67
CA PHE B 67 27.38 -4.15 6.25
C PHE B 67 28.25 -4.80 7.30
N ILE B 68 28.06 -4.40 8.56
CA ILE B 68 28.82 -4.95 9.68
C ILE B 68 28.53 -6.45 9.88
N TYR B 69 27.25 -6.83 9.77
CA TYR B 69 26.86 -8.24 9.94
C TYR B 69 27.59 -9.12 8.93
N LEU B 70 27.70 -8.64 7.70
CA LEU B 70 28.41 -9.39 6.67
C LEU B 70 29.92 -9.31 6.89
N GLY B 71 30.38 -8.11 7.24
CA GLY B 71 31.79 -7.88 7.50
C GLY B 71 32.33 -8.65 8.69
N ARG B 72 31.55 -8.71 9.75
CA ARG B 72 31.98 -9.42 10.96
C ARG B 72 31.04 -10.60 11.25
N MET C 1 25.32 -18.90 9.36
CA MET C 1 25.04 -17.61 10.06
C MET C 1 24.35 -16.63 9.11
N HIS C 2 24.26 -17.03 7.85
CA HIS C 2 23.64 -16.19 6.82
C HIS C 2 22.15 -15.96 7.12
N LEU C 3 21.48 -17.00 7.60
CA LEU C 3 20.06 -16.91 7.93
C LEU C 3 19.83 -15.88 9.04
N GLY C 4 20.74 -15.86 10.01
CA GLY C 4 20.65 -14.90 11.10
C GLY C 4 20.77 -13.48 10.60
N VAL C 5 21.69 -13.28 9.66
CA VAL C 5 21.92 -11.97 9.06
C VAL C 5 20.65 -11.52 8.35
N LEU C 6 20.02 -12.44 7.61
CA LEU C 6 18.77 -12.17 6.92
C LEU C 6 17.66 -11.82 7.88
N ALA C 7 17.61 -12.51 9.01
CA ALA C 7 16.57 -12.25 10.00
C ALA C 7 16.64 -10.81 10.51
N ALA C 8 17.82 -10.38 10.87
CA ALA C 8 18.00 -9.00 11.33
C ALA C 8 17.84 -8.02 10.18
N ALA C 9 18.37 -8.39 9.02
CA ALA C 9 18.31 -7.54 7.84
C ALA C 9 16.87 -7.27 7.41
N ILE C 10 16.04 -8.31 7.41
CA ILE C 10 14.65 -8.11 7.02
C ILE C 10 13.87 -7.41 8.12
N ALA C 11 14.17 -7.72 9.39
CA ALA C 11 13.47 -7.08 10.50
C ALA C 11 13.74 -5.59 10.54
N VAL C 12 15.01 -5.24 10.35
CA VAL C 12 15.42 -3.86 10.32
C VAL C 12 14.85 -3.18 9.09
N GLY C 13 14.89 -3.89 7.97
CA GLY C 13 14.33 -3.35 6.75
C GLY C 13 12.87 -3.05 6.93
N LEU C 14 12.18 -3.95 7.63
CA LEU C 14 10.76 -3.78 7.92
C LEU C 14 10.56 -2.60 8.87
N GLY C 15 11.44 -2.50 9.87
CA GLY C 15 11.37 -1.40 10.83
C GLY C 15 11.61 -0.06 10.19
N ALA C 16 12.61 0.01 9.33
CA ALA C 16 12.97 1.23 8.62
C ALA C 16 11.87 1.66 7.66
N LEU C 17 11.28 0.68 6.99
CA LEU C 17 10.22 0.96 6.04
C LEU C 17 8.96 1.48 6.71
N GLY C 18 8.49 0.75 7.72
CA GLY C 18 7.27 1.14 8.41
C GLY C 18 7.36 2.48 9.10
N ALA C 19 8.40 2.69 9.89
CA ALA C 19 8.56 3.97 10.57
C ALA C 19 8.98 5.05 9.59
N GLY C 20 9.67 4.66 8.52
CA GLY C 20 10.11 5.62 7.53
C GLY C 20 8.95 6.33 6.86
N ILE C 21 7.96 5.57 6.38
CA ILE C 21 6.80 6.17 5.74
C ILE C 21 5.84 6.76 6.77
N GLY C 22 5.71 6.10 7.91
CA GLY C 22 4.83 6.58 8.96
C GLY C 22 5.29 7.93 9.49
N ASN C 23 6.60 8.07 9.65
CA ASN C 23 7.19 9.30 10.15
C ASN C 23 7.27 10.36 9.06
N GLY C 24 7.54 9.95 7.82
CA GLY C 24 7.60 10.93 6.75
C GLY C 24 6.26 11.64 6.59
N LEU C 25 5.21 10.84 6.52
CA LEU C 25 3.86 11.37 6.42
C LEU C 25 3.45 12.10 7.69
N ILE C 26 3.88 11.60 8.84
CA ILE C 26 3.52 12.25 10.10
C ILE C 26 4.08 13.67 10.15
N VAL C 27 5.30 13.84 9.64
CA VAL C 27 5.94 15.14 9.64
C VAL C 27 5.30 16.09 8.63
N SER C 28 5.16 15.65 7.38
CA SER C 28 4.57 16.51 6.34
C SER C 28 3.10 16.83 6.62
N ARG C 29 2.35 15.86 7.13
CA ARG C 29 0.94 16.08 7.45
C ARG C 29 0.82 17.02 8.66
N THR C 30 1.69 16.83 9.66
CA THR C 30 1.71 17.69 10.83
C THR C 30 1.94 19.11 10.38
N ILE C 31 2.87 19.22 9.45
CA ILE C 31 3.24 20.49 8.85
C ILE C 31 2.06 21.07 8.06
N GLU C 32 1.34 20.17 7.38
CA GLU C 32 0.18 20.54 6.57
C GLU C 32 -0.89 21.22 7.41
N GLY C 33 -1.12 20.70 8.62
CA GLY C 33 -2.11 21.30 9.50
C GLY C 33 -1.79 22.74 9.86
N ILE C 34 -0.51 23.00 10.11
CA ILE C 34 -0.05 24.34 10.46
C ILE C 34 -0.31 25.33 9.33
N ALA C 35 0.03 24.89 8.12
CA ALA C 35 -0.17 25.70 6.92
C ALA C 35 -1.64 25.98 6.64
N ARG C 36 -2.49 24.98 6.88
CA ARG C 36 -3.92 25.09 6.63
C ARG C 36 -4.57 26.24 7.41
N GLN C 37 -4.45 26.21 8.74
CA GLN C 37 -5.05 27.27 9.56
C GLN C 37 -4.07 27.79 10.61
N PRO C 38 -4.14 29.09 10.95
CA PRO C 38 -3.28 29.69 11.96
C PRO C 38 -3.67 29.30 13.38
N GLU C 39 -3.12 28.20 13.85
CA GLU C 39 -3.40 27.70 15.20
C GLU C 39 -2.11 27.61 16.01
N LEU C 40 -2.08 26.69 16.96
CA LEU C 40 -0.89 26.50 17.78
C LEU C 40 0.17 25.78 16.95
N ARG C 41 0.98 26.57 16.25
CA ARG C 41 2.04 26.04 15.38
C ARG C 41 3.04 25.12 16.10
N PRO C 42 3.64 25.55 17.24
CA PRO C 42 4.60 24.70 17.97
C PRO C 42 3.96 23.43 18.55
N VAL C 43 2.71 23.53 18.96
CA VAL C 43 2.00 22.40 19.54
C VAL C 43 1.80 21.27 18.53
N LEU C 44 1.44 21.61 17.30
CA LEU C 44 1.23 20.62 16.25
C LEU C 44 2.48 19.77 16.02
N GLN C 45 3.61 20.45 15.83
CA GLN C 45 4.87 19.77 15.61
C GLN C 45 5.32 19.02 16.88
N THR C 46 5.02 19.56 18.06
CA THR C 46 5.38 18.89 19.31
C THR C 46 4.69 17.53 19.42
N THR C 47 3.39 17.49 19.12
CA THR C 47 2.64 16.23 19.14
C THR C 47 3.24 15.31 18.08
N MET C 48 3.64 15.92 16.96
CA MET C 48 4.28 15.19 15.87
C MET C 48 5.55 14.49 16.37
N PHE C 49 6.35 15.21 17.16
CA PHE C 49 7.60 14.67 17.70
C PHE C 49 7.34 13.50 18.64
N ILE C 50 6.31 13.58 19.48
CA ILE C 50 6.00 12.46 20.37
C ILE C 50 5.54 11.28 19.52
N GLY C 51 4.89 11.59 18.39
CA GLY C 51 4.47 10.56 17.45
C GLY C 51 5.67 9.85 16.88
N VAL C 52 6.71 10.64 16.61
CA VAL C 52 7.97 10.12 16.09
C VAL C 52 8.57 9.15 17.09
N ALA C 53 8.55 9.56 18.35
CA ALA C 53 9.07 8.73 19.44
C ALA C 53 8.27 7.44 19.57
N LEU C 54 6.97 7.54 19.40
CA LEU C 54 6.06 6.40 19.49
C LEU C 54 6.30 5.36 18.41
N VAL C 55 6.31 5.81 17.16
CA VAL C 55 6.48 4.91 16.04
C VAL C 55 7.90 4.37 15.89
N GLU C 56 8.91 5.17 16.21
CA GLU C 56 10.29 4.71 16.08
C GLU C 56 10.68 3.79 17.23
N ALA C 57 9.85 3.77 18.27
CA ALA C 57 10.09 2.90 19.41
C ALA C 57 10.05 1.45 18.96
N LEU C 58 9.13 1.16 18.06
CA LEU C 58 8.96 -0.17 17.52
C LEU C 58 10.22 -0.64 16.74
N PRO C 59 10.75 0.15 15.76
CA PRO C 59 11.98 -0.22 15.05
C PRO C 59 13.15 -0.43 16.00
N ILE C 60 13.26 0.42 17.02
CA ILE C 60 14.33 0.30 18.00
C ILE C 60 14.23 -1.04 18.74
N ILE C 61 13.03 -1.37 19.19
CA ILE C 61 12.79 -2.62 19.92
C ILE C 61 13.09 -3.84 19.03
N GLY C 62 12.60 -3.80 17.80
CA GLY C 62 12.81 -4.91 16.88
C GLY C 62 14.27 -5.13 16.56
N VAL C 63 15.01 -4.06 16.32
CA VAL C 63 16.43 -4.15 16.02
C VAL C 63 17.21 -4.72 17.20
N VAL C 64 16.92 -4.22 18.40
CA VAL C 64 17.59 -4.69 19.61
C VAL C 64 17.31 -6.16 19.87
N PHE C 65 16.04 -6.55 19.75
CA PHE C 65 15.65 -7.95 19.96
C PHE C 65 16.30 -8.87 18.94
N SER C 66 16.36 -8.45 17.68
CA SER C 66 16.98 -9.24 16.63
C SER C 66 18.47 -9.44 16.94
N PHE C 67 19.10 -8.36 17.40
CA PHE C 67 20.51 -8.39 17.76
C PHE C 67 20.75 -9.41 18.87
N ILE C 68 19.92 -9.36 19.91
CA ILE C 68 20.04 -10.29 21.04
C ILE C 68 19.78 -11.73 20.62
N TYR C 69 18.78 -11.95 19.76
CA TYR C 69 18.44 -13.30 19.29
C TYR C 69 19.65 -13.93 18.59
N LEU C 70 20.34 -13.13 17.78
CA LEU C 70 21.53 -13.62 17.09
C LEU C 70 22.70 -13.75 18.06
N GLY C 71 22.83 -12.75 18.93
CA GLY C 71 23.89 -12.73 19.92
C GLY C 71 23.79 -13.86 20.94
N ARG C 72 22.59 -14.16 21.39
CA ARG C 72 22.37 -15.21 22.36
C ARG C 72 21.51 -16.33 21.78
N MET D 1 18.16 -23.15 14.87
CA MET D 1 17.46 -22.10 15.66
C MET D 1 17.30 -20.83 14.84
N HIS D 2 17.90 -20.83 13.65
CA HIS D 2 17.83 -19.68 12.75
C HIS D 2 16.40 -19.40 12.30
N LEU D 3 15.65 -20.47 12.04
CA LEU D 3 14.25 -20.33 11.61
C LEU D 3 13.43 -19.65 12.70
N GLY D 4 13.69 -20.01 13.95
CA GLY D 4 12.98 -19.39 15.07
C GLY D 4 13.26 -17.90 15.14
N VAL D 5 14.53 -17.53 14.92
CA VAL D 5 14.93 -16.14 14.94
C VAL D 5 14.17 -15.38 13.85
N LEU D 6 14.08 -15.99 12.67
CA LEU D 6 13.36 -15.40 11.54
C LEU D 6 11.89 -15.23 11.86
N ALA D 7 11.30 -16.21 12.56
CA ALA D 7 9.89 -16.15 12.90
C ALA D 7 9.60 -14.93 13.75
N ALA D 8 10.39 -14.74 14.79
CA ALA D 8 10.21 -13.58 15.65
C ALA D 8 10.59 -12.29 14.94
N ALA D 9 11.67 -12.36 14.16
CA ALA D 9 12.16 -11.21 13.43
C ALA D 9 11.14 -10.69 12.43
N ILE D 10 10.50 -11.59 11.69
CA ILE D 10 9.50 -11.18 10.73
C ILE D 10 8.22 -10.74 11.43
N ALA D 11 7.84 -11.43 12.51
CA ALA D 11 6.63 -11.07 13.25
C ALA D 11 6.74 -9.69 13.86
N VAL D 12 7.90 -9.42 14.45
CA VAL D 12 8.17 -8.13 15.05
C VAL D 12 8.28 -7.08 13.97
N GLY D 13 8.93 -7.44 12.86
CA GLY D 13 9.05 -6.52 11.76
C GLY D 13 7.68 -6.14 11.24
N LEU D 14 6.79 -7.13 11.19
CA LEU D 14 5.42 -6.92 10.76
C LEU D 14 4.67 -6.04 11.77
N GLY D 15 4.91 -6.32 13.06
CA GLY D 15 4.28 -5.55 14.12
C GLY D 15 4.73 -4.10 14.13
N ALA D 16 6.02 -3.89 13.97
CA ALA D 16 6.61 -2.56 13.94
C ALA D 16 6.14 -1.77 12.73
N LEU D 17 6.03 -2.45 11.60
CA LEU D 17 5.61 -1.81 10.36
C LEU D 17 4.14 -1.38 10.42
N GLY D 18 3.27 -2.33 10.78
CA GLY D 18 1.85 -2.03 10.84
C GLY D 18 1.48 -0.95 11.84
N ALA D 19 1.96 -1.08 13.06
CA ALA D 19 1.65 -0.08 14.07
C ALA D 19 2.44 1.19 13.82
N GLY D 20 3.60 1.06 13.18
CA GLY D 20 4.42 2.22 12.88
C GLY D 20 3.72 3.20 11.97
N ILE D 21 3.18 2.70 10.86
CA ILE D 21 2.47 3.58 9.93
C ILE D 21 1.09 3.95 10.45
N GLY D 22 0.43 2.99 11.10
CA GLY D 22 -0.89 3.24 11.65
C GLY D 22 -0.86 4.33 12.70
N ASN D 23 0.17 4.28 13.55
CA ASN D 23 0.33 5.25 14.62
C ASN D 23 0.89 6.57 14.09
N GLY D 24 1.78 6.51 13.10
CA GLY D 24 2.31 7.75 12.56
C GLY D 24 1.21 8.59 11.96
N LEU D 25 0.40 7.95 11.13
CA LEU D 25 -0.73 8.62 10.51
C LEU D 25 -1.79 8.99 11.54
N ILE D 26 -1.99 8.14 12.55
CA ILE D 26 -2.98 8.43 13.58
C ILE D 26 -2.61 9.71 14.32
N VAL D 27 -1.32 9.91 14.58
CA VAL D 27 -0.86 11.09 15.29
C VAL D 27 -0.97 12.34 14.43
N SER D 28 -0.41 12.30 13.22
CA SER D 28 -0.44 13.47 12.33
C SER D 28 -1.86 13.84 11.92
N ARG D 29 -2.70 12.84 11.65
CA ARG D 29 -4.08 13.11 11.26
C ARG D 29 -4.88 13.66 12.45
N THR D 30 -4.62 13.11 13.64
CA THR D 30 -5.27 13.59 14.85
C THR D 30 -4.94 15.05 15.03
N ILE D 31 -3.67 15.33 14.79
CA ILE D 31 -3.13 16.67 14.87
C ILE D 31 -3.78 17.57 13.80
N GLU D 32 -3.98 16.98 12.62
CA GLU D 32 -4.58 17.67 11.48
C GLU D 32 -5.98 18.18 11.81
N GLY D 33 -6.75 17.37 12.52
CA GLY D 33 -8.09 17.78 12.90
C GLY D 33 -8.10 19.02 13.77
N ILE D 34 -7.16 19.07 14.72
CA ILE D 34 -7.04 20.20 15.63
C ILE D 34 -6.75 21.49 14.87
N ALA D 35 -5.81 21.39 13.93
CA ALA D 35 -5.41 22.52 13.11
C ALA D 35 -6.54 23.02 12.22
N ARG D 36 -7.32 22.08 11.68
CA ARG D 36 -8.43 22.39 10.78
C ARG D 36 -9.45 23.33 11.43
N GLN D 37 -10.04 22.91 12.54
CA GLN D 37 -11.04 23.74 13.22
C GLN D 37 -10.78 23.83 14.73
N PRO D 38 -11.11 24.98 15.34
CA PRO D 38 -10.92 25.18 16.78
C PRO D 38 -11.97 24.44 17.62
N GLU D 39 -11.67 23.19 17.96
CA GLU D 39 -12.57 22.37 18.75
C GLU D 39 -11.87 21.92 20.03
N LEU D 40 -12.27 20.78 20.55
CA LEU D 40 -11.66 20.24 21.76
C LEU D 40 -10.28 19.68 21.42
N ARG D 41 -9.27 20.56 21.50
CA ARG D 41 -7.89 20.21 21.17
C ARG D 41 -7.35 19.02 21.99
N PRO D 42 -7.45 19.04 23.34
CA PRO D 42 -6.94 17.93 24.17
C PRO D 42 -7.69 16.62 23.95
N VAL D 43 -8.99 16.72 23.66
CA VAL D 43 -9.82 15.54 23.43
C VAL D 43 -9.39 14.77 22.18
N LEU D 44 -9.09 15.50 21.10
CA LEU D 44 -8.67 14.86 19.85
C LEU D 44 -7.42 14.01 20.06
N GLN D 45 -6.41 14.60 20.68
CA GLN D 45 -5.16 13.88 20.95
C GLN D 45 -5.38 12.77 21.97
N THR D 46 -6.28 12.97 22.93
CA THR D 46 -6.57 11.93 23.94
C THR D 46 -7.12 10.66 23.26
N THR D 47 -8.08 10.85 22.36
CA THR D 47 -8.64 9.72 21.61
C THR D 47 -7.53 9.09 20.79
N MET D 48 -6.65 9.94 20.27
CA MET D 48 -5.49 9.50 19.50
C MET D 48 -4.63 8.57 20.35
N PHE D 49 -4.38 8.96 21.60
CA PHE D 49 -3.56 8.16 22.51
C PHE D 49 -4.18 6.79 22.79
N ILE D 50 -5.50 6.74 22.97
CA ILE D 50 -6.15 5.45 23.20
C ILE D 50 -6.02 4.61 21.93
N GLY D 51 -6.02 5.29 20.78
CA GLY D 51 -5.83 4.63 19.51
C GLY D 51 -4.47 3.99 19.44
N VAL D 52 -3.49 4.72 19.98
CA VAL D 52 -2.11 4.25 20.05
C VAL D 52 -2.04 2.98 20.88
N ALA D 53 -2.73 3.00 22.01
CA ALA D 53 -2.79 1.86 22.92
C ALA D 53 -3.45 0.65 22.22
N LEU D 54 -4.49 0.95 21.45
CA LEU D 54 -5.24 -0.08 20.73
C LEU D 54 -4.40 -0.79 19.67
N VAL D 55 -3.79 0.00 18.80
CA VAL D 55 -3.00 -0.55 17.71
C VAL D 55 -1.68 -1.17 18.15
N GLU D 56 -1.04 -0.59 19.16
CA GLU D 56 0.24 -1.12 19.63
C GLU D 56 0.05 -2.37 20.48
N ALA D 57 -1.19 -2.61 20.89
CA ALA D 57 -1.51 -3.79 21.69
C ALA D 57 -1.21 -5.03 20.87
N LEU D 58 -1.52 -4.96 19.58
CA LEU D 58 -1.29 -6.06 18.67
C LEU D 58 0.20 -6.40 18.55
N PRO D 59 1.11 -5.42 18.25
CA PRO D 59 2.56 -5.69 18.20
C PRO D 59 3.08 -6.28 19.50
N ILE D 60 2.59 -5.77 20.63
CA ILE D 60 3.01 -6.28 21.93
C ILE D 60 2.65 -7.76 22.07
N ILE D 61 1.40 -8.08 21.73
CA ILE D 61 0.91 -9.46 21.83
C ILE D 61 1.71 -10.39 20.91
N GLY D 62 1.91 -9.96 19.66
CA GLY D 62 2.64 -10.76 18.70
C GLY D 62 4.07 -11.04 19.12
N VAL D 63 4.75 -10.00 19.64
CA VAL D 63 6.13 -10.14 20.07
C VAL D 63 6.23 -11.11 21.26
N VAL D 64 5.33 -10.94 22.23
CA VAL D 64 5.31 -11.80 23.42
C VAL D 64 5.03 -13.26 23.05
N PHE D 65 4.05 -13.47 22.18
CA PHE D 65 3.69 -14.82 21.74
C PHE D 65 4.84 -15.47 20.98
N SER D 66 5.51 -14.71 20.12
CA SER D 66 6.63 -15.23 19.35
C SER D 66 7.76 -15.65 20.29
N PHE D 67 7.99 -14.82 21.32
CA PHE D 67 9.00 -15.09 22.32
C PHE D 67 8.71 -16.41 23.04
N ILE D 68 7.46 -16.58 23.47
CA ILE D 68 7.06 -17.79 24.16
C ILE D 68 7.14 -19.03 23.25
N TYR D 69 6.74 -18.89 21.99
CA TYR D 69 6.79 -20.01 21.05
C TYR D 69 8.22 -20.51 20.90
N LEU D 70 9.17 -19.60 20.84
CA LEU D 70 10.58 -19.97 20.74
C LEU D 70 11.09 -20.49 22.08
N GLY D 71 10.69 -19.80 23.15
CA GLY D 71 11.09 -20.18 24.50
C GLY D 71 10.56 -21.53 24.94
N ARG D 72 9.31 -21.83 24.59
CA ARG D 72 8.70 -23.10 24.96
C ARG D 72 8.33 -23.91 23.72
N MET E 1 9.48 -28.09 14.43
CA MET E 1 8.41 -27.25 15.03
C MET E 1 8.61 -25.78 14.64
N HIS E 2 9.73 -25.50 13.99
CA HIS E 2 10.05 -24.14 13.57
C HIS E 2 9.04 -23.60 12.56
N LEU E 3 8.59 -24.47 11.65
CA LEU E 3 7.62 -24.09 10.65
C LEU E 3 6.31 -23.67 11.30
N GLY E 4 5.91 -24.39 12.35
CA GLY E 4 4.70 -24.05 13.08
C GLY E 4 4.79 -22.68 13.71
N VAL E 5 5.96 -22.39 14.28
CA VAL E 5 6.22 -21.10 14.91
C VAL E 5 6.08 -20.00 13.87
N LEU E 6 6.64 -20.23 12.69
CA LEU E 6 6.56 -19.28 11.58
C LEU E 6 5.12 -19.07 11.14
N ALA E 7 4.34 -20.14 11.12
CA ALA E 7 2.94 -20.06 10.69
C ALA E 7 2.17 -19.11 11.60
N ALA E 8 2.31 -19.29 12.90
CA ALA E 8 1.63 -18.42 13.85
C ALA E 8 2.25 -17.02 13.85
N ALA E 9 3.57 -16.97 13.73
CA ALA E 9 4.30 -15.70 13.73
C ALA E 9 3.89 -14.83 12.55
N ILE E 10 3.78 -15.42 11.37
CA ILE E 10 3.39 -14.64 10.21
C ILE E 10 1.90 -14.30 10.25
N ALA E 11 1.07 -15.24 10.74
CA ALA E 11 -0.36 -14.99 10.82
C ALA E 11 -0.68 -13.86 11.78
N VAL E 12 -0.01 -13.89 12.93
CA VAL E 12 -0.17 -12.85 13.94
C VAL E 12 0.41 -11.55 13.42
N GLY E 13 1.55 -11.64 12.74
CA GLY E 13 2.17 -10.46 12.18
C GLY E 13 1.23 -9.82 11.18
N LEU E 14 0.56 -10.66 10.40
CA LEU E 14 -0.41 -10.20 9.41
C LEU E 14 -1.62 -9.58 10.12
N GLY E 15 -2.06 -10.24 11.19
CA GLY E 15 -3.19 -9.75 11.96
C GLY E 15 -2.91 -8.41 12.61
N ALA E 16 -1.73 -8.30 13.21
CA ALA E 16 -1.30 -7.07 13.87
C ALA E 16 -1.15 -5.92 12.89
N LEU E 17 -0.60 -6.24 11.72
CA LEU E 17 -0.39 -5.24 10.69
C LEU E 17 -1.70 -4.71 10.12
N GLY E 18 -2.57 -5.62 9.70
CA GLY E 18 -3.83 -5.22 9.10
C GLY E 18 -4.72 -4.44 10.04
N ALA E 19 -4.94 -4.96 11.24
CA ALA E 19 -5.78 -4.27 12.19
C ALA E 19 -5.06 -3.06 12.77
N GLY E 20 -3.74 -3.11 12.81
CA GLY E 20 -2.96 -2.00 13.32
C GLY E 20 -3.15 -0.74 12.51
N ILE E 21 -3.01 -0.84 11.19
CA ILE E 21 -3.19 0.33 10.34
C ILE E 21 -4.67 0.66 10.16
N GLY E 22 -5.51 -0.37 10.07
CA GLY E 22 -6.94 -0.16 9.92
C GLY E 22 -7.52 0.57 11.12
N ASN E 23 -7.08 0.19 12.30
CA ASN E 23 -7.55 0.80 13.54
C ASN E 23 -6.89 2.15 13.78
N GLY E 24 -5.62 2.28 13.42
CA GLY E 24 -4.96 3.57 13.61
C GLY E 24 -5.66 4.65 12.81
N LEU E 25 -5.89 4.36 11.55
CA LEU E 25 -6.58 5.29 10.67
C LEU E 25 -8.04 5.44 11.07
N ILE E 26 -8.66 4.36 11.54
CA ILE E 26 -10.06 4.44 11.95
C ILE E 26 -10.23 5.41 13.12
N VAL E 27 -9.26 5.41 14.04
CA VAL E 27 -9.31 6.28 15.20
C VAL E 27 -9.04 7.73 14.82
N SER E 28 -7.94 7.98 14.10
CA SER E 28 -7.58 9.35 13.72
C SER E 28 -8.61 9.96 12.77
N ARG E 29 -9.13 9.16 11.83
CA ARG E 29 -10.14 9.67 10.89
C ARG E 29 -11.45 9.93 11.61
N THR E 30 -11.81 9.04 12.54
CA THR E 30 -13.03 9.22 13.34
C THR E 30 -12.92 10.52 14.07
N ILE E 31 -11.74 10.74 14.62
CA ILE E 31 -11.40 11.94 15.35
C ILE E 31 -11.47 13.16 14.41
N GLU E 32 -11.00 12.96 13.19
CA GLU E 32 -10.97 14.01 12.15
C GLU E 32 -12.37 14.53 11.87
N GLY E 33 -13.35 13.63 11.80
CA GLY E 33 -14.72 14.05 11.55
C GLY E 33 -15.25 14.98 12.63
N ILE E 34 -14.94 14.67 13.89
CA ILE E 34 -15.38 15.47 15.03
C ILE E 34 -14.82 16.88 14.93
N ALA E 35 -13.53 16.97 14.62
CA ALA E 35 -12.85 18.25 14.49
C ALA E 35 -13.40 19.08 13.34
N ARG E 36 -13.72 18.41 12.23
CA ARG E 36 -14.23 19.07 11.03
C ARG E 36 -15.50 19.88 11.30
N GLN E 37 -16.55 19.22 11.79
CA GLN E 37 -17.81 19.90 12.08
C GLN E 37 -18.36 19.54 13.45
N PRO E 38 -19.03 20.49 14.13
CA PRO E 38 -19.63 20.26 15.45
C PRO E 38 -20.90 19.41 15.37
N GLU E 39 -20.73 18.10 15.43
CA GLU E 39 -21.85 17.18 15.37
C GLU E 39 -21.88 16.32 16.63
N LEU E 40 -22.42 15.11 16.51
CA LEU E 40 -22.47 14.20 17.64
C LEU E 40 -21.09 13.63 17.91
N ARG E 41 -20.32 14.34 18.74
CA ARG E 41 -18.95 13.97 19.07
C ARG E 41 -18.82 12.55 19.66
N PRO E 42 -19.61 12.19 20.71
CA PRO E 42 -19.51 10.85 21.31
C PRO E 42 -19.96 9.74 20.36
N VAL E 43 -20.92 10.04 19.50
CA VAL E 43 -21.45 9.06 18.55
C VAL E 43 -20.38 8.64 17.54
N LEU E 44 -19.62 9.61 17.02
CA LEU E 44 -18.58 9.33 16.04
C LEU E 44 -17.56 8.33 16.59
N GLN E 45 -17.05 8.62 17.78
CA GLN E 45 -16.07 7.74 18.42
C GLN E 45 -16.71 6.40 18.80
N THR E 46 -17.99 6.41 19.19
CA THR E 46 -18.68 5.16 19.55
C THR E 46 -18.72 4.20 18.36
N THR E 47 -19.09 4.72 17.18
CA THR E 47 -19.12 3.91 15.96
C THR E 47 -17.69 3.44 15.67
N MET E 48 -16.74 4.32 15.96
CA MET E 48 -15.32 4.01 15.79
C MET E 48 -14.95 2.80 16.64
N PHE E 49 -15.41 2.78 17.89
CA PHE E 49 -15.13 1.68 18.81
C PHE E 49 -15.70 0.37 18.32
N ILE E 50 -16.93 0.39 17.78
CA ILE E 50 -17.51 -0.85 17.26
C ILE E 50 -16.70 -1.29 16.04
N GLY E 51 -16.15 -0.32 15.32
CA GLY E 51 -15.29 -0.61 14.18
C GLY E 51 -14.05 -1.33 14.64
N VAL E 52 -13.53 -0.89 15.78
CA VAL E 52 -12.36 -1.48 16.40
C VAL E 52 -12.64 -2.93 16.73
N ALA E 53 -13.82 -3.17 17.31
CA ALA E 53 -14.25 -4.52 17.66
C ALA E 53 -14.39 -5.40 16.43
N LEU E 54 -14.89 -4.80 15.36
CA LEU E 54 -15.10 -5.51 14.09
C LEU E 54 -13.79 -5.95 13.45
N VAL E 55 -12.87 -5.02 13.28
CA VAL E 55 -11.61 -5.31 12.63
C VAL E 55 -10.65 -6.14 13.49
N GLU E 56 -10.66 -5.95 14.80
CA GLU E 56 -9.77 -6.71 15.67
C GLU E 56 -10.29 -8.13 15.90
N ALA E 57 -11.55 -8.35 15.53
CA ALA E 57 -12.14 -9.67 15.66
C ALA E 57 -11.39 -10.66 14.78
N LEU E 58 -10.99 -10.19 13.61
CA LEU E 58 -10.26 -11.00 12.66
C LEU E 58 -8.89 -11.43 13.22
N PRO E 59 -8.03 -10.50 13.73
CA PRO E 59 -6.74 -10.87 14.34
C PRO E 59 -6.93 -11.86 15.49
N ILE E 60 -7.96 -11.66 16.31
CA ILE E 60 -8.23 -12.55 17.42
C ILE E 60 -8.52 -13.97 16.92
N ILE E 61 -9.40 -14.07 15.92
CA ILE E 61 -9.77 -15.35 15.34
C ILE E 61 -8.56 -16.05 14.71
N GLY E 62 -7.77 -15.30 13.95
CA GLY E 62 -6.60 -15.87 13.31
C GLY E 62 -5.57 -16.38 14.29
N VAL E 63 -5.32 -15.62 15.35
CA VAL E 63 -4.36 -16.01 16.36
C VAL E 63 -4.82 -17.27 17.09
N VAL E 64 -6.10 -17.31 17.48
CA VAL E 64 -6.66 -18.47 18.17
C VAL E 64 -6.61 -19.73 17.29
N PHE E 65 -7.00 -19.58 16.03
CA PHE E 65 -6.99 -20.71 15.10
C PHE E 65 -5.58 -21.23 14.88
N SER E 66 -4.61 -20.32 14.74
CA SER E 66 -3.22 -20.70 14.54
C SER E 66 -2.71 -21.48 15.75
N PHE E 67 -3.09 -21.00 16.93
CA PHE E 67 -2.72 -21.65 18.19
C PHE E 67 -3.24 -23.08 18.23
N ILE E 68 -4.52 -23.25 17.90
CA ILE E 68 -5.16 -24.56 17.90
C ILE E 68 -4.52 -25.48 16.85
N TYR E 69 -4.24 -24.95 15.65
CA TYR E 69 -3.63 -25.75 14.58
C TYR E 69 -2.30 -26.33 15.04
N LEU E 70 -1.51 -25.53 15.75
CA LEU E 70 -0.23 -26.00 16.27
C LEU E 70 -0.45 -26.93 17.46
N GLY E 71 -1.39 -26.54 18.32
CA GLY E 71 -1.71 -27.32 19.51
C GLY E 71 -2.30 -28.68 19.20
N ARG E 72 -3.17 -28.75 18.20
CA ARG E 72 -3.80 -30.01 17.82
C ARG E 72 -3.42 -30.39 16.39
N MET F 1 2.60 -31.82 8.19
CA MET F 1 1.33 -31.08 8.38
C MET F 1 1.59 -29.60 8.60
N HIS F 2 2.87 -29.25 8.73
CA HIS F 2 3.27 -27.88 8.95
C HIS F 2 2.89 -26.98 7.78
N LEU F 3 3.03 -27.51 6.56
CA LEU F 3 2.68 -26.75 5.36
C LEU F 3 1.20 -26.41 5.35
N GLY F 4 0.37 -27.36 5.79
CA GLY F 4 -1.06 -27.13 5.86
C GLY F 4 -1.40 -26.01 6.83
N VAL F 5 -0.70 -26.01 7.97
CA VAL F 5 -0.90 -24.99 8.98
C VAL F 5 -0.56 -23.63 8.40
N LEU F 6 0.54 -23.57 7.65
CA LEU F 6 0.98 -22.33 7.00
C LEU F 6 -0.04 -21.86 5.97
N ALA F 7 -0.63 -22.81 5.24
CA ALA F 7 -1.62 -22.46 4.22
C ALA F 7 -2.80 -21.74 4.83
N ALA F 8 -3.34 -22.31 5.91
CA ALA F 8 -4.46 -21.68 6.59
C ALA F 8 -4.02 -20.42 7.30
N ALA F 9 -2.84 -20.46 7.91
CA ALA F 9 -2.31 -19.32 8.65
C ALA F 9 -2.10 -18.11 7.76
N ILE F 10 -1.55 -18.32 6.56
CA ILE F 10 -1.34 -17.20 5.65
C ILE F 10 -2.66 -16.75 5.03
N ALA F 11 -3.55 -17.70 4.73
CA ALA F 11 -4.84 -17.36 4.14
C ALA F 11 -5.68 -16.52 5.10
N VAL F 12 -5.69 -16.94 6.35
CA VAL F 12 -6.42 -16.22 7.39
C VAL F 12 -5.75 -14.90 7.65
N GLY F 13 -4.41 -14.89 7.66
CA GLY F 13 -3.68 -13.67 7.86
C GLY F 13 -4.01 -12.68 6.77
N LEU F 14 -4.13 -13.20 5.54
CA LEU F 14 -4.49 -12.38 4.40
C LEU F 14 -5.92 -11.87 4.52
N GLY F 15 -6.81 -12.76 4.98
CA GLY F 15 -8.20 -12.41 5.17
C GLY F 15 -8.38 -11.34 6.25
N ALA F 16 -7.68 -11.52 7.35
CA ALA F 16 -7.74 -10.59 8.47
C ALA F 16 -7.18 -9.23 8.09
N LEU F 17 -6.09 -9.25 7.33
CA LEU F 17 -5.45 -8.01 6.91
C LEU F 17 -6.31 -7.22 5.93
N GLY F 18 -6.77 -7.89 4.88
CA GLY F 18 -7.58 -7.22 3.87
C GLY F 18 -8.88 -6.66 4.41
N ALA F 19 -9.65 -7.47 5.12
CA ALA F 19 -10.91 -6.99 5.67
C ALA F 19 -10.66 -6.08 6.85
N GLY F 20 -9.54 -6.28 7.54
CA GLY F 20 -9.22 -5.44 8.68
C GLY F 20 -9.05 -3.98 8.30
N ILE F 21 -8.25 -3.71 7.27
CA ILE F 21 -8.05 -2.33 6.83
C ILE F 21 -9.25 -1.83 6.04
N GLY F 22 -9.85 -2.71 5.24
CA GLY F 22 -11.00 -2.32 4.45
C GLY F 22 -12.17 -1.91 5.33
N ASN F 23 -12.36 -2.65 6.41
CA ASN F 23 -13.44 -2.39 7.35
C ASN F 23 -13.09 -1.23 8.29
N GLY F 24 -11.83 -1.12 8.67
CA GLY F 24 -11.45 -0.02 9.54
C GLY F 24 -11.71 1.31 8.86
N LEU F 25 -11.24 1.41 7.63
CA LEU F 25 -11.45 2.62 6.85
C LEU F 25 -12.91 2.79 6.48
N ILE F 26 -13.61 1.69 6.22
CA ILE F 26 -15.03 1.79 5.87
C ILE F 26 -15.82 2.40 7.02
N VAL F 27 -15.47 2.02 8.25
CA VAL F 27 -16.16 2.54 9.41
C VAL F 27 -15.83 4.01 9.68
N SER F 28 -14.54 4.34 9.73
CA SER F 28 -14.13 5.73 10.00
C SER F 28 -14.56 6.67 8.89
N ARG F 29 -14.48 6.24 7.63
CA ARG F 29 -14.90 7.07 6.51
C ARG F 29 -16.41 7.25 6.51
N THR F 30 -17.13 6.17 6.81
CA THR F 30 -18.58 6.23 6.89
C THR F 30 -18.98 7.25 7.93
N ILE F 31 -18.24 7.19 9.03
CA ILE F 31 -18.41 8.10 10.15
C ILE F 31 -18.07 9.53 9.72
N GLU F 32 -17.02 9.65 8.90
CA GLU F 32 -16.54 10.94 8.39
C GLU F 32 -17.63 11.64 7.60
N GLY F 33 -18.38 10.90 6.80
CA GLY F 33 -19.45 11.51 6.01
C GLY F 33 -20.52 12.13 6.88
N ILE F 34 -20.87 11.45 7.96
CA ILE F 34 -21.88 11.94 8.90
C ILE F 34 -21.45 13.25 9.53
N ALA F 35 -20.20 13.30 9.97
CA ALA F 35 -19.63 14.48 10.58
C ALA F 35 -19.56 15.66 9.61
N ARG F 36 -19.22 15.38 8.36
CA ARG F 36 -19.09 16.41 7.33
C ARG F 36 -20.37 17.22 7.14
N GLN F 37 -21.47 16.55 6.81
CA GLN F 37 -22.74 17.25 6.60
C GLN F 37 -23.90 16.56 7.33
N PRO F 38 -24.89 17.34 7.81
CA PRO F 38 -26.06 16.80 8.51
C PRO F 38 -27.05 16.14 7.56
N GLU F 39 -26.85 14.86 7.30
CA GLU F 39 -27.72 14.09 6.41
C GLU F 39 -28.33 12.92 7.16
N LEU F 40 -28.64 11.85 6.44
CA LEU F 40 -29.22 10.66 7.05
C LEU F 40 -28.12 9.91 7.80
N ARG F 41 -27.94 10.28 9.08
CA ARG F 41 -26.92 9.70 9.93
C ARG F 41 -27.01 8.15 10.05
N PRO F 42 -28.20 7.59 10.40
CA PRO F 42 -28.34 6.13 10.53
C PRO F 42 -28.15 5.39 9.21
N VAL F 43 -28.56 6.01 8.12
CA VAL F 43 -28.46 5.41 6.79
C VAL F 43 -27.00 5.19 6.38
N LEU F 44 -26.15 6.19 6.64
CA LEU F 44 -24.74 6.10 6.30
C LEU F 44 -24.08 4.90 6.96
N GLN F 45 -24.27 4.78 8.27
CA GLN F 45 -23.70 3.66 9.03
C GLN F 45 -24.36 2.34 8.62
N THR F 46 -25.65 2.36 8.27
CA THR F 46 -26.34 1.14 7.85
C THR F 46 -25.70 0.57 6.58
N THR F 47 -25.44 1.43 5.60
CA THR F 47 -24.80 1.02 4.36
C THR F 47 -23.40 0.51 4.71
N MET F 48 -22.78 1.18 5.69
CA MET F 48 -21.46 0.79 6.17
C MET F 48 -21.50 -0.65 6.69
N PHE F 49 -22.53 -0.98 7.47
CA PHE F 49 -22.69 -2.32 8.04
C PHE F 49 -22.85 -3.38 6.96
N ILE F 50 -23.61 -3.08 5.90
CA ILE F 50 -23.76 -4.05 4.82
C ILE F 50 -22.42 -4.21 4.12
N GLY F 51 -21.64 -3.12 4.10
CA GLY F 51 -20.30 -3.16 3.53
C GLY F 51 -19.42 -4.09 4.32
N VAL F 52 -19.60 -4.05 5.64
CA VAL F 52 -18.87 -4.91 6.57
C VAL F 52 -19.18 -6.36 6.25
N ALA F 53 -20.48 -6.64 6.05
CA ALA F 53 -20.95 -7.98 5.72
C ALA F 53 -20.36 -8.45 4.40
N LEU F 54 -20.29 -7.53 3.45
CA LEU F 54 -19.77 -7.82 2.11
C LEU F 54 -18.29 -8.19 2.12
N VAL F 55 -17.48 -7.33 2.73
CA VAL F 55 -16.05 -7.55 2.76
C VAL F 55 -15.61 -8.68 3.69
N GLU F 56 -16.30 -8.87 4.80
CA GLU F 56 -15.93 -9.93 5.74
C GLU F 56 -16.40 -11.30 5.23
N ALA F 57 -17.28 -11.29 4.24
CA ALA F 57 -17.76 -12.52 3.64
C ALA F 57 -16.60 -13.29 3.04
N LEU F 58 -15.70 -12.53 2.42
CA LEU F 58 -14.52 -13.11 1.78
C LEU F 58 -13.61 -13.82 2.80
N PRO F 59 -13.20 -13.16 3.94
CA PRO F 59 -12.40 -13.82 4.97
C PRO F 59 -13.07 -15.07 5.51
N ILE F 60 -14.38 -15.01 5.71
CA ILE F 60 -15.13 -16.16 6.22
C ILE F 60 -15.03 -17.33 5.24
N ILE F 61 -15.25 -17.06 3.96
CA ILE F 61 -15.18 -18.07 2.92
C ILE F 61 -13.78 -18.69 2.82
N GLY F 62 -12.77 -17.83 2.82
CA GLY F 62 -11.39 -18.29 2.72
C GLY F 62 -10.99 -19.17 3.90
N VAL F 63 -11.37 -18.76 5.10
CA VAL F 63 -11.04 -19.52 6.31
C VAL F 63 -11.72 -20.90 6.29
N VAL F 64 -13.00 -20.92 5.93
CA VAL F 64 -13.77 -22.16 5.86
C VAL F 64 -13.19 -23.11 4.82
N PHE F 65 -12.89 -22.58 3.64
CA PHE F 65 -12.33 -23.39 2.56
C PHE F 65 -10.96 -23.95 2.94
N SER F 66 -10.14 -23.14 3.59
CA SER F 66 -8.81 -23.58 4.01
C SER F 66 -8.95 -24.73 5.02
N PHE F 67 -9.91 -24.58 5.93
CA PHE F 67 -10.18 -25.58 6.95
C PHE F 67 -10.57 -26.90 6.30
N ILE F 68 -11.47 -26.84 5.32
CA ILE F 68 -11.93 -28.04 4.61
C ILE F 68 -10.79 -28.68 3.80
N TYR F 69 -9.97 -27.86 3.15
CA TYR F 69 -8.86 -28.37 2.35
C TYR F 69 -7.91 -29.19 3.22
N LEU F 70 -7.65 -28.69 4.43
CA LEU F 70 -6.79 -29.42 5.37
C LEU F 70 -7.53 -30.62 5.94
N GLY F 71 -8.80 -30.41 6.29
CA GLY F 71 -9.63 -31.46 6.85
C GLY F 71 -9.88 -32.62 5.90
N ARG F 72 -10.10 -32.31 4.63
CA ARG F 72 -10.37 -33.33 3.63
C ARG F 72 -9.28 -33.32 2.55
N MET G 1 0.16 -32.93 -1.47
CA MET G 1 -1.09 -32.16 -1.74
C MET G 1 -1.08 -30.84 -0.99
N HIS G 2 -0.07 -30.67 -0.14
CA HIS G 2 0.07 -29.45 0.66
C HIS G 2 0.28 -28.22 -0.22
N LEU G 3 1.06 -28.39 -1.30
CA LEU G 3 1.33 -27.29 -2.22
C LEU G 3 0.04 -26.82 -2.88
N GLY G 4 -0.82 -27.78 -3.23
CA GLY G 4 -2.11 -27.44 -3.83
C GLY G 4 -2.97 -26.62 -2.88
N VAL G 5 -2.95 -27.00 -1.61
CA VAL G 5 -3.71 -26.30 -0.58
C VAL G 5 -3.20 -24.87 -0.48
N LEU G 6 -1.88 -24.70 -0.51
CA LEU G 6 -1.26 -23.38 -0.45
C LEU G 6 -1.64 -22.54 -1.66
N ALA G 7 -1.70 -23.18 -2.83
CA ALA G 7 -2.05 -22.46 -4.05
C ALA G 7 -3.42 -21.83 -3.95
N ALA G 8 -4.40 -22.63 -3.52
CA ALA G 8 -5.75 -22.11 -3.35
C ALA G 8 -5.83 -21.16 -2.17
N ALA G 9 -5.12 -21.49 -1.10
CA ALA G 9 -5.11 -20.67 0.11
C ALA G 9 -4.56 -19.28 -0.16
N ILE G 10 -3.46 -19.18 -0.90
CA ILE G 10 -2.89 -17.89 -1.21
C ILE G 10 -3.74 -17.16 -2.25
N ALA G 11 -4.28 -17.88 -3.22
CA ALA G 11 -5.11 -17.26 -4.25
C ALA G 11 -6.37 -16.65 -3.65
N VAL G 12 -6.99 -17.40 -2.76
CA VAL G 12 -8.20 -16.96 -2.08
C VAL G 12 -7.85 -15.82 -1.14
N GLY G 13 -6.71 -15.96 -0.46
CA GLY G 13 -6.26 -14.92 0.44
C GLY G 13 -6.05 -13.63 -0.32
N LEU G 14 -5.48 -13.76 -1.52
CA LEU G 14 -5.26 -12.62 -2.40
C LEU G 14 -6.59 -12.04 -2.86
N GLY G 15 -7.52 -12.92 -3.21
CA GLY G 15 -8.84 -12.51 -3.66
C GLY G 15 -9.62 -11.79 -2.58
N ALA G 16 -9.57 -12.33 -1.37
CA ALA G 16 -10.25 -11.76 -0.21
C ALA G 16 -9.67 -10.42 0.16
N LEU G 17 -8.35 -10.31 0.09
CA LEU G 17 -7.66 -9.08 0.45
C LEU G 17 -7.96 -7.96 -0.55
N GLY G 18 -7.77 -8.25 -1.84
CA GLY G 18 -7.99 -7.24 -2.86
C GLY G 18 -9.42 -6.74 -2.92
N ALA G 19 -10.38 -7.64 -2.98
CA ALA G 19 -11.77 -7.23 -3.03
C ALA G 19 -12.23 -6.71 -1.67
N GLY G 20 -11.61 -7.21 -0.61
CA GLY G 20 -11.97 -6.77 0.73
C GLY G 20 -11.72 -5.29 0.94
N ILE G 21 -10.53 -4.81 0.59
CA ILE G 21 -10.22 -3.39 0.73
C ILE G 21 -10.87 -2.57 -0.36
N GLY G 22 -10.92 -3.12 -1.58
CA GLY G 22 -11.54 -2.41 -2.68
C GLY G 22 -13.01 -2.16 -2.44
N ASN G 23 -13.68 -3.15 -1.89
CA ASN G 23 -15.10 -3.07 -1.59
C ASN G 23 -15.36 -2.27 -0.32
N GLY G 24 -14.49 -2.40 0.67
CA GLY G 24 -14.68 -1.63 1.89
C GLY G 24 -14.64 -0.15 1.60
N LEU G 25 -13.62 0.27 0.88
CA LEU G 25 -13.47 1.65 0.49
C LEU G 25 -14.55 2.07 -0.50
N ILE G 26 -14.94 1.16 -1.39
CA ILE G 26 -15.97 1.49 -2.36
C ILE G 26 -17.29 1.82 -1.66
N VAL G 27 -17.59 1.08 -0.59
CA VAL G 27 -18.83 1.30 0.16
C VAL G 27 -18.77 2.59 0.96
N SER G 28 -17.71 2.77 1.76
CA SER G 28 -17.59 3.98 2.60
C SER G 28 -17.46 5.24 1.76
N ARG G 29 -16.71 5.17 0.65
CA ARG G 29 -16.55 6.33 -0.21
C ARG G 29 -17.85 6.64 -0.93
N THR G 30 -18.55 5.60 -1.37
CA THR G 30 -19.85 5.78 -2.02
C THR G 30 -20.77 6.49 -1.08
N ILE G 31 -20.71 6.05 0.16
CA ILE G 31 -21.49 6.60 1.25
C ILE G 31 -21.07 8.06 1.50
N GLU G 32 -19.77 8.31 1.41
CA GLU G 32 -19.18 9.63 1.61
C GLU G 32 -19.76 10.64 0.63
N GLY G 33 -19.92 10.25 -0.62
CA GLY G 33 -20.49 11.14 -1.62
C GLY G 33 -21.89 11.60 -1.27
N ILE G 34 -22.70 10.66 -0.77
CA ILE G 34 -24.08 10.96 -0.38
C ILE G 34 -24.12 12.00 0.73
N ALA G 35 -23.27 11.80 1.73
CA ALA G 35 -23.18 12.69 2.87
C ALA G 35 -22.70 14.09 2.46
N ARG G 36 -21.75 14.13 1.54
CA ARG G 36 -21.19 15.40 1.07
C ARG G 36 -22.24 16.37 0.51
N GLN G 37 -22.97 15.92 -0.51
CA GLN G 37 -23.99 16.77 -1.11
C GLN G 37 -25.31 16.01 -1.32
N PRO G 38 -26.45 16.72 -1.20
CA PRO G 38 -27.78 16.12 -1.38
C PRO G 38 -28.08 15.86 -2.85
N GLU G 39 -27.71 14.68 -3.33
CA GLU G 39 -27.94 14.31 -4.72
C GLU G 39 -28.78 13.03 -4.77
N LEU G 40 -28.61 12.24 -5.83
CA LEU G 40 -29.33 10.99 -5.97
C LEU G 40 -28.73 9.95 -5.03
N ARG G 41 -29.25 9.93 -3.80
CA ARG G 41 -28.77 9.01 -2.76
C ARG G 41 -28.82 7.54 -3.16
N PRO G 42 -29.97 7.00 -3.65
CA PRO G 42 -30.06 5.60 -4.05
C PRO G 42 -29.18 5.25 -5.24
N VAL G 43 -29.01 6.20 -6.16
CA VAL G 43 -28.20 5.99 -7.36
C VAL G 43 -26.73 5.76 -7.00
N LEU G 44 -26.20 6.55 -6.07
CA LEU G 44 -24.80 6.42 -5.67
C LEU G 44 -24.50 5.02 -5.15
N GLN G 45 -25.32 4.56 -4.21
CA GLN G 45 -25.15 3.22 -3.65
C GLN G 45 -25.42 2.14 -4.70
N THR G 46 -26.35 2.38 -5.63
CA THR G 46 -26.65 1.41 -6.69
C THR G 46 -25.41 1.16 -7.55
N THR G 47 -24.75 2.25 -7.96
CA THR G 47 -23.53 2.14 -8.76
C THR G 47 -22.48 1.42 -7.92
N MET G 48 -22.48 1.72 -6.62
CA MET G 48 -21.59 1.07 -5.67
C MET G 48 -21.79 -0.45 -5.69
N PHE G 49 -23.05 -0.87 -5.69
CA PHE G 49 -23.38 -2.29 -5.70
C PHE G 49 -22.89 -2.98 -6.97
N ILE G 50 -23.03 -2.32 -8.12
CA ILE G 50 -22.55 -2.92 -9.36
C ILE G 50 -21.02 -3.00 -9.30
N GLY G 51 -20.41 -2.04 -8.59
CA GLY G 51 -18.98 -2.04 -8.39
C GLY G 51 -18.56 -3.24 -7.58
N VAL G 52 -19.40 -3.56 -6.60
CA VAL G 52 -19.18 -4.71 -5.72
C VAL G 52 -19.20 -5.98 -6.57
N ALA G 53 -20.18 -6.07 -7.47
CA ALA G 53 -20.32 -7.20 -8.36
C ALA G 53 -19.12 -7.33 -9.29
N LEU G 54 -18.63 -6.19 -9.75
CA LEU G 54 -17.49 -6.12 -10.65
C LEU G 54 -16.20 -6.62 -9.99
N VAL G 55 -15.87 -6.07 -8.84
CA VAL G 55 -14.64 -6.42 -8.15
C VAL G 55 -14.68 -7.81 -7.51
N GLU G 56 -15.83 -8.25 -7.01
CA GLU G 56 -15.91 -9.56 -6.40
C GLU G 56 -15.97 -10.68 -7.43
N ALA G 57 -16.21 -10.29 -8.69
CA ALA G 57 -16.24 -11.24 -9.78
C ALA G 57 -14.89 -11.91 -9.91
N LEU G 58 -13.84 -11.11 -9.72
CA LEU G 58 -12.47 -11.59 -9.81
C LEU G 58 -12.18 -12.64 -8.73
N PRO G 59 -12.44 -12.38 -7.42
CA PRO G 59 -12.23 -13.39 -6.36
C PRO G 59 -13.00 -14.67 -6.64
N ILE G 60 -14.24 -14.54 -7.12
CA ILE G 60 -15.06 -15.70 -7.44
C ILE G 60 -14.40 -16.56 -8.51
N ILE G 61 -13.95 -15.90 -9.58
CA ILE G 61 -13.30 -16.58 -10.70
C ILE G 61 -12.01 -17.27 -10.25
N GLY G 62 -11.19 -16.56 -9.48
CA GLY G 62 -9.94 -17.11 -9.00
C GLY G 62 -10.13 -18.32 -8.10
N VAL G 63 -11.09 -18.24 -7.19
CA VAL G 63 -11.38 -19.34 -6.27
C VAL G 63 -11.87 -20.58 -7.05
N VAL G 64 -12.78 -20.36 -7.99
CA VAL G 64 -13.33 -21.46 -8.79
C VAL G 64 -12.22 -22.12 -9.63
N PHE G 65 -11.39 -21.30 -10.28
CA PHE G 65 -10.31 -21.83 -11.11
C PHE G 65 -9.29 -22.60 -10.27
N SER G 66 -8.98 -22.09 -9.08
CA SER G 66 -8.03 -22.77 -8.19
C SER G 66 -8.59 -24.13 -7.78
N PHE G 67 -9.89 -24.15 -7.50
CA PHE G 67 -10.58 -25.37 -7.11
C PHE G 67 -10.49 -26.41 -8.22
N ILE G 68 -10.77 -25.99 -9.45
CA ILE G 68 -10.72 -26.88 -10.61
C ILE G 68 -9.29 -27.37 -10.88
N TYR G 69 -8.30 -26.48 -10.75
CA TYR G 69 -6.90 -26.86 -10.98
C TYR G 69 -6.49 -27.97 -10.03
N LEU G 70 -6.91 -27.88 -8.79
CA LEU G 70 -6.60 -28.92 -7.80
C LEU G 70 -7.46 -30.16 -8.06
N GLY G 71 -8.73 -29.93 -8.36
CA GLY G 71 -9.66 -31.01 -8.63
C GLY G 71 -9.31 -31.81 -9.88
N ARG G 72 -8.88 -31.13 -10.93
CA ARG G 72 -8.52 -31.80 -12.17
C ARG G 72 -7.05 -31.59 -12.50
N MET H 1 3.07 -30.98 -10.86
CA MET H 1 2.09 -30.05 -11.48
C MET H 1 1.63 -29.01 -10.48
N HIS H 2 2.06 -29.18 -9.23
CA HIS H 2 1.68 -28.26 -8.14
C HIS H 2 2.23 -26.86 -8.39
N LEU H 3 3.45 -26.80 -8.91
CA LEU H 3 4.09 -25.51 -9.21
C LEU H 3 3.29 -24.75 -10.26
N GLY H 4 2.79 -25.47 -11.26
CA GLY H 4 1.98 -24.84 -12.30
C GLY H 4 0.71 -24.25 -11.73
N VAL H 5 0.09 -24.99 -10.80
CA VAL H 5 -1.13 -24.54 -10.14
C VAL H 5 -0.85 -23.26 -9.38
N LEU H 6 0.29 -23.22 -8.69
CA LEU H 6 0.70 -22.03 -7.94
C LEU H 6 0.94 -20.85 -8.86
N ALA H 7 1.53 -21.12 -10.03
CA ALA H 7 1.81 -20.04 -10.98
C ALA H 7 0.54 -19.35 -11.41
N ALA H 8 -0.46 -20.13 -11.78
CA ALA H 8 -1.74 -19.56 -12.19
C ALA H 8 -2.47 -18.98 -10.98
N ALA H 9 -2.39 -19.67 -9.85
CA ALA H 9 -3.07 -19.23 -8.64
C ALA H 9 -2.54 -17.89 -8.16
N ILE H 10 -1.23 -17.69 -8.19
CA ILE H 10 -0.67 -16.42 -7.76
C ILE H 10 -0.91 -15.34 -8.80
N ALA H 11 -0.83 -15.70 -10.09
CA ALA H 11 -1.06 -14.72 -11.15
C ALA H 11 -2.47 -14.20 -11.13
N VAL H 12 -3.42 -15.12 -10.95
CA VAL H 12 -4.82 -14.77 -10.87
C VAL H 12 -5.08 -13.99 -9.59
N GLY H 13 -4.46 -14.43 -8.51
CA GLY H 13 -4.60 -13.74 -7.24
C GLY H 13 -4.11 -12.31 -7.38
N LEU H 14 -3.01 -12.14 -8.10
CA LEU H 14 -2.44 -10.83 -8.36
C LEU H 14 -3.38 -10.01 -9.24
N GLY H 15 -3.95 -10.67 -10.26
CA GLY H 15 -4.86 -10.01 -11.16
C GLY H 15 -6.13 -9.55 -10.46
N ALA H 16 -6.68 -10.43 -9.63
CA ALA H 16 -7.89 -10.14 -8.87
C ALA H 16 -7.66 -9.02 -7.87
N LEU H 17 -6.51 -9.04 -7.24
CA LEU H 17 -6.18 -8.04 -6.23
C LEU H 17 -6.00 -6.66 -6.86
N GLY H 18 -5.16 -6.58 -7.89
CA GLY H 18 -4.89 -5.30 -8.53
C GLY H 18 -6.12 -4.67 -9.15
N ALA H 19 -6.85 -5.41 -9.95
CA ALA H 19 -8.03 -4.87 -10.58
C ALA H 19 -9.16 -4.72 -9.57
N GLY H 20 -9.15 -5.56 -8.53
CA GLY H 20 -10.17 -5.49 -7.50
C GLY H 20 -10.16 -4.16 -6.77
N ILE H 21 -8.99 -3.73 -6.32
CA ILE H 21 -8.90 -2.45 -5.62
C ILE H 21 -8.95 -1.28 -6.59
N GLY H 22 -8.33 -1.45 -7.76
CA GLY H 22 -8.34 -0.40 -8.76
C GLY H 22 -9.75 -0.09 -9.23
N ASN H 23 -10.54 -1.14 -9.42
CA ASN H 23 -11.91 -0.99 -9.88
C ASN H 23 -12.83 -0.57 -8.74
N GLY H 24 -12.59 -1.06 -7.53
CA GLY H 24 -13.43 -0.66 -6.42
C GLY H 24 -13.34 0.83 -6.20
N LEU H 25 -12.12 1.33 -6.14
CA LEU H 25 -11.88 2.75 -5.97
C LEU H 25 -12.33 3.53 -7.19
N ILE H 26 -12.16 2.96 -8.39
CA ILE H 26 -12.56 3.65 -9.60
C ILE H 26 -14.08 3.90 -9.60
N VAL H 27 -14.84 2.91 -9.11
CA VAL H 27 -16.28 3.04 -9.06
C VAL H 27 -16.74 4.02 -7.99
N SER H 28 -16.25 3.86 -6.76
CA SER H 28 -16.65 4.76 -5.67
C SER H 28 -16.19 6.19 -5.91
N ARG H 29 -14.98 6.37 -6.44
CA ARG H 29 -14.47 7.71 -6.72
C ARG H 29 -15.25 8.35 -7.87
N THR H 30 -15.55 7.55 -8.90
CA THR H 30 -16.34 8.02 -10.02
C THR H 30 -17.66 8.52 -9.52
N ILE H 31 -18.22 7.74 -8.61
CA ILE H 31 -19.47 8.04 -7.96
C ILE H 31 -19.34 9.31 -7.11
N GLU H 32 -18.18 9.45 -6.46
CA GLU H 32 -17.89 10.59 -5.60
C GLU H 32 -17.94 11.90 -6.38
N GLY H 33 -17.42 11.89 -7.60
CA GLY H 33 -17.45 13.08 -8.43
C GLY H 33 -18.86 13.55 -8.73
N ILE H 34 -19.75 12.61 -9.02
CA ILE H 34 -21.14 12.91 -9.31
C ILE H 34 -21.82 13.59 -8.12
N ALA H 35 -21.58 13.02 -6.94
CA ALA H 35 -22.15 13.54 -5.70
C ALA H 35 -21.63 14.94 -5.38
N ARG H 36 -20.34 15.17 -5.64
CA ARG H 36 -19.70 16.44 -5.35
C ARG H 36 -20.38 17.61 -6.06
N GLN H 37 -20.45 17.57 -7.39
CA GLN H 37 -21.08 18.65 -8.15
C GLN H 37 -22.05 18.12 -9.19
N PRO H 38 -23.14 18.86 -9.47
CA PRO H 38 -24.14 18.47 -10.47
C PRO H 38 -23.64 18.68 -11.90
N GLU H 39 -22.99 17.65 -12.44
CA GLU H 39 -22.45 17.71 -13.79
C GLU H 39 -23.06 16.59 -14.63
N LEU H 40 -22.32 16.13 -15.63
CA LEU H 40 -22.78 15.05 -16.49
C LEU H 40 -22.68 13.73 -15.73
N ARG H 41 -23.75 13.41 -15.01
CA ARG H 41 -23.81 12.19 -14.18
C ARG H 41 -23.55 10.90 -14.98
N PRO H 42 -24.25 10.65 -16.11
CA PRO H 42 -24.04 9.42 -16.89
C PRO H 42 -22.65 9.35 -17.52
N VAL H 43 -22.10 10.50 -17.89
CA VAL H 43 -20.77 10.57 -18.51
C VAL H 43 -19.68 10.11 -17.55
N LEU H 44 -19.76 10.54 -16.29
CA LEU H 44 -18.76 10.17 -15.30
C LEU H 44 -18.68 8.66 -15.13
N GLN H 45 -19.83 8.02 -14.93
CA GLN H 45 -19.87 6.57 -14.79
C GLN H 45 -19.50 5.86 -16.09
N THR H 46 -19.84 6.45 -17.24
CA THR H 46 -19.49 5.86 -18.54
C THR H 46 -17.97 5.75 -18.68
N THR H 47 -17.26 6.84 -18.36
CA THR H 47 -15.80 6.85 -18.42
C THR H 47 -15.28 5.82 -17.42
N MET H 48 -15.97 5.73 -16.28
CA MET H 48 -15.64 4.75 -15.25
C MET H 48 -15.70 3.34 -15.82
N PHE H 49 -16.77 3.05 -16.57
CA PHE H 49 -16.95 1.73 -17.17
C PHE H 49 -15.84 1.40 -18.15
N ILE H 50 -15.41 2.36 -18.97
CA ILE H 50 -14.32 2.10 -19.89
C ILE H 50 -13.04 1.86 -19.10
N GLY H 51 -12.94 2.51 -17.94
CA GLY H 51 -11.81 2.31 -17.05
C GLY H 51 -11.80 0.89 -16.53
N VAL H 52 -13.00 0.39 -16.25
CA VAL H 52 -13.18 -0.98 -15.79
C VAL H 52 -12.68 -1.95 -16.84
N ALA H 53 -13.06 -1.67 -18.10
CA ALA H 53 -12.65 -2.49 -19.23
C ALA H 53 -11.14 -2.46 -19.40
N LEU H 54 -10.55 -1.28 -19.19
CA LEU H 54 -9.11 -1.08 -19.32
C LEU H 54 -8.31 -1.87 -18.29
N VAL H 55 -8.66 -1.70 -17.03
CA VAL H 55 -7.94 -2.35 -15.94
C VAL H 55 -8.20 -3.85 -15.86
N GLU H 56 -9.41 -4.31 -16.17
CA GLU H 56 -9.72 -5.73 -16.10
C GLU H 56 -9.16 -6.49 -17.29
N ALA H 57 -8.75 -5.74 -18.31
CA ALA H 57 -8.16 -6.33 -19.49
C ALA H 57 -6.89 -7.06 -19.12
N LEU H 58 -6.13 -6.46 -18.20
CA LEU H 58 -4.89 -7.02 -17.71
C LEU H 58 -5.11 -8.37 -17.00
N PRO H 59 -6.04 -8.46 -15.99
CA PRO H 59 -6.32 -9.74 -15.33
C PRO H 59 -6.77 -10.81 -16.33
N ILE H 60 -7.58 -10.43 -17.31
CA ILE H 60 -8.05 -11.37 -18.31
C ILE H 60 -6.87 -11.94 -19.11
N ILE H 61 -5.99 -11.04 -19.55
CA ILE H 61 -4.81 -11.45 -20.33
C ILE H 61 -3.89 -12.35 -19.51
N GLY H 62 -3.63 -11.97 -18.26
CA GLY H 62 -2.77 -12.77 -17.40
C GLY H 62 -3.31 -14.15 -17.12
N VAL H 63 -4.61 -14.24 -16.87
CA VAL H 63 -5.25 -15.52 -16.59
C VAL H 63 -5.18 -16.44 -17.82
N VAL H 64 -5.51 -15.87 -18.99
CA VAL H 64 -5.49 -16.64 -20.24
C VAL H 64 -4.08 -17.13 -20.56
N PHE H 65 -3.09 -16.26 -20.41
CA PHE H 65 -1.70 -16.61 -20.69
C PHE H 65 -1.20 -17.69 -19.74
N SER H 66 -1.57 -17.57 -18.46
CA SER H 66 -1.17 -18.57 -17.46
C SER H 66 -1.77 -19.93 -17.81
N PHE H 67 -3.02 -19.91 -18.25
CA PHE H 67 -3.73 -21.11 -18.64
C PHE H 67 -3.02 -21.80 -19.80
N ILE H 68 -2.66 -21.01 -20.81
CA ILE H 68 -1.96 -21.54 -21.99
C ILE H 68 -0.57 -22.06 -21.63
N TYR H 69 0.15 -21.35 -20.76
CA TYR H 69 1.49 -21.78 -20.35
C TYR H 69 1.45 -23.15 -19.70
N LEU H 70 0.43 -23.39 -18.88
CA LEU H 70 0.25 -24.68 -18.23
C LEU H 70 -0.26 -25.71 -19.24
N GLY H 71 -1.22 -25.28 -20.06
CA GLY H 71 -1.79 -26.14 -21.07
C GLY H 71 -0.81 -26.58 -22.14
N ARG H 72 0.06 -25.67 -22.57
CA ARG H 72 1.04 -25.99 -23.60
C ARG H 72 2.46 -25.84 -23.05
N MET I 1 10.25 -26.72 -16.39
CA MET I 1 9.67 -25.55 -17.11
C MET I 1 8.68 -24.80 -16.21
N HIS I 2 8.42 -25.37 -15.04
CA HIS I 2 7.49 -24.77 -14.08
C HIS I 2 7.99 -23.42 -13.60
N LEU I 3 9.31 -23.33 -13.38
CA LEU I 3 9.91 -22.08 -12.91
C LEU I 3 9.71 -20.97 -13.94
N GLY I 4 9.84 -21.32 -15.22
CA GLY I 4 9.64 -20.36 -16.28
C GLY I 4 8.22 -19.83 -16.30
N VAL I 5 7.27 -20.74 -16.08
CA VAL I 5 5.85 -20.38 -16.04
C VAL I 5 5.62 -19.40 -14.90
N LEU I 6 6.24 -19.68 -13.75
CA LEU I 6 6.13 -18.80 -12.58
C LEU I 6 6.73 -17.43 -12.85
N ALA I 7 7.84 -17.40 -13.58
CA ALA I 7 8.50 -16.14 -13.89
C ALA I 7 7.59 -15.23 -14.68
N ALA I 8 6.98 -15.77 -15.72
CA ALA I 8 6.05 -14.99 -16.53
C ALA I 8 4.77 -14.70 -15.76
N ALA I 9 4.30 -15.69 -15.00
CA ALA I 9 3.08 -15.56 -14.23
C ALA I 9 3.18 -14.46 -13.18
N ILE I 10 4.31 -14.40 -12.48
CA ILE I 10 4.49 -13.37 -11.47
C ILE I 10 4.75 -12.01 -12.13
N ALA I 11 5.49 -12.00 -13.23
CA ALA I 11 5.79 -10.74 -13.92
C ALA I 11 4.53 -10.11 -14.47
N VAL I 12 3.69 -10.94 -15.07
CA VAL I 12 2.42 -10.49 -15.62
C VAL I 12 1.50 -10.09 -14.49
N GLY I 13 1.51 -10.88 -13.41
CA GLY I 13 0.69 -10.57 -12.27
C GLY I 13 1.07 -9.22 -11.70
N LEU I 14 2.39 -8.96 -11.68
CA LEU I 14 2.91 -7.69 -11.21
C LEU I 14 2.51 -6.56 -12.16
N GLY I 15 2.59 -6.85 -13.46
CA GLY I 15 2.22 -5.88 -14.48
C GLY I 15 0.75 -5.52 -14.42
N ALA I 16 -0.10 -6.53 -14.28
CA ALA I 16 -1.53 -6.35 -14.19
C ALA I 16 -1.94 -5.60 -12.94
N LEU I 17 -1.27 -5.91 -11.84
CA LEU I 17 -1.56 -5.27 -10.57
C LEU I 17 -1.18 -3.80 -10.57
N GLY I 18 0.06 -3.51 -10.96
CA GLY I 18 0.54 -2.13 -10.98
C GLY I 18 -0.24 -1.23 -11.91
N ALA I 19 -0.40 -1.65 -13.15
CA ALA I 19 -1.14 -0.83 -14.10
C ALA I 19 -2.63 -0.87 -13.80
N GLY I 20 -3.09 -1.97 -13.21
CA GLY I 20 -4.50 -2.10 -12.87
C GLY I 20 -4.96 -1.04 -11.89
N ILE I 21 -4.22 -0.87 -10.79
CA ILE I 21 -4.58 0.14 -9.80
C ILE I 21 -4.21 1.54 -10.28
N GLY I 22 -3.07 1.65 -10.95
CA GLY I 22 -2.63 2.94 -11.46
C GLY I 22 -3.60 3.51 -12.47
N ASN I 23 -4.12 2.64 -13.33
CA ASN I 23 -5.07 3.04 -14.36
C ASN I 23 -6.47 3.21 -13.78
N GLY I 24 -6.85 2.38 -12.82
CA GLY I 24 -8.16 2.52 -12.22
C GLY I 24 -8.30 3.88 -11.56
N LEU I 25 -7.32 4.21 -10.75
CA LEU I 25 -7.29 5.49 -10.08
C LEU I 25 -7.11 6.63 -11.06
N ILE I 26 -6.30 6.41 -12.11
CA ILE I 26 -6.08 7.46 -13.09
C ILE I 26 -7.39 7.84 -13.78
N VAL I 27 -8.22 6.84 -14.06
CA VAL I 27 -9.49 7.07 -14.73
C VAL I 27 -10.49 7.76 -13.80
N SER I 28 -10.70 7.20 -12.60
CA SER I 28 -11.67 7.79 -11.66
C SER I 28 -11.25 9.18 -11.20
N ARG I 29 -9.95 9.38 -10.96
CA ARG I 29 -9.46 10.69 -10.54
C ARG I 29 -9.57 11.70 -11.68
N THR I 30 -9.26 11.25 -12.89
CA THR I 30 -9.38 12.11 -14.07
C THR I 30 -10.80 12.58 -14.18
N ILE I 31 -11.70 11.63 -13.96
CA ILE I 31 -13.13 11.84 -13.98
C ILE I 31 -13.53 12.80 -12.86
N GLU I 32 -12.89 12.63 -11.70
CA GLU I 32 -13.14 13.44 -10.51
C GLU I 32 -12.87 14.92 -10.80
N GLY I 33 -11.80 15.21 -11.52
CA GLY I 33 -11.48 16.59 -11.85
C GLY I 33 -12.57 17.27 -12.67
N ILE I 34 -13.12 16.53 -13.62
CA ILE I 34 -14.19 17.03 -14.49
C ILE I 34 -15.42 17.40 -13.67
N ALA I 35 -15.79 16.50 -12.77
CA ALA I 35 -16.94 16.70 -11.90
C ALA I 35 -16.76 17.89 -10.96
N ARG I 36 -15.53 18.05 -10.44
CA ARG I 36 -15.21 19.13 -9.51
C ARG I 36 -15.51 20.52 -10.08
N GLN I 37 -14.89 20.86 -11.21
CA GLN I 37 -15.10 22.17 -11.82
C GLN I 37 -15.36 22.06 -13.32
N PRO I 38 -16.21 22.95 -13.88
CA PRO I 38 -16.52 22.96 -15.31
C PRO I 38 -15.37 23.51 -16.14
N GLU I 39 -14.47 22.63 -16.56
CA GLU I 39 -13.32 23.02 -17.37
C GLU I 39 -13.33 22.25 -18.69
N LEU I 40 -12.16 22.03 -19.25
CA LEU I 40 -12.05 21.29 -20.50
C LEU I 40 -12.26 19.80 -20.22
N ARG I 41 -13.52 19.39 -20.28
CA ARG I 41 -13.92 18.01 -20.00
C ARG I 41 -13.20 16.97 -20.89
N PRO I 42 -13.21 17.13 -22.24
CA PRO I 42 -12.54 16.16 -23.12
C PRO I 42 -11.03 16.13 -22.94
N VAL I 43 -10.44 17.28 -22.63
CA VAL I 43 -8.99 17.40 -22.44
C VAL I 43 -8.51 16.57 -21.24
N LEU I 44 -9.25 16.64 -20.13
CA LEU I 44 -8.89 15.90 -18.92
C LEU I 44 -8.81 14.40 -19.20
N GLN I 45 -9.84 13.85 -19.81
CA GLN I 45 -9.87 12.43 -20.14
C GLN I 45 -8.83 12.10 -21.22
N THR I 46 -8.57 13.02 -22.14
CA THR I 46 -7.57 12.78 -23.20
C THR I 46 -6.18 12.58 -22.58
N THR I 47 -5.81 13.46 -21.63
CA THR I 47 -4.53 13.34 -20.93
C THR I 47 -4.54 12.02 -20.17
N MET I 48 -5.71 11.67 -19.62
CA MET I 48 -5.89 10.43 -18.90
C MET I 48 -5.55 9.24 -19.81
N PHE I 49 -6.05 9.28 -21.05
CA PHE I 49 -5.81 8.22 -22.02
C PHE I 49 -4.34 8.07 -22.35
N ILE I 50 -3.62 9.18 -22.50
CA ILE I 50 -2.18 9.09 -22.78
C ILE I 50 -1.49 8.51 -21.55
N GLY I 51 -2.04 8.79 -20.37
CA GLY I 51 -1.53 8.24 -19.13
C GLY I 51 -1.68 6.73 -19.13
N VAL I 52 -2.82 6.29 -19.66
CA VAL I 52 -3.13 4.87 -19.77
C VAL I 52 -2.09 4.20 -20.67
N ALA I 53 -1.79 4.85 -21.79
CA ALA I 53 -0.80 4.37 -22.74
C ALA I 53 0.59 4.29 -22.10
N LEU I 54 0.90 5.30 -21.28
CA LEU I 54 2.18 5.39 -20.60
C LEU I 54 2.38 4.26 -19.59
N VAL I 55 1.43 4.10 -18.70
CA VAL I 55 1.53 3.10 -17.65
C VAL I 55 1.37 1.66 -18.15
N GLU I 56 0.51 1.44 -19.15
CA GLU I 56 0.31 0.09 -19.67
C GLU I 56 1.45 -0.33 -20.57
N ALA I 57 2.28 0.62 -20.97
CA ALA I 57 3.43 0.34 -21.82
C ALA I 57 4.37 -0.60 -21.07
N LEU I 58 4.50 -0.34 -19.77
CA LEU I 58 5.36 -1.14 -18.91
C LEU I 58 4.90 -2.61 -18.84
N PRO I 59 3.60 -2.90 -18.52
CA PRO I 59 3.09 -4.28 -18.51
C PRO I 59 3.30 -4.98 -19.85
N ILE I 60 3.07 -4.25 -20.95
CA ILE I 60 3.25 -4.82 -22.28
C ILE I 60 4.71 -5.24 -22.49
N ILE I 61 5.63 -4.35 -22.13
CA ILE I 61 7.07 -4.63 -22.28
C ILE I 61 7.48 -5.82 -21.43
N GLY I 62 7.05 -5.83 -20.17
CA GLY I 62 7.40 -6.92 -19.27
C GLY I 62 6.89 -8.27 -19.73
N VAL I 63 5.64 -8.29 -20.21
CA VAL I 63 5.04 -9.54 -20.69
C VAL I 63 5.78 -10.06 -21.92
N VAL I 64 6.07 -9.16 -22.86
CA VAL I 64 6.79 -9.53 -24.09
C VAL I 64 8.18 -10.06 -23.78
N PHE I 65 8.90 -9.35 -22.90
CA PHE I 65 10.26 -9.75 -22.52
C PHE I 65 10.26 -11.11 -21.82
N SER I 66 9.28 -11.32 -20.94
CA SER I 66 9.18 -12.59 -20.22
C SER I 66 8.94 -13.73 -21.20
N PHE I 67 8.08 -13.46 -22.19
CA PHE I 67 7.76 -14.42 -23.22
C PHE I 67 9.01 -14.81 -24.00
N ILE I 68 9.79 -13.81 -24.41
CA ILE I 68 11.03 -14.05 -25.15
C ILE I 68 12.07 -14.80 -24.32
N TYR I 69 12.19 -14.43 -23.03
CA TYR I 69 13.16 -15.08 -22.15
C TYR I 69 12.87 -16.57 -22.06
N LEU I 70 11.59 -16.93 -21.97
CA LEU I 70 11.20 -18.33 -21.92
C LEU I 70 11.35 -18.97 -23.29
N GLY I 71 10.93 -18.24 -24.32
CA GLY I 71 11.00 -18.71 -25.69
C GLY I 71 12.43 -18.92 -26.18
N ARG I 72 13.33 -18.02 -25.82
CA ARG I 72 14.72 -18.12 -26.24
C ARG I 72 15.64 -18.28 -25.04
N MET J 1 18.95 -21.78 -15.93
CA MET J 1 18.74 -20.41 -16.46
C MET J 1 17.40 -19.85 -16.02
N HIS J 2 16.60 -20.70 -15.38
CA HIS J 2 15.28 -20.31 -14.91
C HIS J 2 15.36 -19.21 -13.85
N LEU J 3 16.36 -19.31 -12.97
CA LEU J 3 16.56 -18.31 -11.92
C LEU J 3 16.84 -16.95 -12.53
N GLY J 4 17.63 -16.93 -13.60
CA GLY J 4 17.95 -15.69 -14.28
C GLY J 4 16.70 -15.03 -14.86
N VAL J 5 15.84 -15.87 -15.43
CA VAL J 5 14.59 -15.41 -16.01
C VAL J 5 13.74 -14.77 -14.92
N LEU J 6 13.69 -15.43 -13.76
CA LEU J 6 12.93 -14.92 -12.61
C LEU J 6 13.50 -13.60 -12.13
N ALA J 7 14.82 -13.47 -12.13
CA ALA J 7 15.47 -12.23 -11.68
C ALA J 7 15.02 -11.05 -12.51
N ALA J 8 15.08 -11.21 -13.82
CA ALA J 8 14.65 -10.14 -14.71
C ALA J 8 13.14 -9.96 -14.66
N ALA J 9 12.42 -11.08 -14.59
CA ALA J 9 10.96 -11.05 -14.55
C ALA J 9 10.44 -10.32 -13.32
N ILE J 10 11.04 -10.57 -12.15
CA ILE J 10 10.60 -9.89 -10.96
C ILE J 10 11.07 -8.44 -10.94
N ALA J 11 12.27 -8.18 -11.44
CA ALA J 11 12.79 -6.82 -11.49
C ALA J 11 11.96 -5.93 -12.39
N VAL J 12 11.60 -6.47 -13.55
CA VAL J 12 10.77 -5.76 -14.50
C VAL J 12 9.38 -5.62 -13.95
N GLY J 13 8.88 -6.67 -13.31
CA GLY J 13 7.57 -6.63 -12.70
C GLY J 13 7.53 -5.54 -11.65
N LEU J 14 8.61 -5.42 -10.89
CA LEU J 14 8.74 -4.41 -9.86
C LEU J 14 8.81 -3.02 -10.51
N GLY J 15 9.57 -2.93 -11.60
CA GLY J 15 9.71 -1.67 -12.32
C GLY J 15 8.39 -1.20 -12.91
N ALA J 16 7.67 -2.13 -13.53
CA ALA J 16 6.39 -1.84 -14.15
C ALA J 16 5.35 -1.44 -13.12
N LEU J 17 5.37 -2.12 -11.98
CA LEU J 17 4.42 -1.85 -10.92
C LEU J 17 4.65 -0.48 -10.29
N GLY J 18 5.90 -0.21 -9.88
CA GLY J 18 6.22 1.05 -9.24
C GLY J 18 5.97 2.26 -10.12
N ALA J 19 6.50 2.24 -11.34
CA ALA J 19 6.31 3.36 -12.24
C ALA J 19 4.88 3.37 -12.77
N GLY J 20 4.25 2.21 -12.85
CA GLY J 20 2.89 2.13 -13.33
C GLY J 20 1.92 2.90 -12.46
N ILE J 21 1.97 2.68 -11.15
CA ILE J 21 1.09 3.39 -10.23
C ILE J 21 1.55 4.82 -10.01
N GLY J 22 2.87 5.01 -9.95
CA GLY J 22 3.43 6.33 -9.76
C GLY J 22 3.07 7.27 -10.89
N ASN J 23 3.13 6.74 -12.11
CA ASN J 23 2.82 7.50 -13.30
C ASN J 23 1.32 7.64 -13.51
N GLY J 24 0.55 6.61 -13.17
CA GLY J 24 -0.89 6.70 -13.32
C GLY J 24 -1.44 7.82 -12.45
N LEU J 25 -1.04 7.81 -11.19
CA LEU J 25 -1.46 8.83 -10.26
C LEU J 25 -0.86 10.18 -10.62
N ILE J 26 0.38 10.20 -11.12
CA ILE J 26 1.01 11.45 -11.50
C ILE J 26 0.22 12.14 -12.61
N VAL J 27 -0.29 11.34 -13.56
CA VAL J 27 -1.04 11.89 -14.67
C VAL J 27 -2.42 12.38 -14.23
N SER J 28 -3.18 11.53 -13.53
CA SER J 28 -4.53 11.90 -13.09
C SER J 28 -4.50 13.05 -12.09
N ARG J 29 -3.52 13.05 -11.18
CA ARG J 29 -3.41 14.13 -10.20
C ARG J 29 -2.99 15.43 -10.88
N THR J 30 -2.06 15.32 -11.83
CA THR J 30 -1.62 16.49 -12.58
C THR J 30 -2.81 17.11 -13.27
N ILE J 31 -3.63 16.21 -13.82
CA ILE J 31 -4.85 16.57 -14.51
C ILE J 31 -5.83 17.20 -13.52
N GLU J 32 -5.87 16.64 -12.31
CA GLU J 32 -6.76 17.11 -11.24
C GLU J 32 -6.48 18.57 -10.90
N GLY J 33 -5.21 18.95 -10.85
CA GLY J 33 -4.87 20.33 -10.55
C GLY J 33 -5.41 21.31 -11.57
N ILE J 34 -5.35 20.93 -12.84
CA ILE J 34 -5.84 21.77 -13.93
C ILE J 34 -7.35 22.01 -13.78
N ALA J 35 -8.07 20.92 -13.51
CA ALA J 35 -9.51 20.98 -13.34
C ALA J 35 -9.91 21.82 -12.13
N ARG J 36 -9.14 21.71 -11.04
CA ARG J 36 -9.43 22.45 -9.80
C ARG J 36 -9.48 23.96 -10.02
N GLN J 37 -8.39 24.55 -10.51
CA GLN J 37 -8.34 25.99 -10.72
C GLN J 37 -7.79 26.34 -12.10
N PRO J 38 -8.28 27.43 -12.72
CA PRO J 38 -7.81 27.88 -14.03
C PRO J 38 -6.44 28.54 -13.96
N GLU J 39 -5.40 27.72 -14.09
CA GLU J 39 -4.02 28.21 -14.05
C GLU J 39 -3.31 27.87 -15.34
N LEU J 40 -1.99 27.70 -15.26
CA LEU J 40 -1.20 27.34 -16.43
C LEU J 40 -1.43 25.87 -16.76
N ARG J 41 -2.46 25.61 -17.57
CA ARG J 41 -2.85 24.26 -17.96
C ARG J 41 -1.70 23.46 -18.61
N PRO J 42 -1.03 23.99 -19.66
CA PRO J 42 0.06 23.25 -20.32
C PRO J 42 1.28 23.03 -19.41
N VAL J 43 1.54 23.98 -18.52
CA VAL J 43 2.66 23.88 -17.59
C VAL J 43 2.52 22.72 -16.63
N LEU J 44 1.30 22.53 -16.09
CA LEU J 44 1.04 21.45 -15.15
C LEU J 44 1.36 20.09 -15.77
N GLN J 45 0.82 19.84 -16.95
CA GLN J 45 1.06 18.59 -17.65
C GLN J 45 2.53 18.47 -18.08
N THR J 46 3.17 19.59 -18.44
CA THR J 46 4.58 19.57 -18.83
C THR J 46 5.46 19.06 -17.69
N THR J 47 5.23 19.59 -16.48
CA THR J 47 5.97 19.15 -15.31
C THR J 47 5.66 17.68 -15.07
N MET J 48 4.40 17.31 -15.33
CA MET J 48 3.96 15.93 -15.22
C MET J 48 4.79 15.02 -16.13
N PHE J 49 5.00 15.47 -17.37
CA PHE J 49 5.78 14.71 -18.35
C PHE J 49 7.22 14.52 -17.90
N ILE J 50 7.84 15.56 -17.33
CA ILE J 50 9.20 15.40 -16.85
C ILE J 50 9.21 14.42 -15.68
N GLY J 51 8.11 14.41 -14.92
CA GLY J 51 7.96 13.48 -13.83
C GLY J 51 7.93 12.06 -14.35
N VAL J 52 7.26 11.90 -15.49
CA VAL J 52 7.14 10.62 -16.15
C VAL J 52 8.54 10.13 -16.55
N ALA J 53 9.33 11.04 -17.11
CA ALA J 53 10.69 10.75 -17.51
C ALA J 53 11.56 10.37 -16.31
N LEU J 54 11.33 11.05 -15.20
CA LEU J 54 12.07 10.81 -13.96
C LEU J 54 11.80 9.44 -13.38
N VAL J 55 10.54 9.11 -13.19
CA VAL J 55 10.16 7.85 -12.58
C VAL J 55 10.37 6.65 -13.50
N GLU J 56 10.17 6.81 -14.80
CA GLU J 56 10.35 5.69 -15.73
C GLU J 56 11.82 5.43 -16.00
N ALA J 57 12.67 6.38 -15.63
CA ALA J 57 14.10 6.23 -15.79
C ALA J 57 14.59 5.04 -14.99
N LEU J 58 14.02 4.89 -13.80
CA LEU J 58 14.36 3.80 -12.90
C LEU J 58 14.02 2.43 -13.52
N PRO J 59 12.77 2.18 -14.01
CA PRO J 59 12.43 0.92 -14.67
C PRO J 59 13.33 0.62 -15.85
N ILE J 60 13.66 1.65 -16.63
CA ILE J 60 14.54 1.47 -17.78
C ILE J 60 15.92 0.99 -17.34
N ILE J 61 16.47 1.64 -16.31
CA ILE J 61 17.78 1.29 -15.79
C ILE J 61 17.79 -0.14 -15.23
N GLY J 62 16.76 -0.47 -14.45
CA GLY J 62 16.66 -1.80 -13.86
C GLY J 62 16.56 -2.90 -14.89
N VAL J 63 15.74 -2.68 -15.92
CA VAL J 63 15.56 -3.66 -16.98
C VAL J 63 16.86 -3.87 -17.75
N VAL J 64 17.54 -2.77 -18.09
CA VAL J 64 18.80 -2.85 -18.83
C VAL J 64 19.88 -3.58 -18.02
N PHE J 65 19.98 -3.23 -16.74
CA PHE J 65 20.97 -3.84 -15.87
C PHE J 65 20.70 -5.34 -15.69
N SER J 66 19.43 -5.71 -15.54
CA SER J 66 19.06 -7.11 -15.39
C SER J 66 19.44 -7.88 -16.65
N PHE J 67 19.20 -7.26 -17.80
CA PHE J 67 19.51 -7.86 -19.09
C PHE J 67 21.02 -8.13 -19.19
N ILE J 68 21.82 -7.13 -18.83
CA ILE J 68 23.28 -7.25 -18.87
C ILE J 68 23.78 -8.32 -17.89
N TYR J 69 23.21 -8.34 -16.68
CA TYR J 69 23.61 -9.32 -15.66
C TYR J 69 23.43 -10.74 -16.18
N LEU J 70 22.32 -10.97 -16.86
CA LEU J 70 22.05 -12.29 -17.43
C LEU J 70 22.92 -12.52 -18.66
N GLY J 71 23.05 -11.49 -19.49
CA GLY J 71 23.85 -11.56 -20.69
C GLY J 71 25.33 -11.75 -20.43
N ARG J 72 25.85 -11.08 -19.41
CA ARG J 72 27.27 -11.19 -19.07
C ARG J 72 27.44 -11.78 -17.68
N MET A 1 24.83 -20.08 -8.43
CA MET A 1 25.89 -19.05 -8.61
C MET A 1 25.32 -17.81 -9.30
N HIS A 2 24.08 -17.92 -9.74
CA HIS A 2 23.41 -16.81 -10.42
C HIS A 2 22.47 -16.08 -9.46
N LEU A 3 22.52 -16.44 -8.18
CA LEU A 3 21.68 -15.83 -7.16
C LEU A 3 22.03 -14.35 -6.98
N GLY A 4 23.28 -14.02 -7.26
CA GLY A 4 23.73 -12.63 -7.14
C GLY A 4 22.96 -11.70 -8.06
N VAL A 5 22.64 -12.20 -9.25
CA VAL A 5 21.88 -11.42 -10.23
C VAL A 5 20.53 -11.06 -9.64
N LEU A 6 19.87 -12.04 -9.02
CA LEU A 6 18.58 -11.83 -8.39
C LEU A 6 18.68 -10.86 -7.22
N ALA A 7 19.75 -10.97 -6.43
CA ALA A 7 19.92 -10.09 -5.28
C ALA A 7 19.96 -8.63 -5.72
N ALA A 8 20.76 -8.34 -6.74
CA ALA A 8 20.85 -6.99 -7.25
C ALA A 8 19.57 -6.60 -7.99
N ALA A 9 19.01 -7.55 -8.74
CA ALA A 9 17.79 -7.31 -9.50
C ALA A 9 16.61 -6.97 -8.59
N ILE A 10 16.48 -7.67 -7.48
CA ILE A 10 15.39 -7.39 -6.56
C ILE A 10 15.66 -6.08 -5.82
N ALA A 11 16.93 -5.82 -5.50
CA ALA A 11 17.29 -4.59 -4.80
C ALA A 11 16.99 -3.36 -5.65
N VAL A 12 17.33 -3.45 -6.95
CA VAL A 12 17.08 -2.34 -7.86
C VAL A 12 15.60 -2.26 -8.14
N GLY A 13 14.94 -3.42 -8.18
CA GLY A 13 13.51 -3.45 -8.39
C GLY A 13 12.82 -2.74 -7.24
N LEU A 14 13.33 -2.97 -6.03
CA LEU A 14 12.80 -2.33 -4.83
C LEU A 14 13.07 -0.83 -4.88
N GLY A 15 14.28 -0.47 -5.31
CA GLY A 15 14.65 0.93 -5.42
C GLY A 15 13.80 1.66 -6.44
N ALA A 16 13.58 1.02 -7.58
CA ALA A 16 12.78 1.58 -8.66
C ALA A 16 11.33 1.75 -8.25
N LEU A 17 10.82 0.78 -7.52
CA LEU A 17 9.43 0.80 -7.07
C LEU A 17 9.19 1.92 -6.06
N GLY A 18 10.01 1.97 -5.02
CA GLY A 18 9.83 2.99 -3.99
C GLY A 18 10.00 4.40 -4.51
N ALA A 19 11.10 4.65 -5.19
CA ALA A 19 11.36 5.98 -5.73
C ALA A 19 10.37 6.32 -6.84
N GLY A 20 10.02 5.32 -7.65
CA GLY A 20 9.10 5.54 -8.75
C GLY A 20 7.73 6.03 -8.29
N ILE A 21 7.17 5.40 -7.26
CA ILE A 21 5.87 5.83 -6.77
C ILE A 21 6.00 7.13 -6.00
N GLY A 22 7.11 7.26 -5.27
CA GLY A 22 7.36 8.46 -4.50
C GLY A 22 7.47 9.69 -5.38
N ASN A 23 8.20 9.56 -6.48
CA ASN A 23 8.38 10.65 -7.43
C ASN A 23 7.12 10.92 -8.23
N GLY A 24 6.38 9.88 -8.57
CA GLY A 24 5.16 10.11 -9.33
C GLY A 24 4.21 11.00 -8.55
N LEU A 25 3.96 10.62 -7.31
CA LEU A 25 3.10 11.39 -6.45
C LEU A 25 3.71 12.74 -6.08
N ILE A 26 5.03 12.78 -5.90
CA ILE A 26 5.68 14.03 -5.54
C ILE A 26 5.51 15.07 -6.65
N VAL A 27 5.63 14.63 -7.90
CA VAL A 27 5.50 15.55 -9.02
C VAL A 27 4.06 16.01 -9.20
N SER A 28 3.11 15.08 -9.23
CA SER A 28 1.70 15.45 -9.42
C SER A 28 1.17 16.27 -8.27
N ARG A 29 1.56 15.93 -7.04
CA ARG A 29 1.11 16.68 -5.87
C ARG A 29 1.73 18.06 -5.83
N THR A 30 3.01 18.16 -6.19
CA THR A 30 3.68 19.45 -6.24
C THR A 30 2.95 20.33 -7.23
N ILE A 31 2.58 19.72 -8.33
CA ILE A 31 1.84 20.36 -9.40
C ILE A 31 0.47 20.80 -8.90
N GLU A 32 -0.19 19.93 -8.13
CA GLU A 32 -1.52 20.23 -7.58
C GLU A 32 -1.45 21.44 -6.65
N GLY A 33 -0.41 21.52 -5.83
CA GLY A 33 -0.26 22.64 -4.94
C GLY A 33 -0.11 23.95 -5.70
N ILE A 34 0.69 23.91 -6.77
CA ILE A 34 0.92 25.07 -7.62
C ILE A 34 -0.38 25.50 -8.30
N ALA A 35 -1.13 24.51 -8.78
CA ALA A 35 -2.40 24.74 -9.47
C ALA A 35 -3.43 25.39 -8.54
N ARG A 36 -3.45 24.97 -7.27
CA ARG A 36 -4.40 25.49 -6.30
C ARG A 36 -4.20 27.00 -6.09
N GLN A 37 -2.96 27.43 -5.94
CA GLN A 37 -2.66 28.84 -5.74
C GLN A 37 -1.30 29.20 -6.32
N PRO A 38 -1.26 30.25 -7.18
CA PRO A 38 -0.01 30.69 -7.82
C PRO A 38 0.91 31.47 -6.87
N GLU A 39 1.30 30.84 -5.77
CA GLU A 39 2.19 31.47 -4.80
C GLU A 39 3.54 30.78 -4.84
N LEU A 40 4.56 31.52 -5.30
CA LEU A 40 5.93 31.00 -5.40
C LEU A 40 5.95 29.68 -6.19
N ARG A 41 5.34 29.71 -7.37
CA ARG A 41 5.23 28.53 -8.23
C ARG A 41 6.60 27.90 -8.56
N PRO A 42 7.61 28.67 -9.02
CA PRO A 42 8.94 28.12 -9.33
C PRO A 42 9.60 27.48 -8.12
N VAL A 43 9.45 28.12 -6.96
CA VAL A 43 10.03 27.65 -5.71
C VAL A 43 9.43 26.30 -5.29
N LEU A 44 8.11 26.17 -5.40
CA LEU A 44 7.42 24.95 -5.01
C LEU A 44 7.88 23.76 -5.86
N GLN A 45 7.96 23.96 -7.17
CA GLN A 45 8.40 22.91 -8.08
C GLN A 45 9.89 22.61 -7.85
N THR A 46 10.67 23.65 -7.53
CA THR A 46 12.10 23.49 -7.25
C THR A 46 12.27 22.59 -6.02
N THR A 47 11.44 22.81 -5.01
CA THR A 47 11.46 22.01 -3.80
C THR A 47 11.15 20.57 -4.18
N MET A 48 10.24 20.42 -5.14
CA MET A 48 9.86 19.10 -5.65
C MET A 48 11.10 18.39 -6.22
N PHE A 49 11.90 19.15 -6.98
CA PHE A 49 13.12 18.61 -7.59
C PHE A 49 14.11 18.17 -6.52
N ILE A 50 14.23 18.94 -5.44
CA ILE A 50 15.13 18.55 -4.35
C ILE A 50 14.60 17.27 -3.70
N GLY A 51 13.27 17.12 -3.72
CA GLY A 51 12.64 15.91 -3.21
C GLY A 51 13.04 14.73 -4.05
N VAL A 52 13.12 14.97 -5.35
CA VAL A 52 13.54 13.96 -6.31
C VAL A 52 14.95 13.51 -5.96
N ALA A 53 15.81 14.49 -5.62
CA ALA A 53 17.18 14.21 -5.23
C ALA A 53 17.26 13.38 -3.95
N LEU A 54 16.40 13.69 -2.96
CA LEU A 54 16.39 12.97 -1.69
C LEU A 54 16.00 11.51 -1.87
N VAL A 55 14.95 11.30 -2.64
CA VAL A 55 14.43 9.97 -2.85
C VAL A 55 15.27 9.12 -3.79
N GLU A 56 15.88 9.73 -4.82
CA GLU A 56 16.70 8.96 -5.76
C GLU A 56 18.07 8.63 -5.21
N ALA A 57 18.46 9.33 -4.15
CA ALA A 57 19.74 9.07 -3.50
C ALA A 57 19.77 7.65 -2.98
N LEU A 58 18.64 7.21 -2.44
CA LEU A 58 18.51 5.87 -1.90
C LEU A 58 18.69 4.79 -2.98
N PRO A 59 17.96 4.84 -4.13
CA PRO A 59 18.15 3.87 -5.22
C PRO A 59 19.59 3.84 -5.71
N ILE A 60 20.21 5.02 -5.81
CA ILE A 60 21.59 5.09 -6.26
C ILE A 60 22.51 4.34 -5.31
N ILE A 61 22.34 4.58 -4.00
CA ILE A 61 23.17 3.93 -2.98
C ILE A 61 22.96 2.42 -2.99
N GLY A 62 21.70 1.98 -3.01
CA GLY A 62 21.40 0.56 -3.02
C GLY A 62 21.93 -0.18 -4.23
N VAL A 63 21.76 0.42 -5.41
CA VAL A 63 22.21 -0.21 -6.66
C VAL A 63 23.74 -0.30 -6.68
N VAL A 64 24.42 0.78 -6.30
CA VAL A 64 25.89 0.81 -6.27
C VAL A 64 26.45 -0.21 -5.29
N PHE A 65 25.86 -0.27 -4.08
CA PHE A 65 26.31 -1.21 -3.06
C PHE A 65 26.11 -2.65 -3.52
N SER A 66 24.97 -2.92 -4.16
CA SER A 66 24.68 -4.27 -4.66
C SER A 66 25.70 -4.65 -5.73
N PHE A 67 26.03 -3.69 -6.58
CA PHE A 67 27.01 -3.88 -7.65
C PHE A 67 28.37 -4.25 -7.07
N ILE A 68 28.80 -3.50 -6.06
CA ILE A 68 30.09 -3.75 -5.40
C ILE A 68 30.10 -5.11 -4.71
N TYR A 69 29.00 -5.45 -4.02
CA TYR A 69 28.92 -6.74 -3.32
C TYR A 69 29.10 -7.89 -4.30
N LEU A 70 28.51 -7.77 -5.48
CA LEU A 70 28.65 -8.80 -6.50
C LEU A 70 30.05 -8.75 -7.11
N GLY A 71 30.52 -7.53 -7.36
CA GLY A 71 31.83 -7.30 -7.93
C GLY A 71 32.97 -7.77 -7.04
N ARG A 72 32.85 -7.52 -5.75
CA ARG A 72 33.89 -7.92 -4.80
C ARG A 72 33.39 -9.04 -3.89
N MET B 1 26.93 -19.12 -0.15
CA MET B 1 27.87 -18.19 0.54
C MET B 1 27.65 -16.76 0.07
N HIS B 2 26.82 -16.61 -0.96
CA HIS B 2 26.52 -15.29 -1.51
C HIS B 2 25.16 -14.78 -1.01
N LEU B 3 24.59 -15.50 -0.05
CA LEU B 3 23.30 -15.14 0.53
C LEU B 3 23.40 -13.80 1.29
N GLY B 4 24.60 -13.53 1.81
CA GLY B 4 24.83 -12.29 2.54
C GLY B 4 24.58 -11.07 1.68
N VAL B 5 24.96 -11.16 0.40
CA VAL B 5 24.75 -10.07 -0.54
C VAL B 5 23.26 -9.76 -0.64
N LEU B 6 22.46 -10.80 -0.76
CA LEU B 6 21.01 -10.66 -0.85
C LEU B 6 20.42 -10.09 0.43
N ALA B 7 20.95 -10.52 1.58
CA ALA B 7 20.45 -10.03 2.86
C ALA B 7 20.60 -8.51 2.96
N ALA B 8 21.79 -8.03 2.62
CA ALA B 8 22.04 -6.60 2.65
C ALA B 8 21.29 -5.89 1.53
N ALA B 9 21.26 -6.53 0.36
CA ALA B 9 20.59 -5.96 -0.81
C ALA B 9 19.10 -5.78 -0.58
N ILE B 10 18.46 -6.76 0.05
CA ILE B 10 17.04 -6.64 0.32
C ILE B 10 16.80 -5.65 1.44
N ALA B 11 17.71 -5.61 2.43
CA ALA B 11 17.57 -4.67 3.54
C ALA B 11 17.67 -3.23 3.06
N VAL B 12 18.63 -2.97 2.16
CA VAL B 12 18.82 -1.64 1.61
C VAL B 12 17.69 -1.32 0.65
N GLY B 13 17.22 -2.36 -0.05
CA GLY B 13 16.10 -2.18 -0.95
C GLY B 13 14.88 -1.77 -0.16
N LEU B 14 14.71 -2.39 1.01
CA LEU B 14 13.60 -2.08 1.90
C LEU B 14 13.75 -0.66 2.44
N GLY B 15 14.98 -0.30 2.81
CA GLY B 15 15.26 1.02 3.32
C GLY B 15 15.01 2.10 2.29
N ALA B 16 15.46 1.84 1.07
CA ALA B 16 15.28 2.77 -0.05
C ALA B 16 13.82 2.94 -0.40
N LEU B 17 13.07 1.85 -0.36
CA LEU B 17 11.66 1.88 -0.69
C LEU B 17 10.86 2.68 0.32
N GLY B 18 11.01 2.35 1.60
CA GLY B 18 10.26 3.04 2.64
C GLY B 18 10.58 4.51 2.73
N ALA B 19 11.86 4.85 2.81
CA ALA B 19 12.26 6.25 2.89
C ALA B 19 11.97 6.98 1.59
N GLY B 20 12.14 6.30 0.47
CA GLY B 20 11.91 6.91 -0.83
C GLY B 20 10.47 7.38 -1.00
N ILE B 21 9.51 6.53 -0.64
CA ILE B 21 8.11 6.93 -0.79
C ILE B 21 7.74 7.94 0.31
N GLY B 22 8.31 7.75 1.49
CA GLY B 22 8.05 8.65 2.60
C GLY B 22 8.51 10.05 2.30
N ASN B 23 9.71 10.17 1.75
CA ASN B 23 10.28 11.46 1.39
C ASN B 23 9.59 12.08 0.19
N GLY B 24 9.19 11.26 -0.78
CA GLY B 24 8.52 11.81 -1.94
C GLY B 24 7.26 12.52 -1.53
N LEU B 25 6.43 11.83 -0.77
CA LEU B 25 5.20 12.41 -0.28
C LEU B 25 5.44 13.53 0.72
N ILE B 26 6.48 13.39 1.56
CA ILE B 26 6.77 14.41 2.55
C ILE B 26 7.12 15.74 1.88
N VAL B 27 7.88 15.67 0.80
CA VAL B 27 8.29 16.88 0.09
C VAL B 27 7.11 17.51 -0.64
N SER B 28 6.39 16.72 -1.43
CA SER B 28 5.26 17.26 -2.20
C SER B 28 4.15 17.78 -1.28
N ARG B 29 3.87 17.05 -0.20
CA ARG B 29 2.85 17.46 0.74
C ARG B 29 3.26 18.73 1.50
N THR B 30 4.53 18.79 1.89
CA THR B 30 5.05 19.98 2.57
C THR B 30 4.87 21.17 1.66
N ILE B 31 5.17 20.93 0.39
CA ILE B 31 5.03 21.92 -0.65
C ILE B 31 3.57 22.34 -0.81
N GLU B 32 2.66 21.35 -0.79
CA GLU B 32 1.23 21.61 -0.93
C GLU B 32 0.72 22.48 0.21
N GLY B 33 1.20 22.21 1.43
CA GLY B 33 0.79 23.02 2.57
C GLY B 33 1.22 24.47 2.41
N ILE B 34 2.46 24.66 1.95
CA ILE B 34 3.00 25.99 1.71
C ILE B 34 2.20 26.72 0.63
N ALA B 35 1.89 25.99 -0.44
CA ALA B 35 1.13 26.52 -1.56
C ALA B 35 -0.26 26.98 -1.14
N ARG B 36 -0.90 26.21 -0.26
CA ARG B 36 -2.25 26.53 0.21
C ARG B 36 -2.29 27.88 0.92
N GLN B 37 -1.33 28.13 1.79
CA GLN B 37 -1.28 29.38 2.54
C GLN B 37 0.17 29.77 2.85
N PRO B 38 0.58 31.00 2.50
CA PRO B 38 1.94 31.49 2.75
C PRO B 38 2.19 31.87 4.21
N GLU B 39 1.99 30.92 5.11
CA GLU B 39 2.21 31.15 6.53
C GLU B 39 3.44 30.38 6.99
N LEU B 40 4.50 31.12 7.34
CA LEU B 40 5.76 30.52 7.80
C LEU B 40 6.26 29.48 6.78
N ARG B 41 6.35 29.91 5.53
CA ARG B 41 6.78 29.05 4.43
C ARG B 41 8.15 28.40 4.68
N PRO B 42 9.21 29.19 5.05
CA PRO B 42 10.54 28.61 5.30
C PRO B 42 10.53 27.59 6.43
N VAL B 43 9.76 27.89 7.48
CA VAL B 43 9.65 27.02 8.64
C VAL B 43 9.01 25.67 8.29
N LEU B 44 7.95 25.71 7.49
CA LEU B 44 7.24 24.49 7.09
C LEU B 44 8.15 23.56 6.29
N GLN B 45 8.88 24.12 5.33
CA GLN B 45 9.79 23.34 4.51
C GLN B 45 10.97 22.84 5.35
N THR B 46 11.40 23.67 6.33
CA THR B 46 12.50 23.29 7.23
C THR B 46 12.07 22.06 8.04
N THR B 47 10.83 22.07 8.50
CA THR B 47 10.27 20.95 9.27
C THR B 47 10.30 19.72 8.37
N MET B 48 10.02 19.93 7.07
CA MET B 48 10.06 18.86 6.08
C MET B 48 11.46 18.24 6.05
N PHE B 49 12.48 19.10 6.06
CA PHE B 49 13.87 18.64 6.03
C PHE B 49 14.20 17.82 7.27
N ILE B 50 13.69 18.22 8.43
CA ILE B 50 13.94 17.46 9.65
C ILE B 50 13.23 16.10 9.52
N GLY B 51 12.11 16.09 8.79
CA GLY B 51 11.40 14.86 8.53
C GLY B 51 12.25 13.93 7.71
N VAL B 52 12.97 14.53 6.76
CA VAL B 52 13.89 13.80 5.90
C VAL B 52 14.95 13.14 6.77
N ALA B 53 15.43 13.89 7.76
CA ALA B 53 16.43 13.39 8.70
C ALA B 53 15.89 12.21 9.52
N LEU B 54 14.65 12.31 9.99
CA LEU B 54 14.02 11.25 10.78
C LEU B 54 13.89 9.95 10.02
N VAL B 55 13.39 10.08 8.80
CA VAL B 55 13.14 8.92 7.97
C VAL B 55 14.41 8.30 7.38
N GLU B 56 15.41 9.11 7.05
CA GLU B 56 16.64 8.58 6.46
C GLU B 56 17.55 7.97 7.52
N ALA B 57 17.30 8.29 8.77
CA ALA B 57 18.08 7.74 9.87
C ALA B 57 17.94 6.22 9.90
N LEU B 58 16.73 5.76 9.62
CA LEU B 58 16.42 4.35 9.60
C LEU B 58 17.20 3.61 8.50
N PRO B 59 17.16 4.06 7.21
CA PRO B 59 17.95 3.42 6.14
C PRO B 59 19.43 3.40 6.47
N ILE B 60 19.94 4.49 7.05
CA ILE B 60 21.35 4.56 7.41
C ILE B 60 21.70 3.47 8.43
N ILE B 61 20.87 3.35 9.47
CA ILE B 61 21.09 2.35 10.51
C ILE B 61 21.03 0.93 9.96
N GLY B 62 19.99 0.65 9.16
CA GLY B 62 19.84 -0.69 8.59
C GLY B 62 20.95 -1.08 7.66
N VAL B 63 21.37 -0.16 6.80
CA VAL B 63 22.44 -0.43 5.84
C VAL B 63 23.77 -0.67 6.57
N VAL B 64 24.08 0.19 7.54
CA VAL B 64 25.32 0.07 8.31
C VAL B 64 25.36 -1.25 9.09
N PHE B 65 24.25 -1.58 9.75
CA PHE B 65 24.19 -2.82 10.52
C PHE B 65 24.34 -4.04 9.62
N SER B 66 23.71 -4.01 8.45
CA SER B 66 23.81 -5.12 7.50
C SER B 66 25.25 -5.28 7.04
N PHE B 67 25.91 -4.14 6.80
CA PHE B 67 27.31 -4.11 6.38
C PHE B 67 28.20 -4.77 7.43
N ILE B 68 28.00 -4.39 8.69
CA ILE B 68 28.79 -4.94 9.80
C ILE B 68 28.53 -6.44 9.97
N TYR B 69 27.26 -6.85 9.87
CA TYR B 69 26.91 -8.27 10.01
C TYR B 69 27.65 -9.12 8.97
N LEU B 70 27.73 -8.59 7.75
CA LEU B 70 28.45 -9.30 6.69
C LEU B 70 29.96 -9.20 6.92
N GLY B 71 30.41 -8.02 7.32
CA GLY B 71 31.81 -7.77 7.59
C GLY B 71 32.36 -8.58 8.75
N ARG B 72 31.57 -8.70 9.81
CA ARG B 72 32.01 -9.46 10.98
C ARG B 72 31.18 -10.73 11.14
N MET C 1 24.41 -20.81 7.88
CA MET C 1 24.80 -20.21 9.19
C MET C 1 24.75 -18.68 9.12
N HIS C 2 24.56 -18.17 7.91
CA HIS C 2 24.49 -16.73 7.69
C HIS C 2 23.05 -16.26 7.57
N LEU C 3 22.11 -17.15 7.84
CA LEU C 3 20.68 -16.84 7.76
C LEU C 3 20.29 -15.81 8.82
N GLY C 4 21.03 -15.81 9.93
CA GLY C 4 20.78 -14.87 11.01
C GLY C 4 20.92 -13.43 10.54
N VAL C 5 21.90 -13.19 9.68
CA VAL C 5 22.14 -11.85 9.14
C VAL C 5 20.90 -11.38 8.38
N LEU C 6 20.34 -12.27 7.57
CA LEU C 6 19.13 -11.96 6.81
C LEU C 6 17.93 -11.73 7.72
N ALA C 7 17.82 -12.52 8.79
CA ALA C 7 16.71 -12.38 9.71
C ALA C 7 16.69 -10.97 10.32
N ALA C 8 17.84 -10.53 10.80
CA ALA C 8 17.94 -9.20 11.37
C ALA C 8 17.84 -8.13 10.30
N ALA C 9 18.45 -8.39 9.14
CA ALA C 9 18.44 -7.45 8.03
C ALA C 9 17.03 -7.22 7.50
N ILE C 10 16.23 -8.26 7.40
CA ILE C 10 14.86 -8.09 6.93
C ILE C 10 14.01 -7.43 8.02
N ALA C 11 14.28 -7.76 9.28
CA ALA C 11 13.54 -7.18 10.39
C ALA C 11 13.78 -5.68 10.49
N VAL C 12 15.04 -5.27 10.32
CA VAL C 12 15.38 -3.86 10.37
C VAL C 12 14.89 -3.17 9.11
N GLY C 13 14.92 -3.91 8.00
CA GLY C 13 14.40 -3.38 6.75
C GLY C 13 12.93 -3.09 6.89
N LEU C 14 12.23 -4.00 7.56
CA LEU C 14 10.81 -3.86 7.81
C LEU C 14 10.56 -2.67 8.75
N GLY C 15 11.41 -2.56 9.78
CA GLY C 15 11.29 -1.47 10.73
C GLY C 15 11.53 -0.13 10.08
N ALA C 16 12.57 -0.06 9.24
CA ALA C 16 12.92 1.15 8.53
C ALA C 16 11.83 1.57 7.55
N LEU C 17 11.25 0.59 6.88
CA LEU C 17 10.21 0.86 5.90
C LEU C 17 8.95 1.40 6.56
N GLY C 18 8.44 0.70 7.57
CA GLY C 18 7.23 1.13 8.24
C GLY C 18 7.36 2.49 8.91
N ALA C 19 8.38 2.65 9.72
CA ALA C 19 8.59 3.92 10.41
C ALA C 19 8.96 5.02 9.42
N GLY C 20 9.74 4.68 8.40
CA GLY C 20 10.15 5.66 7.42
C GLY C 20 8.98 6.30 6.68
N ILE C 21 8.03 5.48 6.24
CA ILE C 21 6.88 6.04 5.53
C ILE C 21 5.94 6.72 6.52
N GLY C 22 5.83 6.14 7.72
CA GLY C 22 4.97 6.71 8.73
C GLY C 22 5.43 8.09 9.15
N ASN C 23 6.74 8.25 9.35
CA ASN C 23 7.31 9.52 9.74
C ASN C 23 7.31 10.52 8.59
N GLY C 24 7.51 10.06 7.36
CA GLY C 24 7.49 10.98 6.25
C GLY C 24 6.16 11.67 6.14
N LEU C 25 5.10 10.87 6.14
CA LEU C 25 3.76 11.40 6.08
C LEU C 25 3.38 12.15 7.35
N ILE C 26 3.85 11.68 8.50
CA ILE C 26 3.52 12.33 9.76
C ILE C 26 4.07 13.76 9.79
N VAL C 27 5.29 13.93 9.28
CA VAL C 27 5.92 15.25 9.27
C VAL C 27 5.25 16.18 8.28
N SER C 28 5.08 15.72 7.03
CA SER C 28 4.47 16.57 6.00
C SER C 28 3.02 16.90 6.33
N ARG C 29 2.28 15.92 6.85
CA ARG C 29 0.88 16.15 7.21
C ARG C 29 0.77 17.09 8.40
N THR C 30 1.65 16.93 9.38
CA THR C 30 1.67 17.80 10.55
C THR C 30 1.90 19.22 10.08
N ILE C 31 2.82 19.32 9.13
CA ILE C 31 3.17 20.58 8.52
C ILE C 31 1.97 21.17 7.76
N GLU C 32 1.26 20.32 7.03
CA GLU C 32 0.08 20.73 6.27
C GLU C 32 -1.00 21.29 7.20
N GLY C 33 -1.20 20.64 8.33
CA GLY C 33 -2.19 21.12 9.29
C GLY C 33 -1.83 22.51 9.81
N ILE C 34 -0.55 22.69 10.11
CA ILE C 34 -0.05 23.97 10.60
C ILE C 34 -0.22 25.06 9.53
N ALA C 35 0.11 24.70 8.30
CA ALA C 35 0.00 25.61 7.16
C ALA C 35 -1.44 26.06 6.92
N ARG C 36 -2.39 25.14 7.09
CA ARG C 36 -3.80 25.44 6.87
C ARG C 36 -4.30 26.54 7.83
N GLN C 37 -3.94 26.41 9.10
CA GLN C 37 -4.36 27.39 10.10
C GLN C 37 -3.32 27.52 11.20
N PRO C 38 -2.86 28.77 11.49
CA PRO C 38 -1.86 29.03 12.52
C PRO C 38 -2.42 28.94 13.95
N GLU C 39 -2.99 27.79 14.29
CA GLU C 39 -3.54 27.59 15.62
C GLU C 39 -2.67 26.61 16.40
N LEU C 40 -1.99 27.10 17.44
CA LEU C 40 -1.11 26.27 18.26
C LEU C 40 -0.09 25.54 17.39
N ARG C 41 0.60 26.29 16.55
CA ARG C 41 1.59 25.73 15.62
C ARG C 41 2.68 24.93 16.33
N PRO C 42 3.34 25.45 17.40
CA PRO C 42 4.39 24.71 18.11
C PRO C 42 3.87 23.40 18.71
N VAL C 43 2.66 23.46 19.25
CA VAL C 43 2.02 22.32 19.89
C VAL C 43 1.75 21.19 18.87
N LEU C 44 1.25 21.57 17.70
CA LEU C 44 0.93 20.60 16.66
C LEU C 44 2.17 19.84 16.20
N GLN C 45 3.25 20.59 15.96
CA GLN C 45 4.51 19.99 15.52
C GLN C 45 5.12 19.16 16.66
N THR C 46 4.94 19.62 17.90
CA THR C 46 5.43 18.89 19.08
C THR C 46 4.74 17.53 19.16
N THR C 47 3.43 17.53 18.90
CA THR C 47 2.64 16.30 18.91
C THR C 47 3.21 15.38 17.83
N MET C 48 3.61 15.98 16.71
CA MET C 48 4.23 15.24 15.61
C MET C 48 5.49 14.53 16.10
N PHE C 49 6.30 15.24 16.89
CA PHE C 49 7.54 14.67 17.43
C PHE C 49 7.24 13.50 18.36
N ILE C 50 6.18 13.60 19.16
CA ILE C 50 5.81 12.50 20.05
C ILE C 50 5.37 11.31 19.19
N GLY C 51 4.79 11.62 18.02
CA GLY C 51 4.39 10.59 17.08
C GLY C 51 5.60 9.87 16.58
N VAL C 52 6.66 10.63 16.35
CA VAL C 52 7.94 10.10 15.91
C VAL C 52 8.45 9.11 16.95
N ALA C 53 8.30 9.49 18.22
CA ALA C 53 8.71 8.65 19.33
C ALA C 53 7.91 7.34 19.38
N LEU C 54 6.59 7.43 19.16
CA LEU C 54 5.73 6.24 19.17
C LEU C 54 6.09 5.25 18.09
N VAL C 55 6.28 5.76 16.89
CA VAL C 55 6.57 4.92 15.75
C VAL C 55 7.99 4.38 15.73
N GLU C 56 8.97 5.15 16.22
CA GLU C 56 10.36 4.69 16.21
C GLU C 56 10.64 3.71 17.34
N ALA C 57 9.75 3.69 18.33
CA ALA C 57 9.91 2.77 19.45
C ALA C 57 9.87 1.33 18.95
N LEU C 58 9.00 1.09 17.98
CA LEU C 58 8.84 -0.22 17.38
C LEU C 58 10.13 -0.69 16.68
N PRO C 59 10.73 0.12 15.73
CA PRO C 59 11.99 -0.25 15.08
C PRO C 59 13.10 -0.52 16.09
N ILE C 60 13.16 0.31 17.14
CA ILE C 60 14.18 0.13 18.17
C ILE C 60 14.02 -1.24 18.85
N ILE C 61 12.79 -1.57 19.24
CA ILE C 61 12.50 -2.84 19.90
C ILE C 61 12.83 -4.03 18.99
N GLY C 62 12.37 -3.97 17.74
CA GLY C 62 12.62 -5.05 16.81
C GLY C 62 14.08 -5.28 16.50
N VAL C 63 14.83 -4.19 16.29
CA VAL C 63 16.25 -4.29 15.98
C VAL C 63 17.03 -4.85 17.16
N VAL C 64 16.73 -4.34 18.37
CA VAL C 64 17.41 -4.80 19.58
C VAL C 64 17.13 -6.28 19.85
N PHE C 65 15.87 -6.68 19.71
CA PHE C 65 15.49 -8.08 19.94
C PHE C 65 16.17 -8.99 18.93
N SER C 66 16.22 -8.57 17.67
CA SER C 66 16.87 -9.35 16.63
C SER C 66 18.36 -9.52 16.95
N PHE C 67 18.96 -8.43 17.42
CA PHE C 67 20.38 -8.42 17.79
C PHE C 67 20.65 -9.44 18.90
N ILE C 68 19.81 -9.42 19.94
CA ILE C 68 19.96 -10.34 21.06
C ILE C 68 19.74 -11.79 20.63
N TYR C 69 18.74 -12.03 19.77
CA TYR C 69 18.46 -13.38 19.30
C TYR C 69 19.68 -13.96 18.58
N LEU C 70 20.35 -13.13 17.79
CA LEU C 70 21.55 -13.56 17.09
C LEU C 70 22.72 -13.69 18.07
N GLY C 71 22.81 -12.71 18.97
CA GLY C 71 23.86 -12.69 19.97
C GLY C 71 23.78 -13.85 20.95
N ARG C 72 22.58 -14.20 21.37
CA ARG C 72 22.40 -15.29 22.32
C ARG C 72 21.70 -16.48 21.66
N MET D 1 18.23 -24.49 12.59
CA MET D 1 17.85 -24.33 14.03
C MET D 1 17.74 -22.85 14.39
N HIS D 2 18.17 -21.99 13.48
CA HIS D 2 18.12 -20.55 13.69
C HIS D 2 16.92 -19.92 13.00
N LEU D 3 16.04 -20.77 12.47
CA LEU D 3 14.84 -20.30 11.78
C LEU D 3 13.90 -19.59 12.75
N GLY D 4 13.96 -19.98 14.02
CA GLY D 4 13.12 -19.36 15.04
C GLY D 4 13.38 -17.88 15.16
N VAL D 5 14.66 -17.49 15.03
CA VAL D 5 15.05 -16.09 15.11
C VAL D 5 14.34 -15.30 14.01
N LEU D 6 14.34 -15.85 12.80
CA LEU D 6 13.68 -15.23 11.66
C LEU D 6 12.17 -15.15 11.86
N ALA D 7 11.58 -16.20 12.44
CA ALA D 7 10.14 -16.22 12.66
C ALA D 7 9.73 -15.05 13.56
N ALA D 8 10.44 -14.88 14.66
CA ALA D 8 10.15 -13.79 15.58
C ALA D 8 10.53 -12.45 14.96
N ALA D 9 11.67 -12.42 14.26
CA ALA D 9 12.16 -11.22 13.63
C ALA D 9 11.21 -10.70 12.57
N ILE D 10 10.64 -11.58 11.76
CA ILE D 10 9.71 -11.16 10.74
C ILE D 10 8.38 -10.76 11.39
N ALA D 11 7.98 -11.47 12.45
CA ALA D 11 6.74 -11.15 13.14
C ALA D 11 6.79 -9.78 13.79
N VAL D 12 7.93 -9.46 14.42
CA VAL D 12 8.11 -8.16 15.04
C VAL D 12 8.28 -7.10 13.98
N GLY D 13 8.93 -7.49 12.87
CA GLY D 13 9.10 -6.57 11.77
C GLY D 13 7.75 -6.19 11.21
N LEU D 14 6.86 -7.18 11.13
CA LEU D 14 5.50 -6.97 10.65
C LEU D 14 4.74 -6.09 11.64
N GLY D 15 4.91 -6.37 12.93
CA GLY D 15 4.26 -5.58 13.97
C GLY D 15 4.72 -4.14 13.97
N ALA D 16 6.02 -3.95 13.82
CA ALA D 16 6.61 -2.62 13.79
C ALA D 16 6.15 -1.83 12.57
N LEU D 17 6.06 -2.52 11.45
CA LEU D 17 5.65 -1.88 10.20
C LEU D 17 4.20 -1.42 10.25
N GLY D 18 3.30 -2.33 10.61
CA GLY D 18 1.89 -2.00 10.66
C GLY D 18 1.57 -0.91 11.66
N ALA D 19 2.01 -1.08 12.90
CA ALA D 19 1.76 -0.10 13.94
C ALA D 19 2.50 1.20 13.65
N GLY D 20 3.71 1.09 13.11
CA GLY D 20 4.51 2.28 12.82
C GLY D 20 3.84 3.21 11.82
N ILE D 21 3.31 2.65 10.73
CA ILE D 21 2.65 3.49 9.74
C ILE D 21 1.30 3.96 10.27
N GLY D 22 0.62 3.07 11.00
CA GLY D 22 -0.66 3.40 11.57
C GLY D 22 -0.58 4.55 12.54
N ASN D 23 0.42 4.51 13.41
CA ASN D 23 0.64 5.56 14.39
C ASN D 23 1.15 6.85 13.76
N GLY D 24 1.99 6.73 12.74
CA GLY D 24 2.49 7.94 12.10
C GLY D 24 1.34 8.75 11.55
N LEU D 25 0.50 8.09 10.76
CA LEU D 25 -0.66 8.75 10.19
C LEU D 25 -1.68 9.13 11.25
N ILE D 26 -1.84 8.30 12.28
CA ILE D 26 -2.81 8.61 13.33
C ILE D 26 -2.44 9.91 14.05
N VAL D 27 -1.16 10.10 14.31
CA VAL D 27 -0.70 11.28 15.01
C VAL D 27 -0.82 12.53 14.14
N SER D 28 -0.30 12.46 12.91
CA SER D 28 -0.35 13.62 12.02
C SER D 28 -1.78 13.99 11.65
N ARG D 29 -2.62 12.99 11.41
CA ARG D 29 -4.02 13.23 11.06
C ARG D 29 -4.78 13.81 12.24
N THR D 30 -4.53 13.27 13.43
CA THR D 30 -5.17 13.77 14.65
C THR D 30 -4.82 15.23 14.80
N ILE D 31 -3.55 15.52 14.53
CA ILE D 31 -3.01 16.86 14.58
C ILE D 31 -3.71 17.75 13.54
N GLU D 32 -3.88 17.21 12.34
CA GLU D 32 -4.52 17.95 11.25
C GLU D 32 -5.95 18.31 11.62
N GLY D 33 -6.67 17.39 12.24
CA GLY D 33 -8.04 17.67 12.65
C GLY D 33 -8.09 18.81 13.65
N ILE D 34 -7.16 18.78 14.61
CA ILE D 34 -7.07 19.80 15.64
C ILE D 34 -6.75 21.16 15.01
N ALA D 35 -5.80 21.15 14.07
CA ALA D 35 -5.38 22.35 13.36
C ALA D 35 -6.52 22.99 12.58
N ARG D 36 -7.35 22.15 11.96
CA ARG D 36 -8.48 22.64 11.15
C ARG D 36 -9.45 23.46 12.00
N GLN D 37 -9.80 22.95 13.18
CA GLN D 37 -10.73 23.64 14.06
C GLN D 37 -10.41 23.33 15.52
N PRO D 38 -10.25 24.39 16.36
CA PRO D 38 -9.94 24.25 17.78
C PRO D 38 -11.15 23.81 18.62
N GLU D 39 -11.73 22.67 18.27
CA GLU D 39 -12.87 22.14 19.00
C GLU D 39 -12.46 20.90 19.78
N LEU D 40 -12.45 21.00 21.11
CA LEU D 40 -12.06 19.89 21.99
C LEU D 40 -10.70 19.33 21.58
N ARG D 41 -9.72 20.24 21.47
CA ARG D 41 -8.36 19.88 21.06
C ARG D 41 -7.74 18.79 21.95
N PRO D 42 -7.75 18.94 23.30
CA PRO D 42 -7.17 17.91 24.19
C PRO D 42 -7.85 16.54 24.03
N VAL D 43 -9.17 16.57 23.87
CA VAL D 43 -9.96 15.35 23.71
C VAL D 43 -9.59 14.60 22.43
N LEU D 44 -9.44 15.34 21.33
CA LEU D 44 -9.12 14.75 20.03
C LEU D 44 -7.76 14.04 20.07
N GLN D 45 -6.77 14.71 20.65
CA GLN D 45 -5.43 14.15 20.76
C GLN D 45 -5.44 12.97 21.73
N THR D 46 -6.26 13.07 22.79
CA THR D 46 -6.39 11.99 23.77
C THR D 46 -6.95 10.74 23.09
N THR D 47 -7.93 10.94 22.21
CA THR D 47 -8.52 9.85 21.45
C THR D 47 -7.41 9.21 20.60
N MET D 48 -6.54 10.07 20.07
CA MET D 48 -5.40 9.63 19.28
C MET D 48 -4.53 8.68 20.10
N PHE D 49 -4.28 9.05 21.36
CA PHE D 49 -3.47 8.24 22.26
C PHE D 49 -4.12 6.88 22.51
N ILE D 50 -5.45 6.85 22.66
CA ILE D 50 -6.14 5.58 22.85
C ILE D 50 -5.99 4.74 21.58
N GLY D 51 -5.92 5.43 20.45
CA GLY D 51 -5.71 4.76 19.18
C GLY D 51 -4.36 4.09 19.17
N VAL D 52 -3.38 4.78 19.75
CA VAL D 52 -2.03 4.28 19.87
C VAL D 52 -2.08 2.98 20.68
N ALA D 53 -2.87 3.00 21.75
CA ALA D 53 -3.04 1.83 22.61
C ALA D 53 -3.66 0.65 21.86
N LEU D 54 -4.68 0.93 21.03
CA LEU D 54 -5.35 -0.11 20.25
C LEU D 54 -4.42 -0.79 19.27
N VAL D 55 -3.67 0.02 18.55
CA VAL D 55 -2.78 -0.47 17.52
C VAL D 55 -1.51 -1.13 18.07
N GLU D 56 -0.98 -0.63 19.18
CA GLU D 56 0.25 -1.20 19.75
C GLU D 56 -0.04 -2.49 20.52
N ALA D 57 -1.30 -2.71 20.86
CA ALA D 57 -1.68 -3.93 21.57
C ALA D 57 -1.35 -5.14 20.72
N LEU D 58 -1.58 -5.01 19.42
CA LEU D 58 -1.33 -6.07 18.47
C LEU D 58 0.17 -6.44 18.41
N PRO D 59 1.11 -5.46 18.20
CA PRO D 59 2.54 -5.75 18.20
C PRO D 59 2.99 -6.40 19.50
N ILE D 60 2.45 -5.93 20.63
CA ILE D 60 2.81 -6.49 21.92
C ILE D 60 2.42 -7.97 22.00
N ILE D 61 1.19 -8.28 21.58
CA ILE D 61 0.69 -9.65 21.59
C ILE D 61 1.51 -10.55 20.68
N GLY D 62 1.76 -10.09 19.45
CA GLY D 62 2.51 -10.88 18.49
C GLY D 62 3.94 -11.16 18.92
N VAL D 63 4.61 -10.12 19.45
CA VAL D 63 5.99 -10.27 19.89
C VAL D 63 6.09 -11.22 21.09
N VAL D 64 5.19 -11.05 22.05
CA VAL D 64 5.18 -11.90 23.24
C VAL D 64 4.90 -13.36 22.88
N PHE D 65 3.92 -13.60 22.02
CA PHE D 65 3.58 -14.94 21.59
C PHE D 65 4.73 -15.60 20.85
N SER D 66 5.39 -14.83 19.98
CA SER D 66 6.54 -15.35 19.24
C SER D 66 7.66 -15.75 20.20
N PHE D 67 7.86 -14.91 21.21
CA PHE D 67 8.88 -15.13 22.23
C PHE D 67 8.61 -16.44 22.97
N ILE D 68 7.35 -16.65 23.38
CA ILE D 68 6.96 -17.86 24.09
C ILE D 68 7.10 -19.10 23.20
N TYR D 69 6.70 -18.98 21.94
CA TYR D 69 6.79 -20.11 21.00
C TYR D 69 8.24 -20.57 20.87
N LEU D 70 9.17 -19.61 20.82
CA LEU D 70 10.59 -19.94 20.73
C LEU D 70 11.08 -20.45 22.08
N GLY D 71 10.64 -19.80 23.15
CA GLY D 71 11.02 -20.17 24.50
C GLY D 71 10.53 -21.55 24.91
N ARG D 72 9.31 -21.88 24.54
CA ARG D 72 8.74 -23.18 24.89
C ARG D 72 8.56 -24.05 23.64
N MET E 1 10.75 -28.74 12.23
CA MET E 1 9.68 -28.96 13.25
C MET E 1 9.30 -27.65 13.91
N HIS E 2 10.08 -26.61 13.64
CA HIS E 2 9.83 -25.30 14.23
C HIS E 2 9.12 -24.38 13.23
N LEU E 3 8.69 -24.96 12.11
CA LEU E 3 7.99 -24.20 11.07
C LEU E 3 6.63 -23.69 11.59
N GLY E 4 6.06 -24.43 12.54
CA GLY E 4 4.79 -24.06 13.12
C GLY E 4 4.85 -22.70 13.79
N VAL E 5 5.98 -22.43 14.45
CA VAL E 5 6.18 -21.14 15.13
C VAL E 5 6.09 -20.01 14.11
N LEU E 6 6.75 -20.19 12.96
CA LEU E 6 6.72 -19.21 11.89
C LEU E 6 5.33 -19.04 11.31
N ALA E 7 4.59 -20.15 11.15
CA ALA E 7 3.25 -20.08 10.60
C ALA E 7 2.35 -19.19 11.47
N ALA E 8 2.39 -19.41 12.77
CA ALA E 8 1.60 -18.61 13.68
C ALA E 8 2.15 -17.19 13.78
N ALA E 9 3.48 -17.08 13.80
CA ALA E 9 4.15 -15.79 13.89
C ALA E 9 3.85 -14.90 12.70
N ILE E 10 3.83 -15.46 11.50
CA ILE E 10 3.52 -14.67 10.34
C ILE E 10 2.03 -14.34 10.29
N ALA E 11 1.19 -15.29 10.73
CA ALA E 11 -0.25 -15.06 10.76
C ALA E 11 -0.62 -13.93 11.71
N VAL E 12 0.00 -13.93 12.90
CA VAL E 12 -0.25 -12.89 13.88
C VAL E 12 0.38 -11.59 13.42
N GLY E 13 1.53 -11.71 12.74
CA GLY E 13 2.18 -10.53 12.19
C GLY E 13 1.28 -9.88 11.18
N LEU E 14 0.63 -10.72 10.36
CA LEU E 14 -0.30 -10.24 9.35
C LEU E 14 -1.52 -9.61 10.02
N GLY E 15 -2.01 -10.25 11.08
CA GLY E 15 -3.16 -9.75 11.81
C GLY E 15 -2.86 -8.41 12.47
N ALA E 16 -1.69 -8.32 13.07
CA ALA E 16 -1.25 -7.10 13.74
C ALA E 16 -1.06 -5.95 12.75
N LEU E 17 -0.52 -6.27 11.59
CA LEU E 17 -0.27 -5.28 10.56
C LEU E 17 -1.57 -4.71 10.00
N GLY E 18 -2.47 -5.59 9.56
CA GLY E 18 -3.72 -5.14 8.99
C GLY E 18 -4.59 -4.37 9.96
N ALA E 19 -4.83 -4.93 11.13
CA ALA E 19 -5.63 -4.25 12.13
C ALA E 19 -4.94 -3.01 12.67
N GLY E 20 -3.63 -3.08 12.82
CA GLY E 20 -2.87 -1.95 13.33
C GLY E 20 -2.98 -0.72 12.46
N ILE E 21 -2.85 -0.87 11.14
CA ILE E 21 -2.96 0.27 10.26
C ILE E 21 -4.42 0.70 10.12
N GLY E 22 -5.32 -0.29 10.12
CA GLY E 22 -6.73 -0.02 10.02
C GLY E 22 -7.24 0.80 11.19
N ASN E 23 -6.81 0.41 12.39
CA ASN E 23 -7.21 1.12 13.60
C ASN E 23 -6.53 2.47 13.73
N GLY E 24 -5.28 2.57 13.30
CA GLY E 24 -4.60 3.85 13.39
C GLY E 24 -5.35 4.90 12.59
N LEU E 25 -5.63 4.58 11.34
CA LEU E 25 -6.37 5.48 10.48
C LEU E 25 -7.81 5.65 10.94
N ILE E 26 -8.42 4.58 11.44
CA ILE E 26 -9.81 4.66 11.89
C ILE E 26 -9.95 5.65 13.04
N VAL E 27 -9.00 5.64 13.96
CA VAL E 27 -9.04 6.52 15.11
C VAL E 27 -8.78 7.97 14.71
N SER E 28 -7.70 8.21 13.97
CA SER E 28 -7.36 9.58 13.55
C SER E 28 -8.42 10.17 12.64
N ARG E 29 -8.95 9.36 11.72
CA ARG E 29 -9.98 9.84 10.80
C ARG E 29 -11.28 10.11 11.54
N THR E 30 -11.63 9.24 12.48
CA THR E 30 -12.84 9.44 13.28
C THR E 30 -12.72 10.75 14.02
N ILE E 31 -11.51 10.98 14.52
CA ILE E 31 -11.17 12.18 15.23
C ILE E 31 -11.28 13.41 14.31
N GLU E 32 -10.78 13.26 13.08
CA GLU E 32 -10.81 14.33 12.10
C GLU E 32 -12.25 14.72 11.77
N GLY E 33 -13.13 13.73 11.64
CA GLY E 33 -14.53 14.01 11.36
C GLY E 33 -15.16 14.81 12.48
N ILE E 34 -14.86 14.41 13.72
CA ILE E 34 -15.37 15.09 14.91
C ILE E 34 -14.86 16.53 14.95
N ALA E 35 -13.58 16.69 14.67
CA ALA E 35 -12.93 18.00 14.67
C ALA E 35 -13.54 18.95 13.64
N ARG E 36 -13.88 18.41 12.47
CA ARG E 36 -14.46 19.22 11.40
C ARG E 36 -15.80 19.84 11.82
N GLN E 37 -16.66 19.06 12.45
CA GLN E 37 -17.95 19.55 12.89
C GLN E 37 -18.41 18.82 14.15
N PRO E 38 -18.76 19.58 15.21
CA PRO E 38 -19.22 18.99 16.48
C PRO E 38 -20.66 18.46 16.42
N GLU E 39 -20.90 17.53 15.50
CA GLU E 39 -22.22 16.93 15.36
C GLU E 39 -22.19 15.49 15.83
N LEU E 40 -22.86 15.20 16.95
CA LEU E 40 -22.90 13.86 17.52
C LEU E 40 -21.50 13.31 17.73
N ARG E 41 -20.66 14.11 18.39
CA ARG E 41 -19.27 13.74 18.65
C ARG E 41 -19.12 12.39 19.37
N PRO E 42 -19.84 12.14 20.50
CA PRO E 42 -19.72 10.85 21.21
C PRO E 42 -20.12 9.67 20.33
N VAL E 43 -21.18 9.87 19.54
CA VAL E 43 -21.69 8.83 18.65
C VAL E 43 -20.68 8.44 17.58
N LEU E 44 -20.03 9.45 16.99
CA LEU E 44 -19.05 9.21 15.93
C LEU E 44 -17.86 8.40 16.43
N GLN E 45 -17.35 8.78 17.61
CA GLN E 45 -16.23 8.08 18.21
C GLN E 45 -16.66 6.68 18.65
N THR E 46 -17.91 6.54 19.11
CA THR E 46 -18.46 5.25 19.53
C THR E 46 -18.49 4.31 18.32
N THR E 47 -18.90 4.84 17.17
CA THR E 47 -18.94 4.08 15.93
C THR E 47 -17.52 3.62 15.62
N MET E 48 -16.56 4.50 15.89
CA MET E 48 -15.14 4.19 15.69
C MET E 48 -14.75 2.96 16.52
N PHE E 49 -15.21 2.93 17.77
CA PHE E 49 -14.94 1.82 18.68
C PHE E 49 -15.53 0.51 18.15
N ILE E 50 -16.74 0.58 17.58
CA ILE E 50 -17.34 -0.61 17.02
C ILE E 50 -16.52 -1.07 15.82
N GLY E 51 -15.91 -0.10 15.13
CA GLY E 51 -15.03 -0.39 14.02
C GLY E 51 -13.83 -1.17 14.50
N VAL E 52 -13.35 -0.76 15.67
CA VAL E 52 -12.22 -1.41 16.31
C VAL E 52 -12.58 -2.87 16.57
N ALA E 53 -13.82 -3.08 17.03
CA ALA E 53 -14.32 -4.43 17.29
C ALA E 53 -14.39 -5.28 16.01
N LEU E 54 -14.85 -4.68 14.91
CA LEU E 54 -14.96 -5.39 13.63
C LEU E 54 -13.62 -5.84 13.11
N VAL E 55 -12.66 -4.93 13.14
CA VAL E 55 -11.34 -5.20 12.63
C VAL E 55 -10.50 -6.10 13.51
N GLU E 56 -10.64 -5.99 14.84
CA GLU E 56 -9.85 -6.82 15.75
C GLU E 56 -10.40 -8.25 15.85
N ALA E 57 -11.64 -8.43 15.42
CA ALA E 57 -12.25 -9.75 15.44
C ALA E 57 -11.46 -10.70 14.56
N LEU E 58 -11.00 -10.18 13.44
CA LEU E 58 -10.22 -10.95 12.47
C LEU E 58 -8.88 -11.43 13.08
N PRO E 59 -8.04 -10.53 13.67
CA PRO E 59 -6.78 -10.94 14.32
C PRO E 59 -7.03 -11.98 15.40
N ILE E 60 -8.10 -11.80 16.18
CA ILE E 60 -8.42 -12.74 17.24
C ILE E 60 -8.70 -14.13 16.67
N ILE E 61 -9.52 -14.18 15.62
CA ILE E 61 -9.86 -15.45 14.97
C ILE E 61 -8.63 -16.13 14.38
N GLY E 62 -7.82 -15.37 13.65
CA GLY E 62 -6.63 -15.92 13.03
C GLY E 62 -5.60 -16.44 14.02
N VAL E 63 -5.36 -15.68 15.09
CA VAL E 63 -4.40 -16.07 16.11
C VAL E 63 -4.87 -17.33 16.84
N VAL E 64 -6.15 -17.36 17.22
CA VAL E 64 -6.72 -18.52 17.93
C VAL E 64 -6.67 -19.77 17.06
N PHE E 65 -7.05 -19.64 15.79
CA PHE E 65 -7.04 -20.78 14.87
C PHE E 65 -5.63 -21.29 14.67
N SER E 66 -4.66 -20.39 14.54
CA SER E 66 -3.26 -20.78 14.35
C SER E 66 -2.77 -21.54 15.59
N PHE E 67 -3.18 -21.05 16.75
CA PHE E 67 -2.82 -21.67 18.03
C PHE E 67 -3.34 -23.10 18.10
N ILE E 68 -4.61 -23.28 17.74
CA ILE E 68 -5.24 -24.60 17.76
C ILE E 68 -4.58 -25.55 16.75
N TYR E 69 -4.28 -25.03 15.55
CA TYR E 69 -3.64 -25.85 14.51
C TYR E 69 -2.31 -26.40 15.01
N LEU E 70 -1.55 -25.56 15.72
CA LEU E 70 -0.28 -25.99 16.27
C LEU E 70 -0.50 -26.92 17.46
N GLY E 71 -1.48 -26.55 18.29
CA GLY E 71 -1.82 -27.33 19.47
C GLY E 71 -2.35 -28.70 19.15
N ARG E 72 -3.20 -28.81 18.13
CA ARG E 72 -3.77 -30.08 17.74
C ARG E 72 -3.22 -30.54 16.39
N MET F 1 4.79 -31.97 6.88
CA MET F 1 3.37 -32.37 7.09
C MET F 1 2.61 -31.28 7.83
N HIS F 2 3.35 -30.28 8.31
CA HIS F 2 2.75 -29.16 9.04
C HIS F 2 2.60 -27.93 8.15
N LEU F 3 2.84 -28.12 6.86
CA LEU F 3 2.73 -27.03 5.88
C LEU F 3 1.27 -26.57 5.76
N GLY F 4 0.34 -27.50 6.02
CA GLY F 4 -1.08 -27.18 5.96
C GLY F 4 -1.47 -26.08 6.93
N VAL F 5 -0.85 -26.10 8.12
CA VAL F 5 -1.10 -25.11 9.14
C VAL F 5 -0.73 -23.73 8.60
N LEU F 6 0.43 -23.64 7.96
CA LEU F 6 0.90 -22.39 7.36
C LEU F 6 -0.01 -21.92 6.24
N ALA F 7 -0.49 -22.87 5.43
CA ALA F 7 -1.37 -22.51 4.31
C ALA F 7 -2.62 -21.82 4.81
N ALA F 8 -3.25 -22.41 5.82
CA ALA F 8 -4.46 -21.82 6.40
C ALA F 8 -4.12 -20.55 7.17
N ALA F 9 -3.00 -20.59 7.89
CA ALA F 9 -2.56 -19.45 8.70
C ALA F 9 -2.26 -18.23 7.84
N ILE F 10 -1.63 -18.43 6.69
CA ILE F 10 -1.34 -17.30 5.83
C ILE F 10 -2.61 -16.83 5.13
N ALA F 11 -3.50 -17.78 4.78
CA ALA F 11 -4.76 -17.43 4.14
C ALA F 11 -5.64 -16.59 5.06
N VAL F 12 -5.70 -16.98 6.33
CA VAL F 12 -6.50 -16.24 7.31
C VAL F 12 -5.81 -14.94 7.63
N GLY F 13 -4.48 -14.96 7.63
CA GLY F 13 -3.71 -13.76 7.87
C GLY F 13 -4.00 -12.75 6.78
N LEU F 14 -4.09 -13.25 5.54
CA LEU F 14 -4.40 -12.43 4.39
C LEU F 14 -5.83 -11.89 4.50
N GLY F 15 -6.74 -12.76 4.91
CA GLY F 15 -8.14 -12.37 5.07
C GLY F 15 -8.31 -11.32 6.15
N ALA F 16 -7.61 -11.51 7.27
CA ALA F 16 -7.66 -10.58 8.39
C ALA F 16 -7.08 -9.24 8.02
N LEU F 17 -5.99 -9.26 7.27
CA LEU F 17 -5.32 -8.04 6.86
C LEU F 17 -6.18 -7.21 5.90
N GLY F 18 -6.66 -7.84 4.83
CA GLY F 18 -7.47 -7.13 3.86
C GLY F 18 -8.76 -6.57 4.44
N ALA F 19 -9.52 -7.42 5.11
CA ALA F 19 -10.78 -6.99 5.70
C ALA F 19 -10.54 -6.02 6.85
N GLY F 20 -9.49 -6.26 7.62
CA GLY F 20 -9.17 -5.40 8.75
C GLY F 20 -8.91 -3.97 8.35
N ILE F 21 -8.11 -3.75 7.30
CA ILE F 21 -7.82 -2.40 6.88
C ILE F 21 -9.03 -1.81 6.15
N GLY F 22 -9.73 -2.67 5.40
CA GLY F 22 -10.91 -2.23 4.67
C GLY F 22 -11.99 -1.73 5.62
N ASN F 23 -12.23 -2.49 6.68
CA ASN F 23 -13.23 -2.13 7.68
C ASN F 23 -12.80 -0.94 8.52
N GLY F 24 -11.52 -0.85 8.83
CA GLY F 24 -11.08 0.28 9.63
C GLY F 24 -11.36 1.58 8.92
N LEU F 25 -10.95 1.66 7.67
CA LEU F 25 -11.19 2.84 6.86
C LEU F 25 -12.67 3.01 6.54
N ILE F 26 -13.38 1.90 6.33
CA ILE F 26 -14.81 1.99 6.01
C ILE F 26 -15.59 2.63 7.16
N VAL F 27 -15.24 2.26 8.39
CA VAL F 27 -15.93 2.78 9.56
C VAL F 27 -15.59 4.25 9.79
N SER F 28 -14.30 4.58 9.81
CA SER F 28 -13.89 5.97 10.05
C SER F 28 -14.36 6.90 8.94
N ARG F 29 -14.29 6.44 7.69
CA ARG F 29 -14.73 7.26 6.57
C ARG F 29 -16.24 7.45 6.58
N THR F 30 -16.97 6.37 6.91
CA THR F 30 -18.43 6.45 7.01
C THR F 30 -18.79 7.49 8.04
N ILE F 31 -18.03 7.43 9.14
CA ILE F 31 -18.18 8.35 10.24
C ILE F 31 -17.88 9.79 9.80
N GLU F 32 -16.81 9.95 9.01
CA GLU F 32 -16.41 11.26 8.51
C GLU F 32 -17.49 11.86 7.64
N GLY F 33 -18.11 11.03 6.79
CA GLY F 33 -19.19 11.52 5.94
C GLY F 33 -20.37 12.03 6.76
N ILE F 34 -20.70 11.27 7.80
CA ILE F 34 -21.80 11.63 8.70
C ILE F 34 -21.47 12.94 9.43
N ALA F 35 -20.24 13.05 9.89
CA ALA F 35 -19.77 14.22 10.60
C ALA F 35 -19.83 15.49 9.75
N ARG F 36 -19.48 15.34 8.46
CA ARG F 36 -19.48 16.48 7.54
C ARG F 36 -20.88 17.08 7.40
N GLN F 37 -21.88 16.24 7.23
CA GLN F 37 -23.26 16.71 7.08
C GLN F 37 -24.25 15.70 7.65
N PRO F 38 -25.15 16.15 8.54
CA PRO F 38 -26.15 15.28 9.18
C PRO F 38 -27.32 14.93 8.24
N GLU F 39 -26.99 14.33 7.10
CA GLU F 39 -28.01 13.93 6.14
C GLU F 39 -28.13 12.41 6.10
N LEU F 40 -29.27 11.89 6.58
CA LEU F 40 -29.51 10.44 6.63
C LEU F 40 -28.37 9.72 7.34
N ARG F 41 -28.06 10.21 8.55
CA ARG F 41 -26.97 9.66 9.36
C ARG F 41 -27.11 8.15 9.62
N PRO F 42 -28.29 7.66 10.09
CA PRO F 42 -28.48 6.22 10.34
C PRO F 42 -28.29 5.38 9.08
N VAL F 43 -28.80 5.89 7.96
CA VAL F 43 -28.72 5.21 6.68
C VAL F 43 -27.27 5.05 6.21
N LEU F 44 -26.49 6.11 6.36
CA LEU F 44 -25.09 6.10 5.93
C LEU F 44 -24.28 5.06 6.70
N GLN F 45 -24.46 5.04 8.02
CA GLN F 45 -23.76 4.09 8.87
C GLN F 45 -24.27 2.66 8.59
N THR F 46 -25.58 2.53 8.30
CA THR F 46 -26.17 1.23 7.97
C THR F 46 -25.52 0.68 6.71
N THR F 47 -25.30 1.56 5.72
CA THR F 47 -24.65 1.19 4.47
C THR F 47 -23.25 0.69 4.80
N MET F 48 -22.63 1.36 5.78
CA MET F 48 -21.29 0.98 6.24
C MET F 48 -21.31 -0.46 6.74
N PHE F 49 -22.35 -0.80 7.52
CA PHE F 49 -22.49 -2.15 8.07
C PHE F 49 -22.65 -3.18 6.95
N ILE F 50 -23.39 -2.84 5.90
CA ILE F 50 -23.55 -3.76 4.78
C ILE F 50 -22.19 -3.93 4.10
N GLY F 51 -21.39 -2.86 4.13
CA GLY F 51 -20.04 -2.92 3.59
C GLY F 51 -19.21 -3.90 4.36
N VAL F 52 -19.42 -3.91 5.67
CA VAL F 52 -18.73 -4.82 6.57
C VAL F 52 -19.09 -6.25 6.17
N ALA F 53 -20.37 -6.46 5.85
CA ALA F 53 -20.85 -7.77 5.42
C ALA F 53 -20.20 -8.20 4.10
N LEU F 54 -20.06 -7.27 3.14
CA LEU F 54 -19.46 -7.57 1.84
C LEU F 54 -18.01 -7.99 1.98
N VAL F 55 -17.27 -7.22 2.74
CA VAL F 55 -15.86 -7.46 2.92
C VAL F 55 -15.53 -8.65 3.80
N GLU F 56 -16.34 -8.92 4.83
CA GLU F 56 -16.07 -10.05 5.73
C GLU F 56 -16.50 -11.38 5.11
N ALA F 57 -17.33 -11.31 4.08
CA ALA F 57 -17.78 -12.51 3.40
C ALA F 57 -16.59 -13.25 2.81
N LEU F 58 -15.65 -12.47 2.28
CA LEU F 58 -14.45 -13.01 1.68
C LEU F 58 -13.58 -13.78 2.70
N PRO F 59 -13.22 -13.16 3.88
CA PRO F 59 -12.45 -13.87 4.91
C PRO F 59 -13.15 -15.14 5.36
N ILE F 60 -14.47 -15.08 5.50
CA ILE F 60 -15.23 -16.25 5.92
C ILE F 60 -15.08 -17.39 4.90
N ILE F 61 -15.24 -17.06 3.63
CA ILE F 61 -15.13 -18.05 2.56
C ILE F 61 -13.73 -18.65 2.50
N GLY F 62 -12.70 -17.79 2.55
CA GLY F 62 -11.32 -18.26 2.48
C GLY F 62 -10.93 -19.15 3.65
N VAL F 63 -11.32 -18.74 4.86
CA VAL F 63 -11.00 -19.51 6.06
C VAL F 63 -11.69 -20.87 6.05
N VAL F 64 -12.98 -20.88 5.69
CA VAL F 64 -13.76 -22.12 5.64
C VAL F 64 -13.19 -23.08 4.59
N PHE F 65 -12.87 -22.56 3.40
CA PHE F 65 -12.31 -23.38 2.33
C PHE F 65 -10.97 -23.96 2.73
N SER F 66 -10.13 -23.15 3.38
CA SER F 66 -8.82 -23.60 3.83
C SER F 66 -8.97 -24.73 4.85
N PHE F 67 -9.96 -24.56 5.75
CA PHE F 67 -10.26 -25.54 6.77
C PHE F 67 -10.66 -26.88 6.14
N ILE F 68 -11.55 -26.83 5.16
CA ILE F 68 -12.00 -28.03 4.46
C ILE F 68 -10.86 -28.70 3.70
N TYR F 69 -10.02 -27.90 3.03
CA TYR F 69 -8.89 -28.45 2.27
C TYR F 69 -7.97 -29.24 3.19
N LEU F 70 -7.74 -28.72 4.39
CA LEU F 70 -6.90 -29.41 5.37
C LEU F 70 -7.65 -30.61 5.94
N GLY F 71 -8.93 -30.40 6.23
CA GLY F 71 -9.78 -31.45 6.78
C GLY F 71 -9.98 -32.62 5.84
N ARG F 72 -10.17 -32.34 4.56
CA ARG F 72 -10.38 -33.39 3.58
C ARG F 72 -9.19 -33.48 2.62
N MET G 1 2.68 -32.91 -1.42
CA MET G 1 1.39 -33.21 -2.08
C MET G 1 0.28 -32.31 -1.54
N HIS G 2 0.60 -31.57 -0.49
CA HIS G 2 -0.36 -30.66 0.13
C HIS G 2 -0.11 -29.22 -0.31
N LEU G 3 0.77 -29.05 -1.29
CA LEU G 3 1.10 -27.72 -1.81
C LEU G 3 -0.12 -27.11 -2.52
N GLY G 4 -0.98 -27.97 -3.05
CA GLY G 4 -2.18 -27.50 -3.74
C GLY G 4 -3.08 -26.70 -2.82
N VAL G 5 -3.16 -27.13 -1.56
CA VAL G 5 -3.98 -26.44 -0.55
C VAL G 5 -3.48 -25.01 -0.39
N LEU G 6 -2.16 -24.85 -0.30
CA LEU G 6 -1.54 -23.54 -0.18
C LEU G 6 -1.76 -22.69 -1.41
N ALA G 7 -1.70 -23.30 -2.60
CA ALA G 7 -1.89 -22.57 -3.84
C ALA G 7 -3.28 -21.92 -3.87
N ALA G 8 -4.30 -22.71 -3.55
CA ALA G 8 -5.65 -22.20 -3.52
C ALA G 8 -5.85 -21.25 -2.34
N ALA G 9 -5.25 -21.59 -1.19
CA ALA G 9 -5.36 -20.78 0.01
C ALA G 9 -4.76 -19.40 -0.18
N ILE G 10 -3.61 -19.32 -0.83
CA ILE G 10 -2.99 -18.03 -1.07
C ILE G 10 -3.76 -17.27 -2.14
N ALA G 11 -4.28 -17.98 -3.14
CA ALA G 11 -5.05 -17.34 -4.20
C ALA G 11 -6.33 -16.71 -3.66
N VAL G 12 -7.01 -17.45 -2.78
CA VAL G 12 -8.24 -16.94 -2.18
C VAL G 12 -7.91 -15.86 -1.17
N GLY G 13 -6.76 -16.01 -0.51
CA GLY G 13 -6.31 -15.00 0.43
C GLY G 13 -6.06 -13.71 -0.30
N LEU G 14 -5.48 -13.83 -1.50
CA LEU G 14 -5.20 -12.68 -2.35
C LEU G 14 -6.52 -12.05 -2.82
N GLY G 15 -7.45 -12.92 -3.20
CA GLY G 15 -8.75 -12.46 -3.67
C GLY G 15 -9.52 -11.75 -2.58
N ALA G 16 -9.49 -12.31 -1.38
CA ALA G 16 -10.16 -11.75 -0.22
C ALA G 16 -9.56 -10.40 0.18
N LEU G 17 -8.24 -10.32 0.11
CA LEU G 17 -7.54 -9.11 0.48
C LEU G 17 -7.85 -7.97 -0.48
N GLY G 18 -7.67 -8.21 -1.78
CA GLY G 18 -7.91 -7.17 -2.77
C GLY G 18 -9.34 -6.68 -2.80
N ALA G 19 -10.29 -7.61 -2.89
CA ALA G 19 -11.69 -7.24 -2.93
C ALA G 19 -12.14 -6.67 -1.59
N GLY G 20 -11.62 -7.23 -0.50
CA GLY G 20 -11.99 -6.76 0.83
C GLY G 20 -11.65 -5.30 1.07
N ILE G 21 -10.45 -4.88 0.68
CA ILE G 21 -10.07 -3.49 0.88
C ILE G 21 -10.76 -2.60 -0.14
N GLY G 22 -10.93 -3.14 -1.36
CA GLY G 22 -11.60 -2.41 -2.41
C GLY G 22 -13.03 -2.10 -2.06
N ASN G 23 -13.73 -3.10 -1.54
CA ASN G 23 -15.13 -2.94 -1.13
C ASN G 23 -15.26 -2.09 0.11
N GLY G 24 -14.33 -2.21 1.05
CA GLY G 24 -14.44 -1.41 2.26
C GLY G 24 -14.42 0.07 1.91
N LEU G 25 -13.42 0.45 1.13
CA LEU G 25 -13.29 1.84 0.70
C LEU G 25 -14.41 2.23 -0.26
N ILE G 26 -14.84 1.31 -1.12
CA ILE G 26 -15.90 1.63 -2.07
C ILE G 26 -17.19 1.98 -1.35
N VAL G 27 -17.50 1.23 -0.29
CA VAL G 27 -18.72 1.47 0.45
C VAL G 27 -18.66 2.77 1.25
N SER G 28 -17.58 2.96 2.02
CA SER G 28 -17.44 4.16 2.84
C SER G 28 -17.34 5.42 1.98
N ARG G 29 -16.61 5.33 0.86
CA ARG G 29 -16.46 6.47 -0.03
C ARG G 29 -17.78 6.80 -0.73
N THR G 30 -18.50 5.75 -1.15
CA THR G 30 -19.79 5.94 -1.79
C THR G 30 -20.71 6.67 -0.83
N ILE G 31 -20.62 6.23 0.42
CA ILE G 31 -21.37 6.81 1.51
C ILE G 31 -20.98 8.27 1.73
N GLU G 32 -19.67 8.54 1.68
CA GLU G 32 -19.16 9.89 1.87
C GLU G 32 -19.68 10.82 0.78
N GLY G 33 -19.71 10.34 -0.46
CA GLY G 33 -20.23 11.16 -1.55
C GLY G 33 -21.69 11.51 -1.33
N ILE G 34 -22.47 10.53 -0.89
CA ILE G 34 -23.89 10.72 -0.61
C ILE G 34 -24.08 11.73 0.53
N ALA G 35 -23.27 11.58 1.56
CA ALA G 35 -23.31 12.46 2.73
C ALA G 35 -23.00 13.91 2.37
N ARG G 36 -22.03 14.11 1.47
CA ARG G 36 -21.63 15.45 1.05
C ARG G 36 -22.80 16.20 0.40
N GLN G 37 -23.52 15.54 -0.49
CA GLN G 37 -24.64 16.17 -1.17
C GLN G 37 -25.72 15.15 -1.50
N PRO G 38 -26.98 15.40 -1.11
CA PRO G 38 -28.11 14.49 -1.37
C PRO G 38 -28.59 14.54 -2.82
N GLU G 39 -27.70 14.26 -3.75
CA GLU G 39 -28.05 14.26 -5.17
C GLU G 39 -28.03 12.82 -5.69
N LEU G 40 -29.21 12.31 -6.04
CA LEU G 40 -29.35 10.94 -6.56
C LEU G 40 -28.70 9.93 -5.61
N ARG G 41 -29.08 10.03 -4.33
CA ARG G 41 -28.52 9.17 -3.29
C ARG G 41 -28.68 7.67 -3.59
N PRO G 42 -29.90 7.17 -3.96
CA PRO G 42 -30.10 5.74 -4.27
C PRO G 42 -29.24 5.28 -5.44
N VAL G 43 -29.13 6.15 -6.45
CA VAL G 43 -28.35 5.85 -7.65
C VAL G 43 -26.86 5.69 -7.34
N LEU G 44 -26.33 6.60 -6.52
CA LEU G 44 -24.92 6.57 -6.16
C LEU G 44 -24.56 5.27 -5.42
N GLN G 45 -25.39 4.89 -4.46
CA GLN G 45 -25.17 3.67 -3.69
C GLN G 45 -25.36 2.44 -4.60
N THR G 46 -26.31 2.53 -5.53
CA THR G 46 -26.57 1.44 -6.48
C THR G 46 -25.32 1.22 -7.34
N THR G 47 -24.70 2.31 -7.77
CA THR G 47 -23.48 2.25 -8.57
C THR G 47 -22.41 1.55 -7.72
N MET G 48 -22.42 1.85 -6.43
CA MET G 48 -21.49 1.22 -5.48
C MET G 48 -21.67 -0.29 -5.51
N PHE G 49 -22.93 -0.74 -5.50
CA PHE G 49 -23.25 -2.16 -5.53
C PHE G 49 -22.74 -2.82 -6.82
N ILE G 50 -22.86 -2.11 -7.94
CA ILE G 50 -22.35 -2.66 -9.21
C ILE G 50 -20.83 -2.75 -9.11
N GLY G 51 -20.23 -1.83 -8.37
CA GLY G 51 -18.81 -1.85 -8.14
C GLY G 51 -18.42 -3.09 -7.38
N VAL G 52 -19.27 -3.46 -6.43
CA VAL G 52 -19.09 -4.65 -5.62
C VAL G 52 -19.09 -5.86 -6.55
N ALA G 53 -20.00 -5.85 -7.52
CA ALA G 53 -20.11 -6.92 -8.51
C ALA G 53 -18.84 -7.03 -9.36
N LEU G 54 -18.31 -5.87 -9.79
CA LEU G 54 -17.10 -5.85 -10.62
C LEU G 54 -15.90 -6.43 -9.91
N VAL G 55 -15.71 -6.00 -8.68
CA VAL G 55 -14.57 -6.40 -7.89
C VAL G 55 -14.67 -7.83 -7.36
N GLU G 56 -15.88 -8.29 -7.02
CA GLU G 56 -16.04 -9.65 -6.50
C GLU G 56 -16.00 -10.70 -7.60
N ALA G 57 -16.18 -10.26 -8.84
CA ALA G 57 -16.13 -11.17 -9.98
C ALA G 57 -14.77 -11.82 -10.06
N LEU G 58 -13.74 -11.02 -9.78
CA LEU G 58 -12.36 -11.48 -9.81
C LEU G 58 -12.10 -12.58 -8.77
N PRO G 59 -12.44 -12.37 -7.46
CA PRO G 59 -12.26 -13.42 -6.44
C PRO G 59 -13.01 -14.69 -6.80
N ILE G 60 -14.22 -14.54 -7.34
CA ILE G 60 -15.00 -15.71 -7.74
C ILE G 60 -14.28 -16.51 -8.82
N ILE G 61 -13.78 -15.82 -9.84
CA ILE G 61 -13.06 -16.46 -10.93
C ILE G 61 -11.79 -17.16 -10.44
N GLY G 62 -11.00 -16.46 -9.63
CA GLY G 62 -9.76 -17.02 -9.12
C GLY G 62 -9.96 -18.23 -8.24
N VAL G 63 -10.95 -18.16 -7.34
CA VAL G 63 -11.23 -19.26 -6.43
C VAL G 63 -11.73 -20.49 -7.20
N VAL G 64 -12.65 -20.27 -8.14
CA VAL G 64 -13.20 -21.36 -8.94
C VAL G 64 -12.11 -22.04 -9.79
N PHE G 65 -11.27 -21.23 -10.43
CA PHE G 65 -10.19 -21.76 -11.26
C PHE G 65 -9.20 -22.56 -10.41
N SER G 66 -8.87 -22.05 -9.22
CA SER G 66 -7.96 -22.74 -8.33
C SER G 66 -8.54 -24.09 -7.92
N PHE G 67 -9.85 -24.09 -7.65
CA PHE G 67 -10.57 -25.29 -7.26
C PHE G 67 -10.49 -26.34 -8.36
N ILE G 68 -10.75 -25.92 -9.59
CA ILE G 68 -10.70 -26.83 -10.74
C ILE G 68 -9.29 -27.36 -10.98
N TYR G 69 -8.28 -26.50 -10.86
CA TYR G 69 -6.90 -26.90 -11.06
C TYR G 69 -6.52 -28.02 -10.08
N LEU G 70 -6.98 -27.88 -8.84
CA LEU G 70 -6.71 -28.90 -7.83
C LEU G 70 -7.57 -30.14 -8.10
N GLY G 71 -8.83 -29.90 -8.45
CA GLY G 71 -9.77 -30.97 -8.75
C GLY G 71 -9.39 -31.79 -9.96
N ARG G 72 -8.90 -31.15 -11.00
CA ARG G 72 -8.50 -31.85 -12.21
C ARG G 72 -6.99 -31.78 -12.42
N MET H 1 5.23 -31.22 -9.45
CA MET H 1 4.47 -31.19 -10.74
C MET H 1 3.19 -30.37 -10.60
N HIS H 2 2.88 -30.00 -9.36
CA HIS H 2 1.68 -29.23 -9.09
C HIS H 2 2.02 -27.75 -8.90
N LEU H 3 3.26 -27.39 -9.19
CA LEU H 3 3.73 -26.01 -9.06
C LEU H 3 3.01 -25.10 -10.06
N GLY H 4 2.60 -25.69 -11.19
CA GLY H 4 1.89 -24.94 -12.21
C GLY H 4 0.59 -24.34 -11.69
N VAL H 5 -0.10 -25.11 -10.83
CA VAL H 5 -1.35 -24.66 -10.24
C VAL H 5 -1.10 -23.38 -9.44
N LEU H 6 -0.03 -23.39 -8.65
CA LEU H 6 0.35 -22.23 -7.84
C LEU H 6 0.73 -21.05 -8.71
N ALA H 7 1.45 -21.30 -9.81
CA ALA H 7 1.86 -20.23 -10.70
C ALA H 7 0.66 -19.47 -11.24
N ALA H 8 -0.34 -20.21 -11.72
CA ALA H 8 -1.55 -19.60 -12.24
C ALA H 8 -2.37 -19.01 -11.11
N ALA H 9 -2.44 -19.72 -9.99
CA ALA H 9 -3.20 -19.28 -8.82
C ALA H 9 -2.68 -17.97 -8.26
N ILE H 10 -1.37 -17.82 -8.19
CA ILE H 10 -0.80 -16.58 -7.68
C ILE H 10 -0.96 -15.48 -8.71
N ALA H 11 -0.85 -15.81 -10.00
CA ALA H 11 -1.00 -14.83 -11.06
C ALA H 11 -2.42 -14.26 -11.09
N VAL H 12 -3.41 -15.15 -10.94
CA VAL H 12 -4.80 -14.72 -10.93
C VAL H 12 -5.11 -14.01 -9.62
N GLY H 13 -4.46 -14.45 -8.55
CA GLY H 13 -4.62 -13.81 -7.27
C GLY H 13 -4.11 -12.39 -7.35
N LEU H 14 -2.99 -12.22 -8.05
CA LEU H 14 -2.40 -10.90 -8.26
C LEU H 14 -3.31 -10.04 -9.13
N GLY H 15 -3.86 -10.67 -10.17
CA GLY H 15 -4.77 -9.97 -11.08
C GLY H 15 -6.04 -9.52 -10.37
N ALA H 16 -6.59 -10.42 -9.55
CA ALA H 16 -7.80 -10.14 -8.79
C ALA H 16 -7.58 -9.04 -7.78
N LEU H 17 -6.42 -9.06 -7.14
CA LEU H 17 -6.09 -8.08 -6.12
C LEU H 17 -5.93 -6.68 -6.71
N GLY H 18 -5.10 -6.56 -7.75
CA GLY H 18 -4.88 -5.27 -8.37
C GLY H 18 -6.12 -4.65 -8.97
N ALA H 19 -6.80 -5.42 -9.80
CA ALA H 19 -8.02 -4.92 -10.44
C ALA H 19 -9.13 -4.72 -9.42
N GLY H 20 -9.21 -5.62 -8.42
CA GLY H 20 -10.23 -5.51 -7.41
C GLY H 20 -10.17 -4.22 -6.62
N ILE H 21 -8.97 -3.83 -6.18
CA ILE H 21 -8.84 -2.59 -5.42
C ILE H 21 -8.97 -1.39 -6.35
N GLY H 22 -8.45 -1.54 -7.57
CA GLY H 22 -8.52 -0.47 -8.55
C GLY H 22 -9.95 -0.13 -8.90
N ASN H 23 -10.76 -1.18 -9.12
CA ASN H 23 -12.16 -1.00 -9.47
C ASN H 23 -12.99 -0.54 -8.28
N GLY H 24 -12.66 -1.01 -7.08
CA GLY H 24 -13.42 -0.58 -5.93
C GLY H 24 -13.32 0.93 -5.76
N LEU H 25 -12.10 1.41 -5.76
CA LEU H 25 -11.87 2.85 -5.64
C LEU H 25 -12.35 3.61 -6.86
N ILE H 26 -12.21 3.01 -8.06
CA ILE H 26 -12.65 3.69 -9.27
C ILE H 26 -14.15 3.94 -9.24
N VAL H 27 -14.92 2.97 -8.76
CA VAL H 27 -16.36 3.09 -8.71
C VAL H 27 -16.79 4.09 -7.65
N SER H 28 -16.28 3.95 -6.43
CA SER H 28 -16.67 4.86 -5.34
C SER H 28 -16.22 6.29 -5.62
N ARG H 29 -15.02 6.46 -6.17
CA ARG H 29 -14.51 7.79 -6.48
C ARG H 29 -15.30 8.41 -7.62
N THR H 30 -15.63 7.61 -8.64
CA THR H 30 -16.42 8.10 -9.76
C THR H 30 -17.74 8.60 -9.23
N ILE H 31 -18.28 7.83 -8.30
CA ILE H 31 -19.52 8.13 -7.64
C ILE H 31 -19.39 9.43 -6.83
N GLU H 32 -18.28 9.57 -6.12
CA GLU H 32 -18.02 10.76 -5.31
C GLU H 32 -17.97 12.01 -6.18
N GLY H 33 -17.33 11.90 -7.35
CA GLY H 33 -17.27 13.04 -8.26
C GLY H 33 -18.65 13.47 -8.71
N ILE H 34 -19.48 12.48 -9.04
CA ILE H 34 -20.86 12.72 -9.48
C ILE H 34 -21.67 13.38 -8.36
N ALA H 35 -21.49 12.86 -7.15
CA ALA H 35 -22.19 13.36 -5.97
C ALA H 35 -21.84 14.82 -5.68
N ARG H 36 -20.56 15.17 -5.86
CA ARG H 36 -20.09 16.53 -5.60
C ARG H 36 -20.80 17.55 -6.49
N GLN H 37 -20.92 17.25 -7.77
CA GLN H 37 -21.58 18.15 -8.71
C GLN H 37 -22.26 17.36 -9.84
N PRO H 38 -23.56 17.62 -10.08
CA PRO H 38 -24.33 16.93 -11.13
C PRO H 38 -24.00 17.44 -12.54
N GLU H 39 -22.73 17.36 -12.92
CA GLU H 39 -22.30 17.79 -14.24
C GLU H 39 -21.93 16.57 -15.08
N LEU H 40 -22.73 16.29 -16.12
CA LEU H 40 -22.49 15.15 -17.00
C LEU H 40 -22.35 13.85 -16.20
N ARG H 41 -23.32 13.62 -15.33
CA ARG H 41 -23.34 12.45 -14.46
C ARG H 41 -23.21 11.12 -15.23
N PRO H 42 -24.04 10.86 -16.29
CA PRO H 42 -23.95 9.62 -17.06
C PRO H 42 -22.58 9.43 -17.70
N VAL H 43 -22.03 10.53 -18.23
CA VAL H 43 -20.72 10.52 -18.89
C VAL H 43 -19.60 10.14 -17.92
N LEU H 44 -19.63 10.70 -16.72
CA LEU H 44 -18.61 10.44 -15.71
C LEU H 44 -18.59 8.97 -15.32
N GLN H 45 -19.76 8.40 -15.07
CA GLN H 45 -19.89 7.00 -14.70
C GLN H 45 -19.51 6.10 -15.89
N THR H 46 -19.85 6.56 -17.10
CA THR H 46 -19.50 5.81 -18.32
C THR H 46 -17.98 5.72 -18.45
N THR H 47 -17.31 6.83 -18.15
CA THR H 47 -15.85 6.87 -18.20
C THR H 47 -15.32 5.87 -17.19
N MET H 48 -16.02 5.78 -16.05
CA MET H 48 -15.66 4.83 -14.99
C MET H 48 -15.70 3.41 -15.55
N PHE H 49 -16.75 3.11 -16.32
CA PHE H 49 -16.91 1.78 -16.93
C PHE H 49 -15.77 1.47 -17.90
N ILE H 50 -15.34 2.48 -18.67
CA ILE H 50 -14.23 2.27 -19.59
C ILE H 50 -12.96 2.01 -18.77
N GLY H 51 -12.90 2.62 -17.59
CA GLY H 51 -11.79 2.39 -16.68
C GLY H 51 -11.76 0.94 -16.24
N VAL H 52 -12.97 0.41 -16.02
CA VAL H 52 -13.14 -0.97 -15.62
C VAL H 52 -12.58 -1.86 -16.72
N ALA H 53 -12.87 -1.48 -17.97
CA ALA H 53 -12.38 -2.21 -19.13
C ALA H 53 -10.85 -2.19 -19.21
N LEU H 54 -10.25 -1.03 -18.95
CA LEU H 54 -8.79 -0.87 -19.01
C LEU H 54 -8.09 -1.75 -17.99
N VAL H 55 -8.59 -1.70 -16.77
CA VAL H 55 -8.00 -2.43 -15.67
C VAL H 55 -8.26 -3.93 -15.71
N GLU H 56 -9.42 -4.35 -16.19
CA GLU H 56 -9.74 -5.79 -16.24
C GLU H 56 -9.07 -6.47 -17.42
N ALA H 57 -8.62 -5.68 -18.39
CA ALA H 57 -7.94 -6.23 -19.55
C ALA H 57 -6.68 -6.96 -19.11
N LEU H 58 -6.00 -6.37 -18.13
CA LEU H 58 -4.77 -6.93 -17.59
C LEU H 58 -5.02 -8.31 -16.93
N PRO H 59 -5.98 -8.45 -15.99
CA PRO H 59 -6.29 -9.75 -15.38
C PRO H 59 -6.66 -10.80 -16.43
N ILE H 60 -7.42 -10.39 -17.45
CA ILE H 60 -7.82 -11.30 -18.50
C ILE H 60 -6.58 -11.83 -19.24
N ILE H 61 -5.68 -10.92 -19.61
CA ILE H 61 -4.47 -11.29 -20.33
C ILE H 61 -3.59 -12.22 -19.48
N GLY H 62 -3.36 -11.86 -18.23
CA GLY H 62 -2.53 -12.67 -17.34
C GLY H 62 -3.08 -14.05 -17.08
N VAL H 63 -4.38 -14.15 -16.84
CA VAL H 63 -5.02 -15.43 -16.57
C VAL H 63 -4.97 -16.34 -17.80
N VAL H 64 -5.29 -15.77 -18.97
CA VAL H 64 -5.27 -16.52 -20.22
C VAL H 64 -3.87 -17.03 -20.55
N PHE H 65 -2.87 -16.16 -20.41
CA PHE H 65 -1.48 -16.53 -20.68
C PHE H 65 -1.02 -17.63 -19.74
N SER H 66 -1.38 -17.51 -18.46
CA SER H 66 -1.00 -18.52 -17.47
C SER H 66 -1.63 -19.87 -17.83
N PHE H 67 -2.89 -19.81 -18.27
CA PHE H 67 -3.62 -21.00 -18.68
C PHE H 67 -2.92 -21.70 -19.84
N ILE H 68 -2.54 -20.92 -20.85
CA ILE H 68 -1.85 -21.46 -22.03
C ILE H 68 -0.48 -22.04 -21.65
N TYR H 69 0.26 -21.34 -20.78
CA TYR H 69 1.58 -21.81 -20.36
C TYR H 69 1.47 -23.18 -19.70
N LEU H 70 0.44 -23.37 -18.90
CA LEU H 70 0.21 -24.66 -18.24
C LEU H 70 -0.30 -25.68 -19.26
N GLY H 71 -1.21 -25.22 -20.11
CA GLY H 71 -1.80 -26.07 -21.14
C GLY H 71 -0.79 -26.56 -22.17
N ARG H 72 0.11 -25.67 -22.58
CA ARG H 72 1.13 -26.03 -23.57
C ARG H 72 2.51 -26.06 -22.94
N MET I 1 11.44 -27.56 -14.15
CA MET I 1 11.45 -27.08 -15.56
C MET I 1 10.23 -26.23 -15.85
N HIS I 2 9.30 -26.19 -14.90
CA HIS I 2 8.07 -25.42 -15.05
C HIS I 2 8.17 -24.09 -14.30
N LEU I 3 9.36 -23.79 -13.80
CA LEU I 3 9.60 -22.55 -13.06
C LEU I 3 9.44 -21.33 -13.96
N GLY I 4 9.70 -21.53 -15.25
CA GLY I 4 9.56 -20.45 -16.23
C GLY I 4 8.15 -19.91 -16.29
N VAL I 5 7.18 -20.82 -16.17
CA VAL I 5 5.77 -20.44 -16.19
C VAL I 5 5.49 -19.47 -15.04
N LEU I 6 6.00 -19.81 -13.86
CA LEU I 6 5.83 -18.98 -12.67
C LEU I 6 6.52 -17.64 -12.84
N ALA I 7 7.70 -17.63 -13.44
CA ALA I 7 8.45 -16.38 -13.64
C ALA I 7 7.64 -15.40 -14.46
N ALA I 8 7.10 -15.88 -15.58
CA ALA I 8 6.28 -15.03 -16.43
C ALA I 8 4.95 -14.70 -15.76
N ALA I 9 4.37 -15.70 -15.10
CA ALA I 9 3.09 -15.54 -14.42
C ALA I 9 3.16 -14.50 -13.31
N ILE I 10 4.23 -14.51 -12.54
CA ILE I 10 4.36 -13.53 -11.48
C ILE I 10 4.68 -12.16 -12.07
N ALA I 11 5.47 -12.13 -13.15
CA ALA I 11 5.81 -10.86 -13.80
C ALA I 11 4.58 -10.19 -14.37
N VAL I 12 3.71 -10.98 -15.02
CA VAL I 12 2.49 -10.44 -15.59
C VAL I 12 1.52 -10.11 -14.48
N GLY I 13 1.55 -10.90 -13.41
CA GLY I 13 0.71 -10.63 -12.27
C GLY I 13 1.08 -9.30 -11.66
N LEU I 14 2.40 -9.04 -11.61
CA LEU I 14 2.92 -7.78 -11.09
C LEU I 14 2.53 -6.63 -12.01
N GLY I 15 2.63 -6.87 -13.32
CA GLY I 15 2.27 -5.87 -14.30
C GLY I 15 0.79 -5.52 -14.25
N ALA I 16 -0.03 -6.55 -14.12
CA ALA I 16 -1.48 -6.39 -14.05
C ALA I 16 -1.89 -5.65 -12.78
N LEU I 17 -1.22 -5.97 -11.69
CA LEU I 17 -1.52 -5.35 -10.41
C LEU I 17 -1.18 -3.87 -10.40
N GLY I 18 0.05 -3.54 -10.78
CA GLY I 18 0.48 -2.15 -10.77
C GLY I 18 -0.32 -1.27 -11.72
N ALA I 19 -0.43 -1.70 -12.97
CA ALA I 19 -1.17 -0.93 -13.96
C ALA I 19 -2.66 -0.91 -13.63
N GLY I 20 -3.18 -2.04 -13.14
CA GLY I 20 -4.58 -2.14 -12.80
C GLY I 20 -5.01 -1.14 -11.74
N ILE I 21 -4.25 -1.00 -10.68
CA ILE I 21 -4.61 -0.06 -9.63
C ILE I 21 -4.32 1.37 -10.10
N GLY I 22 -3.24 1.53 -10.86
CA GLY I 22 -2.88 2.84 -11.38
C GLY I 22 -3.94 3.39 -12.30
N ASN I 23 -4.44 2.54 -13.19
CA ASN I 23 -5.49 2.94 -14.13
C ASN I 23 -6.83 3.13 -13.45
N GLY I 24 -7.14 2.29 -12.46
CA GLY I 24 -8.40 2.45 -11.78
C GLY I 24 -8.50 3.82 -11.15
N LEU I 25 -7.49 4.18 -10.39
CA LEU I 25 -7.45 5.48 -9.76
C LEU I 25 -7.28 6.61 -10.77
N ILE I 26 -6.52 6.36 -11.83
CA ILE I 26 -6.31 7.39 -12.84
C ILE I 26 -7.63 7.78 -13.51
N VAL I 27 -8.47 6.78 -13.79
CA VAL I 27 -9.73 7.02 -14.44
C VAL I 27 -10.72 7.72 -13.52
N SER I 28 -10.91 7.19 -12.31
CA SER I 28 -11.84 7.77 -11.36
C SER I 28 -11.42 9.18 -10.93
N ARG I 29 -10.12 9.37 -10.73
CA ARG I 29 -9.62 10.69 -10.32
C ARG I 29 -9.74 11.69 -11.46
N THR I 30 -9.46 11.25 -12.69
CA THR I 30 -9.59 12.10 -13.86
C THR I 30 -11.03 12.56 -13.95
N ILE I 31 -11.90 11.61 -13.70
CA ILE I 31 -13.34 11.83 -13.70
C ILE I 31 -13.73 12.82 -12.61
N GLU I 32 -13.14 12.65 -11.43
CA GLU I 32 -13.42 13.53 -10.29
C GLU I 32 -13.01 14.96 -10.60
N GLY I 33 -11.87 15.14 -11.26
CA GLY I 33 -11.42 16.47 -11.62
C GLY I 33 -12.40 17.14 -12.58
N ILE I 34 -12.88 16.37 -13.56
CA ILE I 34 -13.84 16.86 -14.54
C ILE I 34 -15.15 17.23 -13.85
N ALA I 35 -15.59 16.38 -12.94
CA ALA I 35 -16.82 16.59 -12.18
C ALA I 35 -16.77 17.86 -11.34
N ARG I 36 -15.61 18.13 -10.74
CA ARG I 36 -15.44 19.31 -9.89
C ARG I 36 -15.66 20.60 -10.68
N GLN I 37 -15.08 20.69 -11.86
CA GLN I 37 -15.22 21.88 -12.68
C GLN I 37 -15.16 21.52 -14.17
N PRO I 38 -16.17 21.95 -14.95
CA PRO I 38 -16.24 21.68 -16.39
C PRO I 38 -15.28 22.53 -17.22
N GLU I 39 -14.00 22.44 -16.91
CA GLU I 39 -12.98 23.19 -17.63
C GLU I 39 -12.14 22.24 -18.48
N LEU I 40 -12.27 22.34 -19.81
CA LEU I 40 -11.54 21.48 -20.73
C LEU I 40 -11.74 20.01 -20.40
N ARG I 41 -13.01 19.62 -20.26
CA ARG I 41 -13.39 18.25 -19.90
C ARG I 41 -12.79 17.20 -20.86
N PRO I 42 -12.95 17.34 -22.21
CA PRO I 42 -12.39 16.36 -23.15
C PRO I 42 -10.87 16.24 -23.03
N VAL I 43 -10.21 17.37 -22.85
CA VAL I 43 -8.75 17.43 -22.72
C VAL I 43 -8.26 16.68 -21.49
N LEU I 44 -8.95 16.88 -20.36
CA LEU I 44 -8.56 16.24 -19.10
C LEU I 44 -8.64 14.73 -19.21
N GLN I 45 -9.74 14.23 -19.77
CA GLN I 45 -9.94 12.80 -19.94
C GLN I 45 -8.96 12.25 -20.98
N THR I 46 -8.65 13.05 -22.00
CA THR I 46 -7.68 12.67 -23.03
C THR I 46 -6.30 12.47 -22.40
N THR I 47 -5.95 13.37 -21.48
CA THR I 47 -4.69 13.29 -20.76
C THR I 47 -4.69 11.99 -19.97
N MET I 48 -5.86 11.65 -19.42
CA MET I 48 -6.04 10.41 -18.67
C MET I 48 -5.69 9.21 -19.56
N PHE I 49 -6.17 9.25 -20.81
CA PHE I 49 -5.90 8.18 -21.77
C PHE I 49 -4.41 8.05 -22.06
N ILE I 50 -3.72 9.18 -22.17
CA ILE I 50 -2.27 9.15 -22.41
C ILE I 50 -1.60 8.54 -21.19
N GLY I 51 -2.19 8.77 -20.01
CA GLY I 51 -1.69 8.19 -18.78
C GLY I 51 -1.80 6.69 -18.84
N VAL I 52 -2.91 6.24 -19.41
CA VAL I 52 -3.17 4.82 -19.59
C VAL I 52 -2.06 4.23 -20.46
N ALA I 53 -1.69 4.97 -21.52
CA ALA I 53 -0.63 4.56 -22.41
C ALA I 53 0.73 4.47 -21.70
N LEU I 54 1.03 5.44 -20.84
CA LEU I 54 2.29 5.46 -20.09
C LEU I 54 2.43 4.26 -19.17
N VAL I 55 1.37 4.01 -18.43
CA VAL I 55 1.37 2.94 -17.45
C VAL I 55 1.27 1.55 -18.06
N GLU I 56 0.54 1.39 -19.16
CA GLU I 56 0.39 0.07 -19.78
C GLU I 56 1.62 -0.31 -20.60
N ALA I 57 2.44 0.67 -20.92
CA ALA I 57 3.66 0.42 -21.68
C ALA I 57 4.56 -0.52 -20.89
N LEU I 58 4.60 -0.30 -19.58
CA LEU I 58 5.41 -1.11 -18.68
C LEU I 58 4.96 -2.58 -18.68
N PRO I 59 3.66 -2.90 -18.45
CA PRO I 59 3.18 -4.28 -18.50
C PRO I 59 3.47 -4.94 -19.84
N ILE I 60 3.30 -4.18 -20.92
CA ILE I 60 3.56 -4.73 -22.26
C ILE I 60 5.04 -5.13 -22.38
N ILE I 61 5.94 -4.26 -21.95
CA ILE I 61 7.38 -4.52 -22.02
C ILE I 61 7.76 -5.73 -21.17
N GLY I 62 7.27 -5.76 -19.93
CA GLY I 62 7.59 -6.86 -19.02
C GLY I 62 7.08 -8.21 -19.50
N VAL I 63 5.85 -8.24 -20.00
CA VAL I 63 5.25 -9.48 -20.48
C VAL I 63 5.99 -9.99 -21.72
N VAL I 64 6.27 -9.09 -22.66
CA VAL I 64 6.98 -9.45 -23.89
C VAL I 64 8.39 -9.98 -23.59
N PHE I 65 9.11 -9.28 -22.70
CA PHE I 65 10.46 -9.70 -22.33
C PHE I 65 10.45 -11.07 -21.65
N SER I 66 9.47 -11.28 -20.77
CA SER I 66 9.36 -12.56 -20.07
C SER I 66 9.10 -13.68 -21.08
N PHE I 67 8.25 -13.38 -22.06
CA PHE I 67 7.90 -14.33 -23.11
C PHE I 67 9.15 -14.72 -23.90
N ILE I 68 9.94 -13.74 -24.30
CA ILE I 68 11.17 -13.98 -25.04
C ILE I 68 12.19 -14.77 -24.22
N TYR I 69 12.32 -14.42 -22.94
CA TYR I 69 13.28 -15.12 -22.06
C TYR I 69 12.94 -16.60 -21.99
N LEU I 70 11.64 -16.91 -21.91
CA LEU I 70 11.20 -18.31 -21.88
C LEU I 70 11.36 -18.94 -23.26
N GLY I 71 10.99 -18.17 -24.29
CA GLY I 71 11.07 -18.63 -25.66
C GLY I 71 12.50 -18.89 -26.12
N ARG I 72 13.42 -18.03 -25.74
CA ARG I 72 14.82 -18.18 -26.13
C ARG I 72 15.68 -18.52 -24.92
N MET J 1 18.92 -23.30 -13.78
CA MET J 1 19.63 -22.45 -14.77
C MET J 1 18.68 -21.42 -15.38
N HIS J 2 17.39 -21.58 -15.07
CA HIS J 2 16.36 -20.67 -15.59
C HIS J 2 15.98 -19.64 -14.54
N LEU J 3 16.72 -19.60 -13.44
CA LEU J 3 16.45 -18.67 -12.35
C LEU J 3 16.69 -17.23 -12.81
N GLY J 4 17.59 -17.07 -13.78
CA GLY J 4 17.91 -15.75 -14.31
C GLY J 4 16.70 -15.09 -14.92
N VAL J 5 15.86 -15.88 -15.59
CA VAL J 5 14.64 -15.38 -16.21
C VAL J 5 13.74 -14.77 -15.13
N LEU J 6 13.60 -15.47 -14.02
CA LEU J 6 12.79 -15.01 -12.90
C LEU J 6 13.37 -13.75 -12.29
N ALA J 7 14.70 -13.68 -12.17
CA ALA J 7 15.34 -12.52 -11.58
C ALA J 7 15.01 -11.26 -12.37
N ALA J 8 15.16 -11.34 -13.69
CA ALA J 8 14.83 -10.20 -14.55
C ALA J 8 13.33 -9.96 -14.59
N ALA J 9 12.56 -11.05 -14.64
CA ALA J 9 11.11 -10.96 -14.69
C ALA J 9 10.52 -10.30 -13.45
N ILE J 10 11.05 -10.62 -12.28
CA ILE J 10 10.56 -10.02 -11.06
C ILE J 10 11.04 -8.57 -10.98
N ALA J 11 12.26 -8.30 -11.45
CA ALA J 11 12.80 -6.95 -11.42
C ALA J 11 12.00 -6.02 -12.32
N VAL J 12 11.64 -6.51 -13.51
CA VAL J 12 10.85 -5.71 -14.44
C VAL J 12 9.42 -5.61 -13.93
N GLY J 13 8.95 -6.68 -13.29
CA GLY J 13 7.63 -6.67 -12.71
C GLY J 13 7.56 -5.61 -11.63
N LEU J 14 8.62 -5.51 -10.85
CA LEU J 14 8.73 -4.51 -9.80
C LEU J 14 8.78 -3.11 -10.40
N GLY J 15 9.56 -2.97 -11.48
CA GLY J 15 9.69 -1.70 -12.16
C GLY J 15 8.37 -1.24 -12.76
N ALA J 16 7.67 -2.18 -13.38
CA ALA J 16 6.38 -1.91 -14.00
C ALA J 16 5.34 -1.53 -12.98
N LEU J 17 5.36 -2.21 -11.84
CA LEU J 17 4.40 -1.96 -10.78
C LEU J 17 4.60 -0.58 -10.16
N GLY J 18 5.82 -0.28 -9.74
CA GLY J 18 6.09 1.01 -9.12
C GLY J 18 5.84 2.18 -10.03
N ALA J 19 6.41 2.15 -11.22
CA ALA J 19 6.22 3.24 -12.17
C ALA J 19 4.79 3.30 -12.66
N GLY J 20 4.17 2.13 -12.84
CA GLY J 20 2.80 2.09 -13.32
C GLY J 20 1.82 2.78 -12.40
N ILE J 21 1.92 2.52 -11.09
CA ILE J 21 1.01 3.16 -10.15
C ILE J 21 1.40 4.62 -9.96
N GLY J 22 2.71 4.89 -9.99
CA GLY J 22 3.19 6.25 -9.84
C GLY J 22 2.71 7.15 -10.96
N ASN J 23 2.80 6.64 -12.18
CA ASN J 23 2.36 7.39 -13.36
C ASN J 23 0.85 7.50 -13.44
N GLY J 24 0.14 6.45 -13.03
CA GLY J 24 -1.31 6.54 -13.08
C GLY J 24 -1.81 7.67 -12.22
N LEU J 25 -1.36 7.69 -10.98
CA LEU J 25 -1.74 8.75 -10.06
C LEU J 25 -1.15 10.09 -10.47
N ILE J 26 0.06 10.10 -11.01
CA ILE J 26 0.69 11.35 -11.41
C ILE J 26 -0.12 12.03 -12.52
N VAL J 27 -0.62 11.24 -13.47
CA VAL J 27 -1.39 11.78 -14.57
C VAL J 27 -2.76 12.27 -14.11
N SER J 28 -3.49 11.43 -13.38
CA SER J 28 -4.83 11.82 -12.92
C SER J 28 -4.78 12.99 -11.95
N ARG J 29 -3.78 13.00 -11.06
CA ARG J 29 -3.66 14.08 -10.10
C ARG J 29 -3.24 15.38 -10.79
N THR J 30 -2.34 15.28 -11.75
CA THR J 30 -1.91 16.45 -12.52
C THR J 30 -3.12 17.05 -13.19
N ILE J 31 -3.94 16.15 -13.72
CA ILE J 31 -5.18 16.50 -14.38
C ILE J 31 -6.15 17.17 -13.40
N GLU J 32 -6.24 16.61 -12.19
CA GLU J 32 -7.12 17.14 -11.16
C GLU J 32 -6.71 18.56 -10.79
N GLY J 33 -5.40 18.80 -10.68
CA GLY J 33 -4.92 20.14 -10.35
C GLY J 33 -5.32 21.15 -11.43
N ILE J 34 -5.17 20.73 -12.68
CA ILE J 34 -5.52 21.58 -13.82
C ILE J 34 -7.02 21.87 -13.82
N ALA J 35 -7.82 20.83 -13.55
CA ALA J 35 -9.26 20.94 -13.52
C ALA J 35 -9.74 21.90 -12.43
N ARG J 36 -9.08 21.88 -11.27
CA ARG J 36 -9.45 22.74 -10.14
C ARG J 36 -9.32 24.22 -10.52
N GLN J 37 -8.22 24.58 -11.16
CA GLN J 37 -8.00 25.96 -11.55
C GLN J 37 -7.16 26.05 -12.82
N PRO J 38 -7.66 26.78 -13.84
CA PRO J 38 -6.96 26.94 -15.13
C PRO J 38 -5.77 27.89 -15.05
N GLU J 39 -4.81 27.60 -14.18
CA GLU J 39 -3.63 28.42 -14.03
C GLU J 39 -2.42 27.67 -14.57
N LEU J 40 -1.85 28.16 -15.67
CA LEU J 40 -0.69 27.54 -16.31
C LEU J 40 -0.94 26.05 -16.57
N ARG J 41 -2.07 25.78 -17.23
CA ARG J 41 -2.48 24.41 -17.53
C ARG J 41 -1.41 23.62 -18.31
N PRO J 42 -0.86 24.15 -19.43
CA PRO J 42 0.17 23.44 -20.20
C PRO J 42 1.41 23.14 -19.37
N VAL J 43 1.81 24.11 -18.55
CA VAL J 43 2.99 23.98 -17.70
C VAL J 43 2.82 22.87 -16.66
N LEU J 44 1.65 22.81 -16.04
CA LEU J 44 1.37 21.80 -15.02
C LEU J 44 1.46 20.37 -15.59
N GLN J 45 0.84 20.18 -16.75
CA GLN J 45 0.85 18.88 -17.41
C GLN J 45 2.27 18.57 -17.92
N THR J 46 3.00 19.60 -18.35
CA THR J 46 4.39 19.42 -18.80
C THR J 46 5.26 18.92 -17.65
N THR J 47 5.02 19.49 -16.47
CA THR J 47 5.73 19.08 -15.26
C THR J 47 5.42 17.62 -15.00
N MET J 48 4.16 17.25 -15.26
CA MET J 48 3.72 15.86 -15.11
C MET J 48 4.55 14.94 -16.00
N PHE J 49 4.77 15.39 -17.25
CA PHE J 49 5.56 14.61 -18.20
C PHE J 49 7.00 14.44 -17.72
N ILE J 50 7.57 15.48 -17.13
CA ILE J 50 8.93 15.38 -16.60
C ILE J 50 8.93 14.38 -15.43
N GLY J 51 7.81 14.32 -14.72
CA GLY J 51 7.64 13.36 -13.65
C GLY J 51 7.68 11.97 -14.19
N VAL J 52 7.06 11.80 -15.35
CA VAL J 52 7.03 10.52 -16.05
C VAL J 52 8.45 10.11 -16.36
N ALA J 53 9.25 11.08 -16.81
CA ALA J 53 10.66 10.85 -17.12
C ALA J 53 11.46 10.42 -15.87
N LEU J 54 11.20 11.07 -14.74
CA LEU J 54 11.91 10.75 -13.49
C LEU J 54 11.62 9.34 -13.02
N VAL J 55 10.36 8.99 -13.04
CA VAL J 55 9.93 7.69 -12.56
C VAL J 55 10.25 6.55 -13.51
N GLU J 56 10.20 6.78 -14.82
CA GLU J 56 10.48 5.72 -15.79
C GLU J 56 11.98 5.47 -15.95
N ALA J 57 12.78 6.42 -15.50
CA ALA J 57 14.23 6.29 -15.56
C ALA J 57 14.66 5.07 -14.74
N LEU J 58 14.01 4.89 -13.60
CA LEU J 58 14.30 3.80 -12.70
C LEU J 58 14.02 2.42 -13.36
N PRO J 59 12.80 2.18 -13.93
CA PRO J 59 12.50 0.92 -14.63
C PRO J 59 13.49 0.66 -15.75
N ILE J 60 13.86 1.70 -16.49
CA ILE J 60 14.80 1.55 -17.59
C ILE J 60 16.15 1.05 -17.07
N ILE J 61 16.64 1.68 -16.01
CA ILE J 61 17.93 1.31 -15.41
C ILE J 61 17.89 -0.13 -14.88
N GLY J 62 16.84 -0.46 -14.13
CA GLY J 62 16.73 -1.80 -13.56
C GLY J 62 16.63 -2.90 -14.61
N VAL J 63 15.84 -2.67 -15.64
CA VAL J 63 15.64 -3.65 -16.71
C VAL J 63 16.95 -3.86 -17.49
N VAL J 64 17.62 -2.76 -17.83
CA VAL J 64 18.87 -2.82 -18.58
C VAL J 64 19.96 -3.54 -17.77
N PHE J 65 20.08 -3.20 -16.49
CA PHE J 65 21.08 -3.83 -15.62
C PHE J 65 20.80 -5.33 -15.47
N SER J 66 19.53 -5.69 -15.32
CA SER J 66 19.16 -7.10 -15.20
C SER J 66 19.54 -7.85 -16.48
N PHE J 67 19.29 -7.21 -17.61
CA PHE J 67 19.59 -7.77 -18.92
C PHE J 67 21.09 -8.05 -19.04
N ILE J 68 21.91 -7.07 -18.66
CA ILE J 68 23.37 -7.21 -18.72
C ILE J 68 23.86 -8.28 -17.77
N TYR J 69 23.31 -8.34 -16.55
CA TYR J 69 23.72 -9.34 -15.58
C TYR J 69 23.49 -10.75 -16.12
N LEU J 70 22.36 -10.94 -16.82
CA LEU J 70 22.06 -12.24 -17.41
C LEU J 70 22.95 -12.46 -18.64
N GLY J 71 23.11 -11.40 -19.44
CA GLY J 71 23.92 -11.45 -20.64
C GLY J 71 25.39 -11.70 -20.37
N ARG J 72 25.92 -11.08 -19.33
CA ARG J 72 27.33 -11.25 -18.98
C ARG J 72 27.47 -12.00 -17.66
N MET A 1 21.44 -16.91 -12.73
CA MET A 1 22.37 -18.07 -12.67
C MET A 1 23.02 -18.17 -11.29
N HIS A 2 22.84 -17.13 -10.49
CA HIS A 2 23.40 -17.08 -9.14
C HIS A 2 22.51 -16.28 -8.21
N LEU A 3 22.71 -16.48 -6.91
CA LEU A 3 21.94 -15.78 -5.89
C LEU A 3 22.21 -14.28 -5.93
N GLY A 4 23.45 -13.92 -6.21
CA GLY A 4 23.85 -12.51 -6.28
C GLY A 4 23.08 -11.73 -7.33
N VAL A 5 22.83 -12.36 -8.48
CA VAL A 5 22.09 -11.70 -9.56
C VAL A 5 20.70 -11.31 -9.08
N LEU A 6 20.02 -12.24 -8.41
CA LEU A 6 18.69 -12.00 -7.87
C LEU A 6 18.73 -10.96 -6.77
N ALA A 7 19.76 -11.01 -5.93
CA ALA A 7 19.88 -10.06 -4.82
C ALA A 7 19.94 -8.63 -5.36
N ALA A 8 20.77 -8.41 -6.37
CA ALA A 8 20.87 -7.10 -6.98
C ALA A 8 19.61 -6.76 -7.76
N ALA A 9 19.05 -7.75 -8.46
CA ALA A 9 17.85 -7.56 -9.26
C ALA A 9 16.66 -7.14 -8.40
N ILE A 10 16.49 -7.78 -7.26
CA ILE A 10 15.39 -7.42 -6.37
C ILE A 10 15.68 -6.10 -5.66
N ALA A 11 16.95 -5.85 -5.31
CA ALA A 11 17.31 -4.60 -4.64
C ALA A 11 17.05 -3.41 -5.54
N VAL A 12 17.43 -3.56 -6.81
CA VAL A 12 17.21 -2.52 -7.80
C VAL A 12 15.73 -2.38 -8.06
N GLY A 13 15.03 -3.51 -8.12
CA GLY A 13 13.60 -3.48 -8.33
C GLY A 13 12.93 -2.72 -7.20
N LEU A 14 13.43 -2.95 -5.98
CA LEU A 14 12.93 -2.25 -4.81
C LEU A 14 13.24 -0.76 -4.91
N GLY A 15 14.45 -0.45 -5.38
CA GLY A 15 14.87 0.93 -5.55
C GLY A 15 14.02 1.67 -6.58
N ALA A 16 13.77 1.01 -7.70
CA ALA A 16 12.95 1.58 -8.76
C ALA A 16 11.52 1.78 -8.31
N LEU A 17 11.02 0.81 -7.55
CA LEU A 17 9.67 0.86 -7.03
C LEU A 17 9.48 2.04 -6.08
N GLY A 18 10.38 2.18 -5.11
CA GLY A 18 10.28 3.25 -4.13
C GLY A 18 10.38 4.63 -4.74
N ALA A 19 11.43 4.88 -5.52
CA ALA A 19 11.61 6.19 -6.13
C ALA A 19 10.59 6.42 -7.24
N GLY A 20 10.22 5.37 -7.96
CA GLY A 20 9.26 5.49 -9.04
C GLY A 20 7.92 6.00 -8.56
N ILE A 21 7.39 5.41 -7.50
CA ILE A 21 6.11 5.85 -6.98
C ILE A 21 6.27 7.16 -6.21
N GLY A 22 7.39 7.29 -5.49
CA GLY A 22 7.64 8.50 -4.71
C GLY A 22 7.75 9.73 -5.60
N ASN A 23 8.52 9.61 -6.68
CA ASN A 23 8.70 10.71 -7.61
C ASN A 23 7.48 10.93 -8.49
N GLY A 24 6.79 9.85 -8.86
CA GLY A 24 5.61 10.02 -9.68
C GLY A 24 4.58 10.84 -8.96
N LEU A 25 4.33 10.46 -7.71
CA LEU A 25 3.37 11.19 -6.88
C LEU A 25 3.89 12.58 -6.56
N ILE A 26 5.22 12.69 -6.32
CA ILE A 26 5.81 13.98 -5.99
C ILE A 26 5.59 15.00 -7.10
N VAL A 27 5.66 14.54 -8.36
CA VAL A 27 5.48 15.43 -9.48
C VAL A 27 4.03 15.87 -9.64
N SER A 28 3.08 14.92 -9.66
CA SER A 28 1.67 15.29 -9.83
C SER A 28 1.16 16.12 -8.64
N ARG A 29 1.59 15.75 -7.43
CA ARG A 29 1.17 16.47 -6.24
C ARG A 29 1.78 17.87 -6.21
N THR A 30 3.03 17.99 -6.63
CA THR A 30 3.67 19.30 -6.67
C THR A 30 2.90 20.18 -7.63
N ILE A 31 2.42 19.54 -8.70
CA ILE A 31 1.64 20.17 -9.74
C ILE A 31 0.31 20.67 -9.16
N GLU A 32 -0.34 19.81 -8.38
CA GLU A 32 -1.62 20.15 -7.75
C GLU A 32 -1.43 21.27 -6.73
N GLY A 33 -0.36 21.21 -5.96
CA GLY A 33 -0.09 22.22 -4.96
C GLY A 33 0.11 23.62 -5.52
N ILE A 34 0.84 23.72 -6.64
CA ILE A 34 1.10 25.02 -7.24
C ILE A 34 -0.10 25.53 -8.04
N ALA A 35 -0.88 24.60 -8.61
CA ALA A 35 -2.05 24.95 -9.39
C ALA A 35 -3.13 25.61 -8.53
N ARG A 36 -3.33 25.09 -7.32
CA ARG A 36 -4.36 25.61 -6.41
C ARG A 36 -4.11 27.05 -5.99
N GLN A 37 -2.88 27.39 -5.66
CA GLN A 37 -2.55 28.75 -5.23
C GLN A 37 -1.37 29.32 -6.00
N PRO A 38 -1.54 30.50 -6.61
CA PRO A 38 -0.48 31.15 -7.39
C PRO A 38 0.55 31.88 -6.52
N GLU A 39 1.22 31.13 -5.65
CA GLU A 39 2.23 31.71 -4.78
C GLU A 39 3.51 30.88 -4.78
N LEU A 40 4.59 31.47 -5.29
CA LEU A 40 5.89 30.82 -5.37
C LEU A 40 5.79 29.49 -6.14
N ARG A 41 5.00 29.48 -7.22
CA ARG A 41 4.81 28.29 -8.02
C ARG A 41 6.12 27.71 -8.57
N PRO A 42 7.00 28.53 -9.22
CA PRO A 42 8.29 28.03 -9.74
C PRO A 42 9.16 27.46 -8.63
N VAL A 43 9.16 28.12 -7.48
CA VAL A 43 9.93 27.70 -6.32
C VAL A 43 9.44 26.35 -5.80
N LEU A 44 8.12 26.20 -5.75
CA LEU A 44 7.50 24.97 -5.27
C LEU A 44 7.88 23.78 -6.15
N GLN A 45 7.84 23.99 -7.47
CA GLN A 45 8.20 22.94 -8.42
C GLN A 45 9.70 22.64 -8.26
N THR A 46 10.47 23.70 -7.97
CA THR A 46 11.91 23.57 -7.74
C THR A 46 12.15 22.66 -6.51
N THR A 47 11.33 22.85 -5.47
CA THR A 47 11.40 22.04 -4.27
C THR A 47 11.13 20.58 -4.67
N MET A 48 10.19 20.40 -5.60
CA MET A 48 9.87 19.08 -6.12
C MET A 48 11.11 18.45 -6.76
N PHE A 49 11.85 19.26 -7.55
CA PHE A 49 13.06 18.78 -8.22
C PHE A 49 14.12 18.33 -7.22
N ILE A 50 14.32 19.10 -6.15
CA ILE A 50 15.30 18.71 -5.14
C ILE A 50 14.81 17.45 -4.44
N GLY A 51 13.49 17.31 -4.36
CA GLY A 51 12.89 16.11 -3.79
C GLY A 51 13.24 14.91 -4.62
N VAL A 52 13.22 15.11 -5.93
CA VAL A 52 13.57 14.07 -6.88
C VAL A 52 15.02 13.63 -6.66
N ALA A 53 15.90 14.61 -6.48
CA ALA A 53 17.32 14.34 -6.24
C ALA A 53 17.52 13.57 -4.96
N LEU A 54 16.77 13.93 -3.95
CA LEU A 54 16.85 13.29 -2.65
C LEU A 54 16.34 11.86 -2.68
N VAL A 55 15.18 11.67 -3.28
CA VAL A 55 14.54 10.36 -3.37
C VAL A 55 15.36 9.38 -4.21
N GLU A 56 15.88 9.84 -5.35
CA GLU A 56 16.67 8.97 -6.23
C GLU A 56 18.06 8.69 -5.68
N ALA A 57 18.47 9.48 -4.69
CA ALA A 57 19.76 9.28 -4.06
C ALA A 57 19.80 7.90 -3.42
N LEU A 58 18.67 7.51 -2.85
CA LEU A 58 18.54 6.22 -2.20
C LEU A 58 18.69 5.05 -3.18
N PRO A 59 17.93 5.00 -4.33
CA PRO A 59 18.07 3.93 -5.31
C PRO A 59 19.48 3.82 -5.89
N ILE A 60 20.11 4.97 -6.19
CA ILE A 60 21.46 4.93 -6.77
C ILE A 60 22.50 4.45 -5.75
N ILE A 61 22.40 4.89 -4.50
CA ILE A 61 23.35 4.47 -3.48
C ILE A 61 23.14 2.99 -3.14
N GLY A 62 21.87 2.56 -3.15
CA GLY A 62 21.55 1.17 -2.87
C GLY A 62 22.11 0.24 -3.93
N VAL A 63 21.99 0.66 -5.19
CA VAL A 63 22.49 -0.11 -6.31
C VAL A 63 24.02 -0.23 -6.23
N VAL A 64 24.68 0.89 -5.91
CA VAL A 64 26.13 0.91 -5.78
C VAL A 64 26.59 -0.04 -4.67
N PHE A 65 25.91 0.01 -3.52
CA PHE A 65 26.25 -0.86 -2.40
C PHE A 65 26.05 -2.33 -2.76
N SER A 66 24.96 -2.62 -3.46
CA SER A 66 24.67 -3.99 -3.88
C SER A 66 25.78 -4.49 -4.82
N PHE A 67 26.21 -3.61 -5.70
CA PHE A 67 27.27 -3.91 -6.66
C PHE A 67 28.58 -4.27 -5.96
N ILE A 68 28.99 -3.44 -4.99
CA ILE A 68 30.23 -3.70 -4.27
C ILE A 68 30.11 -4.93 -3.37
N TYR A 69 28.91 -5.21 -2.84
CA TYR A 69 28.71 -6.40 -2.02
C TYR A 69 28.96 -7.63 -2.85
N LEU A 70 28.47 -7.60 -4.09
CA LEU A 70 28.68 -8.71 -5.02
C LEU A 70 30.15 -8.82 -5.37
N GLY A 71 30.74 -7.66 -5.63
CA GLY A 71 32.13 -7.57 -6.00
C GLY A 71 33.07 -8.03 -4.89
N ARG A 72 32.77 -7.63 -3.66
CA ARG A 72 33.61 -8.01 -2.53
C ARG A 72 32.79 -8.74 -1.47
N MET B 1 26.01 -14.57 -4.36
CA MET B 1 26.86 -15.77 -4.17
C MET B 1 26.72 -16.32 -2.76
N HIS B 2 26.08 -15.53 -1.89
CA HIS B 2 25.87 -15.93 -0.51
C HIS B 2 24.58 -15.34 0.04
N LEU B 3 24.08 -15.94 1.13
CA LEU B 3 22.86 -15.48 1.78
C LEU B 3 23.01 -14.07 2.31
N GLY B 4 24.20 -13.76 2.82
CA GLY B 4 24.47 -12.44 3.38
C GLY B 4 24.31 -11.32 2.37
N VAL B 5 24.72 -11.56 1.13
CA VAL B 5 24.60 -10.55 0.08
C VAL B 5 23.13 -10.19 -0.13
N LEU B 6 22.28 -11.21 -0.21
CA LEU B 6 20.84 -11.00 -0.37
C LEU B 6 20.24 -10.33 0.84
N ALA B 7 20.69 -10.71 2.03
CA ALA B 7 20.16 -10.12 3.26
C ALA B 7 20.39 -8.62 3.28
N ALA B 8 21.60 -8.20 2.95
CA ALA B 8 21.92 -6.79 2.90
C ALA B 8 21.22 -6.12 1.72
N ALA B 9 21.17 -6.82 0.59
CA ALA B 9 20.53 -6.28 -0.62
C ALA B 9 19.05 -6.02 -0.40
N ILE B 10 18.36 -6.93 0.25
CA ILE B 10 16.95 -6.75 0.52
C ILE B 10 16.74 -5.72 1.63
N ALA B 11 17.63 -5.70 2.62
CA ALA B 11 17.52 -4.73 3.72
C ALA B 11 17.67 -3.31 3.21
N VAL B 12 18.65 -3.13 2.33
CA VAL B 12 18.91 -1.83 1.72
C VAL B 12 17.76 -1.48 0.80
N GLY B 13 17.27 -2.47 0.07
CA GLY B 13 16.15 -2.25 -0.82
C GLY B 13 14.95 -1.79 -0.03
N LEU B 14 14.76 -2.39 1.15
CA LEU B 14 13.68 -2.01 2.05
C LEU B 14 13.90 -0.59 2.56
N GLY B 15 15.17 -0.28 2.89
CA GLY B 15 15.52 1.04 3.37
C GLY B 15 15.26 2.11 2.33
N ALA B 16 15.67 1.82 1.09
CA ALA B 16 15.48 2.75 -0.02
C ALA B 16 14.01 2.95 -0.32
N LEU B 17 13.26 1.86 -0.24
CA LEU B 17 11.82 1.90 -0.49
C LEU B 17 11.10 2.78 0.53
N GLY B 18 11.36 2.53 1.81
CA GLY B 18 10.70 3.29 2.87
C GLY B 18 11.01 4.77 2.84
N ALA B 19 12.29 5.13 2.81
CA ALA B 19 12.66 6.53 2.78
C ALA B 19 12.35 7.16 1.44
N GLY B 20 12.47 6.40 0.36
CA GLY B 20 12.19 6.93 -0.96
C GLY B 20 10.77 7.41 -1.11
N ILE B 21 9.82 6.59 -0.69
CA ILE B 21 8.42 6.98 -0.80
C ILE B 21 8.06 7.99 0.30
N GLY B 22 8.64 7.81 1.49
CA GLY B 22 8.39 8.71 2.60
C GLY B 22 8.85 10.12 2.30
N ASN B 23 10.06 10.24 1.78
CA ASN B 23 10.63 11.55 1.44
C ASN B 23 10.03 12.12 0.17
N GLY B 24 9.70 11.26 -0.79
CA GLY B 24 9.09 11.77 -2.01
C GLY B 24 7.78 12.45 -1.70
N LEU B 25 6.95 11.75 -0.93
CA LEU B 25 5.67 12.30 -0.54
C LEU B 25 5.85 13.49 0.40
N ILE B 26 6.85 13.40 1.29
CA ILE B 26 7.10 14.47 2.25
C ILE B 26 7.42 15.79 1.53
N VAL B 27 8.15 15.70 0.42
CA VAL B 27 8.52 16.89 -0.32
C VAL B 27 7.32 17.50 -1.05
N SER B 28 6.59 16.69 -1.83
CA SER B 28 5.44 17.23 -2.57
C SER B 28 4.34 17.71 -1.63
N ARG B 29 4.12 16.99 -0.55
CA ARG B 29 3.10 17.36 0.42
C ARG B 29 3.51 18.63 1.16
N THR B 30 4.79 18.76 1.50
CA THR B 30 5.27 19.95 2.18
C THR B 30 5.04 21.14 1.27
N ILE B 31 5.24 20.88 -0.03
CA ILE B 31 5.04 21.86 -1.08
C ILE B 31 3.57 22.29 -1.14
N GLU B 32 2.67 21.31 -1.10
CA GLU B 32 1.25 21.57 -1.13
C GLU B 32 0.80 22.34 0.11
N GLY B 33 1.33 21.96 1.26
CA GLY B 33 0.98 22.61 2.51
C GLY B 33 1.34 24.09 2.57
N ILE B 34 2.53 24.43 2.07
CA ILE B 34 2.98 25.82 2.10
C ILE B 34 2.33 26.64 0.98
N ALA B 35 2.01 26.00 -0.14
CA ALA B 35 1.38 26.67 -1.27
C ALA B 35 -0.02 27.16 -0.93
N ARG B 36 -0.78 26.33 -0.21
CA ARG B 36 -2.16 26.67 0.15
C ARG B 36 -2.27 27.90 1.06
N GLN B 37 -1.40 28.01 2.05
CA GLN B 37 -1.43 29.15 2.96
C GLN B 37 -0.05 29.79 3.11
N PRO B 38 0.03 31.11 2.86
CA PRO B 38 1.29 31.86 2.97
C PRO B 38 1.68 32.20 4.41
N GLU B 39 1.85 31.17 5.23
CA GLU B 39 2.24 31.39 6.63
C GLU B 39 3.38 30.47 7.03
N LEU B 40 4.53 31.08 7.34
CA LEU B 40 5.73 30.34 7.74
C LEU B 40 6.12 29.31 6.69
N ARG B 41 6.01 29.69 5.41
CA ARG B 41 6.32 28.79 4.30
C ARG B 41 7.77 28.28 4.36
N PRO B 42 8.81 29.16 4.52
CA PRO B 42 10.21 28.70 4.61
C PRO B 42 10.43 27.75 5.78
N VAL B 43 9.78 28.06 6.91
CA VAL B 43 9.89 27.26 8.12
C VAL B 43 9.28 25.87 7.89
N LEU B 44 8.14 25.83 7.22
CA LEU B 44 7.45 24.59 6.93
C LEU B 44 8.30 23.67 6.05
N GLN B 45 8.92 24.24 5.03
CA GLN B 45 9.79 23.48 4.13
C GLN B 45 11.02 23.02 4.93
N THR B 46 11.46 23.86 5.88
CA THR B 46 12.58 23.52 6.76
C THR B 46 12.22 22.29 7.61
N THR B 47 10.97 22.26 8.08
CA THR B 47 10.47 21.12 8.85
C THR B 47 10.54 19.88 7.97
N MET B 48 10.23 20.06 6.68
CA MET B 48 10.31 18.99 5.70
C MET B 48 11.75 18.45 5.63
N PHE B 49 12.72 19.36 5.61
CA PHE B 49 14.13 19.00 5.54
C PHE B 49 14.57 18.18 6.76
N ILE B 50 14.13 18.59 7.95
CA ILE B 50 14.48 17.82 9.15
C ILE B 50 13.79 16.47 9.09
N GLY B 51 12.62 16.44 8.45
CA GLY B 51 11.90 15.20 8.26
C GLY B 51 12.70 14.26 7.41
N VAL B 52 13.35 14.82 6.40
CA VAL B 52 14.20 14.07 5.49
C VAL B 52 15.36 13.44 6.28
N ALA B 53 15.96 14.25 7.16
CA ALA B 53 17.07 13.79 8.00
C ALA B 53 16.64 12.66 8.91
N LEU B 54 15.44 12.79 9.45
CA LEU B 54 14.89 11.80 10.37
C LEU B 54 14.56 10.48 9.65
N VAL B 55 13.89 10.60 8.51
CA VAL B 55 13.48 9.43 7.75
C VAL B 55 14.67 8.67 7.18
N GLU B 56 15.68 9.38 6.67
CA GLU B 56 16.86 8.72 6.09
C GLU B 56 17.79 8.17 7.17
N ALA B 57 17.58 8.59 8.40
CA ALA B 57 18.38 8.09 9.52
C ALA B 57 18.18 6.59 9.65
N LEU B 58 16.94 6.17 9.43
CA LEU B 58 16.57 4.76 9.51
C LEU B 58 17.29 3.91 8.43
N PRO B 59 17.23 4.27 7.12
CA PRO B 59 17.93 3.52 6.07
C PRO B 59 19.44 3.45 6.29
N ILE B 60 20.05 4.56 6.71
CA ILE B 60 21.51 4.56 6.91
C ILE B 60 21.91 3.71 8.11
N ILE B 61 21.15 3.79 9.21
CA ILE B 61 21.47 3.00 10.39
C ILE B 61 21.22 1.51 10.12
N GLY B 62 20.17 1.23 9.35
CA GLY B 62 19.84 -0.15 9.00
C GLY B 62 20.92 -0.78 8.15
N VAL B 63 21.44 -0.01 7.20
CA VAL B 63 22.50 -0.48 6.32
C VAL B 63 23.76 -0.76 7.13
N VAL B 64 24.09 0.15 8.06
CA VAL B 64 25.27 -0.01 8.90
C VAL B 64 25.16 -1.27 9.75
N PHE B 65 23.98 -1.49 10.35
CA PHE B 65 23.76 -2.68 11.17
C PHE B 65 23.87 -3.94 10.35
N SER B 66 23.31 -3.91 9.14
CA SER B 66 23.38 -5.08 8.26
C SER B 66 24.83 -5.40 7.92
N PHE B 67 25.61 -4.34 7.67
CA PHE B 67 27.03 -4.46 7.34
C PHE B 67 27.80 -5.13 8.48
N ILE B 68 27.60 -4.66 9.71
CA ILE B 68 28.30 -5.22 10.85
C ILE B 68 27.83 -6.65 11.16
N TYR B 69 26.55 -6.94 10.88
CA TYR B 69 26.04 -8.29 11.10
C TYR B 69 26.77 -9.26 10.19
N LEU B 70 26.98 -8.83 8.95
CA LEU B 70 27.71 -9.64 7.98
C LEU B 70 29.15 -9.78 8.40
N GLY B 71 29.70 -8.66 8.84
CA GLY B 71 31.08 -8.61 9.27
C GLY B 71 31.35 -9.45 10.50
N ARG B 72 30.44 -9.40 11.47
CA ARG B 72 30.61 -10.16 12.71
C ARG B 72 29.41 -11.08 12.94
N MET C 1 25.49 -15.15 5.43
CA MET C 1 26.21 -16.43 5.66
C MET C 1 25.39 -17.35 6.56
N HIS C 2 24.35 -16.79 7.17
CA HIS C 2 23.49 -17.54 8.07
C HIS C 2 22.06 -17.02 8.03
N LEU C 3 21.12 -17.84 8.49
CA LEU C 3 19.70 -17.48 8.51
C LEU C 3 19.47 -16.29 9.45
N GLY C 4 20.20 -16.26 10.56
CA GLY C 4 20.06 -15.19 11.53
C GLY C 4 20.36 -13.82 10.97
N VAL C 5 21.37 -13.74 10.10
CA VAL C 5 21.74 -12.46 9.48
C VAL C 5 20.57 -11.90 8.67
N LEU C 6 19.93 -12.77 7.88
CA LEU C 6 18.78 -12.39 7.08
C LEU C 6 17.59 -12.04 7.95
N ALA C 7 17.40 -12.79 9.03
CA ALA C 7 16.28 -12.53 9.93
C ALA C 7 16.36 -11.13 10.50
N ALA C 8 17.54 -10.75 10.97
CA ALA C 8 17.75 -9.42 11.51
C ALA C 8 17.70 -8.37 10.40
N ALA C 9 18.29 -8.71 9.25
CA ALA C 9 18.33 -7.80 8.11
C ALA C 9 16.93 -7.46 7.61
N ILE C 10 16.06 -8.46 7.52
CA ILE C 10 14.70 -8.21 7.07
C ILE C 10 13.89 -7.53 8.16
N ALA C 11 14.13 -7.89 9.43
CA ALA C 11 13.41 -7.27 10.54
C ALA C 11 13.72 -5.79 10.63
N VAL C 12 14.99 -5.45 10.47
CA VAL C 12 15.43 -4.07 10.49
C VAL C 12 14.90 -3.35 9.26
N GLY C 13 14.92 -4.05 8.12
CA GLY C 13 14.40 -3.48 6.90
C GLY C 13 12.95 -3.15 7.07
N LEU C 14 12.23 -4.03 7.75
CA LEU C 14 10.81 -3.83 8.04
C LEU C 14 10.64 -2.64 8.99
N GLY C 15 11.53 -2.57 9.98
CA GLY C 15 11.49 -1.47 10.95
C GLY C 15 11.74 -0.13 10.29
N ALA C 16 12.74 -0.08 9.42
CA ALA C 16 13.09 1.13 8.69
C ALA C 16 11.96 1.55 7.76
N LEU C 17 11.35 0.56 7.12
CA LEU C 17 10.25 0.81 6.20
C LEU C 17 9.05 1.42 6.91
N GLY C 18 8.64 0.80 8.02
CA GLY C 18 7.48 1.28 8.75
C GLY C 18 7.65 2.67 9.32
N ALA C 19 8.74 2.89 10.05
CA ALA C 19 8.98 4.20 10.64
C ALA C 19 9.36 5.23 9.58
N GLY C 20 10.07 4.78 8.54
CA GLY C 20 10.47 5.70 7.49
C GLY C 20 9.30 6.34 6.79
N ILE C 21 8.32 5.53 6.40
CA ILE C 21 7.15 6.07 5.72
C ILE C 21 6.23 6.75 6.72
N GLY C 22 6.12 6.18 7.92
CA GLY C 22 5.27 6.75 8.96
C GLY C 22 5.72 8.13 9.37
N ASN C 23 7.02 8.28 9.60
CA ASN C 23 7.59 9.56 10.01
C ASN C 23 7.68 10.53 8.83
N GLY C 24 7.96 10.03 7.64
CA GLY C 24 8.03 10.92 6.49
C GLY C 24 6.70 11.60 6.27
N LEU C 25 5.65 10.81 6.27
CA LEU C 25 4.31 11.32 6.10
C LEU C 25 3.90 12.17 7.30
N ILE C 26 4.30 11.74 8.50
CA ILE C 26 3.95 12.47 9.72
C ILE C 26 4.51 13.89 9.69
N VAL C 27 5.72 14.05 9.14
CA VAL C 27 6.33 15.37 9.07
C VAL C 27 5.64 16.27 8.06
N SER C 28 5.47 15.80 6.81
CA SER C 28 4.82 16.63 5.78
C SER C 28 3.37 16.93 6.14
N ARG C 29 2.67 15.94 6.68
CA ARG C 29 1.28 16.14 7.05
C ARG C 29 1.16 17.08 8.23
N THR C 30 2.07 16.99 9.20
CA THR C 30 2.06 17.89 10.35
C THR C 30 2.25 19.30 9.84
N ILE C 31 3.10 19.40 8.81
CA ILE C 31 3.40 20.65 8.15
C ILE C 31 2.16 21.22 7.49
N GLU C 32 1.43 20.37 6.78
CA GLU C 32 0.20 20.76 6.10
C GLU C 32 -0.87 21.19 7.10
N GLY C 33 -0.98 20.45 8.20
CA GLY C 33 -1.97 20.74 9.21
C GLY C 33 -1.78 22.09 9.88
N ILE C 34 -0.54 22.44 10.19
CA ILE C 34 -0.26 23.72 10.84
C ILE C 34 -0.29 24.89 9.85
N ALA C 35 0.05 24.62 8.60
CA ALA C 35 0.05 25.65 7.56
C ALA C 35 -1.37 26.15 7.26
N ARG C 36 -2.33 25.23 7.22
CA ARG C 36 -3.71 25.58 6.91
C ARG C 36 -4.34 26.51 7.94
N GLN C 37 -4.13 26.24 9.23
CA GLN C 37 -4.70 27.07 10.28
C GLN C 37 -3.64 27.51 11.29
N PRO C 38 -3.53 28.83 11.52
CA PRO C 38 -2.56 29.39 12.47
C PRO C 38 -2.98 29.27 13.93
N GLU C 39 -3.19 28.04 14.39
CA GLU C 39 -3.59 27.80 15.78
C GLU C 39 -2.76 26.70 16.41
N LEU C 40 -1.98 27.09 17.42
CA LEU C 40 -1.10 26.15 18.14
C LEU C 40 -0.16 25.42 17.18
N ARG C 41 0.37 26.17 16.21
CA ARG C 41 1.28 25.59 15.21
C ARG C 41 2.52 24.95 15.84
N PRO C 42 3.26 25.64 16.75
CA PRO C 42 4.44 25.06 17.40
C PRO C 42 4.09 23.79 18.18
N VAL C 43 2.95 23.83 18.86
CA VAL C 43 2.47 22.69 19.65
C VAL C 43 2.16 21.49 18.76
N LEU C 44 1.53 21.78 17.62
CA LEU C 44 1.17 20.73 16.66
C LEU C 44 2.42 20.03 16.11
N GLN C 45 3.44 20.81 15.77
CA GLN C 45 4.69 20.25 15.27
C GLN C 45 5.36 19.46 16.40
N THR C 46 5.19 19.94 17.64
CA THR C 46 5.72 19.27 18.82
C THR C 46 5.07 17.89 18.95
N THR C 47 3.76 17.84 18.69
CA THR C 47 3.01 16.58 18.73
C THR C 47 3.61 15.64 17.69
N MET C 48 3.99 16.22 16.54
CA MET C 48 4.63 15.47 15.47
C MET C 48 5.93 14.84 15.99
N PHE C 49 6.71 15.63 16.74
CA PHE C 49 7.98 15.16 17.29
C PHE C 49 7.78 13.99 18.25
N ILE C 50 6.77 14.07 19.12
CA ILE C 50 6.51 12.98 20.04
C ILE C 50 6.04 11.76 19.25
N GLY C 51 5.37 12.02 18.12
CA GLY C 51 4.93 10.97 17.23
C GLY C 51 6.12 10.23 16.67
N VAL C 52 7.16 11.01 16.36
CA VAL C 52 8.40 10.46 15.84
C VAL C 52 9.02 9.53 16.88
N ALA C 53 9.03 9.99 18.13
CA ALA C 53 9.59 9.20 19.24
C ALA C 53 8.82 7.90 19.43
N LEU C 54 7.51 7.99 19.29
CA LEU C 54 6.64 6.84 19.45
C LEU C 54 6.82 5.82 18.33
N VAL C 55 6.81 6.32 17.10
CA VAL C 55 6.94 5.48 15.92
C VAL C 55 8.30 4.78 15.85
N GLU C 56 9.38 5.51 16.15
CA GLU C 56 10.72 4.95 16.09
C GLU C 56 11.00 4.02 17.27
N ALA C 57 10.16 4.08 18.30
CA ALA C 57 10.31 3.21 19.45
C ALA C 57 10.18 1.77 19.02
N LEU C 58 9.26 1.54 18.08
CA LEU C 58 9.00 0.22 17.55
C LEU C 58 10.22 -0.35 16.79
N PRO C 59 10.81 0.37 15.80
CA PRO C 59 12.01 -0.11 15.09
C PRO C 59 13.19 -0.39 16.01
N ILE C 60 13.43 0.48 16.99
CA ILE C 60 14.57 0.29 17.89
C ILE C 60 14.35 -0.90 18.82
N ILE C 61 13.13 -1.07 19.34
CA ILE C 61 12.86 -2.19 20.23
C ILE C 61 12.88 -3.51 19.44
N GLY C 62 12.39 -3.46 18.21
CA GLY C 62 12.38 -4.63 17.35
C GLY C 62 13.78 -5.10 17.02
N VAL C 63 14.67 -4.14 16.74
CA VAL C 63 16.06 -4.44 16.43
C VAL C 63 16.75 -5.06 17.65
N VAL C 64 16.49 -4.50 18.83
CA VAL C 64 17.08 -5.00 20.07
C VAL C 64 16.62 -6.44 20.33
N PHE C 65 15.33 -6.70 20.16
CA PHE C 65 14.78 -8.04 20.36
C PHE C 65 15.39 -9.02 19.37
N SER C 66 15.54 -8.61 18.12
CA SER C 66 16.13 -9.46 17.09
C SER C 66 17.57 -9.80 17.47
N PHE C 67 18.29 -8.81 17.97
CA PHE C 67 19.68 -8.96 18.39
C PHE C 67 19.80 -10.00 19.50
N ILE C 68 18.96 -9.88 20.54
CA ILE C 68 19.02 -10.83 21.66
C ILE C 68 18.56 -12.22 21.24
N TYR C 69 17.62 -12.30 20.29
CA TYR C 69 17.16 -13.60 19.81
C TYR C 69 18.32 -14.33 19.15
N LEU C 70 19.12 -13.58 18.38
CA LEU C 70 20.28 -14.15 17.73
C LEU C 70 21.31 -14.55 18.76
N GLY C 71 21.49 -13.66 19.73
CA GLY C 71 22.44 -13.86 20.79
C GLY C 71 22.10 -15.04 21.68
N ARG C 72 20.82 -15.19 22.01
CA ARG C 72 20.37 -16.28 22.87
C ARG C 72 19.30 -17.10 22.18
N MET D 1 20.07 -18.46 12.90
CA MET D 1 20.66 -19.81 13.07
C MET D 1 19.55 -20.87 13.11
N HIS D 2 18.32 -20.41 13.24
CA HIS D 2 17.16 -21.30 13.31
C HIS D 2 15.93 -20.64 12.70
N LEU D 3 14.95 -21.48 12.35
CA LEU D 3 13.70 -21.00 11.76
C LEU D 3 12.93 -20.12 12.74
N GLY D 4 12.99 -20.48 14.02
CA GLY D 4 12.30 -19.73 15.05
C GLY D 4 12.75 -18.28 15.15
N VAL D 5 14.05 -18.05 14.99
CA VAL D 5 14.60 -16.69 15.06
C VAL D 5 13.98 -15.83 13.97
N LEU D 6 13.91 -16.36 12.76
CA LEU D 6 13.31 -15.66 11.63
C LEU D 6 11.82 -15.45 11.83
N ALA D 7 11.14 -16.46 12.39
CA ALA D 7 9.70 -16.37 12.62
C ALA D 7 9.38 -15.20 13.54
N ALA D 8 10.13 -15.09 14.63
CA ALA D 8 9.94 -14.00 15.56
C ALA D 8 10.40 -12.67 14.95
N ALA D 9 11.51 -12.72 14.22
CA ALA D 9 12.06 -11.53 13.60
C ALA D 9 11.10 -10.93 12.58
N ILE D 10 10.48 -11.77 11.76
CA ILE D 10 9.53 -11.28 10.78
C ILE D 10 8.22 -10.86 11.45
N ALA D 11 7.81 -11.59 12.49
CA ALA D 11 6.58 -11.24 13.21
C ALA D 11 6.69 -9.89 13.87
N VAL D 12 7.85 -9.65 14.49
CA VAL D 12 8.12 -8.38 15.13
C VAL D 12 8.24 -7.30 14.09
N GLY D 13 8.90 -7.63 12.98
CA GLY D 13 9.04 -6.68 11.90
C GLY D 13 7.68 -6.28 11.38
N LEU D 14 6.78 -7.25 11.31
CA LEU D 14 5.41 -7.00 10.87
C LEU D 14 4.69 -6.13 11.91
N GLY D 15 4.94 -6.41 13.19
CA GLY D 15 4.34 -5.66 14.27
C GLY D 15 4.80 -4.21 14.27
N ALA D 16 6.10 -4.02 14.07
CA ALA D 16 6.69 -2.67 14.03
C ALA D 16 6.17 -1.90 12.82
N LEU D 17 6.05 -2.60 11.71
CA LEU D 17 5.57 -2.01 10.47
C LEU D 17 4.13 -1.50 10.62
N GLY D 18 3.25 -2.37 11.12
CA GLY D 18 1.85 -2.02 11.27
C GLY D 18 1.60 -0.87 12.23
N ALA D 19 2.15 -0.97 13.44
CA ALA D 19 1.96 0.09 14.42
C ALA D 19 2.76 1.33 14.06
N GLY D 20 3.93 1.14 13.46
CA GLY D 20 4.76 2.28 13.08
C GLY D 20 4.07 3.20 12.10
N ILE D 21 3.49 2.63 11.05
CA ILE D 21 2.80 3.45 10.07
C ILE D 21 1.44 3.91 10.61
N GLY D 22 0.78 3.03 11.36
CA GLY D 22 -0.52 3.36 11.92
C GLY D 22 -0.44 4.51 12.91
N ASN D 23 0.54 4.46 13.79
CA ASN D 23 0.74 5.51 14.78
C ASN D 23 1.35 6.76 14.18
N GLY D 24 2.24 6.60 13.20
CA GLY D 24 2.83 7.77 12.57
C GLY D 24 1.75 8.61 11.92
N LEU D 25 0.91 7.95 11.15
CA LEU D 25 -0.19 8.63 10.47
C LEU D 25 -1.21 9.14 11.49
N ILE D 26 -1.45 8.34 12.54
CA ILE D 26 -2.42 8.71 13.57
C ILE D 26 -2.03 10.02 14.24
N VAL D 27 -0.73 10.22 14.46
CA VAL D 27 -0.26 11.43 15.10
C VAL D 27 -0.39 12.65 14.20
N SER D 28 0.14 12.58 12.97
CA SER D 28 0.06 13.73 12.05
C SER D 28 -1.39 14.06 11.68
N ARG D 29 -2.20 13.03 11.48
CA ARG D 29 -3.59 13.23 11.13
C ARG D 29 -4.37 13.82 12.31
N THR D 30 -4.07 13.35 13.52
CA THR D 30 -4.74 13.89 14.70
C THR D 30 -4.41 15.35 14.82
N ILE D 31 -3.16 15.66 14.44
CA ILE D 31 -2.65 17.02 14.43
C ILE D 31 -3.40 17.88 13.43
N GLU D 32 -3.61 17.33 12.23
CA GLU D 32 -4.33 18.03 11.18
C GLU D 32 -5.80 18.24 11.56
N GLY D 33 -6.40 17.23 12.17
CA GLY D 33 -7.79 17.31 12.58
C GLY D 33 -8.06 18.39 13.62
N ILE D 34 -7.17 18.53 14.60
CA ILE D 34 -7.37 19.53 15.65
C ILE D 34 -6.97 20.92 15.17
N ALA D 35 -6.00 21.00 14.26
CA ALA D 35 -5.55 22.27 13.72
C ALA D 35 -6.64 22.97 12.91
N ARG D 36 -7.38 22.20 12.11
CA ARG D 36 -8.43 22.76 11.27
C ARG D 36 -9.57 23.41 12.05
N GLN D 37 -10.01 22.76 13.12
CA GLN D 37 -11.10 23.31 13.92
C GLN D 37 -10.74 23.34 15.41
N PRO D 38 -10.86 24.52 16.04
CA PRO D 38 -10.55 24.69 17.47
C PRO D 38 -11.67 24.18 18.40
N GLU D 39 -11.99 22.90 18.30
CA GLU D 39 -13.03 22.33 19.15
C GLU D 39 -12.57 21.01 19.76
N LEU D 40 -12.44 21.00 21.08
CA LEU D 40 -12.01 19.82 21.84
C LEU D 40 -10.65 19.32 21.33
N ARG D 41 -9.75 20.26 21.03
CA ARG D 41 -8.42 19.91 20.52
C ARG D 41 -7.63 18.99 21.47
N PRO D 42 -7.52 19.31 22.79
CA PRO D 42 -6.80 18.46 23.74
C PRO D 42 -7.42 17.06 23.82
N VAL D 43 -8.75 17.02 23.79
CA VAL D 43 -9.49 15.76 23.86
C VAL D 43 -9.21 14.90 22.62
N LEU D 44 -9.18 15.54 21.47
CA LEU D 44 -8.92 14.86 20.19
C LEU D 44 -7.54 14.23 20.18
N GLN D 45 -6.55 14.98 20.65
CA GLN D 45 -5.18 14.47 20.72
C GLN D 45 -5.13 13.32 21.75
N THR D 46 -5.94 13.45 22.80
CA THR D 46 -6.04 12.41 23.83
C THR D 46 -6.58 11.12 23.19
N THR D 47 -7.57 11.28 22.30
CA THR D 47 -8.14 10.14 21.59
C THR D 47 -7.03 9.49 20.77
N MET D 48 -6.15 10.33 20.21
CA MET D 48 -5.00 9.85 19.45
C MET D 48 -4.12 8.98 20.34
N PHE D 49 -3.88 9.44 21.57
CA PHE D 49 -3.05 8.71 22.53
C PHE D 49 -3.64 7.34 22.86
N ILE D 50 -4.95 7.27 23.07
CA ILE D 50 -5.58 5.99 23.35
C ILE D 50 -5.48 5.10 22.11
N GLY D 51 -5.50 5.75 20.94
CA GLY D 51 -5.35 5.03 19.70
C GLY D 51 -3.99 4.38 19.63
N VAL D 52 -3.00 5.11 20.13
CA VAL D 52 -1.63 4.62 20.18
C VAL D 52 -1.57 3.37 21.06
N ALA D 53 -2.23 3.44 22.21
CA ALA D 53 -2.27 2.32 23.15
C ALA D 53 -2.94 1.11 22.54
N LEU D 54 -3.99 1.36 21.79
CA LEU D 54 -4.75 0.29 21.14
C LEU D 54 -3.94 -0.36 20.01
N VAL D 55 -3.35 0.46 19.17
CA VAL D 55 -2.58 -0.02 18.03
C VAL D 55 -1.34 -0.79 18.46
N GLU D 56 -0.62 -0.29 19.47
CA GLU D 56 0.60 -0.94 19.94
C GLU D 56 0.30 -2.20 20.75
N ALA D 57 -0.96 -2.34 21.18
CA ALA D 57 -1.36 -3.52 21.94
C ALA D 57 -1.15 -4.76 21.08
N LEU D 58 -1.45 -4.61 19.79
CA LEU D 58 -1.30 -5.69 18.84
C LEU D 58 0.17 -6.14 18.68
N PRO D 59 1.14 -5.22 18.39
CA PRO D 59 2.56 -5.60 18.28
C PRO D 59 3.11 -6.24 19.55
N ILE D 60 2.75 -5.71 20.72
CA ILE D 60 3.28 -6.27 21.96
C ILE D 60 2.70 -7.65 22.26
N ILE D 61 1.40 -7.85 22.02
CA ILE D 61 0.78 -9.14 22.27
C ILE D 61 1.29 -10.17 21.24
N GLY D 62 1.51 -9.72 20.00
CA GLY D 62 2.03 -10.59 18.97
C GLY D 62 3.43 -11.08 19.28
N VAL D 63 4.25 -10.17 19.78
CA VAL D 63 5.63 -10.50 20.15
C VAL D 63 5.63 -11.51 21.31
N VAL D 64 4.77 -11.27 22.30
CA VAL D 64 4.66 -12.18 23.44
C VAL D 64 4.25 -13.58 23.01
N PHE D 65 3.25 -13.65 22.13
CA PHE D 65 2.77 -14.94 21.61
C PHE D 65 3.87 -15.66 20.83
N SER D 66 4.60 -14.91 20.02
CA SER D 66 5.69 -15.48 19.24
C SER D 66 6.75 -16.06 20.18
N PHE D 67 7.03 -15.31 21.24
CA PHE D 67 8.02 -15.72 22.24
C PHE D 67 7.63 -17.04 22.90
N ILE D 68 6.37 -17.14 23.35
CA ILE D 68 5.91 -18.37 24.00
C ILE D 68 5.82 -19.53 23.01
N TYR D 69 5.52 -19.25 21.74
CA TYR D 69 5.45 -20.31 20.74
C TYR D 69 6.83 -20.92 20.57
N LEU D 70 7.85 -20.07 20.57
CA LEU D 70 9.23 -20.53 20.48
C LEU D 70 9.60 -21.31 21.73
N GLY D 71 9.20 -20.76 22.86
CA GLY D 71 9.49 -21.35 24.14
C GLY D 71 8.81 -22.70 24.34
N ARG D 72 7.56 -22.80 23.91
CA ARG D 72 6.80 -24.04 24.06
C ARG D 72 6.30 -24.53 22.70
N MET E 1 11.82 -23.23 15.19
CA MET E 1 12.32 -24.64 15.22
C MET E 1 11.42 -25.54 14.39
N HIS E 2 10.28 -25.02 14.00
CA HIS E 2 9.32 -25.78 13.20
C HIS E 2 8.53 -24.86 12.28
N LEU E 3 7.92 -25.46 11.24
CA LEU E 3 7.13 -24.72 10.27
C LEU E 3 5.91 -24.07 10.94
N GLY E 4 5.32 -24.79 11.90
CA GLY E 4 4.15 -24.30 12.60
C GLY E 4 4.39 -23.00 13.34
N VAL E 5 5.57 -22.86 13.94
CA VAL E 5 5.91 -21.65 14.67
C VAL E 5 5.88 -20.44 13.73
N LEU E 6 6.48 -20.60 12.56
CA LEU E 6 6.50 -19.54 11.54
C LEU E 6 5.10 -19.26 11.01
N ALA E 7 4.31 -20.31 10.82
CA ALA E 7 2.96 -20.16 10.30
C ALA E 7 2.13 -19.28 11.23
N ALA E 8 2.21 -19.56 12.53
CA ALA E 8 1.48 -18.76 13.50
C ALA E 8 2.09 -17.37 13.64
N ALA E 9 3.43 -17.32 13.60
CA ALA E 9 4.15 -16.05 13.73
C ALA E 9 3.82 -15.10 12.59
N ILE E 10 3.75 -15.60 11.37
CA ILE E 10 3.41 -14.76 10.24
C ILE E 10 1.92 -14.42 10.24
N ALA E 11 1.08 -15.37 10.65
CA ALA E 11 -0.36 -15.13 10.71
C ALA E 11 -0.70 -14.04 11.70
N VAL E 12 -0.05 -14.11 12.86
CA VAL E 12 -0.23 -13.11 13.89
C VAL E 12 0.34 -11.79 13.43
N GLY E 13 1.50 -11.86 12.77
CA GLY E 13 2.11 -10.65 12.25
C GLY E 13 1.18 -9.98 11.26
N LEU E 14 0.51 -10.80 10.45
CA LEU E 14 -0.45 -10.31 9.48
C LEU E 14 -1.66 -9.71 10.20
N GLY E 15 -2.08 -10.37 11.28
CA GLY E 15 -3.20 -9.89 12.07
C GLY E 15 -2.90 -8.56 12.73
N ALA E 16 -1.71 -8.44 13.30
CA ALA E 16 -1.27 -7.22 13.95
C ALA E 16 -1.14 -6.08 12.95
N LEU E 17 -0.63 -6.41 11.77
CA LEU E 17 -0.44 -5.44 10.71
C LEU E 17 -1.78 -4.87 10.24
N GLY E 18 -2.74 -5.75 9.95
CA GLY E 18 -4.04 -5.32 9.46
C GLY E 18 -4.81 -4.48 10.45
N ALA E 19 -4.97 -4.98 11.67
CA ALA E 19 -5.70 -4.24 12.69
C ALA E 19 -4.91 -3.03 13.16
N GLY E 20 -3.59 -3.15 13.21
CA GLY E 20 -2.76 -2.04 13.66
C GLY E 20 -2.92 -0.81 12.80
N ILE E 21 -2.83 -0.99 11.49
CA ILE E 21 -2.96 0.14 10.59
C ILE E 21 -4.44 0.55 10.46
N GLY E 22 -5.33 -0.44 10.47
CA GLY E 22 -6.76 -0.16 10.37
C GLY E 22 -7.27 0.66 11.54
N ASN E 23 -6.88 0.25 12.75
CA ASN E 23 -7.30 0.95 13.96
C ASN E 23 -6.54 2.26 14.14
N GLY E 24 -5.27 2.29 13.76
CA GLY E 24 -4.53 3.53 13.90
C GLY E 24 -5.17 4.63 13.08
N LEU E 25 -5.45 4.30 11.82
CA LEU E 25 -6.09 5.25 10.93
C LEU E 25 -7.51 5.53 11.38
N ILE E 26 -8.21 4.50 11.87
CA ILE E 26 -9.59 4.65 12.31
C ILE E 26 -9.68 5.67 13.44
N VAL E 27 -8.70 5.67 14.34
CA VAL E 27 -8.71 6.60 15.46
C VAL E 27 -8.44 8.03 15.02
N SER E 28 -7.35 8.26 14.27
CA SER E 28 -7.03 9.63 13.83
C SER E 28 -8.09 10.19 12.89
N ARG E 29 -8.61 9.34 12.01
CA ARG E 29 -9.65 9.78 11.08
C ARG E 29 -10.95 10.07 11.81
N THR E 30 -11.29 9.25 12.80
CA THR E 30 -12.50 9.48 13.58
C THR E 30 -12.38 10.82 14.27
N ILE E 31 -11.14 11.10 14.70
CA ILE E 31 -10.78 12.34 15.36
C ILE E 31 -10.98 13.52 14.41
N GLU E 32 -10.50 13.37 13.17
CA GLU E 32 -10.63 14.41 12.16
C GLU E 32 -12.09 14.64 11.79
N GLY E 33 -12.85 13.56 11.68
CA GLY E 33 -14.25 13.66 11.32
C GLY E 33 -15.10 14.42 12.34
N ILE E 34 -14.85 14.17 13.62
CA ILE E 34 -15.61 14.84 14.67
C ILE E 34 -15.13 16.28 14.91
N ALA E 35 -13.84 16.51 14.68
CA ALA E 35 -13.26 17.84 14.85
C ALA E 35 -13.82 18.85 13.85
N ARG E 36 -13.99 18.40 12.60
CA ARG E 36 -14.49 19.29 11.54
C ARG E 36 -15.91 19.79 11.79
N GLN E 37 -16.81 18.91 12.24
CA GLN E 37 -18.18 19.31 12.49
C GLN E 37 -18.64 18.88 13.89
N PRO E 38 -19.16 19.82 14.69
CA PRO E 38 -19.62 19.54 16.04
C PRO E 38 -21.03 18.91 16.08
N GLU E 39 -21.17 17.75 15.46
CA GLU E 39 -22.44 17.06 15.44
C GLU E 39 -22.28 15.58 15.79
N LEU E 40 -22.86 15.18 16.92
CA LEU E 40 -22.78 13.80 17.40
C LEU E 40 -21.33 13.34 17.53
N ARG E 41 -20.47 14.23 18.03
CA ARG E 41 -19.05 13.92 18.19
C ARG E 41 -18.81 12.68 19.09
N PRO E 42 -19.41 12.62 20.30
CA PRO E 42 -19.23 11.44 21.18
C PRO E 42 -19.70 10.16 20.53
N VAL E 43 -20.82 10.24 19.81
CA VAL E 43 -21.40 9.11 19.11
C VAL E 43 -20.46 8.61 18.01
N LEU E 44 -19.89 9.56 17.27
CA LEU E 44 -18.98 9.24 16.18
C LEU E 44 -17.73 8.51 16.68
N GLN E 45 -17.18 9.00 17.79
CA GLN E 45 -16.01 8.35 18.40
C GLN E 45 -16.42 6.97 18.91
N THR E 46 -17.66 6.86 19.38
CA THR E 46 -18.22 5.59 19.85
C THR E 46 -18.26 4.59 18.69
N THR E 47 -18.65 5.09 17.52
CA THR E 47 -18.70 4.27 16.30
C THR E 47 -17.28 3.78 16.03
N MET E 48 -16.30 4.66 16.25
CA MET E 48 -14.89 4.30 16.09
C MET E 48 -14.54 3.13 17.00
N PHE E 49 -15.00 3.20 18.26
CA PHE E 49 -14.73 2.15 19.23
C PHE E 49 -15.31 0.80 18.80
N ILE E 50 -16.54 0.80 18.27
CA ILE E 50 -17.13 -0.45 17.81
C ILE E 50 -16.36 -0.95 16.59
N GLY E 51 -15.82 0.01 15.83
CA GLY E 51 -14.99 -0.32 14.69
C GLY E 51 -13.75 -1.06 15.14
N VAL E 52 -13.21 -0.61 16.25
CA VAL E 52 -12.04 -1.22 16.85
C VAL E 52 -12.35 -2.67 17.23
N ALA E 53 -13.52 -2.87 17.84
CA ALA E 53 -13.96 -4.20 18.25
C ALA E 53 -14.12 -5.12 17.05
N LEU E 54 -14.67 -4.56 15.99
CA LEU E 54 -14.90 -5.31 14.76
C LEU E 54 -13.59 -5.70 14.07
N VAL E 55 -12.71 -4.72 13.93
CA VAL E 55 -11.44 -4.94 13.25
C VAL E 55 -10.53 -5.92 14.01
N GLU E 56 -10.48 -5.79 15.34
CA GLU E 56 -9.62 -6.67 16.15
C GLU E 56 -10.22 -8.07 16.29
N ALA E 57 -11.50 -8.21 15.95
CA ALA E 57 -12.16 -9.50 16.00
C ALA E 57 -11.46 -10.47 15.04
N LEU E 58 -11.06 -9.93 13.91
CA LEU E 58 -10.37 -10.70 12.88
C LEU E 58 -9.00 -11.23 13.38
N PRO E 59 -8.08 -10.36 13.91
CA PRO E 59 -6.79 -10.82 14.43
C PRO E 59 -6.93 -11.85 15.55
N ILE E 60 -7.87 -11.64 16.47
CA ILE E 60 -8.02 -12.59 17.57
C ILE E 60 -8.57 -13.93 17.11
N ILE E 61 -9.55 -13.91 16.19
CA ILE E 61 -10.11 -15.16 15.69
C ILE E 61 -9.09 -15.91 14.83
N GLY E 62 -8.29 -15.14 14.08
CA GLY E 62 -7.27 -15.72 13.24
C GLY E 62 -6.19 -16.41 14.05
N VAL E 63 -5.80 -15.77 15.16
CA VAL E 63 -4.80 -16.33 16.06
C VAL E 63 -5.32 -17.61 16.70
N VAL E 64 -6.58 -17.60 17.12
CA VAL E 64 -7.20 -18.78 17.74
C VAL E 64 -7.24 -19.95 16.74
N PHE E 65 -7.64 -19.66 15.50
CA PHE E 65 -7.69 -20.69 14.47
C PHE E 65 -6.31 -21.26 14.18
N SER E 66 -5.31 -20.39 14.12
CA SER E 66 -3.94 -20.82 13.87
C SER E 66 -3.47 -21.74 15.00
N PHE E 67 -3.83 -21.37 16.23
CA PHE E 67 -3.47 -22.13 17.42
C PHE E 67 -4.06 -23.55 17.36
N ILE E 68 -5.35 -23.65 17.05
CA ILE E 68 -6.01 -24.96 16.98
C ILE E 68 -5.49 -25.78 15.79
N TYR E 69 -5.13 -25.11 14.70
CA TYR E 69 -4.59 -25.83 13.54
C TYR E 69 -3.28 -26.50 13.93
N LEU E 70 -2.46 -25.79 14.71
CA LEU E 70 -1.21 -26.33 15.19
C LEU E 70 -1.47 -27.47 16.16
N GLY E 71 -2.43 -27.23 17.03
CA GLY E 71 -2.81 -28.19 18.04
C GLY E 71 -3.41 -29.46 17.45
N ARG E 72 -4.25 -29.32 16.44
CA ARG E 72 -4.88 -30.48 15.81
C ARG E 72 -4.59 -30.50 14.30
N MET F 1 3.91 -27.64 11.41
CA MET F 1 4.42 -29.03 11.27
C MET F 1 4.15 -29.58 9.88
N HIS F 2 3.32 -28.85 9.13
CA HIS F 2 2.95 -29.25 7.77
C HIS F 2 2.69 -28.03 6.90
N LEU F 3 2.75 -28.25 5.58
CA LEU F 3 2.51 -27.18 4.60
C LEU F 3 1.08 -26.65 4.72
N GLY F 4 0.14 -27.55 4.98
CA GLY F 4 -1.25 -27.18 5.10
C GLY F 4 -1.52 -26.17 6.21
N VAL F 5 -0.83 -26.32 7.33
CA VAL F 5 -0.99 -25.40 8.46
C VAL F 5 -0.62 -23.98 8.03
N LEU F 6 0.51 -23.85 7.34
CA LEU F 6 0.98 -22.56 6.85
C LEU F 6 0.03 -22.00 5.80
N ALA F 7 -0.47 -22.87 4.92
CA ALA F 7 -1.38 -22.45 3.86
C ALA F 7 -2.62 -21.79 4.45
N ALA F 8 -3.20 -22.43 5.45
CA ALA F 8 -4.38 -21.89 6.12
C ALA F 8 -4.00 -20.66 6.95
N ALA F 9 -2.85 -20.73 7.61
CA ALA F 9 -2.38 -19.63 8.45
C ALA F 9 -2.16 -18.36 7.64
N ILE F 10 -1.55 -18.48 6.47
CA ILE F 10 -1.31 -17.32 5.63
C ILE F 10 -2.61 -16.86 4.97
N ALA F 11 -3.48 -17.81 4.61
CA ALA F 11 -4.76 -17.46 3.99
C ALA F 11 -5.63 -16.67 4.94
N VAL F 12 -5.66 -17.12 6.19
CA VAL F 12 -6.42 -16.45 7.24
C VAL F 12 -5.78 -15.11 7.54
N GLY F 13 -4.45 -15.09 7.57
CA GLY F 13 -3.73 -13.86 7.81
C GLY F 13 -4.06 -12.85 6.74
N LEU F 14 -4.17 -13.34 5.51
CA LEU F 14 -4.54 -12.49 4.37
C LEU F 14 -5.97 -12.00 4.53
N GLY F 15 -6.85 -12.91 4.98
CA GLY F 15 -8.25 -12.57 5.20
C GLY F 15 -8.41 -11.52 6.28
N ALA F 16 -7.69 -11.69 7.38
CA ALA F 16 -7.74 -10.74 8.49
C ALA F 16 -7.19 -9.39 8.08
N LEU F 17 -6.12 -9.43 7.29
CA LEU F 17 -5.49 -8.21 6.81
C LEU F 17 -6.43 -7.40 5.92
N GLY F 18 -7.03 -8.06 4.94
CA GLY F 18 -7.93 -7.38 4.02
C GLY F 18 -9.16 -6.79 4.67
N ALA F 19 -9.87 -7.60 5.43
CA ALA F 19 -11.07 -7.12 6.10
C ALA F 19 -10.73 -6.17 7.25
N GLY F 20 -9.61 -6.43 7.92
CA GLY F 20 -9.21 -5.59 9.03
C GLY F 20 -8.97 -4.15 8.62
N ILE F 21 -8.22 -3.95 7.55
CA ILE F 21 -7.96 -2.60 7.08
C ILE F 21 -9.18 -2.04 6.35
N GLY F 22 -9.88 -2.90 5.61
CA GLY F 22 -11.07 -2.47 4.89
C GLY F 22 -12.16 -1.98 5.82
N ASN F 23 -12.42 -2.74 6.88
CA ASN F 23 -13.44 -2.38 7.85
C ASN F 23 -12.98 -1.26 8.78
N GLY F 24 -11.70 -1.24 9.12
CA GLY F 24 -11.21 -0.18 9.97
C GLY F 24 -11.41 1.17 9.31
N LEU F 25 -10.98 1.25 8.06
CA LEU F 25 -11.15 2.47 7.28
C LEU F 25 -12.62 2.74 7.01
N ILE F 26 -13.39 1.68 6.74
CA ILE F 26 -14.81 1.85 6.45
C ILE F 26 -15.54 2.51 7.62
N VAL F 27 -15.16 2.15 8.85
CA VAL F 27 -15.80 2.71 10.02
C VAL F 27 -15.44 4.18 10.22
N SER F 28 -14.14 4.51 10.24
CA SER F 28 -13.73 5.90 10.45
C SER F 28 -14.20 6.80 9.32
N ARG F 29 -14.14 6.30 8.08
CA ARG F 29 -14.57 7.09 6.94
C ARG F 29 -16.08 7.28 6.95
N THR F 30 -16.82 6.25 7.34
CA THR F 30 -18.28 6.37 7.42
C THR F 30 -18.61 7.43 8.45
N ILE F 31 -17.79 7.45 9.50
CA ILE F 31 -17.91 8.42 10.58
C ILE F 31 -17.67 9.83 10.06
N GLU F 32 -16.62 9.99 9.25
CA GLU F 32 -16.27 11.29 8.68
C GLU F 32 -17.36 11.76 7.71
N GLY F 33 -17.88 10.83 6.91
CA GLY F 33 -18.90 11.16 5.94
C GLY F 33 -20.19 11.67 6.57
N ILE F 34 -20.62 11.05 7.66
CA ILE F 34 -21.86 11.46 8.31
C ILE F 34 -21.65 12.72 9.17
N ALA F 35 -20.46 12.87 9.71
CA ALA F 35 -20.13 14.04 10.54
C ALA F 35 -20.17 15.33 9.74
N ARG F 36 -19.65 15.29 8.52
CA ARG F 36 -19.59 16.49 7.67
C ARG F 36 -20.97 17.03 7.30
N GLN F 37 -21.90 16.16 6.94
CA GLN F 37 -23.24 16.59 6.57
C GLN F 37 -24.32 15.83 7.33
N PRO F 38 -25.23 16.55 8.00
CA PRO F 38 -26.31 15.94 8.78
C PRO F 38 -27.49 15.47 7.91
N GLU F 39 -27.21 14.54 6.99
CA GLU F 39 -28.25 14.01 6.12
C GLU F 39 -28.18 12.50 6.05
N LEU F 40 -29.23 11.85 6.56
CA LEU F 40 -29.33 10.38 6.58
C LEU F 40 -28.12 9.77 7.29
N ARG F 41 -27.70 10.39 8.38
CA ARG F 41 -26.54 9.90 9.14
C ARG F 41 -26.71 8.46 9.63
N PRO F 42 -27.84 8.10 10.29
CA PRO F 42 -28.06 6.71 10.75
C PRO F 42 -28.03 5.71 9.60
N VAL F 43 -28.64 6.11 8.47
CA VAL F 43 -28.70 5.28 7.27
C VAL F 43 -27.30 5.04 6.71
N LEU F 44 -26.49 6.10 6.69
CA LEU F 44 -25.13 6.03 6.17
C LEU F 44 -24.29 5.06 6.99
N GLN F 45 -24.41 5.14 8.32
CA GLN F 45 -23.67 4.25 9.22
C GLN F 45 -24.19 2.82 9.01
N THR F 46 -25.49 2.70 8.73
CA THR F 46 -26.12 1.41 8.46
C THR F 46 -25.49 0.80 7.20
N THR F 47 -25.27 1.65 6.19
CA THR F 47 -24.63 1.22 4.95
C THR F 47 -23.24 0.70 5.29
N MET F 48 -22.57 1.37 6.24
CA MET F 48 -21.26 0.94 6.71
C MET F 48 -21.35 -0.47 7.28
N PHE F 49 -22.39 -0.73 8.09
CA PHE F 49 -22.59 -2.04 8.70
C PHE F 49 -22.77 -3.13 7.66
N ILE F 50 -23.56 -2.87 6.62
CA ILE F 50 -23.75 -3.86 5.57
C ILE F 50 -22.43 -4.06 4.83
N GLY F 51 -21.63 -2.98 4.77
CA GLY F 51 -20.32 -3.05 4.16
C GLY F 51 -19.44 -4.00 4.94
N VAL F 52 -19.58 -3.95 6.26
CA VAL F 52 -18.84 -4.82 7.15
C VAL F 52 -19.20 -6.27 6.86
N ALA F 53 -20.50 -6.53 6.72
CA ALA F 53 -21.00 -7.87 6.43
C ALA F 53 -20.47 -8.39 5.11
N LEU F 54 -20.43 -7.50 4.12
CA LEU F 54 -19.94 -7.84 2.80
C LEU F 54 -18.45 -8.13 2.78
N VAL F 55 -17.67 -7.25 3.41
CA VAL F 55 -16.23 -7.39 3.44
C VAL F 55 -15.78 -8.62 4.23
N GLU F 56 -16.42 -8.89 5.37
CA GLU F 56 -16.05 -10.05 6.19
C GLU F 56 -16.53 -11.36 5.59
N ALA F 57 -17.45 -11.27 4.63
CA ALA F 57 -17.95 -12.46 3.95
C ALA F 57 -16.81 -13.17 3.25
N LEU F 58 -15.91 -12.37 2.69
CA LEU F 58 -14.75 -12.87 1.98
C LEU F 58 -13.79 -13.65 2.92
N PRO F 59 -13.33 -13.07 4.07
CA PRO F 59 -12.46 -13.79 5.01
C PRO F 59 -13.08 -15.08 5.54
N ILE F 60 -14.37 -15.05 5.87
CA ILE F 60 -15.01 -16.25 6.42
C ILE F 60 -15.16 -17.34 5.36
N ILE F 61 -15.52 -16.97 4.13
CA ILE F 61 -15.66 -17.96 3.07
C ILE F 61 -14.29 -18.52 2.67
N GLY F 62 -13.28 -17.65 2.69
CA GLY F 62 -11.93 -18.07 2.37
C GLY F 62 -11.39 -19.06 3.37
N VAL F 63 -11.66 -18.80 4.64
CA VAL F 63 -11.22 -19.69 5.71
C VAL F 63 -11.90 -21.05 5.59
N VAL F 64 -13.21 -21.04 5.29
CA VAL F 64 -13.98 -22.27 5.13
C VAL F 64 -13.42 -23.10 3.96
N PHE F 65 -13.14 -22.44 2.84
CA PHE F 65 -12.60 -23.12 1.67
C PHE F 65 -11.23 -23.71 1.97
N SER F 66 -10.40 -22.95 2.70
CA SER F 66 -9.07 -23.43 3.06
C SER F 66 -9.18 -24.68 3.94
N PHE F 67 -10.14 -24.64 4.86
CA PHE F 67 -10.39 -25.74 5.77
C PHE F 67 -10.77 -27.02 5.01
N ILE F 68 -11.71 -26.90 4.08
CA ILE F 68 -12.15 -28.07 3.31
C ILE F 68 -11.05 -28.55 2.37
N TYR F 69 -10.22 -27.64 1.86
CA TYR F 69 -9.11 -28.04 0.98
C TYR F 69 -8.16 -28.93 1.76
N LEU F 70 -7.90 -28.54 3.01
CA LEU F 70 -7.03 -29.33 3.89
C LEU F 70 -7.68 -30.67 4.19
N GLY F 71 -8.97 -30.58 4.48
CA GLY F 71 -9.74 -31.75 4.81
C GLY F 71 -9.87 -32.75 3.68
N ARG F 72 -10.08 -32.23 2.46
CA ARG F 72 -10.21 -33.09 1.29
C ARG F 72 -9.20 -32.72 0.22
N MET G 1 -0.66 -29.99 3.01
CA MET G 1 -0.05 -31.33 2.75
C MET G 1 0.46 -31.42 1.32
N HIS G 2 0.09 -30.43 0.51
CA HIS G 2 0.49 -30.39 -0.89
C HIS G 2 0.64 -28.95 -1.38
N LEU G 3 1.37 -28.78 -2.48
CA LEU G 3 1.59 -27.47 -3.07
C LEU G 3 0.28 -26.86 -3.55
N GLY G 4 -0.61 -27.70 -4.07
CA GLY G 4 -1.89 -27.24 -4.58
C GLY G 4 -2.74 -26.56 -3.52
N VAL G 5 -2.71 -27.10 -2.29
CA VAL G 5 -3.49 -26.54 -1.19
C VAL G 5 -3.05 -25.10 -0.93
N LEU G 6 -1.73 -24.89 -0.88
CA LEU G 6 -1.18 -23.55 -0.67
C LEU G 6 -1.48 -22.63 -1.84
N ALA G 7 -1.41 -23.17 -3.06
CA ALA G 7 -1.68 -22.37 -4.24
C ALA G 7 -3.08 -21.79 -4.21
N ALA G 8 -4.05 -22.63 -3.87
CA ALA G 8 -5.43 -22.18 -3.77
C ALA G 8 -5.61 -21.30 -2.55
N ALA G 9 -4.96 -21.66 -1.45
CA ALA G 9 -5.06 -20.90 -0.20
C ALA G 9 -4.54 -19.47 -0.37
N ILE G 10 -3.42 -19.32 -1.05
CA ILE G 10 -2.86 -17.99 -1.26
C ILE G 10 -3.66 -17.24 -2.31
N ALA G 11 -4.16 -17.95 -3.34
CA ALA G 11 -4.97 -17.32 -4.38
C ALA G 11 -6.25 -16.75 -3.81
N VAL G 12 -6.88 -17.54 -2.95
CA VAL G 12 -8.11 -17.12 -2.30
C VAL G 12 -7.81 -16.00 -1.33
N GLY G 13 -6.68 -16.12 -0.63
CA GLY G 13 -6.28 -15.09 0.30
C GLY G 13 -6.08 -13.78 -0.44
N LEU G 14 -5.50 -13.88 -1.64
CA LEU G 14 -5.29 -12.71 -2.49
C LEU G 14 -6.64 -12.16 -2.95
N GLY G 15 -7.55 -13.06 -3.29
CA GLY G 15 -8.89 -12.67 -3.72
C GLY G 15 -9.65 -11.96 -2.63
N ALA G 16 -9.59 -12.49 -1.42
CA ALA G 16 -10.26 -11.92 -0.25
C ALA G 16 -9.67 -10.57 0.09
N LEU G 17 -8.35 -10.47 -0.02
CA LEU G 17 -7.64 -9.24 0.27
C LEU G 17 -8.05 -8.12 -0.69
N GLY G 18 -8.02 -8.41 -1.99
CA GLY G 18 -8.35 -7.42 -2.99
C GLY G 18 -9.77 -6.92 -2.91
N ALA G 19 -10.73 -7.84 -2.90
CA ALA G 19 -12.13 -7.44 -2.81
C ALA G 19 -12.49 -6.90 -1.43
N GLY G 20 -11.86 -7.46 -0.40
CA GLY G 20 -12.14 -7.01 0.96
C GLY G 20 -11.82 -5.56 1.16
N ILE G 21 -10.63 -5.13 0.74
CA ILE G 21 -10.26 -3.74 0.89
C ILE G 21 -10.97 -2.87 -0.15
N GLY G 22 -11.14 -3.40 -1.36
CA GLY G 22 -11.82 -2.67 -2.42
C GLY G 22 -13.26 -2.36 -2.07
N ASN G 23 -13.97 -3.36 -1.57
CA ASN G 23 -15.37 -3.21 -1.20
C ASN G 23 -15.52 -2.44 0.11
N GLY G 24 -14.60 -2.65 1.05
CA GLY G 24 -14.69 -1.92 2.31
C GLY G 24 -14.60 -0.44 2.06
N LEU G 25 -13.61 -0.04 1.28
CA LEU G 25 -13.43 1.36 0.94
C LEU G 25 -14.57 1.84 0.05
N ILE G 26 -15.03 0.99 -0.87
CA ILE G 26 -16.10 1.36 -1.78
C ILE G 26 -17.38 1.73 -1.00
N VAL G 27 -17.64 1.00 0.08
CA VAL G 27 -18.84 1.25 0.87
C VAL G 27 -18.73 2.56 1.65
N SER G 28 -17.64 2.74 2.42
CA SER G 28 -17.49 3.97 3.21
C SER G 28 -17.38 5.20 2.32
N ARG G 29 -16.66 5.07 1.20
CA ARG G 29 -16.50 6.19 0.29
C ARG G 29 -17.80 6.52 -0.40
N THR G 30 -18.58 5.50 -0.77
CA THR G 30 -19.87 5.73 -1.40
C THR G 30 -20.75 6.48 -0.43
N ILE G 31 -20.58 6.13 0.85
CA ILE G 31 -21.30 6.74 1.94
C ILE G 31 -20.93 8.21 2.06
N GLU G 32 -19.62 8.50 1.99
CA GLU G 32 -19.12 9.85 2.08
C GLU G 32 -19.58 10.69 0.89
N GLY G 33 -19.56 10.09 -0.30
CA GLY G 33 -19.97 10.78 -1.50
C GLY G 33 -21.42 11.22 -1.50
N ILE G 34 -22.31 10.36 -1.03
CA ILE G 34 -23.73 10.68 -0.99
C ILE G 34 -24.08 11.60 0.18
N ALA G 35 -23.34 11.49 1.27
CA ALA G 35 -23.56 12.33 2.45
C ALA G 35 -23.27 13.80 2.16
N ARG G 36 -22.19 14.06 1.42
CA ARG G 36 -21.78 15.43 1.11
C ARG G 36 -22.82 16.19 0.28
N GLN G 37 -23.38 15.55 -0.74
CA GLN G 37 -24.37 16.21 -1.59
C GLN G 37 -25.62 15.36 -1.74
N PRO G 38 -26.80 15.94 -1.45
CA PRO G 38 -28.08 15.24 -1.55
C PRO G 38 -28.61 15.16 -2.98
N GLU G 39 -27.84 14.51 -3.86
CA GLU G 39 -28.25 14.36 -5.26
C GLU G 39 -28.06 12.92 -5.72
N LEU G 40 -29.18 12.26 -6.04
CA LEU G 40 -29.17 10.88 -6.50
C LEU G 40 -28.46 9.97 -5.51
N ARG G 41 -28.70 10.20 -4.21
CA ARG G 41 -28.06 9.41 -3.15
C ARG G 41 -28.36 7.91 -3.27
N PRO G 42 -29.65 7.48 -3.41
CA PRO G 42 -29.98 6.06 -3.56
C PRO G 42 -29.30 5.43 -4.78
N VAL G 43 -29.27 6.19 -5.88
CA VAL G 43 -28.66 5.75 -7.12
C VAL G 43 -27.15 5.55 -6.95
N LEU G 44 -26.52 6.48 -6.24
CA LEU G 44 -25.09 6.43 -5.99
C LEU G 44 -24.71 5.19 -5.18
N GLN G 45 -25.50 4.90 -4.15
CA GLN G 45 -25.26 3.73 -3.31
C GLN G 45 -25.51 2.47 -4.16
N THR G 46 -26.48 2.56 -5.08
CA THR G 46 -26.79 1.47 -6.01
C THR G 46 -25.58 1.20 -6.89
N THR G 47 -24.91 2.27 -7.33
CA THR G 47 -23.71 2.16 -8.15
C THR G 47 -22.66 1.41 -7.32
N MET G 48 -22.62 1.72 -6.02
CA MET G 48 -21.71 1.05 -5.10
C MET G 48 -21.98 -0.45 -5.10
N PHE G 49 -23.26 -0.82 -5.05
CA PHE G 49 -23.66 -2.23 -5.03
C PHE G 49 -23.22 -2.96 -6.29
N ILE G 50 -23.37 -2.32 -7.47
CA ILE G 50 -22.93 -2.95 -8.70
C ILE G 50 -21.41 -3.06 -8.69
N GLY G 51 -20.77 -2.09 -8.02
CA GLY G 51 -19.33 -2.12 -7.86
C GLY G 51 -18.91 -3.32 -7.08
N VAL G 52 -19.71 -3.64 -6.06
CA VAL G 52 -19.47 -4.80 -5.22
C VAL G 52 -19.55 -6.07 -6.06
N ALA G 53 -20.56 -6.14 -6.91
CA ALA G 53 -20.76 -7.29 -7.80
C ALA G 53 -19.58 -7.46 -8.76
N LEU G 54 -19.11 -6.33 -9.26
CA LEU G 54 -18.00 -6.32 -10.20
C LEU G 54 -16.68 -6.74 -9.53
N VAL G 55 -16.41 -6.16 -8.38
CA VAL G 55 -15.17 -6.44 -7.65
C VAL G 55 -15.11 -7.88 -7.16
N GLU G 56 -16.22 -8.41 -6.64
CA GLU G 56 -16.25 -9.78 -6.12
C GLU G 56 -16.27 -10.81 -7.25
N ALA G 57 -16.56 -10.37 -8.47
CA ALA G 57 -16.58 -11.25 -9.61
C ALA G 57 -15.18 -11.84 -9.81
N LEU G 58 -14.19 -11.01 -9.57
CA LEU G 58 -12.79 -11.40 -9.70
C LEU G 58 -12.41 -12.50 -8.69
N PRO G 59 -12.64 -12.32 -7.36
CA PRO G 59 -12.32 -13.36 -6.37
C PRO G 59 -13.04 -14.67 -6.63
N ILE G 60 -14.32 -14.63 -7.02
CA ILE G 60 -15.06 -15.86 -7.25
C ILE G 60 -14.58 -16.59 -8.50
N ILE G 61 -14.28 -15.84 -9.57
CA ILE G 61 -13.80 -16.48 -10.80
C ILE G 61 -12.39 -17.02 -10.58
N GLY G 62 -11.58 -16.30 -9.80
CA GLY G 62 -10.22 -16.73 -9.51
C GLY G 62 -10.22 -18.02 -8.72
N VAL G 63 -11.11 -18.12 -7.74
CA VAL G 63 -11.23 -19.31 -6.92
C VAL G 63 -11.67 -20.50 -7.76
N VAL G 64 -12.64 -20.27 -8.66
CA VAL G 64 -13.12 -21.34 -9.54
C VAL G 64 -11.99 -21.85 -10.45
N PHE G 65 -11.23 -20.91 -11.03
CA PHE G 65 -10.11 -21.29 -11.90
C PHE G 65 -9.06 -22.07 -11.14
N SER G 66 -8.77 -21.64 -9.90
CA SER G 66 -7.78 -22.32 -9.09
C SER G 66 -8.24 -23.75 -8.79
N PHE G 67 -9.54 -23.88 -8.53
CA PHE G 67 -10.16 -25.18 -8.23
C PHE G 67 -10.01 -26.13 -9.41
N ILE G 68 -10.35 -25.67 -10.62
CA ILE G 68 -10.25 -26.51 -11.81
C ILE G 68 -8.78 -26.81 -12.16
N TYR G 69 -7.87 -25.88 -11.88
CA TYR G 69 -6.45 -26.12 -12.15
C TYR G 69 -5.97 -27.28 -11.29
N LEU G 70 -6.42 -27.30 -10.04
CA LEU G 70 -6.07 -28.37 -9.12
C LEU G 70 -6.69 -29.68 -9.60
N GLY G 71 -7.96 -29.56 -9.98
CA GLY G 71 -8.71 -30.70 -10.46
C GLY G 71 -8.16 -31.30 -11.74
N ARG G 72 -7.77 -30.45 -12.68
CA ARG G 72 -7.22 -30.92 -13.94
C ARG G 72 -5.83 -30.35 -14.19
N MET H 1 -0.13 -29.38 -6.78
CA MET H 1 0.61 -30.65 -7.09
C MET H 1 1.78 -30.37 -8.02
N HIS H 2 1.82 -29.16 -8.57
CA HIS H 2 2.88 -28.76 -9.48
C HIS H 2 3.16 -27.27 -9.38
N LEU H 3 4.33 -26.86 -9.85
CA LEU H 3 4.74 -25.46 -9.83
C LEU H 3 3.82 -24.60 -10.69
N GLY H 4 3.39 -25.17 -11.82
CA GLY H 4 2.52 -24.46 -12.75
C GLY H 4 1.20 -24.05 -12.11
N VAL H 5 0.64 -24.91 -11.28
CA VAL H 5 -0.62 -24.61 -10.61
C VAL H 5 -0.48 -23.36 -9.75
N LEU H 6 0.61 -23.29 -8.98
CA LEU H 6 0.89 -22.14 -8.13
C LEU H 6 1.17 -20.90 -8.95
N ALA H 7 1.88 -21.07 -10.07
CA ALA H 7 2.22 -19.94 -10.93
C ALA H 7 0.96 -19.26 -11.43
N ALA H 8 0.01 -20.06 -11.91
CA ALA H 8 -1.26 -19.54 -12.39
C ALA H 8 -2.10 -19.02 -11.24
N ALA H 9 -2.08 -19.74 -10.12
CA ALA H 9 -2.86 -19.37 -8.94
C ALA H 9 -2.41 -18.02 -8.38
N ILE H 10 -1.11 -17.78 -8.32
CA ILE H 10 -0.61 -16.51 -7.82
C ILE H 10 -0.81 -15.41 -8.86
N ALA H 11 -0.67 -15.74 -10.15
CA ALA H 11 -0.86 -14.76 -11.22
C ALA H 11 -2.30 -14.26 -11.24
N VAL H 12 -3.24 -15.20 -11.10
CA VAL H 12 -4.65 -14.87 -11.06
C VAL H 12 -4.95 -14.10 -9.79
N GLY H 13 -4.34 -14.53 -8.69
CA GLY H 13 -4.53 -13.85 -7.43
C GLY H 13 -4.07 -12.42 -7.54
N LEU H 14 -2.96 -12.22 -8.25
CA LEU H 14 -2.42 -10.89 -8.49
C LEU H 14 -3.38 -10.10 -9.38
N GLY H 15 -3.92 -10.77 -10.39
CA GLY H 15 -4.87 -10.14 -11.30
C GLY H 15 -6.14 -9.70 -10.58
N ALA H 16 -6.67 -10.58 -9.73
CA ALA H 16 -7.86 -10.28 -8.97
C ALA H 16 -7.63 -9.15 -7.99
N LEU H 17 -6.45 -9.16 -7.38
CA LEU H 17 -6.08 -8.13 -6.42
C LEU H 17 -6.00 -6.75 -7.06
N GLY H 18 -5.29 -6.67 -8.19
CA GLY H 18 -5.13 -5.39 -8.87
C GLY H 18 -6.43 -4.81 -9.39
N ALA H 19 -7.19 -5.59 -10.14
CA ALA H 19 -8.46 -5.11 -10.66
C ALA H 19 -9.51 -4.95 -9.57
N GLY H 20 -9.46 -5.84 -8.57
CA GLY H 20 -10.43 -5.77 -7.48
C GLY H 20 -10.36 -4.47 -6.72
N ILE H 21 -9.15 -4.06 -6.34
CA ILE H 21 -8.99 -2.81 -5.62
C ILE H 21 -9.14 -1.61 -6.56
N GLY H 22 -8.62 -1.77 -7.78
CA GLY H 22 -8.71 -0.70 -8.77
C GLY H 22 -10.14 -0.36 -9.14
N ASN H 23 -10.94 -1.39 -9.39
CA ASN H 23 -12.35 -1.21 -9.74
C ASN H 23 -13.20 -0.85 -8.53
N GLY H 24 -12.86 -1.40 -7.37
CA GLY H 24 -13.63 -1.06 -6.19
C GLY H 24 -13.54 0.42 -5.90
N LEU H 25 -12.31 0.92 -5.90
CA LEU H 25 -12.07 2.34 -5.69
C LEU H 25 -12.63 3.16 -6.83
N ILE H 26 -12.50 2.65 -8.06
CA ILE H 26 -12.98 3.38 -9.23
C ILE H 26 -14.48 3.62 -9.14
N VAL H 27 -15.22 2.65 -8.63
CA VAL H 27 -16.66 2.79 -8.51
C VAL H 27 -17.06 3.80 -7.43
N SER H 28 -16.53 3.64 -6.21
CA SER H 28 -16.89 4.57 -5.13
C SER H 28 -16.41 5.99 -5.43
N ARG H 29 -15.22 6.12 -6.00
CA ARG H 29 -14.68 7.43 -6.34
C ARG H 29 -15.47 8.06 -7.46
N THR H 30 -15.88 7.27 -8.45
CA THR H 30 -16.67 7.80 -9.56
C THR H 30 -17.98 8.32 -8.98
N ILE H 31 -18.47 7.61 -7.98
CA ILE H 31 -19.68 7.95 -7.27
C ILE H 31 -19.53 9.28 -6.55
N GLU H 32 -18.39 9.43 -5.86
CA GLU H 32 -18.10 10.67 -5.13
C GLU H 32 -17.93 11.85 -6.08
N GLY H 33 -17.27 11.61 -7.21
CA GLY H 33 -17.04 12.66 -8.19
C GLY H 33 -18.31 13.21 -8.79
N ILE H 34 -19.26 12.34 -9.12
CA ILE H 34 -20.52 12.78 -9.72
C ILE H 34 -21.48 13.37 -8.67
N ALA H 35 -21.40 12.87 -7.45
CA ALA H 35 -22.24 13.35 -6.36
C ALA H 35 -21.94 14.81 -6.01
N ARG H 36 -20.66 15.16 -5.98
CA ARG H 36 -20.24 16.52 -5.62
C ARG H 36 -20.75 17.59 -6.60
N GLN H 37 -20.67 17.32 -7.89
CA GLN H 37 -21.12 18.28 -8.89
C GLN H 37 -22.06 17.64 -9.90
N PRO H 38 -23.27 18.23 -10.08
CA PRO H 38 -24.26 17.71 -11.03
C PRO H 38 -23.98 18.09 -12.48
N GLU H 39 -22.83 17.66 -12.99
CA GLU H 39 -22.45 17.96 -14.37
C GLU H 39 -21.96 16.70 -15.08
N LEU H 40 -22.70 16.27 -16.09
CA LEU H 40 -22.37 15.08 -16.87
C LEU H 40 -22.21 13.85 -15.98
N ARG H 41 -23.09 13.73 -14.97
CA ARG H 41 -23.04 12.62 -14.03
C ARG H 41 -23.13 11.25 -14.73
N PRO H 42 -24.13 11.01 -15.62
CA PRO H 42 -24.24 9.72 -16.33
C PRO H 42 -23.01 9.41 -17.16
N VAL H 43 -22.47 10.45 -17.80
CA VAL H 43 -21.28 10.33 -18.63
C VAL H 43 -20.07 9.93 -17.79
N LEU H 44 -19.94 10.56 -16.61
CA LEU H 44 -18.83 10.30 -15.71
C LEU H 44 -18.85 8.85 -15.23
N GLN H 45 -20.04 8.35 -14.87
CA GLN H 45 -20.19 6.97 -14.43
C GLN H 45 -19.88 6.03 -15.61
N THR H 46 -20.25 6.49 -16.82
CA THR H 46 -19.96 5.74 -18.04
C THR H 46 -18.45 5.61 -18.23
N THR H 47 -17.72 6.70 -17.94
CA THR H 47 -16.27 6.70 -18.02
C THR H 47 -15.74 5.65 -17.03
N MET H 48 -16.40 5.58 -15.87
CA MET H 48 -16.05 4.59 -14.86
C MET H 48 -16.19 3.18 -15.43
N PHE H 49 -17.29 2.94 -16.16
CA PHE H 49 -17.54 1.62 -16.77
C PHE H 49 -16.46 1.25 -17.78
N ILE H 50 -16.04 2.21 -18.61
CA ILE H 50 -14.98 1.92 -19.58
C ILE H 50 -13.68 1.66 -18.83
N GLY H 51 -13.54 2.33 -17.68
CA GLY H 51 -12.38 2.12 -16.83
C GLY H 51 -12.36 0.71 -16.34
N VAL H 52 -13.53 0.19 -16.01
CA VAL H 52 -13.69 -1.17 -15.56
C VAL H 52 -13.23 -2.15 -16.64
N ALA H 53 -13.66 -1.86 -17.87
CA ALA H 53 -13.30 -2.69 -19.03
C ALA H 53 -11.80 -2.68 -19.26
N LEU H 54 -11.20 -1.52 -19.09
CA LEU H 54 -9.78 -1.35 -19.28
C LEU H 54 -8.96 -2.07 -18.21
N VAL H 55 -9.35 -1.87 -16.96
CA VAL H 55 -8.65 -2.46 -15.83
C VAL H 55 -8.75 -3.99 -15.82
N GLU H 56 -9.94 -4.53 -16.12
CA GLU H 56 -10.13 -5.99 -16.12
C GLU H 56 -9.51 -6.64 -17.35
N ALA H 57 -9.17 -5.83 -18.34
CA ALA H 57 -8.53 -6.35 -19.54
C ALA H 57 -7.21 -6.99 -19.18
N LEU H 58 -6.51 -6.36 -18.23
CA LEU H 58 -5.24 -6.83 -17.75
C LEU H 58 -5.35 -8.21 -17.06
N PRO H 59 -6.25 -8.40 -16.04
CA PRO H 59 -6.41 -9.70 -15.39
C PRO H 59 -6.81 -10.82 -16.35
N ILE H 60 -7.71 -10.53 -17.29
CA ILE H 60 -8.14 -11.57 -18.22
C ILE H 60 -7.04 -11.95 -19.21
N ILE H 61 -6.28 -10.96 -19.70
CA ILE H 61 -5.20 -11.26 -20.64
C ILE H 61 -4.06 -11.98 -19.92
N GLY H 62 -3.82 -11.60 -18.66
CA GLY H 62 -2.79 -12.22 -17.87
C GLY H 62 -3.09 -13.68 -17.59
N VAL H 63 -4.36 -13.96 -17.29
CA VAL H 63 -4.80 -15.33 -17.03
C VAL H 63 -4.66 -16.18 -18.29
N VAL H 64 -5.05 -15.61 -19.44
CA VAL H 64 -4.95 -16.32 -20.72
C VAL H 64 -3.49 -16.65 -21.03
N PHE H 65 -2.59 -15.68 -20.84
CA PHE H 65 -1.16 -15.89 -21.09
C PHE H 65 -0.60 -16.95 -20.16
N SER H 66 -1.01 -16.93 -18.90
CA SER H 66 -0.54 -17.91 -17.93
C SER H 66 -0.99 -19.32 -18.35
N PHE H 67 -2.23 -19.39 -18.83
CA PHE H 67 -2.82 -20.65 -19.28
C PHE H 67 -2.02 -21.23 -20.46
N ILE H 68 -1.72 -20.41 -21.46
CA ILE H 68 -0.98 -20.88 -22.62
C ILE H 68 0.47 -21.21 -22.26
N TYR H 69 1.05 -20.50 -21.29
CA TYR H 69 2.42 -20.79 -20.86
C TYR H 69 2.48 -22.18 -20.26
N LEU H 70 1.45 -22.51 -19.48
CA LEU H 70 1.35 -23.84 -18.88
C LEU H 70 1.14 -24.88 -19.97
N GLY H 71 0.25 -24.53 -20.89
CA GLY H 71 -0.08 -25.41 -21.99
C GLY H 71 1.08 -25.67 -22.92
N ARG H 72 1.85 -24.64 -23.23
CA ARG H 72 2.99 -24.77 -24.13
C ARG H 72 4.27 -24.29 -23.44
N MET I 1 5.31 -26.06 -14.22
CA MET I 1 6.17 -27.24 -14.46
C MET I 1 7.64 -26.83 -14.53
N HIS I 2 7.87 -25.52 -14.61
CA HIS I 2 9.23 -24.99 -14.69
C HIS I 2 9.31 -23.62 -14.03
N LEU I 3 10.53 -23.21 -13.69
CA LEU I 3 10.78 -21.92 -13.04
C LEU I 3 10.38 -20.77 -13.97
N GLY I 4 10.62 -20.95 -15.26
CA GLY I 4 10.30 -19.92 -16.24
C GLY I 4 8.83 -19.57 -16.28
N VAL I 5 7.96 -20.59 -16.14
CA VAL I 5 6.52 -20.37 -16.16
C VAL I 5 6.12 -19.43 -15.02
N LEU I 6 6.65 -19.70 -13.83
CA LEU I 6 6.37 -18.88 -12.66
C LEU I 6 6.96 -17.48 -12.82
N ALA I 7 8.15 -17.39 -13.40
CA ALA I 7 8.80 -16.10 -13.59
C ALA I 7 7.94 -15.19 -14.45
N ALA I 8 7.43 -15.73 -15.55
CA ALA I 8 6.56 -14.96 -16.43
C ALA I 8 5.21 -14.71 -15.78
N ALA I 9 4.70 -15.73 -15.07
CA ALA I 9 3.41 -15.63 -14.39
C ALA I 9 3.41 -14.55 -13.33
N ILE I 10 4.47 -14.47 -12.54
CA ILE I 10 4.57 -13.45 -11.52
C ILE I 10 4.85 -12.08 -12.13
N ALA I 11 5.66 -12.04 -13.20
CA ALA I 11 5.97 -10.78 -13.86
C ALA I 11 4.72 -10.16 -14.47
N VAL I 12 3.91 -11.00 -15.11
CA VAL I 12 2.67 -10.56 -15.70
C VAL I 12 1.71 -10.16 -14.61
N GLY I 13 1.69 -10.95 -13.53
CA GLY I 13 0.83 -10.63 -12.40
C GLY I 13 1.18 -9.28 -11.84
N LEU I 14 2.49 -9.00 -11.79
CA LEU I 14 2.98 -7.72 -11.32
C LEU I 14 2.57 -6.61 -12.29
N GLY I 15 2.66 -6.92 -13.59
CA GLY I 15 2.28 -5.96 -14.61
C GLY I 15 0.80 -5.62 -14.55
N ALA I 16 -0.03 -6.64 -14.38
CA ALA I 16 -1.47 -6.47 -14.28
C ALA I 16 -1.84 -5.70 -13.04
N LEU I 17 -1.15 -5.99 -11.95
CA LEU I 17 -1.38 -5.33 -10.68
C LEU I 17 -1.08 -3.83 -10.77
N GLY I 18 0.10 -3.49 -11.30
CA GLY I 18 0.50 -2.10 -11.39
C GLY I 18 -0.39 -1.27 -12.29
N ALA I 19 -0.61 -1.73 -13.51
CA ALA I 19 -1.45 -1.00 -14.44
C ALA I 19 -2.92 -1.06 -14.04
N GLY I 20 -3.33 -2.19 -13.47
CA GLY I 20 -4.72 -2.34 -13.07
C GLY I 20 -5.14 -1.33 -12.03
N ILE I 21 -4.32 -1.16 -10.99
CA ILE I 21 -4.65 -0.20 -9.96
C ILE I 21 -4.36 1.23 -10.44
N GLY I 22 -3.28 1.38 -11.21
CA GLY I 22 -2.92 2.69 -11.74
C GLY I 22 -3.98 3.25 -12.66
N ASN I 23 -4.47 2.42 -13.58
CA ASN I 23 -5.50 2.84 -14.52
C ASN I 23 -6.87 2.92 -13.87
N GLY I 24 -7.15 2.03 -12.92
CA GLY I 24 -8.45 2.08 -12.26
C GLY I 24 -8.61 3.41 -11.55
N LEU I 25 -7.59 3.76 -10.78
CA LEU I 25 -7.59 5.02 -10.05
C LEU I 25 -7.53 6.20 -11.02
N ILE I 26 -6.74 6.06 -12.10
CA ILE I 26 -6.60 7.12 -13.08
C ILE I 26 -7.95 7.49 -13.70
N VAL I 27 -8.79 6.47 -13.94
CA VAL I 27 -10.09 6.71 -14.54
C VAL I 27 -11.05 7.41 -13.57
N SER I 28 -11.21 6.86 -12.36
CA SER I 28 -12.14 7.48 -11.40
C SER I 28 -11.67 8.86 -10.98
N ARG I 29 -10.37 9.04 -10.80
CA ARG I 29 -9.83 10.32 -10.41
C ARG I 29 -9.97 11.34 -11.53
N THR I 30 -9.75 10.90 -12.78
CA THR I 30 -9.90 11.80 -13.92
C THR I 30 -11.34 12.26 -13.97
N ILE I 31 -12.24 11.33 -13.61
CA ILE I 31 -13.66 11.58 -13.56
C ILE I 31 -13.98 12.62 -12.49
N GLU I 32 -13.37 12.47 -11.32
CA GLU I 32 -13.58 13.40 -10.22
C GLU I 32 -13.03 14.79 -10.57
N GLY I 33 -11.86 14.82 -11.20
CA GLY I 33 -11.24 16.07 -11.57
C GLY I 33 -12.05 16.91 -12.55
N ILE I 34 -12.65 16.25 -13.55
CA ILE I 34 -13.44 16.97 -14.54
C ILE I 34 -14.83 17.32 -14.01
N ALA I 35 -15.36 16.48 -13.12
CA ALA I 35 -16.68 16.72 -12.53
C ALA I 35 -16.70 17.98 -11.66
N ARG I 36 -15.63 18.18 -10.89
CA ARG I 36 -15.56 19.33 -9.99
C ARG I 36 -15.56 20.68 -10.71
N GLN I 37 -14.80 20.78 -11.80
CA GLN I 37 -14.74 22.03 -12.56
C GLN I 37 -14.98 21.80 -14.04
N PRO I 38 -15.95 22.53 -14.62
CA PRO I 38 -16.30 22.41 -16.04
C PRO I 38 -15.33 23.16 -16.96
N GLU I 39 -14.05 22.78 -16.92
CA GLU I 39 -13.05 23.42 -17.77
C GLU I 39 -12.17 22.37 -18.44
N LEU I 40 -12.27 22.33 -19.79
CA LEU I 40 -11.50 21.39 -20.59
C LEU I 40 -11.74 19.95 -20.15
N ARG I 41 -13.00 19.63 -19.82
CA ARG I 41 -13.37 18.29 -19.36
C ARG I 41 -13.00 17.19 -20.37
N PRO I 42 -13.38 17.31 -21.67
CA PRO I 42 -13.03 16.30 -22.68
C PRO I 42 -11.52 16.12 -22.81
N VAL I 43 -10.80 17.24 -22.76
CA VAL I 43 -9.34 17.24 -22.86
C VAL I 43 -8.71 16.51 -21.67
N LEU I 44 -9.25 16.77 -20.48
CA LEU I 44 -8.76 16.14 -19.26
C LEU I 44 -8.92 14.62 -19.30
N GLN I 45 -10.08 14.17 -19.76
CA GLN I 45 -10.35 12.74 -19.89
C GLN I 45 -9.42 12.16 -20.97
N THR I 46 -9.14 12.97 -21.99
CA THR I 46 -8.23 12.58 -23.07
C THR I 46 -6.82 12.36 -22.49
N THR I 47 -6.42 13.24 -21.56
CA THR I 47 -5.13 13.13 -20.89
C THR I 47 -5.12 11.80 -20.13
N MET I 48 -6.27 11.45 -19.54
CA MET I 48 -6.43 10.19 -18.84
C MET I 48 -6.16 9.02 -19.79
N PHE I 49 -6.70 9.11 -21.01
CA PHE I 49 -6.53 8.06 -22.01
C PHE I 49 -5.07 7.88 -22.39
N ILE I 50 -4.33 8.99 -22.57
CA ILE I 50 -2.92 8.89 -22.90
C ILE I 50 -2.17 8.30 -21.71
N GLY I 51 -2.69 8.59 -20.52
CA GLY I 51 -2.12 8.04 -19.30
C GLY I 51 -2.26 6.54 -19.30
N VAL I 52 -3.40 6.08 -19.78
CA VAL I 52 -3.68 4.65 -19.89
C VAL I 52 -2.66 4.00 -20.83
N ALA I 53 -2.41 4.66 -21.97
CA ALA I 53 -1.45 4.18 -22.96
C ALA I 53 -0.05 4.10 -22.38
N LEU I 54 0.30 5.10 -21.60
CA LEU I 54 1.61 5.18 -20.97
C LEU I 54 1.79 4.11 -19.90
N VAL I 55 0.80 3.98 -19.03
CA VAL I 55 0.86 3.02 -17.93
C VAL I 55 0.88 1.58 -18.43
N GLU I 56 0.05 1.26 -19.43
CA GLU I 56 -0.02 -0.10 -19.97
C GLU I 56 1.19 -0.44 -20.83
N ALA I 57 1.94 0.58 -21.23
CA ALA I 57 3.14 0.36 -22.03
C ALA I 57 4.12 -0.48 -21.24
N LEU I 58 4.18 -0.22 -19.94
CA LEU I 58 5.07 -0.93 -19.05
C LEU I 58 4.70 -2.42 -18.94
N PRO I 59 3.43 -2.81 -18.64
CA PRO I 59 3.03 -4.22 -18.58
C PRO I 59 3.26 -4.97 -19.89
N ILE I 60 2.96 -4.35 -21.03
CA ILE I 60 3.13 -5.03 -22.30
C ILE I 60 4.61 -5.22 -22.64
N ILE I 61 5.45 -4.20 -22.38
CA ILE I 61 6.88 -4.32 -22.67
C ILE I 61 7.52 -5.33 -21.72
N GLY I 62 7.06 -5.34 -20.46
CA GLY I 62 7.57 -6.27 -19.47
C GLY I 62 7.27 -7.71 -19.85
N VAL I 63 6.05 -7.95 -20.32
CA VAL I 63 5.62 -9.27 -20.75
C VAL I 63 6.45 -9.74 -21.94
N VAL I 64 6.68 -8.84 -22.91
CA VAL I 64 7.48 -9.15 -24.09
C VAL I 64 8.91 -9.52 -23.70
N PHE I 65 9.50 -8.74 -22.80
CA PHE I 65 10.86 -9.01 -22.34
C PHE I 65 10.94 -10.35 -21.62
N SER I 66 9.94 -10.63 -20.80
CA SER I 66 9.90 -11.90 -20.07
C SER I 66 9.83 -13.07 -21.06
N PHE I 67 9.02 -12.88 -22.09
CA PHE I 67 8.84 -13.90 -23.13
C PHE I 67 10.16 -14.20 -23.84
N ILE I 68 10.87 -13.15 -24.26
CA ILE I 68 12.15 -13.34 -24.95
C ILE I 68 13.22 -13.90 -24.03
N TYR I 69 13.16 -13.55 -22.73
CA TYR I 69 14.14 -14.09 -21.78
C TYR I 69 13.96 -15.59 -21.68
N LEU I 70 12.72 -16.04 -21.67
CA LEU I 70 12.40 -17.46 -21.63
C LEU I 70 12.85 -18.12 -22.91
N GLY I 71 12.54 -17.44 -24.01
CA GLY I 71 12.88 -17.93 -25.32
C GLY I 71 14.37 -18.03 -25.57
N ARG I 72 15.11 -17.02 -25.12
CA ARG I 72 16.57 -17.01 -25.30
C ARG I 72 17.28 -16.87 -23.96
N MET J 1 13.55 -21.30 -16.49
CA MET J 1 14.50 -22.44 -16.61
C MET J 1 15.76 -22.17 -15.79
N HIS J 2 15.91 -20.92 -15.35
CA HIS J 2 17.07 -20.53 -14.56
C HIS J 2 16.70 -19.42 -13.58
N LEU J 3 17.56 -19.25 -12.57
CA LEU J 3 17.35 -18.23 -11.55
C LEU J 3 17.40 -16.82 -12.15
N GLY J 4 18.29 -16.65 -13.13
CA GLY J 4 18.46 -15.36 -13.78
C GLY J 4 17.19 -14.87 -14.46
N VAL J 5 16.45 -15.79 -15.08
CA VAL J 5 15.21 -15.43 -15.76
C VAL J 5 14.22 -14.83 -14.78
N LEU J 6 14.07 -15.48 -13.62
CA LEU J 6 13.19 -15.00 -12.57
C LEU J 6 13.67 -13.68 -11.99
N ALA J 7 14.99 -13.55 -11.82
CA ALA J 7 15.56 -12.32 -11.27
C ALA J 7 15.20 -11.12 -12.13
N ALA J 8 15.36 -11.27 -13.43
CA ALA J 8 15.02 -10.21 -14.36
C ALA J 8 13.51 -10.02 -14.44
N ALA J 9 12.78 -11.14 -14.43
CA ALA J 9 11.33 -11.12 -14.52
C ALA J 9 10.71 -10.38 -13.33
N ILE J 10 11.21 -10.64 -12.14
CA ILE J 10 10.68 -9.98 -10.96
C ILE J 10 11.16 -8.52 -10.91
N ALA J 11 12.39 -8.26 -11.35
CA ALA J 11 12.92 -6.90 -11.36
C ALA J 11 12.13 -6.01 -12.29
N VAL J 12 11.82 -6.55 -13.47
CA VAL J 12 11.03 -5.84 -14.46
C VAL J 12 9.62 -5.68 -13.95
N GLY J 13 9.09 -6.74 -13.31
CA GLY J 13 7.77 -6.67 -12.75
C GLY J 13 7.68 -5.58 -11.72
N LEU J 14 8.75 -5.45 -10.92
CA LEU J 14 8.85 -4.41 -9.91
C LEU J 14 8.92 -3.05 -10.58
N GLY J 15 9.69 -2.97 -11.67
CA GLY J 15 9.83 -1.74 -12.42
C GLY J 15 8.51 -1.28 -13.02
N ALA J 16 7.79 -2.22 -13.61
CA ALA J 16 6.49 -1.95 -14.21
C ALA J 16 5.48 -1.53 -13.17
N LEU J 17 5.53 -2.19 -12.02
CA LEU J 17 4.64 -1.89 -10.92
C LEU J 17 4.83 -0.47 -10.39
N GLY J 18 6.09 -0.11 -10.11
CA GLY J 18 6.39 1.20 -9.58
C GLY J 18 6.04 2.34 -10.51
N ALA J 19 6.52 2.27 -11.75
CA ALA J 19 6.22 3.32 -12.71
C ALA J 19 4.77 3.29 -13.15
N GLY J 20 4.19 2.09 -13.24
CA GLY J 20 2.81 1.96 -13.66
C GLY J 20 1.85 2.67 -12.73
N ILE J 21 2.00 2.45 -11.44
CA ILE J 21 1.13 3.11 -10.48
C ILE J 21 1.52 4.58 -10.31
N GLY J 22 2.83 4.84 -10.34
CA GLY J 22 3.32 6.20 -10.18
C GLY J 22 2.85 7.11 -11.31
N ASN J 23 2.96 6.62 -12.55
CA ASN J 23 2.54 7.39 -13.71
C ASN J 23 1.03 7.41 -13.85
N GLY J 24 0.35 6.32 -13.50
CA GLY J 24 -1.09 6.32 -13.60
C GLY J 24 -1.68 7.39 -12.72
N LEU J 25 -1.23 7.41 -11.47
CA LEU J 25 -1.69 8.41 -10.52
C LEU J 25 -1.22 9.80 -10.92
N ILE J 26 0.01 9.88 -11.44
CA ILE J 26 0.57 11.17 -11.85
C ILE J 26 -0.29 11.83 -12.92
N VAL J 27 -0.81 11.02 -13.84
CA VAL J 27 -1.63 11.55 -14.92
C VAL J 27 -2.99 12.02 -14.42
N SER J 28 -3.72 11.17 -13.68
CA SER J 28 -5.05 11.57 -13.20
C SER J 28 -4.97 12.73 -12.22
N ARG J 29 -3.95 12.70 -11.35
CA ARG J 29 -3.77 13.77 -10.37
C ARG J 29 -3.38 15.07 -11.06
N THR J 30 -2.53 15.00 -12.09
CA THR J 30 -2.13 16.19 -12.81
C THR J 30 -3.36 16.79 -13.45
N ILE J 31 -4.25 15.89 -13.89
CA ILE J 31 -5.52 16.25 -14.50
C ILE J 31 -6.40 16.97 -13.50
N GLU J 32 -6.48 16.43 -12.28
CA GLU J 32 -7.28 17.02 -11.22
C GLU J 32 -6.73 18.38 -10.81
N GLY J 33 -5.41 18.48 -10.72
CA GLY J 33 -4.77 19.72 -10.34
C GLY J 33 -5.02 20.87 -11.30
N ILE J 34 -4.96 20.59 -12.60
CA ILE J 34 -5.18 21.64 -13.60
C ILE J 34 -6.66 21.96 -13.77
N ALA J 35 -7.52 20.97 -13.56
CA ALA J 35 -8.96 21.14 -13.69
C ALA J 35 -9.51 22.10 -12.63
N ARG J 36 -9.02 21.96 -11.40
CA ARG J 36 -9.49 22.80 -10.29
C ARG J 36 -9.21 24.28 -10.49
N GLN J 37 -8.00 24.63 -10.95
CA GLN J 37 -7.65 26.03 -11.16
C GLN J 37 -7.08 26.26 -12.55
N PRO J 38 -7.66 27.21 -13.30
CA PRO J 38 -7.21 27.54 -14.65
C PRO J 38 -5.96 28.42 -14.68
N GLU J 39 -4.87 27.92 -14.12
CA GLU J 39 -3.62 28.67 -14.10
C GLU J 39 -2.45 27.79 -14.51
N LEU J 40 -1.84 28.14 -15.65
CA LEU J 40 -0.70 27.39 -16.20
C LEU J 40 -1.04 25.92 -16.38
N ARG J 41 -2.27 25.65 -16.85
CA ARG J 41 -2.73 24.28 -17.06
C ARG J 41 -1.82 23.48 -18.02
N PRO J 42 -1.48 24.01 -19.22
CA PRO J 42 -0.60 23.31 -20.17
C PRO J 42 0.78 23.02 -19.56
N VAL J 43 1.28 24.00 -18.81
CA VAL J 43 2.59 23.89 -18.15
C VAL J 43 2.56 22.79 -17.09
N LEU J 44 1.47 22.74 -16.33
CA LEU J 44 1.30 21.75 -15.27
C LEU J 44 1.29 20.34 -15.84
N GLN J 45 0.57 20.14 -16.94
CA GLN J 45 0.50 18.84 -17.60
C GLN J 45 1.88 18.51 -18.16
N THR J 46 2.60 19.55 -18.62
CA THR J 46 3.96 19.39 -19.12
C THR J 46 4.87 18.87 -18.01
N THR J 47 4.68 19.42 -16.80
CA THR J 47 5.44 18.99 -15.63
C THR J 47 5.15 17.50 -15.40
N MET J 48 3.88 17.12 -15.62
CA MET J 48 3.47 15.73 -15.50
C MET J 48 4.28 14.86 -16.47
N PHE J 49 4.42 15.34 -17.71
CA PHE J 49 5.16 14.61 -18.75
C PHE J 49 6.63 14.41 -18.36
N ILE J 50 7.26 15.46 -17.81
CA ILE J 50 8.66 15.31 -17.38
C ILE J 50 8.72 14.34 -16.21
N GLY J 51 7.64 14.32 -15.42
CA GLY J 51 7.54 13.39 -14.31
C GLY J 51 7.53 11.97 -14.82
N VAL J 52 6.84 11.78 -15.93
CA VAL J 52 6.75 10.49 -16.58
C VAL J 52 8.14 10.04 -17.02
N ALA J 53 8.89 10.96 -17.62
CA ALA J 53 10.25 10.69 -18.07
C ALA J 53 11.16 10.31 -16.91
N LEU J 54 10.99 11.01 -15.81
CA LEU J 54 11.78 10.78 -14.62
C LEU J 54 11.46 9.43 -13.97
N VAL J 55 10.18 9.15 -13.81
CA VAL J 55 9.73 7.92 -13.17
C VAL J 55 10.09 6.69 -14.00
N GLU J 56 9.91 6.76 -15.32
CA GLU J 56 10.22 5.62 -16.18
C GLU J 56 11.72 5.42 -16.37
N ALA J 57 12.50 6.43 -16.01
CA ALA J 57 13.95 6.34 -16.11
C ALA J 57 14.45 5.21 -15.22
N LEU J 58 13.81 5.09 -14.07
CA LEU J 58 14.15 4.06 -13.10
C LEU J 58 13.89 2.64 -13.64
N PRO J 59 12.67 2.32 -14.16
CA PRO J 59 12.40 0.98 -14.73
C PRO J 59 13.31 0.63 -15.89
N ILE J 60 13.59 1.58 -16.77
CA ILE J 60 14.45 1.28 -17.92
C ILE J 60 15.90 1.06 -17.50
N ILE J 61 16.41 1.86 -16.57
CA ILE J 61 17.78 1.69 -16.11
C ILE J 61 17.92 0.39 -15.30
N GLY J 62 16.88 0.07 -14.53
CA GLY J 62 16.88 -1.15 -13.75
C GLY J 62 16.91 -2.39 -14.63
N VAL J 63 16.12 -2.35 -15.70
CA VAL J 63 16.06 -3.46 -16.65
C VAL J 63 17.42 -3.64 -17.33
N VAL J 64 18.04 -2.53 -17.73
CA VAL J 64 19.35 -2.56 -18.38
C VAL J 64 20.41 -3.17 -17.45
N PHE J 65 20.40 -2.74 -16.19
CA PHE J 65 21.34 -3.26 -15.20
C PHE J 65 21.13 -4.75 -14.96
N SER J 66 19.87 -5.17 -14.90
CA SER J 66 19.55 -6.57 -14.70
C SER J 66 20.07 -7.40 -15.88
N PHE J 67 19.90 -6.85 -17.07
CA PHE J 67 20.34 -7.49 -18.30
C PHE J 67 21.85 -7.71 -18.30
N ILE J 68 22.62 -6.67 -17.97
CA ILE J 68 24.08 -6.77 -17.94
C ILE J 68 24.55 -7.68 -16.80
N TYR J 69 23.82 -7.71 -15.69
CA TYR J 69 24.18 -8.58 -14.58
C TYR J 69 24.10 -10.03 -15.03
N LEU J 70 23.04 -10.33 -15.79
CA LEU J 70 22.86 -11.68 -16.33
C LEU J 70 23.94 -11.98 -17.34
N GLY J 71 24.21 -10.99 -18.18
CA GLY J 71 25.19 -11.11 -19.22
C GLY J 71 26.61 -11.28 -18.68
N ARG J 72 26.95 -10.52 -17.64
CA ARG J 72 28.27 -10.59 -17.04
C ARG J 72 28.19 -10.92 -15.55
N MET A 1 26.14 -18.10 -8.79
CA MET A 1 26.10 -16.61 -8.79
C MET A 1 24.69 -16.11 -9.08
N HIS A 2 23.78 -17.05 -9.29
CA HIS A 2 22.38 -16.72 -9.60
C HIS A 2 21.72 -15.98 -8.43
N LEU A 3 22.03 -16.41 -7.21
CA LEU A 3 21.47 -15.79 -6.01
C LEU A 3 21.92 -14.34 -5.90
N GLY A 4 23.18 -14.09 -6.24
CA GLY A 4 23.71 -12.73 -6.20
C GLY A 4 23.02 -11.82 -7.20
N VAL A 5 22.75 -12.37 -8.38
CA VAL A 5 22.08 -11.62 -9.44
C VAL A 5 20.68 -11.23 -8.98
N LEU A 6 19.98 -12.18 -8.35
CA LEU A 6 18.65 -11.94 -7.82
C LEU A 6 18.67 -10.91 -6.70
N ALA A 7 19.70 -10.98 -5.85
CA ALA A 7 19.82 -10.04 -4.74
C ALA A 7 19.90 -8.61 -5.26
N ALA A 8 20.74 -8.39 -6.25
CA ALA A 8 20.87 -7.07 -6.85
C ALA A 8 19.62 -6.71 -7.65
N ALA A 9 19.07 -7.69 -8.36
CA ALA A 9 17.88 -7.49 -9.18
C ALA A 9 16.68 -7.06 -8.33
N ILE A 10 16.49 -7.70 -7.20
CA ILE A 10 15.39 -7.35 -6.32
C ILE A 10 15.67 -6.02 -5.61
N ALA A 11 16.93 -5.79 -5.24
CA ALA A 11 17.29 -4.54 -4.58
C ALA A 11 17.06 -3.35 -5.48
N VAL A 12 17.43 -3.50 -6.74
CA VAL A 12 17.24 -2.45 -7.74
C VAL A 12 15.76 -2.29 -8.01
N GLY A 13 15.05 -3.42 -8.09
CA GLY A 13 13.62 -3.38 -8.30
C GLY A 13 12.96 -2.63 -7.18
N LEU A 14 13.47 -2.83 -5.97
CA LEU A 14 12.98 -2.16 -4.78
C LEU A 14 13.28 -0.66 -4.88
N GLY A 15 14.50 -0.35 -5.33
CA GLY A 15 14.91 1.04 -5.49
C GLY A 15 14.08 1.76 -6.54
N ALA A 16 13.82 1.09 -7.65
CA ALA A 16 13.01 1.66 -8.73
C ALA A 16 11.58 1.87 -8.27
N LEU A 17 11.07 0.91 -7.51
CA LEU A 17 9.72 0.97 -7.00
C LEU A 17 9.53 2.16 -6.05
N GLY A 18 10.44 2.29 -5.07
CA GLY A 18 10.34 3.37 -4.11
C GLY A 18 10.44 4.75 -4.72
N ALA A 19 11.48 4.97 -5.51
CA ALA A 19 11.67 6.26 -6.15
C ALA A 19 10.64 6.52 -7.24
N GLY A 20 10.27 5.48 -7.98
CA GLY A 20 9.29 5.62 -9.04
C GLY A 20 7.95 6.10 -8.55
N ILE A 21 7.44 5.50 -7.47
CA ILE A 21 6.15 5.91 -6.95
C ILE A 21 6.29 7.23 -6.19
N GLY A 22 7.43 7.39 -5.50
CA GLY A 22 7.68 8.60 -4.75
C GLY A 22 7.74 9.82 -5.66
N ASN A 23 8.46 9.69 -6.77
CA ASN A 23 8.61 10.76 -7.73
C ASN A 23 7.34 11.00 -8.54
N GLY A 24 6.63 9.94 -8.89
CA GLY A 24 5.41 10.13 -9.65
C GLY A 24 4.41 10.97 -8.87
N LEU A 25 4.19 10.58 -7.63
CA LEU A 25 3.28 11.31 -6.77
C LEU A 25 3.84 12.69 -6.41
N ILE A 26 5.16 12.77 -6.22
CA ILE A 26 5.79 14.04 -5.87
C ILE A 26 5.62 15.07 -6.99
N VAL A 27 5.73 14.63 -8.23
CA VAL A 27 5.59 15.52 -9.36
C VAL A 27 4.15 15.97 -9.53
N SER A 28 3.22 15.04 -9.60
CA SER A 28 1.81 15.40 -9.79
C SER A 28 1.26 16.24 -8.65
N ARG A 29 1.56 15.85 -7.41
CA ARG A 29 1.08 16.61 -6.25
C ARG A 29 1.70 17.99 -6.21
N THR A 30 3.00 18.07 -6.51
CA THR A 30 3.70 19.35 -6.55
C THR A 30 3.00 20.25 -7.55
N ILE A 31 2.64 19.63 -8.65
CA ILE A 31 1.94 20.29 -9.73
C ILE A 31 0.54 20.73 -9.28
N GLU A 32 -0.12 19.87 -8.51
CA GLU A 32 -1.46 20.14 -8.00
C GLU A 32 -1.47 21.38 -7.12
N GLY A 33 -0.41 21.56 -6.35
CA GLY A 33 -0.32 22.72 -5.46
C GLY A 33 -0.37 24.06 -6.19
N ILE A 34 0.33 24.18 -7.34
CA ILE A 34 0.34 25.44 -8.07
C ILE A 34 -1.00 25.73 -8.75
N ALA A 35 -1.69 24.67 -9.14
CA ALA A 35 -2.99 24.81 -9.79
C ALA A 35 -4.03 25.43 -8.86
N ARG A 36 -4.00 24.98 -7.59
CA ARG A 36 -4.95 25.45 -6.58
C ARG A 36 -4.82 26.96 -6.33
N GLN A 37 -3.59 27.42 -6.14
CA GLN A 37 -3.34 28.85 -5.90
C GLN A 37 -2.18 29.35 -6.74
N PRO A 38 -2.33 30.53 -7.37
CA PRO A 38 -1.29 31.12 -8.21
C PRO A 38 -0.20 31.82 -7.40
N GLU A 39 0.51 31.05 -6.58
CA GLU A 39 1.57 31.60 -5.75
C GLU A 39 2.73 30.62 -5.61
N LEU A 40 3.95 31.15 -5.64
CA LEU A 40 5.17 30.35 -5.49
C LEU A 40 5.22 29.23 -6.54
N ARG A 41 4.70 29.50 -7.74
CA ARG A 41 4.64 28.50 -8.81
C ARG A 41 6.00 27.87 -9.12
N PRO A 42 7.07 28.66 -9.41
CA PRO A 42 8.39 28.08 -9.69
C PRO A 42 9.01 27.44 -8.46
N VAL A 43 8.69 27.98 -7.30
CA VAL A 43 9.21 27.48 -6.02
C VAL A 43 8.71 26.06 -5.74
N LEU A 44 7.43 25.81 -6.00
CA LEU A 44 6.84 24.49 -5.77
C LEU A 44 7.55 23.41 -6.57
N GLN A 45 7.69 23.62 -7.88
CA GLN A 45 8.36 22.64 -8.74
C GLN A 45 9.85 22.54 -8.42
N THR A 46 10.49 23.66 -8.06
CA THR A 46 11.92 23.65 -7.71
C THR A 46 12.18 22.75 -6.50
N THR A 47 11.34 22.91 -5.46
CA THR A 47 11.46 22.10 -4.26
C THR A 47 11.21 20.64 -4.65
N MET A 48 10.29 20.45 -5.58
CA MET A 48 9.96 19.13 -6.10
C MET A 48 11.21 18.47 -6.71
N PHE A 49 11.97 19.26 -7.49
CA PHE A 49 13.19 18.77 -8.12
C PHE A 49 14.24 18.35 -7.09
N ILE A 50 14.39 19.13 -6.02
CA ILE A 50 15.35 18.77 -4.99
C ILE A 50 14.88 17.48 -4.30
N GLY A 51 13.55 17.31 -4.23
CA GLY A 51 12.97 16.12 -3.68
C GLY A 51 13.36 14.91 -4.49
N VAL A 52 13.38 15.13 -5.82
CA VAL A 52 13.77 14.10 -6.77
C VAL A 52 15.21 13.67 -6.50
N ALA A 53 16.08 14.66 -6.31
CA ALA A 53 17.49 14.40 -6.03
C ALA A 53 17.66 13.63 -4.74
N LEU A 54 16.85 13.99 -3.76
CA LEU A 54 16.89 13.36 -2.44
C LEU A 54 16.47 11.90 -2.49
N VAL A 55 15.34 11.62 -3.13
CA VAL A 55 14.83 10.25 -3.18
C VAL A 55 15.63 9.35 -4.12
N GLU A 56 16.19 9.88 -5.20
CA GLU A 56 16.96 9.07 -6.14
C GLU A 56 18.36 8.76 -5.60
N ALA A 57 18.77 9.50 -4.58
CA ALA A 57 20.05 9.27 -3.95
C ALA A 57 20.09 7.86 -3.38
N LEU A 58 18.97 7.46 -2.80
CA LEU A 58 18.82 6.14 -2.20
C LEU A 58 19.00 5.02 -3.24
N PRO A 59 18.25 5.01 -4.38
CA PRO A 59 18.43 3.99 -5.42
C PRO A 59 19.87 3.92 -5.93
N ILE A 60 20.50 5.08 -6.12
CA ILE A 60 21.88 5.12 -6.60
C ILE A 60 22.82 4.43 -5.61
N ILE A 61 22.68 4.80 -4.33
CA ILE A 61 23.52 4.21 -3.27
C ILE A 61 23.27 2.72 -3.12
N GLY A 62 22.00 2.33 -3.10
CA GLY A 62 21.65 0.92 -2.94
C GLY A 62 22.15 0.04 -4.07
N VAL A 63 22.01 0.52 -5.31
CA VAL A 63 22.45 -0.24 -6.47
C VAL A 63 23.97 -0.42 -6.45
N VAL A 64 24.70 0.67 -6.19
CA VAL A 64 26.15 0.63 -6.14
C VAL A 64 26.63 -0.28 -4.99
N PHE A 65 25.98 -0.13 -3.84
CA PHE A 65 26.31 -0.90 -2.65
C PHE A 65 26.14 -2.41 -2.90
N SER A 66 25.01 -2.79 -3.50
CA SER A 66 24.73 -4.18 -3.80
C SER A 66 25.74 -4.74 -4.81
N PHE A 67 26.07 -3.93 -5.82
CA PHE A 67 27.02 -4.31 -6.85
C PHE A 67 28.39 -4.60 -6.26
N ILE A 68 28.89 -3.69 -5.42
CA ILE A 68 30.19 -3.86 -4.79
C ILE A 68 30.17 -5.01 -3.79
N TYR A 69 29.08 -5.14 -3.04
CA TYR A 69 28.95 -6.20 -2.04
C TYR A 69 29.12 -7.57 -2.71
N LEU A 70 28.38 -7.78 -3.80
CA LEU A 70 28.47 -9.02 -4.54
C LEU A 70 29.84 -9.14 -5.20
N GLY A 71 30.33 -8.04 -5.75
CA GLY A 71 31.62 -8.00 -6.41
C GLY A 71 32.78 -8.31 -5.48
N ARG A 72 32.72 -7.77 -4.26
CA ARG A 72 33.78 -8.01 -3.28
C ARG A 72 33.18 -8.29 -1.90
N MET B 1 28.07 -17.29 0.85
CA MET B 1 27.94 -15.87 1.27
C MET B 1 26.84 -15.16 0.47
N HIS B 2 26.23 -15.91 -0.44
CA HIS B 2 25.17 -15.38 -1.29
C HIS B 2 23.96 -14.94 -0.48
N LEU B 3 23.63 -15.74 0.55
CA LEU B 3 22.49 -15.42 1.41
C LEU B 3 22.73 -14.12 2.16
N GLY B 4 23.96 -13.90 2.61
CA GLY B 4 24.31 -12.67 3.30
C GLY B 4 24.16 -11.46 2.41
N VAL B 5 24.59 -11.61 1.15
CA VAL B 5 24.50 -10.53 0.17
C VAL B 5 23.03 -10.16 -0.04
N LEU B 6 22.18 -11.17 -0.17
CA LEU B 6 20.74 -10.96 -0.35
C LEU B 6 20.13 -10.30 0.88
N ALA B 7 20.57 -10.70 2.06
CA ALA B 7 20.05 -10.14 3.29
C ALA B 7 20.29 -8.65 3.34
N ALA B 8 21.50 -8.23 3.02
CA ALA B 8 21.83 -6.81 3.00
C ALA B 8 21.15 -6.12 1.82
N ALA B 9 21.11 -6.80 0.68
CA ALA B 9 20.49 -6.25 -0.53
C ALA B 9 19.01 -5.97 -0.33
N ILE B 10 18.30 -6.89 0.31
CA ILE B 10 16.89 -6.69 0.56
C ILE B 10 16.67 -5.67 1.67
N ALA B 11 17.56 -5.66 2.67
CA ALA B 11 17.44 -4.70 3.77
C ALA B 11 17.62 -3.28 3.27
N VAL B 12 18.60 -3.10 2.39
CA VAL B 12 18.87 -1.81 1.79
C VAL B 12 17.74 -1.43 0.88
N GLY B 13 17.24 -2.42 0.11
CA GLY B 13 16.12 -2.18 -0.77
C GLY B 13 14.92 -1.71 0.02
N LEU B 14 14.77 -2.31 1.20
CA LEU B 14 13.69 -1.95 2.12
C LEU B 14 13.90 -0.53 2.63
N GLY B 15 15.16 -0.22 2.98
CA GLY B 15 15.50 1.11 3.46
C GLY B 15 15.26 2.17 2.41
N ALA B 16 15.66 1.88 1.17
CA ALA B 16 15.48 2.80 0.06
C ALA B 16 14.01 3.01 -0.24
N LEU B 17 13.25 1.93 -0.16
CA LEU B 17 11.83 1.97 -0.41
C LEU B 17 11.10 2.85 0.61
N GLY B 18 11.37 2.62 1.89
CA GLY B 18 10.71 3.38 2.95
C GLY B 18 11.03 4.85 2.91
N ALA B 19 12.31 5.20 2.86
CA ALA B 19 12.71 6.60 2.83
C ALA B 19 12.36 7.25 1.50
N GLY B 20 12.50 6.50 0.40
CA GLY B 20 12.20 7.04 -0.92
C GLY B 20 10.76 7.48 -1.06
N ILE B 21 9.82 6.65 -0.63
CA ILE B 21 8.42 7.02 -0.73
C ILE B 21 8.06 8.04 0.34
N GLY B 22 8.67 7.89 1.52
CA GLY B 22 8.42 8.81 2.61
C GLY B 22 8.86 10.22 2.27
N ASN B 23 10.06 10.34 1.71
CA ASN B 23 10.59 11.63 1.31
C ASN B 23 9.92 12.21 0.09
N GLY B 24 9.55 11.37 -0.87
CA GLY B 24 8.89 11.89 -2.05
C GLY B 24 7.59 12.56 -1.68
N LEU B 25 6.78 11.86 -0.90
CA LEU B 25 5.51 12.40 -0.45
C LEU B 25 5.72 13.55 0.53
N ILE B 26 6.75 13.45 1.37
CA ILE B 26 7.02 14.51 2.36
C ILE B 26 7.37 15.81 1.66
N VAL B 27 8.14 15.73 0.58
CA VAL B 27 8.54 16.93 -0.13
C VAL B 27 7.37 17.55 -0.87
N SER B 28 6.65 16.76 -1.67
CA SER B 28 5.52 17.30 -2.45
C SER B 28 4.42 17.82 -1.54
N ARG B 29 4.07 17.08 -0.51
CA ARG B 29 3.01 17.51 0.41
C ARG B 29 3.43 18.75 1.18
N THR B 30 4.69 18.79 1.60
CA THR B 30 5.23 19.96 2.30
C THR B 30 5.07 21.16 1.41
N ILE B 31 5.38 20.93 0.14
CA ILE B 31 5.28 21.93 -0.89
C ILE B 31 3.83 22.36 -1.10
N GLU B 32 2.92 21.39 -1.07
CA GLU B 32 1.50 21.62 -1.26
C GLU B 32 0.96 22.55 -0.18
N GLY B 33 1.45 22.41 1.04
CA GLY B 33 1.00 23.24 2.14
C GLY B 33 1.25 24.74 1.92
N ILE B 34 2.42 25.10 1.38
CA ILE B 34 2.73 26.53 1.16
C ILE B 34 1.91 27.13 0.02
N ALA B 35 1.57 26.29 -0.97
CA ALA B 35 0.79 26.75 -2.11
C ALA B 35 -0.62 27.15 -1.69
N ARG B 36 -1.22 26.37 -0.79
CA ARG B 36 -2.57 26.62 -0.32
C ARG B 36 -2.68 27.97 0.40
N GLN B 37 -1.76 28.25 1.31
CA GLN B 37 -1.77 29.51 2.06
C GLN B 37 -0.37 30.12 2.12
N PRO B 38 -0.26 31.43 1.87
CA PRO B 38 1.02 32.14 1.90
C PRO B 38 1.50 32.47 3.31
N GLU B 39 1.74 31.43 4.11
CA GLU B 39 2.18 31.62 5.47
C GLU B 39 3.16 30.53 5.89
N LEU B 40 4.20 30.94 6.64
CA LEU B 40 5.22 30.00 7.14
C LEU B 40 5.87 29.22 5.99
N ARG B 41 6.02 29.88 4.84
CA ARG B 41 6.58 29.23 3.65
C ARG B 41 7.95 28.59 3.89
N PRO B 42 8.95 29.33 4.44
CA PRO B 42 10.27 28.73 4.71
C PRO B 42 10.21 27.69 5.83
N VAL B 43 9.30 27.91 6.77
CA VAL B 43 9.13 27.02 7.92
C VAL B 43 8.66 25.63 7.47
N LEU B 44 7.71 25.60 6.54
CA LEU B 44 7.17 24.34 6.04
C LEU B 44 8.27 23.45 5.43
N GLN B 45 9.03 24.01 4.51
CA GLN B 45 10.12 23.27 3.87
C GLN B 45 11.24 22.93 4.86
N THR B 46 11.53 23.84 5.80
CA THR B 46 12.58 23.59 6.80
C THR B 46 12.23 22.36 7.65
N THR B 47 10.97 22.31 8.12
CA THR B 47 10.51 21.17 8.91
C THR B 47 10.59 19.92 8.04
N MET B 48 10.30 20.09 6.76
CA MET B 48 10.38 19.01 5.78
C MET B 48 11.80 18.44 5.73
N PHE B 49 12.79 19.34 5.71
CA PHE B 49 14.19 18.93 5.67
C PHE B 49 14.59 18.14 6.91
N ILE B 50 14.12 18.56 8.09
CA ILE B 50 14.45 17.82 9.31
C ILE B 50 13.77 16.44 9.26
N GLY B 51 12.61 16.40 8.58
CA GLY B 51 11.90 15.15 8.38
C GLY B 51 12.74 14.20 7.56
N VAL B 52 13.41 14.78 6.57
CA VAL B 52 14.31 14.03 5.69
C VAL B 52 15.43 13.41 6.51
N ALA B 53 16.01 14.22 7.40
CA ALA B 53 17.10 13.75 8.27
C ALA B 53 16.63 12.63 9.18
N LEU B 54 15.41 12.77 9.66
CA LEU B 54 14.82 11.80 10.56
C LEU B 54 14.57 10.45 9.88
N VAL B 55 13.96 10.48 8.70
CA VAL B 55 13.64 9.24 8.00
C VAL B 55 14.86 8.57 7.38
N GLU B 56 15.86 9.33 6.95
CA GLU B 56 17.06 8.75 6.34
C GLU B 56 17.99 8.17 7.39
N ALA B 57 17.76 8.54 8.64
CA ALA B 57 18.57 8.02 9.74
C ALA B 57 18.40 6.52 9.81
N LEU B 58 17.16 6.07 9.58
CA LEU B 58 16.82 4.65 9.62
C LEU B 58 17.58 3.85 8.53
N PRO B 59 17.53 4.25 7.22
CA PRO B 59 18.29 3.56 6.18
C PRO B 59 19.78 3.50 6.47
N ILE B 60 20.33 4.60 6.98
CA ILE B 60 21.76 4.64 7.30
C ILE B 60 22.10 3.61 8.38
N ILE B 61 21.31 3.59 9.45
CA ILE B 61 21.53 2.67 10.56
C ILE B 61 21.33 1.22 10.11
N GLY B 62 20.26 0.97 9.38
CA GLY B 62 19.96 -0.38 8.91
C GLY B 62 21.03 -0.95 7.98
N VAL B 63 21.51 -0.13 7.05
CA VAL B 63 22.54 -0.56 6.12
C VAL B 63 23.84 -0.89 6.84
N VAL B 64 24.26 0.01 7.75
CA VAL B 64 25.47 -0.19 8.52
C VAL B 64 25.36 -1.43 9.42
N PHE B 65 24.20 -1.55 10.06
CA PHE B 65 23.93 -2.66 10.97
C PHE B 65 24.02 -4.00 10.24
N SER B 66 23.37 -4.09 9.08
CA SER B 66 23.39 -5.31 8.27
C SER B 66 24.81 -5.64 7.80
N PHE B 67 25.54 -4.60 7.40
CA PHE B 67 26.92 -4.77 6.92
C PHE B 67 27.81 -5.36 8.02
N ILE B 68 27.75 -4.78 9.21
CA ILE B 68 28.55 -5.24 10.34
C ILE B 68 28.10 -6.63 10.80
N TYR B 69 26.79 -6.86 10.82
CA TYR B 69 26.24 -8.15 11.25
C TYR B 69 26.80 -9.27 10.38
N LEU B 70 26.75 -9.08 9.07
CA LEU B 70 27.29 -10.06 8.14
C LEU B 70 28.80 -10.13 8.27
N GLY B 71 29.43 -8.96 8.39
CA GLY B 71 30.88 -8.87 8.53
C GLY B 71 31.40 -9.54 9.79
N ARG B 72 30.70 -9.37 10.90
CA ARG B 72 31.12 -9.98 12.16
C ARG B 72 29.92 -10.58 12.89
N MET C 1 24.76 -19.44 9.88
CA MET C 1 24.33 -18.19 10.57
C MET C 1 23.76 -17.20 9.57
N HIS C 2 23.75 -17.59 8.31
CA HIS C 2 23.25 -16.73 7.23
C HIS C 2 21.76 -16.43 7.42
N LEU C 3 21.00 -17.45 7.84
CA LEU C 3 19.56 -17.29 8.05
C LEU C 3 19.30 -16.27 9.16
N GLY C 4 20.11 -16.32 10.21
CA GLY C 4 19.98 -15.38 11.31
C GLY C 4 20.22 -13.95 10.87
N VAL C 5 21.24 -13.78 10.03
CA VAL C 5 21.59 -12.47 9.50
C VAL C 5 20.43 -11.90 8.70
N LEU C 6 19.83 -12.74 7.87
CA LEU C 6 18.67 -12.36 7.05
C LEU C 6 17.47 -12.02 7.93
N ALA C 7 17.28 -12.79 9.00
CA ALA C 7 16.15 -12.56 9.89
C ALA C 7 16.24 -11.16 10.50
N ALA C 8 17.41 -10.79 10.97
CA ALA C 8 17.61 -9.46 11.54
C ALA C 8 17.58 -8.41 10.45
N ALA C 9 18.18 -8.72 9.29
CA ALA C 9 18.24 -7.79 8.18
C ALA C 9 16.84 -7.44 7.66
N ILE C 10 15.97 -8.44 7.55
CA ILE C 10 14.61 -8.18 7.09
C ILE C 10 13.80 -7.50 8.18
N ALA C 11 14.03 -7.86 9.45
CA ALA C 11 13.31 -7.26 10.56
C ALA C 11 13.63 -5.78 10.66
N VAL C 12 14.91 -5.44 10.50
CA VAL C 12 15.36 -4.07 10.54
C VAL C 12 14.83 -3.33 9.32
N GLY C 13 14.86 -4.01 8.17
CA GLY C 13 14.35 -3.43 6.95
C GLY C 13 12.89 -3.09 7.13
N LEU C 14 12.18 -3.98 7.82
CA LEU C 14 10.77 -3.79 8.13
C LEU C 14 10.59 -2.60 9.07
N GLY C 15 11.47 -2.53 10.07
CA GLY C 15 11.43 -1.44 11.03
C GLY C 15 11.69 -0.10 10.37
N ALA C 16 12.68 -0.06 9.48
CA ALA C 16 13.04 1.15 8.76
C ALA C 16 11.91 1.58 7.84
N LEU C 17 11.30 0.60 7.21
CA LEU C 17 10.21 0.85 6.29
C LEU C 17 9.00 1.46 7.00
N GLY C 18 8.59 0.84 8.11
CA GLY C 18 7.44 1.34 8.85
C GLY C 18 7.63 2.73 9.42
N ALA C 19 8.73 2.94 10.13
CA ALA C 19 8.99 4.24 10.72
C ALA C 19 9.33 5.28 9.65
N GLY C 20 10.06 4.86 8.62
CA GLY C 20 10.45 5.78 7.56
C GLY C 20 9.25 6.39 6.84
N ILE C 21 8.28 5.56 6.47
CA ILE C 21 7.11 6.07 5.79
C ILE C 21 6.19 6.79 6.77
N GLY C 22 6.11 6.24 7.99
CA GLY C 22 5.28 6.83 9.03
C GLY C 22 5.73 8.23 9.38
N ASN C 23 7.04 8.39 9.56
CA ASN C 23 7.62 9.68 9.91
C ASN C 23 7.62 10.65 8.73
N GLY C 24 7.87 10.16 7.52
CA GLY C 24 7.86 11.06 6.38
C GLY C 24 6.51 11.72 6.23
N LEU C 25 5.47 10.90 6.24
CA LEU C 25 4.12 11.41 6.12
C LEU C 25 3.72 12.21 7.36
N ILE C 26 4.17 11.77 8.53
CA ILE C 26 3.83 12.46 9.77
C ILE C 26 4.40 13.88 9.79
N VAL C 27 5.62 14.04 9.27
CA VAL C 27 6.25 15.34 9.25
C VAL C 27 5.58 16.26 8.24
N SER C 28 5.43 15.81 6.99
CA SER C 28 4.82 16.65 5.95
C SER C 28 3.38 17.00 6.28
N ARG C 29 2.60 16.02 6.72
CA ARG C 29 1.20 16.27 7.05
C ARG C 29 1.09 17.21 8.25
N THR C 30 1.94 17.00 9.26
CA THR C 30 1.96 17.86 10.43
C THR C 30 2.19 19.27 9.98
N ILE C 31 3.13 19.39 9.05
CA ILE C 31 3.51 20.65 8.45
C ILE C 31 2.34 21.26 7.67
N GLU C 32 1.61 20.40 6.95
CA GLU C 32 0.47 20.82 6.15
C GLU C 32 -0.60 21.46 7.01
N GLY C 33 -0.79 20.92 8.21
CA GLY C 33 -1.79 21.44 9.11
C GLY C 33 -1.57 22.91 9.51
N ILE C 34 -0.32 23.30 9.77
CA ILE C 34 -0.04 24.68 10.18
C ILE C 34 -0.19 25.66 9.01
N ALA C 35 0.08 25.19 7.80
CA ALA C 35 -0.04 26.01 6.61
C ALA C 35 -1.48 26.42 6.35
N ARG C 36 -2.40 25.48 6.54
CA ARG C 36 -3.83 25.71 6.32
C ARG C 36 -4.38 26.80 7.24
N GLN C 37 -4.07 26.72 8.52
CA GLN C 37 -4.54 27.70 9.50
C GLN C 37 -3.42 28.13 10.43
N PRO C 38 -3.29 29.44 10.67
CA PRO C 38 -2.25 29.99 11.56
C PRO C 38 -2.60 29.85 13.04
N GLU C 39 -2.73 28.61 13.50
CA GLU C 39 -3.06 28.36 14.89
C GLU C 39 -2.35 27.11 15.40
N LEU C 40 -1.89 27.17 16.65
CA LEU C 40 -1.21 26.05 17.30
C LEU C 40 0.00 25.57 16.47
N ARG C 41 0.67 26.51 15.80
CA ARG C 41 1.80 26.18 14.94
C ARG C 41 2.89 25.37 15.65
N PRO C 42 3.43 25.81 16.81
CA PRO C 42 4.46 25.04 17.53
C PRO C 42 3.91 23.74 18.10
N VAL C 43 2.62 23.77 18.46
CA VAL C 43 1.95 22.61 19.04
C VAL C 43 1.86 21.45 18.04
N LEU C 44 1.54 21.78 16.79
CA LEU C 44 1.41 20.77 15.74
C LEU C 44 2.72 20.00 15.54
N GLN C 45 3.81 20.72 15.35
CA GLN C 45 5.12 20.09 15.15
C GLN C 45 5.60 19.37 16.43
N THR C 46 5.31 19.95 17.60
CA THR C 46 5.70 19.32 18.87
C THR C 46 5.05 17.94 19.03
N THR C 47 3.75 17.87 18.74
CA THR C 47 3.01 16.61 18.82
C THR C 47 3.61 15.65 17.79
N MET C 48 4.01 16.22 16.64
CA MET C 48 4.65 15.46 15.59
C MET C 48 5.93 14.79 16.09
N PHE C 49 6.73 15.56 16.86
CA PHE C 49 7.97 15.04 17.41
C PHE C 49 7.73 13.90 18.38
N ILE C 50 6.71 14.00 19.23
CA ILE C 50 6.41 12.92 20.15
C ILE C 50 5.95 11.70 19.36
N GLY C 51 5.31 11.95 18.21
CA GLY C 51 4.88 10.89 17.33
C GLY C 51 6.08 10.14 16.80
N VAL C 52 7.13 10.90 16.51
CA VAL C 52 8.39 10.36 16.04
C VAL C 52 8.99 9.42 17.09
N ALA C 53 8.97 9.88 18.34
CA ALA C 53 9.48 9.09 19.46
C ALA C 53 8.69 7.80 19.63
N LEU C 54 7.39 7.92 19.44
CA LEU C 54 6.49 6.79 19.59
C LEU C 54 6.71 5.72 18.51
N VAL C 55 6.78 6.14 17.26
CA VAL C 55 6.96 5.20 16.15
C VAL C 55 8.36 4.61 16.08
N GLU C 56 9.38 5.37 16.46
CA GLU C 56 10.76 4.87 16.40
C GLU C 56 11.06 3.92 17.56
N ALA C 57 10.21 3.95 18.56
CA ALA C 57 10.36 3.06 19.70
C ALA C 57 10.29 1.61 19.24
N LEU C 58 9.38 1.38 18.30
CA LEU C 58 9.17 0.05 17.73
C LEU C 58 10.42 -0.47 17.00
N PRO C 59 11.03 0.29 16.04
CA PRO C 59 12.25 -0.15 15.36
C PRO C 59 13.38 -0.43 16.35
N ILE C 60 13.52 0.42 17.36
CA ILE C 60 14.58 0.22 18.36
C ILE C 60 14.39 -1.11 19.10
N ILE C 61 13.16 -1.35 19.57
CA ILE C 61 12.84 -2.56 20.30
C ILE C 61 12.99 -3.80 19.41
N GLY C 62 12.48 -3.72 18.19
CA GLY C 62 12.56 -4.85 17.26
C GLY C 62 13.97 -5.24 16.90
N VAL C 63 14.81 -4.23 16.63
CA VAL C 63 16.20 -4.48 16.26
C VAL C 63 16.97 -5.12 17.42
N VAL C 64 16.80 -4.56 18.62
CA VAL C 64 17.47 -5.09 19.81
C VAL C 64 16.98 -6.51 20.12
N PHE C 65 15.67 -6.71 20.02
CA PHE C 65 15.04 -8.00 20.28
C PHE C 65 15.59 -9.07 19.34
N SER C 66 15.63 -8.76 18.04
CA SER C 66 16.14 -9.70 17.04
C SER C 66 17.62 -10.02 17.28
N PHE C 67 18.39 -8.99 17.62
CA PHE C 67 19.82 -9.13 17.90
C PHE C 67 20.07 -10.10 19.06
N ILE C 68 19.36 -9.88 20.17
CA ILE C 68 19.49 -10.73 21.35
C ILE C 68 18.97 -12.13 21.09
N TYR C 69 17.84 -12.23 20.38
CA TYR C 69 17.25 -13.53 20.06
C TYR C 69 18.25 -14.40 19.32
N LEU C 70 18.86 -13.84 18.28
CA LEU C 70 19.86 -14.57 17.51
C LEU C 70 21.10 -14.82 18.37
N GLY C 71 21.50 -13.79 19.13
CA GLY C 71 22.65 -13.88 20.01
C GLY C 71 22.50 -14.94 21.09
N ARG C 72 21.33 -15.03 21.69
CA ARG C 72 21.08 -16.01 22.74
C ARG C 72 19.73 -16.68 22.55
N MET D 1 17.43 -23.77 14.87
CA MET D 1 16.63 -22.73 15.58
C MET D 1 16.59 -21.44 14.78
N HIS D 2 17.26 -21.45 13.63
CA HIS D 2 17.32 -20.27 12.76
C HIS D 2 15.94 -19.90 12.23
N LEU D 3 15.14 -20.91 11.89
CA LEU D 3 13.79 -20.68 11.39
C LEU D 3 12.93 -20.01 12.44
N GLY D 4 13.08 -20.43 13.69
CA GLY D 4 12.34 -19.84 14.79
C GLY D 4 12.68 -18.37 14.99
N VAL D 5 13.97 -18.07 14.87
CA VAL D 5 14.45 -16.70 15.01
C VAL D 5 13.83 -15.82 13.93
N LEU D 6 13.81 -16.33 12.71
CA LEU D 6 13.21 -15.62 11.58
C LEU D 6 11.71 -15.43 11.78
N ALA D 7 11.05 -16.45 12.30
CA ALA D 7 9.60 -16.37 12.54
C ALA D 7 9.28 -15.22 13.47
N ALA D 8 10.01 -15.12 14.57
CA ALA D 8 9.80 -14.04 15.52
C ALA D 8 10.26 -12.71 14.92
N ALA D 9 11.38 -12.74 14.22
CA ALA D 9 11.95 -11.54 13.61
C ALA D 9 10.99 -10.92 12.59
N ILE D 10 10.37 -11.75 11.76
CA ILE D 10 9.44 -11.24 10.77
C ILE D 10 8.14 -10.83 11.44
N ALA D 11 7.70 -11.57 12.48
CA ALA D 11 6.47 -11.23 13.19
C ALA D 11 6.60 -9.88 13.87
N VAL D 12 7.75 -9.65 14.48
CA VAL D 12 8.02 -8.39 15.15
C VAL D 12 8.16 -7.29 14.12
N GLY D 13 8.81 -7.61 13.01
CA GLY D 13 8.97 -6.65 11.93
C GLY D 13 7.59 -6.24 11.42
N LEU D 14 6.69 -7.21 11.37
CA LEU D 14 5.32 -6.99 10.95
C LEU D 14 4.61 -6.11 11.97
N GLY D 15 4.83 -6.41 13.25
CA GLY D 15 4.22 -5.64 14.33
C GLY D 15 4.70 -4.20 14.33
N ALA D 16 6.01 -4.01 14.12
CA ALA D 16 6.60 -2.68 14.09
C ALA D 16 6.08 -1.90 12.89
N LEU D 17 5.95 -2.59 11.77
CA LEU D 17 5.47 -1.98 10.54
C LEU D 17 4.03 -1.48 10.70
N GLY D 18 3.15 -2.35 11.20
CA GLY D 18 1.75 -1.99 11.36
C GLY D 18 1.53 -0.84 12.32
N ALA D 19 2.08 -0.94 13.52
CA ALA D 19 1.93 0.10 14.51
C ALA D 19 2.70 1.36 14.13
N GLY D 20 3.88 1.20 13.54
CA GLY D 20 4.68 2.34 13.15
C GLY D 20 4.00 3.23 12.15
N ILE D 21 3.41 2.64 11.11
CA ILE D 21 2.73 3.44 10.11
C ILE D 21 1.39 3.92 10.64
N GLY D 22 0.73 3.06 11.44
CA GLY D 22 -0.55 3.41 12.02
C GLY D 22 -0.44 4.61 12.95
N ASN D 23 0.57 4.58 13.81
CA ASN D 23 0.80 5.65 14.77
C ASN D 23 1.34 6.91 14.10
N GLY D 24 2.20 6.76 13.11
CA GLY D 24 2.73 7.94 12.45
C GLY D 24 1.61 8.75 11.83
N LEU D 25 0.77 8.07 11.06
CA LEU D 25 -0.37 8.72 10.43
C LEU D 25 -1.40 9.16 11.46
N ILE D 26 -1.58 8.38 12.51
CA ILE D 26 -2.56 8.71 13.56
C ILE D 26 -2.17 10.00 14.26
N VAL D 27 -0.88 10.18 14.51
CA VAL D 27 -0.41 11.36 15.20
C VAL D 27 -0.52 12.60 14.32
N SER D 28 0.01 12.53 13.11
CA SER D 28 -0.02 13.70 12.20
C SER D 28 -1.45 14.07 11.84
N ARG D 29 -2.28 13.10 11.50
CA ARG D 29 -3.67 13.38 11.13
C ARG D 29 -4.45 13.93 12.32
N THR D 30 -4.22 13.36 13.51
CA THR D 30 -4.86 13.84 14.72
C THR D 30 -4.52 15.30 14.90
N ILE D 31 -3.25 15.58 14.64
CA ILE D 31 -2.71 16.91 14.74
C ILE D 31 -3.35 17.84 13.69
N GLU D 32 -3.53 17.30 12.49
CA GLU D 32 -4.12 18.04 11.37
C GLU D 32 -5.53 18.50 11.72
N GLY D 33 -6.28 17.65 12.44
CA GLY D 33 -7.64 18.00 12.80
C GLY D 33 -7.75 19.26 13.67
N ILE D 34 -6.84 19.44 14.63
CA ILE D 34 -6.90 20.61 15.51
C ILE D 34 -6.49 21.89 14.78
N ALA D 35 -5.61 21.76 13.80
CA ALA D 35 -5.15 22.91 13.03
C ALA D 35 -6.28 23.51 12.19
N ARG D 36 -7.10 22.64 11.61
CA ARG D 36 -8.22 23.07 10.76
C ARG D 36 -9.24 23.90 11.55
N GLN D 37 -9.63 23.42 12.72
CA GLN D 37 -10.60 24.13 13.56
C GLN D 37 -10.16 24.15 15.01
N PRO D 38 -10.25 25.33 15.67
CA PRO D 38 -9.85 25.49 17.07
C PRO D 38 -10.91 24.97 18.05
N GLU D 39 -11.17 23.67 17.99
CA GLU D 39 -12.15 23.05 18.88
C GLU D 39 -11.72 21.66 19.27
N LEU D 40 -11.97 21.30 20.55
CA LEU D 40 -11.65 19.98 21.08
C LEU D 40 -10.16 19.65 20.89
N ARG D 41 -9.30 20.67 20.97
CA ARG D 41 -7.87 20.50 20.75
C ARG D 41 -7.24 19.41 21.63
N PRO D 42 -7.41 19.45 22.97
CA PRO D 42 -6.86 18.41 23.85
C PRO D 42 -7.53 17.06 23.65
N VAL D 43 -8.82 17.11 23.30
CA VAL D 43 -9.61 15.90 23.08
C VAL D 43 -9.09 15.10 21.89
N LEU D 44 -8.75 15.80 20.80
CA LEU D 44 -8.25 15.15 19.60
C LEU D 44 -6.97 14.34 19.87
N GLN D 45 -5.99 14.98 20.49
CA GLN D 45 -4.73 14.31 20.80
C GLN D 45 -4.94 13.22 21.87
N THR D 46 -5.82 13.45 22.84
CA THR D 46 -6.10 12.45 23.88
C THR D 46 -6.64 11.15 23.27
N THR D 47 -7.60 11.29 22.36
CA THR D 47 -8.18 10.14 21.67
C THR D 47 -7.07 9.47 20.87
N MET D 48 -6.19 10.29 20.30
CA MET D 48 -5.04 9.81 19.55
C MET D 48 -4.17 8.91 20.42
N PHE D 49 -3.93 9.34 21.66
CA PHE D 49 -3.11 8.58 22.60
C PHE D 49 -3.74 7.23 22.92
N ILE D 50 -5.06 7.18 23.11
CA ILE D 50 -5.72 5.92 23.38
C ILE D 50 -5.63 5.03 22.15
N GLY D 51 -5.60 5.66 20.97
CA GLY D 51 -5.43 4.94 19.72
C GLY D 51 -4.09 4.26 19.70
N VAL D 52 -3.09 4.97 20.22
CA VAL D 52 -1.73 4.46 20.31
C VAL D 52 -1.71 3.21 21.19
N ALA D 53 -2.39 3.28 22.33
CA ALA D 53 -2.48 2.16 23.26
C ALA D 53 -3.15 0.97 22.61
N LEU D 54 -4.18 1.25 21.84
CA LEU D 54 -4.94 0.22 21.16
C LEU D 54 -4.13 -0.51 20.09
N VAL D 55 -3.45 0.24 19.23
CA VAL D 55 -2.67 -0.36 18.16
C VAL D 55 -1.39 -1.03 18.63
N GLU D 56 -0.76 -0.51 19.69
CA GLU D 56 0.48 -1.10 20.19
C GLU D 56 0.21 -2.37 21.00
N ALA D 57 -1.04 -2.56 21.39
CA ALA D 57 -1.43 -3.74 22.13
C ALA D 57 -1.17 -4.98 21.28
N LEU D 58 -1.45 -4.84 19.99
CA LEU D 58 -1.25 -5.93 19.04
C LEU D 58 0.23 -6.34 18.93
N PRO D 59 1.19 -5.39 18.68
CA PRO D 59 2.62 -5.73 18.63
C PRO D 59 3.11 -6.39 19.92
N ILE D 60 2.65 -5.89 21.07
CA ILE D 60 3.05 -6.46 22.35
C ILE D 60 2.59 -7.92 22.46
N ILE D 61 1.32 -8.16 22.14
CA ILE D 61 0.75 -9.51 22.21
C ILE D 61 1.42 -10.45 21.21
N GLY D 62 1.60 -9.98 19.97
CA GLY D 62 2.22 -10.79 18.94
C GLY D 62 3.65 -11.19 19.24
N VAL D 63 4.43 -10.23 19.75
CA VAL D 63 5.84 -10.50 20.09
C VAL D 63 5.93 -11.52 21.23
N VAL D 64 5.14 -11.32 22.28
CA VAL D 64 5.13 -12.23 23.43
C VAL D 64 4.65 -13.62 23.01
N PHE D 65 3.59 -13.65 22.20
CA PHE D 65 3.01 -14.90 21.71
C PHE D 65 4.03 -15.71 20.91
N SER D 66 4.71 -15.04 19.98
CA SER D 66 5.73 -15.69 19.15
C SER D 66 6.89 -16.21 20.00
N PHE D 67 7.30 -15.40 20.98
CA PHE D 67 8.39 -15.76 21.88
C PHE D 67 8.08 -17.03 22.67
N ILE D 68 6.88 -17.08 23.26
CA ILE D 68 6.45 -18.24 24.04
C ILE D 68 6.23 -19.45 23.14
N TYR D 69 5.65 -19.24 21.96
CA TYR D 69 5.38 -20.32 21.03
C TYR D 69 6.67 -21.04 20.67
N LEU D 70 7.70 -20.27 20.32
CA LEU D 70 9.00 -20.83 19.98
C LEU D 70 9.64 -21.44 21.24
N GLY D 71 9.51 -20.72 22.36
CA GLY D 71 10.06 -21.17 23.62
C GLY D 71 9.45 -22.46 24.13
N ARG D 72 8.13 -22.61 23.97
CA ARG D 72 7.45 -23.82 24.41
C ARG D 72 6.43 -24.28 23.37
N MET E 1 8.90 -28.60 13.89
CA MET E 1 7.78 -27.75 14.37
C MET E 1 8.07 -26.28 14.08
N HIS E 2 9.24 -26.02 13.49
CA HIS E 2 9.66 -24.65 13.16
C HIS E 2 8.71 -24.02 12.15
N LEU E 3 8.28 -24.81 11.16
CA LEU E 3 7.37 -24.31 10.13
C LEU E 3 6.04 -23.88 10.74
N GLY E 4 5.56 -24.66 11.71
CA GLY E 4 4.32 -24.34 12.39
C GLY E 4 4.42 -23.04 13.15
N VAL E 5 5.56 -22.84 13.81
CA VAL E 5 5.81 -21.62 14.58
C VAL E 5 5.77 -20.41 13.64
N LEU E 6 6.42 -20.55 12.49
CA LEU E 6 6.43 -19.48 11.49
C LEU E 6 5.05 -19.21 10.94
N ALA E 7 4.26 -20.27 10.73
CA ALA E 7 2.91 -20.12 10.20
C ALA E 7 2.07 -19.26 11.13
N ALA E 8 2.13 -19.56 12.42
CA ALA E 8 1.39 -18.77 13.40
C ALA E 8 2.00 -17.38 13.56
N ALA E 9 3.33 -17.32 13.54
CA ALA E 9 4.04 -16.05 13.69
C ALA E 9 3.72 -15.08 12.57
N ILE E 10 3.66 -15.57 11.34
CA ILE E 10 3.33 -14.72 10.21
C ILE E 10 1.85 -14.38 10.21
N ALA E 11 1.00 -15.34 10.60
CA ALA E 11 -0.44 -15.11 10.66
C ALA E 11 -0.78 -14.03 11.67
N VAL E 12 -0.13 -14.10 12.82
CA VAL E 12 -0.33 -13.11 13.87
C VAL E 12 0.24 -11.78 13.43
N GLY E 13 1.40 -11.83 12.77
CA GLY E 13 2.02 -10.62 12.26
C GLY E 13 1.08 -9.95 11.27
N LEU E 14 0.41 -10.78 10.48
CA LEU E 14 -0.57 -10.31 9.50
C LEU E 14 -1.76 -9.69 10.23
N GLY E 15 -2.21 -10.38 11.29
CA GLY E 15 -3.33 -9.89 12.08
C GLY E 15 -3.02 -8.56 12.75
N ALA E 16 -1.82 -8.45 13.30
CA ALA E 16 -1.37 -7.23 13.96
C ALA E 16 -1.26 -6.09 12.98
N LEU E 17 -0.74 -6.41 11.80
CA LEU E 17 -0.57 -5.43 10.74
C LEU E 17 -1.91 -4.86 10.27
N GLY E 18 -2.86 -5.75 9.98
CA GLY E 18 -4.17 -5.31 9.50
C GLY E 18 -4.93 -4.48 10.50
N ALA E 19 -5.05 -4.98 11.73
CA ALA E 19 -5.77 -4.24 12.76
C ALA E 19 -5.00 -3.01 13.22
N GLY E 20 -3.68 -3.11 13.29
CA GLY E 20 -2.87 -1.99 13.72
C GLY E 20 -3.00 -0.78 12.83
N ILE E 21 -2.93 -0.98 11.52
CA ILE E 21 -3.05 0.13 10.59
C ILE E 21 -4.51 0.56 10.48
N GLY E 22 -5.42 -0.42 10.53
CA GLY E 22 -6.84 -0.13 10.46
C GLY E 22 -7.30 0.72 11.62
N ASN E 23 -6.87 0.36 12.82
CA ASN E 23 -7.24 1.08 14.03
C ASN E 23 -6.52 2.41 14.14
N GLY E 24 -5.26 2.48 13.73
CA GLY E 24 -4.56 3.75 13.81
C GLY E 24 -5.25 4.80 12.98
N LEU E 25 -5.53 4.45 11.73
CA LEU E 25 -6.21 5.37 10.84
C LEU E 25 -7.66 5.60 11.27
N ILE E 26 -8.31 4.55 11.80
CA ILE E 26 -9.69 4.68 12.23
C ILE E 26 -9.81 5.66 13.39
N VAL E 27 -8.86 5.64 14.30
CA VAL E 27 -8.88 6.52 15.45
C VAL E 27 -8.62 7.96 15.04
N SER E 28 -7.52 8.20 14.31
CA SER E 28 -7.17 9.56 13.91
C SER E 28 -8.23 10.18 12.99
N ARG E 29 -8.70 9.41 12.01
CA ARG E 29 -9.71 9.93 11.09
C ARG E 29 -11.02 10.19 11.83
N THR E 30 -11.40 9.28 12.73
CA THR E 30 -12.61 9.45 13.52
C THR E 30 -12.51 10.76 14.28
N ILE E 31 -11.31 10.98 14.80
CA ILE E 31 -10.98 12.17 15.54
C ILE E 31 -11.06 13.41 14.64
N GLU E 32 -10.56 13.27 13.41
CA GLU E 32 -10.54 14.35 12.43
C GLU E 32 -11.96 14.82 12.13
N GLY E 33 -12.90 13.88 12.08
CA GLY E 33 -14.28 14.23 11.80
C GLY E 33 -14.90 15.20 12.80
N ILE E 34 -14.63 15.01 14.10
CA ILE E 34 -15.21 15.88 15.13
C ILE E 34 -14.57 17.27 15.12
N ALA E 35 -13.31 17.34 14.75
CA ALA E 35 -12.59 18.61 14.68
C ALA E 35 -13.17 19.53 13.61
N ARG E 36 -13.51 18.95 12.46
CA ARG E 36 -14.07 19.71 11.34
C ARG E 36 -15.39 20.38 11.71
N GLN E 37 -16.31 19.62 12.30
CA GLN E 37 -17.61 20.15 12.70
C GLN E 37 -17.98 19.71 14.11
N PRO E 38 -18.48 20.66 14.93
CA PRO E 38 -18.87 20.37 16.32
C PRO E 38 -20.23 19.70 16.42
N GLU E 39 -20.35 18.50 15.86
CA GLU E 39 -21.59 17.76 15.89
C GLU E 39 -21.35 16.26 16.02
N LEU E 40 -22.19 15.59 16.81
CA LEU E 40 -22.10 14.14 17.02
C LEU E 40 -20.70 13.74 17.52
N ARG E 41 -20.08 14.60 18.32
CA ARG E 41 -18.72 14.36 18.82
C ARG E 41 -18.58 13.01 19.54
N PRO E 42 -19.42 12.69 20.55
CA PRO E 42 -19.32 11.39 21.24
C PRO E 42 -19.70 10.23 20.33
N VAL E 43 -20.62 10.49 19.41
CA VAL E 43 -21.11 9.48 18.46
C VAL E 43 -19.99 9.01 17.53
N LEU E 44 -19.20 9.95 17.04
CA LEU E 44 -18.10 9.64 16.12
C LEU E 44 -17.10 8.66 16.76
N GLN E 45 -16.62 9.00 17.94
CA GLN E 45 -15.66 8.15 18.65
C GLN E 45 -16.31 6.81 19.08
N THR E 46 -17.59 6.85 19.48
CA THR E 46 -18.29 5.62 19.89
C THR E 46 -18.35 4.62 18.73
N THR E 47 -18.71 5.11 17.54
CA THR E 47 -18.78 4.26 16.36
C THR E 47 -17.37 3.74 16.07
N MET E 48 -16.38 4.60 16.32
CA MET E 48 -14.98 4.25 16.15
C MET E 48 -14.61 3.05 17.02
N PHE E 49 -15.07 3.08 18.28
CA PHE E 49 -14.80 2.00 19.22
C PHE E 49 -15.42 0.69 18.77
N ILE E 50 -16.65 0.73 18.23
CA ILE E 50 -17.26 -0.50 17.75
C ILE E 50 -16.49 -1.01 16.53
N GLY E 51 -15.91 -0.06 15.78
CA GLY E 51 -15.07 -0.41 14.65
C GLY E 51 -13.86 -1.18 15.10
N VAL E 52 -13.33 -0.76 16.24
CA VAL E 52 -12.19 -1.39 16.87
C VAL E 52 -12.53 -2.85 17.22
N ALA E 53 -13.70 -3.02 17.81
CA ALA E 53 -14.17 -4.36 18.19
C ALA E 53 -14.34 -5.24 16.97
N LEU E 54 -14.84 -4.65 15.91
CA LEU E 54 -15.08 -5.36 14.67
C LEU E 54 -13.78 -5.83 14.00
N VAL E 55 -12.81 -4.93 13.87
CA VAL E 55 -11.55 -5.27 13.22
C VAL E 55 -10.65 -6.18 14.06
N GLU E 56 -10.69 -6.05 15.39
CA GLU E 56 -9.85 -6.88 16.26
C GLU E 56 -10.42 -8.29 16.39
N ALA E 57 -11.68 -8.45 16.01
CA ALA E 57 -12.31 -9.76 16.06
C ALA E 57 -11.57 -10.72 15.15
N LEU E 58 -11.14 -10.20 14.01
CA LEU E 58 -10.41 -10.97 13.02
C LEU E 58 -9.07 -11.48 13.56
N PRO E 59 -8.18 -10.60 14.13
CA PRO E 59 -6.91 -11.05 14.72
C PRO E 59 -7.12 -12.10 15.81
N ILE E 60 -8.13 -11.90 16.65
CA ILE E 60 -8.41 -12.86 17.72
C ILE E 60 -8.75 -14.23 17.15
N ILE E 61 -9.66 -14.25 16.18
CA ILE E 61 -10.09 -15.49 15.54
C ILE E 61 -8.94 -16.17 14.79
N GLY E 62 -8.19 -15.38 14.03
CA GLY E 62 -7.07 -15.92 13.26
C GLY E 62 -5.98 -16.53 14.13
N VAL E 63 -5.63 -15.84 15.21
CA VAL E 63 -4.60 -16.32 16.13
C VAL E 63 -5.02 -17.63 16.78
N VAL E 64 -6.26 -17.66 17.29
CA VAL E 64 -6.79 -18.85 17.95
C VAL E 64 -6.90 -20.02 16.95
N PHE E 65 -7.38 -19.71 15.75
CA PHE E 65 -7.54 -20.71 14.69
C PHE E 65 -6.20 -21.35 14.33
N SER E 66 -5.19 -20.52 14.12
CA SER E 66 -3.85 -21.00 13.77
C SER E 66 -3.26 -21.85 14.91
N PHE E 67 -3.47 -21.40 16.14
CA PHE E 67 -2.97 -22.11 17.33
C PHE E 67 -3.57 -23.51 17.41
N ILE E 68 -4.89 -23.60 17.28
CA ILE E 68 -5.57 -24.89 17.35
C ILE E 68 -5.22 -25.77 16.15
N TYR E 69 -5.13 -25.17 14.96
CA TYR E 69 -4.81 -25.91 13.75
C TYR E 69 -3.46 -26.62 13.90
N LEU E 70 -2.46 -25.88 14.37
CA LEU E 70 -1.13 -26.45 14.60
C LEU E 70 -1.20 -27.46 15.75
N GLY E 71 -1.93 -27.07 16.81
CA GLY E 71 -2.07 -27.92 17.98
C GLY E 71 -2.77 -29.24 17.69
N ARG E 72 -3.80 -29.21 16.85
CA ARG E 72 -4.54 -30.41 16.50
C ARG E 72 -4.84 -30.46 15.01
N MET F 1 2.43 -32.10 7.30
CA MET F 1 1.17 -31.31 7.37
C MET F 1 1.46 -29.86 7.71
N HIS F 2 2.75 -29.56 7.91
CA HIS F 2 3.19 -28.20 8.26
C HIS F 2 2.86 -27.21 7.15
N LEU F 3 3.04 -27.64 5.89
CA LEU F 3 2.76 -26.79 4.75
C LEU F 3 1.28 -26.43 4.69
N GLY F 4 0.43 -27.40 5.01
CA GLY F 4 -1.01 -27.16 5.02
C GLY F 4 -1.41 -26.15 6.07
N VAL F 5 -0.78 -26.25 7.24
CA VAL F 5 -1.04 -25.34 8.34
C VAL F 5 -0.68 -23.92 7.93
N LEU F 6 0.48 -23.77 7.28
CA LEU F 6 0.94 -22.47 6.80
C LEU F 6 0.02 -21.93 5.73
N ALA F 7 -0.47 -22.80 4.85
CA ALA F 7 -1.37 -22.38 3.78
C ALA F 7 -2.62 -21.74 4.36
N ALA F 8 -3.21 -22.40 5.34
CA ALA F 8 -4.41 -21.85 5.99
C ALA F 8 -4.06 -20.64 6.84
N ALA F 9 -2.92 -20.71 7.52
CA ALA F 9 -2.46 -19.61 8.38
C ALA F 9 -2.24 -18.33 7.59
N ILE F 10 -1.61 -18.44 6.42
CA ILE F 10 -1.37 -17.27 5.59
C ILE F 10 -2.67 -16.80 4.93
N ALA F 11 -3.53 -17.75 4.55
CA ALA F 11 -4.81 -17.40 3.92
C ALA F 11 -5.69 -16.63 4.88
N VAL F 12 -5.73 -17.09 6.14
CA VAL F 12 -6.49 -16.43 7.18
C VAL F 12 -5.87 -15.08 7.49
N GLY F 13 -4.53 -15.06 7.53
CA GLY F 13 -3.83 -13.82 7.79
C GLY F 13 -4.16 -12.81 6.72
N LEU F 14 -4.28 -13.31 5.50
CA LEU F 14 -4.65 -12.49 4.35
C LEU F 14 -6.08 -12.00 4.51
N GLY F 15 -6.96 -12.90 4.94
CA GLY F 15 -8.36 -12.56 5.16
C GLY F 15 -8.53 -11.50 6.24
N ALA F 16 -7.79 -11.68 7.34
CA ALA F 16 -7.83 -10.75 8.46
C ALA F 16 -7.29 -9.39 8.05
N LEU F 17 -6.24 -9.41 7.26
CA LEU F 17 -5.61 -8.20 6.78
C LEU F 17 -6.55 -7.38 5.89
N GLY F 18 -7.15 -8.05 4.90
CA GLY F 18 -8.05 -7.37 3.99
C GLY F 18 -9.28 -6.79 4.66
N ALA F 19 -9.99 -7.60 5.44
CA ALA F 19 -11.17 -7.13 6.12
C ALA F 19 -10.83 -6.16 7.25
N GLY F 20 -9.73 -6.41 7.95
CA GLY F 20 -9.34 -5.54 9.05
C GLY F 20 -9.07 -4.12 8.61
N ILE F 21 -8.31 -3.95 7.53
CA ILE F 21 -8.02 -2.61 7.04
C ILE F 21 -9.25 -2.02 6.34
N GLY F 22 -9.99 -2.88 5.63
CA GLY F 22 -11.17 -2.45 4.93
C GLY F 22 -12.23 -1.92 5.89
N ASN F 23 -12.46 -2.66 6.97
CA ASN F 23 -13.44 -2.28 7.98
C ASN F 23 -12.97 -1.11 8.83
N GLY F 24 -11.68 -1.05 9.16
CA GLY F 24 -11.20 0.06 9.96
C GLY F 24 -11.44 1.38 9.24
N LEU F 25 -11.02 1.43 7.99
CA LEU F 25 -11.21 2.63 7.18
C LEU F 25 -12.68 2.86 6.88
N ILE F 26 -13.44 1.78 6.66
CA ILE F 26 -14.86 1.90 6.35
C ILE F 26 -15.62 2.52 7.51
N VAL F 27 -15.26 2.14 8.74
CA VAL F 27 -15.94 2.66 9.90
C VAL F 27 -15.60 4.13 10.13
N SER F 28 -14.30 4.46 10.17
CA SER F 28 -13.89 5.84 10.43
C SER F 28 -14.36 6.79 9.33
N ARG F 29 -14.21 6.38 8.06
CA ARG F 29 -14.64 7.23 6.96
C ARG F 29 -16.16 7.41 6.96
N THR F 30 -16.88 6.32 7.24
CA THR F 30 -18.34 6.37 7.32
C THR F 30 -18.72 7.39 8.36
N ILE F 31 -17.98 7.33 9.46
CA ILE F 31 -18.15 8.23 10.58
C ILE F 31 -17.84 9.66 10.18
N GLU F 32 -16.78 9.83 9.40
CA GLU F 32 -16.33 11.14 8.93
C GLU F 32 -17.42 11.82 8.11
N GLY F 33 -18.14 11.04 7.31
CA GLY F 33 -19.19 11.59 6.49
C GLY F 33 -20.31 12.28 7.27
N ILE F 34 -20.73 11.70 8.40
CA ILE F 34 -21.81 12.29 9.19
C ILE F 34 -21.36 13.55 9.91
N ALA F 35 -20.08 13.60 10.28
CA ALA F 35 -19.53 14.76 10.97
C ALA F 35 -19.54 16.01 10.08
N ARG F 36 -19.20 15.81 8.80
CA ARG F 36 -19.15 16.91 7.84
C ARG F 36 -20.52 17.58 7.66
N GLN F 37 -21.55 16.77 7.45
CA GLN F 37 -22.91 17.29 7.27
C GLN F 37 -23.92 16.51 8.10
N PRO F 38 -24.83 17.22 8.79
CA PRO F 38 -25.85 16.58 9.63
C PRO F 38 -27.02 16.04 8.81
N GLU F 39 -26.75 15.07 7.95
CA GLU F 39 -27.79 14.48 7.12
C GLU F 39 -27.54 12.99 6.91
N LEU F 40 -28.63 12.22 6.93
CA LEU F 40 -28.56 10.76 6.71
C LEU F 40 -27.60 10.10 7.70
N ARG F 41 -27.53 10.63 8.93
CA ARG F 41 -26.61 10.13 9.95
C ARG F 41 -26.77 8.61 10.20
N PRO F 42 -27.98 8.10 10.50
CA PRO F 42 -28.16 6.65 10.72
C PRO F 42 -27.94 5.84 9.45
N VAL F 43 -28.28 6.46 8.31
CA VAL F 43 -28.15 5.81 7.00
C VAL F 43 -26.68 5.51 6.68
N LEU F 44 -25.81 6.48 6.97
CA LEU F 44 -24.37 6.33 6.69
C LEU F 44 -23.78 5.13 7.42
N GLN F 45 -24.00 5.06 8.73
CA GLN F 45 -23.49 3.95 9.52
C GLN F 45 -24.17 2.62 9.15
N THR F 46 -25.47 2.66 8.83
CA THR F 46 -26.20 1.45 8.45
C THR F 46 -25.59 0.82 7.19
N THR F 47 -25.33 1.67 6.19
CA THR F 47 -24.71 1.21 4.94
C THR F 47 -23.33 0.66 5.27
N MET F 48 -22.67 1.32 6.22
CA MET F 48 -21.35 0.89 6.70
C MET F 48 -21.42 -0.54 7.24
N PHE F 49 -22.46 -0.83 8.03
CA PHE F 49 -22.65 -2.15 8.61
C PHE F 49 -22.85 -3.22 7.54
N ILE F 50 -23.62 -2.90 6.50
CA ILE F 50 -23.82 -3.88 5.43
C ILE F 50 -22.50 -4.08 4.69
N GLY F 51 -21.68 -3.03 4.66
CA GLY F 51 -20.36 -3.11 4.06
C GLY F 51 -19.51 -4.09 4.82
N VAL F 52 -19.66 -4.07 6.14
CA VAL F 52 -18.96 -4.97 7.04
C VAL F 52 -19.34 -6.41 6.72
N ALA F 53 -20.64 -6.65 6.55
CA ALA F 53 -21.15 -7.98 6.22
C ALA F 53 -20.60 -8.45 4.89
N LEU F 54 -20.52 -7.53 3.94
CA LEU F 54 -20.04 -7.83 2.61
C LEU F 54 -18.56 -8.22 2.59
N VAL F 55 -17.72 -7.42 3.25
CA VAL F 55 -16.29 -7.69 3.26
C VAL F 55 -15.89 -8.87 4.13
N GLU F 56 -16.62 -9.12 5.22
CA GLU F 56 -16.28 -10.24 6.10
C GLU F 56 -16.74 -11.57 5.52
N ALA F 57 -17.62 -11.51 4.51
CA ALA F 57 -18.10 -12.70 3.84
C ALA F 57 -16.93 -13.43 3.20
N LEU F 58 -16.01 -12.64 2.64
CA LEU F 58 -14.83 -13.16 1.99
C LEU F 58 -13.92 -13.94 2.96
N PRO F 59 -13.51 -13.35 4.13
CA PRO F 59 -12.70 -14.07 5.12
C PRO F 59 -13.37 -15.36 5.59
N ILE F 60 -14.68 -15.32 5.81
CA ILE F 60 -15.40 -16.51 6.26
C ILE F 60 -15.31 -17.62 5.21
N ILE F 61 -15.58 -17.26 3.96
CA ILE F 61 -15.54 -18.23 2.85
C ILE F 61 -14.13 -18.77 2.64
N GLY F 62 -13.15 -17.87 2.63
CA GLY F 62 -11.77 -18.27 2.42
C GLY F 62 -11.24 -19.21 3.50
N VAL F 63 -11.54 -18.90 4.76
CA VAL F 63 -11.09 -19.72 5.88
C VAL F 63 -11.71 -21.12 5.81
N VAL F 64 -13.02 -21.17 5.58
CA VAL F 64 -13.73 -22.44 5.49
C VAL F 64 -13.23 -23.26 4.29
N PHE F 65 -13.05 -22.58 3.16
CA PHE F 65 -12.59 -23.21 1.92
C PHE F 65 -11.20 -23.84 2.12
N SER F 66 -10.29 -23.08 2.73
CA SER F 66 -8.94 -23.57 2.98
C SER F 66 -8.94 -24.77 3.93
N PHE F 67 -9.79 -24.67 4.97
CA PHE F 67 -9.92 -25.73 5.96
C PHE F 67 -10.39 -27.04 5.33
N ILE F 68 -11.44 -26.96 4.51
CA ILE F 68 -11.98 -28.15 3.83
C ILE F 68 -11.00 -28.67 2.78
N TYR F 69 -10.36 -27.77 2.06
CA TYR F 69 -9.41 -28.15 1.02
C TYR F 69 -8.29 -29.01 1.62
N LEU F 70 -7.72 -28.53 2.72
CA LEU F 70 -6.67 -29.28 3.41
C LEU F 70 -7.24 -30.56 4.02
N GLY F 71 -8.44 -30.43 4.61
CA GLY F 71 -9.11 -31.55 5.23
C GLY F 71 -9.46 -32.66 4.25
N ARG F 72 -9.92 -32.28 3.07
CA ARG F 72 -10.29 -33.27 2.05
C ARG F 72 -9.78 -32.85 0.67
N MET G 1 0.50 -32.92 -2.37
CA MET G 1 -0.66 -32.05 -2.72
C MET G 1 -0.68 -30.80 -1.85
N HIS G 2 0.29 -30.70 -0.96
CA HIS G 2 0.39 -29.55 -0.06
C HIS G 2 0.62 -28.25 -0.83
N LEU G 3 1.45 -28.31 -1.87
CA LEU G 3 1.74 -27.15 -2.70
C LEU G 3 0.46 -26.64 -3.38
N GLY G 4 -0.36 -27.57 -3.85
CA GLY G 4 -1.61 -27.22 -4.50
C GLY G 4 -2.56 -26.51 -3.55
N VAL G 5 -2.61 -27.02 -2.31
CA VAL G 5 -3.45 -26.43 -1.28
C VAL G 5 -3.03 -24.99 -1.01
N LEU G 6 -1.71 -24.78 -0.91
CA LEU G 6 -1.16 -23.45 -0.69
C LEU G 6 -1.45 -22.54 -1.87
N ALA G 7 -1.36 -23.06 -3.07
CA ALA G 7 -1.60 -22.27 -4.28
C ALA G 7 -3.02 -21.71 -4.25
N ALA G 8 -3.99 -22.56 -3.94
CA ALA G 8 -5.37 -22.12 -3.86
C ALA G 8 -5.58 -21.22 -2.65
N ALA G 9 -4.95 -21.59 -1.54
CA ALA G 9 -5.07 -20.84 -0.29
C ALA G 9 -4.56 -19.41 -0.43
N ILE G 10 -3.42 -19.25 -1.10
CA ILE G 10 -2.87 -17.92 -1.31
C ILE G 10 -3.68 -17.16 -2.36
N ALA G 11 -4.16 -17.87 -3.38
CA ALA G 11 -4.96 -17.23 -4.44
C ALA G 11 -6.26 -16.69 -3.87
N VAL G 12 -6.89 -17.48 -3.01
CA VAL G 12 -8.13 -17.08 -2.36
C VAL G 12 -7.84 -15.95 -1.39
N GLY G 13 -6.72 -16.07 -0.68
CA GLY G 13 -6.33 -15.03 0.25
C GLY G 13 -6.14 -13.72 -0.48
N LEU G 14 -5.58 -13.83 -1.69
CA LEU G 14 -5.35 -12.68 -2.56
C LEU G 14 -6.70 -12.12 -3.01
N GLY G 15 -7.62 -13.02 -3.37
CA GLY G 15 -8.94 -12.62 -3.81
C GLY G 15 -9.72 -11.92 -2.70
N ALA G 16 -9.63 -12.47 -1.49
CA ALA G 16 -10.31 -11.89 -0.33
C ALA G 16 -9.73 -10.54 0.01
N LEU G 17 -8.41 -10.43 -0.09
CA LEU G 17 -7.72 -9.19 0.19
C LEU G 17 -8.12 -8.08 -0.77
N GLY G 18 -8.09 -8.37 -2.07
CA GLY G 18 -8.44 -7.37 -3.07
C GLY G 18 -9.87 -6.89 -2.97
N ALA G 19 -10.81 -7.82 -2.94
CA ALA G 19 -12.22 -7.46 -2.86
C ALA G 19 -12.57 -6.89 -1.48
N GLY G 20 -11.96 -7.43 -0.43
CA GLY G 20 -12.24 -6.96 0.92
C GLY G 20 -11.88 -5.50 1.12
N ILE G 21 -10.70 -5.11 0.68
CA ILE G 21 -10.29 -3.72 0.83
C ILE G 21 -11.02 -2.84 -0.18
N GLY G 22 -11.23 -3.38 -1.39
CA GLY G 22 -11.92 -2.65 -2.43
C GLY G 22 -13.35 -2.32 -2.04
N ASN G 23 -14.05 -3.31 -1.49
CA ASN G 23 -15.42 -3.14 -1.06
C ASN G 23 -15.54 -2.31 0.21
N GLY G 24 -14.61 -2.47 1.15
CA GLY G 24 -14.69 -1.69 2.35
C GLY G 24 -14.61 -0.21 2.04
N LEU G 25 -13.61 0.16 1.26
CA LEU G 25 -13.44 1.54 0.86
C LEU G 25 -14.56 2.00 -0.06
N ILE G 26 -15.02 1.10 -0.94
CA ILE G 26 -16.09 1.44 -1.87
C ILE G 26 -17.37 1.78 -1.13
N VAL G 27 -17.67 1.03 -0.07
CA VAL G 27 -18.88 1.26 0.68
C VAL G 27 -18.80 2.55 1.48
N SER G 28 -17.74 2.73 2.26
CA SER G 28 -17.60 3.94 3.08
C SER G 28 -17.51 5.20 2.24
N ARG G 29 -16.72 5.17 1.17
CA ARG G 29 -16.57 6.33 0.31
C ARG G 29 -17.87 6.64 -0.41
N THR G 30 -18.56 5.60 -0.87
CA THR G 30 -19.86 5.77 -1.52
C THR G 30 -20.79 6.47 -0.58
N ILE G 31 -20.72 6.04 0.67
CA ILE G 31 -21.50 6.58 1.75
C ILE G 31 -21.12 8.04 2.01
N GLU G 32 -19.82 8.31 1.96
CA GLU G 32 -19.29 9.66 2.20
C GLU G 32 -19.85 10.65 1.19
N GLY G 33 -20.01 10.20 -0.05
CA GLY G 33 -20.52 11.06 -1.10
C GLY G 33 -21.91 11.60 -0.83
N ILE G 34 -22.82 10.76 -0.30
CA ILE G 34 -24.19 11.21 -0.03
C ILE G 34 -24.26 12.16 1.17
N ALA G 35 -23.35 11.99 2.12
CA ALA G 35 -23.31 12.83 3.30
C ALA G 35 -22.96 14.27 2.94
N ARG G 36 -21.99 14.42 2.02
CA ARG G 36 -21.53 15.75 1.59
C ARG G 36 -22.65 16.56 0.94
N GLN G 37 -23.38 15.95 0.01
CA GLN G 37 -24.48 16.64 -0.67
C GLN G 37 -25.72 15.75 -0.73
N PRO G 38 -26.90 16.31 -0.43
CA PRO G 38 -28.17 15.57 -0.46
C PRO G 38 -28.72 15.40 -1.87
N GLU G 39 -27.98 14.69 -2.71
CA GLU G 39 -28.41 14.47 -4.08
C GLU G 39 -27.98 13.09 -4.58
N LEU G 40 -28.87 12.44 -5.34
CA LEU G 40 -28.61 11.11 -5.90
C LEU G 40 -28.25 10.10 -4.80
N ARG G 41 -28.85 10.26 -3.63
CA ARG G 41 -28.55 9.40 -2.47
C ARG G 41 -28.71 7.89 -2.79
N PRO G 42 -29.87 7.43 -3.33
CA PRO G 42 -30.04 6.02 -3.66
C PRO G 42 -29.15 5.59 -4.83
N VAL G 43 -28.89 6.53 -5.74
CA VAL G 43 -28.07 6.27 -6.91
C VAL G 43 -26.62 5.94 -6.52
N LEU G 44 -26.09 6.70 -5.57
CA LEU G 44 -24.72 6.49 -5.11
C LEU G 44 -24.49 5.08 -4.58
N GLN G 45 -25.35 4.66 -3.64
CA GLN G 45 -25.24 3.33 -3.07
C GLN G 45 -25.56 2.23 -4.10
N THR G 46 -26.51 2.49 -5.00
CA THR G 46 -26.85 1.51 -6.04
C THR G 46 -25.65 1.23 -6.94
N THR G 47 -24.97 2.29 -7.37
CA THR G 47 -23.77 2.14 -8.21
C THR G 47 -22.72 1.39 -7.39
N MET G 48 -22.68 1.68 -6.10
CA MET G 48 -21.76 1.01 -5.18
C MET G 48 -22.00 -0.50 -5.19
N PHE G 49 -23.28 -0.89 -5.16
CA PHE G 49 -23.65 -2.31 -5.17
C PHE G 49 -23.20 -3.00 -6.46
N ILE G 50 -23.36 -2.33 -7.60
CA ILE G 50 -22.92 -2.93 -8.86
C ILE G 50 -21.39 -3.05 -8.84
N GLY G 51 -20.74 -2.11 -8.15
CA GLY G 51 -19.30 -2.15 -7.99
C GLY G 51 -18.90 -3.39 -7.23
N VAL G 52 -19.71 -3.72 -6.23
CA VAL G 52 -19.49 -4.90 -5.42
C VAL G 52 -19.56 -6.15 -6.29
N ALA G 53 -20.57 -6.20 -7.16
CA ALA G 53 -20.75 -7.32 -8.07
C ALA G 53 -19.58 -7.45 -9.02
N LEU G 54 -19.08 -6.31 -9.46
CA LEU G 54 -17.97 -6.26 -10.40
C LEU G 54 -16.67 -6.77 -9.77
N VAL G 55 -16.34 -6.28 -8.58
CA VAL G 55 -15.10 -6.67 -7.92
C VAL G 55 -15.13 -8.09 -7.38
N GLU G 56 -16.29 -8.57 -6.92
CA GLU G 56 -16.38 -9.93 -6.38
C GLU G 56 -16.38 -10.98 -7.48
N ALA G 57 -16.62 -10.54 -8.70
CA ALA G 57 -16.62 -11.44 -9.83
C ALA G 57 -15.24 -12.07 -9.99
N LEU G 58 -14.22 -11.24 -9.74
CA LEU G 58 -12.83 -11.67 -9.83
C LEU G 58 -12.51 -12.77 -8.80
N PRO G 59 -12.79 -12.59 -7.48
CA PRO G 59 -12.54 -13.63 -6.48
C PRO G 59 -13.27 -14.94 -6.82
N ILE G 60 -14.51 -14.83 -7.29
CA ILE G 60 -15.28 -16.03 -7.64
C ILE G 60 -14.60 -16.80 -8.78
N ILE G 61 -14.21 -16.07 -9.83
CA ILE G 61 -13.55 -16.67 -10.98
C ILE G 61 -12.19 -17.26 -10.60
N GLY G 62 -11.41 -16.51 -9.84
CA GLY G 62 -10.08 -16.96 -9.43
C GLY G 62 -10.12 -18.21 -8.57
N VAL G 63 -11.05 -18.25 -7.61
CA VAL G 63 -11.18 -19.40 -6.71
C VAL G 63 -11.58 -20.65 -7.50
N VAL G 64 -12.59 -20.51 -8.37
CA VAL G 64 -13.06 -21.62 -9.18
C VAL G 64 -11.97 -22.11 -10.13
N PHE G 65 -11.29 -21.15 -10.75
CA PHE G 65 -10.20 -21.44 -11.70
C PHE G 65 -9.08 -22.23 -11.03
N SER G 66 -8.66 -21.78 -9.86
CA SER G 66 -7.60 -22.45 -9.11
C SER G 66 -8.02 -23.86 -8.70
N PHE G 67 -9.27 -23.98 -8.26
CA PHE G 67 -9.83 -25.26 -7.82
C PHE G 67 -9.81 -26.28 -8.97
N ILE G 68 -10.30 -25.88 -10.13
CA ILE G 68 -10.33 -26.75 -11.31
C ILE G 68 -8.93 -27.05 -11.81
N TYR G 69 -8.06 -26.04 -11.81
CA TYR G 69 -6.69 -26.21 -12.29
C TYR G 69 -5.99 -27.30 -11.49
N LEU G 70 -6.09 -27.22 -10.16
CA LEU G 70 -5.50 -28.22 -9.30
C LEU G 70 -6.22 -29.57 -9.46
N GLY G 71 -7.54 -29.49 -9.56
CA GLY G 71 -8.37 -30.68 -9.72
C GLY G 71 -8.10 -31.42 -11.03
N ARG G 72 -7.90 -30.69 -12.10
CA ARG G 72 -7.64 -31.29 -13.41
C ARG G 72 -6.52 -30.54 -14.14
N MET H 1 3.82 -30.75 -11.42
CA MET H 1 2.96 -29.71 -12.04
C MET H 1 2.41 -28.75 -10.99
N HIS H 2 2.78 -29.01 -9.73
CA HIS H 2 2.34 -28.18 -8.61
C HIS H 2 2.84 -26.74 -8.74
N LEU H 3 4.09 -26.59 -9.18
CA LEU H 3 4.67 -25.26 -9.36
C LEU H 3 3.91 -24.47 -10.41
N GLY H 4 3.50 -25.15 -11.48
CA GLY H 4 2.74 -24.49 -12.54
C GLY H 4 1.40 -24.01 -12.04
N VAL H 5 0.75 -24.83 -11.21
CA VAL H 5 -0.54 -24.49 -10.64
C VAL H 5 -0.41 -23.23 -9.78
N LEU H 6 0.65 -23.19 -8.97
CA LEU H 6 0.92 -22.04 -8.11
C LEU H 6 1.21 -20.80 -8.93
N ALA H 7 1.95 -20.97 -10.03
CA ALA H 7 2.30 -19.84 -10.89
C ALA H 7 1.04 -19.18 -11.42
N ALA H 8 0.11 -19.98 -11.91
CA ALA H 8 -1.14 -19.45 -12.42
C ALA H 8 -2.01 -18.93 -11.28
N ALA H 9 -2.01 -19.65 -10.17
CA ALA H 9 -2.81 -19.28 -8.99
C ALA H 9 -2.39 -17.93 -8.43
N ILE H 10 -1.08 -17.69 -8.35
CA ILE H 10 -0.60 -16.43 -7.84
C ILE H 10 -0.80 -15.32 -8.88
N ALA H 11 -0.64 -15.66 -10.17
CA ALA H 11 -0.82 -14.67 -11.23
C ALA H 11 -2.26 -14.18 -11.28
N VAL H 12 -3.20 -15.12 -11.13
CA VAL H 12 -4.61 -14.80 -11.11
C VAL H 12 -4.94 -14.03 -9.85
N GLY H 13 -4.34 -14.46 -8.74
CA GLY H 13 -4.55 -13.77 -7.48
C GLY H 13 -4.09 -12.34 -7.60
N LEU H 14 -3.00 -12.15 -8.32
CA LEU H 14 -2.43 -10.83 -8.58
C LEU H 14 -3.39 -10.03 -9.46
N GLY H 15 -3.94 -10.70 -10.48
CA GLY H 15 -4.88 -10.07 -11.39
C GLY H 15 -6.14 -9.64 -10.67
N ALA H 16 -6.66 -10.52 -9.81
CA ALA H 16 -7.86 -10.24 -9.04
C ALA H 16 -7.64 -9.09 -8.07
N LEU H 17 -6.46 -9.10 -7.47
CA LEU H 17 -6.09 -8.07 -6.51
C LEU H 17 -6.02 -6.68 -7.16
N GLY H 18 -5.31 -6.60 -8.29
CA GLY H 18 -5.16 -5.33 -8.98
C GLY H 18 -6.47 -4.76 -9.49
N ALA H 19 -7.23 -5.55 -10.22
CA ALA H 19 -8.50 -5.10 -10.74
C ALA H 19 -9.55 -4.92 -9.65
N GLY H 20 -9.53 -5.80 -8.65
CA GLY H 20 -10.48 -5.70 -7.56
C GLY H 20 -10.38 -4.40 -6.78
N ILE H 21 -9.17 -4.01 -6.42
CA ILE H 21 -8.99 -2.77 -5.69
C ILE H 21 -9.15 -1.57 -6.62
N GLY H 22 -8.67 -1.73 -7.86
CA GLY H 22 -8.78 -0.66 -8.84
C GLY H 22 -10.24 -0.32 -9.14
N ASN H 23 -11.04 -1.36 -9.35
CA ASN H 23 -12.46 -1.18 -9.65
C ASN H 23 -13.26 -0.75 -8.43
N GLY H 24 -12.93 -1.26 -7.25
CA GLY H 24 -13.66 -0.86 -6.07
C GLY H 24 -13.54 0.63 -5.85
N LEU H 25 -12.31 1.12 -5.87
CA LEU H 25 -12.05 2.54 -5.70
C LEU H 25 -12.57 3.34 -6.88
N ILE H 26 -12.46 2.78 -8.09
CA ILE H 26 -12.91 3.47 -9.29
C ILE H 26 -14.42 3.72 -9.24
N VAL H 27 -15.17 2.73 -8.75
CA VAL H 27 -16.60 2.84 -8.68
C VAL H 27 -17.03 3.84 -7.62
N SER H 28 -16.53 3.68 -6.39
CA SER H 28 -16.91 4.59 -5.30
C SER H 28 -16.49 6.01 -5.57
N ARG H 29 -15.25 6.22 -6.04
CA ARG H 29 -14.76 7.56 -6.31
C ARG H 29 -15.54 8.20 -7.48
N THR H 30 -15.82 7.39 -8.51
CA THR H 30 -16.60 7.86 -9.64
C THR H 30 -17.94 8.36 -9.14
N ILE H 31 -18.48 7.57 -8.22
CA ILE H 31 -19.74 7.86 -7.58
C ILE H 31 -19.64 9.14 -6.74
N GLU H 32 -18.53 9.29 -6.04
CA GLU H 32 -18.28 10.45 -5.18
C GLU H 32 -18.31 11.74 -6.00
N GLY H 33 -17.77 11.68 -7.21
CA GLY H 33 -17.74 12.86 -8.07
C GLY H 33 -19.12 13.43 -8.40
N ILE H 34 -20.10 12.57 -8.67
CA ILE H 34 -21.44 13.05 -9.02
C ILE H 34 -22.18 13.62 -7.81
N ALA H 35 -21.88 13.09 -6.62
CA ALA H 35 -22.50 13.56 -5.40
C ALA H 35 -22.10 14.99 -5.08
N ARG H 36 -20.82 15.32 -5.29
CA ARG H 36 -20.29 16.65 -5.02
C ARG H 36 -20.98 17.73 -5.88
N GLN H 37 -21.09 17.47 -7.17
CA GLN H 37 -21.73 18.43 -8.08
C GLN H 37 -22.69 17.72 -9.03
N PRO H 38 -23.90 18.29 -9.21
CA PRO H 38 -24.92 17.71 -10.10
C PRO H 38 -24.67 18.01 -11.57
N GLU H 39 -23.55 17.51 -12.08
CA GLU H 39 -23.20 17.73 -13.48
C GLU H 39 -22.49 16.51 -14.07
N LEU H 40 -22.81 16.19 -15.33
CA LEU H 40 -22.22 15.06 -16.04
C LEU H 40 -22.40 13.76 -15.27
N ARG H 41 -23.53 13.63 -14.58
CA ARG H 41 -23.80 12.44 -13.75
C ARG H 41 -23.68 11.12 -14.53
N PRO H 42 -24.37 10.95 -15.68
CA PRO H 42 -24.25 9.71 -16.45
C PRO H 42 -22.86 9.54 -17.08
N VAL H 43 -22.24 10.67 -17.41
CA VAL H 43 -20.92 10.69 -18.02
C VAL H 43 -19.86 10.13 -17.07
N LEU H 44 -19.93 10.51 -15.79
CA LEU H 44 -18.97 10.06 -14.79
C LEU H 44 -18.97 8.54 -14.67
N GLN H 45 -20.15 7.95 -14.46
CA GLN H 45 -20.27 6.50 -14.34
C GLN H 45 -19.93 5.79 -15.66
N THR H 46 -20.30 6.39 -16.79
CA THR H 46 -20.01 5.78 -18.10
C THR H 46 -18.49 5.65 -18.30
N THR H 47 -17.76 6.72 -17.99
CA THR H 47 -16.30 6.71 -18.10
C THR H 47 -15.76 5.65 -17.14
N MET H 48 -16.41 5.55 -15.98
CA MET H 48 -16.06 4.56 -14.97
C MET H 48 -16.15 3.15 -15.55
N PHE H 49 -17.23 2.89 -16.29
CA PHE H 49 -17.45 1.59 -16.90
C PHE H 49 -16.37 1.25 -17.92
N ILE H 50 -15.96 2.23 -18.73
CA ILE H 50 -14.89 1.97 -19.70
C ILE H 50 -13.59 1.72 -18.95
N GLY H 51 -13.45 2.35 -17.78
CA GLY H 51 -12.29 2.12 -16.93
C GLY H 51 -12.25 0.69 -16.47
N VAL H 52 -13.43 0.16 -16.17
CA VAL H 52 -13.59 -1.22 -15.76
C VAL H 52 -13.13 -2.16 -16.87
N ALA H 53 -13.54 -1.85 -18.09
CA ALA H 53 -13.15 -2.64 -19.25
C ALA H 53 -11.65 -2.62 -19.47
N LEU H 54 -11.07 -1.45 -19.25
CA LEU H 54 -9.66 -1.24 -19.41
C LEU H 54 -8.82 -2.02 -18.40
N VAL H 55 -9.18 -1.94 -17.12
CA VAL H 55 -8.43 -2.62 -16.08
C VAL H 55 -8.64 -4.13 -16.06
N GLU H 56 -9.83 -4.59 -16.44
CA GLU H 56 -10.11 -6.04 -16.44
C GLU H 56 -9.47 -6.73 -17.63
N ALA H 57 -9.08 -5.94 -18.62
CA ALA H 57 -8.43 -6.47 -19.81
C ALA H 57 -7.13 -7.15 -19.41
N LEU H 58 -6.44 -6.54 -18.46
CA LEU H 58 -5.18 -7.06 -17.95
C LEU H 58 -5.35 -8.44 -17.28
N PRO H 59 -6.29 -8.61 -16.29
CA PRO H 59 -6.52 -9.92 -15.67
C PRO H 59 -6.88 -10.99 -16.69
N ILE H 60 -7.71 -10.64 -17.68
CA ILE H 60 -8.10 -11.60 -18.70
C ILE H 60 -6.89 -12.07 -19.50
N ILE H 61 -6.08 -11.12 -19.95
CA ILE H 61 -4.88 -11.43 -20.72
C ILE H 61 -3.87 -12.23 -19.91
N GLY H 62 -3.63 -11.81 -18.67
CA GLY H 62 -2.68 -12.48 -17.80
C GLY H 62 -3.08 -13.92 -17.48
N VAL H 63 -4.35 -14.14 -17.19
CA VAL H 63 -4.84 -15.47 -16.88
C VAL H 63 -4.71 -16.40 -18.08
N VAL H 64 -5.14 -15.92 -19.25
CA VAL H 64 -5.06 -16.71 -20.48
C VAL H 64 -3.60 -17.00 -20.84
N PHE H 65 -2.75 -15.98 -20.72
CA PHE H 65 -1.33 -16.09 -21.02
C PHE H 65 -0.66 -17.14 -20.14
N SER H 66 -0.92 -17.08 -18.84
CA SER H 66 -0.34 -18.04 -17.89
C SER H 66 -0.83 -19.47 -18.19
N PHE H 67 -2.12 -19.58 -18.51
CA PHE H 67 -2.72 -20.88 -18.82
C PHE H 67 -2.06 -21.53 -20.03
N ILE H 68 -1.91 -20.76 -21.11
CA ILE H 68 -1.29 -21.25 -22.33
C ILE H 68 0.20 -21.53 -22.12
N TYR H 69 0.88 -20.65 -21.38
CA TYR H 69 2.30 -20.81 -21.12
C TYR H 69 2.56 -22.15 -20.43
N LEU H 70 1.80 -22.44 -19.39
CA LEU H 70 1.93 -23.71 -18.68
C LEU H 70 1.49 -24.86 -19.58
N GLY H 71 0.39 -24.64 -20.31
CA GLY H 71 -0.15 -25.64 -21.22
C GLY H 71 0.80 -26.00 -22.35
N ARG H 72 1.46 -25.01 -22.91
CA ARG H 72 2.40 -25.24 -24.00
C ARG H 72 3.68 -24.43 -23.81
N MET I 1 11.16 -26.41 -16.39
CA MET I 1 10.67 -25.16 -17.03
C MET I 1 9.59 -24.51 -16.17
N HIS I 2 9.28 -25.14 -15.04
CA HIS I 2 8.27 -24.63 -14.12
C HIS I 2 8.67 -23.28 -13.54
N LEU I 3 9.95 -23.12 -13.23
CA LEU I 3 10.46 -21.87 -12.67
C LEU I 3 10.29 -20.73 -13.68
N GLY I 4 10.54 -21.03 -14.95
CA GLY I 4 10.38 -20.03 -16.00
C GLY I 4 8.95 -19.57 -16.13
N VAL I 5 8.03 -20.53 -16.04
CA VAL I 5 6.60 -20.25 -16.13
C VAL I 5 6.19 -19.30 -15.00
N LEU I 6 6.67 -19.61 -13.80
CA LEU I 6 6.39 -18.78 -12.62
C LEU I 6 6.98 -17.39 -12.78
N ALA I 7 8.19 -17.31 -13.34
CA ALA I 7 8.85 -16.03 -13.52
C ALA I 7 8.01 -15.11 -14.40
N ALA I 8 7.52 -15.64 -15.50
CA ALA I 8 6.67 -14.87 -16.39
C ALA I 8 5.31 -14.62 -15.77
N ALA I 9 4.78 -15.63 -15.07
CA ALA I 9 3.48 -15.53 -14.42
C ALA I 9 3.45 -14.45 -13.36
N ILE I 10 4.51 -14.37 -12.55
CA ILE I 10 4.58 -13.36 -11.53
C ILE I 10 4.87 -11.99 -12.14
N ALA I 11 5.68 -11.95 -13.19
CA ALA I 11 6.01 -10.69 -13.86
C ALA I 11 4.77 -10.08 -14.48
N VAL I 12 3.96 -10.92 -15.12
CA VAL I 12 2.72 -10.48 -15.73
C VAL I 12 1.74 -10.08 -14.65
N GLY I 13 1.71 -10.86 -13.57
CA GLY I 13 0.84 -10.55 -12.45
C GLY I 13 1.20 -9.20 -11.90
N LEU I 14 2.49 -8.91 -11.86
CA LEU I 14 3.01 -7.65 -11.40
C LEU I 14 2.60 -6.53 -12.36
N GLY I 15 2.70 -6.82 -13.65
CA GLY I 15 2.32 -5.86 -14.67
C GLY I 15 0.84 -5.54 -14.63
N ALA I 16 0.02 -6.57 -14.45
CA ALA I 16 -1.42 -6.41 -14.36
C ALA I 16 -1.80 -5.62 -13.12
N LEU I 17 -1.12 -5.90 -12.02
CA LEU I 17 -1.36 -5.23 -10.76
C LEU I 17 -1.06 -3.74 -10.85
N GLY I 18 0.12 -3.41 -11.37
CA GLY I 18 0.52 -2.01 -11.48
C GLY I 18 -0.38 -1.19 -12.39
N ALA I 19 -0.60 -1.68 -13.59
CA ALA I 19 -1.45 -0.95 -14.54
C ALA I 19 -2.91 -0.99 -14.12
N GLY I 20 -3.35 -2.12 -13.57
CA GLY I 20 -4.74 -2.25 -13.15
C GLY I 20 -5.14 -1.25 -12.08
N ILE I 21 -4.30 -1.09 -11.06
CA ILE I 21 -4.61 -0.14 -10.00
C ILE I 21 -4.35 1.28 -10.48
N GLY I 22 -3.30 1.44 -11.30
CA GLY I 22 -2.96 2.75 -11.83
C GLY I 22 -4.07 3.30 -12.72
N ASN I 23 -4.58 2.46 -13.60
CA ASN I 23 -5.65 2.85 -14.51
C ASN I 23 -6.99 2.99 -13.81
N GLY I 24 -7.27 2.13 -12.84
CA GLY I 24 -8.54 2.25 -12.14
C GLY I 24 -8.65 3.59 -11.45
N LEU I 25 -7.61 3.94 -10.70
CA LEU I 25 -7.58 5.22 -10.01
C LEU I 25 -7.46 6.37 -10.98
N ILE I 26 -6.72 6.17 -12.07
CA ILE I 26 -6.53 7.23 -13.07
C ILE I 26 -7.86 7.59 -13.72
N VAL I 27 -8.68 6.58 -14.00
CA VAL I 27 -9.96 6.82 -14.65
C VAL I 27 -10.93 7.50 -13.71
N SER I 28 -11.13 6.95 -12.51
CA SER I 28 -12.08 7.54 -11.56
C SER I 28 -11.67 8.93 -11.13
N ARG I 29 -10.39 9.14 -10.82
CA ARG I 29 -9.92 10.45 -10.41
C ARG I 29 -10.03 11.46 -11.55
N THR I 30 -9.69 11.02 -12.76
CA THR I 30 -9.81 11.88 -13.94
C THR I 30 -11.23 12.34 -14.06
N ILE I 31 -12.11 11.38 -13.83
CA ILE I 31 -13.54 11.59 -13.86
C ILE I 31 -13.98 12.56 -12.77
N GLU I 32 -13.40 12.39 -11.58
CA GLU I 32 -13.70 13.23 -10.42
C GLU I 32 -13.39 14.69 -10.71
N GLY I 33 -12.30 14.93 -11.44
CA GLY I 33 -11.91 16.29 -11.76
C GLY I 33 -12.96 17.07 -12.56
N ILE I 34 -13.60 16.42 -13.54
CA ILE I 34 -14.61 17.11 -14.36
C ILE I 34 -15.90 17.38 -13.59
N ALA I 35 -16.20 16.51 -12.64
CA ALA I 35 -17.41 16.66 -11.82
C ALA I 35 -17.32 17.90 -10.94
N ARG I 36 -16.14 18.14 -10.37
CA ARG I 36 -15.92 19.28 -9.48
C ARG I 36 -16.14 20.62 -10.20
N GLN I 37 -15.55 20.77 -11.38
CA GLN I 37 -15.68 22.00 -12.16
C GLN I 37 -15.98 21.69 -13.62
N PRO I 38 -16.95 22.40 -14.22
CA PRO I 38 -17.34 22.21 -15.63
C PRO I 38 -16.38 22.89 -16.59
N GLU I 39 -15.12 22.44 -16.59
CA GLU I 39 -14.12 23.02 -17.47
C GLU I 39 -13.14 21.96 -17.95
N LEU I 40 -12.75 22.06 -19.22
CA LEU I 40 -11.79 21.13 -19.84
C LEU I 40 -12.25 19.67 -19.69
N ARG I 41 -13.57 19.46 -19.75
CA ARG I 41 -14.15 18.13 -19.57
C ARG I 41 -13.55 17.07 -20.52
N PRO I 42 -13.54 17.31 -21.85
CA PRO I 42 -12.96 16.33 -22.79
C PRO I 42 -11.44 16.22 -22.64
N VAL I 43 -10.81 17.33 -22.25
CA VAL I 43 -9.37 17.40 -22.06
C VAL I 43 -8.91 16.48 -20.93
N LEU I 44 -9.67 16.49 -19.82
CA LEU I 44 -9.33 15.68 -18.65
C LEU I 44 -9.29 14.19 -19.00
N GLN I 45 -10.36 13.69 -19.62
CA GLN I 45 -10.44 12.29 -20.00
C GLN I 45 -9.42 11.95 -21.11
N THR I 46 -9.19 12.88 -22.04
CA THR I 46 -8.22 12.65 -23.12
C THR I 46 -6.81 12.44 -22.55
N THR I 47 -6.42 13.29 -21.61
CA THR I 47 -5.11 13.17 -20.96
C THR I 47 -5.08 11.84 -20.22
N MET I 48 -6.23 11.48 -19.64
CA MET I 48 -6.38 10.20 -18.94
C MET I 48 -6.06 9.04 -19.88
N PHE I 49 -6.59 9.10 -21.10
CA PHE I 49 -6.38 8.05 -22.09
C PHE I 49 -4.90 7.92 -22.46
N ILE I 50 -4.20 9.06 -22.62
CA ILE I 50 -2.77 8.98 -22.93
C ILE I 50 -2.03 8.38 -21.74
N GLY I 51 -2.56 8.64 -20.53
CA GLY I 51 -1.99 8.07 -19.33
C GLY I 51 -2.09 6.56 -19.37
N VAL I 52 -3.22 6.09 -19.89
CA VAL I 52 -3.48 4.67 -20.03
C VAL I 52 -2.44 4.06 -20.97
N ALA I 53 -2.19 4.73 -22.09
CA ALA I 53 -1.21 4.28 -23.06
C ALA I 53 0.18 4.22 -22.46
N LEU I 54 0.48 5.21 -21.64
CA LEU I 54 1.78 5.32 -20.99
C LEU I 54 2.02 4.20 -19.98
N VAL I 55 1.05 3.95 -19.11
CA VAL I 55 1.20 2.94 -18.08
C VAL I 55 1.11 1.51 -18.62
N GLU I 56 0.31 1.29 -19.67
CA GLU I 56 0.18 -0.06 -20.24
C GLU I 56 1.38 -0.43 -21.08
N ALA I 57 2.18 0.56 -21.45
CA ALA I 57 3.37 0.34 -22.23
C ALA I 57 4.32 -0.57 -21.46
N LEU I 58 4.38 -0.32 -20.15
CA LEU I 58 5.23 -1.08 -19.25
C LEU I 58 4.83 -2.57 -19.20
N PRO I 59 3.54 -2.92 -18.94
CA PRO I 59 3.11 -4.33 -18.93
C PRO I 59 3.39 -5.02 -20.26
N ILE I 60 3.16 -4.32 -21.38
CA ILE I 60 3.42 -4.91 -22.70
C ILE I 60 4.90 -5.24 -22.87
N ILE I 61 5.77 -4.29 -22.52
CA ILE I 61 7.21 -4.48 -22.63
C ILE I 61 7.71 -5.58 -21.70
N GLY I 62 7.24 -5.55 -20.45
CA GLY I 62 7.66 -6.54 -19.47
C GLY I 62 7.25 -7.96 -19.83
N VAL I 63 6.02 -8.13 -20.31
CA VAL I 63 5.53 -9.45 -20.70
C VAL I 63 6.33 -10.00 -21.88
N VAL I 64 6.53 -9.17 -22.90
CA VAL I 64 7.29 -9.57 -24.09
C VAL I 64 8.74 -9.89 -23.72
N PHE I 65 9.33 -9.03 -22.89
CA PHE I 65 10.71 -9.19 -22.44
C PHE I 65 10.90 -10.51 -21.70
N SER I 66 10.00 -10.81 -20.76
CA SER I 66 10.07 -12.04 -20.00
C SER I 66 9.90 -13.27 -20.90
N PHE I 67 8.97 -13.17 -21.85
CA PHE I 67 8.70 -14.25 -22.79
C PHE I 67 9.94 -14.58 -23.63
N ILE I 68 10.57 -13.55 -24.19
CA ILE I 68 11.76 -13.73 -25.00
C ILE I 68 12.95 -14.20 -24.17
N TYR I 69 13.08 -13.64 -22.96
CA TYR I 69 14.18 -14.01 -22.07
C TYR I 69 14.14 -15.50 -21.78
N LEU I 70 12.97 -16.01 -21.41
CA LEU I 70 12.80 -17.43 -21.15
C LEU I 70 12.96 -18.23 -22.44
N GLY I 71 12.38 -17.71 -23.52
CA GLY I 71 12.46 -18.35 -24.82
C GLY I 71 13.87 -18.46 -25.37
N ARG I 72 14.67 -17.42 -25.18
CA ARG I 72 16.04 -17.42 -25.67
C ARG I 72 16.98 -16.83 -24.61
N MET J 1 19.69 -21.58 -15.39
CA MET J 1 19.52 -20.15 -15.78
C MET J 1 18.11 -19.67 -15.44
N HIS J 2 17.31 -20.57 -14.88
CA HIS J 2 15.93 -20.25 -14.49
C HIS J 2 15.89 -19.16 -13.43
N LEU J 3 16.82 -19.24 -12.46
CA LEU J 3 16.88 -18.25 -11.39
C LEU J 3 17.18 -16.86 -11.96
N GLY J 4 18.06 -16.80 -12.95
CA GLY J 4 18.40 -15.54 -13.58
C GLY J 4 17.22 -14.92 -14.28
N VAL J 5 16.44 -15.77 -14.96
CA VAL J 5 15.25 -15.33 -15.68
C VAL J 5 14.26 -14.73 -14.69
N LEU J 6 14.07 -15.40 -13.56
CA LEU J 6 13.17 -14.92 -12.51
C LEU J 6 13.66 -13.62 -11.91
N ALA J 7 14.98 -13.49 -11.74
CA ALA J 7 15.55 -12.28 -11.16
C ALA J 7 15.21 -11.07 -12.03
N ALA J 8 15.40 -11.22 -13.34
CA ALA J 8 15.08 -10.14 -14.26
C ALA J 8 13.57 -9.95 -14.36
N ALA J 9 12.84 -11.06 -14.37
CA ALA J 9 11.39 -11.02 -14.49
C ALA J 9 10.75 -10.29 -13.32
N ILE J 10 11.23 -10.56 -12.11
CA ILE J 10 10.69 -9.89 -10.94
C ILE J 10 11.16 -8.44 -10.89
N ALA J 11 12.41 -8.18 -11.31
CA ALA J 11 12.94 -6.82 -11.30
C ALA J 11 12.17 -5.94 -12.26
N VAL J 12 11.86 -6.48 -13.44
CA VAL J 12 11.07 -5.76 -14.43
C VAL J 12 9.65 -5.60 -13.94
N GLY J 13 9.13 -6.64 -13.32
CA GLY J 13 7.79 -6.58 -12.76
C GLY J 13 7.71 -5.48 -11.73
N LEU J 14 8.79 -5.36 -10.96
CA LEU J 14 8.91 -4.32 -9.94
C LEU J 14 8.98 -2.96 -10.61
N GLY J 15 9.76 -2.86 -11.69
CA GLY J 15 9.89 -1.62 -12.42
C GLY J 15 8.57 -1.19 -13.04
N ALA J 16 7.85 -2.13 -13.61
CA ALA J 16 6.55 -1.86 -14.24
C ALA J 16 5.54 -1.43 -13.20
N LEU J 17 5.59 -2.09 -12.05
CA LEU J 17 4.68 -1.79 -10.95
C LEU J 17 4.89 -0.37 -10.42
N GLY J 18 6.15 -0.01 -10.15
CA GLY J 18 6.45 1.31 -9.62
C GLY J 18 6.09 2.44 -10.56
N ALA J 19 6.56 2.35 -11.79
CA ALA J 19 6.26 3.39 -12.78
C ALA J 19 4.80 3.37 -13.20
N GLY J 20 4.21 2.18 -13.31
CA GLY J 20 2.82 2.08 -13.71
C GLY J 20 1.87 2.77 -12.77
N ILE J 21 2.05 2.53 -11.47
CA ILE J 21 1.18 3.17 -10.49
C ILE J 21 1.55 4.64 -10.33
N GLY J 22 2.85 4.93 -10.40
CA GLY J 22 3.33 6.29 -10.27
C GLY J 22 2.80 7.17 -11.38
N ASN J 23 2.87 6.68 -12.61
CA ASN J 23 2.40 7.41 -13.77
C ASN J 23 0.88 7.47 -13.85
N GLY J 24 0.20 6.41 -13.46
CA GLY J 24 -1.25 6.44 -13.51
C GLY J 24 -1.78 7.54 -12.61
N LEU J 25 -1.31 7.55 -11.38
CA LEU J 25 -1.72 8.57 -10.42
C LEU J 25 -1.20 9.94 -10.81
N ILE J 26 0.01 9.99 -11.36
CA ILE J 26 0.61 11.26 -11.76
C ILE J 26 -0.20 11.93 -12.87
N VAL J 27 -0.70 11.13 -13.81
CA VAL J 27 -1.47 11.66 -14.90
C VAL J 27 -2.84 12.13 -14.44
N SER J 28 -3.58 11.29 -13.74
CA SER J 28 -4.92 11.66 -13.27
C SER J 28 -4.89 12.84 -12.30
N ARG J 29 -3.97 12.82 -11.35
CA ARG J 29 -3.86 13.90 -10.38
C ARG J 29 -3.44 15.20 -11.06
N THR J 30 -2.49 15.09 -12.00
CA THR J 30 -2.05 16.26 -12.76
C THR J 30 -3.23 16.87 -13.45
N ILE J 31 -4.05 15.98 -14.00
CA ILE J 31 -5.27 16.33 -14.69
C ILE J 31 -6.27 16.98 -13.73
N GLU J 32 -6.36 16.43 -12.53
CA GLU J 32 -7.28 16.92 -11.51
C GLU J 32 -6.95 18.37 -11.14
N GLY J 33 -5.67 18.70 -11.12
CA GLY J 33 -5.26 20.06 -10.77
C GLY J 33 -5.81 21.12 -11.72
N ILE J 34 -5.80 20.85 -13.03
CA ILE J 34 -6.28 21.84 -14.00
C ILE J 34 -7.80 22.00 -13.95
N ALA J 35 -8.50 20.92 -13.60
CA ALA J 35 -9.96 20.96 -13.50
C ALA J 35 -10.42 21.88 -12.38
N ARG J 36 -9.72 21.83 -11.25
CA ARG J 36 -10.06 22.64 -10.08
C ARG J 36 -9.97 24.14 -10.38
N GLN J 37 -8.87 24.56 -10.99
CA GLN J 37 -8.67 25.97 -11.32
C GLN J 37 -8.14 26.13 -12.75
N PRO J 38 -8.72 27.07 -13.52
CA PRO J 38 -8.31 27.32 -14.90
C PRO J 38 -7.03 28.16 -15.00
N GLU J 39 -5.93 27.62 -14.48
CA GLU J 39 -4.66 28.32 -14.52
C GLU J 39 -3.51 27.34 -14.72
N LEU J 40 -2.52 27.77 -15.52
CA LEU J 40 -1.32 26.96 -15.81
C LEU J 40 -1.70 25.58 -16.35
N ARG J 41 -2.78 25.52 -17.13
CA ARG J 41 -3.29 24.26 -17.68
C ARG J 41 -2.21 23.46 -18.45
N PRO J 42 -1.53 24.07 -19.46
CA PRO J 42 -0.49 23.36 -20.21
C PRO J 42 0.74 23.06 -19.35
N VAL J 43 1.00 23.94 -18.38
CA VAL J 43 2.13 23.81 -17.47
C VAL J 43 2.01 22.57 -16.59
N LEU J 44 0.79 22.33 -16.08
CA LEU J 44 0.54 21.19 -15.21
C LEU J 44 0.85 19.86 -15.90
N GLN J 45 0.27 19.67 -17.10
CA GLN J 45 0.50 18.45 -17.86
C GLN J 45 1.97 18.35 -18.33
N THR J 46 2.59 19.48 -18.70
CA THR J 46 3.98 19.47 -19.14
C THR J 46 4.90 18.97 -18.03
N THR J 47 4.70 19.47 -16.81
CA THR J 47 5.49 19.05 -15.66
C THR J 47 5.23 17.56 -15.44
N MET J 48 3.98 17.16 -15.67
CA MET J 48 3.56 15.76 -15.55
C MET J 48 4.39 14.88 -16.49
N PHE J 49 4.56 15.36 -17.73
CA PHE J 49 5.34 14.61 -18.73
C PHE J 49 6.80 14.45 -18.32
N ILE J 50 7.40 15.51 -17.75
CA ILE J 50 8.79 15.39 -17.30
C ILE J 50 8.86 14.41 -16.13
N GLY J 51 7.76 14.36 -15.36
CA GLY J 51 7.67 13.41 -14.26
C GLY J 51 7.70 12.00 -14.79
N VAL J 52 7.03 11.81 -15.92
CA VAL J 52 6.98 10.52 -16.59
C VAL J 52 8.39 10.10 -17.00
N ALA J 53 9.13 11.05 -17.57
CA ALA J 53 10.51 10.79 -18.00
C ALA J 53 11.38 10.42 -16.82
N LEU J 54 11.16 11.11 -15.71
CA LEU J 54 11.92 10.90 -14.50
C LEU J 54 11.68 9.51 -13.89
N VAL J 55 10.42 9.13 -13.75
CA VAL J 55 10.09 7.85 -13.15
C VAL J 55 10.38 6.65 -14.05
N GLU J 56 10.25 6.82 -15.37
CA GLU J 56 10.53 5.71 -16.29
C GLU J 56 12.02 5.48 -16.47
N ALA J 57 12.82 6.46 -16.08
CA ALA J 57 14.26 6.34 -16.17
C ALA J 57 14.73 5.18 -15.31
N LEU J 58 14.09 5.02 -14.16
CA LEU J 58 14.41 3.96 -13.23
C LEU J 58 14.14 2.57 -13.83
N PRO J 59 12.92 2.27 -14.38
CA PRO J 59 12.64 0.98 -15.01
C PRO J 59 13.63 0.67 -16.14
N ILE J 60 13.95 1.68 -16.95
CA ILE J 60 14.88 1.48 -18.06
C ILE J 60 16.26 1.06 -17.54
N ILE J 61 16.76 1.78 -16.54
CA ILE J 61 18.07 1.50 -15.96
C ILE J 61 18.08 0.12 -15.27
N GLY J 62 17.04 -0.15 -14.49
CA GLY J 62 16.95 -1.42 -13.78
C GLY J 62 16.89 -2.63 -14.70
N VAL J 63 16.10 -2.53 -15.76
CA VAL J 63 15.96 -3.63 -16.72
C VAL J 63 17.29 -3.89 -17.43
N VAL J 64 17.93 -2.82 -17.90
CA VAL J 64 19.21 -2.94 -18.59
C VAL J 64 20.29 -3.49 -17.65
N PHE J 65 20.31 -2.97 -16.43
CA PHE J 65 21.27 -3.38 -15.41
C PHE J 65 21.15 -4.88 -15.11
N SER J 66 19.92 -5.34 -14.89
CA SER J 66 19.66 -6.75 -14.60
C SER J 66 20.07 -7.64 -15.78
N PHE J 67 19.75 -7.18 -16.99
CA PHE J 67 20.07 -7.91 -18.21
C PHE J 67 21.59 -8.11 -18.35
N ILE J 68 22.34 -7.03 -18.18
CA ILE J 68 23.80 -7.09 -18.29
C ILE J 68 24.41 -7.89 -17.14
N TYR J 69 23.86 -7.72 -15.94
CA TYR J 69 24.37 -8.43 -14.77
C TYR J 69 24.29 -9.94 -15.00
N LEU J 70 23.13 -10.40 -15.44
CA LEU J 70 22.95 -11.82 -15.74
C LEU J 70 23.81 -12.23 -16.94
N GLY J 71 23.83 -11.36 -17.95
CA GLY J 71 24.61 -11.61 -19.15
C GLY J 71 26.10 -11.70 -18.90
N ARG J 72 26.62 -10.83 -18.05
CA ARG J 72 28.04 -10.83 -17.73
C ARG J 72 28.27 -10.66 -16.23
N MET A 1 25.35 -19.77 -7.93
CA MET A 1 25.89 -18.38 -7.92
C MET A 1 24.90 -17.41 -8.55
N HIS A 2 23.73 -17.93 -8.91
CA HIS A 2 22.69 -17.12 -9.53
C HIS A 2 21.93 -16.31 -8.49
N LEU A 3 22.15 -16.64 -7.21
CA LEU A 3 21.51 -15.94 -6.11
C LEU A 3 21.90 -14.47 -6.08
N GLY A 4 23.18 -14.20 -6.36
CA GLY A 4 23.67 -12.84 -6.37
C GLY A 4 22.98 -11.97 -7.42
N VAL A 5 22.74 -12.55 -8.59
CA VAL A 5 22.07 -11.84 -9.68
C VAL A 5 20.67 -11.42 -9.24
N LEU A 6 19.95 -12.36 -8.62
CA LEU A 6 18.60 -12.10 -8.13
C LEU A 6 18.62 -11.10 -6.99
N ALA A 7 19.63 -11.18 -6.13
CA ALA A 7 19.74 -10.27 -5.00
C ALA A 7 19.82 -8.83 -5.47
N ALA A 8 20.68 -8.58 -6.45
CA ALA A 8 20.82 -7.26 -7.02
C ALA A 8 19.58 -6.85 -7.82
N ALA A 9 19.04 -7.82 -8.57
CA ALA A 9 17.85 -7.58 -9.40
C ALA A 9 16.65 -7.23 -8.55
N ILE A 10 16.46 -7.91 -7.43
CA ILE A 10 15.34 -7.61 -6.57
C ILE A 10 15.58 -6.31 -5.81
N ALA A 11 16.85 -6.04 -5.46
CA ALA A 11 17.19 -4.81 -4.76
C ALA A 11 16.93 -3.59 -5.62
N VAL A 12 17.31 -3.67 -6.90
CA VAL A 12 17.07 -2.57 -7.82
C VAL A 12 15.60 -2.48 -8.13
N GLY A 13 14.93 -3.64 -8.17
CA GLY A 13 13.51 -3.66 -8.40
C GLY A 13 12.80 -2.95 -7.27
N LEU A 14 13.29 -3.18 -6.04
CA LEU A 14 12.75 -2.52 -4.85
C LEU A 14 13.01 -1.03 -4.92
N GLY A 15 14.22 -0.67 -5.37
CA GLY A 15 14.59 0.72 -5.51
C GLY A 15 13.73 1.43 -6.54
N ALA A 16 13.48 0.75 -7.65
CA ALA A 16 12.66 1.29 -8.72
C ALA A 16 11.21 1.47 -8.26
N LEU A 17 10.74 0.50 -7.49
CA LEU A 17 9.38 0.53 -6.97
C LEU A 17 9.16 1.72 -6.04
N GLY A 18 10.03 1.86 -5.04
CA GLY A 18 9.91 2.94 -4.08
C GLY A 18 10.07 4.31 -4.69
N ALA A 19 11.16 4.50 -5.41
CA ALA A 19 11.44 5.77 -6.06
C ALA A 19 10.43 6.07 -7.14
N GLY A 20 10.02 5.03 -7.88
CA GLY A 20 9.08 5.22 -8.96
C GLY A 20 7.75 5.79 -8.48
N ILE A 21 7.19 5.21 -7.44
CA ILE A 21 5.91 5.72 -6.94
C ILE A 21 6.11 7.04 -6.21
N GLY A 22 7.24 7.16 -5.51
CA GLY A 22 7.55 8.38 -4.78
C GLY A 22 7.68 9.58 -5.68
N ASN A 23 8.43 9.41 -6.77
CA ASN A 23 8.66 10.49 -7.74
C ASN A 23 7.42 10.78 -8.59
N GLY A 24 6.69 9.74 -8.98
CA GLY A 24 5.50 9.97 -9.78
C GLY A 24 4.51 10.82 -9.00
N LEU A 25 4.25 10.41 -7.77
CA LEU A 25 3.35 11.16 -6.92
C LEU A 25 3.93 12.51 -6.53
N ILE A 26 5.25 12.57 -6.33
CA ILE A 26 5.88 13.84 -5.96
C ILE A 26 5.66 14.88 -7.06
N VAL A 27 5.71 14.45 -8.32
CA VAL A 27 5.53 15.37 -9.44
C VAL A 27 4.08 15.80 -9.57
N SER A 28 3.15 14.84 -9.60
CA SER A 28 1.72 15.18 -9.76
C SER A 28 1.20 16.00 -8.57
N ARG A 29 1.62 15.63 -7.36
CA ARG A 29 1.22 16.35 -6.16
C ARG A 29 1.81 17.75 -6.15
N THR A 30 3.07 17.86 -6.56
CA THR A 30 3.73 19.15 -6.65
C THR A 30 2.95 20.04 -7.58
N ILE A 31 2.52 19.42 -8.67
CA ILE A 31 1.73 20.08 -9.68
C ILE A 31 0.41 20.58 -9.09
N GLU A 32 -0.22 19.71 -8.29
CA GLU A 32 -1.47 20.06 -7.62
C GLU A 32 -1.29 21.22 -6.65
N GLY A 33 -0.13 21.25 -5.98
CA GLY A 33 0.13 22.31 -5.03
C GLY A 33 0.17 23.69 -5.66
N ILE A 34 0.83 23.83 -6.80
CA ILE A 34 0.93 25.13 -7.46
C ILE A 34 -0.36 25.44 -8.23
N ALA A 35 -1.06 24.39 -8.66
CA ALA A 35 -2.30 24.54 -9.39
C ALA A 35 -3.41 25.13 -8.52
N ARG A 36 -3.49 24.68 -7.26
CA ARG A 36 -4.52 25.14 -6.33
C ARG A 36 -4.38 26.63 -6.04
N GLN A 37 -3.17 27.05 -5.67
CA GLN A 37 -2.91 28.46 -5.37
C GLN A 37 -1.69 28.95 -6.14
N PRO A 38 -1.83 30.08 -6.85
CA PRO A 38 -0.73 30.66 -7.63
C PRO A 38 0.27 31.41 -6.75
N GLU A 39 0.82 30.72 -5.75
CA GLU A 39 1.80 31.33 -4.86
C GLU A 39 3.16 30.65 -5.00
N LEU A 40 4.14 31.41 -5.48
CA LEU A 40 5.51 30.91 -5.66
C LEU A 40 5.53 29.60 -6.45
N ARG A 41 4.93 29.62 -7.64
CA ARG A 41 4.85 28.43 -8.49
C ARG A 41 6.23 27.83 -8.82
N PRO A 42 7.21 28.63 -9.31
CA PRO A 42 8.55 28.10 -9.64
C PRO A 42 9.28 27.55 -8.41
N VAL A 43 9.07 28.19 -7.27
CA VAL A 43 9.71 27.76 -6.02
C VAL A 43 9.20 26.38 -5.60
N LEU A 44 7.90 26.19 -5.69
CA LEU A 44 7.28 24.92 -5.32
C LEU A 44 7.73 23.77 -6.23
N GLN A 45 7.75 24.03 -7.54
CA GLN A 45 8.16 23.01 -8.50
C GLN A 45 9.67 22.72 -8.35
N THR A 46 10.47 23.75 -8.06
CA THR A 46 11.91 23.54 -7.84
C THR A 46 12.14 22.74 -6.55
N THR A 47 11.25 22.92 -5.57
CA THR A 47 11.30 22.15 -4.32
C THR A 47 11.08 20.69 -4.72
N MET A 48 10.17 20.49 -5.67
CA MET A 48 9.89 19.16 -6.20
C MET A 48 11.16 18.55 -6.78
N PHE A 49 11.92 19.36 -7.55
CA PHE A 49 13.16 18.89 -8.17
C PHE A 49 14.19 18.49 -7.12
N ILE A 50 14.32 19.26 -6.05
CA ILE A 50 15.27 18.88 -5.00
C ILE A 50 14.75 17.63 -4.31
N GLY A 51 13.41 17.49 -4.30
CA GLY A 51 12.77 16.33 -3.72
C GLY A 51 13.12 15.07 -4.49
N VAL A 52 13.14 15.16 -5.83
CA VAL A 52 13.47 14.00 -6.66
C VAL A 52 14.95 13.67 -6.49
N ALA A 53 15.77 14.69 -6.28
CA ALA A 53 17.20 14.50 -6.04
C ALA A 53 17.43 13.76 -4.74
N LEU A 54 16.64 14.12 -3.74
CA LEU A 54 16.71 13.52 -2.42
C LEU A 54 16.26 12.07 -2.43
N VAL A 55 15.12 11.82 -3.04
CA VAL A 55 14.57 10.47 -3.11
C VAL A 55 15.38 9.55 -4.03
N GLU A 56 15.96 10.09 -5.10
CA GLU A 56 16.75 9.27 -6.03
C GLU A 56 18.12 8.92 -5.47
N ALA A 57 18.53 9.65 -4.44
CA ALA A 57 19.81 9.40 -3.79
C ALA A 57 19.80 7.98 -3.23
N LEU A 58 18.65 7.59 -2.68
CA LEU A 58 18.46 6.27 -2.10
C LEU A 58 18.63 5.15 -3.14
N PRO A 59 17.93 5.18 -4.31
CA PRO A 59 18.10 4.17 -5.36
C PRO A 59 19.54 4.06 -5.81
N ILE A 60 20.22 5.20 -5.94
CA ILE A 60 21.62 5.20 -6.36
C ILE A 60 22.49 4.46 -5.34
N ILE A 61 22.29 4.79 -4.06
CA ILE A 61 23.05 4.17 -2.97
C ILE A 61 22.78 2.66 -2.89
N GLY A 62 21.50 2.29 -2.95
CA GLY A 62 21.12 0.88 -2.85
C GLY A 62 21.67 0.04 -3.99
N VAL A 63 21.60 0.56 -5.21
CA VAL A 63 22.09 -0.17 -6.38
C VAL A 63 23.60 -0.36 -6.33
N VAL A 64 24.35 0.70 -5.99
CA VAL A 64 25.80 0.60 -5.94
C VAL A 64 26.25 -0.28 -4.77
N PHE A 65 25.54 -0.21 -3.65
CA PHE A 65 25.87 -1.03 -2.49
C PHE A 65 25.65 -2.50 -2.80
N SER A 66 24.55 -2.79 -3.50
CA SER A 66 24.24 -4.17 -3.88
C SER A 66 25.34 -4.71 -4.80
N PHE A 67 25.79 -3.84 -5.71
CA PHE A 67 26.86 -4.17 -6.65
C PHE A 67 28.13 -4.55 -5.90
N ILE A 68 28.51 -3.71 -4.92
CA ILE A 68 29.70 -3.95 -4.12
C ILE A 68 29.57 -5.23 -3.28
N TYR A 69 28.40 -5.45 -2.68
CA TYR A 69 28.19 -6.64 -1.86
C TYR A 69 28.40 -7.90 -2.69
N LEU A 70 27.87 -7.89 -3.91
CA LEU A 70 28.04 -9.01 -4.82
C LEU A 70 29.50 -9.11 -5.26
N GLY A 71 30.10 -7.96 -5.55
CA GLY A 71 31.49 -7.89 -5.97
C GLY A 71 32.46 -8.32 -4.90
N ARG A 72 32.21 -7.93 -3.66
CA ARG A 72 33.08 -8.30 -2.54
C ARG A 72 32.27 -8.93 -1.41
N MET B 1 27.06 -19.06 0.71
CA MET B 1 27.42 -17.79 1.40
C MET B 1 26.84 -16.59 0.66
N HIS B 2 26.06 -16.87 -0.37
CA HIS B 2 25.43 -15.82 -1.17
C HIS B 2 24.19 -15.26 -0.46
N LEU B 3 23.75 -15.96 0.58
CA LEU B 3 22.58 -15.56 1.36
C LEU B 3 22.81 -14.20 2.02
N GLY B 4 24.03 -13.98 2.51
CA GLY B 4 24.36 -12.73 3.15
C GLY B 4 24.25 -11.53 2.20
N VAL B 5 24.68 -11.73 0.96
CA VAL B 5 24.62 -10.67 -0.04
C VAL B 5 23.17 -10.27 -0.29
N LEU B 6 22.30 -11.26 -0.42
CA LEU B 6 20.88 -11.02 -0.63
C LEU B 6 20.24 -10.40 0.59
N ALA B 7 20.68 -10.82 1.77
CA ALA B 7 20.12 -10.28 3.02
C ALA B 7 20.34 -8.79 3.09
N ALA B 8 21.56 -8.35 2.81
CA ALA B 8 21.88 -6.94 2.81
C ALA B 8 21.21 -6.21 1.65
N ALA B 9 21.20 -6.86 0.49
CA ALA B 9 20.59 -6.29 -0.71
C ALA B 9 19.10 -6.07 -0.54
N ILE B 10 18.40 -7.03 0.07
CA ILE B 10 16.98 -6.88 0.30
C ILE B 10 16.73 -5.87 1.41
N ALA B 11 17.61 -5.85 2.41
CA ALA B 11 17.46 -4.90 3.52
C ALA B 11 17.60 -3.47 3.05
N VAL B 12 18.59 -3.22 2.18
CA VAL B 12 18.78 -1.88 1.63
C VAL B 12 17.67 -1.56 0.66
N GLY B 13 17.20 -2.60 -0.04
CA GLY B 13 16.09 -2.41 -0.96
C GLY B 13 14.86 -1.99 -0.19
N LEU B 14 14.67 -2.60 0.99
CA LEU B 14 13.56 -2.26 1.86
C LEU B 14 13.72 -0.83 2.37
N GLY B 15 14.96 -0.49 2.73
CA GLY B 15 15.26 0.85 3.21
C GLY B 15 15.00 1.89 2.15
N ALA B 16 15.40 1.58 0.92
CA ALA B 16 15.20 2.49 -0.21
C ALA B 16 13.73 2.66 -0.51
N LEU B 17 12.99 1.56 -0.42
CA LEU B 17 11.55 1.58 -0.67
C LEU B 17 10.81 2.46 0.33
N GLY B 18 11.05 2.24 1.62
CA GLY B 18 10.36 3.01 2.64
C GLY B 18 10.74 4.48 2.64
N ALA B 19 12.03 4.74 2.66
CA ALA B 19 12.51 6.11 2.65
C ALA B 19 12.18 6.81 1.34
N GLY B 20 12.27 6.07 0.24
CA GLY B 20 12.00 6.65 -1.05
C GLY B 20 10.59 7.18 -1.19
N ILE B 21 9.60 6.39 -0.79
CA ILE B 21 8.23 6.85 -0.89
C ILE B 21 7.93 7.88 0.19
N GLY B 22 8.53 7.69 1.37
CA GLY B 22 8.34 8.62 2.47
C GLY B 22 8.84 10.01 2.16
N ASN B 23 10.05 10.09 1.61
CA ASN B 23 10.67 11.37 1.26
C ASN B 23 10.03 12.00 0.02
N GLY B 24 9.68 11.19 -0.97
CA GLY B 24 9.04 11.76 -2.15
C GLY B 24 7.75 12.45 -1.77
N LEU B 25 6.92 11.73 -1.04
CA LEU B 25 5.66 12.28 -0.57
C LEU B 25 5.87 13.40 0.43
N ILE B 26 6.90 13.29 1.28
CA ILE B 26 7.16 14.32 2.27
C ILE B 26 7.47 15.65 1.58
N VAL B 27 8.19 15.60 0.46
CA VAL B 27 8.54 16.79 -0.27
C VAL B 27 7.34 17.40 -0.99
N SER B 28 6.62 16.59 -1.77
CA SER B 28 5.45 17.09 -2.52
C SER B 28 4.35 17.57 -1.58
N ARG B 29 4.12 16.84 -0.49
CA ARG B 29 3.10 17.22 0.48
C ARG B 29 3.51 18.50 1.20
N THR B 30 4.80 18.60 1.54
CA THR B 30 5.33 19.80 2.18
C THR B 30 5.08 20.99 1.29
N ILE B 31 5.31 20.75 0.02
CA ILE B 31 5.11 21.74 -1.01
C ILE B 31 3.64 22.16 -1.06
N GLU B 32 2.75 21.18 -0.98
CA GLU B 32 1.31 21.44 -0.99
C GLU B 32 0.90 22.25 0.24
N GLY B 33 1.53 21.98 1.38
CA GLY B 33 1.21 22.70 2.60
C GLY B 33 1.47 24.18 2.51
N ILE B 34 2.62 24.58 1.95
CA ILE B 34 2.95 26.00 1.85
C ILE B 34 2.22 26.64 0.66
N ALA B 35 1.92 25.83 -0.33
CA ALA B 35 1.21 26.29 -1.52
C ALA B 35 -0.22 26.73 -1.20
N ARG B 36 -0.90 25.94 -0.36
CA ARG B 36 -2.30 26.22 0.00
C ARG B 36 -2.43 27.54 0.76
N GLN B 37 -1.60 27.72 1.79
CA GLN B 37 -1.63 28.95 2.57
C GLN B 37 -0.23 29.52 2.72
N PRO B 38 -0.06 30.82 2.40
CA PRO B 38 1.25 31.48 2.49
C PRO B 38 1.62 31.86 3.94
N GLU B 39 1.61 30.86 4.82
CA GLU B 39 1.95 31.08 6.22
C GLU B 39 3.22 30.35 6.60
N LEU B 40 4.26 31.11 6.93
CA LEU B 40 5.57 30.55 7.33
C LEU B 40 6.07 29.53 6.32
N ARG B 41 6.18 29.94 5.05
CA ARG B 41 6.62 29.06 3.97
C ARG B 41 8.00 28.44 4.23
N PRO B 42 9.04 29.26 4.57
CA PRO B 42 10.39 28.71 4.83
C PRO B 42 10.42 27.78 6.04
N VAL B 43 9.61 28.07 7.04
CA VAL B 43 9.55 27.25 8.25
C VAL B 43 9.00 25.86 7.92
N LEU B 44 7.94 25.83 7.13
CA LEU B 44 7.30 24.58 6.75
C LEU B 44 8.23 23.70 5.91
N GLN B 45 8.90 24.31 4.93
CA GLN B 45 9.82 23.58 4.06
C GLN B 45 11.04 23.11 4.86
N THR B 46 11.51 23.92 5.82
CA THR B 46 12.64 23.52 6.65
C THR B 46 12.23 22.38 7.59
N THR B 47 10.95 22.36 7.98
CA THR B 47 10.42 21.26 8.79
C THR B 47 10.52 20.00 7.94
N MET B 48 10.25 20.16 6.64
CA MET B 48 10.37 19.08 5.67
C MET B 48 11.80 18.54 5.67
N PHE B 49 12.78 19.45 5.66
CA PHE B 49 14.19 19.07 5.67
C PHE B 49 14.57 18.28 6.92
N ILE B 50 14.08 18.70 8.08
CA ILE B 50 14.38 17.95 9.30
C ILE B 50 13.66 16.61 9.22
N GLY B 51 12.52 16.61 8.52
CA GLY B 51 11.75 15.39 8.32
C GLY B 51 12.52 14.38 7.50
N VAL B 52 13.22 14.84 6.46
CA VAL B 52 14.01 13.94 5.61
C VAL B 52 15.21 13.43 6.40
N ALA B 53 15.74 14.27 7.30
CA ALA B 53 16.86 13.88 8.15
C ALA B 53 16.43 12.78 9.11
N LEU B 54 15.22 12.92 9.62
CA LEU B 54 14.65 11.97 10.55
C LEU B 54 14.36 10.63 9.88
N VAL B 55 13.71 10.67 8.73
CA VAL B 55 13.36 9.46 8.00
C VAL B 55 14.58 8.76 7.40
N GLU B 56 15.60 9.53 6.99
CA GLU B 56 16.81 8.93 6.40
C GLU B 56 17.72 8.31 7.46
N ALA B 57 17.48 8.67 8.71
CA ALA B 57 18.26 8.12 9.80
C ALA B 57 18.06 6.61 9.84
N LEU B 58 16.83 6.19 9.58
CA LEU B 58 16.46 4.79 9.58
C LEU B 58 17.21 4.00 8.49
N PRO B 59 17.20 4.43 7.19
CA PRO B 59 17.95 3.75 6.13
C PRO B 59 19.43 3.63 6.47
N ILE B 60 20.00 4.69 7.04
CA ILE B 60 21.41 4.67 7.40
C ILE B 60 21.67 3.58 8.45
N ILE B 61 20.84 3.56 9.49
CA ILE B 61 20.97 2.59 10.57
C ILE B 61 20.79 1.16 10.06
N GLY B 62 19.75 0.94 9.25
CA GLY B 62 19.48 -0.39 8.73
C GLY B 62 20.58 -0.92 7.84
N VAL B 63 21.11 -0.08 6.97
CA VAL B 63 22.18 -0.49 6.04
C VAL B 63 23.46 -0.84 6.80
N VAL B 64 23.86 0.01 7.77
CA VAL B 64 25.09 -0.24 8.52
C VAL B 64 24.93 -1.45 9.44
N PHE B 65 23.74 -1.64 10.00
CA PHE B 65 23.48 -2.78 10.88
C PHE B 65 23.55 -4.07 10.08
N SER B 66 22.98 -4.05 8.87
CA SER B 66 23.01 -5.23 7.99
C SER B 66 24.45 -5.57 7.65
N PHE B 67 25.25 -4.53 7.41
CA PHE B 67 26.65 -4.69 7.08
C PHE B 67 27.39 -5.39 8.23
N ILE B 68 27.16 -4.91 9.45
CA ILE B 68 27.79 -5.47 10.64
C ILE B 68 27.33 -6.92 10.88
N TYR B 69 26.03 -7.19 10.71
CA TYR B 69 25.51 -8.54 10.91
C TYR B 69 26.20 -9.52 9.97
N LEU B 70 26.36 -9.11 8.72
CA LEU B 70 27.06 -9.93 7.74
C LEU B 70 28.54 -10.05 8.11
N GLY B 71 29.12 -8.93 8.51
CA GLY B 71 30.52 -8.87 8.89
C GLY B 71 30.84 -9.69 10.12
N ARG B 72 29.96 -9.64 11.12
CA ARG B 72 30.16 -10.40 12.35
C ARG B 72 28.93 -11.24 12.68
N MET C 1 24.10 -20.97 8.81
CA MET C 1 23.97 -19.99 9.92
C MET C 1 23.76 -18.58 9.39
N HIS C 2 23.65 -18.49 8.06
CA HIS C 2 23.44 -17.19 7.41
C HIS C 2 21.98 -16.75 7.50
N LEU C 3 21.12 -17.67 7.93
CA LEU C 3 19.70 -17.38 8.08
C LEU C 3 19.46 -16.30 9.13
N GLY C 4 20.24 -16.36 10.21
CA GLY C 4 20.11 -15.37 11.27
C GLY C 4 20.41 -13.96 10.80
N VAL C 5 21.44 -13.83 9.95
CA VAL C 5 21.83 -12.53 9.41
C VAL C 5 20.69 -11.94 8.61
N LEU C 6 20.08 -12.77 7.76
CA LEU C 6 18.96 -12.34 6.93
C LEU C 6 17.74 -12.03 7.79
N ALA C 7 17.53 -12.81 8.84
CA ALA C 7 16.39 -12.60 9.72
C ALA C 7 16.44 -11.21 10.33
N ALA C 8 17.60 -10.84 10.85
CA ALA C 8 17.76 -9.52 11.43
C ALA C 8 17.74 -8.43 10.36
N ALA C 9 18.38 -8.72 9.22
CA ALA C 9 18.43 -7.77 8.12
C ALA C 9 17.05 -7.47 7.55
N ILE C 10 16.21 -8.49 7.42
CA ILE C 10 14.87 -8.28 6.91
C ILE C 10 14.01 -7.61 7.98
N ALA C 11 14.24 -7.95 9.25
CA ALA C 11 13.49 -7.36 10.35
C ALA C 11 13.75 -5.86 10.46
N VAL C 12 15.02 -5.47 10.33
CA VAL C 12 15.38 -4.07 10.38
C VAL C 12 14.91 -3.38 9.12
N GLY C 13 14.94 -4.12 8.01
CA GLY C 13 14.45 -3.58 6.76
C GLY C 13 12.97 -3.27 6.88
N LEU C 14 12.25 -4.17 7.56
CA LEU C 14 10.82 -4.00 7.78
C LEU C 14 10.59 -2.80 8.71
N GLY C 15 11.45 -2.69 9.72
CA GLY C 15 11.37 -1.57 10.66
C GLY C 15 11.62 -0.25 9.98
N ALA C 16 12.62 -0.23 9.10
CA ALA C 16 12.97 0.97 8.35
C ALA C 16 11.85 1.36 7.40
N LEU C 17 11.24 0.36 6.79
CA LEU C 17 10.14 0.59 5.86
C LEU C 17 8.93 1.22 6.54
N GLY C 18 8.49 0.61 7.63
CA GLY C 18 7.32 1.12 8.35
C GLY C 18 7.55 2.48 8.95
N ALA C 19 8.62 2.61 9.71
CA ALA C 19 8.94 3.88 10.35
C ALA C 19 9.29 4.93 9.33
N GLY C 20 9.98 4.54 8.27
CA GLY C 20 10.38 5.49 7.25
C GLY C 20 9.21 6.16 6.58
N ILE C 21 8.21 5.39 6.17
CA ILE C 21 7.05 5.99 5.52
C ILE C 21 6.17 6.69 6.56
N GLY C 22 6.10 6.12 7.76
CA GLY C 22 5.30 6.70 8.82
C GLY C 22 5.80 8.08 9.24
N ASN C 23 7.11 8.19 9.43
CA ASN C 23 7.73 9.45 9.83
C ASN C 23 7.77 10.47 8.69
N GLY C 24 8.04 10.02 7.47
CA GLY C 24 8.07 10.95 6.37
C GLY C 24 6.72 11.62 6.20
N LEU C 25 5.67 10.81 6.18
CA LEU C 25 4.32 11.32 6.07
C LEU C 25 3.91 12.09 7.31
N ILE C 26 4.36 11.64 8.49
CA ILE C 26 4.01 12.32 9.73
C ILE C 26 4.54 13.75 9.72
N VAL C 27 5.74 13.95 9.16
CA VAL C 27 6.33 15.27 9.10
C VAL C 27 5.63 16.16 8.09
N SER C 28 5.47 15.68 6.84
CA SER C 28 4.82 16.49 5.80
C SER C 28 3.36 16.79 6.13
N ARG C 29 2.66 15.79 6.68
CA ARG C 29 1.26 15.98 7.07
C ARG C 29 1.15 16.96 8.23
N THR C 30 2.08 16.84 9.18
CA THR C 30 2.12 17.74 10.33
C THR C 30 2.27 19.15 9.83
N ILE C 31 3.15 19.27 8.84
CA ILE C 31 3.44 20.52 8.20
C ILE C 31 2.17 21.08 7.54
N GLU C 32 1.43 20.21 6.86
CA GLU C 32 0.20 20.59 6.20
C GLU C 32 -0.84 21.05 7.22
N GLY C 33 -0.87 20.41 8.38
CA GLY C 33 -1.82 20.78 9.41
C GLY C 33 -1.65 22.20 9.92
N ILE C 34 -0.41 22.62 10.17
CA ILE C 34 -0.17 23.98 10.67
C ILE C 34 -0.22 24.99 9.53
N ALA C 35 0.08 24.53 8.32
CA ALA C 35 0.05 25.39 7.13
C ALA C 35 -1.37 25.84 6.79
N ARG C 36 -2.33 24.92 6.90
CA ARG C 36 -3.72 25.22 6.57
C ARG C 36 -4.31 26.27 7.50
N GLN C 37 -4.15 26.07 8.80
CA GLN C 37 -4.66 27.02 9.79
C GLN C 37 -3.56 27.39 10.78
N PRO C 38 -3.35 28.70 11.00
CA PRO C 38 -2.33 29.18 11.93
C PRO C 38 -2.78 29.09 13.39
N GLU C 39 -3.17 27.89 13.81
CA GLU C 39 -3.62 27.68 15.19
C GLU C 39 -2.66 26.74 15.92
N LEU C 40 -1.99 27.28 16.96
CA LEU C 40 -1.06 26.51 17.78
C LEU C 40 -0.02 25.77 16.91
N ARG C 41 0.67 26.52 16.06
CA ARG C 41 1.67 25.94 15.15
C ARG C 41 2.76 25.15 15.89
N PRO C 42 3.42 25.72 16.93
CA PRO C 42 4.48 25.00 17.66
C PRO C 42 3.96 23.76 18.38
N VAL C 43 2.73 23.83 18.87
CA VAL C 43 2.11 22.71 19.57
C VAL C 43 1.90 21.53 18.62
N LEU C 44 1.40 21.83 17.43
CA LEU C 44 1.13 20.81 16.43
C LEU C 44 2.42 20.12 15.96
N GLN C 45 3.46 20.92 15.70
CA GLN C 45 4.74 20.38 15.24
C GLN C 45 5.41 19.59 16.38
N THR C 46 5.26 20.05 17.63
CA THR C 46 5.83 19.32 18.77
C THR C 46 5.07 18.00 18.97
N THR C 47 3.78 17.99 18.63
CA THR C 47 2.98 16.76 18.69
C THR C 47 3.59 15.80 17.69
N MET C 48 4.01 16.35 16.55
CA MET C 48 4.69 15.57 15.51
C MET C 48 5.95 14.93 16.08
N PHE C 49 6.73 15.71 16.84
CA PHE C 49 7.96 15.20 17.45
C PHE C 49 7.69 14.06 18.42
N ILE C 50 6.65 14.17 19.23
CA ILE C 50 6.32 13.09 20.15
C ILE C 50 5.84 11.89 19.33
N GLY C 51 5.23 12.20 18.18
CA GLY C 51 4.76 11.17 17.27
C GLY C 51 5.91 10.36 16.70
N VAL C 52 7.01 11.04 16.36
CA VAL C 52 8.18 10.34 15.81
C VAL C 52 8.84 9.51 16.91
N ALA C 53 8.77 10.02 18.14
CA ALA C 53 9.31 9.29 19.29
C ALA C 53 8.54 8.01 19.52
N LEU C 54 7.22 8.12 19.37
CA LEU C 54 6.33 6.99 19.55
C LEU C 54 6.51 5.93 18.47
N VAL C 55 6.54 6.36 17.22
CA VAL C 55 6.70 5.44 16.10
C VAL C 55 8.11 4.84 16.03
N GLU C 56 9.14 5.59 16.45
CA GLU C 56 10.51 5.09 16.40
C GLU C 56 10.78 4.10 17.53
N ALA C 57 9.92 4.11 18.54
CA ALA C 57 10.07 3.19 19.65
C ALA C 57 9.98 1.76 19.14
N LEU C 58 9.07 1.56 18.19
CA LEU C 58 8.86 0.26 17.58
C LEU C 58 10.12 -0.26 16.85
N PRO C 59 10.74 0.52 15.92
CA PRO C 59 11.98 0.10 15.25
C PRO C 59 13.08 -0.25 16.23
N ILE C 60 13.21 0.55 17.30
CA ILE C 60 14.22 0.29 18.31
C ILE C 60 13.98 -1.07 18.98
N ILE C 61 12.73 -1.31 19.38
CA ILE C 61 12.36 -2.56 20.03
C ILE C 61 12.56 -3.76 19.11
N GLY C 62 12.10 -3.65 17.87
CA GLY C 62 12.23 -4.73 16.91
C GLY C 62 13.67 -5.09 16.60
N VAL C 63 14.51 -4.08 16.41
CA VAL C 63 15.92 -4.32 16.08
C VAL C 63 16.66 -4.99 17.26
N VAL C 64 16.45 -4.49 18.48
CA VAL C 64 17.12 -5.07 19.64
C VAL C 64 16.60 -6.47 19.96
N PHE C 65 15.30 -6.69 19.75
CA PHE C 65 14.71 -8.01 19.99
C PHE C 65 15.27 -9.02 19.00
N SER C 66 15.41 -8.60 17.74
CA SER C 66 15.96 -9.48 16.70
C SER C 66 17.39 -9.84 17.05
N PHE C 67 18.13 -8.85 17.56
CA PHE C 67 19.52 -9.05 17.97
C PHE C 67 19.59 -10.11 19.07
N ILE C 68 18.74 -9.98 20.08
CA ILE C 68 18.70 -10.92 21.20
C ILE C 68 18.29 -12.33 20.74
N TYR C 69 17.28 -12.41 19.86
CA TYR C 69 16.82 -13.71 19.36
C TYR C 69 17.97 -14.44 18.67
N LEU C 70 18.72 -13.70 17.86
CA LEU C 70 19.87 -14.28 17.18
C LEU C 70 20.95 -14.64 18.19
N GLY C 71 21.17 -13.73 19.14
CA GLY C 71 22.17 -13.92 20.19
C GLY C 71 21.86 -15.09 21.10
N ARG C 72 20.59 -15.25 21.47
CA ARG C 72 20.18 -16.33 22.35
C ARG C 72 19.02 -17.12 21.74
N MET D 1 17.56 -24.82 13.27
CA MET D 1 16.81 -24.20 14.39
C MET D 1 16.82 -22.68 14.27
N HIS D 2 17.38 -22.19 13.17
CA HIS D 2 17.46 -20.75 12.92
C HIS D 2 16.13 -20.22 12.38
N LEU D 3 15.24 -21.14 12.01
CA LEU D 3 13.93 -20.78 11.49
C LEU D 3 13.12 -20.02 12.53
N GLY D 4 13.22 -20.46 13.79
CA GLY D 4 12.50 -19.81 14.87
C GLY D 4 12.90 -18.36 15.06
N VAL D 5 14.20 -18.09 14.94
CA VAL D 5 14.73 -16.73 15.08
C VAL D 5 14.13 -15.83 14.02
N LEU D 6 14.10 -16.31 12.78
CA LEU D 6 13.54 -15.56 11.67
C LEU D 6 12.04 -15.40 11.82
N ALA D 7 11.37 -16.42 12.34
CA ALA D 7 9.92 -16.37 12.53
C ALA D 7 9.55 -15.22 13.46
N ALA D 8 10.26 -15.13 14.58
CA ALA D 8 10.01 -14.05 15.52
C ALA D 8 10.46 -12.71 14.96
N ALA D 9 11.61 -12.72 14.28
CA ALA D 9 12.16 -11.49 13.70
C ALA D 9 11.25 -10.92 12.63
N ILE D 10 10.67 -11.76 11.79
CA ILE D 10 9.78 -11.29 10.76
C ILE D 10 8.44 -10.87 11.38
N ALA D 11 8.01 -11.60 12.43
CA ALA D 11 6.77 -11.28 13.11
C ALA D 11 6.83 -9.91 13.77
N VAL D 12 7.96 -9.62 14.42
CA VAL D 12 8.14 -8.32 15.06
C VAL D 12 8.34 -7.26 14.00
N GLY D 13 8.99 -7.64 12.90
CA GLY D 13 9.17 -6.73 11.80
C GLY D 13 7.82 -6.32 11.24
N LEU D 14 6.92 -7.30 11.15
CA LEU D 14 5.57 -7.07 10.67
C LEU D 14 4.82 -6.18 11.64
N GLY D 15 5.02 -6.44 12.93
CA GLY D 15 4.39 -5.64 13.98
C GLY D 15 4.87 -4.21 13.94
N ALA D 16 6.17 -4.04 13.75
CA ALA D 16 6.78 -2.71 13.67
C ALA D 16 6.28 -1.95 12.45
N LEU D 17 6.14 -2.68 11.35
CA LEU D 17 5.68 -2.09 10.10
C LEU D 17 4.24 -1.56 10.23
N GLY D 18 3.34 -2.42 10.70
CA GLY D 18 1.95 -2.02 10.83
C GLY D 18 1.73 -0.92 11.84
N ALA D 19 2.24 -1.12 13.04
CA ALA D 19 2.11 -0.13 14.09
C ALA D 19 2.86 1.15 13.75
N GLY D 20 4.02 1.00 13.14
CA GLY D 20 4.82 2.17 12.80
C GLY D 20 4.11 3.11 11.86
N ILE D 21 3.52 2.59 10.78
CA ILE D 21 2.83 3.45 9.85
C ILE D 21 1.50 3.91 10.44
N GLY D 22 0.86 3.03 11.21
CA GLY D 22 -0.40 3.36 11.83
C GLY D 22 -0.29 4.50 12.82
N ASN D 23 0.72 4.42 13.69
CA ASN D 23 0.96 5.45 14.69
C ASN D 23 1.50 6.74 14.10
N GLY D 24 2.39 6.64 13.11
CA GLY D 24 2.92 7.85 12.51
C GLY D 24 1.81 8.66 11.89
N LEU D 25 0.98 8.00 11.09
CA LEU D 25 -0.15 8.64 10.47
C LEU D 25 -1.20 9.06 11.49
N ILE D 26 -1.39 8.25 12.54
CA ILE D 26 -2.37 8.58 13.56
C ILE D 26 -2.01 9.90 14.24
N VAL D 27 -0.72 10.12 14.45
CA VAL D 27 -0.27 11.34 15.10
C VAL D 27 -0.40 12.55 14.19
N SER D 28 0.13 12.46 12.96
CA SER D 28 0.07 13.60 12.02
C SER D 28 -1.38 13.92 11.63
N ARG D 29 -2.20 12.89 11.43
CA ARG D 29 -3.61 13.09 11.08
C ARG D 29 -4.36 13.70 12.26
N THR D 30 -4.05 13.22 13.47
CA THR D 30 -4.67 13.75 14.67
C THR D 30 -4.38 15.22 14.77
N ILE D 31 -3.12 15.53 14.44
CA ILE D 31 -2.63 16.88 14.44
C ILE D 31 -3.41 17.73 13.43
N GLU D 32 -3.63 17.16 12.25
CA GLU D 32 -4.38 17.84 11.20
C GLU D 32 -5.83 18.09 11.62
N GLY D 33 -6.40 17.14 12.36
CA GLY D 33 -7.77 17.29 12.82
C GLY D 33 -7.99 18.49 13.73
N ILE D 34 -7.09 18.70 14.69
CA ILE D 34 -7.23 19.82 15.62
C ILE D 34 -6.75 21.13 14.97
N ALA D 35 -5.84 21.00 14.01
CA ALA D 35 -5.32 22.15 13.29
C ALA D 35 -6.38 22.82 12.43
N ARG D 36 -7.20 22.00 11.75
CA ARG D 36 -8.24 22.51 10.85
C ARG D 36 -9.29 23.31 11.61
N GLN D 37 -9.81 22.74 12.69
CA GLN D 37 -10.82 23.40 13.51
C GLN D 37 -10.42 23.37 14.98
N PRO D 38 -10.43 24.53 15.65
CA PRO D 38 -10.08 24.62 17.06
C PRO D 38 -11.21 24.16 17.98
N GLU D 39 -11.68 22.94 17.78
CA GLU D 39 -12.75 22.38 18.60
C GLU D 39 -12.26 21.19 19.40
N LEU D 40 -12.25 21.34 20.73
CA LEU D 40 -11.82 20.29 21.65
C LEU D 40 -10.44 19.72 21.26
N ARG D 41 -9.45 20.62 21.15
CA ARG D 41 -8.09 20.23 20.75
C ARG D 41 -7.48 19.16 21.67
N PRO D 42 -7.49 19.34 23.02
CA PRO D 42 -6.93 18.35 23.94
C PRO D 42 -7.65 17.00 23.89
N VAL D 43 -8.97 17.06 23.67
CA VAL D 43 -9.77 15.84 23.60
C VAL D 43 -9.39 15.01 22.37
N LEU D 44 -9.22 15.69 21.25
CA LEU D 44 -8.86 15.02 20.00
C LEU D 44 -7.47 14.38 20.08
N GLN D 45 -6.51 15.12 20.63
CA GLN D 45 -5.14 14.60 20.75
C GLN D 45 -5.09 13.46 21.79
N THR D 46 -5.90 13.56 22.85
CA THR D 46 -5.94 12.48 23.85
C THR D 46 -6.61 11.24 23.24
N THR D 47 -7.54 11.45 22.31
CA THR D 47 -8.17 10.34 21.59
C THR D 47 -7.06 9.65 20.80
N MET D 48 -6.14 10.47 20.27
CA MET D 48 -4.99 9.96 19.53
C MET D 48 -4.16 9.06 20.45
N PHE D 49 -3.94 9.51 21.68
CA PHE D 49 -3.17 8.74 22.66
C PHE D 49 -3.82 7.39 22.97
N ILE D 50 -5.13 7.37 23.13
CA ILE D 50 -5.80 6.09 23.39
C ILE D 50 -5.72 5.24 22.12
N GLY D 51 -5.66 5.92 20.98
CA GLY D 51 -5.53 5.24 19.70
C GLY D 51 -4.20 4.53 19.59
N VAL D 52 -3.13 5.18 20.07
CA VAL D 52 -1.80 4.55 20.01
C VAL D 52 -1.75 3.38 21.00
N ALA D 53 -2.48 3.51 22.11
CA ALA D 53 -2.55 2.44 23.10
C ALA D 53 -3.25 1.22 22.52
N LEU D 54 -4.29 1.50 21.74
CA LEU D 54 -5.08 0.46 21.11
C LEU D 54 -4.29 -0.26 20.03
N VAL D 55 -3.66 0.51 19.15
CA VAL D 55 -2.88 -0.06 18.06
C VAL D 55 -1.60 -0.75 18.54
N GLU D 56 -0.98 -0.25 19.62
CA GLU D 56 0.25 -0.86 20.14
C GLU D 56 -0.03 -2.14 20.90
N ALA D 57 -1.29 -2.35 21.28
CA ALA D 57 -1.67 -3.55 21.98
C ALA D 57 -1.39 -4.76 21.10
N LEU D 58 -1.66 -4.59 19.81
CA LEU D 58 -1.44 -5.64 18.82
C LEU D 58 0.05 -6.04 18.73
N PRO D 59 1.01 -5.08 18.52
CA PRO D 59 2.44 -5.42 18.49
C PRO D 59 2.89 -6.14 19.74
N ILE D 60 2.40 -5.70 20.90
CA ILE D 60 2.77 -6.33 22.16
C ILE D 60 2.32 -7.79 22.18
N ILE D 61 1.06 -8.02 21.80
CA ILE D 61 0.48 -9.37 21.77
C ILE D 61 1.22 -10.26 20.77
N GLY D 62 1.45 -9.75 19.57
CA GLY D 62 2.13 -10.52 18.54
C GLY D 62 3.55 -10.92 18.92
N VAL D 63 4.30 -9.98 19.49
CA VAL D 63 5.68 -10.25 19.88
C VAL D 63 5.76 -11.29 21.00
N VAL D 64 4.90 -11.15 22.02
CA VAL D 64 4.93 -12.10 23.14
C VAL D 64 4.42 -13.47 22.72
N PHE D 65 3.43 -13.51 21.82
CA PHE D 65 2.90 -14.77 21.33
C PHE D 65 3.94 -15.50 20.51
N SER D 66 4.69 -14.76 19.69
CA SER D 66 5.75 -15.34 18.88
C SER D 66 6.81 -15.94 19.78
N PHE D 67 7.12 -15.21 20.86
CA PHE D 67 8.11 -15.64 21.84
C PHE D 67 7.67 -16.98 22.46
N ILE D 68 6.42 -17.06 22.87
CA ILE D 68 5.88 -18.27 23.48
C ILE D 68 5.85 -19.44 22.49
N TYR D 69 5.46 -19.17 21.24
CA TYR D 69 5.40 -20.23 20.22
C TYR D 69 6.79 -20.83 20.02
N LEU D 70 7.81 -19.98 19.98
CA LEU D 70 9.17 -20.44 19.84
C LEU D 70 9.61 -21.17 21.12
N GLY D 71 9.24 -20.60 22.26
CA GLY D 71 9.57 -21.17 23.55
C GLY D 71 8.91 -22.52 23.80
N ARG D 72 7.66 -22.65 23.39
CA ARG D 72 6.93 -23.90 23.57
C ARG D 72 6.30 -24.36 22.26
N MET E 1 9.96 -29.13 12.33
CA MET E 1 8.69 -28.80 13.04
C MET E 1 8.66 -27.31 13.40
N HIS E 2 9.68 -26.58 12.94
CA HIS E 2 9.77 -25.15 13.20
C HIS E 2 8.88 -24.36 12.25
N LEU E 3 8.37 -25.04 11.23
CA LEU E 3 7.49 -24.42 10.24
C LEU E 3 6.20 -23.93 10.89
N GLY E 4 5.68 -24.71 11.84
CA GLY E 4 4.46 -24.32 12.54
C GLY E 4 4.62 -23.04 13.32
N VAL E 5 5.77 -22.88 13.97
CA VAL E 5 6.06 -21.68 14.75
C VAL E 5 6.02 -20.45 13.85
N LEU E 6 6.67 -20.56 12.69
CA LEU E 6 6.71 -19.46 11.73
C LEU E 6 5.33 -19.21 11.14
N ALA E 7 4.56 -20.27 10.91
CA ALA E 7 3.23 -20.13 10.34
C ALA E 7 2.35 -19.27 11.25
N ALA E 8 2.38 -19.57 12.54
CA ALA E 8 1.60 -18.79 13.50
C ALA E 8 2.19 -17.40 13.67
N ALA E 9 3.52 -17.32 13.71
CA ALA E 9 4.21 -16.04 13.87
C ALA E 9 3.94 -15.09 12.71
N ILE E 10 3.93 -15.60 11.50
CA ILE E 10 3.66 -14.77 10.34
C ILE E 10 2.17 -14.43 10.29
N ALA E 11 1.32 -15.37 10.70
CA ALA E 11 -0.12 -15.14 10.71
C ALA E 11 -0.50 -14.03 11.68
N VAL E 12 0.11 -14.05 12.86
CA VAL E 12 -0.15 -13.02 13.86
C VAL E 12 0.49 -11.73 13.42
N GLY E 13 1.63 -11.84 12.75
CA GLY E 13 2.29 -10.66 12.22
C GLY E 13 1.41 -9.99 11.20
N LEU E 14 0.74 -10.81 10.38
CA LEU E 14 -0.18 -10.31 9.37
C LEU E 14 -1.38 -9.67 10.04
N GLY E 15 -1.86 -10.32 11.12
CA GLY E 15 -2.98 -9.80 11.87
C GLY E 15 -2.65 -8.47 12.50
N ALA E 16 -1.45 -8.37 13.07
CA ALA E 16 -0.99 -7.15 13.70
C ALA E 16 -0.84 -6.02 12.68
N LEU E 17 -0.34 -6.38 11.51
CA LEU E 17 -0.14 -5.42 10.44
C LEU E 17 -1.47 -4.82 9.97
N GLY E 18 -2.43 -5.67 9.64
CA GLY E 18 -3.72 -5.21 9.15
C GLY E 18 -4.50 -4.43 10.18
N ALA E 19 -4.65 -5.00 11.36
CA ALA E 19 -5.38 -4.36 12.43
C ALA E 19 -4.65 -3.12 12.92
N GLY E 20 -3.32 -3.19 12.97
CA GLY E 20 -2.54 -2.06 13.43
C GLY E 20 -2.73 -0.81 12.60
N ILE E 21 -2.65 -0.95 11.28
CA ILE E 21 -2.82 0.21 10.43
C ILE E 21 -4.30 0.61 10.36
N GLY E 22 -5.18 -0.39 10.39
CA GLY E 22 -6.61 -0.14 10.35
C GLY E 22 -7.09 0.65 11.55
N ASN E 23 -6.67 0.24 12.74
CA ASN E 23 -7.05 0.90 13.97
C ASN E 23 -6.35 2.25 14.16
N GLY E 24 -5.09 2.35 13.77
CA GLY E 24 -4.41 3.63 13.92
C GLY E 24 -5.10 4.69 13.09
N LEU E 25 -5.35 4.36 11.83
CA LEU E 25 -6.05 5.26 10.94
C LEU E 25 -7.49 5.46 11.35
N ILE E 26 -8.14 4.41 11.87
CA ILE E 26 -9.52 4.52 12.29
C ILE E 26 -9.66 5.55 13.41
N VAL E 27 -8.68 5.58 14.32
CA VAL E 27 -8.71 6.52 15.42
C VAL E 27 -8.44 7.95 14.97
N SER E 28 -7.35 8.16 14.23
CA SER E 28 -7.00 9.52 13.77
C SER E 28 -8.06 10.08 12.82
N ARG E 29 -8.59 9.24 11.93
CA ARG E 29 -9.62 9.66 10.99
C ARG E 29 -10.91 9.98 11.74
N THR E 30 -11.24 9.14 12.72
CA THR E 30 -12.43 9.36 13.55
C THR E 30 -12.32 10.71 14.21
N ILE E 31 -11.11 10.97 14.67
CA ILE E 31 -10.77 12.22 15.33
C ILE E 31 -10.98 13.39 14.36
N GLU E 32 -10.53 13.20 13.12
CA GLU E 32 -10.67 14.23 12.09
C GLU E 32 -12.14 14.48 11.77
N GLY E 33 -12.95 13.42 11.80
CA GLY E 33 -14.37 13.56 11.51
C GLY E 33 -15.09 14.46 12.50
N ILE E 34 -14.84 14.30 13.80
CA ILE E 34 -15.51 15.11 14.80
C ILE E 34 -14.86 16.49 14.90
N ALA E 35 -13.58 16.57 14.55
CA ALA E 35 -12.84 17.83 14.58
C ALA E 35 -13.35 18.81 13.53
N ARG E 36 -13.64 18.31 12.33
CA ARG E 36 -14.11 19.15 11.23
C ARG E 36 -15.46 19.79 11.54
N GLN E 37 -16.42 18.98 11.98
CA GLN E 37 -17.75 19.48 12.33
C GLN E 37 -18.16 18.99 13.70
N PRO E 38 -18.59 19.91 14.59
CA PRO E 38 -19.02 19.55 15.94
C PRO E 38 -20.43 18.95 15.97
N GLU E 39 -20.64 17.89 15.21
CA GLU E 39 -21.93 17.24 15.15
C GLU E 39 -21.85 15.82 15.71
N LEU E 40 -22.54 15.58 16.83
CA LEU E 40 -22.56 14.26 17.48
C LEU E 40 -21.15 13.71 17.69
N ARG E 41 -20.31 14.50 18.38
CA ARG E 41 -18.92 14.11 18.64
C ARG E 41 -18.80 12.77 19.37
N PRO E 42 -19.51 12.55 20.51
CA PRO E 42 -19.42 11.29 21.25
C PRO E 42 -19.93 10.09 20.44
N VAL E 43 -20.94 10.33 19.62
CA VAL E 43 -21.52 9.27 18.78
C VAL E 43 -20.49 8.79 17.74
N LEU E 44 -19.82 9.74 17.12
CA LEU E 44 -18.83 9.43 16.10
C LEU E 44 -17.64 8.67 16.68
N GLN E 45 -17.14 9.12 17.83
CA GLN E 45 -16.01 8.47 18.48
C GLN E 45 -16.42 7.08 18.99
N THR E 46 -17.66 6.94 19.48
CA THR E 46 -18.14 5.64 19.94
C THR E 46 -18.30 4.68 18.75
N THR E 47 -18.64 5.25 17.58
CA THR E 47 -18.74 4.46 16.35
C THR E 47 -17.33 3.92 16.07
N MET E 48 -16.33 4.76 16.34
CA MET E 48 -14.93 4.38 16.20
C MET E 48 -14.63 3.17 17.08
N PHE E 49 -15.11 3.23 18.33
CA PHE E 49 -14.89 2.13 19.29
C PHE E 49 -15.51 0.83 18.81
N ILE E 50 -16.73 0.88 18.27
CA ILE E 50 -17.35 -0.33 17.75
C ILE E 50 -16.56 -0.80 16.52
N GLY E 51 -15.97 0.18 15.83
CA GLY E 51 -15.15 -0.11 14.67
C GLY E 51 -13.92 -0.89 15.04
N VAL E 52 -13.28 -0.52 16.16
CA VAL E 52 -12.08 -1.22 16.61
C VAL E 52 -12.46 -2.62 17.08
N ALA E 53 -13.66 -2.75 17.66
CA ALA E 53 -14.16 -4.05 18.10
C ALA E 53 -14.37 -4.97 16.91
N LEU E 54 -14.89 -4.39 15.84
CA LEU E 54 -15.16 -5.12 14.61
C LEU E 54 -13.88 -5.57 13.93
N VAL E 55 -12.94 -4.64 13.77
CA VAL E 55 -11.68 -4.95 13.11
C VAL E 55 -10.78 -5.87 13.95
N GLU E 56 -10.85 -5.76 15.28
CA GLU E 56 -10.02 -6.61 16.15
C GLU E 56 -10.57 -8.03 16.25
N ALA E 57 -11.82 -8.20 15.86
CA ALA E 57 -12.42 -9.52 15.87
C ALA E 57 -11.65 -10.45 14.94
N LEU E 58 -11.23 -9.89 13.82
CA LEU E 58 -10.45 -10.63 12.82
C LEU E 58 -9.11 -11.12 13.37
N PRO E 59 -8.25 -10.25 13.98
CA PRO E 59 -6.98 -10.68 14.59
C PRO E 59 -7.19 -11.78 15.62
N ILE E 60 -8.24 -11.64 16.44
CA ILE E 60 -8.52 -12.65 17.45
C ILE E 60 -8.83 -14.01 16.81
N ILE E 61 -9.69 -13.99 15.79
CA ILE E 61 -10.07 -15.20 15.08
C ILE E 61 -8.87 -15.85 14.37
N GLY E 62 -8.08 -15.04 13.68
CA GLY E 62 -6.93 -15.54 12.96
C GLY E 62 -5.88 -16.16 13.87
N VAL E 63 -5.60 -15.51 14.99
CA VAL E 63 -4.59 -16.00 15.93
C VAL E 63 -5.03 -17.33 16.57
N VAL E 64 -6.30 -17.41 17.01
CA VAL E 64 -6.78 -18.63 17.65
C VAL E 64 -6.92 -19.77 16.63
N PHE E 65 -7.29 -19.45 15.40
CA PHE E 65 -7.41 -20.46 14.35
C PHE E 65 -6.04 -21.03 14.01
N SER E 66 -5.04 -20.15 13.95
CA SER E 66 -3.68 -20.57 13.65
C SER E 66 -3.19 -21.51 14.75
N PHE E 67 -3.53 -21.16 15.99
CA PHE E 67 -3.16 -21.95 17.16
C PHE E 67 -3.75 -23.35 17.05
N ILE E 68 -5.04 -23.43 16.73
CA ILE E 68 -5.73 -24.71 16.57
C ILE E 68 -5.15 -25.53 15.42
N TYR E 69 -4.87 -24.88 14.29
CA TYR E 69 -4.32 -25.59 13.12
C TYR E 69 -3.00 -26.24 13.49
N LEU E 70 -2.16 -25.51 14.23
CA LEU E 70 -0.88 -26.04 14.68
C LEU E 70 -1.12 -27.15 15.70
N GLY E 71 -2.06 -26.89 16.62
CA GLY E 71 -2.40 -27.85 17.65
C GLY E 71 -2.99 -29.14 17.12
N ARG E 72 -3.86 -29.03 16.12
CA ARG E 72 -4.50 -30.20 15.52
C ARG E 72 -4.32 -30.20 14.00
N MET F 1 4.24 -32.24 6.39
CA MET F 1 2.78 -32.00 6.42
C MET F 1 2.46 -30.68 7.13
N HIS F 2 3.52 -29.96 7.49
CA HIS F 2 3.37 -28.67 8.17
C HIS F 2 3.03 -27.56 7.18
N LEU F 3 3.17 -27.87 5.90
CA LEU F 3 2.88 -26.91 4.84
C LEU F 3 1.41 -26.49 4.86
N GLY F 4 0.53 -27.47 5.13
CA GLY F 4 -0.90 -27.19 5.18
C GLY F 4 -1.26 -26.20 6.27
N VAL F 5 -0.61 -26.34 7.43
CA VAL F 5 -0.85 -25.46 8.56
C VAL F 5 -0.51 -24.02 8.19
N LEU F 6 0.65 -23.85 7.55
CA LEU F 6 1.11 -22.54 7.10
C LEU F 6 0.22 -21.99 6.01
N ALA F 7 -0.25 -22.87 5.12
CA ALA F 7 -1.12 -22.44 4.03
C ALA F 7 -2.39 -21.79 4.57
N ALA F 8 -3.02 -22.46 5.54
CA ALA F 8 -4.22 -21.92 6.15
C ALA F 8 -3.90 -20.69 7.00
N ALA F 9 -2.78 -20.75 7.72
CA ALA F 9 -2.36 -19.66 8.59
C ALA F 9 -2.07 -18.39 7.79
N ILE F 10 -1.42 -18.53 6.65
CA ILE F 10 -1.12 -17.37 5.82
C ILE F 10 -2.39 -16.88 5.13
N ALA F 11 -3.26 -17.83 4.75
CA ALA F 11 -4.51 -17.46 4.10
C ALA F 11 -5.42 -16.66 5.02
N VAL F 12 -5.50 -17.07 6.29
CA VAL F 12 -6.31 -16.35 7.26
C VAL F 12 -5.62 -15.06 7.62
N GLY F 13 -4.29 -15.08 7.62
CA GLY F 13 -3.53 -13.87 7.87
C GLY F 13 -3.82 -12.85 6.80
N LEU F 14 -3.90 -13.33 5.55
CA LEU F 14 -4.21 -12.48 4.41
C LEU F 14 -5.63 -11.95 4.54
N GLY F 15 -6.54 -12.82 4.97
CA GLY F 15 -7.93 -12.44 5.16
C GLY F 15 -8.07 -11.38 6.25
N ALA F 16 -7.33 -11.57 7.34
CA ALA F 16 -7.34 -10.62 8.45
C ALA F 16 -6.77 -9.29 8.03
N LEU F 17 -5.71 -9.33 7.23
CA LEU F 17 -5.06 -8.12 6.75
C LEU F 17 -5.99 -7.29 5.87
N GLY F 18 -6.59 -7.92 4.86
CA GLY F 18 -7.48 -7.21 3.95
C GLY F 18 -8.73 -6.69 4.62
N ALA F 19 -9.42 -7.57 5.32
CA ALA F 19 -10.63 -7.18 6.01
C ALA F 19 -10.35 -6.22 7.15
N GLY F 20 -9.23 -6.42 7.83
CA GLY F 20 -8.89 -5.56 8.95
C GLY F 20 -8.70 -4.11 8.54
N ILE F 21 -7.94 -3.87 7.47
CA ILE F 21 -7.74 -2.50 7.03
C ILE F 21 -9.00 -1.97 6.36
N GLY F 22 -9.70 -2.85 5.64
CA GLY F 22 -10.92 -2.45 4.95
C GLY F 22 -12.00 -1.99 5.91
N ASN F 23 -12.21 -2.77 6.96
CA ASN F 23 -13.23 -2.46 7.98
C ASN F 23 -12.82 -1.30 8.87
N GLY F 24 -11.54 -1.22 9.24
CA GLY F 24 -11.12 -0.10 10.07
C GLY F 24 -11.36 1.22 9.36
N LEU F 25 -10.91 1.29 8.12
CA LEU F 25 -11.10 2.48 7.32
C LEU F 25 -12.58 2.69 6.98
N ILE F 26 -13.31 1.60 6.75
CA ILE F 26 -14.73 1.72 6.42
C ILE F 26 -15.49 2.39 7.57
N VAL F 27 -15.11 2.06 8.80
CA VAL F 27 -15.77 2.63 9.96
C VAL F 27 -15.40 4.10 10.16
N SER F 28 -14.11 4.42 10.17
CA SER F 28 -13.66 5.80 10.37
C SER F 28 -14.13 6.71 9.24
N ARG F 29 -14.06 6.22 8.00
CA ARG F 29 -14.49 7.00 6.84
C ARG F 29 -16.00 7.20 6.88
N THR F 30 -16.73 6.15 7.27
CA THR F 30 -18.19 6.23 7.40
C THR F 30 -18.52 7.32 8.39
N ILE F 31 -17.75 7.33 9.46
CA ILE F 31 -17.88 8.29 10.53
C ILE F 31 -17.64 9.70 9.98
N GLU F 32 -16.60 9.84 9.17
CA GLU F 32 -16.27 11.12 8.55
C GLU F 32 -17.38 11.60 7.62
N GLY F 33 -18.02 10.66 6.93
CA GLY F 33 -19.10 11.01 6.01
C GLY F 33 -20.28 11.66 6.71
N ILE F 34 -20.72 11.10 7.83
CA ILE F 34 -21.85 11.66 8.56
C ILE F 34 -21.45 12.89 9.37
N ALA F 35 -20.19 12.93 9.76
CA ALA F 35 -19.65 14.05 10.53
C ALA F 35 -19.61 15.34 9.72
N ARG F 36 -19.22 15.23 8.45
CA ARG F 36 -19.11 16.39 7.57
C ARG F 36 -20.48 17.04 7.32
N GLN F 37 -21.46 16.24 6.95
CA GLN F 37 -22.81 16.74 6.70
C GLN F 37 -23.84 15.92 7.46
N PRO F 38 -24.72 16.58 8.24
CA PRO F 38 -25.76 15.89 9.01
C PRO F 38 -26.94 15.45 8.15
N GLU F 39 -26.66 14.68 7.11
CA GLU F 39 -27.69 14.19 6.20
C GLU F 39 -27.80 12.67 6.28
N LEU F 40 -28.96 12.18 6.77
CA LEU F 40 -29.21 10.74 6.89
C LEU F 40 -28.08 10.02 7.63
N ARG F 41 -27.76 10.50 8.83
CA ARG F 41 -26.68 9.92 9.63
C ARG F 41 -26.85 8.41 9.89
N PRO F 42 -28.03 7.95 10.39
CA PRO F 42 -28.24 6.52 10.66
C PRO F 42 -28.19 5.67 9.39
N VAL F 43 -28.65 6.23 8.28
CA VAL F 43 -28.64 5.52 7.01
C VAL F 43 -27.21 5.26 6.54
N LEU F 44 -26.38 6.28 6.66
CA LEU F 44 -24.98 6.19 6.24
C LEU F 44 -24.20 5.18 7.09
N GLN F 45 -24.40 5.23 8.40
CA GLN F 45 -23.72 4.31 9.31
C GLN F 45 -24.24 2.88 9.11
N THR F 46 -25.54 2.73 8.83
CA THR F 46 -26.10 1.40 8.58
C THR F 46 -25.56 0.85 7.25
N THR F 47 -25.29 1.76 6.30
CA THR F 47 -24.69 1.36 5.02
C THR F 47 -23.31 0.79 5.34
N MET F 48 -22.65 1.43 6.32
CA MET F 48 -21.35 0.96 6.79
C MET F 48 -21.46 -0.47 7.32
N PHE F 49 -22.52 -0.73 8.10
CA PHE F 49 -22.74 -2.06 8.66
C PHE F 49 -22.93 -3.12 7.57
N ILE F 50 -23.70 -2.78 6.53
CA ILE F 50 -23.88 -3.74 5.44
C ILE F 50 -22.55 -3.90 4.71
N GLY F 51 -21.76 -2.83 4.72
CA GLY F 51 -20.44 -2.85 4.12
C GLY F 51 -19.52 -3.81 4.82
N VAL F 52 -19.57 -3.84 6.16
CA VAL F 52 -18.73 -4.76 6.92
C VAL F 52 -19.20 -6.19 6.70
N ALA F 53 -20.51 -6.37 6.52
CA ALA F 53 -21.08 -7.68 6.24
C ALA F 53 -20.59 -8.20 4.90
N LEU F 54 -20.53 -7.28 3.94
CA LEU F 54 -20.09 -7.60 2.59
C LEU F 54 -18.60 -7.95 2.55
N VAL F 55 -17.79 -7.12 3.18
CA VAL F 55 -16.34 -7.35 3.20
C VAL F 55 -15.94 -8.54 4.05
N GLU F 56 -16.69 -8.82 5.14
CA GLU F 56 -16.37 -9.96 6.01
C GLU F 56 -16.78 -11.29 5.39
N ALA F 57 -17.64 -11.22 4.38
CA ALA F 57 -18.08 -12.42 3.69
C ALA F 57 -16.88 -13.11 3.07
N LEU F 58 -15.98 -12.30 2.54
CA LEU F 58 -14.76 -12.79 1.90
C LEU F 58 -13.85 -13.55 2.89
N PRO F 59 -13.49 -12.97 4.07
CA PRO F 59 -12.69 -13.68 5.08
C PRO F 59 -13.32 -15.01 5.48
N ILE F 60 -14.64 -15.01 5.65
CA ILE F 60 -15.35 -16.24 6.03
C ILE F 60 -15.17 -17.31 4.96
N ILE F 61 -15.39 -16.92 3.70
CA ILE F 61 -15.27 -17.83 2.56
C ILE F 61 -13.84 -18.36 2.42
N GLY F 62 -12.86 -17.46 2.49
CA GLY F 62 -11.47 -17.85 2.35
C GLY F 62 -10.99 -18.80 3.43
N VAL F 63 -11.38 -18.53 4.68
CA VAL F 63 -10.97 -19.37 5.80
C VAL F 63 -11.57 -20.77 5.71
N VAL F 64 -12.88 -20.85 5.39
CA VAL F 64 -13.53 -22.16 5.29
C VAL F 64 -13.04 -22.94 4.08
N PHE F 65 -12.76 -22.23 2.98
CA PHE F 65 -12.26 -22.89 1.78
C PHE F 65 -10.87 -23.47 2.03
N SER F 66 -10.04 -22.70 2.74
CA SER F 66 -8.70 -23.15 3.07
C SER F 66 -8.78 -24.40 3.94
N PHE F 67 -9.73 -24.40 4.87
CA PHE F 67 -9.96 -25.52 5.76
C PHE F 67 -10.31 -26.77 4.96
N ILE F 68 -11.24 -26.63 4.02
CA ILE F 68 -11.66 -27.74 3.17
C ILE F 68 -10.53 -28.24 2.28
N TYR F 69 -9.75 -27.33 1.71
CA TYR F 69 -8.64 -27.72 0.83
C TYR F 69 -7.65 -28.57 1.61
N LEU F 70 -7.35 -28.16 2.84
CA LEU F 70 -6.45 -28.92 3.69
C LEU F 70 -7.10 -30.26 4.08
N GLY F 71 -8.39 -30.19 4.42
CA GLY F 71 -9.15 -31.36 4.81
C GLY F 71 -9.30 -32.38 3.69
N ARG F 72 -9.54 -31.90 2.48
CA ARG F 72 -9.70 -32.79 1.32
C ARG F 72 -8.77 -32.37 0.18
N MET G 1 2.54 -32.95 -2.28
CA MET G 1 1.24 -32.59 -2.92
C MET G 1 0.53 -31.51 -2.12
N HIS G 2 1.20 -31.02 -1.07
CA HIS G 2 0.63 -29.98 -0.22
C HIS G 2 0.79 -28.61 -0.86
N LEU G 3 1.58 -28.54 -1.93
CA LEU G 3 1.80 -27.29 -2.64
C LEU G 3 0.50 -26.77 -3.24
N GLY G 4 -0.32 -27.68 -3.76
CA GLY G 4 -1.59 -27.30 -4.36
C GLY G 4 -2.53 -26.64 -3.37
N VAL G 5 -2.55 -27.17 -2.14
CA VAL G 5 -3.40 -26.62 -1.08
C VAL G 5 -3.00 -25.18 -0.79
N LEU G 6 -1.70 -24.94 -0.67
CA LEU G 6 -1.16 -23.62 -0.41
C LEU G 6 -1.41 -22.69 -1.59
N ALA G 7 -1.30 -23.22 -2.80
CA ALA G 7 -1.51 -22.42 -4.00
C ALA G 7 -2.92 -21.83 -4.02
N ALA G 8 -3.91 -22.68 -3.74
CA ALA G 8 -5.28 -22.23 -3.69
C ALA G 8 -5.53 -21.34 -2.49
N ALA G 9 -4.94 -21.71 -1.35
CA ALA G 9 -5.09 -20.95 -0.11
C ALA G 9 -4.52 -19.55 -0.23
N ILE G 10 -3.36 -19.42 -0.86
CA ILE G 10 -2.76 -18.11 -1.05
C ILE G 10 -3.52 -17.33 -2.11
N ALA G 11 -4.02 -18.02 -3.13
CA ALA G 11 -4.79 -17.37 -4.19
C ALA G 11 -6.08 -16.78 -3.66
N VAL G 12 -6.78 -17.53 -2.80
CA VAL G 12 -8.01 -17.04 -2.21
C VAL G 12 -7.69 -15.98 -1.18
N GLY G 13 -6.55 -16.13 -0.52
CA GLY G 13 -6.11 -15.12 0.43
C GLY G 13 -5.86 -13.81 -0.28
N LEU G 14 -5.27 -13.91 -1.48
CA LEU G 14 -5.02 -12.74 -2.31
C LEU G 14 -6.33 -12.13 -2.77
N GLY G 15 -7.28 -13.00 -3.13
CA GLY G 15 -8.59 -12.55 -3.57
C GLY G 15 -9.33 -11.85 -2.45
N ALA G 16 -9.24 -12.40 -1.24
CA ALA G 16 -9.88 -11.83 -0.07
C ALA G 16 -9.28 -10.49 0.28
N LEU G 17 -7.96 -10.40 0.14
CA LEU G 17 -7.23 -9.18 0.44
C LEU G 17 -7.64 -8.03 -0.50
N GLY G 18 -7.59 -8.30 -1.80
CA GLY G 18 -7.93 -7.27 -2.77
C GLY G 18 -9.38 -6.84 -2.71
N ALA G 19 -10.28 -7.81 -2.75
CA ALA G 19 -11.70 -7.53 -2.70
C ALA G 19 -12.09 -6.96 -1.34
N GLY G 20 -11.48 -7.46 -0.29
CA GLY G 20 -11.80 -6.99 1.05
C GLY G 20 -11.53 -5.52 1.24
N ILE G 21 -10.36 -5.05 0.83
CA ILE G 21 -10.06 -3.64 0.99
C ILE G 21 -10.82 -2.81 -0.04
N GLY G 22 -10.99 -3.38 -1.24
CA GLY G 22 -11.71 -2.69 -2.29
C GLY G 22 -13.16 -2.42 -1.93
N ASN G 23 -13.83 -3.44 -1.41
CA ASN G 23 -15.24 -3.34 -1.02
C ASN G 23 -15.42 -2.52 0.26
N GLY G 24 -14.52 -2.68 1.23
CA GLY G 24 -14.65 -1.90 2.44
C GLY G 24 -14.59 -0.41 2.14
N LEU G 25 -13.57 -0.03 1.38
CA LEU G 25 -13.41 1.36 0.98
C LEU G 25 -14.51 1.79 0.02
N ILE G 26 -14.96 0.88 -0.85
CA ILE G 26 -16.00 1.23 -1.80
C ILE G 26 -17.28 1.61 -1.06
N VAL G 27 -17.57 0.91 0.04
CA VAL G 27 -18.78 1.18 0.81
C VAL G 27 -18.65 2.50 1.59
N SER G 28 -17.56 2.67 2.35
CA SER G 28 -17.38 3.89 3.15
C SER G 28 -17.26 5.12 2.27
N ARG G 29 -16.54 5.00 1.15
CA ARG G 29 -16.37 6.11 0.23
C ARG G 29 -17.71 6.45 -0.45
N THR G 30 -18.45 5.41 -0.80
CA THR G 30 -19.77 5.60 -1.41
C THR G 30 -20.63 6.38 -0.47
N ILE G 31 -20.52 5.99 0.79
CA ILE G 31 -21.24 6.62 1.88
C ILE G 31 -20.85 8.10 1.97
N GLU G 32 -19.56 8.37 1.87
CA GLU G 32 -19.04 9.73 1.92
C GLU G 32 -19.56 10.56 0.75
N GLY G 33 -19.68 9.93 -0.42
CA GLY G 33 -20.16 10.62 -1.59
C GLY G 33 -21.58 11.16 -1.44
N ILE G 34 -22.48 10.35 -0.91
CA ILE G 34 -23.87 10.78 -0.73
C ILE G 34 -24.02 11.69 0.49
N ALA G 35 -23.13 11.49 1.46
CA ALA G 35 -23.14 12.27 2.69
C ALA G 35 -22.79 13.74 2.43
N ARG G 36 -21.79 13.96 1.56
CA ARG G 36 -21.33 15.32 1.26
C ARG G 36 -22.42 16.13 0.56
N GLN G 37 -23.02 15.57 -0.47
CA GLN G 37 -24.08 16.25 -1.21
C GLN G 37 -25.30 15.35 -1.35
N PRO G 38 -26.49 15.84 -0.99
CA PRO G 38 -27.72 15.07 -1.09
C PRO G 38 -28.26 15.01 -2.52
N GLU G 39 -27.44 14.55 -3.45
CA GLU G 39 -27.84 14.44 -4.84
C GLU G 39 -27.88 12.98 -5.29
N LEU G 40 -29.07 12.48 -5.61
CA LEU G 40 -29.27 11.11 -6.07
C LEU G 40 -28.61 10.10 -5.12
N ARG G 41 -28.99 10.17 -3.84
CA ARG G 41 -28.44 9.29 -2.81
C ARG G 41 -28.62 7.80 -3.14
N PRO G 42 -29.85 7.33 -3.46
CA PRO G 42 -30.08 5.91 -3.78
C PRO G 42 -29.33 5.45 -5.03
N VAL G 43 -29.19 6.35 -6.00
CA VAL G 43 -28.48 6.03 -7.24
C VAL G 43 -27.00 5.79 -6.97
N LEU G 44 -26.42 6.65 -6.15
CA LEU G 44 -25.00 6.55 -5.81
C LEU G 44 -24.70 5.26 -5.03
N GLN G 45 -25.55 4.95 -4.05
CA GLN G 45 -25.35 3.75 -3.23
C GLN G 45 -25.61 2.50 -4.09
N THR G 46 -26.57 2.55 -5.01
CA THR G 46 -26.83 1.41 -5.90
C THR G 46 -25.65 1.22 -6.86
N THR G 47 -25.00 2.33 -7.23
CA THR G 47 -23.81 2.26 -8.07
C THR G 47 -22.75 1.50 -7.29
N MET G 48 -22.72 1.76 -5.97
CA MET G 48 -21.82 1.06 -5.06
C MET G 48 -22.09 -0.45 -5.12
N PHE G 49 -23.37 -0.82 -5.10
CA PHE G 49 -23.77 -2.24 -5.15
C PHE G 49 -23.30 -2.90 -6.45
N ILE G 50 -23.45 -2.22 -7.59
CA ILE G 50 -22.99 -2.80 -8.84
C ILE G 50 -21.46 -2.88 -8.81
N GLY G 51 -20.87 -1.92 -8.07
CA GLY G 51 -19.43 -1.90 -7.91
C GLY G 51 -18.93 -3.12 -7.15
N VAL G 52 -19.66 -3.52 -6.11
CA VAL G 52 -19.27 -4.69 -5.33
C VAL G 52 -19.45 -5.96 -6.17
N ALA G 53 -20.48 -5.94 -7.04
CA ALA G 53 -20.73 -7.06 -7.94
C ALA G 53 -19.59 -7.21 -8.93
N LEU G 54 -19.11 -6.07 -9.40
CA LEU G 54 -18.02 -6.03 -10.37
C LEU G 54 -16.71 -6.50 -9.75
N VAL G 55 -16.38 -5.97 -8.58
CA VAL G 55 -15.14 -6.32 -7.91
C VAL G 55 -15.17 -7.75 -7.37
N GLU G 56 -16.33 -8.25 -6.95
CA GLU G 56 -16.42 -9.62 -6.42
C GLU G 56 -16.37 -10.67 -7.52
N ALA G 57 -16.61 -10.23 -8.75
CA ALA G 57 -16.55 -11.13 -9.88
C ALA G 57 -15.15 -11.73 -9.99
N LEU G 58 -14.16 -10.88 -9.72
CA LEU G 58 -12.76 -11.29 -9.76
C LEU G 58 -12.45 -12.39 -8.74
N PRO G 59 -12.77 -12.21 -7.42
CA PRO G 59 -12.54 -13.26 -6.42
C PRO G 59 -13.20 -14.57 -6.79
N ILE G 60 -14.43 -14.50 -7.33
CA ILE G 60 -15.14 -15.70 -7.73
C ILE G 60 -14.37 -16.43 -8.84
N ILE G 61 -13.94 -15.68 -9.85
CA ILE G 61 -13.20 -16.23 -10.98
C ILE G 61 -11.86 -16.84 -10.52
N GLY G 62 -11.12 -16.09 -9.70
CA GLY G 62 -9.83 -16.56 -9.24
C GLY G 62 -9.91 -17.83 -8.40
N VAL G 63 -10.89 -17.88 -7.50
CA VAL G 63 -11.05 -19.04 -6.64
C VAL G 63 -11.43 -20.30 -7.44
N VAL G 64 -12.40 -20.16 -8.36
CA VAL G 64 -12.82 -21.32 -9.17
C VAL G 64 -11.72 -21.76 -10.14
N PHE G 65 -10.97 -20.80 -10.68
CA PHE G 65 -9.88 -21.13 -11.60
C PHE G 65 -8.78 -21.88 -10.86
N SER G 66 -8.48 -21.44 -9.63
CA SER G 66 -7.47 -22.09 -8.82
C SER G 66 -7.89 -23.52 -8.52
N PHE G 67 -9.19 -23.69 -8.25
CA PHE G 67 -9.77 -25.00 -7.97
C PHE G 67 -9.58 -25.93 -9.17
N ILE G 68 -9.90 -25.43 -10.36
CA ILE G 68 -9.76 -26.20 -11.60
C ILE G 68 -8.29 -26.54 -11.89
N TYR G 69 -7.39 -25.57 -11.69
CA TYR G 69 -5.97 -25.80 -11.95
C TYR G 69 -5.46 -26.93 -11.07
N LEU G 70 -5.86 -26.93 -9.81
CA LEU G 70 -5.49 -27.98 -8.88
C LEU G 70 -6.14 -29.30 -9.29
N GLY G 71 -7.43 -29.20 -9.65
CA GLY G 71 -8.20 -30.36 -10.07
C GLY G 71 -7.69 -31.00 -11.35
N ARG G 72 -7.30 -30.18 -12.31
CA ARG G 72 -6.79 -30.67 -13.59
C ARG G 72 -5.45 -30.03 -13.92
N MET H 1 5.50 -31.00 -10.40
CA MET H 1 4.69 -30.34 -11.46
C MET H 1 3.61 -29.47 -10.85
N HIS H 2 3.61 -29.37 -9.52
CA HIS H 2 2.62 -28.57 -8.80
C HIS H 2 2.99 -27.10 -8.84
N LEU H 3 4.21 -26.81 -9.28
CA LEU H 3 4.70 -25.43 -9.39
C LEU H 3 3.85 -24.63 -10.37
N GLY H 4 3.47 -25.27 -11.48
CA GLY H 4 2.66 -24.61 -12.49
C GLY H 4 1.30 -24.17 -11.96
N VAL H 5 0.69 -25.03 -11.14
CA VAL H 5 -0.60 -24.73 -10.54
C VAL H 5 -0.50 -23.48 -9.68
N LEU H 6 0.53 -23.42 -8.86
CA LEU H 6 0.76 -22.27 -7.98
C LEU H 6 1.10 -21.03 -8.79
N ALA H 7 1.85 -21.21 -9.87
CA ALA H 7 2.23 -20.07 -10.72
C ALA H 7 0.99 -19.38 -11.26
N ALA H 8 0.06 -20.16 -11.79
CA ALA H 8 -1.17 -19.61 -12.31
C ALA H 8 -2.06 -19.08 -11.19
N ALA H 9 -2.11 -19.83 -10.09
CA ALA H 9 -2.93 -19.44 -8.94
C ALA H 9 -2.46 -18.12 -8.32
N ILE H 10 -1.15 -17.93 -8.22
CA ILE H 10 -0.64 -16.69 -7.67
C ILE H 10 -0.80 -15.56 -8.69
N ALA H 11 -0.67 -15.88 -9.98
CA ALA H 11 -0.81 -14.89 -11.03
C ALA H 11 -2.24 -14.34 -11.08
N VAL H 12 -3.22 -15.24 -10.95
CA VAL H 12 -4.62 -14.83 -10.96
C VAL H 12 -4.93 -14.13 -9.65
N GLY H 13 -4.29 -14.59 -8.57
CA GLY H 13 -4.46 -13.94 -7.29
C GLY H 13 -3.98 -12.52 -7.35
N LEU H 14 -2.85 -12.32 -8.05
CA LEU H 14 -2.28 -10.99 -8.24
C LEU H 14 -3.21 -10.15 -9.10
N GLY H 15 -3.77 -10.78 -10.14
CA GLY H 15 -4.71 -10.10 -11.01
C GLY H 15 -5.96 -9.68 -10.28
N ALA H 16 -6.47 -10.56 -9.43
CA ALA H 16 -7.65 -10.29 -8.62
C ALA H 16 -7.40 -9.16 -7.64
N LEU H 17 -6.21 -9.18 -7.06
CA LEU H 17 -5.82 -8.17 -6.08
C LEU H 17 -5.76 -6.77 -6.70
N GLY H 18 -5.04 -6.65 -7.82
CA GLY H 18 -4.90 -5.37 -8.48
C GLY H 18 -6.20 -4.83 -9.03
N ALA H 19 -6.88 -5.65 -9.80
CA ALA H 19 -8.15 -5.25 -10.39
C ALA H 19 -9.21 -5.06 -9.33
N GLY H 20 -9.20 -5.91 -8.31
CA GLY H 20 -10.19 -5.81 -7.25
C GLY H 20 -10.15 -4.48 -6.52
N ILE H 21 -8.97 -4.05 -6.12
CA ILE H 21 -8.88 -2.78 -5.42
C ILE H 21 -9.06 -1.61 -6.40
N GLY H 22 -8.56 -1.79 -7.63
CA GLY H 22 -8.68 -0.75 -8.64
C GLY H 22 -10.13 -0.47 -9.00
N ASN H 23 -10.90 -1.52 -9.22
CA ASN H 23 -12.31 -1.39 -9.58
C ASN H 23 -13.18 -0.97 -8.40
N GLY H 24 -12.89 -1.49 -7.20
CA GLY H 24 -13.68 -1.08 -6.05
C GLY H 24 -13.57 0.42 -5.83
N LEU H 25 -12.33 0.90 -5.82
CA LEU H 25 -12.08 2.31 -5.65
C LEU H 25 -12.56 3.12 -6.85
N ILE H 26 -12.43 2.55 -8.05
CA ILE H 26 -12.88 3.26 -9.24
C ILE H 26 -14.37 3.54 -9.18
N VAL H 27 -15.14 2.58 -8.65
CA VAL H 27 -16.58 2.73 -8.54
C VAL H 27 -16.96 3.75 -7.47
N SER H 28 -16.44 3.58 -6.25
CA SER H 28 -16.76 4.50 -5.15
C SER H 28 -16.28 5.92 -5.44
N ARG H 29 -15.09 6.05 -6.01
CA ARG H 29 -14.54 7.36 -6.35
C ARG H 29 -15.36 8.00 -7.47
N THR H 30 -15.75 7.20 -8.45
CA THR H 30 -16.58 7.67 -9.55
C THR H 30 -17.87 8.23 -8.99
N ILE H 31 -18.38 7.49 -8.02
CA ILE H 31 -19.59 7.85 -7.32
C ILE H 31 -19.41 9.19 -6.61
N GLU H 32 -18.27 9.36 -5.95
CA GLU H 32 -17.94 10.58 -5.25
C GLU H 32 -17.83 11.76 -6.21
N GLY H 33 -17.30 11.50 -7.41
CA GLY H 33 -17.16 12.56 -8.40
C GLY H 33 -18.49 13.16 -8.84
N ILE H 34 -19.48 12.32 -9.10
CA ILE H 34 -20.79 12.83 -9.53
C ILE H 34 -21.60 13.34 -8.35
N ALA H 35 -21.33 12.79 -7.18
CA ALA H 35 -22.01 13.19 -5.95
C ALA H 35 -21.67 14.62 -5.55
N ARG H 36 -20.39 14.99 -5.68
CA ARG H 36 -19.92 16.33 -5.29
C ARG H 36 -20.55 17.41 -6.16
N GLN H 37 -20.50 17.23 -7.47
CA GLN H 37 -21.08 18.20 -8.41
C GLN H 37 -21.99 17.50 -9.41
N PRO H 38 -23.23 17.98 -9.56
CA PRO H 38 -24.19 17.39 -10.50
C PRO H 38 -23.92 17.79 -11.95
N GLU H 39 -22.70 17.54 -12.43
CA GLU H 39 -22.33 17.88 -13.79
C GLU H 39 -22.03 16.62 -14.60
N LEU H 40 -22.86 16.36 -15.61
CA LEU H 40 -22.70 15.21 -16.49
C LEU H 40 -22.57 13.90 -15.69
N ARG H 41 -23.54 13.64 -14.82
CA ARG H 41 -23.53 12.45 -13.96
C ARG H 41 -23.43 11.13 -14.77
N PRO H 42 -24.28 10.91 -15.80
CA PRO H 42 -24.23 9.67 -16.59
C PRO H 42 -22.92 9.52 -17.35
N VAL H 43 -22.36 10.64 -17.81
CA VAL H 43 -21.10 10.63 -18.54
C VAL H 43 -19.95 10.16 -17.65
N LEU H 44 -19.92 10.69 -16.44
CA LEU H 44 -18.88 10.35 -15.48
C LEU H 44 -18.94 8.87 -15.07
N GLN H 45 -20.14 8.38 -14.79
CA GLN H 45 -20.32 6.99 -14.40
C GLN H 45 -20.01 6.06 -15.59
N THR H 46 -20.36 6.47 -16.81
CA THR H 46 -20.06 5.67 -17.99
C THR H 46 -18.55 5.65 -18.24
N THR H 47 -17.87 6.75 -17.86
CA THR H 47 -16.42 6.81 -17.97
C THR H 47 -15.87 5.75 -17.02
N MET H 48 -16.53 5.61 -15.87
CA MET H 48 -16.18 4.60 -14.89
C MET H 48 -16.28 3.21 -15.51
N PHE H 49 -17.37 2.97 -16.26
CA PHE H 49 -17.58 1.68 -16.92
C PHE H 49 -16.49 1.37 -17.93
N ILE H 50 -16.08 2.36 -18.73
CA ILE H 50 -15.00 2.13 -19.67
C ILE H 50 -13.69 1.90 -18.90
N GLY H 51 -13.63 2.52 -17.72
CA GLY H 51 -12.48 2.36 -16.86
C GLY H 51 -12.36 0.95 -16.36
N VAL H 52 -13.49 0.32 -16.00
CA VAL H 52 -13.48 -1.05 -15.52
C VAL H 52 -13.12 -1.99 -16.67
N ALA H 53 -13.55 -1.62 -17.88
CA ALA H 53 -13.24 -2.41 -19.07
C ALA H 53 -11.75 -2.38 -19.35
N LEU H 54 -11.16 -1.21 -19.14
CA LEU H 54 -9.74 -0.99 -19.36
C LEU H 54 -8.90 -1.76 -18.34
N VAL H 55 -9.25 -1.61 -17.07
CA VAL H 55 -8.51 -2.27 -16.00
C VAL H 55 -8.71 -3.79 -15.99
N GLU H 56 -9.90 -4.27 -16.40
CA GLU H 56 -10.16 -5.72 -16.41
C GLU H 56 -9.49 -6.40 -17.59
N ALA H 57 -9.08 -5.61 -18.58
CA ALA H 57 -8.39 -6.15 -19.74
C ALA H 57 -7.10 -6.83 -19.29
N LEU H 58 -6.45 -6.19 -18.32
CA LEU H 58 -5.19 -6.70 -17.77
C LEU H 58 -5.37 -8.08 -17.10
N PRO H 59 -6.34 -8.26 -16.15
CA PRO H 59 -6.59 -9.56 -15.53
C PRO H 59 -6.88 -10.64 -16.56
N ILE H 60 -7.65 -10.30 -17.59
CA ILE H 60 -7.98 -11.26 -18.64
C ILE H 60 -6.71 -11.71 -19.36
N ILE H 61 -5.88 -10.74 -19.74
CA ILE H 61 -4.62 -11.03 -20.45
C ILE H 61 -3.68 -11.86 -19.58
N GLY H 62 -3.51 -11.46 -18.32
CA GLY H 62 -2.61 -12.17 -17.43
C GLY H 62 -3.02 -13.60 -17.16
N VAL H 63 -4.32 -13.83 -16.95
CA VAL H 63 -4.82 -15.16 -16.68
C VAL H 63 -4.66 -16.09 -17.90
N VAL H 64 -5.01 -15.59 -19.09
CA VAL H 64 -4.89 -16.42 -20.29
C VAL H 64 -3.43 -16.67 -20.66
N PHE H 65 -2.57 -15.67 -20.42
CA PHE H 65 -1.15 -15.83 -20.71
C PHE H 65 -0.53 -16.86 -19.78
N SER H 66 -0.93 -16.83 -18.51
CA SER H 66 -0.44 -17.79 -17.53
C SER H 66 -0.86 -19.20 -17.93
N PHE H 67 -2.09 -19.30 -18.42
CA PHE H 67 -2.65 -20.57 -18.87
C PHE H 67 -1.81 -21.13 -20.02
N ILE H 68 -1.52 -20.28 -21.00
CA ILE H 68 -0.71 -20.68 -22.16
C ILE H 68 0.72 -21.06 -21.76
N TYR H 69 1.33 -20.28 -20.85
CA TYR H 69 2.69 -20.57 -20.41
C TYR H 69 2.76 -21.95 -19.77
N LEU H 70 1.76 -22.27 -18.95
CA LEU H 70 1.68 -23.57 -18.33
C LEU H 70 1.41 -24.65 -19.39
N GLY H 71 0.50 -24.33 -20.30
CA GLY H 71 0.13 -25.23 -21.37
C GLY H 71 1.26 -25.53 -22.33
N ARG H 72 2.03 -24.50 -22.67
CA ARG H 72 3.15 -24.66 -23.60
C ARG H 72 4.43 -24.09 -23.00
N MET I 1 12.05 -27.12 -14.85
CA MET I 1 11.87 -26.11 -15.92
C MET I 1 10.56 -25.35 -15.72
N HIS I 2 9.88 -25.63 -14.62
CA HIS I 2 8.62 -24.98 -14.30
C HIS I 2 8.85 -23.60 -13.71
N LEU I 3 10.10 -23.31 -13.36
CA LEU I 3 10.47 -22.02 -12.79
C LEU I 3 10.21 -20.89 -13.77
N GLY I 4 10.49 -21.15 -15.05
CA GLY I 4 10.27 -20.15 -16.09
C GLY I 4 8.81 -19.75 -16.21
N VAL I 5 7.93 -20.74 -16.11
CA VAL I 5 6.49 -20.50 -16.20
C VAL I 5 6.04 -19.56 -15.09
N LEU I 6 6.52 -19.85 -13.87
CA LEU I 6 6.18 -19.03 -12.71
C LEU I 6 6.81 -17.65 -12.82
N ALA I 7 8.01 -17.57 -13.37
CA ALA I 7 8.69 -16.28 -13.52
C ALA I 7 7.87 -15.34 -14.39
N ALA I 8 7.39 -15.86 -15.51
CA ALA I 8 6.57 -15.05 -16.41
C ALA I 8 5.21 -14.79 -15.80
N ALA I 9 4.65 -15.81 -15.15
CA ALA I 9 3.33 -15.69 -14.51
C ALA I 9 3.33 -14.65 -13.40
N ILE I 10 4.38 -14.63 -12.59
CA ILE I 10 4.46 -13.65 -11.52
C ILE I 10 4.76 -12.28 -12.08
N ALA I 11 5.57 -12.23 -13.14
CA ALA I 11 5.91 -10.95 -13.77
C ALA I 11 4.68 -10.29 -14.38
N VAL I 12 3.84 -11.08 -15.05
CA VAL I 12 2.62 -10.54 -15.64
C VAL I 12 1.63 -10.23 -14.53
N GLY I 13 1.67 -11.03 -13.47
CA GLY I 13 0.81 -10.77 -12.33
C GLY I 13 1.17 -9.44 -11.71
N LEU I 14 2.47 -9.16 -11.65
CA LEU I 14 2.97 -7.91 -11.11
C LEU I 14 2.55 -6.76 -12.04
N GLY I 15 2.65 -7.01 -13.34
CA GLY I 15 2.26 -6.01 -14.32
C GLY I 15 0.78 -5.70 -14.25
N ALA I 16 -0.03 -6.74 -14.07
CA ALA I 16 -1.47 -6.58 -13.95
C ALA I 16 -1.84 -5.83 -12.69
N LEU I 17 -1.12 -6.13 -11.61
CA LEU I 17 -1.35 -5.49 -10.33
C LEU I 17 -1.07 -3.98 -10.39
N GLY I 18 0.10 -3.62 -10.89
CA GLY I 18 0.48 -2.21 -10.97
C GLY I 18 -0.38 -1.42 -11.92
N ALA I 19 -0.51 -1.91 -13.13
CA ALA I 19 -1.32 -1.24 -14.14
C ALA I 19 -2.79 -1.25 -13.76
N GLY I 20 -3.25 -2.35 -13.18
CA GLY I 20 -4.64 -2.47 -12.80
C GLY I 20 -5.07 -1.42 -11.80
N ILE I 21 -4.29 -1.22 -10.74
CA ILE I 21 -4.66 -0.23 -9.75
C ILE I 21 -4.39 1.18 -10.28
N GLY I 22 -3.32 1.30 -11.08
CA GLY I 22 -2.98 2.59 -11.65
C GLY I 22 -4.05 3.12 -12.59
N ASN I 23 -4.53 2.25 -13.48
CA ASN I 23 -5.56 2.61 -14.44
C ASN I 23 -6.93 2.77 -13.81
N GLY I 24 -7.26 1.91 -12.85
CA GLY I 24 -8.55 2.04 -12.20
C GLY I 24 -8.67 3.38 -11.51
N LEU I 25 -7.65 3.72 -10.73
CA LEU I 25 -7.62 5.00 -10.05
C LEU I 25 -7.47 6.16 -11.02
N ILE I 26 -6.71 5.95 -12.10
CA ILE I 26 -6.52 7.01 -13.09
C ILE I 26 -7.86 7.40 -13.71
N VAL I 27 -8.72 6.42 -13.95
CA VAL I 27 -10.01 6.68 -14.56
C VAL I 27 -10.95 7.37 -13.57
N SER I 28 -11.11 6.81 -12.37
CA SER I 28 -12.02 7.40 -11.38
C SER I 28 -11.57 8.79 -10.94
N ARG I 29 -10.26 8.97 -10.77
CA ARG I 29 -9.70 10.25 -10.37
C ARG I 29 -9.87 11.26 -11.49
N THR I 30 -9.64 10.82 -12.73
CA THR I 30 -9.82 11.67 -13.91
C THR I 30 -11.24 12.17 -13.94
N ILE I 31 -12.13 11.25 -13.63
CA ILE I 31 -13.56 11.50 -13.58
C ILE I 31 -13.85 12.56 -12.51
N GLU I 32 -13.21 12.40 -11.34
CA GLU I 32 -13.38 13.34 -10.25
C GLU I 32 -12.88 14.73 -10.63
N GLY I 33 -11.79 14.78 -11.40
CA GLY I 33 -11.23 16.05 -11.81
C GLY I 33 -12.18 16.89 -12.65
N ILE I 34 -12.84 16.26 -13.63
CA ILE I 34 -13.76 17.00 -14.49
C ILE I 34 -15.10 17.22 -13.79
N ALA I 35 -15.44 16.33 -12.88
CA ALA I 35 -16.68 16.44 -12.11
C ALA I 35 -16.68 17.65 -11.18
N ARG I 36 -15.55 17.90 -10.53
CA ARG I 36 -15.44 19.02 -9.59
C ARG I 36 -15.60 20.37 -10.29
N GLN I 37 -14.87 20.57 -11.38
CA GLN I 37 -14.94 21.81 -12.14
C GLN I 37 -15.16 21.52 -13.62
N PRO I 38 -16.18 22.16 -14.23
CA PRO I 38 -16.48 21.95 -15.65
C PRO I 38 -15.53 22.74 -16.57
N GLU I 39 -14.23 22.51 -16.41
CA GLU I 39 -13.23 23.19 -17.22
C GLU I 39 -12.48 22.19 -18.09
N LEU I 40 -12.64 22.32 -19.41
CA LEU I 40 -11.98 21.44 -20.39
C LEU I 40 -12.20 19.96 -20.05
N ARG I 41 -13.46 19.56 -19.93
CA ARG I 41 -13.81 18.18 -19.59
C ARG I 41 -13.22 17.15 -20.57
N PRO I 42 -13.41 17.32 -21.91
CA PRO I 42 -12.88 16.36 -22.88
C PRO I 42 -11.36 16.31 -22.88
N VAL I 43 -10.72 17.45 -22.63
CA VAL I 43 -9.26 17.52 -22.59
C VAL I 43 -8.71 16.71 -21.41
N LEU I 44 -9.34 16.85 -20.27
CA LEU I 44 -8.92 16.16 -19.07
C LEU I 44 -9.07 14.63 -19.20
N GLN I 45 -10.22 14.21 -19.74
CA GLN I 45 -10.48 12.79 -19.92
C GLN I 45 -9.54 12.20 -21.00
N THR I 46 -9.25 13.00 -22.04
CA THR I 46 -8.33 12.53 -23.09
C THR I 46 -6.91 12.44 -22.53
N THR I 47 -6.59 13.31 -21.56
CA THR I 47 -5.29 13.26 -20.88
C THR I 47 -5.24 11.92 -20.15
N MET I 48 -6.40 11.52 -19.59
CA MET I 48 -6.53 10.24 -18.93
C MET I 48 -6.20 9.10 -19.90
N PHE I 49 -6.73 9.20 -21.12
CA PHE I 49 -6.50 8.18 -22.15
C PHE I 49 -5.01 8.07 -22.50
N ILE I 50 -4.32 9.20 -22.63
CA ILE I 50 -2.90 9.14 -22.94
C ILE I 50 -2.17 8.58 -21.71
N GLY I 51 -2.75 8.83 -20.53
CA GLY I 51 -2.21 8.31 -19.29
C GLY I 51 -2.26 6.80 -19.25
N VAL I 52 -3.38 6.22 -19.72
CA VAL I 52 -3.52 4.76 -19.73
C VAL I 52 -2.56 4.17 -20.77
N ALA I 53 -2.34 4.91 -21.86
CA ALA I 53 -1.40 4.48 -22.89
C ALA I 53 0.01 4.43 -22.34
N LEU I 54 0.32 5.43 -21.54
CA LEU I 54 1.64 5.56 -20.93
C LEU I 54 1.89 4.46 -19.91
N VAL I 55 0.92 4.26 -19.02
CA VAL I 55 1.05 3.26 -17.97
C VAL I 55 0.98 1.83 -18.52
N GLU I 56 0.20 1.61 -19.58
CA GLU I 56 0.09 0.26 -20.16
C GLU I 56 1.31 -0.13 -20.98
N ALA I 57 2.12 0.87 -21.33
CA ALA I 57 3.33 0.62 -22.08
C ALA I 57 4.25 -0.27 -21.27
N LEU I 58 4.27 -0.02 -19.96
CA LEU I 58 5.09 -0.79 -19.03
C LEU I 58 4.68 -2.27 -18.99
N PRO I 59 3.38 -2.62 -18.76
CA PRO I 59 2.94 -4.02 -18.77
C PRO I 59 3.29 -4.71 -20.08
N ILE I 60 3.13 -4.02 -21.20
CA ILE I 60 3.45 -4.61 -22.50
C ILE I 60 4.94 -4.96 -22.57
N ILE I 61 5.78 -4.00 -22.17
CA ILE I 61 7.23 -4.20 -22.18
C ILE I 61 7.66 -5.33 -21.25
N GLY I 62 7.13 -5.32 -20.02
CA GLY I 62 7.48 -6.35 -19.06
C GLY I 62 7.09 -7.76 -19.49
N VAL I 63 5.88 -7.90 -20.04
CA VAL I 63 5.40 -9.20 -20.47
C VAL I 63 6.22 -9.74 -21.64
N VAL I 64 6.51 -8.90 -22.64
CA VAL I 64 7.28 -9.35 -23.80
C VAL I 64 8.74 -9.63 -23.43
N PHE I 65 9.29 -8.84 -22.50
CA PHE I 65 10.66 -9.04 -22.06
C PHE I 65 10.78 -10.36 -21.31
N SER I 66 9.78 -10.64 -20.47
CA SER I 66 9.77 -11.89 -19.71
C SER I 66 9.71 -13.08 -20.67
N PHE I 67 8.90 -12.91 -21.71
CA PHE I 67 8.75 -13.94 -22.75
C PHE I 67 10.10 -14.23 -23.41
N ILE I 68 10.79 -13.16 -23.80
CA ILE I 68 12.10 -13.28 -24.45
C ILE I 68 13.14 -13.91 -23.51
N TYR I 69 13.15 -13.49 -22.24
CA TYR I 69 14.10 -14.03 -21.27
C TYR I 69 13.92 -15.53 -21.14
N LEU I 70 12.67 -15.97 -21.07
CA LEU I 70 12.38 -17.39 -20.99
C LEU I 70 12.75 -18.07 -22.31
N GLY I 71 12.41 -17.42 -23.42
CA GLY I 71 12.71 -17.93 -24.74
C GLY I 71 14.19 -18.05 -25.03
N ARG I 72 14.96 -17.05 -24.60
CA ARG I 72 16.40 -17.05 -24.83
C ARG I 72 17.15 -16.80 -23.52
N MET J 1 19.66 -22.82 -13.88
CA MET J 1 19.99 -21.53 -14.54
C MET J 1 18.72 -20.73 -14.82
N HIS J 2 17.58 -21.26 -14.36
CA HIS J 2 16.30 -20.60 -14.56
C HIS J 2 16.10 -19.47 -13.56
N LEU J 3 16.97 -19.42 -12.55
CA LEU J 3 16.91 -18.39 -11.51
C LEU J 3 17.12 -17.01 -12.11
N GLY J 4 18.04 -16.91 -13.08
CA GLY J 4 18.31 -15.65 -13.72
C GLY J 4 17.12 -15.09 -14.46
N VAL J 5 16.36 -15.97 -15.12
CA VAL J 5 15.18 -15.56 -15.86
C VAL J 5 14.15 -14.95 -14.90
N LEU J 6 13.95 -15.62 -13.77
CA LEU J 6 13.01 -15.14 -12.76
C LEU J 6 13.51 -13.85 -12.12
N ALA J 7 14.82 -13.73 -11.92
CA ALA J 7 15.40 -12.55 -11.32
C ALA J 7 15.08 -11.31 -12.15
N ALA J 8 15.29 -11.43 -13.46
CA ALA J 8 15.00 -10.33 -14.37
C ALA J 8 13.49 -10.11 -14.49
N ALA J 9 12.74 -11.21 -14.55
CA ALA J 9 11.29 -11.15 -14.68
C ALA J 9 10.65 -10.48 -13.47
N ILE J 10 11.12 -10.80 -12.28
CA ILE J 10 10.57 -10.19 -11.08
C ILE J 10 11.03 -8.74 -10.98
N ALA J 11 12.26 -8.47 -11.41
CA ALA J 11 12.80 -7.10 -11.37
C ALA J 11 12.02 -6.17 -12.28
N VAL J 12 11.69 -6.66 -13.49
CA VAL J 12 10.92 -5.86 -14.43
C VAL J 12 9.49 -5.77 -13.95
N GLY J 13 9.01 -6.85 -13.31
CA GLY J 13 7.68 -6.85 -12.75
C GLY J 13 7.58 -5.79 -11.67
N LEU J 14 8.64 -5.67 -10.87
CA LEU J 14 8.71 -4.67 -9.82
C LEU J 14 8.76 -3.27 -10.43
N GLY J 15 9.53 -3.15 -11.52
CA GLY J 15 9.64 -1.88 -12.22
C GLY J 15 8.31 -1.46 -12.81
N ALA J 16 7.60 -2.41 -13.39
CA ALA J 16 6.29 -2.16 -13.98
C ALA J 16 5.28 -1.77 -12.92
N LEU J 17 5.37 -2.43 -11.78
CA LEU J 17 4.47 -2.16 -10.66
C LEU J 17 4.63 -0.73 -10.13
N GLY J 18 5.87 -0.36 -9.82
CA GLY J 18 6.14 0.96 -9.28
C GLY J 18 5.83 2.07 -10.25
N ALA J 19 6.38 1.96 -11.45
CA ALA J 19 6.17 2.97 -12.47
C ALA J 19 4.72 3.00 -12.92
N GLY J 20 4.10 1.82 -13.01
CA GLY J 20 2.72 1.75 -13.45
C GLY J 20 1.77 2.51 -12.55
N ILE J 21 1.88 2.30 -11.23
CA ILE J 21 0.99 3.02 -10.33
C ILE J 21 1.40 4.48 -10.21
N GLY J 22 2.71 4.72 -10.26
CA GLY J 22 3.23 6.08 -10.17
C GLY J 22 2.75 6.96 -11.32
N ASN J 23 2.87 6.43 -12.54
CA ASN J 23 2.46 7.16 -13.74
C ASN J 23 0.94 7.25 -13.87
N GLY J 24 0.22 6.19 -13.53
CA GLY J 24 -1.22 6.27 -13.62
C GLY J 24 -1.76 7.37 -12.73
N LEU J 25 -1.32 7.35 -11.48
CA LEU J 25 -1.72 8.37 -10.53
C LEU J 25 -1.17 9.74 -10.91
N ILE J 26 0.05 9.77 -11.45
CA ILE J 26 0.65 11.05 -11.83
C ILE J 26 -0.19 11.74 -12.90
N VAL J 27 -0.74 10.95 -13.83
CA VAL J 27 -1.56 11.51 -14.89
C VAL J 27 -2.92 11.97 -14.38
N SER J 28 -3.64 11.12 -13.66
CA SER J 28 -4.97 11.49 -13.14
C SER J 28 -4.89 12.64 -12.14
N ARG J 29 -3.86 12.62 -11.28
CA ARG J 29 -3.68 13.68 -10.30
C ARG J 29 -3.31 14.99 -11.00
N THR J 30 -2.45 14.89 -12.02
CA THR J 30 -2.06 16.05 -12.80
C THR J 30 -3.29 16.68 -13.39
N ILE J 31 -4.15 15.80 -13.88
CA ILE J 31 -5.41 16.17 -14.49
C ILE J 31 -6.28 16.90 -13.46
N GLU J 32 -6.33 16.36 -12.25
CA GLU J 32 -7.10 16.96 -11.17
C GLU J 32 -6.55 18.34 -10.80
N GLY J 33 -5.24 18.50 -10.86
CA GLY J 33 -4.62 19.78 -10.53
C GLY J 33 -5.06 20.91 -11.45
N ILE J 34 -5.08 20.65 -12.75
CA ILE J 34 -5.47 21.69 -13.71
C ILE J 34 -6.99 21.85 -13.76
N ALA J 35 -7.69 20.76 -13.44
CA ALA J 35 -9.15 20.76 -13.43
C ALA J 35 -9.71 21.66 -12.34
N ARG J 36 -9.09 21.60 -11.15
CA ARG J 36 -9.56 22.39 -10.01
C ARG J 36 -9.43 23.89 -10.25
N GLN J 37 -8.26 24.32 -10.70
CA GLN J 37 -8.02 25.73 -10.99
C GLN J 37 -7.42 25.90 -12.37
N PRO J 38 -8.00 26.77 -13.20
CA PRO J 38 -7.52 27.02 -14.56
C PRO J 38 -6.29 27.93 -14.59
N GLU J 39 -5.25 27.54 -13.86
CA GLU J 39 -4.02 28.31 -13.81
C GLU J 39 -2.86 27.54 -14.43
N LEU J 40 -2.34 28.06 -15.54
CA LEU J 40 -1.20 27.44 -16.25
C LEU J 40 -1.46 25.96 -16.52
N ARG J 41 -2.58 25.67 -17.19
CA ARG J 41 -2.96 24.28 -17.50
C ARG J 41 -1.90 23.52 -18.30
N PRO J 42 -1.37 24.08 -19.43
CA PRO J 42 -0.35 23.39 -20.23
C PRO J 42 0.95 23.20 -19.46
N VAL J 43 1.30 24.14 -18.60
CA VAL J 43 2.52 24.06 -17.79
C VAL J 43 2.43 22.90 -16.81
N LEU J 44 1.29 22.77 -16.16
CA LEU J 44 1.07 21.72 -15.19
C LEU J 44 1.11 20.32 -15.82
N GLN J 45 0.44 20.18 -16.96
CA GLN J 45 0.41 18.90 -17.67
C GLN J 45 1.80 18.57 -18.23
N THR J 46 2.54 19.59 -18.69
CA THR J 46 3.89 19.36 -19.20
C THR J 46 4.82 18.97 -18.05
N THR J 47 4.54 19.49 -16.85
CA THR J 47 5.30 19.12 -15.66
C THR J 47 5.07 17.62 -15.43
N MET J 48 3.82 17.21 -15.70
CA MET J 48 3.43 15.80 -15.60
C MET J 48 4.29 14.96 -16.55
N PHE J 49 4.46 15.45 -17.79
CA PHE J 49 5.26 14.75 -18.80
C PHE J 49 6.72 14.60 -18.36
N ILE J 50 7.30 15.65 -17.78
CA ILE J 50 8.68 15.54 -17.30
C ILE J 50 8.71 14.58 -16.12
N GLY J 51 7.58 14.54 -15.39
CA GLY J 51 7.45 13.64 -14.27
C GLY J 51 7.47 12.19 -14.70
N VAL J 52 6.80 11.88 -15.83
CA VAL J 52 6.78 10.51 -16.34
C VAL J 52 8.17 10.15 -16.87
N ALA J 53 8.88 11.14 -17.41
CA ALA J 53 10.23 10.93 -17.90
C ALA J 53 11.16 10.59 -16.75
N LEU J 54 10.96 11.29 -15.63
CA LEU J 54 11.76 11.10 -14.44
C LEU J 54 11.50 9.73 -13.81
N VAL J 55 10.24 9.39 -13.64
CA VAL J 55 9.88 8.12 -13.03
C VAL J 55 10.19 6.93 -13.92
N GLU J 56 10.10 7.09 -15.25
CA GLU J 56 10.37 5.98 -16.18
C GLU J 56 11.87 5.73 -16.32
N ALA J 57 12.66 6.70 -15.91
CA ALA J 57 14.11 6.55 -15.96
C ALA J 57 14.53 5.37 -15.10
N LEU J 58 13.87 5.24 -13.96
CA LEU J 58 14.14 4.17 -13.02
C LEU J 58 13.86 2.78 -13.64
N PRO J 59 12.66 2.51 -14.22
CA PRO J 59 12.38 1.23 -14.88
C PRO J 59 13.40 0.90 -15.95
N ILE J 60 13.79 1.90 -16.73
CA ILE J 60 14.78 1.68 -17.79
C ILE J 60 16.11 1.22 -17.20
N ILE J 61 16.56 1.93 -16.16
CA ILE J 61 17.82 1.60 -15.49
C ILE J 61 17.78 0.22 -14.85
N GLY J 62 16.70 -0.08 -14.13
CA GLY J 62 16.56 -1.37 -13.47
C GLY J 62 16.54 -2.55 -14.43
N VAL J 63 15.80 -2.40 -15.53
CA VAL J 63 15.69 -3.47 -16.52
C VAL J 63 17.05 -3.74 -17.20
N VAL J 64 17.74 -2.68 -17.62
CA VAL J 64 19.03 -2.84 -18.29
C VAL J 64 20.10 -3.36 -17.33
N PHE J 65 20.04 -2.93 -16.07
CA PHE J 65 21.00 -3.39 -15.06
C PHE J 65 20.80 -4.87 -14.78
N SER J 66 19.53 -5.28 -14.71
CA SER J 66 19.21 -6.69 -14.47
C SER J 66 19.73 -7.54 -15.62
N PHE J 67 19.58 -7.01 -16.84
CA PHE J 67 20.03 -7.68 -18.05
C PHE J 67 21.54 -7.89 -17.98
N ILE J 68 22.28 -6.83 -17.62
CA ILE J 68 23.74 -6.90 -17.53
C ILE J 68 24.19 -7.86 -16.42
N TYR J 69 23.51 -7.82 -15.27
CA TYR J 69 23.87 -8.70 -14.16
C TYR J 69 23.73 -10.16 -14.58
N LEU J 70 22.66 -10.47 -15.30
CA LEU J 70 22.46 -11.82 -15.81
C LEU J 70 23.51 -12.14 -16.88
N GLY J 71 23.74 -11.16 -17.75
CA GLY J 71 24.71 -11.31 -18.83
C GLY J 71 26.14 -11.48 -18.34
N ARG J 72 26.51 -10.72 -17.31
CA ARG J 72 27.86 -10.80 -16.75
C ARG J 72 27.81 -11.01 -15.24
N MET A 1 25.70 -18.09 -8.66
CA MET A 1 25.79 -16.79 -9.38
C MET A 1 24.41 -16.27 -9.75
N HIS A 2 23.48 -17.19 -9.97
CA HIS A 2 22.11 -16.83 -10.31
C HIS A 2 21.44 -16.09 -9.16
N LEU A 3 21.72 -16.54 -7.94
CA LEU A 3 21.16 -15.92 -6.75
C LEU A 3 21.69 -14.49 -6.59
N GLY A 4 22.98 -14.29 -6.89
CA GLY A 4 23.58 -12.98 -6.78
C GLY A 4 22.95 -11.95 -7.70
N VAL A 5 22.68 -12.32 -8.95
CA VAL A 5 22.07 -11.39 -9.89
C VAL A 5 20.65 -11.05 -9.44
N LEU A 6 20.01 -12.02 -8.77
CA LEU A 6 18.67 -11.83 -8.23
C LEU A 6 18.72 -10.85 -7.07
N ALA A 7 19.76 -10.95 -6.25
CA ALA A 7 19.91 -10.06 -5.10
C ALA A 7 20.00 -8.62 -5.56
N ALA A 8 20.82 -8.37 -6.57
CA ALA A 8 20.95 -7.03 -7.12
C ALA A 8 19.69 -6.63 -7.87
N ALA A 9 19.11 -7.57 -8.61
CA ALA A 9 17.90 -7.32 -9.39
C ALA A 9 16.72 -6.95 -8.50
N ILE A 10 16.56 -7.64 -7.38
CA ILE A 10 15.48 -7.32 -6.48
C ILE A 10 15.77 -6.01 -5.74
N ALA A 11 17.03 -5.77 -5.40
CA ALA A 11 17.41 -4.55 -4.71
C ALA A 11 17.15 -3.32 -5.57
N VAL A 12 17.50 -3.42 -6.85
CA VAL A 12 17.28 -2.32 -7.78
C VAL A 12 15.81 -2.21 -8.10
N GLY A 13 15.14 -3.36 -8.14
CA GLY A 13 13.71 -3.37 -8.39
C GLY A 13 13.02 -2.64 -7.26
N LEU A 14 13.50 -2.88 -6.04
CA LEU A 14 12.96 -2.23 -4.85
C LEU A 14 13.26 -0.73 -4.90
N GLY A 15 14.48 -0.38 -5.31
CA GLY A 15 14.88 1.00 -5.41
C GLY A 15 14.07 1.76 -6.45
N ALA A 16 13.86 1.14 -7.60
CA ALA A 16 13.10 1.73 -8.69
C ALA A 16 11.64 1.91 -8.31
N LEU A 17 11.10 0.93 -7.61
CA LEU A 17 9.71 0.99 -7.19
C LEU A 17 9.48 2.08 -6.14
N GLY A 18 10.33 2.11 -5.11
CA GLY A 18 10.18 3.09 -4.06
C GLY A 18 10.31 4.52 -4.53
N ALA A 19 11.39 4.82 -5.24
CA ALA A 19 11.61 6.16 -5.74
C ALA A 19 10.62 6.48 -6.87
N GLY A 20 10.29 5.47 -7.66
CA GLY A 20 9.37 5.67 -8.76
C GLY A 20 8.01 6.14 -8.31
N ILE A 21 7.44 5.50 -7.29
CA ILE A 21 6.14 5.90 -6.78
C ILE A 21 6.26 7.19 -5.96
N GLY A 22 7.35 7.28 -5.19
CA GLY A 22 7.57 8.46 -4.37
C GLY A 22 7.73 9.73 -5.19
N ASN A 23 8.49 9.63 -6.28
CA ASN A 23 8.72 10.77 -7.14
C ASN A 23 7.54 11.01 -8.07
N GLY A 24 6.85 9.94 -8.48
CA GLY A 24 5.71 10.14 -9.35
C GLY A 24 4.67 10.98 -8.64
N LEU A 25 4.34 10.58 -7.42
CA LEU A 25 3.39 11.31 -6.62
C LEU A 25 3.93 12.67 -6.20
N ILE A 26 5.24 12.76 -5.93
CA ILE A 26 5.83 14.03 -5.53
C ILE A 26 5.64 15.07 -6.63
N VAL A 27 5.76 14.64 -7.89
CA VAL A 27 5.61 15.55 -9.00
C VAL A 27 4.17 15.99 -9.18
N SER A 28 3.22 15.05 -9.21
CA SER A 28 1.81 15.41 -9.39
C SER A 28 1.26 16.22 -8.22
N ARG A 29 1.65 15.86 -7.00
CA ARG A 29 1.19 16.59 -5.82
C ARG A 29 1.79 18.00 -5.79
N THR A 30 3.07 18.09 -6.17
CA THR A 30 3.75 19.38 -6.22
C THR A 30 3.02 20.26 -7.20
N ILE A 31 2.68 19.66 -8.32
CA ILE A 31 1.95 20.32 -9.38
C ILE A 31 0.58 20.78 -8.87
N GLU A 32 -0.08 19.91 -8.11
CA GLU A 32 -1.38 20.21 -7.55
C GLU A 32 -1.30 21.39 -6.57
N GLY A 33 -0.21 21.44 -5.80
CA GLY A 33 -0.03 22.52 -4.84
C GLY A 33 0.06 23.90 -5.49
N ILE A 34 0.78 24.00 -6.60
CA ILE A 34 0.92 25.28 -7.29
C ILE A 34 -0.27 25.56 -8.20
N ALA A 35 -0.98 24.50 -8.58
CA ALA A 35 -2.14 24.62 -9.46
C ALA A 35 -3.27 25.39 -8.79
N ARG A 36 -3.50 25.14 -7.51
CA ARG A 36 -4.56 25.81 -6.76
C ARG A 36 -4.23 27.27 -6.48
N GLN A 37 -3.19 27.50 -5.70
CA GLN A 37 -2.77 28.85 -5.36
C GLN A 37 -1.47 29.20 -6.07
N PRO A 38 -1.48 30.24 -6.92
CA PRO A 38 -0.29 30.68 -7.66
C PRO A 38 0.71 31.42 -6.78
N GLU A 39 1.17 30.76 -5.72
CA GLU A 39 2.14 31.35 -4.81
C GLU A 39 3.46 30.59 -4.89
N LEU A 40 4.52 31.29 -5.30
CA LEU A 40 5.86 30.70 -5.43
C LEU A 40 5.81 29.43 -6.29
N ARG A 41 5.13 29.54 -7.44
CA ARG A 41 4.96 28.41 -8.36
C ARG A 41 6.28 27.74 -8.78
N PRO A 42 7.27 28.50 -9.31
CA PRO A 42 8.55 27.91 -9.72
C PRO A 42 9.37 27.39 -8.53
N VAL A 43 9.27 28.09 -7.40
CA VAL A 43 10.00 27.72 -6.20
C VAL A 43 9.51 26.39 -5.64
N LEU A 44 8.20 26.21 -5.60
CA LEU A 44 7.61 24.97 -5.08
C LEU A 44 7.99 23.77 -5.94
N GLN A 45 7.97 23.97 -7.26
CA GLN A 45 8.35 22.91 -8.19
C GLN A 45 9.85 22.63 -8.02
N THR A 46 10.62 23.67 -7.71
CA THR A 46 12.06 23.52 -7.45
C THR A 46 12.29 22.62 -6.23
N THR A 47 11.48 22.84 -5.18
CA THR A 47 11.56 22.02 -3.97
C THR A 47 11.24 20.57 -4.36
N MET A 48 10.30 20.42 -5.30
CA MET A 48 9.93 19.12 -5.81
C MET A 48 11.15 18.42 -6.43
N PHE A 49 11.91 19.19 -7.22
CA PHE A 49 13.11 18.66 -7.89
C PHE A 49 14.15 18.20 -6.86
N ILE A 50 14.35 18.99 -5.80
CA ILE A 50 15.32 18.59 -4.78
C ILE A 50 14.81 17.34 -4.06
N GLY A 51 13.48 17.23 -3.99
CA GLY A 51 12.86 16.07 -3.39
C GLY A 51 13.18 14.84 -4.21
N VAL A 52 13.17 15.01 -5.52
CA VAL A 52 13.50 13.93 -6.45
C VAL A 52 14.93 13.48 -6.21
N ALA A 53 15.83 14.47 -6.05
CA ALA A 53 17.24 14.19 -5.80
C ALA A 53 17.44 13.44 -4.48
N LEU A 54 16.68 13.82 -3.47
CA LEU A 54 16.75 13.21 -2.14
C LEU A 54 16.29 11.76 -2.17
N VAL A 55 15.10 11.57 -2.71
CA VAL A 55 14.47 10.26 -2.80
C VAL A 55 15.28 9.28 -3.66
N GLU A 56 15.77 9.75 -4.80
CA GLU A 56 16.53 8.90 -5.70
C GLU A 56 17.96 8.63 -5.21
N ALA A 57 18.40 9.39 -4.21
CA ALA A 57 19.74 9.19 -3.66
C ALA A 57 19.87 7.79 -3.09
N LEU A 58 18.81 7.34 -2.43
CA LEU A 58 18.77 6.01 -1.82
C LEU A 58 18.87 4.90 -2.89
N PRO A 59 18.02 4.90 -3.95
CA PRO A 59 18.11 3.90 -5.01
C PRO A 59 19.48 3.90 -5.69
N ILE A 60 20.04 5.08 -5.91
CA ILE A 60 21.35 5.19 -6.57
C ILE A 60 22.44 4.52 -5.74
N ILE A 61 22.49 4.81 -4.43
CA ILE A 61 23.51 4.22 -3.58
C ILE A 61 23.24 2.73 -3.37
N GLY A 62 21.97 2.34 -3.33
CA GLY A 62 21.61 0.95 -3.17
C GLY A 62 22.08 0.10 -4.33
N VAL A 63 21.91 0.64 -5.53
CA VAL A 63 22.34 -0.04 -6.75
C VAL A 63 23.86 -0.17 -6.77
N VAL A 64 24.55 0.92 -6.40
CA VAL A 64 26.01 0.93 -6.36
C VAL A 64 26.53 -0.10 -5.35
N PHE A 65 25.91 -0.15 -4.18
CA PHE A 65 26.29 -1.09 -3.13
C PHE A 65 26.08 -2.52 -3.60
N SER A 66 24.99 -2.75 -4.33
CA SER A 66 24.71 -4.08 -4.86
C SER A 66 25.81 -4.52 -5.82
N PHE A 67 26.25 -3.58 -6.67
CA PHE A 67 27.31 -3.84 -7.65
C PHE A 67 28.63 -4.17 -6.96
N ILE A 68 28.98 -3.43 -5.91
CA ILE A 68 30.23 -3.69 -5.20
C ILE A 68 30.15 -4.96 -4.36
N TYR A 69 28.95 -5.28 -3.84
CA TYR A 69 28.77 -6.49 -3.05
C TYR A 69 29.05 -7.72 -3.89
N LEU A 70 28.47 -7.77 -5.09
CA LEU A 70 28.69 -8.88 -6.00
C LEU A 70 30.09 -8.85 -6.56
N GLY A 71 30.49 -7.64 -6.92
CA GLY A 71 31.79 -7.42 -7.51
C GLY A 71 32.95 -7.76 -6.58
N ARG A 72 32.82 -7.41 -5.31
CA ARG A 72 33.88 -7.69 -4.34
C ARG A 72 33.36 -8.60 -3.23
N MET B 1 27.64 -17.25 0.70
CA MET B 1 28.01 -15.81 0.56
C MET B 1 26.98 -15.08 -0.28
N HIS B 2 26.36 -15.80 -1.21
CA HIS B 2 25.33 -15.23 -2.08
C HIS B 2 24.12 -14.79 -1.27
N LEU B 3 23.76 -15.60 -0.27
CA LEU B 3 22.63 -15.29 0.60
C LEU B 3 22.90 -14.02 1.41
N GLY B 4 24.15 -13.88 1.87
CA GLY B 4 24.53 -12.71 2.66
C GLY B 4 24.39 -11.40 1.91
N VAL B 5 24.82 -11.38 0.65
CA VAL B 5 24.72 -10.15 -0.15
C VAL B 5 23.25 -9.84 -0.41
N LEU B 6 22.43 -10.88 -0.48
CA LEU B 6 20.99 -10.73 -0.67
C LEU B 6 20.37 -10.13 0.59
N ALA B 7 20.85 -10.56 1.75
CA ALA B 7 20.33 -10.06 3.02
C ALA B 7 20.54 -8.56 3.11
N ALA B 8 21.74 -8.12 2.78
CA ALA B 8 22.04 -6.70 2.81
C ALA B 8 21.32 -5.97 1.69
N ALA B 9 21.28 -6.60 0.51
CA ALA B 9 20.62 -6.02 -0.66
C ALA B 9 19.13 -5.81 -0.43
N ILE B 10 18.47 -6.76 0.19
CA ILE B 10 17.05 -6.62 0.46
C ILE B 10 16.83 -5.62 1.59
N ALA B 11 17.73 -5.61 2.58
CA ALA B 11 17.61 -4.67 3.70
C ALA B 11 17.75 -3.24 3.23
N VAL B 12 18.71 -3.00 2.35
CA VAL B 12 18.93 -1.66 1.81
C VAL B 12 17.83 -1.33 0.83
N GLY B 13 17.35 -2.34 0.11
CA GLY B 13 16.25 -2.13 -0.80
C GLY B 13 15.03 -1.70 -0.04
N LEU B 14 14.83 -2.32 1.12
CA LEU B 14 13.73 -1.98 2.01
C LEU B 14 13.90 -0.58 2.56
N GLY B 15 15.14 -0.25 2.95
CA GLY B 15 15.44 1.07 3.48
C GLY B 15 15.21 2.16 2.45
N ALA B 16 15.68 1.91 1.23
CA ALA B 16 15.55 2.86 0.13
C ALA B 16 14.08 3.08 -0.23
N LEU B 17 13.33 2.00 -0.24
CA LEU B 17 11.92 2.07 -0.58
C LEU B 17 11.12 2.82 0.47
N GLY B 18 11.32 2.47 1.74
CA GLY B 18 10.58 3.13 2.81
C GLY B 18 10.84 4.61 2.92
N ALA B 19 12.11 4.99 2.99
CA ALA B 19 12.45 6.39 3.07
C ALA B 19 12.18 7.11 1.76
N GLY B 20 12.36 6.41 0.65
CA GLY B 20 12.12 7.01 -0.65
C GLY B 20 10.68 7.45 -0.83
N ILE B 21 9.73 6.61 -0.48
CA ILE B 21 8.33 6.98 -0.62
C ILE B 21 7.92 7.95 0.49
N GLY B 22 8.46 7.72 1.69
CA GLY B 22 8.15 8.59 2.82
C GLY B 22 8.61 10.01 2.61
N ASN B 23 9.83 10.15 2.10
CA ASN B 23 10.39 11.48 1.84
C ASN B 23 9.85 12.07 0.55
N GLY B 24 9.54 11.25 -0.43
CA GLY B 24 8.99 11.79 -1.66
C GLY B 24 7.68 12.49 -1.37
N LEU B 25 6.80 11.79 -0.67
CA LEU B 25 5.52 12.35 -0.28
C LEU B 25 5.69 13.47 0.73
N ILE B 26 6.66 13.35 1.64
CA ILE B 26 6.88 14.39 2.64
C ILE B 26 7.21 15.72 1.96
N VAL B 27 7.99 15.66 0.88
CA VAL B 27 8.37 16.85 0.16
C VAL B 27 7.19 17.47 -0.57
N SER B 28 6.46 16.68 -1.36
CA SER B 28 5.32 17.21 -2.12
C SER B 28 4.20 17.70 -1.21
N ARG B 29 3.92 16.97 -0.14
CA ARG B 29 2.88 17.37 0.81
C ARG B 29 3.29 18.63 1.55
N THR B 30 4.56 18.71 1.92
CA THR B 30 5.09 19.90 2.60
C THR B 30 4.91 21.09 1.70
N ILE B 31 5.22 20.87 0.44
CA ILE B 31 5.10 21.88 -0.59
C ILE B 31 3.64 22.30 -0.74
N GLU B 32 2.75 21.31 -0.71
CA GLU B 32 1.31 21.56 -0.82
C GLU B 32 0.82 22.39 0.36
N GLY B 33 1.35 22.12 1.55
CA GLY B 33 0.93 22.86 2.73
C GLY B 33 1.25 24.35 2.65
N ILE B 34 2.43 24.70 2.16
CA ILE B 34 2.82 26.10 2.05
C ILE B 34 2.25 26.75 0.79
N ALA B 35 1.91 25.91 -0.20
CA ALA B 35 1.35 26.38 -1.46
C ALA B 35 -0.02 27.04 -1.26
N ARG B 36 -0.84 26.45 -0.41
CA ARG B 36 -2.17 26.97 -0.15
C ARG B 36 -2.13 28.27 0.67
N GLN B 37 -1.66 28.15 1.90
CA GLN B 37 -1.57 29.30 2.79
C GLN B 37 -0.11 29.71 2.98
N PRO B 38 0.24 30.95 2.60
CA PRO B 38 1.61 31.46 2.73
C PRO B 38 1.97 31.82 4.18
N GLU B 39 1.86 30.84 5.06
CA GLU B 39 2.18 31.04 6.47
C GLU B 39 3.41 30.21 6.85
N LEU B 40 4.48 30.90 7.26
CA LEU B 40 5.73 30.24 7.65
C LEU B 40 6.20 29.28 6.56
N ARG B 41 6.22 29.78 5.33
CA ARG B 41 6.61 28.99 4.15
C ARG B 41 8.00 28.35 4.29
N PRO B 42 9.07 29.13 4.58
CA PRO B 42 10.42 28.56 4.73
C PRO B 42 10.55 27.65 5.95
N VAL B 43 9.85 28.00 7.02
CA VAL B 43 9.87 27.22 8.26
C VAL B 43 9.26 25.84 8.06
N LEU B 44 8.12 25.79 7.38
CA LEU B 44 7.43 24.52 7.14
C LEU B 44 8.29 23.59 6.28
N GLN B 45 8.92 24.15 5.26
CA GLN B 45 9.80 23.38 4.39
C GLN B 45 11.02 22.90 5.21
N THR B 46 11.45 23.73 6.16
CA THR B 46 12.56 23.39 7.05
C THR B 46 12.19 22.16 7.89
N THR B 47 10.95 22.13 8.39
CA THR B 47 10.45 21.00 9.17
C THR B 47 10.47 19.76 8.26
N MET B 48 10.16 19.99 6.99
CA MET B 48 10.19 18.92 5.99
C MET B 48 11.60 18.33 5.91
N PHE B 49 12.61 19.20 5.87
CA PHE B 49 14.00 18.76 5.79
C PHE B 49 14.41 17.94 7.01
N ILE B 50 13.99 18.36 8.21
CA ILE B 50 14.32 17.59 9.41
C ILE B 50 13.59 16.26 9.36
N GLY B 51 12.42 16.26 8.72
CA GLY B 51 11.66 15.03 8.53
C GLY B 51 12.43 14.07 7.68
N VAL B 52 13.09 14.61 6.66
CA VAL B 52 13.92 13.82 5.76
C VAL B 52 15.05 13.18 6.55
N ALA B 53 15.67 13.98 7.42
CA ALA B 53 16.77 13.51 8.27
C ALA B 53 16.32 12.40 9.21
N LEU B 54 15.12 12.56 9.75
CA LEU B 54 14.54 11.58 10.68
C LEU B 54 14.26 10.26 9.99
N VAL B 55 13.53 10.34 8.90
CA VAL B 55 13.13 9.18 8.12
C VAL B 55 14.32 8.42 7.55
N GLU B 56 15.30 9.14 7.02
CA GLU B 56 16.47 8.51 6.42
C GLU B 56 17.46 7.98 7.46
N ALA B 57 17.27 8.36 8.72
CA ALA B 57 18.15 7.89 9.78
C ALA B 57 18.07 6.38 9.90
N LEU B 58 16.85 5.86 9.76
CA LEU B 58 16.59 4.43 9.84
C LEU B 58 17.30 3.67 8.70
N PRO B 59 17.11 4.05 7.42
CA PRO B 59 17.80 3.39 6.30
C PRO B 59 19.32 3.46 6.44
N ILE B 60 19.84 4.60 6.90
CA ILE B 60 21.28 4.76 7.06
C ILE B 60 21.85 3.78 8.10
N ILE B 61 21.19 3.68 9.26
CA ILE B 61 21.67 2.76 10.29
C ILE B 61 21.44 1.31 9.89
N GLY B 62 20.34 1.06 9.16
CA GLY B 62 20.05 -0.29 8.70
C GLY B 62 21.11 -0.80 7.76
N VAL B 63 21.54 0.08 6.84
CA VAL B 63 22.58 -0.26 5.88
C VAL B 63 23.90 -0.54 6.60
N VAL B 64 24.22 0.33 7.56
CA VAL B 64 25.46 0.19 8.34
C VAL B 64 25.46 -1.14 9.12
N PHE B 65 24.32 -1.46 9.74
CA PHE B 65 24.19 -2.69 10.51
C PHE B 65 24.34 -3.90 9.59
N SER B 66 23.80 -3.80 8.38
CA SER B 66 23.91 -4.89 7.42
C SER B 66 25.38 -5.14 7.07
N PHE B 67 26.13 -4.04 6.88
CA PHE B 67 27.54 -4.12 6.56
C PHE B 67 28.35 -4.77 7.68
N ILE B 68 28.06 -4.38 8.92
CA ILE B 68 28.78 -4.96 10.06
C ILE B 68 28.36 -6.41 10.31
N TYR B 69 27.10 -6.74 10.03
CA TYR B 69 26.62 -8.11 10.23
C TYR B 69 27.38 -9.06 9.33
N LEU B 70 27.49 -8.70 8.05
CA LEU B 70 28.21 -9.53 7.09
C LEU B 70 29.71 -9.47 7.36
N GLY B 71 30.16 -8.25 7.64
CA GLY B 71 31.56 -8.00 7.89
C GLY B 71 32.09 -8.71 9.12
N ARG B 72 31.31 -8.72 10.19
CA ARG B 72 31.73 -9.37 11.42
C ARG B 72 30.78 -10.51 11.79
N MET C 1 24.44 -19.34 9.47
CA MET C 1 24.73 -17.97 9.96
C MET C 1 24.23 -16.92 8.97
N HIS C 2 24.22 -17.28 7.69
CA HIS C 2 23.75 -16.38 6.64
C HIS C 2 22.26 -16.09 6.81
N LEU C 3 21.50 -17.11 7.20
CA LEU C 3 20.07 -16.95 7.43
C LEU C 3 19.81 -16.00 8.60
N GLY C 4 20.62 -16.12 9.64
CA GLY C 4 20.47 -15.28 10.82
C GLY C 4 20.65 -13.79 10.53
N VAL C 5 21.66 -13.45 9.73
CA VAL C 5 21.90 -12.05 9.40
C VAL C 5 20.75 -11.53 8.54
N LEU C 6 20.16 -12.42 7.75
CA LEU C 6 19.00 -12.08 6.92
C LEU C 6 17.79 -11.80 7.80
N ALA C 7 17.64 -12.61 8.86
CA ALA C 7 16.52 -12.44 9.77
C ALA C 7 16.54 -11.05 10.39
N ALA C 8 17.72 -10.66 10.88
CA ALA C 8 17.86 -9.34 11.46
C ALA C 8 17.77 -8.26 10.40
N ALA C 9 18.38 -8.52 9.24
CA ALA C 9 18.38 -7.56 8.13
C ALA C 9 16.97 -7.28 7.62
N ILE C 10 16.14 -8.31 7.51
CA ILE C 10 14.78 -8.10 7.06
C ILE C 10 13.95 -7.45 8.15
N ALA C 11 14.22 -7.82 9.41
CA ALA C 11 13.47 -7.24 10.54
C ALA C 11 13.74 -5.74 10.65
N VAL C 12 15.01 -5.35 10.50
CA VAL C 12 15.38 -3.94 10.56
C VAL C 12 14.91 -3.24 9.31
N GLY C 13 14.94 -3.95 8.18
CA GLY C 13 14.45 -3.39 6.95
C GLY C 13 12.99 -3.08 7.08
N LEU C 14 12.26 -3.98 7.74
CA LEU C 14 10.84 -3.81 7.99
C LEU C 14 10.61 -2.64 8.95
N GLY C 15 11.45 -2.57 9.99
CA GLY C 15 11.36 -1.49 10.95
C GLY C 15 11.62 -0.13 10.34
N ALA C 16 12.65 -0.06 9.51
CA ALA C 16 13.04 1.17 8.83
C ALA C 16 11.96 1.63 7.86
N LEU C 17 11.38 0.67 7.15
CA LEU C 17 10.35 0.97 6.18
C LEU C 17 9.07 1.48 6.85
N GLY C 18 8.62 0.75 7.88
CA GLY C 18 7.40 1.14 8.56
C GLY C 18 7.47 2.49 9.22
N ALA C 19 8.49 2.72 10.03
CA ALA C 19 8.65 4.00 10.70
C ALA C 19 9.03 5.08 9.70
N GLY C 20 9.82 4.71 8.69
CA GLY C 20 10.23 5.68 7.70
C GLY C 20 9.07 6.30 6.96
N ILE C 21 8.12 5.48 6.50
CA ILE C 21 6.97 6.02 5.79
C ILE C 21 5.99 6.66 6.77
N GLY C 22 5.85 6.05 7.95
CA GLY C 22 4.94 6.58 8.96
C GLY C 22 5.36 7.94 9.44
N ASN C 23 6.65 8.12 9.69
CA ASN C 23 7.18 9.39 10.16
C ASN C 23 7.33 10.39 9.02
N GLY C 24 7.63 9.91 7.82
CA GLY C 24 7.74 10.83 6.70
C GLY C 24 6.43 11.55 6.48
N LEU C 25 5.37 10.77 6.40
CA LEU C 25 4.04 11.31 6.23
C LEU C 25 3.58 12.08 7.47
N ILE C 26 3.96 11.60 8.66
CA ILE C 26 3.57 12.29 9.88
C ILE C 26 4.11 13.71 9.90
N VAL C 27 5.34 13.88 9.39
CA VAL C 27 5.95 15.19 9.36
C VAL C 27 5.28 16.11 8.35
N SER C 28 5.10 15.65 7.10
CA SER C 28 4.48 16.49 6.08
C SER C 28 3.02 16.81 6.39
N ARG C 29 2.29 15.83 6.90
CA ARG C 29 0.88 16.04 7.26
C ARG C 29 0.78 17.00 8.44
N THR C 30 1.66 16.83 9.41
CA THR C 30 1.70 17.72 10.58
C THR C 30 1.91 19.13 10.12
N ILE C 31 2.85 19.25 9.19
CA ILE C 31 3.20 20.52 8.58
C ILE C 31 2.00 21.10 7.85
N GLU C 32 1.29 20.25 7.13
CA GLU C 32 0.10 20.66 6.38
C GLU C 32 -0.99 21.16 7.34
N GLY C 33 -1.12 20.51 8.49
CA GLY C 33 -2.12 20.91 9.46
C GLY C 33 -1.92 22.32 9.99
N ILE C 34 -0.68 22.68 10.30
CA ILE C 34 -0.38 24.02 10.82
C ILE C 34 -0.26 25.04 9.70
N ALA C 35 0.00 24.57 8.49
CA ALA C 35 0.13 25.42 7.31
C ALA C 35 -1.18 26.14 6.98
N ARG C 36 -2.29 25.41 7.08
CA ARG C 36 -3.60 25.96 6.77
C ARG C 36 -4.06 26.95 7.83
N GLN C 37 -4.28 26.45 9.04
CA GLN C 37 -4.73 27.28 10.14
C GLN C 37 -3.61 27.47 11.16
N PRO C 38 -3.19 28.73 11.40
CA PRO C 38 -2.12 29.05 12.35
C PRO C 38 -2.58 28.93 13.80
N GLU C 39 -3.06 27.76 14.18
CA GLU C 39 -3.51 27.51 15.54
C GLU C 39 -2.61 26.50 16.22
N LEU C 40 -1.94 26.92 17.30
CA LEU C 40 -1.03 26.07 18.07
C LEU C 40 0.00 25.42 17.14
N ARG C 41 0.62 26.25 16.28
CA ARG C 41 1.60 25.79 15.30
C ARG C 41 2.77 25.01 15.93
N PRO C 42 3.47 25.55 16.94
CA PRO C 42 4.60 24.84 17.57
C PRO C 42 4.14 23.61 18.36
N VAL C 43 2.96 23.71 18.96
CA VAL C 43 2.40 22.61 19.75
C VAL C 43 2.08 21.40 18.87
N LEU C 44 1.45 21.66 17.73
CA LEU C 44 1.08 20.59 16.81
C LEU C 44 2.30 19.87 16.27
N GLN C 45 3.34 20.63 15.93
CA GLN C 45 4.58 20.06 15.45
C GLN C 45 5.24 19.26 16.58
N THR C 46 5.06 19.73 17.82
CA THR C 46 5.58 19.04 19.00
C THR C 46 4.92 17.66 19.12
N THR C 47 3.59 17.62 18.90
CA THR C 47 2.85 16.36 18.94
C THR C 47 3.41 15.44 17.85
N MET C 48 3.78 16.05 16.72
CA MET C 48 4.39 15.31 15.62
C MET C 48 5.68 14.63 16.09
N PHE C 49 6.50 15.37 16.83
CA PHE C 49 7.76 14.85 17.35
C PHE C 49 7.55 13.67 18.30
N ILE C 50 6.55 13.78 19.17
CA ILE C 50 6.26 12.68 20.09
C ILE C 50 5.75 11.48 19.28
N GLY C 51 5.08 11.78 18.16
CA GLY C 51 4.60 10.74 17.27
C GLY C 51 5.77 9.98 16.69
N VAL C 52 6.81 10.74 16.35
CA VAL C 52 8.03 10.16 15.81
C VAL C 52 8.65 9.21 16.83
N ALA C 53 8.68 9.66 18.09
CA ALA C 53 9.22 8.87 19.19
C ALA C 53 8.42 7.57 19.40
N LEU C 54 7.10 7.69 19.28
CA LEU C 54 6.21 6.55 19.46
C LEU C 54 6.41 5.50 18.36
N VAL C 55 6.33 5.98 17.13
CA VAL C 55 6.46 5.13 15.95
C VAL C 55 7.83 4.45 15.86
N GLU C 56 8.89 5.20 16.14
CA GLU C 56 10.24 4.65 16.07
C GLU C 56 10.58 3.75 17.25
N ALA C 57 9.76 3.79 18.29
CA ALA C 57 10.00 2.94 19.46
C ALA C 57 9.97 1.47 19.06
N LEU C 58 9.03 1.14 18.18
CA LEU C 58 8.86 -0.22 17.69
C LEU C 58 10.10 -0.68 16.90
N PRO C 59 10.57 0.06 15.87
CA PRO C 59 11.78 -0.31 15.13
C PRO C 59 13.00 -0.44 16.03
N ILE C 60 13.14 0.46 17.00
CA ILE C 60 14.28 0.42 17.92
C ILE C 60 14.30 -0.87 18.74
N ILE C 61 13.16 -1.23 19.33
CA ILE C 61 13.09 -2.45 20.14
C ILE C 61 13.20 -3.68 19.26
N GLY C 62 12.65 -3.61 18.05
CA GLY C 62 12.72 -4.73 17.12
C GLY C 62 14.16 -5.05 16.74
N VAL C 63 14.93 -3.99 16.48
CA VAL C 63 16.33 -4.14 16.12
C VAL C 63 17.11 -4.74 17.29
N VAL C 64 16.85 -4.22 18.50
CA VAL C 64 17.50 -4.71 19.71
C VAL C 64 17.19 -6.19 19.95
N PHE C 65 15.93 -6.56 19.78
CA PHE C 65 15.50 -7.95 19.96
C PHE C 65 16.18 -8.84 18.94
N SER C 66 16.33 -8.35 17.72
CA SER C 66 16.99 -9.13 16.67
C SER C 66 18.44 -9.40 17.06
N PHE C 67 19.10 -8.38 17.61
CA PHE C 67 20.50 -8.50 18.04
C PHE C 67 20.65 -9.51 19.17
N ILE C 68 19.75 -9.48 20.14
CA ILE C 68 19.82 -10.43 21.25
C ILE C 68 19.42 -11.84 20.84
N TYR C 69 18.51 -11.94 19.86
CA TYR C 69 18.09 -13.26 19.38
C TYR C 69 19.27 -13.99 18.74
N LEU C 70 19.98 -13.29 17.87
CA LEU C 70 21.15 -13.88 17.22
C LEU C 70 22.29 -14.04 18.21
N GLY C 71 22.45 -13.01 19.01
CA GLY C 71 23.51 -12.98 20.00
C GLY C 71 23.38 -14.05 21.06
N ARG C 72 22.17 -14.30 21.53
CA ARG C 72 21.94 -15.31 22.55
C ARG C 72 21.01 -16.42 22.04
N MET D 1 17.34 -23.55 14.37
CA MET D 1 17.24 -22.40 15.32
C MET D 1 17.24 -21.08 14.56
N HIS D 2 17.92 -21.05 13.42
CA HIS D 2 18.00 -19.84 12.60
C HIS D 2 16.62 -19.47 12.07
N LEU D 3 15.83 -20.47 11.69
CA LEU D 3 14.48 -20.25 11.20
C LEU D 3 13.59 -19.65 12.29
N GLY D 4 13.76 -20.15 13.52
CA GLY D 4 12.97 -19.66 14.64
C GLY D 4 13.18 -18.19 14.93
N VAL D 5 14.43 -17.73 14.91
CA VAL D 5 14.71 -16.32 15.17
C VAL D 5 14.14 -15.47 14.05
N LEU D 6 14.09 -16.03 12.85
CA LEU D 6 13.51 -15.36 11.68
C LEU D 6 12.00 -15.23 11.87
N ALA D 7 11.39 -16.28 12.40
CA ALA D 7 9.94 -16.28 12.62
C ALA D 7 9.55 -15.14 13.56
N ALA D 8 10.28 -15.02 14.66
CA ALA D 8 10.02 -13.94 15.59
C ALA D 8 10.42 -12.59 15.01
N ALA D 9 11.55 -12.57 14.30
CA ALA D 9 12.04 -11.33 13.69
C ALA D 9 11.09 -10.78 12.64
N ILE D 10 10.51 -11.66 11.83
CA ILE D 10 9.56 -11.20 10.83
C ILE D 10 8.24 -10.81 11.49
N ALA D 11 7.85 -11.55 12.53
CA ALA D 11 6.60 -11.24 13.24
C ALA D 11 6.67 -9.87 13.91
N VAL D 12 7.81 -9.58 14.54
CA VAL D 12 8.00 -8.30 15.20
C VAL D 12 8.19 -7.22 14.16
N GLY D 13 8.84 -7.58 13.05
CA GLY D 13 9.02 -6.64 11.97
C GLY D 13 7.67 -6.23 11.42
N LEU D 14 6.78 -7.22 11.32
CA LEU D 14 5.42 -6.98 10.86
C LEU D 14 4.66 -6.12 11.86
N GLY D 15 4.84 -6.43 13.15
CA GLY D 15 4.19 -5.67 14.20
C GLY D 15 4.64 -4.22 14.23
N ALA D 16 5.95 -4.02 14.12
CA ALA D 16 6.54 -2.69 14.12
C ALA D 16 6.08 -1.87 12.93
N LEU D 17 6.02 -2.53 11.77
CA LEU D 17 5.62 -1.86 10.55
C LEU D 17 4.15 -1.45 10.59
N GLY D 18 3.28 -2.39 10.98
CA GLY D 18 1.85 -2.10 11.02
C GLY D 18 1.49 -0.99 12.00
N ALA D 19 1.94 -1.12 13.24
CA ALA D 19 1.64 -0.10 14.24
C ALA D 19 2.41 1.18 13.95
N GLY D 20 3.62 1.05 13.42
CA GLY D 20 4.43 2.21 13.11
C GLY D 20 3.77 3.13 12.11
N ILE D 21 3.25 2.56 11.01
CA ILE D 21 2.59 3.40 10.02
C ILE D 21 1.20 3.82 10.49
N GLY D 22 0.52 2.92 11.19
CA GLY D 22 -0.81 3.22 11.71
C GLY D 22 -0.79 4.34 12.72
N ASN D 23 0.19 4.31 13.62
CA ASN D 23 0.31 5.34 14.65
C ASN D 23 0.96 6.60 14.09
N GLY D 24 1.85 6.46 13.14
CA GLY D 24 2.46 7.65 12.57
C GLY D 24 1.41 8.52 11.94
N LEU D 25 0.59 7.89 11.10
CA LEU D 25 -0.49 8.60 10.44
C LEU D 25 -1.57 9.02 11.43
N ILE D 26 -1.82 8.19 12.46
CA ILE D 26 -2.83 8.53 13.45
C ILE D 26 -2.47 9.83 14.15
N VAL D 27 -1.17 10.02 14.42
CA VAL D 27 -0.72 11.22 15.10
C VAL D 27 -0.84 12.45 14.21
N SER D 28 -0.32 12.38 12.98
CA SER D 28 -0.38 13.54 12.07
C SER D 28 -1.81 13.89 11.68
N ARG D 29 -2.64 12.88 11.44
CA ARG D 29 -4.04 13.12 11.07
C ARG D 29 -4.80 13.70 12.25
N THR D 30 -4.53 13.18 13.45
CA THR D 30 -5.15 13.69 14.67
C THR D 30 -4.82 15.15 14.82
N ILE D 31 -3.55 15.44 14.58
CA ILE D 31 -3.03 16.78 14.65
C ILE D 31 -3.72 17.67 13.61
N GLU D 32 -3.90 17.14 12.41
CA GLU D 32 -4.56 17.85 11.33
C GLU D 32 -6.01 18.16 11.69
N GLY D 33 -6.67 17.23 12.37
CA GLY D 33 -8.06 17.42 12.77
C GLY D 33 -8.25 18.59 13.72
N ILE D 34 -7.37 18.73 14.70
CA ILE D 34 -7.47 19.82 15.66
C ILE D 34 -6.86 21.12 15.12
N ALA D 35 -5.98 20.98 14.14
CA ALA D 35 -5.33 22.13 13.51
C ALA D 35 -6.32 23.02 12.78
N ARG D 36 -7.27 22.41 12.08
CA ARG D 36 -8.27 23.17 11.33
C ARG D 36 -9.28 23.84 12.25
N GLN D 37 -10.06 23.03 12.96
CA GLN D 37 -11.07 23.57 13.87
C GLN D 37 -10.64 23.34 15.33
N PRO D 38 -10.48 24.43 16.10
CA PRO D 38 -10.08 24.35 17.51
C PRO D 38 -11.21 23.87 18.42
N GLU D 39 -11.73 22.70 18.13
CA GLU D 39 -12.80 22.12 18.93
C GLU D 39 -12.31 20.86 19.65
N LEU D 40 -12.33 20.90 20.98
CA LEU D 40 -11.88 19.77 21.80
C LEU D 40 -10.48 19.32 21.39
N ARG D 41 -9.57 20.30 21.26
CA ARG D 41 -8.19 20.04 20.83
C ARG D 41 -7.47 18.99 21.69
N PRO D 42 -7.41 19.16 23.04
CA PRO D 42 -6.73 18.19 23.90
C PRO D 42 -7.44 16.83 23.94
N VAL D 43 -8.76 16.87 23.86
CA VAL D 43 -9.57 15.65 23.90
C VAL D 43 -9.32 14.80 22.66
N LEU D 44 -9.29 15.43 21.49
CA LEU D 44 -9.07 14.70 20.23
C LEU D 44 -7.69 14.05 20.22
N GLN D 45 -6.70 14.78 20.70
CA GLN D 45 -5.34 14.25 20.76
C GLN D 45 -5.30 13.09 21.78
N THR D 46 -6.12 13.21 22.84
CA THR D 46 -6.24 12.15 23.84
C THR D 46 -6.78 10.87 23.19
N THR D 47 -7.78 11.02 22.33
CA THR D 47 -8.36 9.89 21.60
C THR D 47 -7.27 9.27 20.75
N MET D 48 -6.41 10.13 20.20
CA MET D 48 -5.27 9.69 19.40
C MET D 48 -4.37 8.78 20.23
N PHE D 49 -4.09 9.20 21.47
CA PHE D 49 -3.24 8.42 22.38
C PHE D 49 -3.84 7.05 22.69
N ILE D 50 -5.15 6.99 22.92
CA ILE D 50 -5.79 5.71 23.18
C ILE D 50 -5.73 4.85 21.92
N GLY D 51 -5.75 5.53 20.77
CA GLY D 51 -5.64 4.84 19.50
C GLY D 51 -4.29 4.17 19.39
N VAL D 52 -3.27 4.88 19.87
CA VAL D 52 -1.91 4.36 19.88
C VAL D 52 -1.85 3.10 20.75
N ALA D 53 -2.50 3.17 21.91
CA ALA D 53 -2.54 2.04 22.84
C ALA D 53 -3.25 0.84 22.22
N LEU D 54 -4.32 1.11 21.49
CA LEU D 54 -5.10 0.06 20.83
C LEU D 54 -4.31 -0.64 19.74
N VAL D 55 -3.76 0.17 18.85
CA VAL D 55 -3.00 -0.31 17.71
C VAL D 55 -1.74 -1.07 18.14
N GLU D 56 -1.02 -0.54 19.12
CA GLU D 56 0.21 -1.17 19.59
C GLU D 56 -0.04 -2.40 20.46
N ALA D 57 -1.28 -2.59 20.88
CA ALA D 57 -1.63 -3.76 21.70
C ALA D 57 -1.35 -5.03 20.92
N LEU D 58 -1.67 -5.01 19.64
CA LEU D 58 -1.48 -6.14 18.76
C LEU D 58 0.01 -6.49 18.61
N PRO D 59 0.90 -5.52 18.24
CA PRO D 59 2.33 -5.78 18.14
C PRO D 59 2.93 -6.29 19.45
N ILE D 60 2.49 -5.71 20.57
CA ILE D 60 2.99 -6.13 21.89
C ILE D 60 2.67 -7.59 22.18
N ILE D 61 1.42 -8.00 21.96
CA ILE D 61 1.04 -9.37 22.22
C ILE D 61 1.66 -10.32 21.20
N GLY D 62 1.80 -9.85 19.96
CA GLY D 62 2.41 -10.67 18.93
C GLY D 62 3.86 -10.99 19.24
N VAL D 63 4.58 -10.00 19.74
CA VAL D 63 5.97 -10.17 20.12
C VAL D 63 6.08 -11.15 21.29
N VAL D 64 5.19 -10.98 22.28
CA VAL D 64 5.17 -11.85 23.46
C VAL D 64 4.88 -13.30 23.05
N PHE D 65 3.91 -13.48 22.16
CA PHE D 65 3.54 -14.81 21.68
C PHE D 65 4.70 -15.44 20.94
N SER D 66 5.44 -14.65 20.17
CA SER D 66 6.59 -15.14 19.43
C SER D 66 7.65 -15.66 20.40
N PHE D 67 7.86 -14.90 21.48
CA PHE D 67 8.84 -15.28 22.51
C PHE D 67 8.46 -16.59 23.19
N ILE D 68 7.18 -16.75 23.52
CA ILE D 68 6.74 -17.97 24.19
C ILE D 68 6.71 -19.16 23.23
N TYR D 69 6.44 -18.90 21.95
CA TYR D 69 6.41 -19.96 20.95
C TYR D 69 7.79 -20.59 20.82
N LEU D 70 8.80 -19.75 20.69
CA LEU D 70 10.18 -20.24 20.59
C LEU D 70 10.65 -20.78 21.91
N GLY D 71 10.32 -20.05 22.96
CA GLY D 71 10.71 -20.41 24.29
C GLY D 71 10.12 -21.72 24.78
N ARG D 72 8.86 -21.97 24.46
CA ARG D 72 8.21 -23.20 24.87
C ARG D 72 7.76 -24.01 23.66
N MET E 1 9.01 -28.26 13.53
CA MET E 1 8.37 -27.43 14.58
C MET E 1 8.66 -25.95 14.37
N HIS E 2 9.83 -25.67 13.79
CA HIS E 2 10.24 -24.30 13.51
C HIS E 2 9.30 -23.64 12.50
N LEU E 3 8.89 -24.43 11.51
CA LEU E 3 7.98 -23.94 10.48
C LEU E 3 6.62 -23.59 11.09
N GLY E 4 6.16 -24.43 12.03
CA GLY E 4 4.88 -24.21 12.68
C GLY E 4 4.81 -22.91 13.45
N VAL E 5 5.86 -22.58 14.20
CA VAL E 5 5.87 -21.34 14.97
C VAL E 5 5.90 -20.16 14.01
N LEU E 6 6.52 -20.35 12.85
CA LEU E 6 6.57 -19.32 11.83
C LEU E 6 5.18 -19.10 11.24
N ALA E 7 4.44 -20.19 11.05
CA ALA E 7 3.10 -20.10 10.49
C ALA E 7 2.21 -19.25 11.39
N ALA E 8 2.27 -19.51 12.68
CA ALA E 8 1.49 -18.73 13.63
C ALA E 8 2.04 -17.32 13.75
N ALA E 9 3.37 -17.21 13.75
CA ALA E 9 4.03 -15.91 13.88
C ALA E 9 3.71 -14.99 12.72
N ILE E 10 3.69 -15.53 11.50
CA ILE E 10 3.36 -14.71 10.34
C ILE E 10 1.86 -14.40 10.32
N ALA E 11 1.04 -15.36 10.75
CA ALA E 11 -0.41 -15.15 10.78
C ALA E 11 -0.79 -14.05 11.75
N VAL E 12 -0.15 -14.06 12.93
CA VAL E 12 -0.41 -13.04 13.94
C VAL E 12 0.22 -11.73 13.52
N GLY E 13 1.36 -11.83 12.85
CA GLY E 13 2.02 -10.64 12.34
C GLY E 13 1.11 -9.96 11.33
N LEU E 14 0.46 -10.79 10.50
CA LEU E 14 -0.47 -10.30 9.50
C LEU E 14 -1.70 -9.69 10.18
N GLY E 15 -2.18 -10.37 11.22
CA GLY E 15 -3.33 -9.88 11.96
C GLY E 15 -3.06 -8.55 12.65
N ALA E 16 -1.88 -8.46 13.27
CA ALA E 16 -1.47 -7.26 13.97
C ALA E 16 -1.30 -6.09 13.02
N LEU E 17 -0.73 -6.37 11.86
CA LEU E 17 -0.48 -5.35 10.86
C LEU E 17 -1.79 -4.82 10.27
N GLY E 18 -2.67 -5.74 9.87
CA GLY E 18 -3.94 -5.34 9.26
C GLY E 18 -4.82 -4.53 10.19
N ALA E 19 -5.06 -5.05 11.38
CA ALA E 19 -5.89 -4.33 12.34
C ALA E 19 -5.17 -3.10 12.88
N GLY E 20 -3.85 -3.20 13.02
CA GLY E 20 -3.09 -2.08 13.52
C GLY E 20 -3.19 -0.85 12.65
N ILE E 21 -3.04 -1.03 11.34
CA ILE E 21 -3.14 0.11 10.44
C ILE E 21 -4.61 0.52 10.25
N GLY E 22 -5.49 -0.48 10.20
CA GLY E 22 -6.91 -0.21 10.04
C GLY E 22 -7.48 0.58 11.19
N ASN E 23 -7.12 0.19 12.40
CA ASN E 23 -7.60 0.86 13.60
C ASN E 23 -6.85 2.16 13.85
N GLY E 24 -5.57 2.21 13.49
CA GLY E 24 -4.84 3.45 13.69
C GLY E 24 -5.48 4.56 12.90
N LEU E 25 -5.70 4.29 11.62
CA LEU E 25 -6.35 5.26 10.74
C LEU E 25 -7.80 5.47 11.13
N ILE E 26 -8.49 4.42 11.59
CA ILE E 26 -9.89 4.55 11.97
C ILE E 26 -10.02 5.57 13.10
N VAL E 27 -9.07 5.54 14.03
CA VAL E 27 -9.10 6.44 15.17
C VAL E 27 -8.83 7.89 14.75
N SER E 28 -7.75 8.12 14.00
CA SER E 28 -7.42 9.49 13.58
C SER E 28 -8.46 10.08 12.64
N ARG E 29 -8.97 9.27 11.72
CA ARG E 29 -9.99 9.73 10.79
C ARG E 29 -11.30 10.03 11.53
N THR E 30 -11.64 9.16 12.48
CA THR E 30 -12.83 9.36 13.29
C THR E 30 -12.73 10.67 14.01
N ILE E 31 -11.53 10.90 14.55
CA ILE E 31 -11.21 12.10 15.28
C ILE E 31 -11.34 13.31 14.35
N GLU E 32 -10.84 13.16 13.11
CA GLU E 32 -10.89 14.22 12.12
C GLU E 32 -12.34 14.56 11.77
N GLY E 33 -13.19 13.53 11.69
CA GLY E 33 -14.60 13.74 11.37
C GLY E 33 -15.32 14.61 12.40
N ILE E 34 -15.08 14.37 13.68
CA ILE E 34 -15.73 15.15 14.73
C ILE E 34 -15.02 16.48 14.98
N ALA E 35 -13.75 16.54 14.59
CA ALA E 35 -12.95 17.75 14.76
C ALA E 35 -13.49 18.92 13.92
N ARG E 36 -13.90 18.62 12.70
CA ARG E 36 -14.42 19.64 11.81
C ARG E 36 -15.80 20.13 12.24
N GLN E 37 -16.78 19.24 12.17
CA GLN E 37 -18.14 19.58 12.55
C GLN E 37 -18.50 18.91 13.88
N PRO E 38 -18.84 19.71 14.90
CA PRO E 38 -19.21 19.20 16.23
C PRO E 38 -20.62 18.59 16.26
N GLU E 39 -20.84 17.59 15.41
CA GLU E 39 -22.12 16.92 15.33
C GLU E 39 -21.99 15.48 15.79
N LEU E 40 -22.70 15.14 16.88
CA LEU E 40 -22.65 13.77 17.43
C LEU E 40 -21.21 13.33 17.68
N ARG E 41 -20.43 14.21 18.32
CA ARG E 41 -19.02 13.95 18.60
C ARG E 41 -18.77 12.64 19.36
N PRO E 42 -19.43 12.41 20.53
CA PRO E 42 -19.22 11.16 21.28
C PRO E 42 -19.76 9.93 20.56
N VAL E 43 -20.86 10.11 19.84
CA VAL E 43 -21.49 9.03 19.09
C VAL E 43 -20.59 8.53 17.97
N LEU E 44 -19.99 9.47 17.22
CA LEU E 44 -19.12 9.12 16.11
C LEU E 44 -17.88 8.37 16.60
N GLN E 45 -17.33 8.82 17.71
CA GLN E 45 -16.17 8.16 18.30
C GLN E 45 -16.58 6.77 18.80
N THR E 46 -17.83 6.66 19.26
CA THR E 46 -18.38 5.37 19.72
C THR E 46 -18.42 4.39 18.54
N THR E 47 -18.86 4.88 17.37
CA THR E 47 -18.90 4.07 16.16
C THR E 47 -17.48 3.61 15.85
N MET E 48 -16.52 4.51 16.08
CA MET E 48 -15.11 4.21 15.89
C MET E 48 -14.70 3.01 16.75
N PHE E 49 -15.14 3.03 18.02
CA PHE E 49 -14.81 1.95 18.96
C PHE E 49 -15.40 0.61 18.50
N ILE E 50 -16.64 0.62 18.00
CA ILE E 50 -17.23 -0.63 17.52
C ILE E 50 -16.48 -1.08 16.27
N GLY E 51 -15.95 -0.11 15.53
CA GLY E 51 -15.15 -0.41 14.35
C GLY E 51 -13.89 -1.15 14.75
N VAL E 52 -13.32 -0.72 15.87
CA VAL E 52 -12.13 -1.34 16.42
C VAL E 52 -12.44 -2.79 16.78
N ALA E 53 -13.60 -2.99 17.41
CA ALA E 53 -14.04 -4.33 17.81
C ALA E 53 -14.23 -5.24 16.59
N LEU E 54 -14.80 -4.66 15.53
CA LEU E 54 -15.07 -5.40 14.30
C LEU E 54 -13.78 -5.83 13.61
N VAL E 55 -12.91 -4.86 13.40
CA VAL E 55 -11.64 -5.07 12.73
C VAL E 55 -10.74 -6.03 13.49
N GLU E 56 -10.66 -5.89 14.81
CA GLU E 56 -9.80 -6.74 15.63
C GLU E 56 -10.38 -8.14 15.83
N ALA E 57 -11.65 -8.32 15.49
CA ALA E 57 -12.28 -9.63 15.64
C ALA E 57 -11.57 -10.65 14.77
N LEU E 58 -11.19 -10.22 13.59
CA LEU E 58 -10.49 -11.08 12.64
C LEU E 58 -9.11 -11.52 13.17
N PRO E 59 -8.23 -10.57 13.60
CA PRO E 59 -6.93 -10.93 14.18
C PRO E 59 -7.06 -11.85 15.39
N ILE E 60 -8.06 -11.58 16.25
CA ILE E 60 -8.27 -12.39 17.44
C ILE E 60 -8.60 -13.84 17.08
N ILE E 61 -9.54 -14.04 16.15
CA ILE E 61 -9.91 -15.40 15.77
C ILE E 61 -8.79 -16.06 14.97
N GLY E 62 -8.06 -15.28 14.19
CA GLY E 62 -6.95 -15.82 13.41
C GLY E 62 -5.86 -16.37 14.31
N VAL E 63 -5.56 -15.62 15.38
CA VAL E 63 -4.55 -16.03 16.34
C VAL E 63 -4.99 -17.31 17.06
N VAL E 64 -6.27 -17.34 17.45
CA VAL E 64 -6.83 -18.51 18.14
C VAL E 64 -6.78 -19.75 17.23
N PHE E 65 -7.15 -19.57 15.97
CA PHE E 65 -7.13 -20.67 15.00
C PHE E 65 -5.71 -21.18 14.81
N SER E 66 -4.74 -20.26 14.79
CA SER E 66 -3.34 -20.63 14.63
C SER E 66 -2.89 -21.52 15.80
N PHE E 67 -3.32 -21.12 17.01
CA PHE E 67 -2.99 -21.86 18.23
C PHE E 67 -3.58 -23.27 18.21
N ILE E 68 -4.83 -23.40 17.78
CA ILE E 68 -5.48 -24.71 17.73
C ILE E 68 -4.93 -25.56 16.58
N TYR E 69 -4.52 -24.92 15.48
CA TYR E 69 -3.96 -25.65 14.35
C TYR E 69 -2.67 -26.35 14.76
N LEU E 70 -1.79 -25.61 15.42
CA LEU E 70 -0.53 -26.17 15.89
C LEU E 70 -0.77 -27.12 17.05
N GLY E 71 -1.64 -26.68 17.94
CA GLY E 71 -1.97 -27.45 19.11
C GLY E 71 -2.62 -28.78 18.81
N ARG E 72 -3.53 -28.80 17.84
CA ARG E 72 -4.22 -30.04 17.48
C ARG E 72 -3.93 -30.42 16.03
N MET F 1 2.65 -31.68 7.21
CA MET F 1 1.51 -31.14 7.99
C MET F 1 1.77 -29.70 8.40
N HIS F 2 3.04 -29.37 8.61
CA HIS F 2 3.45 -28.03 9.00
C HIS F 2 3.12 -27.02 7.90
N LEU F 3 3.33 -27.44 6.65
CA LEU F 3 3.05 -26.59 5.50
C LEU F 3 1.55 -26.30 5.40
N GLY F 4 0.74 -27.34 5.68
CA GLY F 4 -0.71 -27.18 5.62
C GLY F 4 -1.26 -26.15 6.59
N VAL F 5 -0.76 -26.17 7.83
CA VAL F 5 -1.22 -25.20 8.83
C VAL F 5 -0.80 -23.80 8.42
N LEU F 6 0.34 -23.71 7.74
CA LEU F 6 0.86 -22.44 7.23
C LEU F 6 -0.04 -21.92 6.12
N ALA F 7 -0.51 -22.84 5.27
CA ALA F 7 -1.38 -22.47 4.16
C ALA F 7 -2.65 -21.83 4.68
N ALA F 8 -3.26 -22.45 5.68
CA ALA F 8 -4.46 -21.90 6.27
C ALA F 8 -4.14 -20.65 7.07
N ALA F 9 -3.02 -20.66 7.79
CA ALA F 9 -2.60 -19.53 8.61
C ALA F 9 -2.34 -18.29 7.77
N ILE F 10 -1.71 -18.45 6.62
CA ILE F 10 -1.45 -17.32 5.76
C ILE F 10 -2.72 -16.86 5.08
N ALA F 11 -3.59 -17.82 4.71
CA ALA F 11 -4.86 -17.48 4.06
C ALA F 11 -5.75 -16.68 4.99
N VAL F 12 -5.82 -17.09 6.26
CA VAL F 12 -6.63 -16.38 7.24
C VAL F 12 -5.95 -15.08 7.60
N GLY F 13 -4.62 -15.08 7.62
CA GLY F 13 -3.88 -13.87 7.88
C GLY F 13 -4.19 -12.85 6.81
N LEU F 14 -4.26 -13.33 5.57
CA LEU F 14 -4.58 -12.49 4.43
C LEU F 14 -6.01 -11.99 4.53
N GLY F 15 -6.92 -12.88 4.93
CA GLY F 15 -8.32 -12.52 5.09
C GLY F 15 -8.52 -11.48 6.18
N ALA F 16 -7.86 -11.68 7.30
CA ALA F 16 -7.94 -10.77 8.44
C ALA F 16 -7.38 -9.40 8.10
N LEU F 17 -6.27 -9.39 7.37
CA LEU F 17 -5.62 -8.16 6.99
C LEU F 17 -6.46 -7.36 5.99
N GLY F 18 -6.95 -8.03 4.95
CA GLY F 18 -7.75 -7.36 3.94
C GLY F 18 -9.03 -6.77 4.47
N ALA F 19 -9.82 -7.58 5.17
CA ALA F 19 -11.08 -7.09 5.73
C ALA F 19 -10.81 -6.15 6.89
N GLY F 20 -9.76 -6.40 7.64
CA GLY F 20 -9.43 -5.56 8.77
C GLY F 20 -9.15 -4.13 8.38
N ILE F 21 -8.34 -3.93 7.34
CA ILE F 21 -8.03 -2.58 6.89
C ILE F 21 -9.22 -1.99 6.12
N GLY F 22 -9.88 -2.84 5.33
CA GLY F 22 -11.02 -2.40 4.56
C GLY F 22 -12.16 -1.92 5.43
N ASN F 23 -12.45 -2.67 6.48
CA ASN F 23 -13.52 -2.32 7.41
C ASN F 23 -13.10 -1.24 8.38
N GLY F 24 -11.83 -1.21 8.75
CA GLY F 24 -11.38 -0.16 9.65
C GLY F 24 -11.59 1.19 9.01
N LEU F 25 -11.11 1.33 7.78
CA LEU F 25 -11.28 2.55 7.03
C LEU F 25 -12.74 2.80 6.66
N ILE F 26 -13.49 1.73 6.37
CA ILE F 26 -14.89 1.88 6.01
C ILE F 26 -15.66 2.53 7.16
N VAL F 27 -15.32 2.16 8.39
CA VAL F 27 -16.00 2.69 9.55
C VAL F 27 -15.64 4.16 9.78
N SER F 28 -14.34 4.49 9.80
CA SER F 28 -13.93 5.88 10.03
C SER F 28 -14.38 6.81 8.90
N ARG F 29 -14.30 6.35 7.66
CA ARG F 29 -14.72 7.17 6.53
C ARG F 29 -16.23 7.36 6.55
N THR F 30 -16.95 6.30 6.88
CA THR F 30 -18.41 6.37 7.00
C THR F 30 -18.78 7.40 8.03
N ILE F 31 -18.05 7.35 9.13
CA ILE F 31 -18.22 8.26 10.22
C ILE F 31 -17.92 9.69 9.78
N GLU F 32 -16.86 9.85 9.00
CA GLU F 32 -16.46 11.14 8.47
C GLU F 32 -17.55 11.71 7.55
N GLY F 33 -18.17 10.84 6.76
CA GLY F 33 -19.22 11.28 5.84
C GLY F 33 -20.42 11.88 6.55
N ILE F 34 -20.86 11.26 7.65
CA ILE F 34 -22.02 11.76 8.39
C ILE F 34 -21.63 12.89 9.35
N ALA F 35 -20.34 12.94 9.70
CA ALA F 35 -19.81 13.96 10.59
C ALA F 35 -19.93 15.36 10.00
N ARG F 36 -19.63 15.47 8.71
CA ARG F 36 -19.68 16.76 8.02
C ARG F 36 -21.11 17.23 7.80
N GLN F 37 -21.86 16.49 7.00
CA GLN F 37 -23.25 16.83 6.72
C GLN F 37 -24.19 15.86 7.41
N PRO F 38 -25.07 16.36 8.29
CA PRO F 38 -26.02 15.53 9.02
C PRO F 38 -27.20 15.08 8.16
N GLU F 39 -26.88 14.40 7.06
CA GLU F 39 -27.91 13.90 6.15
C GLU F 39 -27.93 12.38 6.17
N LEU F 40 -29.07 11.82 6.58
CA LEU F 40 -29.23 10.36 6.66
C LEU F 40 -28.09 9.71 7.46
N ARG F 41 -27.81 10.29 8.62
CA ARG F 41 -26.73 9.83 9.50
C ARG F 41 -26.82 8.34 9.85
N PRO F 42 -27.97 7.85 10.40
CA PRO F 42 -28.10 6.43 10.75
C PRO F 42 -28.11 5.52 9.52
N VAL F 43 -28.69 6.01 8.43
CA VAL F 43 -28.77 5.24 7.19
C VAL F 43 -27.39 5.01 6.59
N LEU F 44 -26.56 6.05 6.57
CA LEU F 44 -25.22 5.95 6.01
C LEU F 44 -24.37 4.97 6.81
N GLN F 45 -24.48 5.03 8.13
CA GLN F 45 -23.75 4.12 9.00
C GLN F 45 -24.27 2.70 8.78
N THR F 46 -25.57 2.58 8.48
CA THR F 46 -26.19 1.28 8.20
C THR F 46 -25.55 0.68 6.93
N THR F 47 -25.35 1.52 5.91
CA THR F 47 -24.72 1.10 4.67
C THR F 47 -23.31 0.62 5.00
N MET F 48 -22.68 1.31 5.95
CA MET F 48 -21.35 0.94 6.42
C MET F 48 -21.36 -0.49 6.97
N PHE F 49 -22.38 -0.79 7.78
CA PHE F 49 -22.52 -2.12 8.39
C PHE F 49 -22.69 -3.21 7.33
N ILE F 50 -23.50 -2.94 6.29
CA ILE F 50 -23.67 -3.92 5.23
C ILE F 50 -22.36 -4.08 4.47
N GLY F 51 -21.59 -2.98 4.42
CA GLY F 51 -20.29 -3.02 3.79
C GLY F 51 -19.37 -3.96 4.54
N VAL F 52 -19.48 -3.92 5.87
CA VAL F 52 -18.70 -4.79 6.73
C VAL F 52 -19.05 -6.25 6.44
N ALA F 53 -20.35 -6.51 6.30
CA ALA F 53 -20.85 -7.86 6.00
C ALA F 53 -20.33 -8.35 4.64
N LEU F 54 -20.31 -7.45 3.68
CA LEU F 54 -19.85 -7.77 2.32
C LEU F 54 -18.37 -8.11 2.29
N VAL F 55 -17.58 -7.20 2.86
CA VAL F 55 -16.14 -7.34 2.89
C VAL F 55 -15.69 -8.56 3.69
N GLU F 56 -16.31 -8.81 4.84
CA GLU F 56 -15.94 -9.94 5.69
C GLU F 56 -16.45 -11.27 5.15
N ALA F 57 -17.35 -11.22 4.18
CA ALA F 57 -17.88 -12.45 3.58
C ALA F 57 -16.76 -13.26 2.94
N LEU F 58 -15.85 -12.54 2.30
CA LEU F 58 -14.70 -13.15 1.63
C LEU F 58 -13.78 -13.86 2.64
N PRO F 59 -13.30 -13.17 3.72
CA PRO F 59 -12.46 -13.80 4.74
C PRO F 59 -13.14 -15.01 5.38
N ILE F 60 -14.45 -14.90 5.64
CA ILE F 60 -15.19 -16.00 6.27
C ILE F 60 -15.19 -17.25 5.38
N ILE F 61 -15.49 -17.08 4.09
CA ILE F 61 -15.53 -18.23 3.19
C ILE F 61 -14.12 -18.74 2.92
N GLY F 62 -13.14 -17.84 2.89
CA GLY F 62 -11.76 -18.24 2.66
C GLY F 62 -11.25 -19.12 3.78
N VAL F 63 -11.59 -18.76 5.02
CA VAL F 63 -11.19 -19.52 6.20
C VAL F 63 -11.86 -20.90 6.17
N VAL F 64 -13.15 -20.92 5.83
CA VAL F 64 -13.91 -22.17 5.76
C VAL F 64 -13.32 -23.09 4.69
N PHE F 65 -12.99 -22.52 3.53
CA PHE F 65 -12.40 -23.30 2.43
C PHE F 65 -11.06 -23.86 2.84
N SER F 66 -10.28 -23.08 3.60
CA SER F 66 -8.98 -23.53 4.07
C SER F 66 -9.15 -24.75 4.98
N PHE F 67 -10.15 -24.68 5.86
CA PHE F 67 -10.43 -25.77 6.79
C PHE F 67 -10.85 -27.04 6.06
N ILE F 68 -11.69 -26.92 5.04
CA ILE F 68 -12.12 -28.09 4.29
C ILE F 68 -11.02 -28.63 3.39
N TYR F 69 -10.14 -27.75 2.90
CA TYR F 69 -9.03 -28.17 2.05
C TYR F 69 -8.09 -29.08 2.83
N LEU F 70 -7.73 -28.64 4.03
CA LEU F 70 -6.85 -29.44 4.89
C LEU F 70 -7.58 -30.66 5.42
N GLY F 71 -8.82 -30.42 5.82
CA GLY F 71 -9.66 -31.44 6.39
C GLY F 71 -9.98 -32.56 5.41
N ARG F 72 -10.25 -32.23 4.16
CA ARG F 72 -10.57 -33.22 3.16
C ARG F 72 -9.55 -33.20 2.02
N MET G 1 0.73 -32.51 -2.15
CA MET G 1 -0.68 -32.10 -1.95
C MET G 1 -0.76 -30.87 -1.05
N HIS G 2 0.20 -30.74 -0.14
CA HIS G 2 0.26 -29.61 0.78
C HIS G 2 0.48 -28.31 0.02
N LEU G 3 1.32 -28.37 -1.01
CA LEU G 3 1.61 -27.20 -1.83
C LEU G 3 0.35 -26.76 -2.59
N GLY G 4 -0.42 -27.74 -3.08
CA GLY G 4 -1.63 -27.44 -3.82
C GLY G 4 -2.67 -26.68 -3.01
N VAL G 5 -2.87 -27.10 -1.75
CA VAL G 5 -3.85 -26.42 -0.90
C VAL G 5 -3.37 -25.01 -0.60
N LEU G 6 -2.05 -24.83 -0.54
CA LEU G 6 -1.44 -23.52 -0.33
C LEU G 6 -1.68 -22.63 -1.54
N ALA G 7 -1.58 -23.22 -2.72
CA ALA G 7 -1.77 -22.46 -3.96
C ALA G 7 -3.18 -21.87 -3.99
N ALA G 8 -4.17 -22.70 -3.68
CA ALA G 8 -5.54 -22.23 -3.64
C ALA G 8 -5.77 -21.29 -2.46
N ALA G 9 -5.16 -21.62 -1.32
CA ALA G 9 -5.30 -20.81 -0.11
C ALA G 9 -4.73 -19.42 -0.29
N ILE G 10 -3.58 -19.31 -0.94
CA ILE G 10 -3.00 -18.01 -1.17
C ILE G 10 -3.77 -17.25 -2.26
N ALA G 11 -4.26 -17.98 -3.26
CA ALA G 11 -5.03 -17.35 -4.33
C ALA G 11 -6.33 -16.77 -3.80
N VAL G 12 -7.01 -17.51 -2.93
CA VAL G 12 -8.26 -17.04 -2.33
C VAL G 12 -7.96 -15.97 -1.31
N GLY G 13 -6.82 -16.10 -0.64
CA GLY G 13 -6.41 -15.08 0.32
C GLY G 13 -6.18 -13.78 -0.39
N LEU G 14 -5.58 -13.88 -1.59
CA LEU G 14 -5.32 -12.72 -2.43
C LEU G 14 -6.64 -12.13 -2.92
N GLY G 15 -7.56 -13.01 -3.32
CA GLY G 15 -8.86 -12.58 -3.80
C GLY G 15 -9.66 -11.88 -2.72
N ALA G 16 -9.66 -12.46 -1.53
CA ALA G 16 -10.38 -11.90 -0.38
C ALA G 16 -9.81 -10.56 0.04
N LEU G 17 -8.48 -10.45 0.01
CA LEU G 17 -7.82 -9.22 0.39
C LEU G 17 -8.09 -8.09 -0.61
N GLY G 18 -7.93 -8.39 -1.89
CA GLY G 18 -8.13 -7.38 -2.92
C GLY G 18 -9.55 -6.84 -2.97
N ALA G 19 -10.52 -7.75 -3.04
CA ALA G 19 -11.92 -7.31 -3.08
C ALA G 19 -12.35 -6.77 -1.73
N GLY G 20 -11.82 -7.34 -0.66
CA GLY G 20 -12.17 -6.88 0.67
C GLY G 20 -11.82 -5.43 0.91
N ILE G 21 -10.61 -5.03 0.55
CA ILE G 21 -10.22 -3.64 0.73
C ILE G 21 -10.86 -2.74 -0.32
N GLY G 22 -10.98 -3.27 -1.54
CA GLY G 22 -11.59 -2.52 -2.63
C GLY G 22 -13.04 -2.20 -2.36
N ASN G 23 -13.77 -3.19 -1.87
CA ASN G 23 -15.19 -3.02 -1.56
C ASN G 23 -15.40 -2.30 -0.24
N GLY G 24 -14.50 -2.50 0.71
CA GLY G 24 -14.65 -1.80 1.98
C GLY G 24 -14.60 -0.31 1.74
N LEU G 25 -13.57 0.12 1.04
CA LEU G 25 -13.41 1.52 0.71
C LEU G 25 -14.48 2.00 -0.26
N ILE G 26 -14.90 1.14 -1.19
CA ILE G 26 -15.93 1.53 -2.15
C ILE G 26 -17.22 1.89 -1.42
N VAL G 27 -17.54 1.15 -0.36
CA VAL G 27 -18.74 1.39 0.40
C VAL G 27 -18.65 2.69 1.19
N SER G 28 -17.57 2.88 1.96
CA SER G 28 -17.43 4.09 2.77
C SER G 28 -17.31 5.34 1.91
N ARG G 29 -16.56 5.26 0.81
CA ARG G 29 -16.41 6.39 -0.09
C ARG G 29 -17.72 6.72 -0.77
N THR G 30 -18.44 5.68 -1.19
CA THR G 30 -19.75 5.86 -1.82
C THR G 30 -20.65 6.59 -0.86
N ILE G 31 -20.60 6.14 0.39
CA ILE G 31 -21.37 6.72 1.46
C ILE G 31 -20.98 8.18 1.66
N GLU G 32 -19.68 8.45 1.61
CA GLU G 32 -19.16 9.81 1.77
C GLU G 32 -19.66 10.70 0.64
N GLY G 33 -19.73 10.17 -0.57
CA GLY G 33 -20.19 10.95 -1.71
C GLY G 33 -21.62 11.43 -1.58
N ILE G 34 -22.51 10.57 -1.09
CA ILE G 34 -23.91 10.95 -0.93
C ILE G 34 -24.14 11.71 0.38
N ALA G 35 -23.23 11.53 1.33
CA ALA G 35 -23.31 12.20 2.62
C ALA G 35 -23.19 13.72 2.48
N ARG G 36 -22.28 14.17 1.63
CA ARG G 36 -22.06 15.59 1.43
C ARG G 36 -23.21 16.24 0.66
N GLN G 37 -23.39 15.83 -0.59
CA GLN G 37 -24.44 16.39 -1.41
C GLN G 37 -25.55 15.35 -1.63
N PRO G 38 -26.78 15.66 -1.19
CA PRO G 38 -27.92 14.74 -1.34
C PRO G 38 -28.45 14.68 -2.77
N GLU G 39 -27.58 14.32 -3.70
CA GLU G 39 -27.95 14.20 -5.10
C GLU G 39 -27.88 12.75 -5.55
N LEU G 40 -29.03 12.19 -5.96
CA LEU G 40 -29.10 10.80 -6.41
C LEU G 40 -28.50 9.85 -5.37
N ARG G 41 -28.90 10.04 -4.11
CA ARG G 41 -28.38 9.24 -3.00
C ARG G 41 -28.54 7.73 -3.19
N PRO G 42 -29.77 7.21 -3.48
CA PRO G 42 -29.98 5.78 -3.68
C PRO G 42 -29.29 5.25 -4.94
N VAL G 43 -29.26 6.09 -5.98
CA VAL G 43 -28.65 5.73 -7.25
C VAL G 43 -27.14 5.54 -7.10
N LEU G 44 -26.48 6.46 -6.40
CA LEU G 44 -25.04 6.40 -6.19
C LEU G 44 -24.66 5.15 -5.40
N GLN G 45 -25.44 4.84 -4.38
CA GLN G 45 -25.20 3.66 -3.56
C GLN G 45 -25.43 2.41 -4.42
N THR G 46 -26.39 2.51 -5.36
CA THR G 46 -26.69 1.41 -6.29
C THR G 46 -25.45 1.14 -7.17
N THR G 47 -24.82 2.22 -7.64
CA THR G 47 -23.60 2.11 -8.45
C THR G 47 -22.54 1.42 -7.61
N MET G 48 -22.53 1.75 -6.31
CA MET G 48 -21.60 1.13 -5.37
C MET G 48 -21.81 -0.39 -5.35
N PHE G 49 -23.07 -0.81 -5.30
CA PHE G 49 -23.40 -2.24 -5.27
C PHE G 49 -22.94 -2.95 -6.53
N ILE G 50 -23.12 -2.32 -7.70
CA ILE G 50 -22.66 -2.94 -8.95
C ILE G 50 -21.13 -3.00 -8.94
N GLY G 51 -20.53 -2.02 -8.26
CA GLY G 51 -19.08 -2.00 -8.12
C GLY G 51 -18.62 -3.20 -7.33
N VAL G 52 -19.39 -3.53 -6.30
CA VAL G 52 -19.11 -4.67 -5.46
C VAL G 52 -19.17 -5.95 -6.30
N ALA G 53 -20.19 -6.04 -7.16
CA ALA G 53 -20.37 -7.18 -8.05
C ALA G 53 -19.21 -7.32 -9.03
N LEU G 54 -18.75 -6.18 -9.53
CA LEU G 54 -17.64 -6.14 -10.50
C LEU G 54 -16.33 -6.60 -9.86
N VAL G 55 -16.01 -5.98 -8.74
CA VAL G 55 -14.78 -6.26 -8.01
C VAL G 55 -14.72 -7.70 -7.50
N GLU G 56 -15.83 -8.20 -6.96
CA GLU G 56 -15.87 -9.55 -6.42
C GLU G 56 -15.95 -10.62 -7.51
N ALA G 57 -16.22 -10.21 -8.75
CA ALA G 57 -16.29 -11.15 -9.85
C ALA G 57 -14.94 -11.85 -10.04
N LEU G 58 -13.88 -11.07 -9.88
CA LEU G 58 -12.51 -11.58 -10.03
C LEU G 58 -12.19 -12.62 -8.95
N PRO G 59 -12.39 -12.32 -7.63
CA PRO G 59 -12.15 -13.29 -6.57
C PRO G 59 -12.97 -14.57 -6.74
N ILE G 60 -14.23 -14.42 -7.16
CA ILE G 60 -15.11 -15.56 -7.35
C ILE G 60 -14.58 -16.50 -8.44
N ILE G 61 -14.20 -15.94 -9.59
CA ILE G 61 -13.68 -16.77 -10.67
C ILE G 61 -12.31 -17.33 -10.33
N GLY G 62 -11.50 -16.55 -9.59
CA GLY G 62 -10.19 -17.01 -9.19
C GLY G 62 -10.26 -18.22 -8.29
N VAL G 63 -11.21 -18.18 -7.35
CA VAL G 63 -11.42 -19.29 -6.42
C VAL G 63 -11.88 -20.53 -7.19
N VAL G 64 -12.82 -20.33 -8.13
CA VAL G 64 -13.34 -21.42 -8.94
C VAL G 64 -12.23 -22.06 -9.78
N PHE G 65 -11.39 -21.22 -10.37
CA PHE G 65 -10.28 -21.70 -11.20
C PHE G 65 -9.30 -22.49 -10.34
N SER G 66 -9.07 -22.02 -9.11
CA SER G 66 -8.17 -22.72 -8.20
C SER G 66 -8.69 -24.13 -7.90
N PHE G 67 -10.00 -24.21 -7.68
CA PHE G 67 -10.66 -25.49 -7.39
C PHE G 67 -10.55 -26.46 -8.56
N ILE G 68 -10.76 -25.96 -9.79
CA ILE G 68 -10.67 -26.83 -10.97
C ILE G 68 -9.21 -27.19 -11.28
N TYR G 69 -8.28 -26.28 -10.97
CA TYR G 69 -6.86 -26.56 -11.22
C TYR G 69 -6.41 -27.74 -10.38
N LEU G 70 -6.73 -27.71 -9.09
CA LEU G 70 -6.37 -28.80 -8.20
C LEU G 70 -7.18 -30.03 -8.49
N GLY G 71 -8.47 -29.79 -8.72
CA GLY G 71 -9.41 -30.86 -8.99
C GLY G 71 -9.10 -31.62 -10.28
N ARG G 72 -8.72 -30.91 -11.32
CA ARG G 72 -8.41 -31.54 -12.60
C ARG G 72 -6.96 -31.29 -13.00
N MET H 1 3.92 -30.43 -11.01
CA MET H 1 2.57 -29.97 -11.44
C MET H 1 1.96 -29.04 -10.40
N HIS H 2 2.31 -29.28 -9.14
CA HIS H 2 1.81 -28.46 -8.03
C HIS H 2 2.31 -27.02 -8.14
N LEU H 3 3.55 -26.87 -8.57
CA LEU H 3 4.15 -25.56 -8.75
C LEU H 3 3.44 -24.79 -9.87
N GLY H 4 3.09 -25.51 -10.94
CA GLY H 4 2.41 -24.88 -12.08
C GLY H 4 1.06 -24.31 -11.71
N VAL H 5 0.26 -25.04 -10.92
CA VAL H 5 -1.05 -24.54 -10.53
C VAL H 5 -0.89 -23.33 -9.62
N LEU H 6 0.21 -23.31 -8.86
CA LEU H 6 0.52 -22.18 -7.99
C LEU H 6 0.88 -20.96 -8.82
N ALA H 7 1.62 -21.18 -9.91
CA ALA H 7 2.02 -20.10 -10.79
C ALA H 7 0.80 -19.39 -11.34
N ALA H 8 -0.15 -20.17 -11.84
CA ALA H 8 -1.38 -19.60 -12.36
C ALA H 8 -2.24 -19.02 -11.24
N ALA H 9 -2.29 -19.72 -10.11
CA ALA H 9 -3.08 -19.28 -8.97
C ALA H 9 -2.58 -17.96 -8.41
N ILE H 10 -1.27 -17.77 -8.33
CA ILE H 10 -0.75 -16.52 -7.83
C ILE H 10 -0.91 -15.43 -8.88
N ALA H 11 -0.77 -15.78 -10.15
CA ALA H 11 -0.92 -14.81 -11.23
C ALA H 11 -2.34 -14.26 -11.28
N VAL H 12 -3.32 -15.16 -11.13
CA VAL H 12 -4.72 -14.76 -11.15
C VAL H 12 -5.06 -14.06 -9.85
N GLY H 13 -4.42 -14.50 -8.76
CA GLY H 13 -4.62 -13.85 -7.49
C GLY H 13 -4.15 -12.42 -7.57
N LEU H 14 -3.02 -12.23 -8.25
CA LEU H 14 -2.45 -10.90 -8.46
C LEU H 14 -3.36 -10.07 -9.36
N GLY H 15 -3.89 -10.70 -10.41
CA GLY H 15 -4.79 -10.03 -11.32
C GLY H 15 -6.07 -9.60 -10.64
N ALA H 16 -6.64 -10.49 -9.84
CA ALA H 16 -7.87 -10.22 -9.12
C ALA H 16 -7.69 -9.11 -8.10
N LEU H 17 -6.55 -9.13 -7.42
CA LEU H 17 -6.26 -8.13 -6.41
C LEU H 17 -6.06 -6.75 -7.02
N GLY H 18 -5.23 -6.67 -8.07
CA GLY H 18 -4.96 -5.39 -8.71
C GLY H 18 -6.19 -4.74 -9.30
N ALA H 19 -6.92 -5.48 -10.12
CA ALA H 19 -8.13 -4.93 -10.73
C ALA H 19 -9.22 -4.75 -9.70
N GLY H 20 -9.27 -5.66 -8.72
CA GLY H 20 -10.29 -5.56 -7.70
C GLY H 20 -10.21 -4.28 -6.89
N ILE H 21 -9.01 -3.91 -6.46
CA ILE H 21 -8.86 -2.68 -5.70
C ILE H 21 -8.94 -1.47 -6.62
N GLY H 22 -8.37 -1.59 -7.82
CA GLY H 22 -8.40 -0.51 -8.78
C GLY H 22 -9.80 -0.15 -9.21
N ASN H 23 -10.62 -1.16 -9.47
CA ASN H 23 -11.98 -0.94 -9.90
C ASN H 23 -12.89 -0.62 -8.72
N GLY H 24 -12.60 -1.17 -7.55
CA GLY H 24 -13.42 -0.85 -6.40
C GLY H 24 -13.36 0.63 -6.11
N LEU H 25 -12.14 1.14 -6.04
CA LEU H 25 -11.93 2.56 -5.80
C LEU H 25 -12.38 3.39 -7.00
N ILE H 26 -12.21 2.88 -8.22
CA ILE H 26 -12.63 3.62 -9.40
C ILE H 26 -14.13 3.88 -9.36
N VAL H 27 -14.90 2.90 -8.87
CA VAL H 27 -16.32 3.03 -8.80
C VAL H 27 -16.75 4.03 -7.72
N SER H 28 -16.23 3.88 -6.50
CA SER H 28 -16.60 4.81 -5.42
C SER H 28 -16.14 6.23 -5.69
N ARG H 29 -14.93 6.39 -6.22
CA ARG H 29 -14.40 7.72 -6.53
C ARG H 29 -15.20 8.35 -7.66
N THR H 30 -15.55 7.55 -8.67
CA THR H 30 -16.36 8.03 -9.79
C THR H 30 -17.67 8.54 -9.26
N ILE H 31 -18.23 7.75 -8.35
CA ILE H 31 -19.48 8.07 -7.70
C ILE H 31 -19.34 9.36 -6.91
N GLU H 32 -18.23 9.51 -6.20
CA GLU H 32 -17.95 10.70 -5.42
C GLU H 32 -17.86 11.93 -6.32
N GLY H 33 -17.26 11.77 -7.49
CA GLY H 33 -17.12 12.89 -8.43
C GLY H 33 -18.46 13.45 -8.90
N ILE H 34 -19.40 12.58 -9.21
CA ILE H 34 -20.72 13.03 -9.67
C ILE H 34 -21.63 13.40 -8.50
N ALA H 35 -21.32 12.87 -7.33
CA ALA H 35 -22.10 13.14 -6.13
C ALA H 35 -22.03 14.61 -5.72
N ARG H 36 -20.84 15.20 -5.83
CA ARG H 36 -20.64 16.60 -5.46
C ARG H 36 -21.28 17.55 -6.46
N GLN H 37 -20.77 17.53 -7.69
CA GLN H 37 -21.29 18.40 -8.74
C GLN H 37 -22.05 17.58 -9.77
N PRO H 38 -23.35 17.87 -9.95
CA PRO H 38 -24.20 17.15 -10.91
C PRO H 38 -23.91 17.55 -12.36
N GLU H 39 -22.67 17.38 -12.78
CA GLU H 39 -22.26 17.72 -14.14
C GLU H 39 -21.88 16.45 -14.89
N LEU H 40 -22.62 16.15 -15.97
CA LEU H 40 -22.36 14.96 -16.79
C LEU H 40 -22.31 13.70 -15.92
N ARG H 41 -23.30 13.56 -15.05
CA ARG H 41 -23.38 12.43 -14.11
C ARG H 41 -23.32 11.06 -14.81
N PRO H 42 -24.19 10.78 -15.81
CA PRO H 42 -24.16 9.48 -16.49
C PRO H 42 -22.90 9.28 -17.32
N VAL H 43 -22.40 10.36 -17.90
CA VAL H 43 -21.20 10.32 -18.74
C VAL H 43 -19.97 9.96 -17.91
N LEU H 44 -19.83 10.57 -16.72
CA LEU H 44 -18.69 10.31 -15.86
C LEU H 44 -18.68 8.86 -15.38
N GLN H 45 -19.86 8.35 -15.04
CA GLN H 45 -19.99 6.96 -14.60
C GLN H 45 -19.67 6.04 -15.80
N THR H 46 -20.02 6.49 -17.01
CA THR H 46 -19.71 5.74 -18.23
C THR H 46 -18.20 5.62 -18.40
N THR H 47 -17.48 6.72 -18.15
CA THR H 47 -16.02 6.74 -18.23
C THR H 47 -15.49 5.72 -17.20
N MET H 48 -16.16 5.67 -16.06
CA MET H 48 -15.81 4.71 -15.00
C MET H 48 -15.90 3.28 -15.54
N PHE H 49 -16.98 2.99 -16.26
CA PHE H 49 -17.19 1.65 -16.83
C PHE H 49 -16.09 1.29 -17.83
N ILE H 50 -15.69 2.25 -18.68
CA ILE H 50 -14.62 1.97 -19.64
C ILE H 50 -13.31 1.76 -18.88
N GLY H 51 -13.20 2.45 -17.73
CA GLY H 51 -12.04 2.28 -16.88
C GLY H 51 -11.97 0.87 -16.35
N VAL H 52 -13.14 0.33 -16.01
CA VAL H 52 -13.25 -1.03 -15.53
C VAL H 52 -12.78 -2.00 -16.61
N ALA H 53 -13.22 -1.74 -17.85
CA ALA H 53 -12.84 -2.56 -19.00
C ALA H 53 -11.33 -2.51 -19.24
N LEU H 54 -10.75 -1.33 -19.08
CA LEU H 54 -9.32 -1.13 -19.29
C LEU H 54 -8.50 -1.88 -18.25
N VAL H 55 -8.82 -1.63 -17.00
CA VAL H 55 -8.13 -2.23 -15.87
C VAL H 55 -8.25 -3.75 -15.85
N GLU H 56 -9.43 -4.27 -16.12
CA GLU H 56 -9.65 -5.73 -16.10
C GLU H 56 -9.09 -6.42 -17.34
N ALA H 57 -8.72 -5.65 -18.36
CA ALA H 57 -8.15 -6.22 -19.57
C ALA H 57 -6.86 -6.96 -19.23
N LEU H 58 -6.07 -6.36 -18.35
CA LEU H 58 -4.81 -6.94 -17.93
C LEU H 58 -5.00 -8.27 -17.19
N PRO H 59 -5.88 -8.34 -16.13
CA PRO H 59 -6.14 -9.61 -15.44
C PRO H 59 -6.67 -10.68 -16.38
N ILE H 60 -7.56 -10.30 -17.30
CA ILE H 60 -8.13 -11.26 -18.25
C ILE H 60 -7.06 -11.89 -19.14
N ILE H 61 -6.18 -11.06 -19.71
CA ILE H 61 -5.12 -11.60 -20.57
C ILE H 61 -4.09 -12.35 -19.76
N GLY H 62 -3.83 -11.90 -18.53
CA GLY H 62 -2.88 -12.58 -17.67
C GLY H 62 -3.32 -13.98 -17.33
N VAL H 63 -4.62 -14.12 -17.05
CA VAL H 63 -5.20 -15.42 -16.73
C VAL H 63 -5.12 -16.34 -17.94
N VAL H 64 -5.45 -15.80 -19.12
CA VAL H 64 -5.42 -16.56 -20.36
C VAL H 64 -3.99 -17.04 -20.67
N PHE H 65 -3.02 -16.14 -20.49
CA PHE H 65 -1.61 -16.47 -20.73
C PHE H 65 -1.16 -17.56 -19.77
N SER H 66 -1.62 -17.50 -18.52
CA SER H 66 -1.27 -18.51 -17.53
C SER H 66 -1.78 -19.88 -17.97
N PHE H 67 -3.02 -19.89 -18.49
CA PHE H 67 -3.64 -21.13 -18.96
C PHE H 67 -2.87 -21.73 -20.14
N ILE H 68 -2.46 -20.89 -21.09
CA ILE H 68 -1.72 -21.38 -22.24
C ILE H 68 -0.30 -21.78 -21.88
N TYR H 69 0.30 -21.10 -20.90
CA TYR H 69 1.65 -21.43 -20.46
C TYR H 69 1.70 -22.84 -19.90
N LEU H 70 0.75 -23.14 -19.00
CA LEU H 70 0.68 -24.47 -18.41
C LEU H 70 0.21 -25.48 -19.43
N GLY H 71 -0.79 -25.06 -20.20
CA GLY H 71 -1.38 -25.91 -21.21
C GLY H 71 -0.42 -26.30 -22.31
N ARG H 72 0.40 -25.36 -22.76
CA ARG H 72 1.36 -25.63 -23.83
C ARG H 72 2.79 -25.42 -23.34
N MET I 1 11.03 -26.23 -15.95
CA MET I 1 10.07 -25.53 -16.84
C MET I 1 8.95 -24.89 -16.04
N HIS I 2 8.61 -25.51 -14.90
CA HIS I 2 7.57 -25.01 -14.02
C HIS I 2 7.95 -23.65 -13.44
N LEU I 3 9.23 -23.50 -13.10
CA LEU I 3 9.74 -22.25 -12.55
C LEU I 3 9.64 -21.13 -13.60
N GLY I 4 9.96 -21.47 -14.85
CA GLY I 4 9.91 -20.50 -15.93
C GLY I 4 8.53 -19.91 -16.15
N VAL I 5 7.49 -20.75 -16.14
CA VAL I 5 6.14 -20.27 -16.34
C VAL I 5 5.73 -19.39 -15.16
N LEU I 6 6.27 -19.69 -13.99
CA LEU I 6 6.02 -18.90 -12.79
C LEU I 6 6.66 -17.54 -12.91
N ALA I 7 7.88 -17.51 -13.49
CA ALA I 7 8.60 -16.25 -13.67
C ALA I 7 7.79 -15.31 -14.53
N ALA I 8 7.28 -15.82 -15.65
CA ALA I 8 6.46 -15.01 -16.53
C ALA I 8 5.12 -14.69 -15.89
N ALA I 9 4.55 -15.68 -15.21
CA ALA I 9 3.24 -15.52 -14.55
C ALA I 9 3.29 -14.46 -13.46
N ILE I 10 4.36 -14.43 -12.68
CA ILE I 10 4.47 -13.44 -11.63
C ILE I 10 4.80 -12.07 -12.22
N ALA I 11 5.60 -12.06 -13.30
CA ALA I 11 5.95 -10.80 -13.96
C ALA I 11 4.73 -10.14 -14.56
N VAL I 12 3.88 -10.93 -15.20
CA VAL I 12 2.66 -10.42 -15.82
C VAL I 12 1.66 -10.08 -14.73
N GLY I 13 1.67 -10.87 -13.65
CA GLY I 13 0.80 -10.60 -12.53
C GLY I 13 1.15 -9.26 -11.93
N LEU I 14 2.46 -9.00 -11.86
CA LEU I 14 2.97 -7.73 -11.34
C LEU I 14 2.59 -6.59 -12.28
N GLY I 15 2.71 -6.84 -13.59
CA GLY I 15 2.37 -5.84 -14.58
C GLY I 15 0.90 -5.50 -14.56
N ALA I 16 0.06 -6.53 -14.46
CA ALA I 16 -1.39 -6.36 -14.43
C ALA I 16 -1.82 -5.61 -13.19
N LEU I 17 -1.20 -5.94 -12.06
CA LEU I 17 -1.53 -5.31 -10.80
C LEU I 17 -1.14 -3.83 -10.78
N GLY I 18 0.10 -3.54 -11.19
CA GLY I 18 0.58 -2.17 -11.19
C GLY I 18 -0.21 -1.25 -12.10
N ALA I 19 -0.36 -1.65 -13.35
CA ALA I 19 -1.12 -0.83 -14.30
C ALA I 19 -2.61 -0.85 -13.96
N GLY I 20 -3.09 -1.98 -13.47
CA GLY I 20 -4.50 -2.10 -13.12
C GLY I 20 -4.92 -1.12 -12.06
N ILE I 21 -4.14 -1.01 -10.99
CA ILE I 21 -4.49 -0.06 -9.93
C ILE I 21 -4.17 1.37 -10.35
N GLY I 22 -3.06 1.53 -11.08
CA GLY I 22 -2.65 2.85 -11.55
C GLY I 22 -3.66 3.45 -12.50
N ASN I 23 -4.15 2.64 -13.44
CA ASN I 23 -5.13 3.11 -14.40
C ASN I 23 -6.53 3.17 -13.82
N GLY I 24 -6.84 2.27 -12.88
CA GLY I 24 -8.16 2.33 -12.28
C GLY I 24 -8.35 3.65 -11.58
N LEU I 25 -7.38 3.99 -10.75
CA LEU I 25 -7.40 5.26 -10.04
C LEU I 25 -7.24 6.44 -10.98
N ILE I 26 -6.43 6.29 -12.02
CA ILE I 26 -6.23 7.38 -12.98
C ILE I 26 -7.56 7.76 -13.63
N VAL I 27 -8.39 6.75 -13.92
CA VAL I 27 -9.67 7.00 -14.55
C VAL I 27 -10.64 7.69 -13.60
N SER I 28 -10.82 7.15 -12.38
CA SER I 28 -11.75 7.75 -11.43
C SER I 28 -11.32 9.14 -10.98
N ARG I 29 -10.02 9.33 -10.76
CA ARG I 29 -9.50 10.63 -10.36
C ARG I 29 -9.66 11.64 -11.48
N THR I 30 -9.37 11.20 -12.71
CA THR I 30 -9.53 12.05 -13.89
C THR I 30 -10.95 12.51 -13.97
N ILE I 31 -11.83 11.56 -13.75
CA ILE I 31 -13.26 11.79 -13.78
C ILE I 31 -13.65 12.79 -12.68
N GLU I 32 -13.06 12.62 -11.51
CA GLU I 32 -13.31 13.50 -10.37
C GLU I 32 -12.85 14.93 -10.68
N GLY I 33 -11.72 15.05 -11.38
CA GLY I 33 -11.19 16.36 -11.73
C GLY I 33 -12.14 17.17 -12.62
N ILE I 34 -12.73 16.51 -13.62
CA ILE I 34 -13.64 17.20 -14.53
C ILE I 34 -15.05 17.32 -13.94
N ALA I 35 -15.35 16.44 -12.99
CA ALA I 35 -16.66 16.43 -12.32
C ALA I 35 -16.90 17.72 -11.53
N ARG I 36 -15.87 18.18 -10.84
CA ARG I 36 -15.98 19.39 -10.02
C ARG I 36 -16.08 20.65 -10.89
N GLN I 37 -15.01 20.94 -11.61
CA GLN I 37 -14.98 22.12 -12.47
C GLN I 37 -15.04 21.71 -13.93
N PRO I 38 -16.07 22.17 -14.66
CA PRO I 38 -16.26 21.84 -16.08
C PRO I 38 -15.29 22.60 -16.99
N GLU I 39 -14.01 22.44 -16.75
CA GLU I 39 -12.99 23.11 -17.54
C GLU I 39 -12.19 22.09 -18.33
N LEU I 40 -12.24 22.18 -19.66
CA LEU I 40 -11.52 21.25 -20.54
C LEU I 40 -11.84 19.80 -20.19
N ARG I 41 -13.13 19.51 -20.03
CA ARG I 41 -13.60 18.17 -19.65
C ARG I 41 -13.11 17.06 -20.58
N PRO I 42 -13.31 17.16 -21.92
CA PRO I 42 -12.85 16.12 -22.85
C PRO I 42 -11.33 16.04 -22.93
N VAL I 43 -10.68 17.20 -22.83
CA VAL I 43 -9.22 17.28 -22.90
C VAL I 43 -8.56 16.57 -21.70
N LEU I 44 -9.10 16.81 -20.51
CA LEU I 44 -8.55 16.20 -19.30
C LEU I 44 -8.69 14.67 -19.35
N GLN I 45 -9.84 14.20 -19.82
CA GLN I 45 -10.07 12.77 -19.94
C GLN I 45 -9.14 12.21 -21.01
N THR I 46 -8.84 13.02 -22.04
CA THR I 46 -7.90 12.63 -23.09
C THR I 46 -6.51 12.41 -22.50
N THR I 47 -6.10 13.32 -21.60
CA THR I 47 -4.81 13.21 -20.92
C THR I 47 -4.82 11.90 -20.12
N MET I 48 -5.98 11.58 -19.56
CA MET I 48 -6.16 10.34 -18.80
C MET I 48 -5.86 9.14 -19.71
N PHE I 49 -6.39 9.17 -20.92
CA PHE I 49 -6.19 8.08 -21.88
C PHE I 49 -4.72 7.92 -22.24
N ILE I 50 -4.00 9.03 -22.45
CA ILE I 50 -2.58 8.93 -22.76
C ILE I 50 -1.84 8.39 -21.54
N GLY I 51 -2.37 8.70 -20.35
CA GLY I 51 -1.80 8.19 -19.12
C GLY I 51 -1.92 6.68 -19.08
N VAL I 52 -3.06 6.19 -19.56
CA VAL I 52 -3.31 4.76 -19.63
C VAL I 52 -2.28 4.10 -20.54
N ALA I 53 -2.04 4.75 -21.70
CA ALA I 53 -1.07 4.27 -22.67
C ALA I 53 0.34 4.22 -22.10
N LEU I 54 0.68 5.25 -21.33
CA LEU I 54 2.00 5.37 -20.70
C LEU I 54 2.22 4.27 -19.66
N VAL I 55 1.28 4.18 -18.74
CA VAL I 55 1.33 3.22 -17.65
C VAL I 55 1.33 1.77 -18.15
N GLU I 56 0.48 1.47 -19.13
CA GLU I 56 0.38 0.10 -19.65
C GLU I 56 1.54 -0.26 -20.56
N ALA I 57 2.33 0.73 -20.98
CA ALA I 57 3.47 0.48 -21.84
C ALA I 57 4.46 -0.45 -21.13
N LEU I 58 4.64 -0.21 -19.83
CA LEU I 58 5.54 -1.01 -19.02
C LEU I 58 5.08 -2.47 -18.93
N PRO I 59 3.81 -2.76 -18.52
CA PRO I 59 3.31 -4.13 -18.48
C PRO I 59 3.41 -4.84 -19.83
N ILE I 60 3.10 -4.11 -20.91
CA ILE I 60 3.15 -4.70 -22.25
C ILE I 60 4.57 -5.15 -22.61
N ILE I 61 5.56 -4.29 -22.38
CA ILE I 61 6.94 -4.65 -22.70
C ILE I 61 7.46 -5.71 -21.73
N GLY I 62 7.02 -5.65 -20.48
CA GLY I 62 7.44 -6.64 -19.49
C GLY I 62 6.98 -8.04 -19.87
N VAL I 63 5.74 -8.13 -20.35
CA VAL I 63 5.17 -9.40 -20.76
C VAL I 63 5.92 -9.93 -21.98
N VAL I 64 6.19 -9.04 -22.94
CA VAL I 64 6.92 -9.40 -24.15
C VAL I 64 8.32 -9.91 -23.81
N PHE I 65 9.00 -9.21 -22.90
CA PHE I 65 10.34 -9.59 -22.48
C PHE I 65 10.32 -10.95 -21.80
N SER I 66 9.28 -11.20 -21.01
CA SER I 66 9.14 -12.48 -20.33
C SER I 66 9.02 -13.62 -21.34
N PHE I 67 8.23 -13.36 -22.40
CA PHE I 67 8.03 -14.35 -23.46
C PHE I 67 9.32 -14.66 -24.21
N ILE I 68 10.11 -13.62 -24.51
CA ILE I 68 11.36 -13.83 -25.23
C ILE I 68 12.42 -14.45 -24.32
N TYR I 69 12.37 -14.14 -23.02
CA TYR I 69 13.33 -14.71 -22.07
C TYR I 69 13.18 -16.22 -22.01
N LEU I 70 11.93 -16.67 -21.85
CA LEU I 70 11.65 -18.11 -21.81
C LEU I 70 11.84 -18.73 -23.18
N GLY I 71 11.36 -18.02 -24.18
CA GLY I 71 11.42 -18.48 -25.55
C GLY I 71 12.84 -18.62 -26.07
N ARG I 72 13.71 -17.68 -25.73
CA ARG I 72 15.09 -17.73 -26.19
C ARG I 72 16.05 -17.80 -25.00
N MET J 1 19.35 -21.52 -15.03
CA MET J 1 18.93 -20.51 -16.03
C MET J 1 17.52 -20.02 -15.77
N HIS J 2 16.69 -20.90 -15.21
CA HIS J 2 15.31 -20.57 -14.88
C HIS J 2 15.25 -19.48 -13.81
N LEU J 3 16.16 -19.57 -12.84
CA LEU J 3 16.22 -18.59 -11.77
C LEU J 3 16.61 -17.21 -12.32
N GLY J 4 17.54 -17.20 -13.29
CA GLY J 4 17.99 -15.95 -13.89
C GLY J 4 16.89 -15.19 -14.59
N VAL J 5 16.05 -15.90 -15.37
CA VAL J 5 14.96 -15.25 -16.08
C VAL J 5 13.95 -14.71 -15.08
N LEU J 6 13.83 -15.40 -13.94
CA LEU J 6 12.95 -14.96 -12.86
C LEU J 6 13.48 -13.69 -12.23
N ALA J 7 14.80 -13.61 -12.07
CA ALA J 7 15.43 -12.44 -11.48
C ALA J 7 15.12 -11.20 -12.30
N ALA J 8 15.29 -11.32 -13.62
CA ALA J 8 14.99 -10.21 -14.50
C ALA J 8 13.49 -9.96 -14.58
N ALA J 9 12.72 -11.04 -14.62
CA ALA J 9 11.26 -10.94 -14.70
C ALA J 9 10.66 -10.25 -13.48
N ILE J 10 11.16 -10.57 -12.30
CA ILE J 10 10.66 -9.92 -11.10
C ILE J 10 11.16 -8.49 -11.02
N ALA J 11 12.39 -8.24 -11.46
CA ALA J 11 12.96 -6.90 -11.45
C ALA J 11 12.17 -5.96 -12.37
N VAL J 12 11.83 -6.45 -13.55
CA VAL J 12 11.06 -5.67 -14.52
C VAL J 12 9.63 -5.57 -14.05
N GLY J 13 9.14 -6.63 -13.41
CA GLY J 13 7.80 -6.61 -12.87
C GLY J 13 7.70 -5.54 -11.81
N LEU J 14 8.76 -5.43 -11.00
CA LEU J 14 8.84 -4.43 -9.95
C LEU J 14 8.94 -3.03 -10.57
N GLY J 15 9.73 -2.91 -11.63
CA GLY J 15 9.89 -1.64 -12.32
C GLY J 15 8.59 -1.17 -12.95
N ALA J 16 7.90 -2.10 -13.60
CA ALA J 16 6.63 -1.80 -14.25
C ALA J 16 5.56 -1.41 -13.25
N LEU J 17 5.54 -2.10 -12.13
CA LEU J 17 4.55 -1.83 -11.09
C LEU J 17 4.79 -0.47 -10.44
N GLY J 18 6.04 -0.20 -10.05
CA GLY J 18 6.35 1.07 -9.40
C GLY J 18 6.09 2.28 -10.27
N ALA J 19 6.63 2.28 -11.48
CA ALA J 19 6.42 3.40 -12.38
C ALA J 19 4.97 3.43 -12.88
N GLY J 20 4.39 2.26 -13.05
CA GLY J 20 3.01 2.19 -13.53
C GLY J 20 2.04 2.87 -12.60
N ILE J 21 2.14 2.59 -11.31
CA ILE J 21 1.24 3.22 -10.35
C ILE J 21 1.64 4.67 -10.10
N GLY J 22 2.95 4.92 -10.07
CA GLY J 22 3.45 6.26 -9.86
C GLY J 22 3.04 7.22 -10.96
N ASN J 23 3.15 6.76 -12.20
CA ASN J 23 2.78 7.57 -13.35
C ASN J 23 1.28 7.60 -13.57
N GLY J 24 0.59 6.52 -13.24
CA GLY J 24 -0.85 6.52 -13.40
C GLY J 24 -1.46 7.60 -12.54
N LEU J 25 -1.08 7.60 -11.28
CA LEU J 25 -1.56 8.61 -10.34
C LEU J 25 -1.01 9.99 -10.67
N ILE J 26 0.23 10.06 -11.16
CA ILE J 26 0.82 11.35 -11.50
C ILE J 26 0.00 12.03 -12.59
N VAL J 27 -0.50 11.24 -13.54
CA VAL J 27 -1.29 11.78 -14.63
C VAL J 27 -2.65 12.26 -14.16
N SER J 28 -3.38 11.41 -13.43
CA SER J 28 -4.72 11.80 -12.96
C SER J 28 -4.66 12.96 -11.96
N ARG J 29 -3.68 12.94 -11.07
CA ARG J 29 -3.54 14.02 -10.08
C ARG J 29 -3.15 15.31 -10.78
N THR J 30 -2.26 15.22 -11.75
CA THR J 30 -1.83 16.38 -12.53
C THR J 30 -3.04 16.99 -13.19
N ILE J 31 -3.85 16.10 -13.75
CA ILE J 31 -5.06 16.47 -14.42
C ILE J 31 -6.03 17.15 -13.44
N GLU J 32 -6.12 16.59 -12.24
CA GLU J 32 -6.98 17.13 -11.19
C GLU J 32 -6.52 18.54 -10.79
N GLY J 33 -5.21 18.74 -10.74
CA GLY J 33 -4.66 20.04 -10.36
C GLY J 33 -5.05 21.16 -11.33
N ILE J 34 -5.01 20.88 -12.63
CA ILE J 34 -5.37 21.89 -13.63
C ILE J 34 -6.88 21.96 -13.83
N ALA J 35 -7.58 20.88 -13.47
CA ALA J 35 -9.03 20.82 -13.61
C ALA J 35 -9.73 21.84 -12.71
N ARG J 36 -9.24 21.98 -11.49
CA ARG J 36 -9.83 22.91 -10.53
C ARG J 36 -9.56 24.36 -10.91
N GLN J 37 -8.29 24.74 -10.86
CA GLN J 37 -7.89 26.11 -11.19
C GLN J 37 -7.17 26.15 -12.53
N PRO J 38 -7.71 26.89 -13.51
CA PRO J 38 -7.11 27.00 -14.84
C PRO J 38 -5.87 27.90 -14.86
N GLU J 39 -4.88 27.55 -14.06
CA GLU J 39 -3.65 28.32 -13.97
C GLU J 39 -2.49 27.48 -14.51
N LEU J 40 -1.86 27.95 -15.59
CA LEU J 40 -0.73 27.26 -16.20
C LEU J 40 -1.09 25.80 -16.52
N ARG J 41 -2.25 25.61 -17.14
CA ARG J 41 -2.76 24.28 -17.46
C ARG J 41 -1.78 23.43 -18.28
N PRO J 42 -1.27 23.93 -19.45
CA PRO J 42 -0.33 23.15 -20.26
C PRO J 42 1.02 22.96 -19.58
N VAL J 43 1.44 23.98 -18.82
CA VAL J 43 2.71 23.93 -18.11
C VAL J 43 2.71 22.84 -17.03
N LEU J 44 1.62 22.78 -16.26
CA LEU J 44 1.51 21.79 -15.18
C LEU J 44 1.51 20.37 -15.74
N GLN J 45 0.81 20.16 -16.84
CA GLN J 45 0.76 18.86 -17.49
C GLN J 45 2.16 18.53 -18.04
N THR J 46 2.88 19.57 -18.48
CA THR J 46 4.26 19.41 -18.97
C THR J 46 5.15 18.89 -17.84
N THR J 47 4.99 19.47 -16.64
CA THR J 47 5.73 19.03 -15.47
C THR J 47 5.41 17.57 -15.21
N MET J 48 4.15 17.21 -15.44
CA MET J 48 3.69 15.84 -15.29
C MET J 48 4.49 14.92 -16.22
N PHE J 49 4.66 15.35 -17.47
CA PHE J 49 5.40 14.57 -18.47
C PHE J 49 6.85 14.37 -18.05
N ILE J 50 7.50 15.41 -17.52
CA ILE J 50 8.88 15.28 -17.08
C ILE J 50 8.92 14.34 -15.87
N GLY J 51 7.83 14.34 -15.09
CA GLY J 51 7.72 13.44 -13.96
C GLY J 51 7.70 12.02 -14.43
N VAL J 52 7.01 11.78 -15.55
CA VAL J 52 6.91 10.47 -16.15
C VAL J 52 8.31 10.01 -16.57
N ALA J 53 9.07 10.93 -17.18
CA ALA J 53 10.43 10.66 -17.62
C ALA J 53 11.35 10.31 -16.44
N LEU J 54 11.16 11.03 -15.34
CA LEU J 54 11.97 10.83 -14.13
C LEU J 54 11.69 9.48 -13.50
N VAL J 55 10.42 9.21 -13.27
CA VAL J 55 9.97 7.98 -12.65
C VAL J 55 10.31 6.74 -13.47
N GLU J 56 10.12 6.83 -14.79
CA GLU J 56 10.39 5.68 -15.66
C GLU J 56 11.89 5.49 -15.92
N ALA J 57 12.70 6.47 -15.55
CA ALA J 57 14.14 6.35 -15.74
C ALA J 57 14.68 5.17 -14.95
N LEU J 58 14.14 5.01 -13.73
CA LEU J 58 14.56 3.93 -12.85
C LEU J 58 14.20 2.56 -13.44
N PRO J 59 12.94 2.29 -13.86
CA PRO J 59 12.57 1.02 -14.48
C PRO J 59 13.39 0.72 -15.73
N ILE J 60 13.65 1.75 -16.54
CA ILE J 60 14.43 1.57 -17.77
C ILE J 60 15.86 1.11 -17.47
N ILE J 61 16.52 1.77 -16.53
CA ILE J 61 17.88 1.38 -16.19
C ILE J 61 17.91 0.04 -15.45
N GLY J 62 16.88 -0.23 -14.65
CA GLY J 62 16.80 -1.49 -13.94
C GLY J 62 16.68 -2.66 -14.88
N VAL J 63 15.88 -2.50 -15.92
CA VAL J 63 15.69 -3.53 -16.94
C VAL J 63 16.99 -3.76 -17.69
N VAL J 64 17.66 -2.66 -18.06
CA VAL J 64 18.93 -2.74 -18.78
C VAL J 64 19.99 -3.46 -17.93
N PHE J 65 20.06 -3.11 -16.65
CA PHE J 65 21.01 -3.73 -15.73
C PHE J 65 20.73 -5.22 -15.60
N SER J 66 19.45 -5.58 -15.56
CA SER J 66 19.07 -6.99 -15.46
C SER J 66 19.56 -7.76 -16.69
N PHE J 67 19.42 -7.14 -17.86
CA PHE J 67 19.85 -7.76 -19.12
C PHE J 67 21.36 -7.96 -19.14
N ILE J 68 22.12 -6.96 -18.68
CA ILE J 68 23.58 -7.08 -18.68
C ILE J 68 24.06 -8.04 -17.60
N TYR J 69 23.33 -8.11 -16.48
CA TYR J 69 23.70 -9.02 -15.39
C TYR J 69 23.63 -10.46 -15.87
N LEU J 70 22.53 -10.82 -16.51
CA LEU J 70 22.36 -12.16 -17.04
C LEU J 70 23.26 -12.39 -18.23
N GLY J 71 23.32 -11.37 -19.09
CA GLY J 71 24.10 -11.43 -20.28
C GLY J 71 25.60 -11.56 -20.03
N ARG J 72 26.10 -10.84 -19.03
CA ARG J 72 27.52 -10.89 -18.71
C ARG J 72 27.74 -11.39 -17.29
N MET A 1 25.86 -17.97 -9.24
CA MET A 1 25.88 -16.53 -9.59
C MET A 1 24.47 -16.00 -9.80
N HIS A 2 23.52 -16.92 -9.97
CA HIS A 2 22.12 -16.57 -10.18
C HIS A 2 21.54 -15.85 -8.98
N LEU A 3 21.90 -16.30 -7.78
CA LEU A 3 21.42 -15.69 -6.56
C LEU A 3 21.89 -14.25 -6.44
N GLY A 4 23.15 -14.01 -6.81
CA GLY A 4 23.71 -12.66 -6.75
C GLY A 4 23.03 -11.70 -7.70
N VAL A 5 22.79 -12.13 -8.94
CA VAL A 5 22.15 -11.27 -9.93
C VAL A 5 20.70 -11.02 -9.56
N LEU A 6 20.07 -12.01 -8.91
CA LEU A 6 18.70 -11.89 -8.45
C LEU A 6 18.63 -10.89 -7.30
N ALA A 7 19.64 -10.94 -6.43
CA ALA A 7 19.70 -10.03 -5.29
C ALA A 7 19.74 -8.59 -5.78
N ALA A 8 20.59 -8.32 -6.77
CA ALA A 8 20.69 -6.99 -7.34
C ALA A 8 19.42 -6.64 -8.11
N ALA A 9 18.88 -7.62 -8.83
CA ALA A 9 17.66 -7.42 -9.62
C ALA A 9 16.46 -7.09 -8.75
N ILE A 10 16.33 -7.78 -7.62
CA ILE A 10 15.23 -7.51 -6.72
C ILE A 10 15.46 -6.19 -5.98
N ALA A 11 16.72 -5.90 -5.67
CA ALA A 11 17.07 -4.66 -4.98
C ALA A 11 16.75 -3.45 -5.84
N VAL A 12 17.07 -3.55 -7.13
CA VAL A 12 16.78 -2.47 -8.05
C VAL A 12 15.29 -2.40 -8.30
N GLY A 13 14.64 -3.56 -8.31
CA GLY A 13 13.20 -3.60 -8.47
C GLY A 13 12.54 -2.88 -7.32
N LEU A 14 13.08 -3.10 -6.12
CA LEU A 14 12.57 -2.45 -4.92
C LEU A 14 12.85 -0.95 -4.97
N GLY A 15 14.06 -0.60 -5.42
CA GLY A 15 14.44 0.80 -5.54
C GLY A 15 13.57 1.54 -6.53
N ALA A 16 13.34 0.91 -7.67
CA ALA A 16 12.52 1.48 -8.73
C ALA A 16 11.07 1.63 -8.28
N LEU A 17 10.61 0.63 -7.54
CA LEU A 17 9.24 0.61 -7.06
C LEU A 17 8.96 1.76 -6.08
N GLY A 18 9.69 1.78 -4.96
CA GLY A 18 9.47 2.81 -3.95
C GLY A 18 9.72 4.21 -4.45
N ALA A 19 10.84 4.41 -5.12
CA ALA A 19 11.16 5.73 -5.66
C ALA A 19 10.19 6.12 -6.77
N GLY A 20 9.76 5.12 -7.55
CA GLY A 20 8.84 5.39 -8.65
C GLY A 20 7.52 5.97 -8.17
N ILE A 21 6.93 5.38 -7.13
CA ILE A 21 5.67 5.90 -6.62
C ILE A 21 5.88 7.18 -5.82
N GLY A 22 6.99 7.22 -5.08
CA GLY A 22 7.32 8.39 -4.29
C GLY A 22 7.52 9.61 -5.16
N ASN A 23 8.19 9.41 -6.28
CA ASN A 23 8.49 10.49 -7.22
C ASN A 23 7.26 10.82 -8.07
N GLY A 24 6.48 9.82 -8.45
CA GLY A 24 5.29 10.09 -9.25
C GLY A 24 4.34 10.98 -8.49
N LEU A 25 4.06 10.60 -7.26
CA LEU A 25 3.19 11.38 -6.40
C LEU A 25 3.83 12.70 -6.03
N ILE A 26 5.15 12.73 -5.84
CA ILE A 26 5.82 13.97 -5.47
C ILE A 26 5.66 15.01 -6.58
N VAL A 27 5.77 14.59 -7.83
CA VAL A 27 5.65 15.50 -8.95
C VAL A 27 4.21 15.98 -9.14
N SER A 28 3.26 15.05 -9.20
CA SER A 28 1.87 15.41 -9.40
C SER A 28 1.30 16.22 -8.23
N ARG A 29 1.66 15.85 -7.01
CA ARG A 29 1.19 16.56 -5.83
C ARG A 29 1.79 17.95 -5.77
N THR A 30 3.08 18.06 -6.11
CA THR A 30 3.75 19.35 -6.15
C THR A 30 3.05 20.25 -7.13
N ILE A 31 2.71 19.65 -8.26
CA ILE A 31 2.02 20.32 -9.32
C ILE A 31 0.65 20.82 -8.84
N GLU A 32 -0.05 19.95 -8.10
CA GLU A 32 -1.35 20.30 -7.57
C GLU A 32 -1.22 21.44 -6.55
N GLY A 33 -0.17 21.39 -5.73
CA GLY A 33 0.05 22.41 -4.73
C GLY A 33 0.33 23.79 -5.32
N ILE A 34 1.11 23.84 -6.39
CA ILE A 34 1.45 25.12 -7.02
C ILE A 34 0.28 25.64 -7.85
N ALA A 35 -0.53 24.73 -8.39
CA ALA A 35 -1.69 25.10 -9.20
C ALA A 35 -2.74 25.83 -8.37
N ARG A 36 -2.96 25.37 -7.14
CA ARG A 36 -3.97 25.97 -6.26
C ARG A 36 -3.63 27.41 -5.89
N GLN A 37 -2.38 27.68 -5.55
CA GLN A 37 -1.96 29.02 -5.17
C GLN A 37 -0.66 29.42 -5.85
N PRO A 38 -0.66 30.57 -6.55
CA PRO A 38 0.52 31.06 -7.26
C PRO A 38 1.54 31.72 -6.31
N GLU A 39 1.97 30.98 -5.30
CA GLU A 39 2.94 31.48 -4.34
C GLU A 39 4.32 31.00 -4.72
N LEU A 40 4.98 31.72 -5.62
CA LEU A 40 6.30 31.33 -6.08
C LEU A 40 6.24 29.88 -6.56
N ARG A 41 5.46 29.65 -7.62
CA ARG A 41 5.28 28.32 -8.19
C ARG A 41 6.61 27.65 -8.57
N PRO A 42 7.53 28.35 -9.30
CA PRO A 42 8.83 27.76 -9.67
C PRO A 42 9.62 27.28 -8.46
N VAL A 43 9.56 28.06 -7.37
CA VAL A 43 10.27 27.72 -6.14
C VAL A 43 9.72 26.43 -5.53
N LEU A 44 8.39 26.31 -5.50
CA LEU A 44 7.73 25.12 -4.96
C LEU A 44 8.11 23.87 -5.77
N GLN A 45 8.11 24.02 -7.09
CA GLN A 45 8.47 22.93 -7.98
C GLN A 45 9.97 22.61 -7.79
N THR A 46 10.76 23.64 -7.46
CA THR A 46 12.19 23.48 -7.20
C THR A 46 12.38 22.57 -5.97
N THR A 47 11.55 22.80 -4.93
CA THR A 47 11.58 21.98 -3.74
C THR A 47 11.25 20.55 -4.14
N MET A 48 10.32 20.42 -5.09
CA MET A 48 9.95 19.11 -5.63
C MET A 48 11.17 18.42 -6.23
N PHE A 49 11.98 19.19 -6.98
CA PHE A 49 13.18 18.66 -7.62
C PHE A 49 14.18 18.16 -6.58
N ILE A 50 14.36 18.89 -5.47
CA ILE A 50 15.27 18.43 -4.44
C ILE A 50 14.71 17.16 -3.81
N GLY A 51 13.37 17.07 -3.80
CA GLY A 51 12.70 15.88 -3.30
C GLY A 51 13.01 14.70 -4.18
N VAL A 52 13.06 14.97 -5.48
CA VAL A 52 13.38 13.96 -6.48
C VAL A 52 14.79 13.42 -6.18
N ALA A 53 15.69 14.35 -5.85
CA ALA A 53 17.06 14.00 -5.49
C ALA A 53 17.11 13.14 -4.23
N LEU A 54 16.30 13.49 -3.22
CA LEU A 54 16.27 12.75 -1.95
C LEU A 54 15.79 11.32 -2.14
N VAL A 55 14.72 11.17 -2.90
CA VAL A 55 14.13 9.87 -3.11
C VAL A 55 14.94 8.99 -4.05
N GLU A 56 15.52 9.56 -5.11
CA GLU A 56 16.32 8.77 -6.04
C GLU A 56 17.71 8.47 -5.51
N ALA A 57 18.11 9.21 -4.48
CA ALA A 57 19.41 8.98 -3.87
C ALA A 57 19.46 7.57 -3.30
N LEU A 58 18.32 7.16 -2.73
CA LEU A 58 18.18 5.85 -2.14
C LEU A 58 18.37 4.72 -3.16
N PRO A 59 17.62 4.68 -4.30
CA PRO A 59 17.81 3.65 -5.32
C PRO A 59 19.22 3.66 -5.90
N ILE A 60 19.81 4.86 -6.05
CA ILE A 60 21.18 4.94 -6.58
C ILE A 60 22.15 4.25 -5.63
N ILE A 61 22.03 4.56 -4.34
CA ILE A 61 22.89 3.99 -3.30
C ILE A 61 22.69 2.47 -3.22
N GLY A 62 21.43 2.03 -3.22
CA GLY A 62 21.14 0.61 -3.12
C GLY A 62 21.68 -0.19 -4.28
N VAL A 63 21.53 0.34 -5.50
CA VAL A 63 22.02 -0.35 -6.69
C VAL A 63 23.55 -0.43 -6.68
N VAL A 64 24.22 0.68 -6.36
CA VAL A 64 25.68 0.72 -6.30
C VAL A 64 26.21 -0.25 -5.24
N PHE A 65 25.60 -0.22 -4.06
CA PHE A 65 26.03 -1.10 -2.97
C PHE A 65 25.82 -2.55 -3.33
N SER A 66 24.70 -2.87 -3.98
CA SER A 66 24.41 -4.23 -4.39
C SER A 66 25.47 -4.72 -5.37
N PHE A 67 25.85 -3.83 -6.28
CA PHE A 67 26.88 -4.12 -7.28
C PHE A 67 28.19 -4.46 -6.60
N ILE A 68 28.59 -3.63 -5.63
CA ILE A 68 29.84 -3.85 -4.89
C ILE A 68 29.79 -5.12 -4.05
N TYR A 69 28.64 -5.38 -3.40
CA TYR A 69 28.50 -6.58 -2.57
C TYR A 69 28.70 -7.83 -3.42
N LEU A 70 28.10 -7.83 -4.61
CA LEU A 70 28.25 -8.95 -5.53
C LEU A 70 29.69 -9.01 -6.04
N GLY A 71 30.23 -7.84 -6.35
CA GLY A 71 31.60 -7.73 -6.84
C GLY A 71 32.64 -8.15 -5.82
N ARG A 72 32.42 -7.81 -4.56
CA ARG A 72 33.35 -8.18 -3.49
C ARG A 72 32.81 -9.35 -2.68
N MET B 1 28.09 -16.98 0.35
CA MET B 1 28.19 -15.51 0.52
C MET B 1 27.04 -14.81 -0.22
N HIS B 2 26.40 -15.54 -1.11
CA HIS B 2 25.28 -15.00 -1.89
C HIS B 2 24.12 -14.62 -1.00
N LEU B 3 23.84 -15.43 0.02
CA LEU B 3 22.75 -15.14 0.94
C LEU B 3 23.01 -13.85 1.70
N GLY B 4 24.26 -13.63 2.11
CA GLY B 4 24.61 -12.43 2.84
C GLY B 4 24.46 -11.16 2.02
N VAL B 5 24.92 -11.20 0.76
CA VAL B 5 24.82 -10.04 -0.11
C VAL B 5 23.36 -9.77 -0.47
N LEU B 6 22.56 -10.84 -0.56
CA LEU B 6 21.14 -10.71 -0.85
C LEU B 6 20.43 -10.09 0.34
N ALA B 7 20.85 -10.48 1.55
CA ALA B 7 20.27 -9.94 2.77
C ALA B 7 20.44 -8.44 2.82
N ALA B 8 21.66 -7.98 2.52
CA ALA B 8 21.94 -6.55 2.50
C ALA B 8 21.23 -5.87 1.34
N ALA B 9 21.21 -6.55 0.19
CA ALA B 9 20.57 -6.02 -1.00
C ALA B 9 19.06 -5.85 -0.80
N ILE B 10 18.41 -6.81 -0.17
CA ILE B 10 16.99 -6.70 0.09
C ILE B 10 16.73 -5.68 1.18
N ALA B 11 17.62 -5.61 2.17
CA ALA B 11 17.49 -4.66 3.27
C ALA B 11 17.57 -3.24 2.77
N VAL B 12 18.51 -2.99 1.86
CA VAL B 12 18.66 -1.67 1.29
C VAL B 12 17.51 -1.38 0.35
N GLY B 13 17.03 -2.43 -0.33
CA GLY B 13 15.90 -2.27 -1.20
C GLY B 13 14.68 -1.86 -0.40
N LEU B 14 14.54 -2.46 0.78
CA LEU B 14 13.45 -2.15 1.69
C LEU B 14 13.61 -0.73 2.23
N GLY B 15 14.85 -0.38 2.58
CA GLY B 15 15.15 0.95 3.09
C GLY B 15 14.86 2.03 2.07
N ALA B 16 15.30 1.78 0.84
CA ALA B 16 15.10 2.71 -0.27
C ALA B 16 13.62 2.85 -0.60
N LEU B 17 12.91 1.73 -0.52
CA LEU B 17 11.49 1.72 -0.82
C LEU B 17 10.68 2.55 0.15
N GLY B 18 10.72 2.18 1.44
CA GLY B 18 9.95 2.89 2.45
C GLY B 18 10.32 4.35 2.58
N ALA B 19 11.62 4.64 2.66
CA ALA B 19 12.07 6.01 2.79
C ALA B 19 11.78 6.78 1.51
N GLY B 20 11.89 6.11 0.36
CA GLY B 20 11.63 6.76 -0.91
C GLY B 20 10.23 7.30 -1.03
N ILE B 21 9.24 6.50 -0.66
CA ILE B 21 7.85 6.96 -0.73
C ILE B 21 7.54 7.93 0.40
N GLY B 22 8.11 7.66 1.58
CA GLY B 22 7.90 8.53 2.73
C GLY B 22 8.44 9.92 2.50
N ASN B 23 9.60 9.98 1.87
CA ASN B 23 10.25 11.25 1.57
C ASN B 23 9.63 11.93 0.35
N GLY B 24 9.22 11.15 -0.64
CA GLY B 24 8.60 11.76 -1.81
C GLY B 24 7.33 12.48 -1.42
N LEU B 25 6.48 11.79 -0.68
CA LEU B 25 5.26 12.37 -0.20
C LEU B 25 5.51 13.47 0.82
N ILE B 26 6.55 13.30 1.66
CA ILE B 26 6.84 14.32 2.66
C ILE B 26 7.20 15.65 1.99
N VAL B 27 7.98 15.58 0.91
CA VAL B 27 8.38 16.80 0.21
C VAL B 27 7.22 17.44 -0.53
N SER B 28 6.50 16.66 -1.34
CA SER B 28 5.38 17.21 -2.10
C SER B 28 4.24 17.69 -1.21
N ARG B 29 3.95 16.95 -0.14
CA ARG B 29 2.89 17.34 0.78
C ARG B 29 3.29 18.59 1.55
N THR B 30 4.56 18.66 1.96
CA THR B 30 5.06 19.85 2.66
C THR B 30 4.91 21.05 1.77
N ILE B 31 5.24 20.83 0.50
CA ILE B 31 5.14 21.85 -0.52
C ILE B 31 3.69 22.30 -0.67
N GLU B 32 2.77 21.34 -0.68
CA GLU B 32 1.35 21.65 -0.81
C GLU B 32 0.87 22.43 0.42
N GLY B 33 1.35 22.04 1.60
CA GLY B 33 0.96 22.71 2.83
C GLY B 33 1.40 24.17 2.89
N ILE B 34 2.62 24.45 2.44
CA ILE B 34 3.15 25.81 2.48
C ILE B 34 2.54 26.66 1.36
N ALA B 35 2.18 26.02 0.26
CA ALA B 35 1.59 26.72 -0.88
C ALA B 35 0.21 27.28 -0.53
N ARG B 36 -0.58 26.51 0.22
CA ARG B 36 -1.92 26.93 0.60
C ARG B 36 -1.93 28.17 1.49
N GLN B 37 -1.05 28.19 2.48
CA GLN B 37 -0.99 29.33 3.40
C GLN B 37 0.45 29.78 3.62
N PRO B 38 0.74 31.08 3.39
CA PRO B 38 2.08 31.63 3.58
C PRO B 38 2.42 31.90 5.04
N GLU B 39 2.32 30.86 5.87
CA GLU B 39 2.62 30.96 7.29
C GLU B 39 4.03 30.48 7.55
N LEU B 40 5.00 31.36 7.35
CA LEU B 40 6.40 30.99 7.53
C LEU B 40 6.69 29.75 6.70
N ARG B 41 6.59 29.91 5.37
CA ARG B 41 6.81 28.82 4.42
C ARG B 41 8.20 28.17 4.60
N PRO B 42 9.31 28.96 4.68
CA PRO B 42 10.65 28.37 4.87
C PRO B 42 10.73 27.50 6.11
N VAL B 43 10.08 27.93 7.18
CA VAL B 43 10.07 27.19 8.43
C VAL B 43 9.37 25.83 8.26
N LEU B 44 8.23 25.83 7.58
CA LEU B 44 7.47 24.61 7.34
C LEU B 44 8.29 23.62 6.50
N GLN B 45 8.96 24.14 5.48
CA GLN B 45 9.81 23.31 4.63
C GLN B 45 11.00 22.82 5.44
N THR B 46 11.45 23.63 6.41
CA THR B 46 12.54 23.26 7.32
C THR B 46 12.13 22.03 8.13
N THR B 47 10.88 22.04 8.61
CA THR B 47 10.35 20.90 9.36
C THR B 47 10.37 19.68 8.43
N MET B 48 10.07 19.91 7.16
CA MET B 48 10.11 18.87 6.15
C MET B 48 11.52 18.26 6.09
N PHE B 49 12.53 19.13 6.11
CA PHE B 49 13.93 18.69 6.05
C PHE B 49 14.29 17.82 7.25
N ILE B 50 13.82 18.18 8.45
CA ILE B 50 14.11 17.36 9.62
C ILE B 50 13.39 16.02 9.46
N GLY B 51 12.24 16.07 8.76
CA GLY B 51 11.49 14.85 8.48
C GLY B 51 12.29 13.95 7.57
N VAL B 52 12.99 14.57 6.62
CA VAL B 52 13.85 13.86 5.68
C VAL B 52 14.92 13.14 6.48
N ALA B 53 15.46 13.84 7.48
CA ALA B 53 16.48 13.26 8.37
C ALA B 53 15.93 12.07 9.16
N LEU B 54 14.70 12.21 9.66
CA LEU B 54 14.07 11.14 10.46
C LEU B 54 13.86 9.87 9.64
N VAL B 55 13.34 10.06 8.44
CA VAL B 55 13.04 8.94 7.58
C VAL B 55 14.26 8.28 6.98
N GLU B 56 15.26 9.08 6.58
CA GLU B 56 16.48 8.51 5.99
C GLU B 56 17.41 7.93 7.04
N ALA B 57 17.19 8.31 8.30
CA ALA B 57 18.00 7.79 9.39
C ALA B 57 17.84 6.28 9.46
N LEU B 58 16.61 5.84 9.22
CA LEU B 58 16.27 4.43 9.24
C LEU B 58 17.03 3.62 8.17
N PRO B 59 16.98 3.99 6.86
CA PRO B 59 17.73 3.28 5.83
C PRO B 59 19.24 3.32 6.08
N ILE B 60 19.74 4.44 6.61
CA ILE B 60 21.16 4.54 6.90
C ILE B 60 21.57 3.52 7.96
N ILE B 61 20.77 3.46 9.03
CA ILE B 61 21.02 2.53 10.13
C ILE B 61 20.91 1.08 9.66
N GLY B 62 19.86 0.78 8.89
CA GLY B 62 19.65 -0.57 8.40
C GLY B 62 20.77 -1.05 7.50
N VAL B 63 21.23 -0.19 6.60
CA VAL B 63 22.31 -0.54 5.68
C VAL B 63 23.62 -0.78 6.43
N VAL B 64 23.94 0.13 7.36
CA VAL B 64 25.17 0.01 8.16
C VAL B 64 25.15 -1.27 9.00
N PHE B 65 24.02 -1.52 9.66
CA PHE B 65 23.88 -2.71 10.50
C PHE B 65 23.98 -3.98 9.68
N SER B 66 23.37 -3.98 8.48
CA SER B 66 23.43 -5.14 7.60
C SER B 66 24.88 -5.42 7.20
N PHE B 67 25.61 -4.35 6.92
CA PHE B 67 27.02 -4.44 6.55
C PHE B 67 27.82 -5.09 7.67
N ILE B 68 27.61 -4.61 8.90
CA ILE B 68 28.31 -5.16 10.07
C ILE B 68 27.92 -6.61 10.34
N TYR B 69 26.63 -6.93 10.21
CA TYR B 69 26.16 -8.30 10.46
C TYR B 69 26.85 -9.25 9.50
N LEU B 70 26.95 -8.87 8.23
CA LEU B 70 27.62 -9.67 7.24
C LEU B 70 29.12 -9.73 7.55
N GLY B 71 29.67 -8.58 7.91
CA GLY B 71 31.08 -8.46 8.25
C GLY B 71 31.46 -9.27 9.47
N ARG B 72 30.62 -9.28 10.48
CA ARG B 72 30.89 -10.02 11.71
C ARG B 72 30.09 -11.32 11.75
N MET C 1 24.99 -19.02 9.53
CA MET C 1 24.90 -17.67 10.13
C MET C 1 24.25 -16.68 9.17
N HIS C 2 24.21 -17.07 7.90
CA HIS C 2 23.62 -16.22 6.86
C HIS C 2 22.13 -16.00 7.10
N LEU C 3 21.43 -17.04 7.55
CA LEU C 3 20.00 -16.92 7.83
C LEU C 3 19.75 -15.92 8.96
N GLY C 4 20.59 -15.97 9.99
CA GLY C 4 20.44 -15.05 11.11
C GLY C 4 20.65 -13.60 10.74
N VAL C 5 21.69 -13.32 9.95
CA VAL C 5 21.97 -11.95 9.54
C VAL C 5 20.88 -11.45 8.58
N LEU C 6 20.33 -12.37 7.79
CA LEU C 6 19.24 -12.02 6.88
C LEU C 6 17.98 -11.71 7.66
N ALA C 7 17.76 -12.46 8.73
CA ALA C 7 16.59 -12.24 9.58
C ALA C 7 16.62 -10.84 10.16
N ALA C 8 17.77 -10.44 10.68
CA ALA C 8 17.93 -9.11 11.23
C ALA C 8 17.87 -8.06 10.13
N ALA C 9 18.49 -8.37 8.98
CA ALA C 9 18.51 -7.46 7.84
C ALA C 9 17.11 -7.20 7.30
N ILE C 10 16.29 -8.24 7.20
CA ILE C 10 14.95 -8.06 6.71
C ILE C 10 14.09 -7.38 7.77
N ALA C 11 14.35 -7.69 9.04
CA ALA C 11 13.59 -7.08 10.14
C ALA C 11 13.83 -5.59 10.19
N VAL C 12 15.08 -5.19 10.02
CA VAL C 12 15.43 -3.78 10.02
C VAL C 12 14.90 -3.12 8.76
N GLY C 13 14.92 -3.87 7.65
CA GLY C 13 14.38 -3.37 6.42
C GLY C 13 12.90 -3.08 6.57
N LEU C 14 12.21 -3.98 7.29
CA LEU C 14 10.79 -3.84 7.55
C LEU C 14 10.55 -2.66 8.50
N GLY C 15 11.42 -2.55 9.51
CA GLY C 15 11.31 -1.46 10.47
C GLY C 15 11.53 -0.11 9.82
N ALA C 16 12.54 -0.04 8.97
CA ALA C 16 12.87 1.19 8.25
C ALA C 16 11.77 1.56 7.28
N LEU C 17 11.20 0.55 6.65
CA LEU C 17 10.14 0.76 5.67
C LEU C 17 8.89 1.35 6.30
N GLY C 18 8.30 0.62 7.25
CA GLY C 18 7.07 1.08 7.88
C GLY C 18 7.22 2.40 8.62
N ALA C 19 8.27 2.51 9.42
CA ALA C 19 8.50 3.75 10.15
C ALA C 19 8.85 4.88 9.21
N GLY C 20 9.58 4.56 8.14
CA GLY C 20 9.98 5.57 7.17
C GLY C 20 8.80 6.25 6.52
N ILE C 21 7.80 5.49 6.08
CA ILE C 21 6.62 6.08 5.45
C ILE C 21 5.71 6.71 6.51
N GLY C 22 5.61 6.05 7.65
CA GLY C 22 4.79 6.57 8.74
C GLY C 22 5.28 7.91 9.24
N ASN C 23 6.59 8.04 9.33
CA ASN C 23 7.22 9.27 9.80
C ASN C 23 7.27 10.33 8.70
N GLY C 24 7.47 9.91 7.47
CA GLY C 24 7.49 10.88 6.38
C GLY C 24 6.16 11.58 6.28
N LEU C 25 5.11 10.79 6.23
CA LEU C 25 3.77 11.33 6.16
C LEU C 25 3.40 12.06 7.45
N ILE C 26 3.86 11.56 8.60
CA ILE C 26 3.54 12.21 9.86
C ILE C 26 4.10 13.63 9.90
N VAL C 27 5.32 13.82 9.39
CA VAL C 27 5.95 15.13 9.40
C VAL C 27 5.28 16.07 8.40
N SER C 28 5.13 15.62 7.16
CA SER C 28 4.53 16.47 6.12
C SER C 28 3.06 16.80 6.42
N ARG C 29 2.32 15.82 6.91
CA ARG C 29 0.91 16.01 7.23
C ARG C 29 0.77 16.95 8.42
N THR C 30 1.65 16.78 9.42
CA THR C 30 1.64 17.66 10.59
C THR C 30 1.88 19.08 10.15
N ILE C 31 2.83 19.20 9.22
CA ILE C 31 3.20 20.47 8.66
C ILE C 31 2.01 21.09 7.93
N GLU C 32 1.29 20.27 7.18
CA GLU C 32 0.12 20.73 6.44
C GLU C 32 -0.98 21.17 7.42
N GLY C 33 -1.14 20.41 8.50
CA GLY C 33 -2.14 20.74 9.50
C GLY C 33 -1.90 22.06 10.20
N ILE C 34 -0.64 22.33 10.55
CA ILE C 34 -0.31 23.58 11.24
C ILE C 34 -0.32 24.77 10.28
N ALA C 35 0.00 24.51 9.02
CA ALA C 35 0.02 25.56 8.00
C ALA C 35 -1.38 26.14 7.75
N ARG C 36 -2.38 25.26 7.73
CA ARG C 36 -3.76 25.68 7.48
C ARG C 36 -4.31 26.60 8.56
N GLN C 37 -4.06 26.26 9.82
CA GLN C 37 -4.55 27.07 10.93
C GLN C 37 -3.46 27.30 11.97
N PRO C 38 -3.19 28.57 12.31
CA PRO C 38 -2.17 28.91 13.31
C PRO C 38 -2.65 28.71 14.75
N GLU C 39 -3.09 27.49 15.06
CA GLU C 39 -3.57 27.16 16.40
C GLU C 39 -2.46 26.49 17.17
N LEU C 40 -1.58 27.29 17.77
CA LEU C 40 -0.46 26.74 18.51
C LEU C 40 0.31 25.77 17.62
N ARG C 41 0.88 26.32 16.55
CA ARG C 41 1.63 25.52 15.58
C ARG C 41 2.77 24.73 16.22
N PRO C 42 3.62 25.34 17.08
CA PRO C 42 4.72 24.61 17.74
C PRO C 42 4.22 23.40 18.53
N VAL C 43 3.07 23.57 19.19
CA VAL C 43 2.47 22.51 19.98
C VAL C 43 2.05 21.33 19.09
N LEU C 44 1.43 21.64 17.96
CA LEU C 44 0.98 20.61 17.02
C LEU C 44 2.17 19.83 16.47
N GLN C 45 3.24 20.55 16.12
CA GLN C 45 4.45 19.93 15.62
C GLN C 45 5.09 19.10 16.75
N THR C 46 4.92 19.56 17.99
CA THR C 46 5.43 18.84 19.16
C THR C 46 4.74 17.47 19.25
N THR C 47 3.43 17.46 19.02
CA THR C 47 2.66 16.22 19.01
C THR C 47 3.23 15.32 17.91
N MET C 48 3.61 15.95 16.80
CA MET C 48 4.24 15.22 15.70
C MET C 48 5.51 14.53 16.17
N PHE C 49 6.32 15.25 16.97
CA PHE C 49 7.57 14.72 17.50
C PHE C 49 7.33 13.51 18.39
N ILE C 50 6.28 13.56 19.23
CA ILE C 50 5.98 12.41 20.08
C ILE C 50 5.53 11.24 19.18
N GLY C 51 4.91 11.60 18.06
CA GLY C 51 4.49 10.61 17.09
C GLY C 51 5.70 9.92 16.49
N VAL C 52 6.75 10.72 16.26
CA VAL C 52 8.01 10.23 15.73
C VAL C 52 8.56 9.20 16.71
N ALA C 53 8.48 9.53 18.00
CA ALA C 53 8.93 8.64 19.05
C ALA C 53 8.13 7.32 19.07
N LEU C 54 6.80 7.42 18.90
CA LEU C 54 5.93 6.23 18.89
C LEU C 54 6.25 5.29 17.76
N VAL C 55 6.41 5.86 16.58
CA VAL C 55 6.67 5.06 15.40
C VAL C 55 8.08 4.51 15.34
N GLU C 56 9.09 5.27 15.76
CA GLU C 56 10.46 4.78 15.72
C GLU C 56 10.76 3.85 16.88
N ALA C 57 9.90 3.86 17.90
CA ALA C 57 10.07 2.97 19.04
C ALA C 57 10.00 1.53 18.57
N LEU C 58 9.10 1.30 17.62
CA LEU C 58 8.89 -0.02 17.04
C LEU C 58 10.14 -0.56 16.33
N PRO C 59 10.74 0.19 15.36
CA PRO C 59 11.96 -0.28 14.68
C PRO C 59 13.12 -0.45 15.66
N ILE C 60 13.21 0.41 16.68
CA ILE C 60 14.28 0.29 17.67
C ILE C 60 14.14 -1.04 18.43
N ILE C 61 12.91 -1.32 18.88
CA ILE C 61 12.62 -2.55 19.61
C ILE C 61 12.87 -3.78 18.75
N GLY C 62 12.39 -3.74 17.51
CA GLY C 62 12.56 -4.87 16.60
C GLY C 62 14.00 -5.18 16.30
N VAL C 63 14.80 -4.15 16.05
CA VAL C 63 16.22 -4.32 15.75
C VAL C 63 16.97 -4.89 16.97
N VAL C 64 16.71 -4.33 18.15
CA VAL C 64 17.36 -4.79 19.37
C VAL C 64 16.99 -6.25 19.67
N PHE C 65 15.70 -6.57 19.56
CA PHE C 65 15.23 -7.93 19.81
C PHE C 65 15.83 -8.91 18.82
N SER C 66 15.92 -8.51 17.55
CA SER C 66 16.50 -9.36 16.52
C SER C 66 17.96 -9.66 16.85
N PHE C 67 18.66 -8.62 17.32
CA PHE C 67 20.07 -8.75 17.70
C PHE C 67 20.22 -9.77 18.82
N ILE C 68 19.38 -9.65 19.85
CA ILE C 68 19.42 -10.56 20.99
C ILE C 68 19.03 -11.99 20.58
N TYR C 69 18.02 -12.13 19.73
CA TYR C 69 17.58 -13.46 19.29
C TYR C 69 18.73 -14.17 18.58
N LEU C 70 19.44 -13.44 17.72
CA LEU C 70 20.58 -13.99 17.01
C LEU C 70 21.71 -14.28 18.01
N GLY C 71 21.91 -13.33 18.92
CA GLY C 71 22.94 -13.46 19.94
C GLY C 71 22.70 -14.62 20.89
N ARG C 72 21.46 -14.83 21.28
CA ARG C 72 21.11 -15.92 22.18
C ARG C 72 20.49 -17.10 21.42
N MET D 1 17.78 -23.29 14.78
CA MET D 1 17.29 -22.18 15.63
C MET D 1 17.17 -20.89 14.81
N HIS D 2 17.80 -20.89 13.65
CA HIS D 2 17.77 -19.74 12.76
C HIS D 2 16.36 -19.44 12.26
N LEU D 3 15.61 -20.49 11.97
CA LEU D 3 14.23 -20.32 11.50
C LEU D 3 13.37 -19.67 12.58
N GLY D 4 13.57 -20.08 13.83
CA GLY D 4 12.79 -19.53 14.94
C GLY D 4 13.06 -18.05 15.17
N VAL D 5 14.34 -17.67 15.12
CA VAL D 5 14.70 -16.27 15.34
C VAL D 5 14.24 -15.41 14.17
N LEU D 6 14.22 -16.00 12.98
CA LEU D 6 13.75 -15.31 11.79
C LEU D 6 12.25 -15.11 11.88
N ALA D 7 11.54 -16.11 12.41
CA ALA D 7 10.10 -16.04 12.56
C ALA D 7 9.73 -14.87 13.46
N ALA D 8 10.43 -14.75 14.59
CA ALA D 8 10.20 -13.66 15.50
C ALA D 8 10.64 -12.33 14.89
N ALA D 9 11.77 -12.36 14.20
CA ALA D 9 12.32 -11.16 13.55
C ALA D 9 11.39 -10.62 12.48
N ILE D 10 10.81 -11.50 11.67
CA ILE D 10 9.89 -11.06 10.64
C ILE D 10 8.56 -10.64 11.26
N ALA D 11 8.15 -11.33 12.33
CA ALA D 11 6.91 -10.99 13.02
C ALA D 11 6.98 -9.60 13.63
N VAL D 12 8.12 -9.28 14.23
CA VAL D 12 8.32 -7.98 14.83
C VAL D 12 8.47 -6.95 13.73
N GLY D 13 9.09 -7.35 12.63
CA GLY D 13 9.23 -6.45 11.51
C GLY D 13 7.87 -6.09 10.97
N LEU D 14 6.98 -7.07 10.92
CA LEU D 14 5.62 -6.88 10.46
C LEU D 14 4.85 -6.00 11.45
N GLY D 15 5.06 -6.27 12.75
CA GLY D 15 4.41 -5.50 13.79
C GLY D 15 4.83 -4.05 13.77
N ALA D 16 6.13 -3.83 13.62
CA ALA D 16 6.70 -2.49 13.56
C ALA D 16 6.24 -1.75 12.33
N LEU D 17 6.15 -2.47 11.23
CA LEU D 17 5.72 -1.90 9.97
C LEU D 17 4.28 -1.39 10.02
N GLY D 18 3.34 -2.29 10.26
CA GLY D 18 1.93 -1.92 10.29
C GLY D 18 1.60 -0.89 11.35
N ALA D 19 2.06 -1.12 12.57
CA ALA D 19 1.81 -0.16 13.65
C ALA D 19 2.53 1.14 13.39
N GLY D 20 3.72 1.08 12.80
CA GLY D 20 4.49 2.27 12.52
C GLY D 20 3.77 3.23 11.59
N ILE D 21 3.20 2.73 10.50
CA ILE D 21 2.46 3.59 9.59
C ILE D 21 1.11 3.97 10.15
N GLY D 22 0.48 3.02 10.84
CA GLY D 22 -0.82 3.29 11.45
C GLY D 22 -0.75 4.37 12.49
N ASN D 23 0.32 4.34 13.28
CA ASN D 23 0.52 5.32 14.34
C ASN D 23 1.06 6.64 13.79
N GLY D 24 1.91 6.58 12.77
CA GLY D 24 2.42 7.80 12.19
C GLY D 24 1.28 8.64 11.63
N LEU D 25 0.45 8.00 10.84
CA LEU D 25 -0.69 8.67 10.25
C LEU D 25 -1.72 9.03 11.31
N ILE D 26 -1.88 8.17 12.33
CA ILE D 26 -2.84 8.47 13.38
C ILE D 26 -2.48 9.75 14.12
N VAL D 27 -1.19 9.95 14.38
CA VAL D 27 -0.74 11.14 15.10
C VAL D 27 -0.86 12.39 14.24
N SER D 28 -0.32 12.34 13.02
CA SER D 28 -0.36 13.51 12.12
C SER D 28 -1.78 13.87 11.71
N ARG D 29 -2.62 12.86 11.45
CA ARG D 29 -4.00 13.10 11.05
C ARG D 29 -4.79 13.66 12.21
N THR D 30 -4.54 13.14 13.42
CA THR D 30 -5.20 13.63 14.62
C THR D 30 -4.86 15.08 14.81
N ILE D 31 -3.59 15.37 14.58
CA ILE D 31 -3.07 16.71 14.68
C ILE D 31 -3.76 17.63 13.67
N GLU D 32 -3.93 17.13 12.45
CA GLU D 32 -4.58 17.90 11.40
C GLU D 32 -6.05 18.15 11.77
N GLY D 33 -6.69 17.13 12.33
CA GLY D 33 -8.09 17.25 12.72
C GLY D 33 -8.33 18.29 13.82
N ILE D 34 -7.45 18.33 14.81
CA ILE D 34 -7.60 19.27 15.91
C ILE D 34 -7.19 20.69 15.49
N ALA D 35 -6.26 20.77 14.54
CA ALA D 35 -5.80 22.06 14.04
C ALA D 35 -6.90 22.82 13.30
N ARG D 36 -7.68 22.09 12.51
CA ARG D 36 -8.77 22.69 11.72
C ARG D 36 -9.85 23.32 12.60
N GLN D 37 -10.26 22.61 13.65
CA GLN D 37 -11.31 23.11 14.54
C GLN D 37 -10.92 22.92 15.99
N PRO D 38 -10.95 24.01 16.79
CA PRO D 38 -10.62 23.96 18.21
C PRO D 38 -11.75 23.39 19.07
N GLU D 39 -12.20 22.19 18.74
CA GLU D 39 -13.27 21.53 19.48
C GLU D 39 -12.68 20.56 20.47
N LEU D 40 -12.29 21.06 21.63
CA LEU D 40 -11.68 20.22 22.65
C LEU D 40 -10.51 19.48 22.03
N ARG D 41 -9.49 20.25 21.61
CA ARG D 41 -8.29 19.70 20.98
C ARG D 41 -7.60 18.64 21.84
N PRO D 42 -7.35 18.89 23.15
CA PRO D 42 -6.70 17.90 24.03
C PRO D 42 -7.46 16.58 24.05
N VAL D 43 -8.79 16.66 24.06
CA VAL D 43 -9.63 15.47 24.08
C VAL D 43 -9.46 14.65 22.80
N LEU D 44 -9.43 15.33 21.65
CA LEU D 44 -9.25 14.67 20.36
C LEU D 44 -7.91 13.96 20.29
N GLN D 45 -6.87 14.65 20.77
CA GLN D 45 -5.52 14.08 20.80
C GLN D 45 -5.50 12.91 21.79
N THR D 46 -6.32 13.00 22.84
CA THR D 46 -6.44 11.93 23.84
C THR D 46 -6.98 10.67 23.15
N THR D 47 -7.99 10.85 22.28
CA THR D 47 -8.56 9.75 21.52
C THR D 47 -7.44 9.15 20.66
N MET D 48 -6.59 10.03 20.14
CA MET D 48 -5.43 9.59 19.36
C MET D 48 -4.55 8.67 20.19
N PHE D 49 -4.32 9.06 21.45
CA PHE D 49 -3.48 8.27 22.35
C PHE D 49 -4.07 6.88 22.60
N ILE D 50 -5.39 6.79 22.76
CA ILE D 50 -6.01 5.48 22.95
C ILE D 50 -5.85 4.67 21.66
N GLY D 51 -5.84 5.39 20.54
CA GLY D 51 -5.62 4.76 19.24
C GLY D 51 -4.24 4.16 19.17
N VAL D 52 -3.28 4.89 19.75
CA VAL D 52 -1.90 4.46 19.82
C VAL D 52 -1.85 3.14 20.59
N ALA D 53 -2.62 3.09 21.68
CA ALA D 53 -2.71 1.89 22.50
C ALA D 53 -3.31 0.71 21.72
N LEU D 54 -4.36 0.99 20.94
CA LEU D 54 -5.03 -0.06 20.15
C LEU D 54 -4.11 -0.66 19.11
N VAL D 55 -3.41 0.20 18.41
CA VAL D 55 -2.52 -0.24 17.35
C VAL D 55 -1.25 -0.89 17.85
N GLU D 56 -0.66 -0.38 18.92
CA GLU D 56 0.57 -0.98 19.45
C GLU D 56 0.29 -2.23 20.27
N ALA D 57 -0.96 -2.43 20.65
CA ALA D 57 -1.34 -3.61 21.40
C ALA D 57 -1.07 -4.84 20.56
N LEU D 58 -1.33 -4.70 19.27
CA LEU D 58 -1.14 -5.77 18.30
C LEU D 58 0.34 -6.21 18.20
N PRO D 59 1.30 -5.28 17.93
CA PRO D 59 2.72 -5.65 17.88
C PRO D 59 3.23 -6.20 19.21
N ILE D 60 2.72 -5.68 20.33
CA ILE D 60 3.14 -6.19 21.63
C ILE D 60 2.71 -7.66 21.79
N ILE D 61 1.46 -7.93 21.45
CA ILE D 61 0.91 -9.28 21.53
C ILE D 61 1.65 -10.24 20.59
N GLY D 62 1.87 -9.79 19.35
CA GLY D 62 2.55 -10.63 18.37
C GLY D 62 3.98 -10.97 18.78
N VAL D 63 4.71 -9.99 19.28
CA VAL D 63 6.08 -10.22 19.71
C VAL D 63 6.14 -11.19 20.90
N VAL D 64 5.28 -10.96 21.90
CA VAL D 64 5.23 -11.82 23.08
C VAL D 64 4.86 -13.26 22.71
N PHE D 65 3.85 -13.40 21.86
CA PHE D 65 3.40 -14.72 21.43
C PHE D 65 4.49 -15.43 20.63
N SER D 66 5.19 -14.69 19.78
CA SER D 66 6.27 -15.28 18.99
C SER D 66 7.38 -15.79 19.90
N PHE D 67 7.67 -15.01 20.94
CA PHE D 67 8.68 -15.37 21.93
C PHE D 67 8.30 -16.68 22.62
N ILE D 68 7.05 -16.78 23.05
CA ILE D 68 6.55 -17.99 23.72
C ILE D 68 6.53 -19.19 22.79
N TYR D 69 6.11 -18.98 21.53
CA TYR D 69 6.06 -20.07 20.56
C TYR D 69 7.44 -20.66 20.36
N LEU D 70 8.44 -19.79 20.24
CA LEU D 70 9.82 -20.22 20.09
C LEU D 70 10.30 -20.89 21.37
N GLY D 71 9.93 -20.28 22.50
CA GLY D 71 10.30 -20.78 23.82
C GLY D 71 9.69 -22.14 24.12
N ARG D 72 8.44 -22.33 23.72
CA ARG D 72 7.75 -23.59 23.97
C ARG D 72 7.69 -24.44 22.70
N MET E 1 9.17 -28.17 14.13
CA MET E 1 8.25 -27.30 14.90
C MET E 1 8.47 -25.84 14.55
N HIS E 2 9.62 -25.56 13.94
CA HIS E 2 9.97 -24.20 13.54
C HIS E 2 9.00 -23.64 12.51
N LEU E 3 8.57 -24.48 11.58
CA LEU E 3 7.63 -24.05 10.55
C LEU E 3 6.29 -23.66 11.17
N GLY E 4 5.84 -24.43 12.16
CA GLY E 4 4.58 -24.14 12.83
C GLY E 4 4.60 -22.84 13.59
N VAL E 5 5.68 -22.57 14.33
CA VAL E 5 5.79 -21.34 15.10
C VAL E 5 5.94 -20.14 14.16
N LEU E 6 6.57 -20.36 13.02
CA LEU E 6 6.73 -19.31 12.02
C LEU E 6 5.39 -19.00 11.38
N ALA E 7 4.59 -20.04 11.17
CA ALA E 7 3.26 -19.87 10.57
C ALA E 7 2.40 -18.98 11.46
N ALA E 8 2.43 -19.26 12.76
CA ALA E 8 1.68 -18.45 13.71
C ALA E 8 2.28 -17.05 13.83
N ALA E 9 3.61 -16.99 13.83
CA ALA E 9 4.33 -15.72 13.94
C ALA E 9 4.05 -14.81 12.75
N ILE E 10 4.02 -15.37 11.55
CA ILE E 10 3.74 -14.56 10.37
C ILE E 10 2.26 -14.20 10.33
N ALA E 11 1.41 -15.12 10.79
CA ALA E 11 -0.04 -14.87 10.82
C ALA E 11 -0.38 -13.74 11.75
N VAL E 12 0.26 -13.72 12.92
CA VAL E 12 0.04 -12.66 13.88
C VAL E 12 0.66 -11.38 13.38
N GLY E 13 1.79 -11.51 12.68
CA GLY E 13 2.43 -10.35 12.10
C GLY E 13 1.52 -9.71 11.09
N LEU E 14 0.84 -10.56 10.31
CA LEU E 14 -0.10 -10.11 9.30
C LEU E 14 -1.32 -9.48 9.96
N GLY E 15 -1.79 -10.12 11.04
CA GLY E 15 -2.93 -9.62 11.78
C GLY E 15 -2.65 -8.28 12.41
N ALA E 16 -1.48 -8.15 13.02
CA ALA E 16 -1.05 -6.91 13.65
C ALA E 16 -0.87 -5.81 12.64
N LEU E 17 -0.34 -6.18 11.48
CA LEU E 17 -0.08 -5.22 10.42
C LEU E 17 -1.38 -4.61 9.88
N GLY E 18 -2.25 -5.46 9.32
CA GLY E 18 -3.49 -4.96 8.75
C GLY E 18 -4.39 -4.25 9.74
N ALA E 19 -4.60 -4.86 10.90
CA ALA E 19 -5.43 -4.25 11.92
C ALA E 19 -4.78 -2.98 12.47
N GLY E 20 -3.46 -3.01 12.57
CA GLY E 20 -2.73 -1.85 13.09
C GLY E 20 -2.93 -0.61 12.25
N ILE E 21 -2.83 -0.73 10.93
CA ILE E 21 -3.04 0.44 10.07
C ILE E 21 -4.52 0.78 9.95
N GLY E 22 -5.35 -0.27 9.91
CA GLY E 22 -6.79 -0.06 9.82
C GLY E 22 -7.33 0.67 11.03
N ASN E 23 -6.83 0.30 12.20
CA ASN E 23 -7.25 0.92 13.44
C ASN E 23 -6.60 2.27 13.66
N GLY E 24 -5.35 2.43 13.24
CA GLY E 24 -4.70 3.72 13.40
C GLY E 24 -5.43 4.78 12.62
N LEU E 25 -5.69 4.48 11.36
CA LEU E 25 -6.42 5.38 10.50
C LEU E 25 -7.87 5.53 10.95
N ILE E 26 -8.47 4.44 11.44
CA ILE E 26 -9.85 4.52 11.88
C ILE E 26 -10.01 5.50 13.05
N VAL E 27 -9.05 5.48 13.97
CA VAL E 27 -9.11 6.37 15.12
C VAL E 27 -8.86 7.82 14.74
N SER E 28 -7.77 8.07 14.01
CA SER E 28 -7.42 9.43 13.62
C SER E 28 -8.45 10.04 12.66
N ARG E 29 -8.95 9.24 11.73
CA ARG E 29 -9.95 9.72 10.78
C ARG E 29 -11.27 10.00 11.49
N THR E 30 -11.64 9.13 12.43
CA THR E 30 -12.86 9.31 13.21
C THR E 30 -12.76 10.61 13.96
N ILE E 31 -11.57 10.83 14.50
CA ILE E 31 -11.26 12.03 15.25
C ILE E 31 -11.39 13.26 14.35
N GLU E 32 -10.88 13.15 13.14
CA GLU E 32 -10.95 14.24 12.18
C GLU E 32 -12.41 14.52 11.81
N GLY E 33 -13.19 13.45 11.63
CA GLY E 33 -14.59 13.59 11.27
C GLY E 33 -15.42 14.29 12.34
N ILE E 34 -15.18 13.96 13.61
CA ILE E 34 -15.94 14.57 14.70
C ILE E 34 -15.47 16.00 14.98
N ALA E 35 -14.19 16.25 14.71
CA ALA E 35 -13.61 17.58 14.93
C ALA E 35 -14.23 18.61 13.99
N ARG E 36 -14.45 18.23 12.73
CA ARG E 36 -15.01 19.13 11.73
C ARG E 36 -16.43 19.58 12.07
N GLN E 37 -17.27 18.64 12.50
CA GLN E 37 -18.65 18.97 12.84
C GLN E 37 -19.07 18.34 14.16
N PRO E 38 -19.57 19.15 15.10
CA PRO E 38 -20.01 18.66 16.41
C PRO E 38 -21.39 17.98 16.35
N GLU E 39 -21.52 16.98 15.51
CA GLU E 39 -22.77 16.24 15.37
C GLU E 39 -22.70 14.97 16.18
N LEU E 40 -23.01 15.09 17.47
CA LEU E 40 -22.95 13.94 18.36
C LEU E 40 -21.57 13.29 18.24
N ARG E 41 -20.55 14.04 18.64
CA ARG E 41 -19.16 13.59 18.57
C ARG E 41 -18.93 12.26 19.32
N PRO E 42 -19.42 12.11 20.58
CA PRO E 42 -19.24 10.85 21.32
C PRO E 42 -19.81 9.65 20.57
N VAL E 43 -20.97 9.86 19.91
CA VAL E 43 -21.62 8.80 19.15
C VAL E 43 -20.76 8.36 17.96
N LEU E 44 -20.19 9.34 17.25
CA LEU E 44 -19.34 9.06 16.09
C LEU E 44 -18.10 8.27 16.52
N GLN E 45 -17.51 8.69 17.63
CA GLN E 45 -16.33 8.01 18.18
C GLN E 45 -16.73 6.61 18.64
N THR E 46 -17.99 6.48 19.11
CA THR E 46 -18.53 5.18 19.53
C THR E 46 -18.56 4.23 18.34
N THR E 47 -18.99 4.75 17.18
CA THR E 47 -19.01 3.96 15.95
C THR E 47 -17.58 3.53 15.64
N MET E 48 -16.63 4.43 15.91
CA MET E 48 -15.22 4.14 15.73
C MET E 48 -14.82 2.94 16.59
N PHE E 49 -15.29 2.91 17.83
CA PHE E 49 -15.00 1.83 18.76
C PHE E 49 -15.53 0.49 18.25
N ILE E 50 -16.74 0.48 17.68
CA ILE E 50 -17.28 -0.76 17.13
C ILE E 50 -16.44 -1.17 15.94
N GLY E 51 -15.88 -0.16 15.25
CA GLY E 51 -15.00 -0.41 14.13
C GLY E 51 -13.74 -1.10 14.59
N VAL E 52 -13.26 -0.67 15.76
CA VAL E 52 -12.08 -1.24 16.39
C VAL E 52 -12.36 -2.72 16.65
N ALA E 53 -13.56 -3.01 17.12
CA ALA E 53 -13.98 -4.37 17.40
C ALA E 53 -14.02 -5.21 16.11
N LEU E 54 -14.54 -4.62 15.02
CA LEU E 54 -14.63 -5.33 13.73
C LEU E 54 -13.27 -5.70 13.18
N VAL E 55 -12.36 -4.75 13.23
CA VAL E 55 -11.04 -4.94 12.68
C VAL E 55 -10.16 -5.84 13.54
N GLU E 56 -10.25 -5.72 14.87
CA GLU E 56 -9.43 -6.56 15.75
C GLU E 56 -10.00 -7.96 15.90
N ALA E 57 -11.26 -8.12 15.51
CA ALA E 57 -11.89 -9.44 15.56
C ALA E 57 -11.13 -10.39 14.66
N LEU E 58 -10.71 -9.86 13.52
CA LEU E 58 -9.97 -10.63 12.53
C LEU E 58 -8.64 -11.15 13.08
N PRO E 59 -7.73 -10.29 13.62
CA PRO E 59 -6.47 -10.76 14.20
C PRO E 59 -6.68 -11.72 15.36
N ILE E 60 -7.72 -11.50 16.16
CA ILE E 60 -8.00 -12.40 17.28
C ILE E 60 -8.35 -13.79 16.76
N ILE E 61 -9.23 -13.84 15.76
CA ILE E 61 -9.65 -15.11 15.15
C ILE E 61 -8.47 -15.81 14.48
N GLY E 62 -7.68 -15.06 13.72
CA GLY E 62 -6.54 -15.63 13.03
C GLY E 62 -5.50 -16.22 13.97
N VAL E 63 -5.20 -15.51 15.05
CA VAL E 63 -4.22 -15.98 16.03
C VAL E 63 -4.72 -17.24 16.74
N VAL E 64 -5.99 -17.23 17.16
CA VAL E 64 -6.58 -18.39 17.85
C VAL E 64 -6.61 -19.61 16.94
N PHE E 65 -7.03 -19.41 15.70
CA PHE E 65 -7.11 -20.50 14.73
C PHE E 65 -5.73 -21.06 14.43
N SER E 66 -4.73 -20.18 14.31
CA SER E 66 -3.36 -20.61 14.05
C SER E 66 -2.85 -21.48 15.20
N PHE E 67 -3.20 -21.05 16.42
CA PHE E 67 -2.81 -21.78 17.63
C PHE E 67 -3.39 -23.19 17.60
N ILE E 68 -4.69 -23.28 17.29
CA ILE E 68 -5.37 -24.58 17.23
C ILE E 68 -4.83 -25.45 16.10
N TYR E 69 -4.56 -24.85 14.93
CA TYR E 69 -4.04 -25.61 13.80
C TYR E 69 -2.70 -26.25 14.16
N LEU E 70 -1.86 -25.48 14.84
CA LEU E 70 -0.56 -25.99 15.28
C LEU E 70 -0.77 -27.04 16.37
N GLY E 71 -1.70 -26.74 17.29
CA GLY E 71 -2.03 -27.63 18.38
C GLY E 71 -2.62 -28.96 17.92
N ARG E 72 -3.48 -28.91 16.90
CA ARG E 72 -4.10 -30.11 16.38
C ARG E 72 -3.44 -30.54 15.07
N MET F 1 2.50 -31.80 7.77
CA MET F 1 1.24 -31.10 8.19
C MET F 1 1.52 -29.62 8.45
N HIS F 2 2.80 -29.29 8.61
CA HIS F 2 3.22 -27.92 8.87
C HIS F 2 2.87 -26.99 7.71
N LEU F 3 3.04 -27.48 6.49
CA LEU F 3 2.73 -26.70 5.31
C LEU F 3 1.23 -26.36 5.25
N GLY F 4 0.41 -27.34 5.60
CA GLY F 4 -1.04 -27.14 5.59
C GLY F 4 -1.50 -26.10 6.59
N VAL F 5 -0.97 -26.17 7.81
CA VAL F 5 -1.36 -25.23 8.86
C VAL F 5 -0.83 -23.83 8.53
N LEU F 6 0.32 -23.78 7.86
CA LEU F 6 0.90 -22.51 7.44
C LEU F 6 0.05 -21.89 6.34
N ALA F 7 -0.46 -22.74 5.44
CA ALA F 7 -1.29 -22.28 4.34
C ALA F 7 -2.54 -21.61 4.89
N ALA F 8 -3.17 -22.25 5.87
CA ALA F 8 -4.35 -21.67 6.50
C ALA F 8 -3.99 -20.44 7.31
N ALA F 9 -2.85 -20.51 8.01
CA ALA F 9 -2.38 -19.40 8.83
C ALA F 9 -2.08 -18.16 8.00
N ILE F 10 -1.44 -18.35 6.85
CA ILE F 10 -1.14 -17.22 6.00
C ILE F 10 -2.41 -16.71 5.31
N ALA F 11 -3.32 -17.64 4.97
CA ALA F 11 -4.57 -17.28 4.34
C ALA F 11 -5.42 -16.41 5.25
N VAL F 12 -5.47 -16.80 6.53
CA VAL F 12 -6.23 -16.05 7.51
C VAL F 12 -5.53 -14.74 7.80
N GLY F 13 -4.19 -14.77 7.77
CA GLY F 13 -3.43 -13.56 7.97
C GLY F 13 -3.73 -12.58 6.87
N LEU F 14 -3.84 -13.10 5.65
CA LEU F 14 -4.17 -12.28 4.49
C LEU F 14 -5.60 -11.76 4.59
N GLY F 15 -6.51 -12.64 5.04
CA GLY F 15 -7.90 -12.26 5.20
C GLY F 15 -8.07 -11.18 6.25
N ALA F 16 -7.39 -11.35 7.37
CA ALA F 16 -7.44 -10.40 8.47
C ALA F 16 -6.83 -9.06 8.07
N LEU F 17 -5.75 -9.14 7.29
CA LEU F 17 -5.05 -7.95 6.84
C LEU F 17 -5.93 -7.09 5.93
N GLY F 18 -6.34 -7.65 4.78
CA GLY F 18 -7.13 -6.89 3.83
C GLY F 18 -8.46 -6.42 4.40
N ALA F 19 -9.19 -7.31 5.04
CA ALA F 19 -10.47 -6.93 5.63
C ALA F 19 -10.27 -5.96 6.77
N GLY F 20 -9.18 -6.13 7.53
CA GLY F 20 -8.91 -5.25 8.65
C GLY F 20 -8.74 -3.80 8.24
N ILE F 21 -7.96 -3.55 7.19
CA ILE F 21 -7.78 -2.17 6.73
C ILE F 21 -9.01 -1.67 5.98
N GLY F 22 -9.63 -2.57 5.22
CA GLY F 22 -10.83 -2.21 4.48
C GLY F 22 -11.96 -1.81 5.39
N ASN F 23 -12.11 -2.53 6.49
CA ASN F 23 -13.14 -2.27 7.46
C ASN F 23 -12.79 -1.10 8.37
N GLY F 24 -11.52 -0.96 8.71
CA GLY F 24 -11.13 0.16 9.55
C GLY F 24 -11.43 1.47 8.86
N LEU F 25 -10.98 1.57 7.62
CA LEU F 25 -11.23 2.75 6.83
C LEU F 25 -12.71 2.90 6.50
N ILE F 26 -13.40 1.79 6.26
CA ILE F 26 -14.82 1.86 5.94
C ILE F 26 -15.61 2.48 7.10
N VAL F 27 -15.27 2.10 8.33
CA VAL F 27 -15.97 2.62 9.48
C VAL F 27 -15.65 4.09 9.73
N SER F 28 -14.36 4.43 9.78
CA SER F 28 -13.95 5.82 10.03
C SER F 28 -14.38 6.76 8.91
N ARG F 29 -14.28 6.32 7.67
CA ARG F 29 -14.68 7.14 6.53
C ARG F 29 -16.19 7.34 6.52
N THR F 30 -16.93 6.26 6.84
CA THR F 30 -18.38 6.35 6.91
C THR F 30 -18.77 7.36 7.95
N ILE F 31 -18.05 7.30 9.06
CA ILE F 31 -18.25 8.19 10.17
C ILE F 31 -17.98 9.64 9.74
N GLU F 32 -16.91 9.84 8.98
CA GLU F 32 -16.55 11.16 8.50
C GLU F 32 -17.63 11.67 7.53
N GLY F 33 -18.13 10.77 6.69
CA GLY F 33 -19.15 11.15 5.73
C GLY F 33 -20.46 11.59 6.37
N ILE F 34 -20.88 10.89 7.41
CA ILE F 34 -22.14 11.23 8.09
C ILE F 34 -21.97 12.47 8.98
N ALA F 35 -20.76 12.66 9.49
CA ALA F 35 -20.46 13.81 10.34
C ALA F 35 -20.58 15.12 9.59
N ARG F 36 -20.10 15.13 8.34
CA ARG F 36 -20.13 16.34 7.51
C ARG F 36 -21.54 16.81 7.19
N GLN F 37 -22.42 15.88 6.84
CA GLN F 37 -23.80 16.23 6.51
C GLN F 37 -24.79 15.29 7.18
N PRO F 38 -25.76 15.83 7.93
CA PRO F 38 -26.77 15.03 8.62
C PRO F 38 -27.88 14.54 7.68
N GLU F 39 -27.48 13.84 6.63
CA GLU F 39 -28.44 13.30 5.66
C GLU F 39 -28.72 11.85 5.98
N LEU F 40 -29.65 11.62 6.90
CA LEU F 40 -29.97 10.27 7.31
C LEU F 40 -28.69 9.55 7.72
N ARG F 41 -28.07 10.05 8.79
CA ARG F 41 -26.81 9.50 9.30
C ARG F 41 -26.91 8.00 9.63
N PRO F 42 -27.97 7.53 10.36
CA PRO F 42 -28.11 6.11 10.67
C PRO F 42 -28.13 5.24 9.42
N VAL F 43 -28.80 5.73 8.37
CA VAL F 43 -28.90 5.01 7.10
C VAL F 43 -27.52 4.85 6.46
N LEU F 44 -26.73 5.93 6.46
CA LEU F 44 -25.40 5.91 5.87
C LEU F 44 -24.50 4.92 6.62
N GLN F 45 -24.59 4.94 7.94
CA GLN F 45 -23.82 4.02 8.77
C GLN F 45 -24.31 2.59 8.53
N THR F 46 -25.61 2.46 8.24
CA THR F 46 -26.21 1.15 7.91
C THR F 46 -25.55 0.58 6.65
N THR F 47 -25.36 1.46 5.66
CA THR F 47 -24.70 1.07 4.42
C THR F 47 -23.28 0.60 4.77
N MET F 48 -22.68 1.29 5.73
CA MET F 48 -21.35 0.92 6.22
C MET F 48 -21.37 -0.51 6.75
N PHE F 49 -22.41 -0.84 7.52
CA PHE F 49 -22.56 -2.18 8.10
C PHE F 49 -22.67 -3.25 7.02
N ILE F 50 -23.41 -2.97 5.95
CA ILE F 50 -23.51 -3.95 4.87
C ILE F 50 -22.15 -4.08 4.19
N GLY F 51 -21.38 -2.98 4.21
CA GLY F 51 -20.04 -2.98 3.68
C GLY F 51 -19.16 -3.88 4.50
N VAL F 52 -19.38 -3.85 5.82
CA VAL F 52 -18.65 -4.70 6.76
C VAL F 52 -18.91 -6.16 6.39
N ALA F 53 -20.19 -6.45 6.08
CA ALA F 53 -20.59 -7.79 5.67
C ALA F 53 -19.90 -8.21 4.37
N LEU F 54 -19.83 -7.29 3.41
CA LEU F 54 -19.20 -7.58 2.11
C LEU F 54 -17.73 -7.92 2.24
N VAL F 55 -17.04 -7.10 3.02
CA VAL F 55 -15.61 -7.27 3.19
C VAL F 55 -15.24 -8.46 4.07
N GLU F 56 -16.00 -8.71 5.13
CA GLU F 56 -15.70 -9.84 6.01
C GLU F 56 -16.17 -11.16 5.43
N ALA F 57 -17.03 -11.09 4.43
CA ALA F 57 -17.52 -12.29 3.77
C ALA F 57 -16.34 -13.02 3.14
N LEU F 58 -15.44 -12.23 2.59
CA LEU F 58 -14.25 -12.75 1.93
C LEU F 58 -13.34 -13.54 2.90
N PRO F 59 -12.90 -12.95 4.06
CA PRO F 59 -12.08 -13.69 5.03
C PRO F 59 -12.80 -14.93 5.56
N ILE F 60 -14.12 -14.84 5.76
CA ILE F 60 -14.87 -15.98 6.26
C ILE F 60 -14.81 -17.13 5.25
N ILE F 61 -15.05 -16.81 3.97
CA ILE F 61 -15.01 -17.79 2.90
C ILE F 61 -13.62 -18.39 2.75
N GLY F 62 -12.60 -17.54 2.76
CA GLY F 62 -11.22 -18.00 2.61
C GLY F 62 -10.79 -18.93 3.72
N VAL F 63 -11.13 -18.59 4.96
CA VAL F 63 -10.76 -19.41 6.11
C VAL F 63 -11.47 -20.77 6.05
N VAL F 64 -12.77 -20.76 5.77
CA VAL F 64 -13.55 -22.00 5.68
C VAL F 64 -13.03 -22.90 4.56
N PHE F 65 -12.76 -22.31 3.40
CA PHE F 65 -12.26 -23.06 2.26
C PHE F 65 -10.88 -23.65 2.55
N SER F 66 -10.03 -22.87 3.22
CA SER F 66 -8.70 -23.34 3.58
C SER F 66 -8.79 -24.54 4.51
N PHE F 67 -9.74 -24.46 5.45
CA PHE F 67 -9.98 -25.53 6.40
C PHE F 67 -10.38 -26.82 5.67
N ILE F 68 -11.32 -26.69 4.74
CA ILE F 68 -11.78 -27.83 3.95
C ILE F 68 -10.69 -28.40 3.07
N TYR F 69 -9.91 -27.52 2.43
CA TYR F 69 -8.82 -27.97 1.55
C TYR F 69 -7.82 -28.81 2.34
N LEU F 70 -7.49 -28.35 3.54
CA LEU F 70 -6.58 -29.09 4.41
C LEU F 70 -7.25 -30.39 4.88
N GLY F 71 -8.53 -30.27 5.22
CA GLY F 71 -9.31 -31.41 5.68
C GLY F 71 -9.49 -32.47 4.61
N ARG F 72 -9.71 -32.06 3.38
CA ARG F 72 -9.90 -32.99 2.28
C ARG F 72 -8.64 -33.09 1.43
N MET G 1 0.27 -32.78 -1.85
CA MET G 1 -1.05 -32.11 -1.93
C MET G 1 -1.05 -30.80 -1.15
N HIS G 2 -0.06 -30.66 -0.27
CA HIS G 2 0.07 -29.46 0.57
C HIS G 2 0.31 -28.22 -0.28
N LEU G 3 1.11 -28.35 -1.33
CA LEU G 3 1.40 -27.23 -2.21
C LEU G 3 0.13 -26.76 -2.93
N GLY G 4 -0.70 -27.70 -3.35
CA GLY G 4 -1.94 -27.37 -4.03
C GLY G 4 -2.92 -26.62 -3.15
N VAL G 5 -3.09 -27.09 -1.91
CA VAL G 5 -4.01 -26.45 -0.98
C VAL G 5 -3.49 -25.08 -0.56
N LEU G 6 -2.17 -24.94 -0.52
CA LEU G 6 -1.54 -23.67 -0.18
C LEU G 6 -1.74 -22.69 -1.32
N ALA G 7 -1.65 -23.20 -2.56
CA ALA G 7 -1.84 -22.36 -3.73
C ALA G 7 -3.24 -21.75 -3.72
N ALA G 8 -4.23 -22.58 -3.44
CA ALA G 8 -5.61 -22.10 -3.36
C ALA G 8 -5.80 -21.18 -2.15
N ALA G 9 -5.17 -21.56 -1.04
CA ALA G 9 -5.27 -20.79 0.20
C ALA G 9 -4.66 -19.40 0.05
N ILE G 10 -3.51 -19.30 -0.62
CA ILE G 10 -2.90 -18.01 -0.82
C ILE G 10 -3.66 -17.22 -1.88
N ALA G 11 -4.20 -17.91 -2.87
CA ALA G 11 -4.98 -17.25 -3.92
C ALA G 11 -6.24 -16.63 -3.36
N VAL G 12 -6.90 -17.35 -2.46
CA VAL G 12 -8.10 -16.85 -1.83
C VAL G 12 -7.73 -15.74 -0.85
N GLY G 13 -6.58 -15.89 -0.21
CA GLY G 13 -6.11 -14.87 0.70
C GLY G 13 -5.87 -13.59 -0.06
N LEU G 14 -5.30 -13.72 -1.26
CA LEU G 14 -5.04 -12.59 -2.12
C LEU G 14 -6.36 -11.98 -2.61
N GLY G 15 -7.31 -12.85 -2.97
CA GLY G 15 -8.61 -12.40 -3.44
C GLY G 15 -9.36 -11.66 -2.35
N ALA G 16 -9.34 -12.21 -1.15
CA ALA G 16 -10.00 -11.61 0.00
C ALA G 16 -9.36 -10.28 0.38
N LEU G 17 -8.04 -10.24 0.27
CA LEU G 17 -7.29 -9.04 0.61
C LEU G 17 -7.63 -7.88 -0.32
N GLY G 18 -7.36 -8.05 -1.62
CA GLY G 18 -7.60 -6.98 -2.57
C GLY G 18 -9.05 -6.55 -2.64
N ALA G 19 -9.95 -7.51 -2.75
CA ALA G 19 -11.37 -7.20 -2.82
C ALA G 19 -11.86 -6.61 -1.50
N GLY G 20 -11.31 -7.10 -0.39
CA GLY G 20 -11.70 -6.61 0.92
C GLY G 20 -11.45 -5.13 1.10
N ILE G 21 -10.26 -4.66 0.71
CA ILE G 21 -9.95 -3.24 0.84
C ILE G 21 -10.66 -2.44 -0.24
N GLY G 22 -10.74 -3.00 -1.44
CA GLY G 22 -11.41 -2.33 -2.54
C GLY G 22 -12.87 -2.10 -2.26
N ASN G 23 -13.51 -3.09 -1.66
CA ASN G 23 -14.92 -3.03 -1.31
C ASN G 23 -15.16 -2.19 -0.05
N GLY G 24 -14.25 -2.29 0.91
CA GLY G 24 -14.42 -1.50 2.12
C GLY G 24 -14.41 -0.02 1.79
N LEU G 25 -13.40 0.39 1.04
CA LEU G 25 -13.29 1.77 0.62
C LEU G 25 -14.38 2.15 -0.36
N ILE G 26 -14.79 1.22 -1.21
CA ILE G 26 -15.85 1.52 -2.18
C ILE G 26 -17.15 1.86 -1.46
N VAL G 27 -17.47 1.11 -0.40
CA VAL G 27 -18.70 1.35 0.34
C VAL G 27 -18.64 2.64 1.13
N SER G 28 -17.58 2.83 1.92
CA SER G 28 -17.46 4.04 2.74
C SER G 28 -17.32 5.30 1.90
N ARG G 29 -16.56 5.22 0.81
CA ARG G 29 -16.38 6.37 -0.07
C ARG G 29 -17.67 6.70 -0.79
N THR G 30 -18.40 5.66 -1.22
CA THR G 30 -19.69 5.86 -1.89
C THR G 30 -20.62 6.57 -0.94
N ILE G 31 -20.57 6.12 0.31
CA ILE G 31 -21.37 6.67 1.37
C ILE G 31 -21.01 8.15 1.59
N GLU G 32 -19.72 8.45 1.58
CA GLU G 32 -19.26 9.82 1.75
C GLU G 32 -19.71 10.69 0.58
N GLY G 33 -19.65 10.13 -0.63
CA GLY G 33 -20.07 10.85 -1.82
C GLY G 33 -21.54 11.22 -1.83
N ILE G 34 -22.39 10.29 -1.40
CA ILE G 34 -23.83 10.54 -1.38
C ILE G 34 -24.23 11.44 -0.22
N ALA G 35 -23.47 11.38 0.87
CA ALA G 35 -23.73 12.19 2.05
C ALA G 35 -23.52 13.68 1.76
N ARG G 36 -22.47 14.00 1.00
CA ARG G 36 -22.16 15.39 0.67
C ARG G 36 -23.23 16.06 -0.17
N GLN G 37 -23.74 15.37 -1.16
CA GLN G 37 -24.78 15.92 -2.04
C GLN G 37 -25.91 14.93 -2.27
N PRO G 38 -27.15 15.34 -1.99
CA PRO G 38 -28.32 14.48 -2.18
C PRO G 38 -28.76 14.38 -3.65
N GLU G 39 -27.84 13.97 -4.51
CA GLU G 39 -28.12 13.82 -5.94
C GLU G 39 -28.44 12.39 -6.25
N LEU G 40 -29.69 11.99 -6.04
CA LEU G 40 -30.08 10.61 -6.28
C LEU G 40 -29.13 9.69 -5.50
N ARG G 41 -29.20 9.80 -4.18
CA ARG G 41 -28.35 9.01 -3.29
C ARG G 41 -28.49 7.49 -3.51
N PRO G 42 -29.74 6.95 -3.60
CA PRO G 42 -29.94 5.51 -3.84
C PRO G 42 -29.25 5.04 -5.12
N VAL G 43 -29.32 5.88 -6.15
CA VAL G 43 -28.70 5.56 -7.44
C VAL G 43 -27.18 5.45 -7.32
N LEU G 44 -26.59 6.41 -6.60
CA LEU G 44 -25.14 6.43 -6.40
C LEU G 44 -24.68 5.18 -5.64
N GLN G 45 -25.45 4.83 -4.60
CA GLN G 45 -25.14 3.64 -3.81
C GLN G 45 -25.35 2.39 -4.68
N THR G 46 -26.30 2.48 -5.62
CA THR G 46 -26.56 1.39 -6.56
C THR G 46 -25.32 1.14 -7.42
N THR G 47 -24.70 2.24 -7.87
CA THR G 47 -23.47 2.16 -8.66
C THR G 47 -22.41 1.47 -7.79
N MET G 48 -22.43 1.80 -6.50
CA MET G 48 -21.52 1.18 -5.54
C MET G 48 -21.72 -0.34 -5.54
N PHE G 49 -22.99 -0.76 -5.55
CA PHE G 49 -23.31 -2.20 -5.54
C PHE G 49 -22.78 -2.89 -6.79
N ILE G 50 -22.88 -2.25 -7.95
CA ILE G 50 -22.36 -2.86 -9.17
C ILE G 50 -20.83 -2.93 -9.06
N GLY G 51 -20.27 -1.96 -8.33
CA GLY G 51 -18.83 -1.94 -8.08
C GLY G 51 -18.45 -3.13 -7.24
N VAL G 52 -19.30 -3.45 -6.28
CA VAL G 52 -19.11 -4.60 -5.39
C VAL G 52 -19.06 -5.85 -6.26
N ALA G 53 -19.96 -5.92 -7.23
CA ALA G 53 -20.01 -7.04 -8.17
C ALA G 53 -18.73 -7.14 -9.00
N LEU G 54 -18.23 -5.99 -9.47
CA LEU G 54 -17.01 -5.96 -10.29
C LEU G 54 -15.80 -6.46 -9.53
N VAL G 55 -15.65 -5.97 -8.31
CA VAL G 55 -14.51 -6.32 -7.50
C VAL G 55 -14.57 -7.74 -6.95
N GLU G 56 -15.75 -8.21 -6.55
CA GLU G 56 -15.86 -9.57 -6.01
C GLU G 56 -15.87 -10.62 -7.11
N ALA G 57 -16.11 -10.18 -8.34
CA ALA G 57 -16.11 -11.09 -9.48
C ALA G 57 -14.73 -11.71 -9.62
N LEU G 58 -13.72 -10.90 -9.36
CA LEU G 58 -12.33 -11.32 -9.44
C LEU G 58 -12.00 -12.43 -8.43
N PRO G 59 -12.26 -12.25 -7.10
CA PRO G 59 -12.00 -13.31 -6.12
C PRO G 59 -12.82 -14.58 -6.41
N ILE G 60 -14.05 -14.42 -6.89
CA ILE G 60 -14.87 -15.58 -7.22
C ILE G 60 -14.22 -16.40 -8.34
N ILE G 61 -13.80 -15.69 -9.40
CA ILE G 61 -13.14 -16.33 -10.54
C ILE G 61 -11.84 -17.00 -10.12
N GLY G 62 -11.02 -16.28 -9.35
CA GLY G 62 -9.75 -16.81 -8.91
C GLY G 62 -9.88 -18.06 -8.07
N VAL G 63 -10.83 -18.05 -7.14
CA VAL G 63 -11.05 -19.20 -6.26
C VAL G 63 -11.53 -20.42 -7.06
N VAL G 64 -12.50 -20.19 -7.95
CA VAL G 64 -13.04 -21.27 -8.78
C VAL G 64 -11.97 -21.87 -9.69
N PHE G 65 -11.18 -21.00 -10.33
CA PHE G 65 -10.11 -21.44 -11.21
C PHE G 65 -9.05 -22.21 -10.44
N SER G 66 -8.72 -21.74 -9.25
CA SER G 66 -7.72 -22.42 -8.42
C SER G 66 -8.21 -23.82 -8.07
N PHE G 67 -9.50 -23.92 -7.76
CA PHE G 67 -10.13 -25.20 -7.43
C PHE G 67 -10.01 -26.17 -8.60
N ILE G 68 -10.34 -25.69 -9.80
CA ILE G 68 -10.26 -26.52 -11.00
C ILE G 68 -8.82 -26.90 -11.33
N TYR G 69 -7.88 -25.96 -11.19
CA TYR G 69 -6.48 -26.25 -11.48
C TYR G 69 -5.98 -27.38 -10.59
N LEU G 70 -6.33 -27.31 -9.31
CA LEU G 70 -5.95 -28.35 -8.37
C LEU G 70 -6.68 -29.65 -8.71
N GLY G 71 -7.96 -29.51 -9.04
CA GLY G 71 -8.79 -30.66 -9.41
C GLY G 71 -8.33 -31.35 -10.68
N ARG G 72 -7.91 -30.58 -11.66
CA ARG G 72 -7.44 -31.14 -12.92
C ARG G 72 -5.92 -31.11 -13.00
N MET H 1 3.35 -30.75 -11.05
CA MET H 1 2.22 -29.95 -11.60
C MET H 1 1.73 -28.93 -10.58
N HIS H 2 2.12 -29.14 -9.32
CA HIS H 2 1.73 -28.25 -8.23
C HIS H 2 2.28 -26.84 -8.42
N LEU H 3 3.51 -26.75 -8.91
CA LEU H 3 4.14 -25.46 -9.15
C LEU H 3 3.39 -24.68 -10.22
N GLY H 4 2.95 -25.38 -11.27
CA GLY H 4 2.23 -24.73 -12.35
C GLY H 4 0.87 -24.18 -11.92
N VAL H 5 0.13 -24.97 -11.13
CA VAL H 5 -1.18 -24.54 -10.66
C VAL H 5 -1.03 -23.40 -9.66
N LEU H 6 0.07 -23.42 -8.90
CA LEU H 6 0.35 -22.35 -7.94
C LEU H 6 0.69 -21.08 -8.68
N ALA H 7 1.44 -21.22 -9.78
CA ALA H 7 1.81 -20.06 -10.58
C ALA H 7 0.58 -19.34 -11.10
N ALA H 8 -0.36 -20.12 -11.63
CA ALA H 8 -1.61 -19.55 -12.12
C ALA H 8 -2.45 -19.01 -10.96
N ALA H 9 -2.47 -19.75 -9.85
CA ALA H 9 -3.23 -19.36 -8.67
C ALA H 9 -2.73 -18.05 -8.07
N ILE H 10 -1.41 -17.89 -8.01
CA ILE H 10 -0.86 -16.65 -7.47
C ILE H 10 -1.03 -15.52 -8.48
N ALA H 11 -0.93 -15.84 -9.77
CA ALA H 11 -1.10 -14.84 -10.82
C ALA H 11 -2.52 -14.28 -10.82
N VAL H 12 -3.49 -15.16 -10.64
CA VAL H 12 -4.88 -14.73 -10.59
C VAL H 12 -5.13 -14.01 -9.29
N GLY H 13 -4.46 -14.46 -8.23
CA GLY H 13 -4.59 -13.78 -6.95
C GLY H 13 -4.09 -12.37 -7.06
N LEU H 14 -2.99 -12.21 -7.79
CA LEU H 14 -2.39 -10.90 -8.02
C LEU H 14 -3.31 -10.05 -8.89
N GLY H 15 -3.88 -10.69 -9.93
CA GLY H 15 -4.79 -10.00 -10.83
C GLY H 15 -6.03 -9.52 -10.12
N ALA H 16 -6.59 -10.40 -9.30
CA ALA H 16 -7.79 -10.09 -8.52
C ALA H 16 -7.52 -8.99 -7.51
N LEU H 17 -6.35 -9.05 -6.91
CA LEU H 17 -5.95 -8.09 -5.90
C LEU H 17 -5.85 -6.67 -6.47
N GLY H 18 -4.94 -6.49 -7.44
CA GLY H 18 -4.73 -5.17 -8.02
C GLY H 18 -5.96 -4.60 -8.69
N ALA H 19 -6.61 -5.41 -9.52
CA ALA H 19 -7.82 -4.95 -10.21
C ALA H 19 -8.95 -4.71 -9.21
N GLY H 20 -9.01 -5.56 -8.17
CA GLY H 20 -10.05 -5.42 -7.17
C GLY H 20 -10.02 -4.09 -6.45
N ILE H 21 -8.84 -3.65 -6.02
CA ILE H 21 -8.73 -2.36 -5.35
C ILE H 21 -8.84 -1.21 -6.34
N GLY H 22 -8.25 -1.40 -7.53
CA GLY H 22 -8.31 -0.39 -8.55
C GLY H 22 -9.72 -0.10 -9.00
N ASN H 23 -10.51 -1.16 -9.13
CA ASN H 23 -11.89 -1.05 -9.56
C ASN H 23 -12.80 -0.60 -8.41
N GLY H 24 -12.51 -1.05 -7.19
CA GLY H 24 -13.33 -0.62 -6.07
C GLY H 24 -13.25 0.87 -5.89
N LEU H 25 -12.03 1.38 -5.87
CA LEU H 25 -11.81 2.81 -5.74
C LEU H 25 -12.28 3.55 -6.98
N ILE H 26 -12.12 2.95 -8.15
CA ILE H 26 -12.55 3.61 -9.38
C ILE H 26 -14.06 3.86 -9.36
N VAL H 27 -14.82 2.88 -8.88
CA VAL H 27 -16.27 3.01 -8.84
C VAL H 27 -16.71 4.01 -7.78
N SER H 28 -16.22 3.87 -6.55
CA SER H 28 -16.62 4.77 -5.47
C SER H 28 -16.15 6.20 -5.71
N ARG H 29 -14.94 6.36 -6.24
CA ARG H 29 -14.40 7.68 -6.51
C ARG H 29 -15.17 8.34 -7.64
N THR H 30 -15.50 7.55 -8.68
CA THR H 30 -16.28 8.05 -9.80
C THR H 30 -17.61 8.54 -9.30
N ILE H 31 -18.17 7.76 -8.39
CA ILE H 31 -19.44 8.05 -7.78
C ILE H 31 -19.34 9.36 -6.99
N GLU H 32 -18.25 9.52 -6.25
CA GLU H 32 -18.03 10.74 -5.48
C GLU H 32 -17.88 11.94 -6.39
N GLY H 33 -17.18 11.75 -7.51
CA GLY H 33 -16.96 12.83 -8.47
C GLY H 33 -18.25 13.32 -9.12
N ILE H 34 -19.14 12.39 -9.48
CA ILE H 34 -20.40 12.77 -10.12
C ILE H 34 -21.38 13.34 -9.11
N ALA H 35 -21.29 12.88 -7.86
CA ALA H 35 -22.16 13.35 -6.80
C ALA H 35 -21.94 14.83 -6.50
N ARG H 36 -20.68 15.25 -6.48
CA ARG H 36 -20.33 16.64 -6.17
C ARG H 36 -20.87 17.62 -7.20
N GLN H 37 -20.75 17.29 -8.49
CA GLN H 37 -21.22 18.18 -9.53
C GLN H 37 -22.00 17.41 -10.60
N PRO H 38 -23.24 17.84 -10.89
CA PRO H 38 -24.08 17.19 -11.89
C PRO H 38 -23.70 17.56 -13.32
N GLU H 39 -22.44 17.33 -13.67
CA GLU H 39 -21.95 17.62 -15.01
C GLU H 39 -21.95 16.37 -15.85
N LEU H 40 -23.11 16.05 -16.44
CA LEU H 40 -23.23 14.85 -17.23
C LEU H 40 -22.77 13.66 -16.40
N ARG H 41 -23.50 13.39 -15.32
CA ARG H 41 -23.18 12.29 -14.40
C ARG H 41 -23.09 10.93 -15.12
N PRO H 42 -24.08 10.55 -15.97
CA PRO H 42 -24.02 9.27 -16.69
C PRO H 42 -22.76 9.12 -17.52
N VAL H 43 -22.33 10.23 -18.15
CA VAL H 43 -21.13 10.24 -18.97
C VAL H 43 -19.89 9.95 -18.13
N LEU H 44 -19.80 10.60 -16.97
CA LEU H 44 -18.67 10.42 -16.06
C LEU H 44 -18.58 8.96 -15.58
N GLN H 45 -19.74 8.40 -15.23
CA GLN H 45 -19.81 7.02 -14.78
C GLN H 45 -19.46 6.10 -15.96
N THR H 46 -19.80 6.53 -17.19
CA THR H 46 -19.47 5.79 -18.40
C THR H 46 -17.95 5.68 -18.53
N THR H 47 -17.26 6.80 -18.27
CA THR H 47 -15.80 6.83 -18.31
C THR H 47 -15.29 5.83 -17.26
N MET H 48 -15.99 5.76 -16.13
CA MET H 48 -15.66 4.82 -15.08
C MET H 48 -15.73 3.39 -15.63
N PHE H 49 -16.78 3.10 -16.40
CA PHE H 49 -16.97 1.77 -16.99
C PHE H 49 -15.83 1.41 -17.93
N ILE H 50 -15.37 2.36 -18.75
CA ILE H 50 -14.25 2.08 -19.63
C ILE H 50 -13.00 1.84 -18.79
N GLY H 51 -12.95 2.50 -17.63
CA GLY H 51 -11.86 2.30 -16.70
C GLY H 51 -11.87 0.89 -16.16
N VAL H 52 -13.08 0.39 -15.92
CA VAL H 52 -13.29 -0.97 -15.44
C VAL H 52 -12.72 -1.92 -16.49
N ALA H 53 -12.99 -1.62 -17.75
CA ALA H 53 -12.48 -2.42 -18.87
C ALA H 53 -10.95 -2.40 -18.92
N LEU H 54 -10.35 -1.22 -18.71
CA LEU H 54 -8.89 -1.07 -18.74
C LEU H 54 -8.21 -1.88 -17.65
N VAL H 55 -8.74 -1.79 -16.46
CA VAL H 55 -8.16 -2.46 -15.32
C VAL H 55 -8.39 -3.97 -15.32
N GLU H 56 -9.57 -4.41 -15.74
CA GLU H 56 -9.86 -5.85 -15.76
C GLU H 56 -9.23 -6.53 -16.97
N ALA H 57 -8.84 -5.74 -17.96
CA ALA H 57 -8.19 -6.29 -19.14
C ALA H 57 -6.91 -6.98 -18.73
N LEU H 58 -6.22 -6.37 -17.78
CA LEU H 58 -4.96 -6.88 -17.26
C LEU H 58 -5.13 -8.26 -16.61
N PRO H 59 -6.04 -8.45 -15.61
CA PRO H 59 -6.26 -9.77 -15.00
C PRO H 59 -6.72 -10.80 -16.00
N ILE H 60 -7.53 -10.40 -16.98
CA ILE H 60 -8.00 -11.33 -18.01
C ILE H 60 -6.81 -11.85 -18.83
N ILE H 61 -5.96 -10.92 -19.26
CA ILE H 61 -4.77 -11.27 -20.04
C ILE H 61 -3.81 -12.15 -19.24
N GLY H 62 -3.56 -11.77 -17.99
CA GLY H 62 -2.66 -12.52 -17.15
C GLY H 62 -3.12 -13.93 -16.89
N VAL H 63 -4.41 -14.11 -16.62
CA VAL H 63 -4.97 -15.43 -16.37
C VAL H 63 -4.90 -16.31 -17.62
N VAL H 64 -5.28 -15.74 -18.77
CA VAL H 64 -5.26 -16.48 -20.03
C VAL H 64 -3.83 -16.90 -20.40
N PHE H 65 -2.89 -15.96 -20.26
CA PHE H 65 -1.49 -16.23 -20.56
C PHE H 65 -0.92 -17.29 -19.63
N SER H 66 -1.28 -17.22 -18.35
CA SER H 66 -0.80 -18.21 -17.38
C SER H 66 -1.31 -19.60 -17.76
N PHE H 67 -2.57 -19.65 -18.18
CA PHE H 67 -3.19 -20.89 -18.62
C PHE H 67 -2.42 -21.50 -19.79
N ILE H 68 -2.12 -20.67 -20.79
CA ILE H 68 -1.39 -21.12 -21.97
C ILE H 68 0.04 -21.54 -21.62
N TYR H 69 0.71 -20.77 -20.75
CA TYR H 69 2.08 -21.09 -20.36
C TYR H 69 2.13 -22.48 -19.71
N LEU H 70 1.16 -22.75 -18.84
CA LEU H 70 1.07 -24.04 -18.18
C LEU H 70 0.71 -25.11 -19.22
N GLY H 71 -0.22 -24.77 -20.10
CA GLY H 71 -0.67 -25.66 -21.15
C GLY H 71 0.42 -26.01 -22.15
N ARG H 72 1.23 -25.03 -22.50
CA ARG H 72 2.32 -25.25 -23.46
C ARG H 72 3.66 -25.35 -22.74
N MET I 1 10.58 -26.47 -16.30
CA MET I 1 9.83 -25.44 -17.08
C MET I 1 8.82 -24.72 -16.21
N HIS I 2 8.53 -25.32 -15.05
CA HIS I 2 7.57 -24.74 -14.11
C HIS I 2 8.05 -23.40 -13.57
N LEU I 3 9.34 -23.30 -13.31
CA LEU I 3 9.92 -22.05 -12.80
C LEU I 3 9.77 -20.93 -13.82
N GLY I 4 9.99 -21.25 -15.09
CA GLY I 4 9.87 -20.27 -16.15
C GLY I 4 8.46 -19.73 -16.33
N VAL I 5 7.48 -20.63 -16.30
CA VAL I 5 6.08 -20.23 -16.46
C VAL I 5 5.62 -19.44 -15.24
N LEU I 6 6.17 -19.78 -14.07
CA LEU I 6 5.85 -19.07 -12.84
C LEU I 6 6.44 -17.68 -12.88
N ALA I 7 7.64 -17.56 -13.44
CA ALA I 7 8.31 -16.27 -13.56
C ALA I 7 7.47 -15.33 -14.39
N ALA I 8 6.98 -15.82 -15.52
CA ALA I 8 6.13 -15.01 -16.38
C ALA I 8 4.78 -14.74 -15.73
N ALA I 9 4.25 -15.77 -15.05
CA ALA I 9 2.96 -15.66 -14.37
C ALA I 9 3.01 -14.63 -13.24
N ILE I 10 4.07 -14.62 -12.47
CA ILE I 10 4.20 -13.65 -11.39
C ILE I 10 4.49 -12.27 -11.97
N ALA I 11 5.26 -12.21 -13.06
CA ALA I 11 5.57 -10.94 -13.69
C ALA I 11 4.34 -10.27 -14.24
N VAL I 12 3.47 -11.06 -14.86
CA VAL I 12 2.23 -10.54 -15.40
C VAL I 12 1.30 -10.20 -14.26
N GLY I 13 1.34 -10.99 -13.19
CA GLY I 13 0.54 -10.70 -12.03
C GLY I 13 0.93 -9.37 -11.43
N LEU I 14 2.24 -9.12 -11.42
CA LEU I 14 2.78 -7.86 -10.92
C LEU I 14 2.39 -6.71 -11.84
N GLY I 15 2.48 -6.96 -13.15
CA GLY I 15 2.12 -5.96 -14.15
C GLY I 15 0.65 -5.59 -14.07
N ALA I 16 -0.19 -6.61 -13.94
CA ALA I 16 -1.63 -6.42 -13.84
C ALA I 16 -2.00 -5.69 -12.56
N LEU I 17 -1.29 -6.03 -11.49
CA LEU I 17 -1.54 -5.43 -10.19
C LEU I 17 -1.24 -3.94 -10.18
N GLY I 18 0.02 -3.57 -10.44
CA GLY I 18 0.40 -2.17 -10.43
C GLY I 18 -0.35 -1.32 -11.43
N ALA I 19 -0.42 -1.78 -12.67
CA ALA I 19 -1.13 -1.04 -13.69
C ALA I 19 -2.62 -0.99 -13.40
N GLY I 20 -3.16 -2.07 -12.84
CA GLY I 20 -4.57 -2.13 -12.51
C GLY I 20 -5.00 -1.07 -11.52
N ILE I 21 -4.24 -0.89 -10.44
CA ILE I 21 -4.58 0.14 -9.48
C ILE I 21 -4.24 1.53 -9.99
N GLY I 22 -3.12 1.62 -10.70
CA GLY I 22 -2.71 2.89 -11.27
C GLY I 22 -3.71 3.43 -12.26
N ASN I 23 -4.24 2.54 -13.08
CA ASN I 23 -5.22 2.89 -14.09
C ASN I 23 -6.60 3.08 -13.49
N GLY I 24 -6.96 2.28 -12.49
CA GLY I 24 -8.26 2.44 -11.87
C GLY I 24 -8.38 3.82 -11.25
N LEU I 25 -7.39 4.17 -10.46
CA LEU I 25 -7.36 5.47 -9.83
C LEU I 25 -7.18 6.58 -10.84
N ILE I 26 -6.39 6.33 -11.89
CA ILE I 26 -6.17 7.35 -12.91
C ILE I 26 -7.49 7.73 -13.59
N VAL I 27 -8.32 6.73 -13.87
CA VAL I 27 -9.60 6.98 -14.54
C VAL I 27 -10.58 7.69 -13.62
N SER I 28 -10.79 7.14 -12.42
CA SER I 28 -11.73 7.72 -11.47
C SER I 28 -11.31 9.11 -11.01
N ARG I 29 -10.03 9.30 -10.77
CA ARG I 29 -9.51 10.60 -10.33
C ARG I 29 -9.62 11.62 -11.45
N THR I 30 -9.32 11.19 -12.68
CA THR I 30 -9.45 12.07 -13.84
C THR I 30 -10.87 12.52 -13.97
N ILE I 31 -11.76 11.57 -13.76
CA ILE I 31 -13.19 11.80 -13.81
C ILE I 31 -13.60 12.81 -12.74
N GLU I 32 -13.05 12.65 -11.54
CA GLU I 32 -13.35 13.56 -10.44
C GLU I 32 -12.82 14.96 -10.76
N GLY I 33 -11.63 15.02 -11.35
CA GLY I 33 -11.04 16.30 -11.71
C GLY I 33 -11.83 17.08 -12.74
N ILE I 34 -12.34 16.40 -13.75
CA ILE I 34 -13.11 17.06 -14.80
C ILE I 34 -14.53 17.40 -14.32
N ALA I 35 -15.05 16.60 -13.39
CA ALA I 35 -16.38 16.84 -12.84
C ALA I 35 -16.44 18.13 -12.05
N ARG I 36 -15.39 18.40 -11.27
CA ARG I 36 -15.35 19.61 -10.43
C ARG I 36 -15.35 20.90 -11.25
N GLN I 37 -14.56 20.94 -12.32
CA GLN I 37 -14.49 22.13 -13.16
C GLN I 37 -14.56 21.77 -14.63
N PRO I 38 -15.50 22.39 -15.37
CA PRO I 38 -15.66 22.13 -16.81
C PRO I 38 -14.62 22.87 -17.67
N GLU I 39 -13.35 22.62 -17.38
CA GLU I 39 -12.25 23.23 -18.12
C GLU I 39 -11.75 22.28 -19.17
N LEU I 40 -12.42 22.26 -20.32
CA LEU I 40 -12.03 21.35 -21.39
C LEU I 40 -11.98 19.93 -20.83
N ARG I 41 -13.15 19.44 -20.41
CA ARG I 41 -13.27 18.10 -19.83
C ARG I 41 -12.74 17.00 -20.75
N PRO I 42 -13.12 16.97 -22.06
CA PRO I 42 -12.62 15.95 -22.99
C PRO I 42 -11.10 15.93 -23.06
N VAL I 43 -10.49 17.11 -23.04
CA VAL I 43 -9.03 17.24 -23.09
C VAL I 43 -8.38 16.61 -21.85
N LEU I 44 -8.95 16.89 -20.67
CA LEU I 44 -8.43 16.34 -19.43
C LEU I 44 -8.52 14.81 -19.42
N GLN I 45 -9.64 14.29 -19.89
CA GLN I 45 -9.84 12.85 -19.97
C GLN I 45 -8.87 12.27 -21.02
N THR I 46 -8.57 13.08 -22.04
CA THR I 46 -7.61 12.68 -23.09
C THR I 46 -6.23 12.47 -22.45
N THR I 47 -5.86 13.39 -21.55
CA THR I 47 -4.59 13.29 -20.84
C THR I 47 -4.61 11.99 -20.03
N MET I 48 -5.80 11.67 -19.49
CA MET I 48 -5.99 10.43 -18.76
C MET I 48 -5.67 9.23 -19.64
N PHE I 49 -6.16 9.28 -20.89
CA PHE I 49 -5.93 8.21 -21.86
C PHE I 49 -4.45 8.01 -22.15
N ILE I 50 -3.70 9.11 -22.29
CA ILE I 50 -2.26 8.99 -22.53
C ILE I 50 -1.61 8.39 -21.28
N GLY I 51 -2.20 8.69 -20.12
CA GLY I 51 -1.74 8.12 -18.86
C GLY I 51 -1.93 6.63 -18.86
N VAL I 52 -3.06 6.21 -19.42
CA VAL I 52 -3.39 4.79 -19.54
C VAL I 52 -2.31 4.11 -20.38
N ALA I 53 -1.90 4.80 -21.45
CA ALA I 53 -0.85 4.31 -22.32
C ALA I 53 0.49 4.20 -21.59
N LEU I 54 0.81 5.21 -20.76
CA LEU I 54 2.07 5.21 -20.01
C LEU I 54 2.15 4.06 -19.02
N VAL I 55 1.08 3.86 -18.29
CA VAL I 55 1.04 2.83 -17.28
C VAL I 55 0.94 1.42 -17.84
N GLU I 56 0.16 1.22 -18.91
CA GLU I 56 0.03 -0.11 -19.50
C GLU I 56 1.23 -0.47 -20.36
N ALA I 57 2.02 0.53 -20.72
CA ALA I 57 3.22 0.29 -21.51
C ALA I 57 4.15 -0.62 -20.73
N LEU I 58 4.22 -0.37 -19.43
CA LEU I 58 5.06 -1.13 -18.53
C LEU I 58 4.68 -2.63 -18.48
N PRO I 59 3.40 -3.00 -18.20
CA PRO I 59 2.98 -4.41 -18.20
C PRO I 59 3.17 -5.06 -19.56
N ILE I 60 2.95 -4.31 -20.64
CA ILE I 60 3.14 -4.86 -21.98
C ILE I 60 4.61 -5.24 -22.20
N ILE I 61 5.50 -4.33 -21.84
CA ILE I 61 6.94 -4.53 -21.97
C ILE I 61 7.41 -5.70 -21.09
N GLY I 62 6.96 -5.72 -19.84
CA GLY I 62 7.35 -6.77 -18.92
C GLY I 62 6.91 -8.15 -19.37
N VAL I 63 5.68 -8.26 -19.85
CA VAL I 63 5.15 -9.54 -20.32
C VAL I 63 5.92 -10.03 -21.56
N VAL I 64 6.15 -9.13 -22.52
CA VAL I 64 6.87 -9.47 -23.74
C VAL I 64 8.31 -9.90 -23.43
N PHE I 65 8.98 -9.14 -22.57
CA PHE I 65 10.35 -9.45 -22.18
C PHE I 65 10.43 -10.78 -21.45
N SER I 66 9.46 -11.05 -20.57
CA SER I 66 9.43 -12.31 -19.84
C SER I 66 9.29 -13.47 -20.81
N PHE I 67 8.43 -13.28 -21.82
CA PHE I 67 8.21 -14.29 -22.85
C PHE I 67 9.50 -14.60 -23.58
N ILE I 68 10.21 -13.55 -23.99
CA ILE I 68 11.48 -13.72 -24.70
C ILE I 68 12.55 -14.34 -23.82
N TYR I 69 12.63 -13.94 -22.56
CA TYR I 69 13.62 -14.49 -21.64
C TYR I 69 13.42 -15.99 -21.49
N LEU I 70 12.17 -16.41 -21.36
CA LEU I 70 11.85 -17.82 -21.26
C LEU I 70 12.14 -18.52 -22.59
N GLY I 71 11.76 -17.84 -23.68
CA GLY I 71 11.98 -18.35 -25.02
C GLY I 71 13.44 -18.50 -25.37
N ARG I 72 14.26 -17.54 -24.96
CA ARG I 72 15.69 -17.58 -25.24
C ARG I 72 16.48 -18.02 -24.01
N MET J 1 19.15 -21.60 -15.60
CA MET J 1 18.87 -20.33 -16.30
C MET J 1 17.50 -19.79 -15.90
N HIS J 2 16.69 -20.66 -15.30
CA HIS J 2 15.34 -20.29 -14.85
C HIS J 2 15.39 -19.21 -13.77
N LEU J 3 16.36 -19.31 -12.86
CA LEU J 3 16.50 -18.33 -11.80
C LEU J 3 16.83 -16.95 -12.36
N GLY J 4 17.69 -16.92 -13.38
CA GLY J 4 18.06 -15.66 -14.00
C GLY J 4 16.91 -14.97 -14.71
N VAL J 5 16.13 -15.74 -15.45
CA VAL J 5 14.99 -15.17 -16.17
C VAL J 5 13.90 -14.73 -15.19
N LEU J 6 13.80 -15.44 -14.06
CA LEU J 6 12.84 -15.08 -13.03
C LEU J 6 13.28 -13.79 -12.35
N ALA J 7 14.58 -13.65 -12.15
CA ALA J 7 15.13 -12.45 -11.52
C ALA J 7 14.78 -11.22 -12.34
N ALA J 8 14.98 -11.32 -13.66
CA ALA J 8 14.64 -10.22 -14.55
C ALA J 8 13.12 -10.02 -14.62
N ALA J 9 12.39 -11.15 -14.65
CA ALA J 9 10.93 -11.11 -14.72
C ALA J 9 10.32 -10.46 -13.49
N ILE J 10 10.85 -10.76 -12.31
CA ILE J 10 10.33 -10.16 -11.10
C ILE J 10 10.78 -8.71 -11.00
N ALA J 11 11.99 -8.42 -11.48
CA ALA J 11 12.51 -7.05 -11.46
C ALA J 11 11.69 -6.14 -12.34
N VAL J 12 11.31 -6.63 -13.51
CA VAL J 12 10.50 -5.86 -14.42
C VAL J 12 9.09 -5.76 -13.88
N GLY J 13 8.64 -6.83 -13.22
CA GLY J 13 7.33 -6.82 -12.60
C GLY J 13 7.28 -5.75 -11.54
N LEU J 14 8.37 -5.64 -10.77
CA LEU J 14 8.48 -4.64 -9.73
C LEU J 14 8.56 -3.24 -10.34
N GLY J 15 9.32 -3.12 -11.43
CA GLY J 15 9.46 -1.85 -12.11
C GLY J 15 8.14 -1.38 -12.69
N ALA J 16 7.42 -2.30 -13.32
CA ALA J 16 6.12 -2.01 -13.92
C ALA J 16 5.10 -1.64 -12.85
N LEU J 17 5.17 -2.34 -11.72
CA LEU J 17 4.25 -2.12 -10.63
C LEU J 17 4.41 -0.72 -10.03
N GLY J 18 5.59 -0.42 -9.50
CA GLY J 18 5.82 0.87 -8.86
C GLY J 18 5.63 2.04 -9.80
N ALA J 19 6.24 1.96 -10.99
CA ALA J 19 6.11 3.04 -11.96
C ALA J 19 4.68 3.15 -12.46
N GLY J 20 4.02 2.00 -12.60
CA GLY J 20 2.64 1.99 -13.08
C GLY J 20 1.69 2.77 -12.18
N ILE J 21 1.78 2.55 -10.87
CA ILE J 21 0.92 3.29 -9.95
C ILE J 21 1.38 4.73 -9.79
N GLY J 22 2.69 4.91 -9.77
CA GLY J 22 3.27 6.24 -9.64
C GLY J 22 2.88 7.14 -10.79
N ASN J 23 2.90 6.57 -11.99
CA ASN J 23 2.57 7.30 -13.20
C ASN J 23 1.06 7.44 -13.37
N GLY J 24 0.29 6.42 -12.97
CA GLY J 24 -1.15 6.53 -13.09
C GLY J 24 -1.67 7.67 -12.24
N LEU J 25 -1.24 7.69 -10.99
CA LEU J 25 -1.63 8.74 -10.08
C LEU J 25 -1.02 10.08 -10.49
N ILE J 26 0.21 10.06 -11.01
CA ILE J 26 0.85 11.30 -11.42
C ILE J 26 0.04 11.99 -12.52
N VAL J 27 -0.46 11.20 -13.48
CA VAL J 27 -1.22 11.75 -14.58
C VAL J 27 -2.58 12.25 -14.14
N SER J 28 -3.34 11.41 -13.43
CA SER J 28 -4.67 11.79 -12.98
C SER J 28 -4.65 12.94 -11.98
N ARG J 29 -3.67 12.92 -11.07
CA ARG J 29 -3.55 13.99 -10.08
C ARG J 29 -3.14 15.29 -10.74
N THR J 30 -2.22 15.21 -11.71
CA THR J 30 -1.79 16.38 -12.45
C THR J 30 -2.97 16.99 -13.14
N ILE J 31 -3.78 16.11 -13.71
CA ILE J 31 -4.98 16.48 -14.41
C ILE J 31 -5.95 17.19 -13.45
N GLU J 32 -6.10 16.63 -12.25
CA GLU J 32 -6.97 17.21 -11.25
C GLU J 32 -6.46 18.59 -10.82
N GLY J 33 -5.13 18.71 -10.68
CA GLY J 33 -4.52 19.97 -10.28
C GLY J 33 -4.73 21.09 -11.29
N ILE J 34 -4.61 20.77 -12.58
CA ILE J 34 -4.77 21.77 -13.62
C ILE J 34 -6.24 22.11 -13.85
N ALA J 35 -7.11 21.13 -13.60
CA ALA J 35 -8.55 21.32 -13.77
C ALA J 35 -9.10 22.34 -12.77
N ARG J 36 -8.62 22.27 -11.53
CA ARG J 36 -9.08 23.18 -10.48
C ARG J 36 -8.75 24.64 -10.76
N GLN J 37 -7.53 24.90 -11.21
CA GLN J 37 -7.13 26.27 -11.50
C GLN J 37 -6.40 26.36 -12.84
N PRO J 38 -6.86 27.25 -13.73
CA PRO J 38 -6.25 27.44 -15.05
C PRO J 38 -4.97 28.28 -15.00
N GLU J 39 -4.01 27.83 -14.19
CA GLU J 39 -2.74 28.53 -14.05
C GLU J 39 -1.70 27.87 -14.92
N LEU J 40 -1.68 28.25 -16.20
CA LEU J 40 -0.74 27.64 -17.13
C LEU J 40 -0.89 26.12 -17.08
N ARG J 41 -2.07 25.64 -17.47
CA ARG J 41 -2.38 24.22 -17.45
C ARG J 41 -1.38 23.39 -18.26
N PRO J 42 -1.03 23.77 -19.52
CA PRO J 42 -0.06 23.02 -20.32
C PRO J 42 1.29 22.86 -19.61
N VAL J 43 1.71 23.92 -18.92
CA VAL J 43 2.97 23.91 -18.19
C VAL J 43 2.94 22.90 -17.05
N LEU J 44 1.83 22.88 -16.30
CA LEU J 44 1.66 21.96 -15.19
C LEU J 44 1.69 20.51 -15.68
N GLN J 45 1.00 20.26 -16.79
CA GLN J 45 0.97 18.92 -17.38
C GLN J 45 2.38 18.58 -17.90
N THR J 46 3.12 19.61 -18.34
CA THR J 46 4.49 19.43 -18.81
C THR J 46 5.36 18.92 -17.65
N THR J 47 5.16 19.50 -16.47
CA THR J 47 5.88 19.06 -15.27
C THR J 47 5.52 17.60 -15.02
N MET J 48 4.26 17.27 -15.27
CA MET J 48 3.80 15.89 -15.14
C MET J 48 4.61 14.97 -16.06
N PHE J 49 4.83 15.42 -17.29
CA PHE J 49 5.59 14.65 -18.28
C PHE J 49 7.03 14.41 -17.81
N ILE J 50 7.67 15.42 -17.22
CA ILE J 50 9.02 15.23 -16.72
C ILE J 50 8.98 14.24 -15.55
N GLY J 51 7.85 14.25 -14.83
CA GLY J 51 7.64 13.31 -13.75
C GLY J 51 7.58 11.90 -14.27
N VAL J 52 6.93 11.77 -15.43
CA VAL J 52 6.81 10.49 -16.13
C VAL J 52 8.20 9.97 -16.44
N ALA J 53 9.06 10.89 -16.90
CA ALA J 53 10.44 10.57 -17.21
C ALA J 53 11.21 10.12 -15.97
N LEU J 54 11.00 10.81 -14.85
CA LEU J 54 11.68 10.47 -13.59
C LEU J 54 11.32 9.09 -13.08
N VAL J 55 10.05 8.80 -13.11
CA VAL J 55 9.55 7.54 -12.61
C VAL J 55 9.85 6.36 -13.53
N GLU J 56 9.75 6.56 -14.84
CA GLU J 56 10.03 5.47 -15.78
C GLU J 56 11.52 5.25 -15.98
N ALA J 57 12.32 6.23 -15.57
CA ALA J 57 13.77 6.11 -15.67
C ALA J 57 14.24 4.93 -14.83
N LEU J 58 13.59 4.79 -13.68
CA LEU J 58 13.90 3.72 -12.74
C LEU J 58 13.65 2.33 -13.34
N PRO J 59 12.44 2.01 -13.87
CA PRO J 59 12.18 0.72 -14.49
C PRO J 59 13.08 0.46 -15.69
N ILE J 60 13.40 1.50 -16.46
CA ILE J 60 14.29 1.34 -17.61
C ILE J 60 15.68 0.90 -17.14
N ILE J 61 16.19 1.58 -16.13
CA ILE J 61 17.51 1.28 -15.57
C ILE J 61 17.53 -0.13 -14.96
N GLY J 62 16.50 -0.45 -14.19
CA GLY J 62 16.43 -1.76 -13.55
C GLY J 62 16.39 -2.91 -14.54
N VAL J 63 15.59 -2.75 -15.60
CA VAL J 63 15.47 -3.79 -16.62
C VAL J 63 16.79 -3.97 -17.37
N VAL J 64 17.42 -2.86 -17.77
CA VAL J 64 18.69 -2.91 -18.49
C VAL J 64 19.78 -3.56 -17.63
N PHE J 65 19.86 -3.14 -16.37
CA PHE J 65 20.86 -3.68 -15.45
C PHE J 65 20.64 -5.17 -15.21
N SER J 66 19.38 -5.57 -15.08
CA SER J 66 19.05 -6.98 -14.86
C SER J 66 19.51 -7.80 -16.07
N PHE J 67 19.29 -7.25 -17.26
CA PHE J 67 19.68 -7.89 -18.51
C PHE J 67 21.20 -8.11 -18.53
N ILE J 68 21.94 -7.06 -18.19
CA ILE J 68 23.41 -7.13 -18.18
C ILE J 68 23.91 -8.09 -17.09
N TYR J 69 23.29 -8.06 -15.91
CA TYR J 69 23.71 -8.96 -14.83
C TYR J 69 23.56 -10.41 -15.26
N LEU J 70 22.44 -10.72 -15.91
CA LEU J 70 22.22 -12.07 -16.41
C LEU J 70 23.19 -12.38 -17.55
N GLY J 71 23.38 -11.39 -18.41
CA GLY J 71 24.31 -11.51 -19.54
C GLY J 71 25.75 -11.70 -19.12
N ARG J 72 26.17 -10.98 -18.09
CA ARG J 72 27.54 -11.07 -17.60
C ARG J 72 27.61 -11.91 -16.33
N MET A 1 21.02 -18.72 -12.34
CA MET A 1 21.40 -19.80 -11.40
C MET A 1 22.25 -19.25 -10.26
N HIS A 2 22.42 -17.94 -10.25
CA HIS A 2 23.21 -17.28 -9.22
C HIS A 2 22.32 -16.43 -8.32
N LEU A 3 22.45 -16.63 -7.01
CA LEU A 3 21.67 -15.88 -6.03
C LEU A 3 22.02 -14.40 -6.03
N GLY A 4 23.31 -14.10 -6.24
CA GLY A 4 23.78 -12.72 -6.24
C GLY A 4 23.12 -11.83 -7.27
N VAL A 5 22.93 -12.33 -8.50
CA VAL A 5 22.31 -11.50 -9.54
C VAL A 5 20.86 -11.20 -9.18
N LEU A 6 20.20 -12.16 -8.53
CA LEU A 6 18.82 -11.97 -8.09
C LEU A 6 18.75 -10.97 -6.95
N ALA A 7 19.75 -11.03 -6.07
CA ALA A 7 19.82 -10.11 -4.94
C ALA A 7 19.88 -8.68 -5.41
N ALA A 8 20.74 -8.43 -6.39
CA ALA A 8 20.87 -7.10 -6.96
C ALA A 8 19.63 -6.74 -7.76
N ALA A 9 19.10 -7.70 -8.52
CA ALA A 9 17.92 -7.48 -9.34
C ALA A 9 16.70 -7.13 -8.49
N ILE A 10 16.51 -7.81 -7.38
CA ILE A 10 15.38 -7.51 -6.52
C ILE A 10 15.62 -6.19 -5.77
N ALA A 11 16.89 -5.92 -5.41
CA ALA A 11 17.23 -4.69 -4.72
C ALA A 11 16.97 -3.47 -5.60
N VAL A 12 17.34 -3.57 -6.88
CA VAL A 12 17.11 -2.46 -7.80
C VAL A 12 15.63 -2.37 -8.11
N GLY A 13 14.96 -3.51 -8.14
CA GLY A 13 13.53 -3.53 -8.35
C GLY A 13 12.84 -2.81 -7.22
N LEU A 14 13.33 -3.04 -6.00
CA LEU A 14 12.78 -2.40 -4.81
C LEU A 14 13.06 -0.90 -4.85
N GLY A 15 14.28 -0.54 -5.26
CA GLY A 15 14.65 0.85 -5.35
C GLY A 15 13.83 1.60 -6.40
N ALA A 16 13.66 0.97 -7.55
CA ALA A 16 12.89 1.55 -8.64
C ALA A 16 11.43 1.71 -8.28
N LEU A 17 10.90 0.70 -7.59
CA LEU A 17 9.50 0.72 -7.20
C LEU A 17 9.21 1.82 -6.19
N GLY A 18 10.01 1.88 -5.12
CA GLY A 18 9.80 2.88 -4.08
C GLY A 18 9.94 4.30 -4.57
N ALA A 19 11.03 4.58 -5.28
CA ALA A 19 11.24 5.91 -5.81
C ALA A 19 10.28 6.20 -6.95
N GLY A 20 9.87 5.15 -7.66
CA GLY A 20 8.94 5.32 -8.76
C GLY A 20 7.62 5.89 -8.33
N ILE A 21 7.02 5.32 -7.28
CA ILE A 21 5.75 5.83 -6.78
C ILE A 21 5.96 7.12 -6.01
N GLY A 22 7.07 7.22 -5.29
CA GLY A 22 7.35 8.42 -4.54
C GLY A 22 7.48 9.64 -5.44
N ASN A 23 8.23 9.48 -6.53
CA ASN A 23 8.42 10.56 -7.49
C ASN A 23 7.17 10.80 -8.32
N GLY A 24 6.45 9.75 -8.67
CA GLY A 24 5.24 9.94 -9.46
C GLY A 24 4.27 10.82 -8.72
N LEU A 25 4.01 10.46 -7.47
CA LEU A 25 3.13 11.23 -6.62
C LEU A 25 3.72 12.59 -6.27
N ILE A 26 5.04 12.65 -6.09
CA ILE A 26 5.67 13.93 -5.73
C ILE A 26 5.47 14.96 -6.84
N VAL A 27 5.56 14.52 -8.09
CA VAL A 27 5.39 15.42 -9.22
C VAL A 27 3.94 15.86 -9.36
N SER A 28 3.01 14.91 -9.37
CA SER A 28 1.59 15.25 -9.54
C SER A 28 1.06 16.07 -8.37
N ARG A 29 1.44 15.72 -7.15
CA ARG A 29 1.01 16.46 -5.96
C ARG A 29 1.60 17.86 -5.96
N THR A 30 2.87 17.97 -6.35
CA THR A 30 3.54 19.26 -6.44
C THR A 30 2.77 20.14 -7.39
N ILE A 31 2.39 19.53 -8.50
CA ILE A 31 1.63 20.17 -9.55
C ILE A 31 0.25 20.60 -9.02
N GLU A 32 -0.38 19.71 -8.25
CA GLU A 32 -1.69 19.99 -7.67
C GLU A 32 -1.62 21.18 -6.72
N GLY A 33 -0.57 21.25 -5.92
CA GLY A 33 -0.41 22.36 -5.01
C GLY A 33 -0.28 23.69 -5.74
N ILE A 34 0.50 23.68 -6.82
CA ILE A 34 0.71 24.88 -7.64
C ILE A 34 -0.60 25.36 -8.26
N ALA A 35 -1.36 24.41 -8.79
CA ALA A 35 -2.64 24.70 -9.42
C ALA A 35 -3.65 25.26 -8.43
N ARG A 36 -3.66 24.72 -7.21
CA ARG A 36 -4.61 25.16 -6.17
C ARG A 36 -4.50 26.66 -5.89
N GLN A 37 -3.29 27.14 -5.61
CA GLN A 37 -3.09 28.56 -5.33
C GLN A 37 -1.94 29.12 -6.16
N PRO A 38 -2.15 30.27 -6.82
CA PRO A 38 -1.12 30.91 -7.65
C PRO A 38 -0.05 31.64 -6.83
N GLU A 39 0.69 30.89 -6.02
CA GLU A 39 1.75 31.49 -5.21
C GLU A 39 3.01 30.63 -5.23
N LEU A 40 4.15 31.26 -5.54
CA LEU A 40 5.45 30.58 -5.59
C LEU A 40 5.40 29.36 -6.52
N ARG A 41 4.80 29.55 -7.70
CA ARG A 41 4.66 28.45 -8.66
C ARG A 41 5.99 27.79 -9.05
N PRO A 42 7.01 28.55 -9.51
CA PRO A 42 8.30 27.97 -9.89
C PRO A 42 9.07 27.42 -8.69
N VAL A 43 8.94 28.09 -7.55
CA VAL A 43 9.63 27.70 -6.33
C VAL A 43 9.15 26.34 -5.82
N LEU A 44 7.83 26.14 -5.82
CA LEU A 44 7.23 24.90 -5.34
C LEU A 44 7.69 23.71 -6.19
N GLN A 45 7.69 23.89 -7.51
CA GLN A 45 8.13 22.84 -8.41
C GLN A 45 9.63 22.59 -8.24
N THR A 46 10.39 23.65 -7.94
CA THR A 46 11.83 23.54 -7.68
C THR A 46 12.07 22.64 -6.47
N THR A 47 11.26 22.85 -5.42
CA THR A 47 11.34 22.04 -4.21
C THR A 47 11.04 20.59 -4.59
N MET A 48 10.10 20.41 -5.52
CA MET A 48 9.74 19.09 -6.02
C MET A 48 10.97 18.40 -6.62
N PHE A 49 11.74 19.16 -7.41
CA PHE A 49 12.95 18.62 -8.03
C PHE A 49 13.96 18.18 -6.98
N ILE A 50 14.11 18.96 -5.92
CA ILE A 50 15.04 18.57 -4.85
C ILE A 50 14.50 17.31 -4.16
N GLY A 51 13.18 17.19 -4.13
CA GLY A 51 12.55 16.01 -3.58
C GLY A 51 12.88 14.79 -4.40
N VAL A 52 12.92 14.99 -5.71
CA VAL A 52 13.28 13.94 -6.65
C VAL A 52 14.70 13.48 -6.33
N ALA A 53 15.57 14.46 -6.04
CA ALA A 53 16.96 14.17 -5.69
C ALA A 53 17.08 13.37 -4.40
N LEU A 54 16.29 13.73 -3.37
CA LEU A 54 16.31 13.02 -2.08
C LEU A 54 15.87 11.57 -2.24
N VAL A 55 14.79 11.42 -2.97
CA VAL A 55 14.18 10.13 -3.19
C VAL A 55 15.02 9.22 -4.08
N GLU A 56 15.61 9.76 -5.15
CA GLU A 56 16.44 8.95 -6.05
C GLU A 56 17.82 8.65 -5.47
N ALA A 57 18.21 9.41 -4.45
CA ALA A 57 19.48 9.19 -3.80
C ALA A 57 19.51 7.79 -3.21
N LEU A 58 18.37 7.38 -2.67
CA LEU A 58 18.21 6.07 -2.06
C LEU A 58 18.43 4.94 -3.09
N PRO A 59 17.72 4.92 -4.27
CA PRO A 59 17.94 3.90 -5.29
C PRO A 59 19.40 3.85 -5.74
N ILE A 60 20.02 5.02 -5.89
CA ILE A 60 21.41 5.07 -6.31
C ILE A 60 22.32 4.39 -5.29
N ILE A 61 22.12 4.73 -4.02
CA ILE A 61 22.92 4.16 -2.94
C ILE A 61 22.73 2.64 -2.84
N GLY A 62 21.48 2.20 -2.88
CA GLY A 62 21.17 0.79 -2.78
C GLY A 62 21.75 -0.03 -3.92
N VAL A 63 21.64 0.46 -5.15
CA VAL A 63 22.15 -0.23 -6.32
C VAL A 63 23.68 -0.33 -6.26
N VAL A 64 24.34 0.78 -5.93
CA VAL A 64 25.79 0.83 -5.84
C VAL A 64 26.31 -0.12 -4.75
N PHE A 65 25.67 -0.09 -3.58
CA PHE A 65 26.05 -0.95 -2.47
C PHE A 65 25.88 -2.42 -2.82
N SER A 66 24.77 -2.74 -3.49
CA SER A 66 24.51 -4.12 -3.90
C SER A 66 25.60 -4.59 -4.87
N PHE A 67 25.99 -3.70 -5.77
CA PHE A 67 27.03 -3.99 -6.75
C PHE A 67 28.35 -4.31 -6.04
N ILE A 68 28.71 -3.48 -5.07
CA ILE A 68 29.94 -3.68 -4.29
C ILE A 68 29.89 -4.98 -3.49
N TYR A 69 28.75 -5.27 -2.88
CA TYR A 69 28.61 -6.50 -2.08
C TYR A 69 28.87 -7.73 -2.94
N LEU A 70 28.35 -7.71 -4.16
CA LEU A 70 28.56 -8.82 -5.09
C LEU A 70 30.00 -8.83 -5.56
N GLY A 71 30.48 -7.62 -5.86
CA GLY A 71 31.82 -7.43 -6.34
C GLY A 71 32.89 -7.83 -5.34
N ARG A 72 32.67 -7.49 -4.08
CA ARG A 72 33.63 -7.81 -3.03
C ARG A 72 32.96 -8.60 -1.91
N MET B 1 25.60 -16.30 -4.94
CA MET B 1 25.53 -17.64 -4.30
C MET B 1 25.62 -17.52 -2.78
N HIS B 2 25.68 -16.29 -2.30
CA HIS B 2 25.78 -16.04 -0.86
C HIS B 2 24.50 -15.41 -0.33
N LEU B 3 23.95 -15.99 0.73
CA LEU B 3 22.72 -15.49 1.35
C LEU B 3 22.93 -14.12 1.97
N GLY B 4 24.12 -13.89 2.54
CA GLY B 4 24.42 -12.63 3.19
C GLY B 4 24.33 -11.41 2.29
N VAL B 5 24.83 -11.51 1.05
CA VAL B 5 24.78 -10.38 0.14
C VAL B 5 23.33 -10.04 -0.22
N LEU B 6 22.50 -11.07 -0.30
CA LEU B 6 21.08 -10.90 -0.60
C LEU B 6 20.38 -10.26 0.59
N ALA B 7 20.78 -10.67 1.79
CA ALA B 7 20.19 -10.13 3.00
C ALA B 7 20.39 -8.63 3.07
N ALA B 8 21.62 -8.20 2.80
CA ALA B 8 21.92 -6.77 2.80
C ALA B 8 21.25 -6.07 1.63
N ALA B 9 21.25 -6.73 0.47
CA ALA B 9 20.65 -6.17 -0.73
C ALA B 9 19.15 -5.95 -0.56
N ILE B 10 18.46 -6.90 0.04
CA ILE B 10 17.03 -6.75 0.26
C ILE B 10 16.77 -5.74 1.36
N ALA B 11 17.64 -5.72 2.37
CA ALA B 11 17.51 -4.77 3.48
C ALA B 11 17.65 -3.34 3.00
N VAL B 12 18.61 -3.09 2.13
CA VAL B 12 18.83 -1.76 1.59
C VAL B 12 17.70 -1.43 0.63
N GLY B 13 17.23 -2.45 -0.08
CA GLY B 13 16.12 -2.26 -0.99
C GLY B 13 14.89 -1.84 -0.21
N LEU B 14 14.70 -2.46 0.95
CA LEU B 14 13.59 -2.14 1.83
C LEU B 14 13.73 -0.72 2.38
N GLY B 15 14.96 -0.38 2.78
CA GLY B 15 15.23 0.94 3.31
C GLY B 15 15.03 2.03 2.28
N ALA B 16 15.51 1.78 1.07
CA ALA B 16 15.38 2.73 -0.03
C ALA B 16 13.93 2.91 -0.43
N LEU B 17 13.19 1.82 -0.45
CA LEU B 17 11.79 1.85 -0.84
C LEU B 17 10.95 2.64 0.16
N GLY B 18 11.08 2.31 1.45
CA GLY B 18 10.30 2.96 2.47
C GLY B 18 10.57 4.45 2.57
N ALA B 19 11.85 4.81 2.64
CA ALA B 19 12.21 6.22 2.72
C ALA B 19 11.96 6.92 1.40
N GLY B 20 12.04 6.17 0.30
CA GLY B 20 11.80 6.74 -1.02
C GLY B 20 10.40 7.29 -1.16
N ILE B 21 9.40 6.49 -0.79
CA ILE B 21 8.02 6.96 -0.88
C ILE B 21 7.71 7.95 0.22
N GLY B 22 8.29 7.72 1.41
CA GLY B 22 8.06 8.62 2.52
C GLY B 22 8.55 10.03 2.22
N ASN B 23 9.76 10.12 1.67
CA ASN B 23 10.34 11.42 1.32
C ASN B 23 9.69 12.01 0.08
N GLY B 24 9.32 11.17 -0.89
CA GLY B 24 8.69 11.70 -2.08
C GLY B 24 7.41 12.41 -1.71
N LEU B 25 6.58 11.74 -0.95
CA LEU B 25 5.33 12.31 -0.48
C LEU B 25 5.57 13.44 0.51
N ILE B 26 6.59 13.33 1.35
CA ILE B 26 6.86 14.37 2.33
C ILE B 26 7.18 15.70 1.64
N VAL B 27 7.94 15.64 0.55
CA VAL B 27 8.30 16.84 -0.17
C VAL B 27 7.11 17.44 -0.89
N SER B 28 6.39 16.62 -1.67
CA SER B 28 5.23 17.13 -2.41
C SER B 28 4.12 17.64 -1.49
N ARG B 29 3.85 16.91 -0.41
CA ARG B 29 2.82 17.30 0.54
C ARG B 29 3.24 18.59 1.25
N THR B 30 4.52 18.67 1.62
CA THR B 30 5.04 19.88 2.28
C THR B 30 4.81 21.06 1.37
N ILE B 31 5.10 20.83 0.10
CA ILE B 31 4.94 21.81 -0.93
C ILE B 31 3.46 22.21 -1.08
N GLU B 32 2.59 21.20 -1.04
CA GLU B 32 1.15 21.43 -1.16
C GLU B 32 0.63 22.28 -0.01
N GLY B 33 1.13 22.02 1.20
CA GLY B 33 0.71 22.80 2.35
C GLY B 33 1.11 24.25 2.22
N ILE B 34 2.34 24.49 1.74
CA ILE B 34 2.86 25.84 1.55
C ILE B 34 2.02 26.60 0.52
N ALA B 35 1.71 25.93 -0.59
CA ALA B 35 0.91 26.52 -1.66
C ALA B 35 -0.50 26.87 -1.19
N ARG B 36 -1.09 26.00 -0.38
CA ARG B 36 -2.46 26.20 0.11
C ARG B 36 -2.63 27.54 0.84
N GLN B 37 -1.77 27.80 1.82
CA GLN B 37 -1.83 29.05 2.57
C GLN B 37 -0.46 29.71 2.66
N PRO B 38 -0.39 31.02 2.36
CA PRO B 38 0.88 31.76 2.41
C PRO B 38 1.33 32.12 3.82
N GLU B 39 1.60 31.10 4.64
CA GLU B 39 2.05 31.33 6.00
C GLU B 39 3.19 30.39 6.37
N LEU B 40 4.28 30.97 6.89
CA LEU B 40 5.46 30.21 7.31
C LEU B 40 5.98 29.32 6.17
N ARG B 41 6.07 29.90 4.97
CA ARG B 41 6.51 29.14 3.79
C ARG B 41 7.89 28.50 3.97
N PRO B 42 8.95 29.26 4.33
CA PRO B 42 10.29 28.68 4.51
C PRO B 42 10.38 27.75 5.71
N VAL B 43 9.63 28.07 6.76
CA VAL B 43 9.62 27.27 7.98
C VAL B 43 9.04 25.88 7.74
N LEU B 44 7.92 25.82 7.01
CA LEU B 44 7.25 24.55 6.72
C LEU B 44 8.15 23.62 5.92
N GLN B 45 8.82 24.17 4.91
CA GLN B 45 9.74 23.40 4.08
C GLN B 45 10.95 22.96 4.91
N THR B 46 11.36 23.81 5.86
CA THR B 46 12.48 23.48 6.76
C THR B 46 12.12 22.26 7.60
N THR B 47 10.89 22.23 8.09
CA THR B 47 10.38 21.10 8.87
C THR B 47 10.42 19.86 7.98
N MET B 48 10.11 20.05 6.69
CA MET B 48 10.15 18.98 5.72
C MET B 48 11.54 18.37 5.66
N PHE B 49 12.56 19.25 5.64
CA PHE B 49 13.95 18.80 5.58
C PHE B 49 14.31 17.97 6.81
N ILE B 50 13.84 18.39 7.99
CA ILE B 50 14.10 17.62 9.20
C ILE B 50 13.38 16.28 9.10
N GLY B 51 12.24 16.28 8.42
CA GLY B 51 11.49 15.06 8.18
C GLY B 51 12.29 14.10 7.34
N VAL B 52 12.98 14.67 6.35
CA VAL B 52 13.85 13.91 5.48
C VAL B 52 14.92 13.24 6.32
N ALA B 53 15.45 14.00 7.28
CA ALA B 53 16.48 13.49 8.19
C ALA B 53 15.97 12.33 9.05
N LEU B 54 14.75 12.46 9.59
CA LEU B 54 14.16 11.40 10.43
C LEU B 54 13.96 10.13 9.64
N VAL B 55 13.42 10.29 8.46
CA VAL B 55 13.09 9.20 7.58
C VAL B 55 14.33 8.49 7.03
N GLU B 56 15.35 9.26 6.63
CA GLU B 56 16.58 8.68 6.07
C GLU B 56 17.47 8.08 7.16
N ALA B 57 17.23 8.47 8.40
CA ALA B 57 18.00 7.94 9.52
C ALA B 57 17.82 6.44 9.58
N LEU B 58 16.60 6.02 9.32
CA LEU B 58 16.24 4.60 9.34
C LEU B 58 17.03 3.80 8.28
N PRO B 59 17.02 4.20 6.96
CA PRO B 59 17.82 3.49 5.95
C PRO B 59 19.29 3.43 6.31
N ILE B 60 19.83 4.53 6.85
CA ILE B 60 21.23 4.57 7.23
C ILE B 60 21.53 3.53 8.32
N ILE B 61 20.68 3.50 9.35
CA ILE B 61 20.85 2.57 10.46
C ILE B 61 20.73 1.12 9.98
N GLY B 62 19.71 0.83 9.18
CA GLY B 62 19.49 -0.52 8.68
C GLY B 62 20.63 -1.03 7.81
N VAL B 63 21.13 -0.17 6.92
CA VAL B 63 22.22 -0.56 6.02
C VAL B 63 23.50 -0.81 6.82
N VAL B 64 23.82 0.09 7.76
CA VAL B 64 25.03 -0.04 8.58
C VAL B 64 24.96 -1.32 9.44
N PHE B 65 23.81 -1.56 10.06
CA PHE B 65 23.63 -2.74 10.91
C PHE B 65 23.76 -4.01 10.09
N SER B 66 23.19 -4.02 8.88
CA SER B 66 23.27 -5.18 8.00
C SER B 66 24.72 -5.47 7.65
N PHE B 67 25.46 -4.39 7.38
CA PHE B 67 26.87 -4.48 7.04
C PHE B 67 27.65 -5.13 8.18
N ILE B 68 27.41 -4.65 9.40
CA ILE B 68 28.08 -5.19 10.58
C ILE B 68 27.71 -6.64 10.83
N TYR B 69 26.44 -7.00 10.65
CA TYR B 69 26.00 -8.38 10.86
C TYR B 69 26.75 -9.33 9.93
N LEU B 70 26.92 -8.91 8.68
CA LEU B 70 27.67 -9.71 7.71
C LEU B 70 29.14 -9.73 8.07
N GLY B 71 29.62 -8.54 8.42
CA GLY B 71 31.00 -8.36 8.76
C GLY B 71 31.42 -9.12 10.01
N ARG B 72 30.57 -9.15 11.02
CA ARG B 72 30.87 -9.85 12.25
C ARG B 72 29.78 -10.87 12.59
N MET C 1 25.50 -16.63 4.05
CA MET C 1 25.20 -18.08 4.13
C MET C 1 24.50 -18.42 5.44
N HIS C 2 24.22 -17.39 6.22
CA HIS C 2 23.54 -17.58 7.51
C HIS C 2 22.14 -17.01 7.48
N LEU C 3 21.17 -17.81 7.89
CA LEU C 3 19.76 -17.39 7.92
C LEU C 3 19.53 -16.29 8.94
N GLY C 4 20.24 -16.35 10.06
CA GLY C 4 20.08 -15.36 11.12
C GLY C 4 20.39 -13.94 10.71
N VAL C 5 21.45 -13.73 9.94
CA VAL C 5 21.80 -12.37 9.51
C VAL C 5 20.72 -11.81 8.59
N LEU C 6 20.13 -12.68 7.78
CA LEU C 6 19.05 -12.29 6.87
C LEU C 6 17.80 -11.95 7.67
N ALA C 7 17.55 -12.73 8.73
CA ALA C 7 16.38 -12.52 9.57
C ALA C 7 16.43 -11.13 10.19
N ALA C 8 17.60 -10.76 10.71
CA ALA C 8 17.76 -9.44 11.29
C ALA C 8 17.74 -8.36 10.21
N ALA C 9 18.38 -8.65 9.07
CA ALA C 9 18.43 -7.70 7.97
C ALA C 9 17.05 -7.40 7.40
N ILE C 10 16.22 -8.41 7.26
CA ILE C 10 14.87 -8.19 6.76
C ILE C 10 14.01 -7.52 7.82
N ALA C 11 14.24 -7.88 9.10
CA ALA C 11 13.49 -7.28 10.20
C ALA C 11 13.77 -5.79 10.31
N VAL C 12 15.03 -5.40 10.18
CA VAL C 12 15.39 -4.00 10.25
C VAL C 12 14.91 -3.30 8.99
N GLY C 13 14.93 -4.01 7.87
CA GLY C 13 14.43 -3.46 6.64
C GLY C 13 12.96 -3.16 6.76
N LEU C 14 12.24 -4.06 7.42
CA LEU C 14 10.81 -3.91 7.67
C LEU C 14 10.57 -2.73 8.61
N GLY C 15 11.39 -2.65 9.65
CA GLY C 15 11.26 -1.56 10.62
C GLY C 15 11.54 -0.22 10.00
N ALA C 16 12.59 -0.14 9.20
CA ALA C 16 12.98 1.08 8.53
C ALA C 16 11.94 1.52 7.52
N LEU C 17 11.38 0.55 6.79
CA LEU C 17 10.38 0.84 5.78
C LEU C 17 9.10 1.39 6.41
N GLY C 18 8.57 0.68 7.40
CA GLY C 18 7.33 1.09 8.04
C GLY C 18 7.42 2.45 8.70
N ALA C 19 8.45 2.66 9.52
CA ALA C 19 8.63 3.93 10.19
C ALA C 19 9.05 5.01 9.19
N GLY C 20 9.73 4.60 8.12
CA GLY C 20 10.16 5.55 7.12
C GLY C 20 9.00 6.25 6.44
N ILE C 21 8.01 5.49 6.00
CA ILE C 21 6.84 6.10 5.37
C ILE C 21 5.94 6.75 6.40
N GLY C 22 5.84 6.14 7.58
CA GLY C 22 5.02 6.69 8.63
C GLY C 22 5.50 8.06 9.06
N ASN C 23 6.81 8.20 9.26
CA ASN C 23 7.40 9.47 9.65
C ASN C 23 7.45 10.46 8.50
N GLY C 24 7.68 9.98 7.28
CA GLY C 24 7.71 10.90 6.15
C GLY C 24 6.38 11.60 6.02
N LEU C 25 5.32 10.81 6.01
CA LEU C 25 3.97 11.35 5.92
C LEU C 25 3.59 12.11 7.18
N ILE C 26 4.05 11.65 8.35
CA ILE C 26 3.71 12.34 9.59
C ILE C 26 4.25 13.76 9.60
N VAL C 27 5.47 13.95 9.08
CA VAL C 27 6.07 15.26 9.04
C VAL C 27 5.38 16.17 8.03
N SER C 28 5.20 15.69 6.79
CA SER C 28 4.56 16.50 5.75
C SER C 28 3.11 16.82 6.08
N ARG C 29 2.38 15.84 6.60
CA ARG C 29 0.98 16.06 6.97
C ARG C 29 0.87 17.03 8.14
N THR C 30 1.78 16.88 9.12
CA THR C 30 1.82 17.77 10.27
C THR C 30 2.00 19.18 9.78
N ILE C 31 2.91 19.30 8.82
CA ILE C 31 3.25 20.57 8.20
C ILE C 31 2.03 21.13 7.46
N GLU C 32 1.33 20.25 6.73
CA GLU C 32 0.14 20.64 5.98
C GLU C 32 -0.95 21.16 6.91
N GLY C 33 -1.13 20.51 8.06
CA GLY C 33 -2.12 20.97 9.01
C GLY C 33 -1.81 22.36 9.54
N ILE C 34 -0.53 22.60 9.84
CA ILE C 34 -0.08 23.89 10.35
C ILE C 34 -0.32 24.99 9.32
N ALA C 35 0.03 24.70 8.07
CA ALA C 35 -0.14 25.65 6.98
C ALA C 35 -1.61 25.99 6.74
N ARG C 36 -2.48 24.99 6.84
CA ARG C 36 -3.92 25.18 6.60
C ARG C 36 -4.52 26.26 7.51
N GLN C 37 -4.30 26.14 8.82
CA GLN C 37 -4.82 27.12 9.76
C GLN C 37 -3.73 27.58 10.72
N PRO C 38 -3.61 28.90 10.92
CA PRO C 38 -2.60 29.47 11.82
C PRO C 38 -2.96 29.36 13.29
N GLU C 39 -3.08 28.13 13.79
CA GLU C 39 -3.41 27.90 15.19
C GLU C 39 -2.56 26.79 15.78
N LEU C 40 -1.93 27.08 16.93
CA LEU C 40 -1.07 26.12 17.64
C LEU C 40 0.00 25.56 16.72
N ARG C 41 0.66 26.43 15.96
CA ARG C 41 1.69 26.02 15.01
C ARG C 41 2.83 25.22 15.65
N PRO C 42 3.49 25.73 16.72
CA PRO C 42 4.59 24.99 17.37
C PRO C 42 4.10 23.74 18.10
N VAL C 43 2.91 23.82 18.66
CA VAL C 43 2.32 22.71 19.41
C VAL C 43 2.05 21.51 18.50
N LEU C 44 1.47 21.79 17.33
CA LEU C 44 1.13 20.73 16.38
C LEU C 44 2.37 19.98 15.91
N GLN C 45 3.43 20.73 15.60
CA GLN C 45 4.68 20.14 15.16
C GLN C 45 5.32 19.36 16.31
N THR C 46 5.14 19.85 17.55
CA THR C 46 5.66 19.18 18.74
C THR C 46 5.00 17.80 18.87
N THR C 47 3.68 17.76 18.63
CA THR C 47 2.94 16.50 18.67
C THR C 47 3.50 15.58 17.60
N MET C 48 3.87 16.17 16.47
CA MET C 48 4.49 15.41 15.37
C MET C 48 5.76 14.73 15.85
N PHE C 49 6.58 15.46 16.61
CA PHE C 49 7.82 14.90 17.13
C PHE C 49 7.56 13.73 18.07
N ILE C 50 6.52 13.83 18.90
CA ILE C 50 6.18 12.73 19.79
C ILE C 50 5.70 11.54 18.94
N GLY C 51 5.07 11.87 17.81
CA GLY C 51 4.63 10.84 16.88
C GLY C 51 5.81 10.10 16.32
N VAL C 52 6.87 10.85 16.04
CA VAL C 52 8.11 10.29 15.53
C VAL C 52 8.65 9.31 16.56
N ALA C 53 8.56 9.70 17.84
CA ALA C 53 9.01 8.86 18.94
C ALA C 53 8.20 7.54 19.03
N LEU C 54 6.88 7.64 18.88
CA LEU C 54 6.01 6.44 18.95
C LEU C 54 6.32 5.47 17.83
N VAL C 55 6.45 6.03 16.65
CA VAL C 55 6.69 5.28 15.45
C VAL C 55 8.09 4.64 15.42
N GLU C 56 9.12 5.39 15.84
CA GLU C 56 10.49 4.87 15.84
C GLU C 56 10.74 3.90 16.99
N ALA C 57 9.87 3.93 17.99
CA ALA C 57 9.99 3.03 19.13
C ALA C 57 9.90 1.60 18.65
N LEU C 58 9.02 1.40 17.68
CA LEU C 58 8.80 0.08 17.09
C LEU C 58 10.06 -0.46 16.40
N PRO C 59 10.71 0.29 15.46
CA PRO C 59 11.95 -0.15 14.81
C PRO C 59 13.03 -0.46 15.84
N ILE C 60 13.15 0.37 16.88
CA ILE C 60 14.15 0.16 17.91
C ILE C 60 13.91 -1.17 18.63
N ILE C 61 12.67 -1.42 19.02
CA ILE C 61 12.30 -2.65 19.72
C ILE C 61 12.54 -3.88 18.85
N GLY C 62 12.10 -3.81 17.59
CA GLY C 62 12.25 -4.93 16.68
C GLY C 62 13.71 -5.28 16.41
N VAL C 63 14.54 -4.26 16.19
CA VAL C 63 15.96 -4.48 15.90
C VAL C 63 16.67 -5.08 17.12
N VAL C 64 16.39 -4.52 18.31
CA VAL C 64 17.01 -5.01 19.55
C VAL C 64 16.60 -6.45 19.83
N PHE C 65 15.32 -6.75 19.68
CA PHE C 65 14.81 -8.10 19.91
C PHE C 65 15.42 -9.09 18.94
N SER C 66 15.55 -8.70 17.67
CA SER C 66 16.13 -9.56 16.66
C SER C 66 17.59 -9.87 17.02
N PHE C 67 18.29 -8.84 17.50
CA PHE C 67 19.68 -8.96 17.91
C PHE C 67 19.81 -9.99 19.04
N ILE C 68 18.93 -9.86 20.04
CA ILE C 68 18.94 -10.79 21.18
C ILE C 68 18.59 -12.21 20.75
N TYR C 69 17.62 -12.36 19.86
CA TYR C 69 17.23 -13.70 19.39
C TYR C 69 18.41 -14.41 18.74
N LEU C 70 19.17 -13.66 17.95
CA LEU C 70 20.36 -14.22 17.29
C LEU C 70 21.43 -14.48 18.32
N GLY C 71 21.58 -13.50 19.20
CA GLY C 71 22.58 -13.56 20.24
C GLY C 71 22.35 -14.69 21.23
N ARG C 72 21.11 -14.93 21.61
CA ARG C 72 20.78 -15.99 22.55
C ARG C 72 19.74 -16.94 21.97
N MET D 1 20.80 -19.55 11.23
CA MET D 1 20.60 -20.93 10.71
C MET D 1 19.35 -21.56 11.31
N HIS D 2 18.64 -20.78 12.11
CA HIS D 2 17.42 -21.26 12.76
C HIS D 2 16.20 -20.56 12.19
N LEU D 3 15.20 -21.35 11.80
CA LEU D 3 13.96 -20.82 11.23
C LEU D 3 13.16 -20.03 12.26
N GLY D 4 13.21 -20.49 13.52
CA GLY D 4 12.46 -19.84 14.59
C GLY D 4 12.84 -18.39 14.84
N VAL D 5 14.13 -18.07 14.81
CA VAL D 5 14.57 -16.70 15.04
C VAL D 5 14.08 -15.79 13.91
N LEU D 6 14.04 -16.33 12.70
CA LEU D 6 13.55 -15.58 11.54
C LEU D 6 12.05 -15.37 11.65
N ALA D 7 11.35 -16.39 12.15
CA ALA D 7 9.91 -16.32 12.31
C ALA D 7 9.54 -15.16 13.24
N ALA D 8 10.24 -15.07 14.35
CA ALA D 8 10.00 -14.00 15.31
C ALA D 8 10.46 -12.67 14.74
N ALA D 9 11.61 -12.68 14.06
CA ALA D 9 12.17 -11.47 13.47
C ALA D 9 11.26 -10.89 12.41
N ILE D 10 10.68 -11.73 11.56
CA ILE D 10 9.77 -11.23 10.54
C ILE D 10 8.44 -10.82 11.17
N ALA D 11 8.01 -11.54 12.22
CA ALA D 11 6.77 -11.22 12.89
C ALA D 11 6.84 -9.86 13.58
N VAL D 12 7.97 -9.57 14.22
CA VAL D 12 8.16 -8.29 14.87
C VAL D 12 8.33 -7.21 13.83
N GLY D 13 8.98 -7.57 12.72
CA GLY D 13 9.15 -6.64 11.62
C GLY D 13 7.79 -6.25 11.08
N LEU D 14 6.90 -7.23 10.97
CA LEU D 14 5.55 -7.01 10.49
C LEU D 14 4.78 -6.13 11.48
N GLY D 15 4.95 -6.44 12.77
CA GLY D 15 4.28 -5.67 13.80
C GLY D 15 4.74 -4.23 13.84
N ALA D 16 6.05 -4.04 13.75
CA ALA D 16 6.64 -2.71 13.77
C ALA D 16 6.23 -1.90 12.56
N LEU D 17 6.19 -2.56 11.41
CA LEU D 17 5.83 -1.90 10.16
C LEU D 17 4.37 -1.43 10.17
N GLY D 18 3.46 -2.33 10.51
CA GLY D 18 2.04 -2.00 10.53
C GLY D 18 1.70 -0.91 11.50
N ALA D 19 2.15 -1.05 12.74
CA ALA D 19 1.88 -0.05 13.75
C ALA D 19 2.67 1.22 13.48
N GLY D 20 3.83 1.08 12.83
CA GLY D 20 4.66 2.22 12.51
C GLY D 20 3.95 3.20 11.60
N ILE D 21 3.38 2.70 10.51
CA ILE D 21 2.67 3.58 9.59
C ILE D 21 1.32 3.99 10.16
N GLY D 22 0.68 3.07 10.89
CA GLY D 22 -0.60 3.38 11.48
C GLY D 22 -0.49 4.53 12.48
N ASN D 23 0.52 4.46 13.35
CA ASN D 23 0.75 5.51 14.34
C ASN D 23 1.31 6.77 13.72
N GLY D 24 2.16 6.64 12.71
CA GLY D 24 2.70 7.83 12.08
C GLY D 24 1.59 8.67 11.51
N LEU D 25 0.73 8.03 10.73
CA LEU D 25 -0.41 8.71 10.15
C LEU D 25 -1.43 9.11 11.20
N ILE D 26 -1.61 8.30 12.24
CA ILE D 26 -2.58 8.63 13.28
C ILE D 26 -2.21 9.94 13.97
N VAL D 27 -0.92 10.13 14.22
CA VAL D 27 -0.46 11.34 14.88
C VAL D 27 -0.59 12.56 13.99
N SER D 28 -0.09 12.47 12.75
CA SER D 28 -0.15 13.60 11.83
C SER D 28 -1.58 13.96 11.46
N ARG D 29 -2.42 12.96 11.21
CA ARG D 29 -3.81 13.19 10.87
C ARG D 29 -4.56 13.79 12.05
N THR D 30 -4.28 13.27 13.26
CA THR D 30 -4.89 13.80 14.47
C THR D 30 -4.58 15.26 14.59
N ILE D 31 -3.31 15.56 14.32
CA ILE D 31 -2.79 16.90 14.34
C ILE D 31 -3.50 17.78 13.29
N GLU D 32 -3.67 17.22 12.10
CA GLU D 32 -4.32 17.92 10.99
C GLU D 32 -5.76 18.26 11.36
N GLY D 33 -6.46 17.34 12.00
CA GLY D 33 -7.83 17.59 12.41
C GLY D 33 -7.93 18.73 13.41
N ILE D 34 -7.00 18.75 14.37
CA ILE D 34 -6.95 19.79 15.39
C ILE D 34 -6.71 21.16 14.76
N ALA D 35 -5.75 21.21 13.85
CA ALA D 35 -5.40 22.44 13.15
C ALA D 35 -6.56 22.98 12.31
N ARG D 36 -7.30 22.08 11.66
CA ARG D 36 -8.40 22.47 10.80
C ARG D 36 -9.46 23.30 11.55
N GLN D 37 -9.93 22.78 12.67
CA GLN D 37 -10.93 23.50 13.47
C GLN D 37 -10.52 23.56 14.94
N PRO D 38 -10.60 24.76 15.55
CA PRO D 38 -10.22 24.94 16.96
C PRO D 38 -11.29 24.44 17.94
N GLU D 39 -11.56 23.14 17.91
CA GLU D 39 -12.54 22.56 18.81
C GLU D 39 -12.05 21.25 19.40
N LEU D 40 -12.13 21.13 20.73
CA LEU D 40 -11.69 19.93 21.45
C LEU D 40 -10.25 19.55 21.08
N ARG D 41 -9.36 20.53 21.06
CA ARG D 41 -7.96 20.31 20.69
C ARG D 41 -7.26 19.24 21.55
N PRO D 42 -7.28 19.36 22.91
CA PRO D 42 -6.62 18.37 23.77
C PRO D 42 -7.32 17.02 23.74
N VAL D 43 -8.65 17.04 23.62
CA VAL D 43 -9.45 15.83 23.59
C VAL D 43 -9.16 14.98 22.37
N LEU D 44 -9.07 15.63 21.20
CA LEU D 44 -8.80 14.93 19.95
C LEU D 44 -7.45 14.22 19.97
N GLN D 45 -6.44 14.92 20.49
CA GLN D 45 -5.10 14.37 20.59
C GLN D 45 -5.09 13.22 21.61
N THR D 46 -5.91 13.36 22.66
CA THR D 46 -6.03 12.33 23.70
C THR D 46 -6.57 11.03 23.06
N THR D 47 -7.58 11.20 22.19
CA THR D 47 -8.15 10.06 21.47
C THR D 47 -7.06 9.43 20.62
N MET D 48 -6.19 10.28 20.06
CA MET D 48 -5.07 9.82 19.26
C MET D 48 -4.17 8.90 20.08
N PHE D 49 -3.91 9.30 21.33
CA PHE D 49 -3.07 8.50 22.23
C PHE D 49 -3.70 7.13 22.49
N ILE D 50 -5.03 7.10 22.68
CA ILE D 50 -5.70 5.83 22.90
C ILE D 50 -5.61 4.99 21.62
N GLY D 51 -5.58 5.68 20.47
CA GLY D 51 -5.42 5.02 19.20
C GLY D 51 -4.07 4.35 19.12
N VAL D 52 -3.07 5.04 19.65
CA VAL D 52 -1.71 4.53 19.70
C VAL D 52 -1.72 3.24 20.52
N ALA D 53 -2.47 3.26 21.63
CA ALA D 53 -2.59 2.09 22.49
C ALA D 53 -3.25 0.91 21.77
N LEU D 54 -4.32 1.17 21.01
CA LEU D 54 -5.02 0.10 20.27
C LEU D 54 -4.11 -0.54 19.23
N VAL D 55 -3.43 0.31 18.51
CA VAL D 55 -2.55 -0.09 17.44
C VAL D 55 -1.31 -0.82 17.93
N GLU D 56 -0.69 -0.33 19.01
CA GLU D 56 0.52 -0.96 19.56
C GLU D 56 0.20 -2.24 20.33
N ALA D 57 -1.05 -2.40 20.71
CA ALA D 57 -1.46 -3.60 21.42
C ALA D 57 -1.21 -4.82 20.56
N LEU D 58 -1.45 -4.65 19.26
CA LEU D 58 -1.26 -5.71 18.29
C LEU D 58 0.21 -6.15 18.21
N PRO D 59 1.20 -5.22 17.99
CA PRO D 59 2.62 -5.60 17.98
C PRO D 59 3.05 -6.29 19.26
N ILE D 60 2.56 -5.80 20.40
CA ILE D 60 2.90 -6.41 21.68
C ILE D 60 2.42 -7.86 21.75
N ILE D 61 1.16 -8.07 21.37
CA ILE D 61 0.57 -9.41 21.39
C ILE D 61 1.31 -10.36 20.44
N GLY D 62 1.56 -9.89 19.22
CA GLY D 62 2.24 -10.71 18.23
C GLY D 62 3.64 -11.10 18.63
N VAL D 63 4.40 -10.16 19.18
CA VAL D 63 5.77 -10.42 19.60
C VAL D 63 5.80 -11.42 20.77
N VAL D 64 4.92 -11.19 21.76
CA VAL D 64 4.85 -12.08 22.93
C VAL D 64 4.45 -13.50 22.52
N PHE D 65 3.44 -13.61 21.66
CA PHE D 65 2.97 -14.92 21.19
C PHE D 65 4.06 -15.64 20.42
N SER D 66 4.78 -14.91 19.58
CA SER D 66 5.87 -15.50 18.79
C SER D 66 6.96 -16.04 19.73
N PHE D 67 7.24 -15.26 20.78
CA PHE D 67 8.23 -15.65 21.79
C PHE D 67 7.82 -16.96 22.45
N ILE D 68 6.57 -17.04 22.86
CA ILE D 68 6.03 -18.24 23.51
C ILE D 68 6.06 -19.44 22.58
N TYR D 69 5.69 -19.24 21.31
CA TYR D 69 5.67 -20.34 20.33
C TYR D 69 7.07 -20.93 20.20
N LEU D 70 8.08 -20.08 20.15
CA LEU D 70 9.45 -20.54 20.06
C LEU D 70 9.88 -21.20 21.37
N GLY D 71 9.49 -20.54 22.45
CA GLY D 71 9.82 -20.99 23.78
C GLY D 71 9.19 -22.32 24.13
N ARG D 72 7.95 -22.53 23.73
CA ARG D 72 7.25 -23.77 24.01
C ARG D 72 6.72 -24.41 22.73
N MET E 1 13.24 -23.97 13.91
CA MET E 1 13.42 -25.11 12.98
C MET E 1 12.07 -25.75 12.65
N HIS E 2 11.01 -25.17 13.16
CA HIS E 2 9.67 -25.68 12.93
C HIS E 2 8.87 -24.74 12.05
N LEU E 3 8.26 -25.27 10.99
CA LEU E 3 7.46 -24.49 10.06
C LEU E 3 6.19 -23.95 10.74
N GLY E 4 5.62 -24.75 11.64
CA GLY E 4 4.39 -24.36 12.31
C GLY E 4 4.50 -23.08 13.14
N VAL E 5 5.60 -22.90 13.86
CA VAL E 5 5.76 -21.70 14.67
C VAL E 5 5.87 -20.46 13.78
N LEU E 6 6.48 -20.63 12.61
CA LEU E 6 6.62 -19.54 11.65
C LEU E 6 5.27 -19.23 11.04
N ALA E 7 4.47 -20.27 10.79
CA ALA E 7 3.15 -20.09 10.20
C ALA E 7 2.29 -19.22 11.11
N ALA E 8 2.31 -19.54 12.40
CA ALA E 8 1.55 -18.75 13.36
C ALA E 8 2.15 -17.36 13.54
N ALA E 9 3.48 -17.30 13.55
CA ALA E 9 4.19 -16.02 13.72
C ALA E 9 3.91 -15.08 12.57
N ILE E 10 3.90 -15.59 11.34
CA ILE E 10 3.61 -14.73 10.20
C ILE E 10 2.13 -14.38 10.16
N ALA E 11 1.27 -15.33 10.57
CA ALA E 11 -0.17 -15.08 10.59
C ALA E 11 -0.53 -13.99 11.58
N VAL E 12 0.09 -14.01 12.75
CA VAL E 12 -0.17 -12.99 13.76
C VAL E 12 0.45 -11.69 13.31
N GLY E 13 1.59 -11.78 12.63
CA GLY E 13 2.25 -10.60 12.10
C GLY E 13 1.34 -9.93 11.09
N LEU E 14 0.69 -10.76 10.26
CA LEU E 14 -0.24 -10.27 9.26
C LEU E 14 -1.46 -9.64 9.92
N GLY E 15 -1.96 -10.31 10.96
CA GLY E 15 -3.12 -9.80 11.69
C GLY E 15 -2.83 -8.49 12.38
N ALA E 16 -1.67 -8.42 13.02
CA ALA E 16 -1.25 -7.21 13.73
C ALA E 16 -1.02 -6.05 12.77
N LEU E 17 -0.43 -6.35 11.63
CA LEU E 17 -0.14 -5.34 10.63
C LEU E 17 -1.42 -4.75 10.04
N GLY E 18 -2.33 -5.62 9.58
CA GLY E 18 -3.57 -5.15 8.98
C GLY E 18 -4.44 -4.35 9.91
N ALA E 19 -4.66 -4.89 11.11
CA ALA E 19 -5.49 -4.19 12.08
C ALA E 19 -4.75 -2.97 12.64
N GLY E 20 -3.42 -3.05 12.66
CA GLY E 20 -2.62 -1.96 13.16
C GLY E 20 -2.81 -0.68 12.35
N ILE E 21 -2.71 -0.79 11.02
CA ILE E 21 -2.90 0.37 10.18
C ILE E 21 -4.37 0.74 10.07
N GLY E 22 -5.23 -0.28 10.07
CA GLY E 22 -6.67 -0.02 10.00
C GLY E 22 -7.15 0.77 11.19
N ASN E 23 -6.73 0.36 12.38
CA ASN E 23 -7.11 1.05 13.61
C ASN E 23 -6.39 2.39 13.77
N GLY E 24 -5.14 2.46 13.34
CA GLY E 24 -4.42 3.72 13.46
C GLY E 24 -5.13 4.79 12.68
N LEU E 25 -5.43 4.48 11.42
CA LEU E 25 -6.15 5.41 10.56
C LEU E 25 -7.59 5.60 11.03
N ILE E 26 -8.22 4.54 11.54
CA ILE E 26 -9.61 4.66 11.99
C ILE E 26 -9.73 5.67 13.12
N VAL E 27 -8.76 5.67 14.03
CA VAL E 27 -8.79 6.58 15.16
C VAL E 27 -8.52 8.01 14.72
N SER E 28 -7.45 8.23 13.95
CA SER E 28 -7.10 9.58 13.51
C SER E 28 -8.16 10.17 12.58
N ARG E 29 -8.68 9.36 11.67
CA ARG E 29 -9.72 9.82 10.75
C ARG E 29 -11.01 10.13 11.50
N THR E 30 -11.34 9.27 12.47
CA THR E 30 -12.53 9.49 13.30
C THR E 30 -12.41 10.82 13.99
N ILE E 31 -11.21 11.05 14.49
CA ILE E 31 -10.87 12.27 15.17
C ILE E 31 -10.98 13.47 14.23
N GLU E 32 -10.48 13.30 13.00
CA GLU E 32 -10.52 14.35 11.98
C GLU E 32 -11.96 14.71 11.65
N GLY E 33 -12.83 13.71 11.54
CA GLY E 33 -14.23 13.98 11.25
C GLY E 33 -14.89 14.79 12.35
N ILE E 34 -14.59 14.44 13.60
CA ILE E 34 -15.15 15.14 14.75
C ILE E 34 -14.70 16.60 14.77
N ALA E 35 -13.42 16.81 14.53
CA ALA E 35 -12.83 18.15 14.51
C ALA E 35 -13.43 19.02 13.40
N ARG E 36 -13.66 18.42 12.24
CA ARG E 36 -14.20 19.15 11.09
C ARG E 36 -15.54 19.83 11.40
N GLN E 37 -16.49 19.07 11.93
CA GLN E 37 -17.80 19.62 12.28
C GLN E 37 -18.20 19.22 13.69
N PRO E 38 -18.66 20.20 14.50
CA PRO E 38 -19.08 19.95 15.89
C PRO E 38 -20.45 19.29 15.99
N GLU E 39 -20.59 18.08 15.45
CA GLU E 39 -21.86 17.37 15.51
C GLU E 39 -21.65 15.90 15.84
N LEU E 40 -22.39 15.42 16.86
CA LEU E 40 -22.31 14.03 17.31
C LEU E 40 -20.88 13.62 17.63
N ARG E 41 -20.16 14.49 18.35
CA ARG E 41 -18.76 14.24 18.69
C ARG E 41 -18.54 12.91 19.43
N PRO E 42 -19.25 12.65 20.56
CA PRO E 42 -19.07 11.38 21.29
C PRO E 42 -19.57 10.17 20.52
N VAL E 43 -20.65 10.37 19.75
CA VAL E 43 -21.25 9.29 18.97
C VAL E 43 -20.31 8.80 17.87
N LEU E 44 -19.68 9.74 17.17
CA LEU E 44 -18.76 9.40 16.08
C LEU E 44 -17.57 8.59 16.58
N GLN E 45 -17.01 9.01 17.72
CA GLN E 45 -15.88 8.31 18.32
C GLN E 45 -16.33 6.93 18.82
N THR E 46 -17.58 6.85 19.29
CA THR E 46 -18.14 5.58 19.76
C THR E 46 -18.19 4.59 18.59
N THR E 47 -18.62 5.08 17.42
CA THR E 47 -18.68 4.26 16.21
C THR E 47 -17.26 3.79 15.89
N MET E 48 -16.29 4.68 16.12
CA MET E 48 -14.88 4.36 15.92
C MET E 48 -14.49 3.15 16.76
N PHE E 49 -14.92 3.15 18.04
CA PHE E 49 -14.62 2.05 18.95
C PHE E 49 -15.21 0.74 18.45
N ILE E 50 -16.43 0.78 17.91
CA ILE E 50 -17.05 -0.42 17.37
C ILE E 50 -16.25 -0.87 16.14
N GLY E 51 -15.69 0.11 15.43
CA GLY E 51 -14.85 -0.18 14.29
C GLY E 51 -13.61 -0.93 14.71
N VAL E 52 -13.07 -0.52 15.85
CA VAL E 52 -11.91 -1.15 16.43
C VAL E 52 -12.25 -2.61 16.71
N ALA E 53 -13.46 -2.83 17.23
CA ALA E 53 -13.93 -4.19 17.52
C ALA E 53 -14.05 -5.04 16.26
N LEU E 54 -14.59 -4.48 15.17
CA LEU E 54 -14.74 -5.21 13.91
C LEU E 54 -13.40 -5.62 13.34
N VAL E 55 -12.49 -4.66 13.35
CA VAL E 55 -11.18 -4.83 12.80
C VAL E 55 -10.31 -5.79 13.62
N GLU E 56 -10.37 -5.70 14.96
CA GLU E 56 -9.56 -6.57 15.82
C GLU E 56 -10.15 -7.97 15.92
N ALA E 57 -11.41 -8.12 15.53
CA ALA E 57 -12.07 -9.42 15.55
C ALA E 57 -11.32 -10.36 14.63
N LEU E 58 -10.88 -9.81 13.51
CA LEU E 58 -10.14 -10.56 12.50
C LEU E 58 -8.81 -11.11 13.05
N PRO E 59 -7.92 -10.26 13.65
CA PRO E 59 -6.67 -10.75 14.25
C PRO E 59 -6.93 -11.82 15.30
N ILE E 60 -7.96 -11.63 16.12
CA ILE E 60 -8.28 -12.60 17.16
C ILE E 60 -8.65 -13.96 16.54
N ILE E 61 -9.51 -13.94 15.53
CA ILE E 61 -9.94 -15.15 14.85
C ILE E 61 -8.76 -15.86 14.18
N GLY E 62 -7.95 -15.09 13.45
CA GLY E 62 -6.80 -15.67 12.76
C GLY E 62 -5.79 -16.30 13.69
N VAL E 63 -5.47 -15.63 14.79
CA VAL E 63 -4.50 -16.14 15.75
C VAL E 63 -5.02 -17.41 16.41
N VAL E 64 -6.28 -17.40 16.84
CA VAL E 64 -6.89 -18.56 17.48
C VAL E 64 -6.94 -19.76 16.54
N PHE E 65 -7.35 -19.52 15.29
CA PHE E 65 -7.43 -20.59 14.30
C PHE E 65 -6.06 -21.17 14.00
N SER E 66 -5.05 -20.31 13.91
CA SER E 66 -3.68 -20.75 13.65
C SER E 66 -3.21 -21.64 14.80
N PHE E 67 -3.54 -21.23 16.02
CA PHE E 67 -3.19 -21.98 17.22
C PHE E 67 -3.79 -23.38 17.18
N ILE E 68 -5.08 -23.45 16.85
CA ILE E 68 -5.79 -24.72 16.75
C ILE E 68 -5.22 -25.61 15.65
N TYR E 69 -4.89 -25.02 14.50
CA TYR E 69 -4.33 -25.78 13.38
C TYR E 69 -3.04 -26.46 13.80
N LEU E 70 -2.20 -25.72 14.53
CA LEU E 70 -0.94 -26.28 15.01
C LEU E 70 -1.21 -27.32 16.09
N GLY E 71 -2.14 -26.95 16.97
CA GLY E 71 -2.52 -27.79 18.08
C GLY E 71 -3.14 -29.10 17.65
N ARG E 72 -3.99 -29.07 16.64
CA ARG E 72 -4.66 -30.27 16.15
C ARG E 72 -4.41 -30.46 14.65
N MET F 1 5.68 -28.17 10.97
CA MET F 1 6.38 -29.02 9.97
C MET F 1 5.44 -29.41 8.84
N HIS F 2 4.23 -28.89 8.88
CA HIS F 2 3.23 -29.18 7.85
C HIS F 2 2.94 -27.94 7.01
N LEU F 3 3.01 -28.11 5.69
CA LEU F 3 2.75 -27.01 4.76
C LEU F 3 1.29 -26.56 4.82
N GLY F 4 0.38 -27.52 5.02
CA GLY F 4 -1.04 -27.22 5.06
C GLY F 4 -1.45 -26.24 6.15
N VAL F 5 -0.90 -26.38 7.35
CA VAL F 5 -1.26 -25.49 8.45
C VAL F 5 -0.79 -24.06 8.14
N LEU F 6 0.36 -23.95 7.46
CA LEU F 6 0.89 -22.66 7.07
C LEU F 6 0.03 -22.04 5.98
N ALA F 7 -0.44 -22.89 5.07
CA ALA F 7 -1.29 -22.42 3.97
C ALA F 7 -2.55 -21.76 4.52
N ALA F 8 -3.18 -22.42 5.49
CA ALA F 8 -4.37 -21.88 6.11
C ALA F 8 -4.03 -20.67 6.96
N ALA F 9 -2.91 -20.75 7.68
CA ALA F 9 -2.48 -19.65 8.54
C ALA F 9 -2.17 -18.39 7.75
N ILE F 10 -1.53 -18.52 6.60
CA ILE F 10 -1.23 -17.35 5.78
C ILE F 10 -2.50 -16.87 5.10
N ALA F 11 -3.39 -17.79 4.72
CA ALA F 11 -4.64 -17.43 4.08
C ALA F 11 -5.53 -16.63 5.00
N VAL F 12 -5.61 -17.04 6.27
CA VAL F 12 -6.41 -16.33 7.25
C VAL F 12 -5.74 -15.02 7.59
N GLY F 13 -4.40 -15.04 7.59
CA GLY F 13 -3.66 -13.83 7.84
C GLY F 13 -3.94 -12.81 6.76
N LEU F 14 -4.02 -13.30 5.52
CA LEU F 14 -4.33 -12.45 4.38
C LEU F 14 -5.75 -11.92 4.48
N GLY F 15 -6.68 -12.80 4.87
CA GLY F 15 -8.07 -12.41 5.02
C GLY F 15 -8.26 -11.39 6.11
N ALA F 16 -7.60 -11.61 7.24
CA ALA F 16 -7.69 -10.70 8.38
C ALA F 16 -7.08 -9.35 8.07
N LEU F 17 -5.97 -9.37 7.34
CA LEU F 17 -5.28 -8.15 6.99
C LEU F 17 -6.10 -7.28 6.03
N GLY F 18 -6.58 -7.89 4.95
CA GLY F 18 -7.36 -7.16 3.96
C GLY F 18 -8.64 -6.58 4.52
N ALA F 19 -9.42 -7.41 5.20
CA ALA F 19 -10.66 -6.93 5.78
C ALA F 19 -10.39 -6.01 6.96
N GLY F 20 -9.26 -6.22 7.63
CA GLY F 20 -8.91 -5.39 8.76
C GLY F 20 -8.74 -3.93 8.39
N ILE F 21 -7.96 -3.67 7.33
CA ILE F 21 -7.76 -2.30 6.90
C ILE F 21 -8.99 -1.77 6.18
N GLY F 22 -9.67 -2.65 5.43
CA GLY F 22 -10.86 -2.25 4.72
C GLY F 22 -11.95 -1.79 5.67
N ASN F 23 -12.17 -2.56 6.73
CA ASN F 23 -13.17 -2.21 7.73
C ASN F 23 -12.73 -1.06 8.62
N GLY F 24 -11.43 -0.98 8.94
CA GLY F 24 -10.97 0.11 9.76
C GLY F 24 -11.24 1.43 9.08
N LEU F 25 -10.84 1.52 7.84
CA LEU F 25 -11.07 2.71 7.05
C LEU F 25 -12.54 2.92 6.73
N ILE F 26 -13.28 1.82 6.52
CA ILE F 26 -14.70 1.94 6.21
C ILE F 26 -15.46 2.60 7.36
N VAL F 27 -15.10 2.23 8.59
CA VAL F 27 -15.76 2.79 9.75
C VAL F 27 -15.40 4.26 9.96
N SER F 28 -14.10 4.57 9.95
CA SER F 28 -13.65 5.95 10.16
C SER F 28 -14.12 6.88 9.05
N ARG F 29 -14.05 6.43 7.81
CA ARG F 29 -14.49 7.23 6.66
C ARG F 29 -16.00 7.44 6.72
N THR F 30 -16.73 6.38 7.07
CA THR F 30 -18.18 6.47 7.20
C THR F 30 -18.52 7.53 8.21
N ILE F 31 -17.77 7.49 9.30
CA ILE F 31 -17.90 8.42 10.39
C ILE F 31 -17.59 9.85 9.91
N GLU F 32 -16.52 9.98 9.12
CA GLU F 32 -16.10 11.28 8.60
C GLU F 32 -17.18 11.87 7.70
N GLY F 33 -17.81 11.02 6.87
CA GLY F 33 -18.87 11.51 6.00
C GLY F 33 -20.05 12.03 6.79
N ILE F 34 -20.42 11.31 7.86
CA ILE F 34 -21.54 11.71 8.71
C ILE F 34 -21.25 13.05 9.39
N ALA F 35 -20.04 13.19 9.91
CA ALA F 35 -19.62 14.42 10.58
C ALA F 35 -19.62 15.62 9.64
N ARG F 36 -19.17 15.40 8.40
CA ARG F 36 -19.09 16.48 7.41
C ARG F 36 -20.44 17.16 7.18
N GLN F 37 -21.48 16.38 6.90
CA GLN F 37 -22.82 16.95 6.68
C GLN F 37 -23.85 16.21 7.50
N PRO F 38 -24.73 16.95 8.21
CA PRO F 38 -25.78 16.35 9.04
C PRO F 38 -26.97 15.84 8.23
N GLU F 39 -26.73 14.86 7.36
CA GLU F 39 -27.80 14.29 6.55
C GLU F 39 -27.70 12.76 6.51
N LEU F 40 -28.83 12.10 6.80
CA LEU F 40 -28.90 10.63 6.80
C LEU F 40 -27.81 10.02 7.66
N ARG F 41 -27.63 10.56 8.87
CA ARG F 41 -26.59 10.08 9.79
C ARG F 41 -26.70 8.59 10.11
N PRO F 42 -27.86 8.08 10.58
CA PRO F 42 -28.01 6.65 10.90
C PRO F 42 -27.97 5.76 9.66
N VAL F 43 -28.51 6.28 8.55
CA VAL F 43 -28.54 5.53 7.29
C VAL F 43 -27.15 5.28 6.74
N LEU F 44 -26.30 6.32 6.78
CA LEU F 44 -24.94 6.21 6.26
C LEU F 44 -24.12 5.18 7.03
N GLN F 45 -24.25 5.20 8.36
CA GLN F 45 -23.56 4.25 9.21
C GLN F 45 -24.12 2.85 8.98
N THR F 46 -25.42 2.75 8.70
CA THR F 46 -26.06 1.47 8.42
C THR F 46 -25.44 0.86 7.15
N THR F 47 -25.24 1.70 6.14
CA THR F 47 -24.61 1.27 4.90
C THR F 47 -23.20 0.78 5.21
N MET F 48 -22.55 1.45 6.16
CA MET F 48 -21.22 1.07 6.62
C MET F 48 -21.23 -0.37 7.15
N PHE F 49 -22.26 -0.68 7.94
CA PHE F 49 -22.41 -2.02 8.52
C PHE F 49 -22.57 -3.07 7.42
N ILE F 50 -23.34 -2.75 6.38
CA ILE F 50 -23.50 -3.69 5.28
C ILE F 50 -22.17 -3.85 4.55
N GLY F 51 -21.38 -2.76 4.56
CA GLY F 51 -20.06 -2.80 3.97
C GLY F 51 -19.17 -3.76 4.72
N VAL F 52 -19.32 -3.74 6.05
CA VAL F 52 -18.58 -4.63 6.92
C VAL F 52 -18.93 -6.07 6.54
N ALA F 53 -20.21 -6.30 6.28
CA ALA F 53 -20.68 -7.63 5.88
C ALA F 53 -20.08 -8.08 4.54
N LEU F 54 -20.01 -7.18 3.56
CA LEU F 54 -19.45 -7.50 2.24
C LEU F 54 -17.98 -7.86 2.34
N VAL F 55 -17.27 -7.04 3.09
CA VAL F 55 -15.86 -7.18 3.28
C VAL F 55 -15.48 -8.42 4.10
N GLU F 56 -16.22 -8.70 5.17
CA GLU F 56 -15.93 -9.86 6.02
C GLU F 56 -16.39 -11.17 5.39
N ALA F 57 -17.25 -11.07 4.39
CA ALA F 57 -17.74 -12.25 3.69
C ALA F 57 -16.56 -12.97 3.05
N LEU F 58 -15.64 -12.16 2.53
CA LEU F 58 -14.45 -12.67 1.87
C LEU F 58 -13.56 -13.48 2.83
N PRO F 59 -13.16 -12.93 4.02
CA PRO F 59 -12.37 -13.69 4.99
C PRO F 59 -13.06 -14.99 5.41
N ILE F 60 -14.37 -14.93 5.60
CA ILE F 60 -15.13 -16.12 5.98
C ILE F 60 -15.03 -17.20 4.91
N ILE F 61 -15.25 -16.81 3.65
CA ILE F 61 -15.19 -17.73 2.53
C ILE F 61 -13.79 -18.33 2.37
N GLY F 62 -12.77 -17.47 2.42
CA GLY F 62 -11.40 -17.93 2.27
C GLY F 62 -10.96 -18.91 3.36
N VAL F 63 -11.31 -18.60 4.60
CA VAL F 63 -10.94 -19.46 5.73
C VAL F 63 -11.64 -20.82 5.63
N VAL F 64 -12.94 -20.80 5.33
CA VAL F 64 -13.73 -22.03 5.19
C VAL F 64 -13.20 -22.90 4.06
N PHE F 65 -12.93 -22.27 2.91
CA PHE F 65 -12.41 -23.00 1.75
C PHE F 65 -11.05 -23.62 2.05
N SER F 66 -10.19 -22.86 2.74
CA SER F 66 -8.86 -23.35 3.09
C SER F 66 -8.99 -24.58 4.00
N PHE F 67 -9.94 -24.50 4.93
CA PHE F 67 -10.21 -25.58 5.87
C PHE F 67 -10.61 -26.84 5.12
N ILE F 68 -11.54 -26.69 4.17
CA ILE F 68 -12.01 -27.81 3.36
C ILE F 68 -10.90 -28.40 2.49
N TYR F 69 -10.07 -27.53 1.90
CA TYR F 69 -8.96 -28.01 1.05
C TYR F 69 -8.03 -28.90 1.86
N LEU F 70 -7.73 -28.49 3.09
CA LEU F 70 -6.87 -29.29 3.97
C LEU F 70 -7.59 -30.55 4.39
N GLY F 71 -8.86 -30.35 4.73
CA GLY F 71 -9.70 -31.44 5.19
C GLY F 71 -9.93 -32.51 4.14
N ARG F 72 -10.14 -32.09 2.90
CA ARG F 72 -10.37 -33.04 1.81
C ARG F 72 -9.38 -32.81 0.67
N MET G 1 1.07 -30.56 3.53
CA MET G 1 2.24 -31.14 2.83
C MET G 1 2.06 -31.10 1.32
N HIS G 2 0.95 -30.50 0.89
CA HIS G 2 0.66 -30.39 -0.53
C HIS G 2 0.75 -28.94 -1.00
N LEU G 3 1.51 -28.72 -2.07
CA LEU G 3 1.69 -27.38 -2.64
C LEU G 3 0.38 -26.83 -3.21
N GLY G 4 -0.43 -27.72 -3.78
CA GLY G 4 -1.69 -27.30 -4.39
C GLY G 4 -2.67 -26.64 -3.43
N VAL G 5 -2.80 -27.17 -2.23
CA VAL G 5 -3.73 -26.60 -1.26
C VAL G 5 -3.26 -25.20 -0.84
N LEU G 6 -1.95 -25.01 -0.77
CA LEU G 6 -1.37 -23.72 -0.44
C LEU G 6 -1.59 -22.74 -1.58
N ALA G 7 -1.47 -23.23 -2.81
CA ALA G 7 -1.66 -22.39 -3.98
C ALA G 7 -3.06 -21.81 -3.99
N ALA G 8 -4.06 -22.64 -3.73
CA ALA G 8 -5.43 -22.19 -3.68
C ALA G 8 -5.66 -21.30 -2.46
N ALA G 9 -5.08 -21.70 -1.33
CA ALA G 9 -5.21 -20.94 -0.08
C ALA G 9 -4.64 -19.53 -0.20
N ILE G 10 -3.48 -19.40 -0.84
CA ILE G 10 -2.88 -18.09 -1.00
C ILE G 10 -3.64 -17.30 -2.06
N ALA G 11 -4.15 -17.99 -3.09
CA ALA G 11 -4.90 -17.33 -4.15
C ALA G 11 -6.21 -16.75 -3.62
N VAL G 12 -6.89 -17.50 -2.76
CA VAL G 12 -8.13 -17.02 -2.16
C VAL G 12 -7.81 -15.94 -1.15
N GLY G 13 -6.68 -16.09 -0.47
CA GLY G 13 -6.25 -15.07 0.47
C GLY G 13 -6.01 -13.76 -0.26
N LEU G 14 -5.40 -13.86 -1.44
CA LEU G 14 -5.13 -12.70 -2.27
C LEU G 14 -6.44 -12.08 -2.76
N GLY G 15 -7.37 -12.95 -3.18
CA GLY G 15 -8.66 -12.48 -3.66
C GLY G 15 -9.46 -11.80 -2.57
N ALA G 16 -9.47 -12.40 -1.39
CA ALA G 16 -10.18 -11.85 -0.24
C ALA G 16 -9.59 -10.54 0.20
N LEU G 17 -8.27 -10.46 0.19
CA LEU G 17 -7.57 -9.25 0.62
C LEU G 17 -7.84 -8.08 -0.32
N GLY G 18 -7.66 -8.30 -1.63
CA GLY G 18 -7.86 -7.24 -2.60
C GLY G 18 -9.27 -6.73 -2.63
N ALA G 19 -10.23 -7.63 -2.72
CA ALA G 19 -11.63 -7.22 -2.76
C ALA G 19 -12.07 -6.70 -1.38
N GLY G 20 -11.44 -7.21 -0.33
CA GLY G 20 -11.78 -6.77 1.02
C GLY G 20 -11.53 -5.30 1.23
N ILE G 21 -10.34 -4.82 0.85
CA ILE G 21 -10.04 -3.41 1.00
C ILE G 21 -10.75 -2.58 -0.07
N GLY G 22 -10.88 -3.15 -1.27
CA GLY G 22 -11.57 -2.44 -2.33
C GLY G 22 -13.02 -2.15 -1.98
N ASN G 23 -13.70 -3.17 -1.46
CA ASN G 23 -15.09 -3.03 -1.06
C ASN G 23 -15.25 -2.22 0.22
N GLY G 24 -14.31 -2.38 1.16
CA GLY G 24 -14.41 -1.61 2.39
C GLY G 24 -14.39 -0.13 2.08
N LEU G 25 -13.40 0.27 1.31
CA LEU G 25 -13.27 1.64 0.90
C LEU G 25 -14.39 2.07 -0.04
N ILE G 26 -14.83 1.17 -0.92
CA ILE G 26 -15.90 1.51 -1.86
C ILE G 26 -17.18 1.88 -1.12
N VAL G 27 -17.48 1.15 -0.04
CA VAL G 27 -18.69 1.41 0.72
C VAL G 27 -18.58 2.71 1.51
N SER G 28 -17.49 2.89 2.26
CA SER G 28 -17.31 4.10 3.06
C SER G 28 -17.20 5.36 2.19
N ARG G 29 -16.46 5.26 1.09
CA ARG G 29 -16.31 6.40 0.18
C ARG G 29 -17.64 6.74 -0.49
N THR G 30 -18.37 5.69 -0.89
CA THR G 30 -19.68 5.88 -1.50
C THR G 30 -20.56 6.64 -0.54
N ILE G 31 -20.48 6.21 0.71
CA ILE G 31 -21.21 6.82 1.79
C ILE G 31 -20.80 8.27 1.99
N GLU G 32 -19.49 8.52 1.94
CA GLU G 32 -18.94 9.86 2.10
C GLU G 32 -19.44 10.79 1.00
N GLY G 33 -19.50 10.28 -0.22
CA GLY G 33 -19.99 11.09 -1.33
C GLY G 33 -21.44 11.49 -1.14
N ILE G 34 -22.25 10.53 -0.68
CA ILE G 34 -23.67 10.77 -0.44
C ILE G 34 -23.88 11.83 0.64
N ALA G 35 -23.11 11.70 1.72
CA ALA G 35 -23.18 12.63 2.84
C ALA G 35 -22.78 14.05 2.43
N ARG G 36 -21.74 14.16 1.59
CA ARG G 36 -21.24 15.46 1.15
C ARG G 36 -22.32 16.31 0.48
N GLN G 37 -23.00 15.75 -0.50
CA GLN G 37 -24.07 16.47 -1.20
C GLN G 37 -25.33 15.63 -1.28
N PRO G 38 -26.49 16.22 -0.94
CA PRO G 38 -27.77 15.52 -0.98
C PRO G 38 -28.35 15.38 -2.39
N GLU G 39 -27.64 14.67 -3.26
CA GLU G 39 -28.09 14.46 -4.63
C GLU G 39 -27.88 13.02 -5.06
N LEU G 40 -28.94 12.40 -5.59
CA LEU G 40 -28.91 11.01 -6.06
C LEU G 40 -28.38 10.07 -4.98
N ARG G 41 -28.89 10.23 -3.75
CA ARG G 41 -28.44 9.42 -2.62
C ARG G 41 -28.60 7.90 -2.87
N PRO G 42 -29.81 7.40 -3.23
CA PRO G 42 -29.99 5.97 -3.46
C PRO G 42 -29.26 5.47 -4.71
N VAL G 43 -29.19 6.32 -5.73
CA VAL G 43 -28.52 5.98 -6.98
C VAL G 43 -27.03 5.75 -6.79
N LEU G 44 -26.40 6.65 -6.03
CA LEU G 44 -24.95 6.57 -5.77
C LEU G 44 -24.59 5.28 -5.05
N GLN G 45 -25.38 4.94 -4.04
CA GLN G 45 -25.16 3.73 -3.26
C GLN G 45 -25.42 2.50 -4.15
N THR G 46 -26.40 2.61 -5.06
CA THR G 46 -26.70 1.54 -6.01
C THR G 46 -25.48 1.26 -6.88
N THR G 47 -24.85 2.33 -7.35
CA THR G 47 -23.63 2.22 -8.17
C THR G 47 -22.57 1.51 -7.33
N MET G 48 -22.54 1.83 -6.03
CA MET G 48 -21.61 1.19 -5.10
C MET G 48 -21.81 -0.32 -5.11
N PHE G 49 -23.08 -0.75 -5.08
CA PHE G 49 -23.40 -2.18 -5.08
C PHE G 49 -22.91 -2.85 -6.36
N ILE G 50 -23.05 -2.17 -7.50
CA ILE G 50 -22.56 -2.74 -8.75
C ILE G 50 -21.03 -2.81 -8.70
N GLY G 51 -20.44 -1.85 -7.98
CA GLY G 51 -19.00 -1.85 -7.79
C GLY G 51 -18.57 -3.06 -7.01
N VAL G 52 -19.38 -3.41 -6.02
CA VAL G 52 -19.14 -4.58 -5.19
C VAL G 52 -19.14 -5.81 -6.09
N ALA G 53 -20.10 -5.84 -7.03
CA ALA G 53 -20.20 -6.93 -7.99
C ALA G 53 -18.97 -7.05 -8.89
N LEU G 54 -18.47 -5.91 -9.39
CA LEU G 54 -17.28 -5.90 -10.26
C LEU G 54 -16.06 -6.42 -9.54
N VAL G 55 -15.89 -5.92 -8.33
CA VAL G 55 -14.76 -6.24 -7.49
C VAL G 55 -14.78 -7.69 -7.01
N GLU G 56 -15.95 -8.19 -6.60
CA GLU G 56 -16.06 -9.57 -6.09
C GLU G 56 -16.04 -10.59 -7.23
N ALA G 57 -16.28 -10.13 -8.44
CA ALA G 57 -16.25 -11.00 -9.61
C ALA G 57 -14.87 -11.62 -9.74
N LEU G 58 -13.86 -10.80 -9.45
CA LEU G 58 -12.47 -11.21 -9.53
C LEU G 58 -12.16 -12.34 -8.54
N PRO G 59 -12.46 -12.20 -7.21
CA PRO G 59 -12.24 -13.28 -6.23
C PRO G 59 -12.95 -14.56 -6.64
N ILE G 60 -14.18 -14.44 -7.15
CA ILE G 60 -14.94 -15.60 -7.57
C ILE G 60 -14.23 -16.34 -8.71
N ILE G 61 -13.80 -15.58 -9.72
CA ILE G 61 -13.11 -16.15 -10.87
C ILE G 61 -11.79 -16.81 -10.46
N GLY G 62 -11.01 -16.11 -9.64
CA GLY G 62 -9.73 -16.64 -9.20
C GLY G 62 -9.84 -17.92 -8.38
N VAL G 63 -10.80 -17.95 -7.46
CA VAL G 63 -11.01 -19.13 -6.62
C VAL G 63 -11.47 -20.33 -7.46
N VAL G 64 -12.42 -20.10 -8.36
CA VAL G 64 -12.95 -21.15 -9.22
C VAL G 64 -11.85 -21.71 -10.13
N PHE G 65 -11.07 -20.81 -10.74
CA PHE G 65 -9.98 -21.23 -11.63
C PHE G 65 -8.93 -22.02 -10.87
N SER G 66 -8.61 -21.58 -9.65
CA SER G 66 -7.63 -22.29 -8.84
C SER G 66 -8.11 -23.70 -8.52
N PHE G 67 -9.41 -23.81 -8.23
CA PHE G 67 -10.04 -25.07 -7.93
C PHE G 67 -9.92 -26.02 -9.12
N ILE G 68 -10.24 -25.52 -10.31
CA ILE G 68 -10.15 -26.31 -11.54
C ILE G 68 -8.71 -26.73 -11.84
N TYR G 69 -7.75 -25.82 -11.64
CA TYR G 69 -6.34 -26.13 -11.90
C TYR G 69 -5.90 -27.30 -11.04
N LEU G 70 -6.31 -27.31 -9.77
CA LEU G 70 -5.97 -28.39 -8.86
C LEU G 70 -6.72 -29.64 -9.25
N GLY G 71 -7.99 -29.44 -9.57
CA GLY G 71 -8.87 -30.52 -9.93
C GLY G 71 -8.46 -31.22 -11.22
N ARG G 72 -8.02 -30.44 -12.21
CA ARG G 72 -7.60 -31.01 -13.49
C ARG G 72 -6.18 -30.57 -13.84
N MET H 1 1.18 -30.22 -5.49
CA MET H 1 2.58 -30.70 -5.63
C MET H 1 3.19 -30.21 -6.94
N HIS H 2 2.43 -29.40 -7.67
CA HIS H 2 2.90 -28.86 -8.94
C HIS H 2 3.13 -27.36 -8.84
N LEU H 3 4.31 -26.92 -9.27
CA LEU H 3 4.66 -25.50 -9.24
C LEU H 3 3.80 -24.69 -10.21
N GLY H 4 3.46 -25.29 -11.34
CA GLY H 4 2.67 -24.59 -12.35
C GLY H 4 1.30 -24.15 -11.88
N VAL H 5 0.59 -24.99 -11.13
CA VAL H 5 -0.74 -24.62 -10.65
C VAL H 5 -0.65 -23.46 -9.67
N LEU H 6 0.43 -23.42 -8.89
CA LEU H 6 0.67 -22.34 -7.95
C LEU H 6 1.00 -21.06 -8.69
N ALA H 7 1.76 -21.19 -9.77
CA ALA H 7 2.15 -20.04 -10.58
C ALA H 7 0.92 -19.34 -11.12
N ALA H 8 -0.01 -20.13 -11.66
CA ALA H 8 -1.25 -19.56 -12.18
C ALA H 8 -2.13 -19.05 -11.06
N ALA H 9 -2.17 -19.80 -9.95
CA ALA H 9 -2.99 -19.42 -8.80
C ALA H 9 -2.52 -18.11 -8.19
N ILE H 10 -1.23 -17.91 -8.07
CA ILE H 10 -0.72 -16.67 -7.52
C ILE H 10 -0.88 -15.54 -8.53
N ALA H 11 -0.73 -15.86 -9.82
CA ALA H 11 -0.88 -14.86 -10.88
C ALA H 11 -2.31 -14.32 -10.94
N VAL H 12 -3.29 -15.22 -10.81
CA VAL H 12 -4.68 -14.81 -10.82
C VAL H 12 -5.00 -14.10 -9.53
N GLY H 13 -4.37 -14.54 -8.44
CA GLY H 13 -4.56 -13.88 -7.17
C GLY H 13 -4.07 -12.45 -7.24
N LEU H 14 -2.93 -12.27 -7.93
CA LEU H 14 -2.35 -10.94 -8.12
C LEU H 14 -3.26 -10.10 -9.00
N GLY H 15 -3.78 -10.71 -10.07
CA GLY H 15 -4.67 -10.00 -10.98
C GLY H 15 -5.96 -9.59 -10.30
N ALA H 16 -6.53 -10.50 -9.52
CA ALA H 16 -7.78 -10.23 -8.80
C ALA H 16 -7.58 -9.16 -7.75
N LEU H 17 -6.46 -9.21 -7.07
CA LEU H 17 -6.16 -8.24 -6.02
C LEU H 17 -5.99 -6.83 -6.58
N GLY H 18 -5.13 -6.70 -7.59
CA GLY H 18 -4.88 -5.39 -8.17
C GLY H 18 -6.11 -4.74 -8.78
N ALA H 19 -6.83 -5.49 -9.60
CA ALA H 19 -8.04 -4.96 -10.22
C ALA H 19 -9.15 -4.81 -9.19
N GLY H 20 -9.11 -5.66 -8.16
CA GLY H 20 -10.13 -5.60 -7.11
C GLY H 20 -10.12 -4.27 -6.38
N ILE H 21 -8.95 -3.83 -5.95
CA ILE H 21 -8.85 -2.55 -5.26
C ILE H 21 -8.98 -1.39 -6.24
N GLY H 22 -8.43 -1.57 -7.44
CA GLY H 22 -8.52 -0.52 -8.45
C GLY H 22 -9.96 -0.23 -8.82
N ASN H 23 -10.74 -1.28 -9.05
CA ASN H 23 -12.15 -1.12 -9.39
C ASN H 23 -12.99 -0.70 -8.20
N GLY H 24 -12.66 -1.20 -7.01
CA GLY H 24 -13.43 -0.81 -5.84
C GLY H 24 -13.36 0.68 -5.63
N LEU H 25 -12.14 1.19 -5.64
CA LEU H 25 -11.92 2.61 -5.50
C LEU H 25 -12.41 3.39 -6.70
N ILE H 26 -12.28 2.83 -7.91
CA ILE H 26 -12.74 3.52 -9.11
C ILE H 26 -14.23 3.78 -9.05
N VAL H 27 -14.99 2.81 -8.55
CA VAL H 27 -16.44 2.95 -8.47
C VAL H 27 -16.83 3.96 -7.41
N SER H 28 -16.30 3.81 -6.19
CA SER H 28 -16.64 4.72 -5.09
C SER H 28 -16.18 6.16 -5.37
N ARG H 29 -14.98 6.31 -5.92
CA ARG H 29 -14.46 7.64 -6.24
C ARG H 29 -15.27 8.27 -7.36
N THR H 30 -15.64 7.46 -8.36
CA THR H 30 -16.45 7.95 -9.47
C THR H 30 -17.75 8.48 -8.93
N ILE H 31 -18.29 7.71 -8.00
CA ILE H 31 -19.52 8.04 -7.32
C ILE H 31 -19.36 9.34 -6.51
N GLU H 32 -18.23 9.47 -5.82
CA GLU H 32 -17.94 10.64 -5.02
C GLU H 32 -17.86 11.89 -5.89
N GLY H 33 -17.24 11.76 -7.07
CA GLY H 33 -17.15 12.89 -7.96
C GLY H 33 -18.52 13.36 -8.44
N ILE H 34 -19.38 12.40 -8.77
CA ILE H 34 -20.74 12.69 -9.22
C ILE H 34 -21.54 13.41 -8.13
N ALA H 35 -21.43 12.90 -6.91
CA ALA H 35 -22.13 13.49 -5.77
C ALA H 35 -21.67 14.92 -5.47
N ARG H 36 -20.36 15.16 -5.61
CA ARG H 36 -19.78 16.47 -5.32
C ARG H 36 -20.43 17.58 -6.16
N GLN H 37 -20.47 17.39 -7.48
CA GLN H 37 -21.07 18.38 -8.36
C GLN H 37 -22.05 17.73 -9.32
N PRO H 38 -23.26 18.31 -9.46
CA PRO H 38 -24.29 17.77 -10.36
C PRO H 38 -24.05 18.09 -11.83
N GLU H 39 -22.94 17.59 -12.38
CA GLU H 39 -22.62 17.82 -13.78
C GLU H 39 -22.12 16.55 -14.45
N LEU H 40 -22.71 16.22 -15.59
CA LEU H 40 -22.34 15.03 -16.37
C LEU H 40 -22.39 13.77 -15.50
N ARG H 41 -23.46 13.61 -14.72
CA ARG H 41 -23.60 12.47 -13.81
C ARG H 41 -23.51 11.11 -14.53
N PRO H 42 -24.32 10.86 -15.59
CA PRO H 42 -24.27 9.57 -16.29
C PRO H 42 -22.96 9.38 -17.07
N VAL H 43 -22.44 10.47 -17.61
CA VAL H 43 -21.20 10.44 -18.39
C VAL H 43 -20.00 10.04 -17.52
N LEU H 44 -19.91 10.61 -16.33
CA LEU H 44 -18.80 10.32 -15.42
C LEU H 44 -18.78 8.85 -15.02
N GLN H 45 -19.96 8.32 -14.71
CA GLN H 45 -20.08 6.92 -14.33
C GLN H 45 -19.77 6.02 -15.53
N THR H 46 -20.13 6.49 -16.73
CA THR H 46 -19.85 5.75 -17.97
C THR H 46 -18.33 5.62 -18.14
N THR H 47 -17.62 6.72 -17.88
CA THR H 47 -16.16 6.72 -17.95
C THR H 47 -15.63 5.71 -16.94
N MET H 48 -16.30 5.64 -15.79
CA MET H 48 -15.93 4.69 -14.75
C MET H 48 -16.00 3.26 -15.29
N PHE H 49 -17.06 2.96 -16.04
CA PHE H 49 -17.24 1.64 -16.62
C PHE H 49 -16.12 1.31 -17.60
N ILE H 50 -15.70 2.30 -18.40
CA ILE H 50 -14.61 2.07 -19.34
C ILE H 50 -13.32 1.84 -18.53
N GLY H 51 -13.24 2.48 -17.37
CA GLY H 51 -12.11 2.31 -16.48
C GLY H 51 -12.06 0.88 -15.98
N VAL H 52 -13.24 0.34 -15.69
CA VAL H 52 -13.38 -1.03 -15.24
C VAL H 52 -12.84 -1.95 -16.33
N ALA H 53 -13.16 -1.62 -17.58
CA ALA H 53 -12.70 -2.38 -18.74
C ALA H 53 -11.17 -2.35 -18.88
N LEU H 54 -10.56 -1.17 -18.68
CA LEU H 54 -9.09 -1.03 -18.78
C LEU H 54 -8.39 -1.84 -17.72
N VAL H 55 -8.91 -1.73 -16.52
CA VAL H 55 -8.34 -2.38 -15.37
C VAL H 55 -8.51 -3.90 -15.40
N GLU H 56 -9.69 -4.38 -15.81
CA GLU H 56 -9.94 -5.83 -15.87
C GLU H 56 -9.28 -6.48 -17.07
N ALA H 57 -8.88 -5.67 -18.05
CA ALA H 57 -8.21 -6.19 -19.23
C ALA H 57 -6.91 -6.85 -18.80
N LEU H 58 -6.26 -6.25 -17.83
CA LEU H 58 -5.00 -6.76 -17.30
C LEU H 58 -5.16 -8.15 -16.67
N PRO H 59 -6.12 -8.36 -15.70
CA PRO H 59 -6.35 -9.69 -15.12
C PRO H 59 -6.66 -10.73 -16.18
N ILE H 60 -7.47 -10.35 -17.19
CA ILE H 60 -7.83 -11.27 -18.25
C ILE H 60 -6.57 -11.72 -19.03
N ILE H 61 -5.74 -10.75 -19.40
CA ILE H 61 -4.52 -11.03 -20.15
C ILE H 61 -3.56 -11.90 -19.34
N GLY H 62 -3.36 -11.55 -18.07
CA GLY H 62 -2.45 -12.30 -17.21
C GLY H 62 -2.89 -13.73 -16.99
N VAL H 63 -4.18 -13.94 -16.75
CA VAL H 63 -4.71 -15.28 -16.52
C VAL H 63 -4.58 -16.14 -17.78
N VAL H 64 -4.96 -15.56 -18.92
CA VAL H 64 -4.89 -16.28 -20.19
C VAL H 64 -3.45 -16.66 -20.54
N PHE H 65 -2.53 -15.71 -20.38
CA PHE H 65 -1.11 -15.95 -20.66
C PHE H 65 -0.55 -17.03 -19.75
N SER H 66 -0.93 -16.99 -18.46
CA SER H 66 -0.46 -17.99 -17.51
C SER H 66 -0.95 -19.37 -17.92
N PHE H 67 -2.20 -19.43 -18.37
CA PHE H 67 -2.81 -20.68 -18.83
C PHE H 67 -2.02 -21.25 -19.99
N ILE H 68 -1.71 -20.39 -20.97
CA ILE H 68 -0.97 -20.81 -22.16
C ILE H 68 0.46 -21.26 -21.78
N TYR H 69 1.11 -20.54 -20.88
CA TYR H 69 2.47 -20.90 -20.46
C TYR H 69 2.49 -22.31 -19.87
N LEU H 70 1.49 -22.63 -19.06
CA LEU H 70 1.38 -23.95 -18.47
C LEU H 70 1.03 -24.98 -19.53
N GLY H 71 0.08 -24.57 -20.38
CA GLY H 71 -0.40 -25.40 -21.45
C GLY H 71 0.65 -25.74 -22.47
N ARG H 72 1.49 -24.76 -22.83
CA ARG H 72 2.54 -24.98 -23.82
C ARG H 72 3.90 -24.60 -23.24
N MET I 1 5.91 -27.33 -12.65
CA MET I 1 7.21 -27.88 -12.18
C MET I 1 8.37 -27.10 -12.79
N HIS I 2 8.04 -26.05 -13.53
CA HIS I 2 9.06 -25.22 -14.17
C HIS I 2 9.10 -23.83 -13.53
N LEU I 3 10.30 -23.40 -13.16
CA LEU I 3 10.49 -22.10 -12.55
C LEU I 3 10.19 -20.96 -13.52
N GLY I 4 10.52 -21.17 -14.79
CA GLY I 4 10.32 -20.15 -15.82
C GLY I 4 8.87 -19.73 -15.99
N VAL I 5 7.93 -20.68 -15.99
CA VAL I 5 6.53 -20.35 -16.17
C VAL I 5 6.02 -19.52 -14.98
N LEU I 6 6.55 -19.81 -13.80
CA LEU I 6 6.18 -19.06 -12.59
C LEU I 6 6.77 -17.66 -12.65
N ALA I 7 7.99 -17.55 -13.18
CA ALA I 7 8.65 -16.26 -13.30
C ALA I 7 7.83 -15.32 -14.16
N ALA I 8 7.37 -15.83 -15.30
CA ALA I 8 6.54 -15.03 -16.19
C ALA I 8 5.16 -14.78 -15.58
N ALA I 9 4.61 -15.80 -14.92
CA ALA I 9 3.31 -15.70 -14.29
C ALA I 9 3.30 -14.65 -13.18
N ILE I 10 4.35 -14.62 -12.36
CA ILE I 10 4.41 -13.64 -11.31
C ILE I 10 4.71 -12.26 -11.87
N ALA I 11 5.52 -12.21 -12.93
CA ALA I 11 5.86 -10.95 -13.58
C ALA I 11 4.63 -10.28 -14.19
N VAL I 12 3.80 -11.08 -14.84
CA VAL I 12 2.57 -10.56 -15.45
C VAL I 12 1.59 -10.22 -14.35
N GLY I 13 1.61 -11.01 -13.27
CA GLY I 13 0.75 -10.72 -12.15
C GLY I 13 1.11 -9.39 -11.55
N LEU I 14 2.42 -9.12 -11.47
CA LEU I 14 2.93 -7.87 -10.94
C LEU I 14 2.55 -6.72 -11.87
N GLY I 15 2.68 -6.95 -13.18
CA GLY I 15 2.34 -5.93 -14.16
C GLY I 15 0.86 -5.60 -14.14
N ALA I 16 0.03 -6.63 -14.08
CA ALA I 16 -1.41 -6.48 -14.04
C ALA I 16 -1.87 -5.77 -12.78
N LEU I 17 -1.24 -6.11 -11.66
CA LEU I 17 -1.59 -5.53 -10.38
C LEU I 17 -1.25 -4.03 -10.34
N GLY I 18 -0.02 -3.69 -10.69
CA GLY I 18 0.41 -2.31 -10.65
C GLY I 18 -0.38 -1.41 -11.58
N ALA I 19 -0.53 -1.82 -12.83
CA ALA I 19 -1.27 -1.03 -13.78
C ALA I 19 -2.76 -1.07 -13.47
N GLY I 20 -3.21 -2.17 -12.86
CA GLY I 20 -4.61 -2.31 -12.51
C GLY I 20 -5.07 -1.26 -11.53
N ILE I 21 -4.31 -1.07 -10.46
CA ILE I 21 -4.67 -0.05 -9.47
C ILE I 21 -4.36 1.35 -10.00
N GLY I 22 -3.27 1.46 -10.74
CA GLY I 22 -2.90 2.75 -11.30
C GLY I 22 -3.96 3.28 -12.24
N ASN I 23 -4.44 2.43 -13.13
CA ASN I 23 -5.48 2.80 -14.08
C ASN I 23 -6.85 2.94 -13.42
N GLY I 24 -7.14 2.10 -12.43
CA GLY I 24 -8.42 2.21 -11.77
C GLY I 24 -8.57 3.56 -11.13
N LEU I 25 -7.55 3.94 -10.36
CA LEU I 25 -7.52 5.24 -9.71
C LEU I 25 -7.38 6.37 -10.72
N ILE I 26 -6.62 6.15 -11.80
CA ILE I 26 -6.44 7.20 -12.79
C ILE I 26 -7.78 7.58 -13.44
N VAL I 27 -8.61 6.58 -13.71
CA VAL I 27 -9.89 6.83 -14.33
C VAL I 27 -10.86 7.52 -13.36
N SER I 28 -11.00 6.99 -12.15
CA SER I 28 -11.92 7.58 -11.18
C SER I 28 -11.49 8.98 -10.75
N ARG I 29 -10.18 9.17 -10.53
CA ARG I 29 -9.67 10.48 -10.15
C ARG I 29 -9.83 11.48 -11.28
N THR I 30 -9.57 11.02 -12.51
CA THR I 30 -9.74 11.88 -13.69
C THR I 30 -11.16 12.35 -13.75
N ILE I 31 -12.06 11.41 -13.49
CA ILE I 31 -13.47 11.65 -13.47
C ILE I 31 -13.84 12.64 -12.36
N GLU I 32 -13.23 12.46 -11.19
CA GLU I 32 -13.47 13.32 -10.04
C GLU I 32 -13.04 14.76 -10.35
N GLY I 33 -11.91 14.92 -11.02
CA GLY I 33 -11.44 16.24 -11.38
C GLY I 33 -12.40 16.94 -12.32
N ILE I 34 -12.91 16.20 -13.30
CA ILE I 34 -13.86 16.74 -14.28
C ILE I 34 -15.15 17.19 -13.59
N ALA I 35 -15.65 16.36 -12.69
CA ALA I 35 -16.87 16.65 -11.95
C ALA I 35 -16.72 17.89 -11.07
N ARG I 36 -15.56 18.02 -10.43
CA ARG I 36 -15.30 19.14 -9.52
C ARG I 36 -15.50 20.50 -10.21
N GLN I 37 -14.85 20.71 -11.35
CA GLN I 37 -14.97 21.96 -12.08
C GLN I 37 -15.27 21.70 -13.56
N PRO I 38 -16.28 22.40 -14.12
CA PRO I 38 -16.66 22.24 -15.52
C PRO I 38 -15.72 22.95 -16.49
N GLU I 39 -14.47 22.52 -16.52
CA GLU I 39 -13.48 23.11 -17.42
C GLU I 39 -12.62 22.04 -18.08
N LEU I 40 -12.52 22.11 -19.41
CA LEU I 40 -11.73 21.15 -20.21
C LEU I 40 -12.13 19.71 -19.89
N ARG I 41 -13.43 19.44 -19.84
CA ARG I 41 -13.95 18.11 -19.52
C ARG I 41 -13.41 17.01 -20.45
N PRO I 42 -13.54 17.14 -21.78
CA PRO I 42 -13.05 16.11 -22.71
C PRO I 42 -11.51 16.03 -22.73
N VAL I 43 -10.87 17.18 -22.58
CA VAL I 43 -9.41 17.25 -22.60
C VAL I 43 -8.80 16.49 -21.41
N LEU I 44 -9.37 16.70 -20.22
CA LEU I 44 -8.86 16.06 -19.01
C LEU I 44 -8.96 14.54 -19.11
N GLN I 45 -10.09 14.05 -19.60
CA GLN I 45 -10.29 12.62 -19.76
C GLN I 45 -9.34 12.08 -20.84
N THR I 46 -9.08 12.91 -21.87
CA THR I 46 -8.15 12.53 -22.93
C THR I 46 -6.75 12.30 -22.35
N THR I 47 -6.34 13.21 -21.45
CA THR I 47 -5.06 13.10 -20.78
C THR I 47 -5.05 11.79 -19.98
N MET I 48 -6.21 11.46 -19.39
CA MET I 48 -6.37 10.22 -18.65
C MET I 48 -6.05 9.03 -19.54
N PHE I 49 -6.56 9.05 -20.78
CA PHE I 49 -6.33 7.97 -21.72
C PHE I 49 -4.84 7.83 -22.04
N ILE I 50 -4.14 8.95 -22.19
CA ILE I 50 -2.70 8.90 -22.45
C ILE I 50 -2.00 8.33 -21.22
N GLY I 51 -2.57 8.61 -20.04
CA GLY I 51 -2.06 8.07 -18.81
C GLY I 51 -2.16 6.57 -18.79
N VAL I 52 -3.29 6.08 -19.32
CA VAL I 52 -3.54 4.66 -19.42
C VAL I 52 -2.45 4.05 -20.30
N ALA I 53 -2.11 4.75 -21.38
CA ALA I 53 -1.07 4.31 -22.30
C ALA I 53 0.30 4.23 -21.62
N LEU I 54 0.64 5.24 -20.82
CA LEU I 54 1.94 5.27 -20.12
C LEU I 54 2.05 4.12 -19.13
N VAL I 55 0.99 3.95 -18.39
CA VAL I 55 0.92 2.93 -17.35
C VAL I 55 0.89 1.52 -17.91
N GLU I 56 0.14 1.28 -18.99
CA GLU I 56 0.05 -0.06 -19.58
C GLU I 56 1.28 -0.41 -20.41
N ALA I 57 2.06 0.62 -20.76
CA ALA I 57 3.27 0.40 -21.53
C ALA I 57 4.21 -0.49 -20.73
N LEU I 58 4.24 -0.25 -19.42
CA LEU I 58 5.07 -1.00 -18.51
C LEU I 58 4.70 -2.50 -18.47
N PRO I 59 3.41 -2.88 -18.24
CA PRO I 59 3.00 -4.29 -18.28
C PRO I 59 3.34 -4.96 -19.61
N ILE I 60 3.15 -4.24 -20.71
CA ILE I 60 3.45 -4.78 -22.03
C ILE I 60 4.94 -5.10 -22.15
N ILE I 61 5.78 -4.15 -21.75
CA ILE I 61 7.23 -4.31 -21.81
C ILE I 61 7.70 -5.47 -20.93
N GLY I 62 7.20 -5.50 -19.70
CA GLY I 62 7.59 -6.55 -18.76
C GLY I 62 7.20 -7.95 -19.22
N VAL I 63 5.98 -8.09 -19.74
CA VAL I 63 5.49 -9.38 -20.21
C VAL I 63 6.30 -9.86 -21.42
N VAL I 64 6.54 -8.95 -22.38
CA VAL I 64 7.30 -9.27 -23.58
C VAL I 64 8.73 -9.67 -23.23
N PHE I 65 9.37 -8.90 -22.35
CA PHE I 65 10.74 -9.19 -21.94
C PHE I 65 10.83 -10.53 -21.23
N SER I 66 9.85 -10.82 -20.37
CA SER I 66 9.83 -12.09 -19.64
C SER I 66 9.72 -13.25 -20.63
N PHE I 67 8.88 -13.06 -21.64
CA PHE I 67 8.67 -14.06 -22.69
C PHE I 67 9.99 -14.35 -23.41
N ILE I 68 10.69 -13.29 -23.79
CA ILE I 68 11.97 -13.42 -24.49
C ILE I 68 13.03 -14.08 -23.61
N TYR I 69 13.07 -13.72 -22.32
CA TYR I 69 14.05 -14.31 -21.40
C TYR I 69 13.86 -15.82 -21.32
N LEU I 70 12.61 -16.26 -21.27
CA LEU I 70 12.30 -17.68 -21.24
C LEU I 70 12.61 -18.31 -22.57
N GLY I 71 12.21 -17.60 -23.62
CA GLY I 71 12.40 -18.05 -24.97
C GLY I 71 13.86 -18.17 -25.37
N ARG I 72 14.68 -17.23 -24.95
CA ARG I 72 16.10 -17.25 -25.28
C ARG I 72 16.95 -17.18 -24.01
N MET J 1 13.48 -22.95 -15.28
CA MET J 1 14.40 -23.73 -14.41
C MET J 1 15.65 -22.92 -14.08
N HIS J 2 15.68 -21.68 -14.53
CA HIS J 2 16.81 -20.79 -14.29
C HIS J 2 16.43 -19.66 -13.35
N LEU J 3 17.23 -19.47 -12.31
CA LEU J 3 16.99 -18.42 -11.33
C LEU J 3 17.15 -17.03 -11.94
N GLY J 4 18.11 -16.90 -12.86
CA GLY J 4 18.39 -15.61 -13.49
C GLY J 4 17.21 -15.01 -14.26
N VAL J 5 16.47 -15.84 -15.00
CA VAL J 5 15.33 -15.33 -15.76
C VAL J 5 14.24 -14.84 -14.82
N LEU J 6 14.10 -15.50 -13.67
CA LEU J 6 13.13 -15.11 -12.67
C LEU J 6 13.56 -13.81 -12.01
N ALA J 7 14.86 -13.67 -11.79
CA ALA J 7 15.40 -12.47 -11.16
C ALA J 7 15.07 -11.24 -12.00
N ALA J 8 15.30 -11.36 -13.31
CA ALA J 8 14.98 -10.26 -14.22
C ALA J 8 13.48 -10.08 -14.33
N ALA J 9 12.74 -11.18 -14.39
CA ALA J 9 11.29 -11.13 -14.52
C ALA J 9 10.64 -10.47 -13.31
N ILE J 10 11.11 -10.76 -12.12
CA ILE J 10 10.56 -10.14 -10.93
C ILE J 10 11.02 -8.69 -10.83
N ALA J 11 12.25 -8.42 -11.27
CA ALA J 11 12.78 -7.06 -11.24
C ALA J 11 12.00 -6.14 -12.17
N VAL J 12 11.66 -6.63 -13.36
CA VAL J 12 10.90 -5.85 -14.31
C VAL J 12 9.47 -5.74 -13.82
N GLY J 13 8.99 -6.80 -13.18
CA GLY J 13 7.65 -6.78 -12.61
C GLY J 13 7.57 -5.71 -11.55
N LEU J 14 8.63 -5.61 -10.75
CA LEU J 14 8.70 -4.60 -9.69
C LEU J 14 8.78 -3.20 -10.30
N GLY J 15 9.57 -3.06 -11.35
CA GLY J 15 9.71 -1.78 -12.03
C GLY J 15 8.41 -1.33 -12.67
N ALA J 16 7.75 -2.26 -13.33
CA ALA J 16 6.48 -1.98 -13.99
C ALA J 16 5.40 -1.62 -13.00
N LEU J 17 5.38 -2.33 -11.88
CA LEU J 17 4.39 -2.11 -10.84
C LEU J 17 4.55 -0.73 -10.20
N GLY J 18 5.76 -0.42 -9.75
CA GLY J 18 6.01 0.85 -9.10
C GLY J 18 5.75 2.05 -9.98
N ALA J 19 6.30 2.03 -11.19
CA ALA J 19 6.08 3.13 -12.11
C ALA J 19 4.65 3.14 -12.63
N GLY J 20 4.05 1.96 -12.68
CA GLY J 20 2.68 1.85 -13.15
C GLY J 20 1.70 2.62 -12.28
N ILE J 21 1.78 2.43 -10.97
CA ILE J 21 0.90 3.15 -10.07
C ILE J 21 1.34 4.60 -9.92
N GLY J 22 2.66 4.82 -9.93
CA GLY J 22 3.16 6.17 -9.82
C GLY J 22 2.70 7.06 -10.96
N ASN J 23 2.80 6.53 -12.18
CA ASN J 23 2.37 7.26 -13.36
C ASN J 23 0.86 7.33 -13.48
N GLY J 24 0.16 6.27 -13.08
CA GLY J 24 -1.29 6.30 -13.15
C GLY J 24 -1.83 7.43 -12.31
N LEU J 25 -1.38 7.47 -11.07
CA LEU J 25 -1.79 8.52 -10.15
C LEU J 25 -1.23 9.87 -10.56
N ILE J 26 -0.01 9.91 -11.11
CA ILE J 26 0.59 11.17 -11.52
C ILE J 26 -0.25 11.84 -12.60
N VAL J 27 -0.76 11.05 -13.54
CA VAL J 27 -1.57 11.58 -14.62
C VAL J 27 -2.92 12.06 -14.12
N SER J 28 -3.63 11.22 -13.37
CA SER J 28 -4.96 11.58 -12.88
C SER J 28 -4.90 12.76 -11.90
N ARG J 29 -3.92 12.76 -11.01
CA ARG J 29 -3.76 13.85 -10.04
C ARG J 29 -3.39 15.14 -10.75
N THR J 30 -2.51 15.04 -11.75
CA THR J 30 -2.11 16.20 -12.53
C THR J 30 -3.33 16.80 -13.16
N ILE J 31 -4.16 15.92 -13.69
CA ILE J 31 -5.41 16.27 -14.32
C ILE J 31 -6.35 16.94 -13.31
N GLU J 32 -6.43 16.36 -12.11
CA GLU J 32 -7.27 16.88 -11.05
C GLU J 32 -6.85 18.30 -10.66
N GLY J 33 -5.54 18.53 -10.58
CA GLY J 33 -5.05 19.86 -10.25
C GLY J 33 -5.44 20.89 -11.29
N ILE J 34 -5.32 20.51 -12.56
CA ILE J 34 -5.68 21.39 -13.67
C ILE J 34 -7.16 21.75 -13.64
N ALA J 35 -7.99 20.74 -13.42
CA ALA J 35 -9.43 20.92 -13.35
C ALA J 35 -9.84 21.83 -12.19
N ARG J 36 -9.18 21.67 -11.05
CA ARG J 36 -9.51 22.46 -9.85
C ARG J 36 -9.42 23.97 -10.10
N GLN J 37 -8.28 24.41 -10.64
CA GLN J 37 -8.11 25.84 -10.93
C GLN J 37 -7.59 26.05 -12.35
N PRO J 38 -8.21 26.97 -13.10
CA PRO J 38 -7.83 27.26 -14.49
C PRO J 38 -6.57 28.12 -14.59
N GLU J 39 -5.45 27.60 -14.10
CA GLU J 39 -4.18 28.33 -14.16
C GLU J 39 -3.03 27.42 -14.57
N LEU J 40 -2.28 27.86 -15.58
CA LEU J 40 -1.13 27.10 -16.09
C LEU J 40 -1.52 25.66 -16.46
N ARG J 41 -2.65 25.53 -17.17
CA ARG J 41 -3.17 24.21 -17.55
C ARG J 41 -2.14 23.37 -18.36
N PRO J 42 -1.58 23.90 -19.48
CA PRO J 42 -0.61 23.14 -20.28
C PRO J 42 0.71 22.92 -19.55
N VAL J 43 1.11 23.91 -18.75
CA VAL J 43 2.37 23.85 -18.00
C VAL J 43 2.33 22.74 -16.95
N LEU J 44 1.22 22.64 -16.22
CA LEU J 44 1.07 21.63 -15.17
C LEU J 44 1.15 20.22 -15.74
N GLN J 45 0.47 20.00 -16.86
CA GLN J 45 0.47 18.70 -17.52
C GLN J 45 1.88 18.41 -18.07
N THR J 46 2.58 19.46 -18.53
CA THR J 46 3.94 19.32 -19.03
C THR J 46 4.85 18.81 -17.91
N THR J 47 4.69 19.38 -16.71
CA THR J 47 5.44 18.95 -15.53
C THR J 47 5.13 17.48 -15.27
N MET J 48 3.87 17.11 -15.49
CA MET J 48 3.44 15.72 -15.33
C MET J 48 4.25 14.81 -16.23
N PHE J 49 4.44 15.24 -17.49
CA PHE J 49 5.20 14.46 -18.47
C PHE J 49 6.64 14.28 -18.00
N ILE J 50 7.25 15.33 -17.44
CA ILE J 50 8.61 15.22 -16.94
C ILE J 50 8.61 14.25 -15.75
N GLY J 51 7.51 14.24 -15.00
CA GLY J 51 7.36 13.32 -13.89
C GLY J 51 7.37 11.90 -14.39
N VAL J 52 6.70 11.69 -15.52
CA VAL J 52 6.64 10.38 -16.16
C VAL J 52 8.06 9.95 -16.49
N ALA J 53 8.86 10.90 -16.99
CA ALA J 53 10.24 10.64 -17.34
C ALA J 53 11.09 10.24 -16.11
N LEU J 54 10.90 10.95 -14.99
CA LEU J 54 11.64 10.65 -13.75
C LEU J 54 11.32 9.26 -13.24
N VAL J 55 10.04 8.98 -13.23
CA VAL J 55 9.53 7.73 -12.72
C VAL J 55 9.88 6.53 -13.60
N GLU J 56 9.80 6.69 -14.92
CA GLU J 56 10.12 5.59 -15.85
C GLU J 56 11.62 5.39 -16.00
N ALA J 57 12.40 6.39 -15.59
CA ALA J 57 13.85 6.28 -15.65
C ALA J 57 14.31 5.12 -14.78
N LEU J 58 13.63 4.97 -13.65
CA LEU J 58 13.94 3.91 -12.70
C LEU J 58 13.71 2.52 -13.31
N PRO J 59 12.51 2.21 -13.89
CA PRO J 59 12.28 0.91 -14.54
C PRO J 59 13.30 0.62 -15.63
N ILE J 60 13.64 1.64 -16.41
CA ILE J 60 14.61 1.47 -17.49
C ILE J 60 15.98 1.07 -16.93
N ILE J 61 16.43 1.78 -15.90
CA ILE J 61 17.71 1.50 -15.26
C ILE J 61 17.74 0.10 -14.65
N GLY J 62 16.69 -0.24 -13.91
CA GLY J 62 16.61 -1.55 -13.27
C GLY J 62 16.61 -2.71 -14.24
N VAL J 63 15.84 -2.57 -15.33
CA VAL J 63 15.76 -3.63 -16.33
C VAL J 63 17.11 -3.82 -17.04
N VAL J 64 17.73 -2.69 -17.43
CA VAL J 64 19.02 -2.73 -18.12
C VAL J 64 20.10 -3.34 -17.22
N PHE J 65 20.14 -2.92 -15.96
CA PHE J 65 21.12 -3.45 -15.02
C PHE J 65 20.93 -4.93 -14.79
N SER J 66 19.66 -5.36 -14.67
CA SER J 66 19.36 -6.78 -14.47
C SER J 66 19.85 -7.59 -15.67
N PHE J 67 19.64 -7.04 -16.86
CA PHE J 67 20.07 -7.67 -18.10
C PHE J 67 21.58 -7.87 -18.10
N ILE J 68 22.31 -6.80 -17.75
CA ILE J 68 23.77 -6.85 -17.69
C ILE J 68 24.27 -7.84 -16.64
N TYR J 69 23.62 -7.87 -15.48
CA TYR J 69 24.03 -8.79 -14.41
C TYR J 69 23.94 -10.23 -14.89
N LEU J 70 22.87 -10.54 -15.60
CA LEU J 70 22.68 -11.89 -16.15
C LEU J 70 23.68 -12.14 -17.26
N GLY J 71 23.82 -11.11 -18.10
CA GLY J 71 24.71 -11.18 -19.23
C GLY J 71 26.17 -11.32 -18.85
N ARG J 72 26.59 -10.61 -17.81
CA ARG J 72 27.97 -10.67 -17.36
C ARG J 72 28.05 -11.04 -15.89
#